data_6PUU
#
_entry.id   6PUU
#
_cell.length_a   1.00
_cell.length_b   1.00
_cell.length_c   1.00
_cell.angle_alpha   90.00
_cell.angle_beta   90.00
_cell.angle_gamma   90.00
#
_symmetry.space_group_name_H-M   'P 1'
#
loop_
_entity.id
_entity.type
_entity.pdbx_description
1 polymer 'Transient receptor potential cation channel subfamily M member 2'
2 non-polymer '(2R,3R,4S,5R,13R,14S,15R,16R)-24-amino-18-bromo-3,4,14,15-tetrahydroxy-7,9,11,25,26-pentaoxa-17,19,22-triaza-1-azonia-8 ,10-diphosphapentacyclo[18.3.1.1^2,5^.1^13,16^.0^17,21^]hexacosa-1(24),18,20,22-tetraene-8,10-diolate 8,10-dioxide'
3 non-polymer 'CALCIUM ION'
#
_entity_poly.entity_id   1
_entity_poly.type   'polypeptide(L)'
_entity_poly.pdbx_seq_one_letter_code
;GSGGRATMEPSALRKAGSEQEEGFEGLPRRVTDLGMVSNLRRSNSSLFKSWRLQCPFGNNDKQESLSSWIPENIKKKECV
YFVESSKLSDAGKVVCQCGYTHEQHLEEATKPHTFQGTQWDPKKHVQEMPTDAFGDIVFTGLSQKVKKYVRVSQDTPSSV
IYHLMTQHWGLDVPNLLISVTGGAKNFNMKPRLKSIFRRGLVKVAQTTGAWIITGGSHTGVMKQVGEAVRDFSLSSSYKE
GELITIGVATWGTVHRREGLIHPTGSFPAEYILDEDGQGNLTCLDSNHSHFILVDDGTHGQYGVEIPLRTRLEKFISEQT
KERGGVAIKIPIVCVVLEGGPGTLHTIDNATTNGTPCVVVEGSGRVADVIAQVANLPVSDITISLIQQKLSVFFQEMFET
FTESRIVEWTKKIQDIVRRRQLLTVFREGKDGQQDVDVAILQALLKASRSQDHFGHENWDHQLKLAVAWNRVDIARSEIF
MDEWQWKPSDLHPTMTAALISNKPEFVKLFLENGVQLKEFVTWDTLLYLYENLDPSCLFHSKLQKVLVEDPERPACAPAA
PRLQMHHVAQVLRELLGDFTQPLYPRPRHNDRLRLLLPVPHVKLNVQGVSLRSLYKRSSGHVTFTMDPIRDLLIWAIVQN
RRELAGIIWAQSQDCIAAALACSKILKELSKEEEDTDSSEEMLALAEEYEHRAIGVFTECYRKDEERAQKLLTRVSEAWG
KTTCLQLALEAKDMKFVSHGGIQAFLTKVWWGQLSVDNGLWRVTLCMLAFPLLLTGLISFREKRLQDVGTPAARARAFFT
APVVVFHLNILSYFAFLCLFAYVLMVDFQPVPSWCECAIYLWLFSLVCEEMRQLFYDPDECGLMKKAALYFSDFWNKLDV
GAILLFVAGLTCRLIPATLYPGRVILSLDFILFCLRLMHIFTISKTLGPKIIIVKRMMKDVFFFLFLLAVWVVSFGVAKQ
AILIHNERRVDWLFRGAVYHSYLTIFGQIPGYIDGVNFNPEHCSPNGTDPYKPKCPESDATQQRPAFPEWLTVLLLCLYL
LFTNILLLNLLIAMFNYTFQQVQEHTDQIWKFQRHDLIEEYHGRPAAPPPFILLSHLQLFIKRVVLKTPAKRHKQLKNKL
EKNEEAALLSWEIYLKENYLQNRQFQQKQRPEQKIEDISNKVDAMVDLLDLDPLKRSGSMEQRLASLEEQVAQTAQALHW
IVRTLRASGFSSEADVPTLASQKAAEEPDAEPGGRKKTEEPGDSYHVNARHLLYPNCPVTRFPVPNEKVPWETEFLIYDP
PFYTAERKDAAAMDPMGDTLEPLSTIQYNVVDGLRDRRSFHGPYTVQAGLPLNPMGRTGLRGRGSLSCFGPNHTLYPMVT
RWRRNEDGAICRKSIKKMLEVLVVKLPLSEHWALPGGSREPGEMLPRKLKRILRQEHWPSFENLLKCGMEVYKGYMDDPR
NTDNAWIETVAVSVHFQDQNDVELNRLNSNLHACDSGASIRWQVVDRRIPLYANHKTLLQKAAAEFGAHYFE
;
_entity_poly.pdbx_strand_id   A,B,C,D
#
loop_
_chem_comp.id
_chem_comp.type
_chem_comp.name
_chem_comp.formula
CA non-polymer 'CALCIUM ION' 'Ca 2'
CV1 non-polymer '(2R,3R,4S,5R,13R,14S,15R,16R)-24-amino-18-bromo-3,4,14,15-tetrahydroxy-7,9,11,25,26-pentaoxa-17,19,22-triaza-1-azonia-8 ,10-diphosphapentacyclo[18.3.1.1^2,5^.1^13,16^.0^17,21^]hexacosa-1(24),18,20,22-tetraene-8,10-diolate 8,10-dioxide' 'C15 H21 Br N5 O13 P2 1'
#
# COMPACT_ATOMS: atom_id res chain seq x y z
N GLN A 63 34.04 32.65 29.91
CA GLN A 63 33.91 31.84 31.11
C GLN A 63 34.65 32.48 32.28
N GLU A 64 35.76 33.16 31.98
CA GLU A 64 36.52 33.84 33.02
C GLU A 64 35.78 35.06 33.55
N SER A 65 34.98 35.70 32.71
CA SER A 65 34.17 36.83 33.16
C SER A 65 33.08 36.36 34.12
N LEU A 66 32.45 35.23 33.80
CA LEU A 66 31.54 34.56 34.73
C LEU A 66 32.24 34.19 36.03
N SER A 67 33.48 33.72 35.92
CA SER A 67 34.25 33.27 37.07
C SER A 67 34.60 34.44 37.98
N SER A 68 34.81 35.62 37.40
CA SER A 68 34.95 36.82 38.19
C SER A 68 33.61 37.27 38.76
N TRP A 69 32.54 37.18 37.96
CA TRP A 69 31.26 37.80 38.31
C TRP A 69 30.59 37.11 39.47
N ILE A 70 30.70 35.78 39.56
CA ILE A 70 29.90 35.03 40.54
C ILE A 70 30.26 35.30 42.00
N PRO A 71 31.52 35.27 42.44
CA PRO A 71 31.76 35.56 43.87
C PRO A 71 31.59 37.02 44.26
N GLU A 72 31.56 37.93 43.29
CA GLU A 72 31.34 39.34 43.63
C GLU A 72 29.88 39.63 43.93
N ASN A 73 28.97 38.85 43.36
CA ASN A 73 27.55 39.15 43.48
C ASN A 73 26.82 38.24 44.46
N ILE A 74 27.18 36.97 44.50
CA ILE A 74 26.43 35.98 45.27
C ILE A 74 27.08 35.79 46.63
N LYS A 75 26.25 35.63 47.67
CA LYS A 75 26.70 35.47 49.04
C LYS A 75 26.28 34.09 49.53
N LYS A 76 26.95 33.59 50.56
CA LYS A 76 26.58 32.34 51.20
C LYS A 76 26.59 32.55 52.71
N LYS A 77 25.89 31.67 53.43
CA LYS A 77 25.88 31.75 54.88
C LYS A 77 26.89 30.79 55.49
N GLU A 78 27.42 31.17 56.65
CA GLU A 78 28.27 30.27 57.42
C GLU A 78 28.21 30.66 58.89
N CYS A 79 28.35 29.66 59.76
CA CYS A 79 28.31 29.90 61.20
C CYS A 79 29.68 30.31 61.70
N VAL A 80 29.69 31.10 62.78
CA VAL A 80 30.92 31.60 63.39
C VAL A 80 31.02 31.26 64.87
N TYR A 81 29.96 30.75 65.48
CA TYR A 81 29.90 30.56 66.92
C TYR A 81 29.59 29.10 67.24
N PHE A 82 30.36 28.52 68.16
CA PHE A 82 30.27 27.11 68.49
C PHE A 82 29.58 26.92 69.83
N VAL A 83 28.34 26.44 69.80
CA VAL A 83 27.60 26.07 70.99
C VAL A 83 27.22 24.61 70.87
N GLU A 84 27.74 23.78 71.77
CA GLU A 84 27.58 22.33 71.66
C GLU A 84 26.13 21.91 71.90
N SER A 85 25.70 20.86 71.21
CA SER A 85 24.32 20.42 71.20
C SER A 85 24.14 19.33 72.24
N SER A 86 22.94 19.28 72.83
CA SER A 86 22.58 18.27 73.82
C SER A 86 22.53 16.89 73.21
N LYS A 87 21.78 16.72 72.13
CA LYS A 87 21.57 15.43 71.50
C LYS A 87 22.71 15.14 70.53
N LEU A 88 23.55 14.18 70.88
CA LEU A 88 24.67 13.81 70.02
C LEU A 88 24.17 13.04 68.79
N SER A 89 24.73 13.37 67.64
CA SER A 89 24.33 12.72 66.40
C SER A 89 24.93 11.33 66.28
N ASP A 90 24.38 10.55 65.35
CA ASP A 90 24.84 9.18 65.13
C ASP A 90 26.24 9.17 64.52
N ALA A 91 27.22 8.75 65.34
CA ALA A 91 28.65 8.63 65.06
C ALA A 91 29.35 9.97 64.84
N GLY A 92 28.59 11.07 64.86
CA GLY A 92 29.17 12.39 64.82
C GLY A 92 28.81 13.20 66.04
N LYS A 93 29.03 12.64 67.23
CA LYS A 93 28.61 13.12 68.56
C LYS A 93 28.99 14.59 68.76
N VAL A 94 30.18 15.03 68.31
CA VAL A 94 30.52 16.44 68.41
C VAL A 94 29.77 17.23 67.34
N VAL A 95 28.79 18.02 67.76
CA VAL A 95 28.02 18.88 66.87
C VAL A 95 27.73 20.19 67.58
N CYS A 96 28.28 21.28 67.04
CA CYS A 96 28.18 22.60 67.67
C CYS A 96 27.00 23.37 67.07
N GLN A 97 25.81 22.75 67.21
CA GLN A 97 24.47 23.23 66.85
C GLN A 97 24.25 23.31 65.34
N CYS A 98 25.32 23.14 64.56
CA CYS A 98 25.21 22.77 63.16
C CYS A 98 26.14 21.60 62.87
N GLY A 99 27.34 21.64 63.42
CA GLY A 99 28.28 20.54 63.38
C GLY A 99 28.77 20.19 61.99
N TYR A 100 29.32 21.18 61.27
CA TYR A 100 29.49 21.02 59.83
C TYR A 100 30.65 20.06 59.52
N THR A 101 31.89 20.50 59.76
CA THR A 101 33.01 19.57 59.87
C THR A 101 34.10 20.18 60.74
N HIS A 102 33.93 20.03 62.06
CA HIS A 102 34.92 20.26 63.11
C HIS A 102 34.28 19.93 64.45
N GLU A 103 35.05 20.09 65.53
CA GLU A 103 34.44 20.18 66.85
C GLU A 103 33.64 21.47 66.99
N GLN A 104 34.04 22.51 66.28
CA GLN A 104 33.40 23.82 66.33
C GLN A 104 32.77 24.12 64.98
N HIS A 105 31.48 24.44 64.97
CA HIS A 105 30.75 24.75 63.74
C HIS A 105 31.14 26.14 63.25
N LEU A 106 32.37 26.25 62.75
CA LEU A 106 32.96 27.53 62.39
C LEU A 106 34.14 27.33 61.46
N GLU A 107 34.46 28.39 60.72
CA GLU A 107 35.66 28.48 59.91
C GLU A 107 36.40 29.74 60.35
N GLU A 108 36.36 30.00 61.66
CA GLU A 108 36.94 31.21 62.23
C GLU A 108 37.81 30.82 63.40
N ALA A 109 38.43 31.83 64.01
CA ALA A 109 39.25 31.60 65.19
C ALA A 109 38.37 31.21 66.38
N THR A 110 38.89 30.30 67.19
CA THR A 110 38.21 29.93 68.43
C THR A 110 38.32 31.08 69.43
N LYS A 111 37.24 31.84 69.57
CA LYS A 111 37.22 33.04 70.38
C LYS A 111 36.07 32.97 71.36
N PRO A 112 36.24 33.53 72.56
CA PRO A 112 35.11 33.59 73.51
C PRO A 112 33.98 34.50 73.04
N HIS A 113 34.28 35.46 72.17
CA HIS A 113 33.31 36.40 71.56
C HIS A 113 32.55 37.21 72.61
N THR A 114 33.26 37.52 73.72
CA THR A 114 32.85 38.49 74.76
C THR A 114 31.65 38.04 75.59
N PHE A 115 31.06 36.89 75.24
CA PHE A 115 29.88 36.31 75.87
C PHE A 115 29.67 34.91 75.32
N GLN A 116 29.00 34.05 76.09
CA GLN A 116 28.60 32.74 75.61
C GLN A 116 27.09 32.73 75.45
N GLY A 117 26.62 33.20 74.30
CA GLY A 117 25.19 33.29 74.07
C GLY A 117 24.58 31.93 73.83
N THR A 118 23.88 31.43 74.84
CA THR A 118 23.16 30.16 74.70
C THR A 118 21.91 30.37 73.85
N GLN A 119 21.42 29.28 73.27
CA GLN A 119 20.30 29.24 72.32
C GLN A 119 20.58 30.17 71.15
N TRP A 120 21.58 29.80 70.34
CA TRP A 120 22.09 30.68 69.28
C TRP A 120 21.02 30.97 68.25
N ASP A 121 20.62 32.24 68.17
CA ASP A 121 19.63 32.72 67.23
C ASP A 121 20.19 32.63 65.83
N PRO A 122 19.47 32.02 64.87
CA PRO A 122 20.06 31.62 63.59
C PRO A 122 20.59 32.77 62.74
N LYS A 123 19.77 33.79 62.51
CA LYS A 123 20.23 34.92 61.72
C LYS A 123 21.17 35.82 62.51
N LYS A 124 21.10 35.74 63.84
CA LYS A 124 21.99 36.54 64.68
C LYS A 124 23.35 35.87 64.82
N HIS A 125 23.43 34.57 64.56
CA HIS A 125 24.70 33.86 64.70
C HIS A 125 25.48 33.83 63.39
N VAL A 126 24.83 33.38 62.31
CA VAL A 126 25.56 33.13 61.07
C VAL A 126 25.78 34.44 60.32
N GLN A 127 26.75 34.44 59.42
CA GLN A 127 27.14 35.63 58.65
C GLN A 127 27.33 35.25 57.19
N GLU A 128 27.16 36.22 56.31
CA GLU A 128 27.33 35.99 54.88
C GLU A 128 28.78 36.26 54.47
N MET A 129 29.21 35.55 53.43
CA MET A 129 30.57 35.58 52.92
C MET A 129 30.50 35.33 51.41
N PRO A 130 31.61 35.55 50.69
CA PRO A 130 31.63 35.12 49.28
C PRO A 130 31.56 33.60 49.15
N THR A 131 31.00 33.15 48.03
CA THR A 131 30.68 31.75 47.83
C THR A 131 31.73 31.10 46.93
N ASP A 132 32.07 29.85 47.22
CA ASP A 132 33.18 29.17 46.58
C ASP A 132 32.75 27.97 45.73
N ALA A 133 31.51 27.51 45.88
CA ALA A 133 31.16 26.18 45.37
C ALA A 133 30.71 26.22 43.92
N PHE A 134 30.71 27.39 43.30
CA PHE A 134 30.17 27.55 41.95
C PHE A 134 30.99 26.81 40.91
N GLY A 135 30.35 26.44 39.81
CA GLY A 135 31.11 25.93 38.67
C GLY A 135 30.28 25.02 37.78
N ASP A 136 30.99 24.05 37.21
CA ASP A 136 30.39 23.03 36.36
C ASP A 136 30.73 21.67 36.96
N ILE A 137 29.87 20.69 36.72
CA ILE A 137 29.95 19.39 37.35
C ILE A 137 29.79 18.31 36.28
N VAL A 138 30.31 17.13 36.55
CA VAL A 138 30.13 15.96 35.71
C VAL A 138 29.94 14.75 36.63
N PHE A 139 29.13 13.79 36.19
CA PHE A 139 28.95 12.58 36.97
C PHE A 139 29.93 11.52 36.48
N THR A 140 30.61 10.88 37.45
CA THR A 140 31.75 10.03 37.18
C THR A 140 31.28 8.70 36.63
N GLY A 141 31.25 8.57 35.30
CA GLY A 141 31.00 7.31 34.65
C GLY A 141 29.58 7.05 34.22
N LEU A 142 28.67 8.01 34.39
CA LEU A 142 27.29 7.83 33.95
C LEU A 142 26.98 8.55 32.64
N SER A 143 27.50 9.75 32.46
CA SER A 143 27.28 10.50 31.24
C SER A 143 28.50 11.38 31.00
N GLN A 144 28.60 11.90 29.77
CA GLN A 144 29.74 12.73 29.40
C GLN A 144 29.37 14.20 29.21
N LYS A 145 28.10 14.56 29.36
CA LYS A 145 27.72 15.96 29.28
C LYS A 145 28.11 16.69 30.57
N VAL A 146 28.05 18.01 30.52
CA VAL A 146 28.42 18.86 31.64
C VAL A 146 27.15 19.51 32.19
N LYS A 147 27.12 19.75 33.49
CA LYS A 147 25.96 20.36 34.14
C LYS A 147 26.41 21.54 34.99
N LYS A 148 25.85 22.71 34.73
CA LYS A 148 26.22 23.87 35.53
C LYS A 148 25.59 23.78 36.91
N TYR A 149 26.27 24.36 37.91
CA TYR A 149 25.75 24.33 39.27
C TYR A 149 26.36 25.46 40.07
N VAL A 150 25.64 25.89 41.11
CA VAL A 150 26.03 27.07 41.87
C VAL A 150 25.45 26.93 43.27
N ARG A 151 26.05 27.65 44.22
CA ARG A 151 25.62 27.66 45.61
C ARG A 151 25.20 29.07 45.97
N VAL A 152 23.99 29.22 46.50
CA VAL A 152 23.45 30.51 46.88
C VAL A 152 23.10 30.49 48.35
N SER A 153 22.84 31.68 48.90
CA SER A 153 22.41 31.76 50.29
C SER A 153 20.92 31.51 50.40
N GLN A 154 20.43 31.51 51.64
CA GLN A 154 19.02 31.28 51.89
C GLN A 154 18.18 32.47 51.42
N ASP A 155 18.68 33.68 51.61
CA ASP A 155 17.95 34.89 51.22
C ASP A 155 18.80 35.72 50.26
N THR A 156 18.43 35.66 48.98
CA THR A 156 18.98 36.51 47.93
C THR A 156 17.82 37.12 47.16
N PRO A 157 18.01 38.31 46.59
CA PRO A 157 16.99 38.81 45.67
C PRO A 157 16.93 37.96 44.42
N SER A 158 15.70 37.67 43.98
CA SER A 158 15.49 36.72 42.89
C SER A 158 15.93 37.31 41.55
N SER A 159 16.03 38.64 41.46
CA SER A 159 16.52 39.27 40.25
C SER A 159 17.98 38.92 39.98
N VAL A 160 18.76 38.71 41.04
CA VAL A 160 20.15 38.29 40.90
C VAL A 160 20.23 36.89 40.30
N ILE A 161 19.37 35.99 40.78
CA ILE A 161 19.37 34.61 40.29
C ILE A 161 18.88 34.56 38.85
N TYR A 162 17.86 35.38 38.53
CA TYR A 162 17.37 35.42 37.16
C TYR A 162 18.39 36.02 36.21
N HIS A 163 19.14 37.03 36.67
CA HIS A 163 20.21 37.61 35.87
C HIS A 163 21.33 36.60 35.63
N LEU A 164 21.64 35.80 36.65
CA LEU A 164 22.65 34.76 36.50
C LEU A 164 22.19 33.67 35.53
N MET A 165 20.90 33.34 35.55
CA MET A 165 20.41 32.27 34.70
C MET A 165 20.32 32.73 33.24
N THR A 166 19.86 33.96 33.00
CA THR A 166 19.66 34.39 31.62
C THR A 166 20.95 34.90 31.00
N GLN A 167 21.74 35.67 31.75
CA GLN A 167 22.89 36.34 31.14
C GLN A 167 24.08 35.39 31.00
N HIS A 168 24.58 34.88 32.12
CA HIS A 168 25.87 34.20 32.14
C HIS A 168 25.76 32.70 31.85
N TRP A 169 24.71 32.05 32.32
CA TRP A 169 24.57 30.63 32.03
C TRP A 169 24.12 30.39 30.60
N GLY A 170 23.51 31.38 29.98
CA GLY A 170 23.15 31.28 28.58
C GLY A 170 21.79 30.67 28.32
N LEU A 171 20.76 31.23 28.95
CA LEU A 171 19.40 30.73 28.81
C LEU A 171 18.49 31.86 28.33
N ASP A 172 17.67 31.56 27.33
CA ASP A 172 16.69 32.54 26.87
C ASP A 172 15.47 32.54 27.78
N VAL A 173 14.59 33.50 27.55
CA VAL A 173 13.41 33.66 28.42
C VAL A 173 12.42 32.55 28.10
N PRO A 174 11.89 31.84 29.10
CA PRO A 174 10.99 30.72 28.80
C PRO A 174 9.58 31.18 28.48
N ASN A 175 8.89 30.39 27.65
CA ASN A 175 7.51 30.73 27.32
C ASN A 175 6.54 30.17 28.36
N LEU A 176 6.99 29.21 29.16
CA LEU A 176 6.14 28.54 30.13
C LEU A 176 7.01 28.03 31.26
N LEU A 177 6.46 28.01 32.47
CA LEU A 177 7.17 27.57 33.66
C LEU A 177 6.39 26.46 34.34
N ILE A 178 6.89 25.23 34.23
CA ILE A 178 6.25 24.06 34.81
C ILE A 178 7.00 23.71 36.09
N SER A 179 6.27 23.57 37.18
CA SER A 179 6.85 23.34 38.51
C SER A 179 6.30 22.03 39.06
N VAL A 180 7.03 20.94 38.82
CA VAL A 180 6.54 19.64 39.26
C VAL A 180 6.91 19.42 40.73
N THR A 181 5.94 18.89 41.49
CA THR A 181 6.13 18.56 42.89
C THR A 181 5.42 17.24 43.18
N GLY A 182 5.95 16.47 44.12
CA GLY A 182 5.39 15.16 44.41
C GLY A 182 5.96 14.58 45.70
N GLY A 183 5.81 13.28 45.83
CA GLY A 183 6.31 12.61 47.02
C GLY A 183 7.82 12.42 46.96
N ALA A 184 8.49 12.76 48.06
CA ALA A 184 9.92 12.53 48.15
C ALA A 184 10.22 11.06 48.44
N LYS A 185 9.35 10.41 49.20
CA LYS A 185 9.49 8.98 49.43
C LYS A 185 9.25 8.21 48.15
N ASN A 186 10.03 7.16 47.94
CA ASN A 186 9.95 6.40 46.70
C ASN A 186 8.66 5.60 46.63
N PHE A 187 8.21 5.33 45.41
CA PHE A 187 6.95 4.65 45.18
C PHE A 187 6.96 4.09 43.76
N ASN A 188 5.92 3.34 43.43
CA ASN A 188 5.77 2.70 42.13
C ASN A 188 4.40 3.00 41.56
N MET A 189 4.24 2.80 40.26
CA MET A 189 3.03 3.21 39.56
C MET A 189 2.74 2.28 38.40
N LYS A 190 1.52 2.41 37.87
CA LYS A 190 1.08 1.56 36.76
C LYS A 190 1.86 1.90 35.49
N PRO A 191 2.14 0.90 34.63
CA PRO A 191 3.04 1.16 33.50
C PRO A 191 2.45 2.02 32.39
N ARG A 192 1.16 1.84 32.07
CA ARG A 192 0.54 2.62 31.00
C ARG A 192 0.44 4.10 31.38
N LEU A 193 0.06 4.38 32.63
CA LEU A 193 0.01 5.75 33.11
C LEU A 193 1.40 6.35 33.20
N LYS A 194 2.41 5.52 33.50
CA LYS A 194 3.79 5.98 33.49
C LYS A 194 4.24 6.39 32.10
N SER A 195 3.92 5.58 31.10
CA SER A 195 4.31 5.89 29.72
C SER A 195 3.59 7.14 29.21
N ILE A 196 2.29 7.26 29.54
CA ILE A 196 1.53 8.43 29.13
C ILE A 196 2.06 9.69 29.79
N PHE A 197 2.42 9.59 31.08
CA PHE A 197 2.94 10.74 31.81
C PHE A 197 4.29 11.20 31.25
N ARG A 198 5.20 10.24 31.02
CA ARG A 198 6.52 10.58 30.46
C ARG A 198 6.40 11.20 29.08
N ARG A 199 5.62 10.56 28.20
CA ARG A 199 5.49 11.05 26.83
C ARG A 199 4.81 12.41 26.78
N GLY A 200 3.80 12.63 27.63
CA GLY A 200 3.10 13.91 27.62
C GLY A 200 3.95 15.04 28.15
N LEU A 201 4.66 14.81 29.27
CA LEU A 201 5.49 15.87 29.85
C LEU A 201 6.65 16.23 28.92
N VAL A 202 7.29 15.22 28.34
CA VAL A 202 8.38 15.45 27.40
C VAL A 202 7.87 16.18 26.15
N LYS A 203 6.67 15.82 25.70
CA LYS A 203 6.08 16.45 24.52
C LYS A 203 5.79 17.94 24.75
N VAL A 204 5.15 18.28 25.88
CA VAL A 204 4.78 19.67 26.10
C VAL A 204 6.02 20.53 26.36
N ALA A 205 7.01 19.99 27.10
CA ALA A 205 8.19 20.78 27.38
C ALA A 205 9.08 20.89 26.16
N GLN A 206 8.95 19.97 25.20
CA GLN A 206 9.70 20.09 23.96
C GLN A 206 9.05 21.10 23.02
N THR A 207 7.73 21.01 22.81
CA THR A 207 7.11 21.84 21.78
C THR A 207 6.92 23.26 22.27
N THR A 208 6.97 23.50 23.58
CA THR A 208 6.80 24.85 24.09
C THR A 208 8.12 25.58 24.29
N GLY A 209 9.18 24.86 24.68
CA GLY A 209 10.39 25.54 25.12
C GLY A 209 10.23 26.07 26.52
N ALA A 210 9.96 25.19 27.47
CA ALA A 210 9.56 25.56 28.82
C ALA A 210 10.60 25.09 29.83
N TRP A 211 10.76 25.85 30.91
CA TRP A 211 11.62 25.43 31.99
C TRP A 211 10.88 24.43 32.87
N ILE A 212 11.61 23.44 33.38
CA ILE A 212 11.06 22.49 34.34
C ILE A 212 11.85 22.65 35.63
N ILE A 213 11.18 23.10 36.68
CA ILE A 213 11.82 23.36 37.96
C ILE A 213 11.31 22.32 38.96
N THR A 214 12.24 21.72 39.69
CA THR A 214 11.91 20.64 40.62
C THR A 214 12.96 20.58 41.72
N GLY A 215 12.76 19.64 42.64
CA GLY A 215 13.79 19.37 43.62
C GLY A 215 14.94 18.61 42.98
N GLY A 216 16.15 18.94 43.40
CA GLY A 216 17.31 18.28 42.84
C GLY A 216 17.78 17.09 43.65
N SER A 217 16.92 16.08 43.79
CA SER A 217 17.24 14.89 44.58
C SER A 217 17.02 13.65 43.73
N HIS A 218 17.60 12.54 44.16
CA HIS A 218 17.54 11.31 43.37
C HIS A 218 16.28 10.51 43.68
N THR A 219 15.59 10.84 44.75
CA THR A 219 14.45 10.03 45.17
C THR A 219 13.13 10.59 44.67
N GLY A 220 12.13 9.71 44.59
CA GLY A 220 10.76 10.17 44.42
C GLY A 220 10.40 10.59 43.01
N VAL A 221 9.58 11.63 42.93
CA VAL A 221 9.02 12.09 41.66
C VAL A 221 10.10 12.69 40.77
N MET A 222 11.10 13.30 41.41
CA MET A 222 12.24 13.87 40.71
C MET A 222 13.01 12.81 39.91
N LYS A 223 13.05 11.58 40.43
CA LYS A 223 13.62 10.47 39.67
C LYS A 223 12.81 10.18 38.41
N GLN A 224 11.48 10.23 38.51
CA GLN A 224 10.65 9.92 37.35
C GLN A 224 10.76 11.00 36.28
N VAL A 225 10.84 12.26 36.70
CA VAL A 225 11.08 13.35 35.75
C VAL A 225 12.46 13.21 35.10
N GLY A 226 13.45 12.76 35.89
CA GLY A 226 14.76 12.49 35.33
C GLY A 226 14.76 11.35 34.32
N GLU A 227 13.95 10.32 34.57
CA GLU A 227 13.87 9.22 33.61
C GLU A 227 13.14 9.63 32.34
N ALA A 228 12.17 10.54 32.45
CA ALA A 228 11.52 11.06 31.25
C ALA A 228 12.49 11.88 30.41
N VAL A 229 13.29 12.73 31.07
CA VAL A 229 14.32 13.51 30.36
C VAL A 229 15.36 12.58 29.76
N ARG A 230 15.69 11.49 30.46
CA ARG A 230 16.64 10.52 29.94
C ARG A 230 16.08 9.76 28.74
N ASP A 231 14.75 9.54 28.72
CA ASP A 231 14.12 8.95 27.56
C ASP A 231 14.18 9.86 26.35
N PHE A 232 13.97 11.17 26.57
CA PHE A 232 14.08 12.11 25.44
C PHE A 232 15.52 12.22 24.95
N SER A 233 16.49 12.14 25.86
CA SER A 233 17.89 12.17 25.43
C SER A 233 18.28 10.85 24.77
N LEU A 234 17.56 9.77 25.08
CA LEU A 234 17.72 8.55 24.32
C LEU A 234 17.15 8.69 22.92
N SER A 235 16.04 9.42 22.79
CA SER A 235 15.50 9.69 21.46
C SER A 235 16.38 10.67 20.69
N SER A 236 16.51 11.90 21.20
CA SER A 236 17.55 12.88 20.83
C SER A 236 17.36 13.32 19.38
N SER A 237 16.13 13.33 18.84
CA SER A 237 15.86 13.72 17.44
C SER A 237 16.41 15.10 17.08
N TYR A 238 15.98 16.13 17.80
CA TYR A 238 16.45 17.49 17.52
C TYR A 238 16.28 18.38 18.75
N LYS A 239 17.15 19.40 18.86
CA LYS A 239 17.13 20.40 19.93
C LYS A 239 17.24 19.77 21.31
N GLU A 240 18.41 19.21 21.62
CA GLU A 240 18.62 18.65 22.96
C GLU A 240 18.69 19.74 24.01
N GLY A 241 19.05 20.95 23.62
CA GLY A 241 19.09 22.06 24.55
C GLY A 241 17.71 22.65 24.84
N GLU A 242 16.67 22.11 24.19
CA GLU A 242 15.31 22.56 24.48
C GLU A 242 14.86 22.11 25.86
N LEU A 243 15.11 20.85 26.22
CA LEU A 243 14.74 20.34 27.53
C LEU A 243 15.82 20.70 28.54
N ILE A 244 15.67 21.87 29.15
CA ILE A 244 16.48 22.19 30.30
C ILE A 244 15.65 22.02 31.56
N THR A 245 16.27 21.45 32.59
CA THR A 245 15.63 21.22 33.87
C THR A 245 16.56 21.68 34.96
N ILE A 246 16.05 22.51 35.86
CA ILE A 246 16.83 23.01 36.98
C ILE A 246 16.35 22.27 38.22
N GLY A 247 17.25 22.13 39.19
CA GLY A 247 16.90 21.49 40.44
C GLY A 247 17.37 22.31 41.61
N VAL A 248 16.50 22.58 42.57
CA VAL A 248 16.81 23.45 43.70
C VAL A 248 16.84 22.59 44.96
N ALA A 249 18.00 22.52 45.59
CA ALA A 249 18.20 21.61 46.71
C ALA A 249 18.99 22.29 47.82
N THR A 250 18.90 21.71 49.02
CA THR A 250 19.62 22.23 50.17
C THR A 250 21.09 21.87 50.09
N TRP A 251 21.96 22.79 50.52
CA TRP A 251 23.40 22.55 50.46
C TRP A 251 23.83 21.54 51.51
N GLY A 252 23.07 21.43 52.61
CA GLY A 252 23.47 20.54 53.68
C GLY A 252 23.30 19.07 53.33
N THR A 253 22.21 18.72 52.67
CA THR A 253 21.88 17.32 52.44
C THR A 253 22.37 16.87 51.07
N VAL A 254 23.68 16.97 50.91
CA VAL A 254 24.37 16.47 49.73
C VAL A 254 25.51 15.57 50.22
N HIS A 255 25.58 14.35 49.69
CA HIS A 255 26.40 13.30 50.29
C HIS A 255 27.89 13.57 50.12
N ARG A 256 28.32 13.95 48.93
CA ARG A 256 29.74 14.07 48.61
C ARG A 256 30.04 15.53 48.29
N ARG A 257 29.52 16.42 49.13
CA ARG A 257 29.62 17.85 48.86
C ARG A 257 31.01 18.39 49.15
N GLU A 258 31.85 17.61 49.85
CA GLU A 258 33.18 18.08 50.20
C GLU A 258 34.08 18.15 48.97
N GLY A 259 33.82 17.30 47.97
CA GLY A 259 34.60 17.37 46.74
C GLY A 259 34.25 18.56 45.88
N LEU A 260 33.07 19.14 46.11
CA LEU A 260 32.63 20.26 45.28
C LEU A 260 33.27 21.57 45.71
N ILE A 261 33.62 21.69 46.99
CA ILE A 261 34.12 22.95 47.53
C ILE A 261 35.54 23.21 47.04
N HIS A 262 35.69 24.18 46.15
CA HIS A 262 36.98 24.63 45.68
C HIS A 262 36.83 26.08 45.21
N PRO A 263 37.45 27.04 45.91
CA PRO A 263 37.25 28.45 45.55
C PRO A 263 37.92 28.80 44.23
N THR A 264 37.52 29.97 43.71
CA THR A 264 37.95 30.55 42.43
C THR A 264 37.64 29.66 41.23
N GLY A 265 36.70 28.73 41.35
CA GLY A 265 36.26 27.98 40.19
C GLY A 265 36.66 26.53 40.17
N SER A 266 35.68 25.64 40.31
CA SER A 266 35.95 24.20 40.25
C SER A 266 35.52 23.61 38.92
N PHE A 267 35.86 24.29 37.79
CA PHE A 267 35.29 24.19 36.45
C PHE A 267 35.08 22.75 35.95
N PRO A 268 36.08 21.82 35.91
CA PRO A 268 35.65 20.41 35.90
C PRO A 268 35.58 19.88 37.33
N ALA A 269 34.39 19.49 37.77
CA ALA A 269 34.23 18.91 39.10
C ALA A 269 33.65 17.51 38.96
N GLU A 270 34.46 16.51 39.26
CA GLU A 270 33.98 15.14 39.22
C GLU A 270 33.18 14.84 40.48
N TYR A 271 31.96 14.36 40.29
CA TYR A 271 31.07 14.01 41.38
C TYR A 271 30.71 12.54 41.27
N ILE A 272 31.10 11.77 42.26
CA ILE A 272 30.73 10.36 42.37
C ILE A 272 29.43 10.29 43.14
N LEU A 273 28.66 9.23 42.92
CA LEU A 273 27.45 9.00 43.70
C LEU A 273 27.39 7.52 44.05
N ASP A 274 26.80 7.23 45.20
CA ASP A 274 26.54 5.86 45.63
C ASP A 274 25.18 5.81 46.29
N GLU A 275 24.20 5.24 45.60
CA GLU A 275 22.89 5.06 46.19
C GLU A 275 22.94 4.01 47.29
N ASP A 276 22.16 4.27 48.35
CA ASP A 276 21.98 3.47 49.57
C ASP A 276 23.23 3.39 50.46
N GLY A 277 24.34 3.99 50.02
CA GLY A 277 25.49 4.19 50.88
C GLY A 277 25.53 5.58 51.47
N GLN A 278 24.47 5.98 52.16
CA GLN A 278 24.38 7.33 52.70
C GLN A 278 23.47 7.32 53.91
N GLY A 279 23.56 8.38 54.70
CA GLY A 279 22.74 8.56 55.88
C GLY A 279 21.36 9.08 55.55
N ASN A 280 20.89 10.00 56.39
CA ASN A 280 19.63 10.67 56.13
C ASN A 280 19.76 11.64 54.95
N LEU A 281 20.94 12.21 54.78
CA LEU A 281 21.21 13.07 53.63
C LEU A 281 21.29 12.25 52.35
N THR A 282 20.91 12.85 51.23
CA THR A 282 20.70 12.13 49.98
C THR A 282 21.60 12.69 48.89
N CYS A 283 21.61 12.00 47.75
CA CYS A 283 22.43 12.41 46.62
C CYS A 283 21.63 13.20 45.61
N LEU A 284 22.34 13.89 44.73
CA LEU A 284 21.70 14.61 43.63
C LEU A 284 21.22 13.64 42.56
N ASP A 285 20.26 14.07 41.77
CA ASP A 285 19.87 13.31 40.59
C ASP A 285 20.88 13.55 39.48
N SER A 286 20.90 12.65 38.50
CA SER A 286 21.90 12.73 37.45
C SER A 286 21.35 13.36 36.18
N ASN A 287 20.05 13.24 35.95
CA ASN A 287 19.50 13.64 34.66
C ASN A 287 19.16 15.13 34.62
N HIS A 288 19.21 15.80 35.76
CA HIS A 288 18.96 17.24 35.80
C HIS A 288 20.08 18.00 35.10
N SER A 289 19.77 19.19 34.59
CA SER A 289 20.74 19.88 33.76
C SER A 289 21.38 21.05 34.50
N HIS A 290 20.63 21.76 35.33
CA HIS A 290 21.19 22.83 36.13
C HIS A 290 20.86 22.61 37.60
N PHE A 291 21.71 23.09 38.48
CA PHE A 291 21.53 22.91 39.91
C PHE A 291 21.69 24.24 40.64
N ILE A 292 20.77 24.51 41.55
CA ILE A 292 20.87 25.64 42.48
C ILE A 292 20.78 25.07 43.88
N LEU A 293 21.85 25.26 44.65
CA LEU A 293 21.94 24.72 46.00
C LEU A 293 21.87 25.86 47.00
N VAL A 294 20.73 25.98 47.67
CA VAL A 294 20.50 27.01 48.67
C VAL A 294 21.15 26.56 49.96
N ASP A 295 21.64 27.52 50.74
CA ASP A 295 22.40 27.22 51.94
C ASP A 295 21.90 28.10 53.08
N ASP A 296 21.58 27.47 54.20
CA ASP A 296 21.34 28.17 55.45
C ASP A 296 22.57 28.12 56.36
N GLY A 297 23.48 27.19 56.13
CA GLY A 297 24.56 26.92 57.05
C GLY A 297 24.27 25.83 58.06
N THR A 298 23.20 25.06 57.85
CA THR A 298 22.76 24.03 58.79
C THR A 298 22.82 22.68 58.09
N HIS A 299 23.52 21.73 58.69
CA HIS A 299 23.72 20.44 58.04
C HIS A 299 22.50 19.54 58.16
N GLY A 300 21.97 19.38 59.37
CA GLY A 300 20.87 18.48 59.59
C GLY A 300 19.49 19.12 59.49
N GLN A 301 19.04 19.45 58.29
CA GLN A 301 17.74 20.08 58.12
C GLN A 301 17.19 19.79 56.74
N TYR A 302 15.86 19.77 56.61
CA TYR A 302 15.16 19.59 55.35
C TYR A 302 14.27 20.80 55.10
N GLY A 303 14.15 21.20 53.85
CA GLY A 303 13.15 22.18 53.47
C GLY A 303 13.59 23.62 53.47
N VAL A 304 14.88 23.90 53.28
CA VAL A 304 15.32 25.29 53.21
C VAL A 304 15.03 25.87 51.84
N GLU A 305 14.84 25.01 50.83
CA GLU A 305 14.60 25.47 49.47
C GLU A 305 13.16 25.90 49.25
N ILE A 306 12.26 25.56 50.17
CA ILE A 306 10.84 25.85 49.96
C ILE A 306 10.51 27.34 50.01
N PRO A 307 11.03 28.15 50.96
CA PRO A 307 10.75 29.60 50.85
C PRO A 307 11.44 30.29 49.67
N LEU A 308 12.46 29.67 49.07
CA LEU A 308 13.11 30.33 47.94
C LEU A 308 12.43 29.97 46.63
N ARG A 309 11.88 28.74 46.53
CA ARG A 309 11.28 28.31 45.26
C ARG A 309 10.05 29.11 44.90
N THR A 310 9.20 29.41 45.89
CA THR A 310 7.99 30.18 45.62
C THR A 310 8.33 31.61 45.24
N ARG A 311 9.35 32.19 45.89
CA ARG A 311 9.77 33.55 45.57
C ARG A 311 10.36 33.63 44.17
N LEU A 312 11.16 32.63 43.79
CA LEU A 312 11.76 32.64 42.46
C LEU A 312 10.71 32.44 41.37
N GLU A 313 9.78 31.51 41.59
CA GLU A 313 8.72 31.29 40.62
C GLU A 313 7.80 32.50 40.49
N LYS A 314 7.48 33.15 41.61
CA LYS A 314 6.61 34.31 41.55
C LYS A 314 7.32 35.51 40.96
N PHE A 315 8.65 35.62 41.10
CA PHE A 315 9.36 36.69 40.42
C PHE A 315 9.45 36.45 38.93
N ILE A 316 9.65 35.20 38.51
CA ILE A 316 9.64 34.88 37.09
C ILE A 316 8.27 35.14 36.48
N SER A 317 7.19 34.89 37.21
CA SER A 317 5.86 35.00 36.63
C SER A 317 5.34 36.42 36.47
N GLU A 318 6.17 37.47 36.65
CA GLU A 318 5.75 38.78 36.19
C GLU A 318 6.53 39.26 34.97
N GLN A 319 7.64 38.59 34.65
CA GLN A 319 8.48 39.05 33.55
C GLN A 319 7.77 38.87 32.21
N THR A 320 8.09 39.77 31.27
CA THR A 320 7.41 39.81 29.98
C THR A 320 8.38 39.46 28.88
N LYS A 321 8.08 38.37 28.16
CA LYS A 321 8.81 38.00 26.96
C LYS A 321 8.03 38.54 25.76
N GLU A 322 8.68 39.41 24.99
CA GLU A 322 8.04 40.09 23.87
C GLU A 322 8.77 39.72 22.59
N ARG A 323 8.05 39.10 21.66
CA ARG A 323 8.57 38.77 20.35
C ARG A 323 7.63 39.33 19.29
N GLY A 324 8.19 40.03 18.31
CA GLY A 324 7.36 40.65 17.30
C GLY A 324 6.60 41.84 17.85
N GLY A 325 5.32 41.88 17.49
CA GLY A 325 4.47 42.95 17.99
C GLY A 325 3.87 42.65 19.35
N VAL A 326 3.54 41.38 19.59
CA VAL A 326 2.80 41.01 20.79
C VAL A 326 3.74 40.85 21.96
N ALA A 327 3.19 40.98 23.17
CA ALA A 327 3.92 40.77 24.41
C ALA A 327 3.02 40.05 25.40
N ILE A 328 3.58 39.06 26.11
CA ILE A 328 2.83 38.27 27.07
C ILE A 328 3.59 38.29 28.39
N LYS A 329 2.90 37.87 29.44
CA LYS A 329 3.54 37.55 30.72
C LYS A 329 3.66 36.03 30.81
N ILE A 330 4.71 35.55 31.47
CA ILE A 330 4.99 34.11 31.43
C ILE A 330 4.01 33.38 32.33
N PRO A 331 3.28 32.40 31.83
CA PRO A 331 2.35 31.66 32.68
C PRO A 331 3.04 30.54 33.45
N ILE A 332 2.52 30.19 34.61
CA ILE A 332 3.09 29.19 35.49
C ILE A 332 2.01 28.17 35.82
N VAL A 333 2.34 26.89 35.73
CA VAL A 333 1.45 25.80 36.07
C VAL A 333 2.24 24.79 36.87
N CYS A 334 1.57 24.09 37.79
CA CYS A 334 2.20 23.02 38.55
C CYS A 334 1.41 21.73 38.36
N VAL A 335 2.14 20.66 38.06
CA VAL A 335 1.59 19.32 37.97
C VAL A 335 2.09 18.54 39.18
N VAL A 336 1.18 17.86 39.86
CA VAL A 336 1.49 17.24 41.14
C VAL A 336 1.25 15.74 41.04
N LEU A 337 2.04 14.97 41.78
CA LEU A 337 1.94 13.53 41.88
C LEU A 337 1.74 13.18 43.35
N GLU A 338 1.98 11.90 43.68
CA GLU A 338 1.57 11.15 44.90
C GLU A 338 1.64 12.00 46.16
N GLY A 339 2.80 12.49 46.56
CA GLY A 339 2.84 13.65 47.44
C GLY A 339 2.90 13.26 48.90
N GLY A 340 2.62 14.26 49.74
CA GLY A 340 2.59 14.12 51.17
C GLY A 340 1.88 15.30 51.78
N PRO A 341 2.13 15.59 53.06
CA PRO A 341 1.53 16.79 53.66
C PRO A 341 2.08 18.08 53.10
N GLY A 342 3.39 18.13 52.83
CA GLY A 342 3.98 19.32 52.25
C GLY A 342 3.51 19.57 50.82
N THR A 343 3.20 18.49 50.10
CA THR A 343 2.63 18.64 48.76
C THR A 343 1.24 19.24 48.82
N LEU A 344 0.44 18.84 49.81
CA LEU A 344 -0.90 19.41 49.97
C LEU A 344 -0.81 20.88 50.39
N HIS A 345 0.16 21.22 51.24
CA HIS A 345 0.36 22.61 51.61
C HIS A 345 0.83 23.44 50.41
N THR A 346 1.65 22.83 49.53
CA THR A 346 2.10 23.52 48.33
C THR A 346 0.95 23.74 47.35
N ILE A 347 0.05 22.75 47.23
CA ILE A 347 -1.13 22.90 46.38
C ILE A 347 -2.02 24.02 46.89
N ASP A 348 -2.21 24.09 48.21
CA ASP A 348 -3.05 25.15 48.78
C ASP A 348 -2.41 26.52 48.59
N ASN A 349 -1.08 26.60 48.78
CA ASN A 349 -0.38 27.88 48.61
C ASN A 349 -0.38 28.32 47.16
N ALA A 350 -0.40 27.36 46.22
CA ALA A 350 -0.49 27.72 44.81
C ALA A 350 -1.88 28.19 44.45
N THR A 351 -2.92 27.52 44.94
CA THR A 351 -4.29 27.89 44.56
C THR A 351 -4.71 29.19 45.23
N THR A 352 -4.07 29.57 46.33
CA THR A 352 -4.36 30.89 46.90
C THR A 352 -3.86 32.01 46.01
N ASN A 353 -2.75 31.80 45.32
CA ASN A 353 -2.19 32.88 44.50
C ASN A 353 -2.88 32.98 43.15
N GLY A 354 -3.41 31.87 42.65
CA GLY A 354 -4.04 31.86 41.34
C GLY A 354 -3.37 30.95 40.33
N THR A 355 -2.33 30.24 40.72
CA THR A 355 -1.66 29.32 39.81
C THR A 355 -2.52 28.10 39.59
N PRO A 356 -2.76 27.69 38.34
CA PRO A 356 -3.52 26.46 38.10
C PRO A 356 -2.72 25.22 38.48
N CYS A 357 -3.44 24.16 38.83
CA CYS A 357 -2.84 22.91 39.27
C CYS A 357 -3.44 21.75 38.48
N VAL A 358 -2.61 20.77 38.16
CA VAL A 358 -3.05 19.55 37.51
C VAL A 358 -2.64 18.37 38.39
N VAL A 359 -3.62 17.60 38.84
CA VAL A 359 -3.39 16.47 39.74
C VAL A 359 -3.71 15.17 39.00
N VAL A 360 -2.74 14.26 38.98
CA VAL A 360 -2.91 13.02 38.24
C VAL A 360 -3.58 11.97 39.14
N GLU A 361 -4.65 11.39 38.63
CA GLU A 361 -5.43 10.39 39.35
C GLU A 361 -4.75 9.04 39.21
N GLY A 362 -4.67 8.31 40.31
CA GLY A 362 -3.94 7.06 40.31
C GLY A 362 -2.54 7.21 40.88
N SER A 363 -2.08 6.13 41.50
CA SER A 363 -0.74 5.93 42.06
C SER A 363 -0.40 6.92 43.16
N GLY A 364 -1.38 7.55 43.80
CA GLY A 364 -1.05 8.57 44.77
C GLY A 364 -1.81 8.50 46.08
N ARG A 365 -1.19 8.97 47.16
CA ARG A 365 -1.96 9.15 48.38
C ARG A 365 -2.75 10.46 48.34
N VAL A 366 -2.06 11.59 48.30
CA VAL A 366 -2.72 12.89 48.40
C VAL A 366 -3.40 13.23 47.09
N ALA A 367 -2.83 12.77 45.97
CA ALA A 367 -3.43 12.96 44.67
C ALA A 367 -4.76 12.25 44.55
N ASP A 368 -4.82 10.98 44.98
CA ASP A 368 -6.07 10.23 44.82
C ASP A 368 -7.05 10.54 45.94
N VAL A 369 -6.61 11.25 46.98
CA VAL A 369 -7.61 11.86 47.87
C VAL A 369 -8.38 12.95 47.13
N ILE A 370 -7.64 13.87 46.50
CA ILE A 370 -8.27 15.02 45.85
C ILE A 370 -9.07 14.58 44.63
N ALA A 371 -8.56 13.56 43.91
CA ALA A 371 -9.24 13.07 42.72
C ALA A 371 -10.61 12.48 43.03
N GLN A 372 -10.75 11.83 44.19
CA GLN A 372 -12.05 11.34 44.59
C GLN A 372 -12.93 12.46 45.16
N VAL A 373 -12.33 13.36 45.96
CA VAL A 373 -13.17 14.28 46.72
C VAL A 373 -13.56 15.49 45.88
N ALA A 374 -12.96 15.62 44.68
CA ALA A 374 -13.16 16.84 43.89
C ALA A 374 -14.56 16.94 43.31
N ASN A 375 -15.18 15.82 42.99
CA ASN A 375 -16.46 15.87 42.28
C ASN A 375 -17.60 16.20 43.22
N LEU A 376 -17.50 15.80 44.49
CA LEU A 376 -18.54 16.10 45.46
C LEU A 376 -18.52 17.58 45.80
N PRO A 377 -19.67 18.17 46.15
CA PRO A 377 -19.69 19.59 46.55
C PRO A 377 -19.00 19.83 47.88
N VAL A 378 -18.82 21.13 48.19
CA VAL A 378 -17.95 21.52 49.29
C VAL A 378 -18.60 21.25 50.64
N SER A 379 -19.91 21.48 50.76
CA SER A 379 -20.58 21.24 52.03
C SER A 379 -20.78 19.76 52.29
N ASP A 380 -20.78 18.95 51.23
CA ASP A 380 -20.94 17.51 51.40
C ASP A 380 -19.67 16.87 51.95
N ILE A 381 -18.53 17.55 51.81
CA ILE A 381 -17.30 17.06 52.40
C ILE A 381 -17.36 17.23 53.91
N THR A 382 -17.20 16.12 54.63
CA THR A 382 -17.26 16.14 56.09
C THR A 382 -16.01 15.46 56.64
N ILE A 383 -15.80 15.67 57.95
CA ILE A 383 -14.55 15.29 58.60
C ILE A 383 -14.40 13.77 58.67
N SER A 384 -15.52 13.07 58.90
CA SER A 384 -15.46 11.61 58.99
C SER A 384 -15.18 10.98 57.63
N LEU A 385 -15.73 11.58 56.58
CA LEU A 385 -15.50 11.09 55.19
C LEU A 385 -14.02 11.25 54.85
N ILE A 386 -13.45 12.41 55.19
CA ILE A 386 -12.04 12.69 54.93
C ILE A 386 -11.16 11.73 55.70
N GLN A 387 -11.48 11.46 56.97
CA GLN A 387 -10.69 10.54 57.77
C GLN A 387 -10.81 9.11 57.27
N GLN A 388 -11.99 8.73 56.78
CA GLN A 388 -12.20 7.38 56.26
C GLN A 388 -11.42 7.16 54.97
N LYS A 389 -11.45 8.14 54.06
CA LYS A 389 -10.67 8.00 52.83
C LYS A 389 -9.18 8.14 53.10
N LEU A 390 -8.82 8.86 54.15
CA LEU A 390 -7.42 8.95 54.55
C LEU A 390 -6.91 7.61 55.06
N SER A 391 -7.76 6.88 55.79
CA SER A 391 -7.34 5.62 56.39
C SER A 391 -7.15 4.53 55.33
N VAL A 392 -7.97 4.54 54.27
CA VAL A 392 -7.86 3.49 53.26
C VAL A 392 -6.68 3.73 52.34
N PHE A 393 -6.24 4.99 52.23
CA PHE A 393 -5.15 5.28 51.31
C PHE A 393 -3.79 5.30 52.01
N PHE A 394 -3.75 5.78 53.25
CA PHE A 394 -2.46 5.84 53.93
C PHE A 394 -2.15 4.52 54.61
N GLN A 395 -3.00 4.10 55.56
CA GLN A 395 -3.08 2.76 56.15
C GLN A 395 -1.90 2.47 57.07
N GLU A 396 -0.83 3.25 57.06
CA GLU A 396 0.17 3.17 58.13
C GLU A 396 0.34 4.51 58.82
N MET A 397 0.55 5.57 58.03
CA MET A 397 0.61 6.91 58.58
C MET A 397 -0.74 7.32 59.15
N PHE A 398 -1.83 6.81 58.57
CA PHE A 398 -3.17 7.04 59.09
C PHE A 398 -3.34 6.46 60.49
N GLU A 399 -2.67 5.33 60.77
CA GLU A 399 -2.59 4.85 62.14
C GLU A 399 -1.73 5.77 62.98
N THR A 400 -0.63 6.29 62.43
CA THR A 400 0.21 7.18 63.22
C THR A 400 -0.34 8.60 63.28
N PHE A 401 -1.29 8.94 62.43
CA PHE A 401 -1.83 10.29 62.44
C PHE A 401 -2.74 10.53 63.64
N THR A 402 -2.71 11.77 64.13
CA THR A 402 -3.57 12.19 65.22
C THR A 402 -4.95 12.56 64.70
N GLU A 403 -5.86 12.85 65.65
CA GLU A 403 -7.18 13.32 65.28
C GLU A 403 -7.24 14.84 65.25
N SER A 404 -6.16 15.50 65.64
CA SER A 404 -6.15 16.97 65.65
C SER A 404 -5.65 17.54 64.33
N ARG A 405 -5.01 16.72 63.50
CA ARG A 405 -4.52 17.21 62.22
C ARG A 405 -5.55 17.04 61.12
N ILE A 406 -6.54 16.16 61.33
CA ILE A 406 -7.45 15.82 60.24
C ILE A 406 -8.46 16.94 60.02
N VAL A 407 -8.71 17.76 61.05
CA VAL A 407 -9.55 18.94 60.87
C VAL A 407 -8.83 19.97 60.00
N GLU A 408 -7.51 20.12 60.19
CA GLU A 408 -6.71 20.99 59.34
C GLU A 408 -6.68 20.47 57.91
N TRP A 409 -6.59 19.15 57.75
CA TRP A 409 -6.55 18.58 56.40
C TRP A 409 -7.88 18.73 55.67
N THR A 410 -9.01 18.53 56.38
CA THR A 410 -10.28 18.67 55.68
C THR A 410 -10.62 20.14 55.42
N LYS A 411 -10.14 21.05 56.28
CA LYS A 411 -10.29 22.48 56.00
C LYS A 411 -9.48 22.89 54.78
N LYS A 412 -8.25 22.39 54.66
CA LYS A 412 -7.43 22.71 53.51
C LYS A 412 -7.99 22.11 52.23
N ILE A 413 -8.53 20.89 52.32
CA ILE A 413 -9.13 20.25 51.15
C ILE A 413 -10.40 20.98 50.73
N GLN A 414 -11.17 21.48 51.69
CA GLN A 414 -12.37 22.23 51.34
C GLN A 414 -12.03 23.57 50.68
N ASP A 415 -10.99 24.25 51.18
CA ASP A 415 -10.56 25.50 50.55
C ASP A 415 -9.96 25.25 49.17
N ILE A 416 -9.36 24.08 48.96
CA ILE A 416 -8.77 23.78 47.65
C ILE A 416 -9.86 23.46 46.64
N VAL A 417 -10.83 22.62 47.01
CA VAL A 417 -11.87 22.22 46.06
C VAL A 417 -12.90 23.34 45.87
N ARG A 418 -12.91 24.31 46.80
CA ARG A 418 -13.83 25.45 46.66
C ARG A 418 -13.49 26.30 45.44
N ARG A 419 -12.20 26.44 45.13
CA ARG A 419 -11.79 27.03 43.84
C ARG A 419 -11.92 25.95 42.76
N ARG A 420 -13.08 25.94 42.12
CA ARG A 420 -13.39 24.87 41.18
C ARG A 420 -12.65 25.04 39.86
N GLN A 421 -12.29 26.28 39.52
CA GLN A 421 -11.70 26.54 38.21
C GLN A 421 -10.22 26.18 38.17
N LEU A 422 -9.47 26.54 39.20
CA LEU A 422 -8.01 26.51 39.11
C LEU A 422 -7.47 25.09 39.22
N LEU A 423 -8.25 24.16 39.75
CA LEU A 423 -7.82 22.78 39.89
C LEU A 423 -8.35 21.95 38.74
N THR A 424 -7.50 21.08 38.20
CA THR A 424 -7.92 20.10 37.21
C THR A 424 -7.35 18.73 37.57
N VAL A 425 -8.24 17.73 37.56
CA VAL A 425 -7.91 16.29 37.84
C VAL A 425 -7.69 15.57 36.49
N PHE A 426 -6.69 14.68 36.43
CA PHE A 426 -6.30 13.96 35.18
C PHE A 426 -7.38 13.02 34.62
N ARG A 427 -8.05 12.22 35.46
CA ARG A 427 -9.11 11.28 34.95
C ARG A 427 -8.52 10.39 33.85
N GLU A 428 -7.36 9.78 34.12
CA GLU A 428 -6.60 8.96 33.19
C GLU A 428 -7.45 7.85 32.60
N GLY A 429 -7.52 7.83 31.27
CA GLY A 429 -8.23 6.77 30.56
C GLY A 429 -9.72 6.98 30.36
N LYS A 430 -10.40 7.50 31.39
CA LYS A 430 -11.86 7.46 31.40
C LYS A 430 -12.46 8.46 30.43
N ASP A 431 -12.30 9.76 30.71
CA ASP A 431 -12.96 10.77 29.90
C ASP A 431 -12.07 12.00 29.81
N GLY A 432 -12.01 12.58 28.61
CA GLY A 432 -11.13 13.70 28.36
C GLY A 432 -9.66 13.35 28.36
N GLN A 433 -9.34 12.05 28.39
CA GLN A 433 -7.91 11.66 28.49
C GLN A 433 -7.26 11.57 27.10
N GLN A 434 -7.28 12.66 26.33
CA GLN A 434 -6.62 12.63 25.00
C GLN A 434 -5.11 12.51 25.17
N ASP A 435 -4.52 13.32 26.06
CA ASP A 435 -3.06 13.33 26.34
C ASP A 435 -2.79 14.21 27.58
N VAL A 436 -1.56 14.15 28.12
CA VAL A 436 -1.18 15.00 29.23
C VAL A 436 -0.97 16.43 28.76
N ASP A 437 -0.41 16.60 27.56
CA ASP A 437 -0.04 17.93 27.09
C ASP A 437 -1.27 18.78 26.78
N VAL A 438 -2.26 18.20 26.12
CA VAL A 438 -3.48 18.94 25.83
C VAL A 438 -4.27 19.21 27.11
N ALA A 439 -4.13 18.33 28.11
CA ALA A 439 -4.79 18.56 29.39
C ALA A 439 -4.16 19.73 30.14
N ILE A 440 -2.82 19.79 30.14
CA ILE A 440 -2.11 20.90 30.77
C ILE A 440 -2.42 22.21 30.07
N LEU A 441 -2.45 22.18 28.74
CA LEU A 441 -2.73 23.38 27.96
C LEU A 441 -4.16 23.85 28.16
N GLN A 442 -5.11 22.91 28.20
CA GLN A 442 -6.51 23.26 28.43
C GLN A 442 -6.72 23.80 29.83
N ALA A 443 -6.00 23.25 30.82
CA ALA A 443 -6.12 23.76 32.18
C ALA A 443 -5.56 25.17 32.28
N LEU A 444 -4.42 25.43 31.64
CA LEU A 444 -3.84 26.76 31.67
C LEU A 444 -4.71 27.78 30.95
N LEU A 445 -5.33 27.38 29.84
CA LEU A 445 -6.17 28.32 29.12
C LEU A 445 -7.49 28.55 29.83
N LYS A 446 -8.02 27.54 30.52
CA LYS A 446 -9.20 27.74 31.34
C LYS A 446 -8.92 28.65 32.52
N ALA A 447 -7.72 28.51 33.12
CA ALA A 447 -7.35 29.37 34.23
C ALA A 447 -7.16 30.82 33.78
N SER A 448 -6.64 31.02 32.56
CA SER A 448 -6.54 32.39 32.07
C SER A 448 -7.91 32.91 31.65
N ARG A 449 -8.83 32.02 31.29
CA ARG A 449 -10.17 32.45 30.94
C ARG A 449 -10.95 32.88 32.17
N SER A 450 -10.68 32.26 33.33
CA SER A 450 -11.47 32.54 34.52
C SER A 450 -11.07 33.86 35.17
N GLN A 451 -10.01 34.51 34.67
CA GLN A 451 -9.55 35.77 35.24
C GLN A 451 -10.56 36.88 34.99
N ASP A 452 -10.63 37.82 35.94
CA ASP A 452 -11.49 38.97 35.77
C ASP A 452 -10.91 39.93 34.74
N HIS A 453 -11.78 40.51 33.91
CA HIS A 453 -11.35 41.30 32.78
C HIS A 453 -12.41 42.36 32.48
N PHE A 454 -11.94 43.53 32.07
CA PHE A 454 -12.81 44.60 31.60
C PHE A 454 -12.72 44.66 30.09
N GLY A 455 -13.83 44.43 29.41
CA GLY A 455 -13.82 44.31 27.97
C GLY A 455 -13.41 42.92 27.53
N HIS A 456 -13.14 42.81 26.22
CA HIS A 456 -12.83 41.53 25.60
C HIS A 456 -11.34 41.31 25.43
N GLU A 457 -10.53 41.77 26.38
CA GLU A 457 -9.08 41.61 26.27
C GLU A 457 -8.65 40.17 26.51
N ASN A 458 -9.51 39.38 27.16
CA ASN A 458 -9.14 38.02 27.55
C ASN A 458 -9.07 37.11 26.33
N TRP A 459 -10.03 37.24 25.40
CA TRP A 459 -10.01 36.40 24.21
C TRP A 459 -8.92 36.82 23.25
N ASP A 460 -8.43 38.06 23.37
CA ASP A 460 -7.23 38.44 22.65
C ASP A 460 -6.00 37.85 23.32
N HIS A 461 -5.98 37.83 24.66
CA HIS A 461 -4.80 37.39 25.38
C HIS A 461 -4.57 35.89 25.23
N GLN A 462 -5.66 35.12 25.14
CA GLN A 462 -5.52 33.69 24.88
C GLN A 462 -4.95 33.44 23.50
N LEU A 463 -5.29 34.30 22.53
CA LEU A 463 -4.75 34.13 21.19
C LEU A 463 -3.26 34.48 21.14
N LYS A 464 -2.86 35.54 21.86
CA LYS A 464 -1.44 35.89 21.92
C LYS A 464 -0.65 34.80 22.63
N LEU A 465 -1.24 34.17 23.64
CA LEU A 465 -0.59 33.03 24.29
C LEU A 465 -0.46 31.85 23.35
N ALA A 466 -1.51 31.56 22.58
CA ALA A 466 -1.48 30.36 21.74
C ALA A 466 -0.61 30.58 20.51
N VAL A 467 -0.35 31.83 20.15
CA VAL A 467 0.58 32.08 19.05
C VAL A 467 2.01 32.18 19.57
N ALA A 468 2.16 32.50 20.86
CA ALA A 468 3.49 32.49 21.47
C ALA A 468 4.05 31.06 21.56
N TRP A 469 3.22 30.12 21.99
CA TRP A 469 3.49 28.70 21.80
C TRP A 469 3.35 28.41 20.32
N ASN A 470 4.11 27.44 19.81
CA ASN A 470 4.11 27.23 18.37
C ASN A 470 2.88 26.47 17.91
N ARG A 471 2.22 25.75 18.83
CA ARG A 471 1.19 24.81 18.41
C ARG A 471 -0.11 25.51 18.03
N VAL A 472 -0.74 25.01 16.96
CA VAL A 472 -1.89 25.67 16.34
C VAL A 472 -3.18 24.93 16.62
N ASP A 473 -3.12 23.66 17.01
CA ASP A 473 -4.34 22.87 17.20
C ASP A 473 -5.13 23.34 18.41
N ILE A 474 -4.44 23.93 19.39
CA ILE A 474 -5.11 24.44 20.58
C ILE A 474 -5.94 25.66 20.24
N ALA A 475 -5.40 26.57 19.45
CA ALA A 475 -6.14 27.77 19.06
C ALA A 475 -7.28 27.43 18.11
N ARG A 476 -7.10 26.37 17.31
CA ARG A 476 -8.17 25.93 16.43
C ARG A 476 -9.28 25.26 17.23
N SER A 477 -8.92 24.53 18.29
CA SER A 477 -9.88 23.66 18.95
C SER A 477 -10.85 24.44 19.83
N GLU A 478 -10.38 25.49 20.49
CA GLU A 478 -11.23 26.15 21.47
C GLU A 478 -11.30 27.67 21.33
N ILE A 479 -10.25 28.31 20.81
CA ILE A 479 -10.29 29.77 20.74
C ILE A 479 -11.16 30.23 19.58
N PHE A 480 -11.14 29.48 18.48
CA PHE A 480 -11.91 29.85 17.30
C PHE A 480 -13.17 29.00 17.12
N MET A 481 -13.53 28.21 18.13
CA MET A 481 -14.63 27.25 17.96
C MET A 481 -15.99 27.94 18.09
N ASP A 482 -16.10 28.81 19.09
CA ASP A 482 -17.39 29.41 19.43
C ASP A 482 -17.27 30.62 20.36
N GLU A 483 -18.28 31.49 20.30
CA GLU A 483 -18.61 32.47 21.34
C GLU A 483 -17.52 33.52 21.55
N TRP A 484 -17.13 34.19 20.47
CA TRP A 484 -16.37 35.42 20.59
C TRP A 484 -16.98 36.54 19.76
N GLN A 485 -17.42 36.24 18.53
CA GLN A 485 -18.02 37.19 17.59
C GLN A 485 -17.12 38.40 17.35
N TRP A 486 -15.95 38.13 16.78
CA TRP A 486 -14.89 39.12 16.65
C TRP A 486 -14.91 39.72 15.25
N LYS A 487 -14.54 41.00 15.15
CA LYS A 487 -14.30 41.59 13.85
C LYS A 487 -12.88 41.23 13.40
N PRO A 488 -12.66 41.08 12.08
CA PRO A 488 -11.33 40.64 11.62
C PRO A 488 -10.23 41.66 11.81
N SER A 489 -10.57 42.95 11.91
CA SER A 489 -9.59 44.00 12.13
C SER A 489 -8.85 43.81 13.45
N ASP A 490 -9.57 43.33 14.47
CA ASP A 490 -8.96 43.06 15.77
C ASP A 490 -8.04 41.85 15.70
N LEU A 491 -8.11 41.07 14.62
CA LEU A 491 -7.20 39.95 14.42
C LEU A 491 -5.88 40.44 13.83
N HIS A 492 -5.78 41.72 13.51
CA HIS A 492 -4.63 42.27 12.80
C HIS A 492 -3.27 42.20 13.52
N PRO A 493 -3.10 42.64 14.79
CA PRO A 493 -1.72 42.78 15.29
C PRO A 493 -1.01 41.47 15.59
N THR A 494 -1.75 40.39 15.90
CA THR A 494 -1.07 39.11 16.12
C THR A 494 -0.60 38.52 14.81
N MET A 495 -1.36 38.78 13.74
CA MET A 495 -1.02 38.29 12.40
C MET A 495 0.36 38.73 11.96
N THR A 496 0.68 40.02 12.21
CA THR A 496 2.01 40.56 11.98
C THR A 496 3.08 39.73 12.67
N ALA A 497 2.85 39.36 13.93
CA ALA A 497 3.79 38.50 14.64
C ALA A 497 3.86 37.13 13.99
N ALA A 498 2.72 36.59 13.57
CA ALA A 498 2.71 35.31 12.88
C ALA A 498 3.36 35.43 11.51
N LEU A 499 3.41 36.64 10.97
CA LEU A 499 4.10 36.85 9.71
C LEU A 499 5.60 36.95 9.93
N ILE A 500 6.02 37.45 11.09
CA ILE A 500 7.44 37.73 11.27
C ILE A 500 8.20 36.46 11.61
N SER A 501 7.67 35.66 12.53
CA SER A 501 8.38 34.52 13.07
C SER A 501 8.29 33.27 12.21
N ASN A 502 7.91 33.42 10.93
CA ASN A 502 7.86 32.32 9.94
C ASN A 502 6.92 31.20 10.40
N LYS A 503 5.69 31.55 10.72
CA LYS A 503 4.72 30.53 11.10
C LYS A 503 3.63 30.50 10.04
N PRO A 504 3.75 29.66 9.02
CA PRO A 504 2.77 29.71 7.92
C PRO A 504 1.43 29.12 8.29
N GLU A 505 1.37 28.24 9.28
CA GLU A 505 0.11 27.60 9.64
C GLU A 505 -0.84 28.60 10.27
N PHE A 506 -0.33 29.51 11.10
CA PHE A 506 -1.18 30.53 11.68
C PHE A 506 -1.65 31.52 10.62
N VAL A 507 -0.81 31.78 9.62
CA VAL A 507 -1.20 32.64 8.50
C VAL A 507 -2.32 31.99 7.71
N LYS A 508 -2.24 30.68 7.50
CA LYS A 508 -3.30 29.96 6.81
C LYS A 508 -4.58 29.96 7.62
N LEU A 509 -4.46 29.82 8.94
CA LEU A 509 -5.64 29.84 9.80
C LEU A 509 -6.33 31.21 9.79
N PHE A 510 -5.54 32.29 9.83
CA PHE A 510 -6.15 33.61 9.85
C PHE A 510 -6.73 33.98 8.50
N LEU A 511 -6.08 33.55 7.41
CA LEU A 511 -6.64 33.73 6.07
C LEU A 511 -7.92 32.95 5.89
N GLU A 512 -8.01 31.78 6.52
CA GLU A 512 -9.27 31.04 6.50
C GLU A 512 -10.33 31.74 7.33
N ASN A 513 -9.93 32.35 8.45
CA ASN A 513 -10.92 32.89 9.36
C ASN A 513 -11.37 34.29 8.95
N GLY A 514 -10.72 34.89 7.95
CA GLY A 514 -11.35 36.02 7.31
C GLY A 514 -10.63 37.34 7.21
N VAL A 515 -9.34 37.40 7.53
CA VAL A 515 -8.62 38.65 7.35
C VAL A 515 -8.36 38.88 5.87
N GLN A 516 -8.59 40.10 5.41
CA GLN A 516 -8.39 40.47 4.02
C GLN A 516 -7.00 41.04 3.87
N LEU A 517 -6.21 40.46 2.96
CA LEU A 517 -4.82 40.88 2.82
C LEU A 517 -4.71 42.23 2.15
N LYS A 518 -5.72 42.61 1.35
CA LYS A 518 -5.71 43.92 0.73
C LYS A 518 -5.89 45.03 1.75
N GLU A 519 -6.74 44.78 2.76
CA GLU A 519 -6.99 45.81 3.77
C GLU A 519 -5.91 45.79 4.84
N PHE A 520 -5.22 44.66 4.99
CA PHE A 520 -4.25 44.54 6.07
C PHE A 520 -2.95 45.27 5.75
N VAL A 521 -2.40 45.04 4.56
CA VAL A 521 -1.10 45.61 4.22
C VAL A 521 -1.27 47.08 3.87
N THR A 522 -0.85 47.96 4.77
CA THR A 522 -0.83 49.38 4.51
C THR A 522 0.62 49.86 4.54
N TRP A 523 0.78 51.19 4.46
CA TRP A 523 2.10 51.77 4.27
C TRP A 523 2.96 51.64 5.52
N ASP A 524 2.43 52.06 6.67
CA ASP A 524 3.21 52.04 7.90
C ASP A 524 3.51 50.63 8.36
N THR A 525 2.58 49.69 8.16
CA THR A 525 2.88 48.32 8.50
C THR A 525 3.84 47.70 7.49
N LEU A 526 3.94 48.28 6.29
CA LEU A 526 4.96 47.80 5.37
C LEU A 526 6.34 48.26 5.80
N LEU A 527 6.44 49.50 6.30
CA LEU A 527 7.70 49.95 6.90
C LEU A 527 8.06 49.12 8.13
N TYR A 528 7.06 48.72 8.92
CA TYR A 528 7.32 47.92 10.10
C TYR A 528 7.77 46.52 9.72
N LEU A 529 7.20 45.95 8.66
CA LEU A 529 7.60 44.62 8.23
C LEU A 529 8.97 44.63 7.58
N TYR A 530 9.34 45.73 6.92
CA TYR A 530 10.68 45.80 6.36
C TYR A 530 11.71 46.18 7.42
N GLU A 531 11.24 46.68 8.57
CA GLU A 531 12.16 47.06 9.63
C GLU A 531 12.59 45.85 10.45
N ASN A 532 11.70 44.88 10.63
CA ASN A 532 11.99 43.66 11.36
C ASN A 532 12.39 42.51 10.45
N LEU A 533 13.06 42.80 9.35
CA LEU A 533 13.56 41.76 8.47
C LEU A 533 14.71 41.03 9.18
N ASP A 534 14.81 39.73 8.95
CA ASP A 534 15.74 38.92 9.74
C ASP A 534 17.18 39.21 9.32
N PRO A 535 18.13 39.19 10.26
CA PRO A 535 19.45 39.78 9.96
C PRO A 535 20.38 38.88 9.17
N SER A 536 20.15 37.57 9.15
CA SER A 536 21.16 36.66 8.63
C SER A 536 21.21 36.66 7.11
N CYS A 537 20.14 37.12 6.46
CA CYS A 537 20.05 36.99 5.00
C CYS A 537 20.91 38.03 4.29
N LEU A 538 21.03 37.87 2.98
CA LEU A 538 21.87 38.75 2.18
C LEU A 538 21.23 40.12 1.98
N PHE A 539 19.90 40.14 1.83
CA PHE A 539 19.18 41.36 1.52
C PHE A 539 19.27 42.36 2.68
N HIS A 540 19.32 41.86 3.91
CA HIS A 540 19.49 42.73 5.06
C HIS A 540 20.86 43.38 5.07
N SER A 541 21.88 42.63 4.64
CA SER A 541 23.22 43.20 4.58
C SER A 541 23.33 44.28 3.51
N LYS A 542 22.72 44.04 2.34
CA LYS A 542 22.76 45.04 1.28
C LYS A 542 21.95 46.28 1.68
N LEU A 543 20.86 46.07 2.41
CA LEU A 543 20.06 47.21 2.87
C LEU A 543 20.81 48.02 3.92
N GLN A 544 21.55 47.35 4.82
CA GLN A 544 22.30 48.07 5.84
C GLN A 544 23.50 48.78 5.22
N LYS A 545 23.98 48.31 4.08
CA LYS A 545 24.99 49.10 3.36
C LYS A 545 24.37 50.35 2.75
N VAL A 546 23.25 50.19 2.02
CA VAL A 546 22.72 51.31 1.25
C VAL A 546 22.06 52.34 2.16
N LEU A 547 21.75 51.96 3.41
CA LEU A 547 21.32 52.94 4.39
C LEU A 547 22.42 53.95 4.71
N VAL A 548 23.64 53.46 4.99
CA VAL A 548 24.69 54.37 5.42
C VAL A 548 25.41 54.98 4.22
N GLU A 549 25.14 54.46 3.02
CA GLU A 549 25.72 55.10 1.84
C GLU A 549 24.90 56.32 1.42
N ASP A 550 23.70 56.48 1.97
CA ASP A 550 22.91 57.67 1.74
C ASP A 550 23.61 58.88 2.37
N PRO A 551 23.80 59.98 1.63
CA PRO A 551 24.34 61.19 2.27
C PRO A 551 23.32 62.00 3.06
N GLU A 552 22.02 61.78 2.82
CA GLU A 552 21.00 62.60 3.47
C GLU A 552 20.85 62.25 4.94
N ARG A 553 21.32 61.07 5.35
CA ARG A 553 21.30 60.73 6.78
C ARG A 553 22.44 61.38 7.56
N PRO A 554 23.71 61.43 7.08
CA PRO A 554 24.66 62.34 7.72
C PRO A 554 24.30 63.81 7.55
N ALA A 555 23.50 64.15 6.55
CA ALA A 555 22.93 65.49 6.52
C ALA A 555 21.99 65.72 7.70
N CYS A 556 21.26 64.69 8.12
CA CYS A 556 20.42 64.80 9.31
C CYS A 556 21.20 64.50 10.59
N ALA A 557 21.65 63.26 10.77
CA ALA A 557 22.37 62.81 11.96
C ALA A 557 23.07 61.49 11.67
N PRO A 558 24.37 61.35 11.94
CA PRO A 558 25.08 60.12 11.54
C PRO A 558 24.75 58.90 12.37
N ALA A 559 24.51 59.07 13.68
CA ALA A 559 24.34 57.92 14.55
C ALA A 559 22.96 57.30 14.41
N ALA A 560 21.97 58.08 14.02
CA ALA A 560 20.61 57.57 13.95
C ALA A 560 20.29 57.07 12.54
N PRO A 561 19.99 55.77 12.37
CA PRO A 561 19.54 55.28 11.07
C PRO A 561 18.03 55.36 10.91
N ARG A 562 17.57 55.89 9.79
CA ARG A 562 16.14 55.94 9.49
C ARG A 562 15.88 55.15 8.22
N LEU A 563 15.06 54.12 8.32
CA LEU A 563 14.72 53.28 7.19
C LEU A 563 13.58 53.92 6.42
N GLN A 564 13.81 54.18 5.14
CA GLN A 564 12.82 54.77 4.27
C GLN A 564 12.43 53.75 3.22
N MET A 565 11.42 54.09 2.42
CA MET A 565 10.94 53.16 1.41
C MET A 565 11.81 53.20 0.15
N HIS A 566 12.32 54.37 -0.22
CA HIS A 566 13.04 54.48 -1.48
C HIS A 566 14.42 53.83 -1.39
N HIS A 567 14.91 53.58 -0.17
CA HIS A 567 16.09 52.72 -0.02
C HIS A 567 15.79 51.30 -0.48
N VAL A 568 14.63 50.77 -0.10
CA VAL A 568 14.21 49.45 -0.55
C VAL A 568 13.96 49.46 -2.05
N ALA A 569 13.42 50.56 -2.57
CA ALA A 569 13.21 50.67 -4.02
C ALA A 569 14.54 50.71 -4.77
N GLN A 570 15.55 51.35 -4.19
CA GLN A 570 16.86 51.44 -4.83
C GLN A 570 17.55 50.09 -4.86
N VAL A 571 17.55 49.37 -3.73
CA VAL A 571 18.21 48.07 -3.71
C VAL A 571 17.41 47.04 -4.51
N LEU A 572 16.11 47.29 -4.69
CA LEU A 572 15.33 46.42 -5.58
C LEU A 572 15.62 46.73 -7.04
N ARG A 573 15.85 47.99 -7.37
CA ARG A 573 16.18 48.36 -8.74
C ARG A 573 17.56 47.84 -9.13
N GLU A 574 18.45 47.71 -8.15
CA GLU A 574 19.75 47.10 -8.44
C GLU A 574 19.60 45.61 -8.75
N LEU A 575 18.62 44.94 -8.13
CA LEU A 575 18.46 43.51 -8.35
C LEU A 575 17.68 43.22 -9.62
N LEU A 576 16.58 43.94 -9.83
CA LEU A 576 15.67 43.64 -10.92
C LEU A 576 16.26 43.99 -12.28
N GLY A 577 17.07 45.04 -12.33
CA GLY A 577 17.66 45.49 -13.58
C GLY A 577 17.52 47.00 -13.74
N ASP A 578 18.33 47.51 -14.67
CA ASP A 578 18.35 48.96 -14.89
C ASP A 578 17.19 49.41 -15.77
N PHE A 579 16.57 48.48 -16.49
CA PHE A 579 15.58 48.87 -17.49
C PHE A 579 14.25 49.24 -16.83
N THR A 580 14.00 48.76 -15.63
CA THR A 580 12.75 49.09 -14.95
C THR A 580 12.90 50.37 -14.14
N GLN A 581 11.78 51.04 -13.93
CA GLN A 581 11.75 52.24 -13.13
C GLN A 581 11.62 51.86 -11.66
N PRO A 582 11.93 52.78 -10.73
CA PRO A 582 11.79 52.45 -9.31
C PRO A 582 10.34 52.22 -8.90
N LEU A 583 10.16 51.29 -7.96
CA LEU A 583 8.82 50.88 -7.58
C LEU A 583 8.20 51.86 -6.60
N TYR A 584 8.88 52.12 -5.49
CA TYR A 584 8.36 53.05 -4.50
C TYR A 584 8.97 54.42 -4.72
N PRO A 585 8.17 55.46 -4.93
CA PRO A 585 8.73 56.76 -5.25
C PRO A 585 9.20 57.50 -4.02
N ARG A 586 10.01 58.52 -4.25
CA ARG A 586 10.52 59.36 -3.18
C ARG A 586 9.64 60.58 -3.01
N PRO A 587 9.22 60.91 -1.78
CA PRO A 587 8.44 62.13 -1.57
C PRO A 587 9.30 63.37 -1.77
N ARG A 588 8.87 64.24 -2.68
CA ARG A 588 9.65 65.44 -2.99
C ARG A 588 9.21 66.62 -2.15
N HIS A 589 8.34 66.38 -1.17
CA HIS A 589 7.84 67.45 -0.29
C HIS A 589 8.93 68.00 0.62
N HIS A 621 -4.11 59.53 8.64
CA HIS A 621 -4.90 58.32 8.52
C HIS A 621 -4.11 57.22 7.81
N VAL A 622 -4.76 56.07 7.59
CA VAL A 622 -4.10 54.99 6.88
C VAL A 622 -4.06 55.30 5.39
N THR A 623 -3.03 54.81 4.71
CA THR A 623 -2.86 55.03 3.28
C THR A 623 -2.32 53.77 2.62
N PHE A 624 -3.03 53.31 1.58
CA PHE A 624 -2.61 52.14 0.81
C PHE A 624 -1.80 52.63 -0.38
N THR A 625 -0.70 51.93 -0.65
CA THR A 625 -0.09 52.03 -1.97
C THR A 625 -0.89 51.16 -2.93
N MET A 626 -0.69 51.35 -4.23
CA MET A 626 -1.32 50.50 -5.21
C MET A 626 -0.71 49.10 -5.17
N ASP A 627 -1.58 48.08 -5.21
CA ASP A 627 -1.20 46.67 -5.24
C ASP A 627 -0.34 46.23 -4.04
N PRO A 628 -0.94 46.09 -2.86
CA PRO A 628 -0.13 45.71 -1.68
C PRO A 628 0.37 44.28 -1.69
N ILE A 629 -0.33 43.39 -2.41
CA ILE A 629 0.08 41.98 -2.48
C ILE A 629 1.42 41.84 -3.18
N ARG A 630 1.70 42.75 -4.13
CA ARG A 630 3.03 42.86 -4.73
C ARG A 630 4.10 43.09 -3.68
N ASP A 631 3.85 44.01 -2.75
CA ASP A 631 4.86 44.35 -1.75
C ASP A 631 5.06 43.22 -0.76
N LEU A 632 3.97 42.57 -0.36
CA LEU A 632 4.12 41.44 0.56
C LEU A 632 4.80 40.27 -0.13
N LEU A 633 4.60 40.11 -1.43
CA LEU A 633 5.27 39.03 -2.16
C LEU A 633 6.76 39.29 -2.27
N ILE A 634 7.16 40.55 -2.49
CA ILE A 634 8.58 40.86 -2.55
C ILE A 634 9.23 40.66 -1.18
N TRP A 635 8.53 41.07 -0.12
CA TRP A 635 9.07 40.92 1.23
C TRP A 635 9.18 39.46 1.62
N ALA A 636 8.30 38.60 1.12
CA ALA A 636 8.42 37.18 1.42
C ALA A 636 9.47 36.52 0.55
N ILE A 637 9.71 37.06 -0.64
CA ILE A 637 10.62 36.40 -1.58
C ILE A 637 12.07 36.68 -1.22
N VAL A 638 12.39 37.92 -0.82
CA VAL A 638 13.80 38.34 -0.73
C VAL A 638 14.52 37.62 0.41
N GLN A 639 13.78 37.07 1.37
CA GLN A 639 14.44 36.42 2.48
C GLN A 639 14.17 34.92 2.50
N ASN A 640 13.79 34.36 1.35
CA ASN A 640 13.71 32.92 1.10
C ASN A 640 12.73 32.20 2.01
N ARG A 641 11.60 32.82 2.31
CA ARG A 641 10.51 32.14 3.01
C ARG A 641 9.63 31.54 1.94
N ARG A 642 9.67 30.21 1.82
CA ARG A 642 9.07 29.56 0.67
C ARG A 642 7.55 29.44 0.80
N GLU A 643 7.09 28.98 1.96
CA GLU A 643 5.67 28.64 2.10
C GLU A 643 4.81 29.89 2.23
N LEU A 644 5.39 30.98 2.72
CA LEU A 644 4.66 32.25 2.73
C LEU A 644 4.44 32.78 1.33
N ALA A 645 5.47 32.68 0.49
CA ALA A 645 5.37 33.14 -0.89
C ALA A 645 4.40 32.28 -1.68
N GLY A 646 4.42 30.97 -1.44
CA GLY A 646 3.48 30.08 -2.11
C GLY A 646 2.04 30.34 -1.72
N ILE A 647 1.81 30.85 -0.51
CA ILE A 647 0.47 31.20 -0.10
C ILE A 647 0.05 32.52 -0.74
N ILE A 648 0.86 33.57 -0.58
CA ILE A 648 0.38 34.89 -0.93
C ILE A 648 0.58 35.17 -2.42
N TRP A 649 1.12 34.21 -3.17
CA TRP A 649 1.11 34.36 -4.61
C TRP A 649 -0.29 34.08 -5.17
N ALA A 650 -1.07 33.25 -4.47
CA ALA A 650 -2.40 32.91 -4.96
C ALA A 650 -3.35 34.09 -4.83
N GLN A 651 -3.01 35.07 -4.01
CA GLN A 651 -3.86 36.25 -3.86
C GLN A 651 -3.50 37.35 -4.84
N SER A 652 -2.51 37.15 -5.70
CA SER A 652 -1.92 38.26 -6.43
C SER A 652 -2.80 38.67 -7.61
N GLN A 653 -2.54 39.88 -8.12
CA GLN A 653 -3.41 40.47 -9.12
C GLN A 653 -3.06 39.97 -10.53
N ASP A 654 -1.85 40.26 -11.00
CA ASP A 654 -1.41 39.83 -12.32
C ASP A 654 -0.24 38.87 -12.15
N CYS A 655 -0.53 37.57 -12.19
CA CYS A 655 0.41 36.58 -11.67
C CYS A 655 1.52 36.28 -12.67
N ILE A 656 1.24 36.49 -13.97
CA ILE A 656 2.19 36.12 -15.03
C ILE A 656 3.46 36.95 -14.92
N ALA A 657 3.33 38.26 -14.72
CA ALA A 657 4.51 39.09 -14.52
C ALA A 657 5.14 38.84 -13.17
N ALA A 658 4.32 38.48 -12.18
CA ALA A 658 4.80 38.35 -10.80
C ALA A 658 5.72 37.15 -10.65
N ALA A 659 5.37 36.03 -11.28
CA ALA A 659 6.21 34.84 -11.17
C ALA A 659 7.56 35.05 -11.85
N LEU A 660 7.58 35.72 -12.99
CA LEU A 660 8.84 35.95 -13.68
C LEU A 660 9.70 36.97 -12.96
N ALA A 661 9.07 37.98 -12.35
CA ALA A 661 9.84 38.94 -11.56
C ALA A 661 10.46 38.29 -10.34
N CYS A 662 9.72 37.36 -9.72
CA CYS A 662 10.26 36.63 -8.57
C CYS A 662 11.39 35.70 -9.01
N SER A 663 11.29 35.11 -10.20
CA SER A 663 12.35 34.27 -10.70
C SER A 663 13.61 35.07 -10.98
N LYS A 664 13.45 36.27 -11.55
CA LYS A 664 14.61 37.13 -11.82
C LYS A 664 15.28 37.57 -10.53
N ILE A 665 14.49 37.99 -9.54
CA ILE A 665 15.02 38.41 -8.24
C ILE A 665 15.77 37.26 -7.57
N LEU A 666 15.21 36.05 -7.63
CA LEU A 666 15.83 34.93 -6.94
C LEU A 666 17.11 34.47 -7.63
N LYS A 667 17.16 34.51 -8.96
CA LYS A 667 18.40 34.18 -9.66
C LYS A 667 19.49 35.18 -9.35
N GLU A 668 19.17 36.47 -9.39
CA GLU A 668 20.17 37.49 -9.15
C GLU A 668 20.62 37.50 -7.69
N LEU A 669 19.73 37.14 -6.78
CA LEU A 669 20.11 37.08 -5.37
C LEU A 669 20.87 35.79 -5.08
N SER A 670 20.68 34.76 -5.89
CA SER A 670 21.40 33.51 -5.67
C SER A 670 22.79 33.56 -6.25
N LYS A 671 23.04 34.48 -7.18
CA LYS A 671 24.39 34.59 -7.73
C LYS A 671 25.39 35.10 -6.70
N GLU A 672 24.98 36.04 -5.84
CA GLU A 672 25.90 36.69 -4.91
C GLU A 672 25.86 36.11 -3.51
N GLU A 673 25.62 34.81 -3.36
CA GLU A 673 25.22 34.29 -2.06
C GLU A 673 26.41 34.16 -1.10
N GLU A 674 27.55 33.66 -1.60
CA GLU A 674 28.71 33.27 -0.78
C GLU A 674 28.32 32.28 0.31
N ASP A 675 27.59 31.24 -0.09
CA ASP A 675 27.19 30.14 0.77
C ASP A 675 26.96 28.96 -0.14
N THR A 676 26.35 27.90 0.38
CA THR A 676 26.09 26.74 -0.47
C THR A 676 24.67 26.23 -0.36
N ASP A 677 24.08 26.20 0.83
CA ASP A 677 22.75 25.63 0.98
C ASP A 677 21.67 26.57 0.46
N SER A 678 21.71 27.81 0.91
CA SER A 678 20.66 28.76 0.55
C SER A 678 20.72 29.15 -0.92
N SER A 679 21.90 29.04 -1.54
CA SER A 679 22.01 29.29 -2.97
C SER A 679 21.25 28.25 -3.78
N GLU A 680 21.38 26.97 -3.41
CA GLU A 680 20.65 25.93 -4.12
C GLU A 680 19.16 26.01 -3.83
N GLU A 681 18.81 26.40 -2.59
CA GLU A 681 17.40 26.60 -2.26
C GLU A 681 16.79 27.73 -3.10
N MET A 682 17.54 28.82 -3.29
CA MET A 682 17.04 29.94 -4.07
C MET A 682 16.89 29.57 -5.55
N LEU A 683 17.84 28.80 -6.08
CA LEU A 683 17.74 28.39 -7.48
C LEU A 683 16.55 27.44 -7.70
N ALA A 684 16.30 26.54 -6.75
CA ALA A 684 15.15 25.66 -6.86
C ALA A 684 13.84 26.43 -6.78
N LEU A 685 13.79 27.45 -5.92
CA LEU A 685 12.58 28.26 -5.81
C LEU A 685 12.32 29.05 -7.09
N ALA A 686 13.38 29.58 -7.71
CA ALA A 686 13.21 30.33 -8.95
C ALA A 686 12.73 29.43 -10.08
N GLU A 687 13.24 28.19 -10.14
CA GLU A 687 12.79 27.25 -11.15
C GLU A 687 11.32 26.88 -10.95
N GLU A 688 10.91 26.74 -9.69
CA GLU A 688 9.50 26.47 -9.38
C GLU A 688 8.60 27.62 -9.81
N TYR A 689 9.08 28.85 -9.67
CA TYR A 689 8.23 29.98 -10.03
C TYR A 689 8.12 30.15 -11.54
N GLU A 690 9.16 29.79 -12.29
CA GLU A 690 9.00 29.80 -13.73
C GLU A 690 8.07 28.69 -14.20
N HIS A 691 7.99 27.58 -13.44
CA HIS A 691 6.98 26.57 -13.73
C HIS A 691 5.57 27.09 -13.48
N ARG A 692 5.39 27.89 -12.43
CA ARG A 692 4.08 28.50 -12.18
C ARG A 692 3.67 29.43 -13.32
N ALA A 693 4.61 30.22 -13.83
CA ALA A 693 4.29 31.12 -14.93
C ALA A 693 3.94 30.36 -16.19
N ILE A 694 4.65 29.26 -16.47
CA ILE A 694 4.34 28.44 -17.65
C ILE A 694 2.96 27.82 -17.53
N GLY A 695 2.59 27.36 -16.34
CA GLY A 695 1.27 26.76 -16.15
C GLY A 695 0.12 27.73 -16.35
N VAL A 696 0.24 28.93 -15.77
CA VAL A 696 -0.84 29.91 -15.91
C VAL A 696 -0.94 30.39 -17.35
N PHE A 697 0.20 30.56 -18.02
CA PHE A 697 0.15 31.01 -19.40
C PHE A 697 -0.40 29.94 -20.33
N THR A 698 -0.11 28.66 -20.05
CA THR A 698 -0.63 27.64 -20.96
C THR A 698 -2.12 27.43 -20.76
N GLU A 699 -2.64 27.71 -19.56
CA GLU A 699 -4.09 27.74 -19.39
C GLU A 699 -4.71 28.88 -20.19
N CYS A 700 -4.13 30.07 -20.07
CA CYS A 700 -4.63 31.24 -20.81
C CYS A 700 -4.50 31.05 -22.32
N TYR A 701 -3.54 30.23 -22.75
CA TYR A 701 -3.35 30.00 -24.18
C TYR A 701 -4.34 28.99 -24.71
N ARG A 702 -4.61 27.93 -23.95
CA ARG A 702 -5.53 26.91 -24.44
C ARG A 702 -6.96 27.42 -24.46
N LYS A 703 -7.31 28.36 -23.58
CA LYS A 703 -8.68 28.87 -23.61
C LYS A 703 -8.91 29.80 -24.80
N ASP A 704 -8.09 30.83 -24.96
CA ASP A 704 -8.26 31.79 -26.04
C ASP A 704 -6.92 32.04 -26.69
N GLU A 705 -6.91 32.06 -28.02
CA GLU A 705 -5.65 32.17 -28.74
C GLU A 705 -5.15 33.60 -28.80
N GLU A 706 -6.07 34.57 -28.88
CA GLU A 706 -5.67 35.93 -29.23
C GLU A 706 -5.35 36.77 -28.00
N ARG A 707 -6.19 36.68 -26.97
CA ARG A 707 -5.95 37.47 -25.76
C ARG A 707 -4.72 36.97 -25.02
N ALA A 708 -4.37 35.69 -25.20
CA ALA A 708 -3.12 35.18 -24.67
C ALA A 708 -1.92 35.85 -25.34
N GLN A 709 -2.04 36.17 -26.63
CA GLN A 709 -0.98 36.93 -27.28
C GLN A 709 -0.98 38.36 -26.77
N LYS A 710 -2.16 38.89 -26.49
CA LYS A 710 -2.26 40.28 -26.03
C LYS A 710 -1.72 40.44 -24.62
N LEU A 711 -1.65 39.34 -23.87
CA LEU A 711 -1.18 39.41 -22.49
C LEU A 711 0.33 39.61 -22.40
N LEU A 712 1.05 39.30 -23.48
CA LEU A 712 2.51 39.38 -23.42
C LEU A 712 3.01 40.79 -23.63
N THR A 713 2.48 41.50 -24.62
CA THR A 713 3.12 42.73 -25.06
C THR A 713 2.72 43.91 -24.19
N ARG A 714 1.77 43.71 -23.28
CA ARG A 714 1.24 44.84 -22.53
C ARG A 714 2.26 45.33 -21.49
N VAL A 715 2.18 46.62 -21.18
CA VAL A 715 3.02 47.16 -20.13
C VAL A 715 2.34 46.95 -18.79
N SER A 716 3.15 46.82 -17.74
CA SER A 716 2.65 46.49 -16.41
C SER A 716 3.02 47.61 -15.45
N GLU A 717 2.00 48.26 -14.90
CA GLU A 717 2.25 49.38 -14.00
C GLU A 717 2.77 48.89 -12.66
N ALA A 718 2.42 47.66 -12.28
CA ALA A 718 2.75 47.16 -10.95
C ALA A 718 4.23 46.85 -10.81
N TRP A 719 4.91 46.55 -11.90
CA TRP A 719 6.31 46.16 -11.83
C TRP A 719 7.22 47.12 -12.59
N GLY A 720 6.97 48.42 -12.49
CA GLY A 720 7.92 49.40 -12.99
C GLY A 720 7.92 49.59 -14.48
N LYS A 721 6.76 49.45 -15.13
CA LYS A 721 6.55 49.78 -16.55
C LYS A 721 7.44 48.96 -17.47
N THR A 722 7.47 47.65 -17.27
CA THR A 722 8.14 46.73 -18.18
C THR A 722 7.14 45.70 -18.66
N THR A 723 7.39 45.14 -19.83
CA THR A 723 6.51 44.10 -20.33
C THR A 723 6.95 42.74 -19.80
N CYS A 724 6.12 41.74 -20.05
CA CYS A 724 6.39 40.41 -19.53
C CYS A 724 7.50 39.72 -20.30
N LEU A 725 7.55 39.96 -21.62
CA LEU A 725 8.53 39.29 -22.47
C LEU A 725 9.94 39.76 -22.17
N GLN A 726 10.10 41.06 -21.87
CA GLN A 726 11.42 41.58 -21.54
C GLN A 726 11.93 41.02 -20.23
N LEU A 727 11.04 40.81 -19.26
CA LEU A 727 11.43 40.18 -18.01
C LEU A 727 11.81 38.72 -18.22
N ALA A 728 11.06 38.01 -19.07
CA ALA A 728 11.38 36.62 -19.34
C ALA A 728 12.71 36.48 -20.08
N LEU A 729 13.06 37.49 -20.89
CA LEU A 729 14.34 37.43 -21.59
C LEU A 729 15.50 37.79 -20.67
N GLU A 730 15.34 38.85 -19.87
CA GLU A 730 16.45 39.29 -19.02
C GLU A 730 16.69 38.33 -17.87
N ALA A 731 15.67 37.57 -17.48
CA ALA A 731 15.86 36.59 -16.42
C ALA A 731 16.47 35.30 -16.95
N LYS A 732 16.58 35.17 -18.28
CA LYS A 732 17.11 34.00 -18.98
C LYS A 732 16.35 32.73 -18.63
N ASP A 733 15.05 32.73 -18.91
CA ASP A 733 14.22 31.56 -18.71
C ASP A 733 14.04 30.85 -20.04
N MET A 734 14.71 29.70 -20.18
CA MET A 734 14.62 28.96 -21.44
C MET A 734 13.24 28.37 -21.65
N LYS A 735 12.65 27.81 -20.59
CA LYS A 735 11.45 27.00 -20.77
C LYS A 735 10.22 27.88 -20.99
N PHE A 736 10.29 29.15 -20.64
CA PHE A 736 9.17 30.03 -20.90
C PHE A 736 9.11 30.44 -22.36
N VAL A 737 10.25 30.86 -22.91
CA VAL A 737 10.26 31.29 -24.30
C VAL A 737 10.31 30.09 -25.23
N SER A 738 10.55 28.89 -24.71
CA SER A 738 10.51 27.71 -25.54
C SER A 738 9.09 27.16 -25.69
N HIS A 739 8.12 27.84 -25.09
CA HIS A 739 6.73 27.40 -25.20
C HIS A 739 6.21 27.65 -26.61
N GLY A 740 5.15 26.93 -26.98
CA GLY A 740 4.68 26.99 -28.35
C GLY A 740 3.99 28.31 -28.70
N GLY A 741 3.25 28.87 -27.74
CA GLY A 741 2.47 30.06 -28.04
C GLY A 741 3.33 31.29 -28.24
N ILE A 742 4.38 31.44 -27.44
CA ILE A 742 5.26 32.59 -27.57
C ILE A 742 6.09 32.48 -28.85
N GLN A 743 6.45 31.26 -29.23
CA GLN A 743 7.12 31.05 -30.52
C GLN A 743 6.18 31.37 -31.68
N ALA A 744 4.90 31.06 -31.52
CA ALA A 744 3.91 31.45 -32.53
C ALA A 744 3.77 32.96 -32.58
N PHE A 745 3.93 33.64 -31.44
CA PHE A 745 3.90 35.10 -31.44
C PHE A 745 5.10 35.67 -32.19
N LEU A 746 6.26 35.07 -32.00
CA LEU A 746 7.46 35.54 -32.69
C LEU A 746 7.34 35.32 -34.19
N THR A 747 6.77 34.19 -34.60
CA THR A 747 6.51 33.94 -36.02
C THR A 747 5.48 34.93 -36.57
N LYS A 748 4.48 35.27 -35.76
CA LYS A 748 3.45 36.21 -36.18
C LYS A 748 4.02 37.61 -36.37
N VAL A 749 4.95 38.02 -35.52
CA VAL A 749 5.60 39.31 -35.70
C VAL A 749 6.53 39.27 -36.91
N TRP A 750 7.21 38.14 -37.10
CA TRP A 750 8.20 38.00 -38.16
C TRP A 750 7.54 38.03 -39.53
N TRP A 751 6.34 37.46 -39.65
CA TRP A 751 5.65 37.50 -40.94
C TRP A 751 4.99 38.84 -41.18
N GLY A 752 4.86 39.66 -40.14
CA GLY A 752 4.39 41.01 -40.31
C GLY A 752 2.90 41.11 -40.58
N GLN A 753 2.58 41.96 -41.56
CA GLN A 753 1.19 42.31 -41.83
C GLN A 753 0.45 41.19 -42.52
N LEU A 754 1.13 40.43 -43.38
CA LEU A 754 0.46 39.44 -44.19
C LEU A 754 0.33 38.12 -43.45
N SER A 755 -0.47 37.21 -44.01
CA SER A 755 -0.78 35.95 -43.37
C SER A 755 0.44 35.02 -43.40
N VAL A 756 0.53 34.14 -42.40
CA VAL A 756 1.74 33.36 -42.18
C VAL A 756 1.80 32.09 -43.02
N ASP A 757 0.81 31.83 -43.86
CA ASP A 757 0.71 30.54 -44.53
C ASP A 757 1.07 30.58 -46.00
N ASN A 758 1.77 31.63 -46.46
CA ASN A 758 1.97 31.77 -47.90
C ASN A 758 3.12 30.91 -48.41
N GLY A 759 4.15 30.71 -47.59
CA GLY A 759 5.33 30.00 -48.05
C GLY A 759 6.39 30.94 -48.59
N LEU A 760 7.56 30.36 -48.85
CA LEU A 760 8.74 31.18 -49.19
C LEU A 760 8.79 31.50 -50.68
N TRP A 761 8.44 30.54 -51.54
CA TRP A 761 8.56 30.76 -52.98
C TRP A 761 7.56 31.80 -53.47
N ARG A 762 6.40 31.87 -52.81
CA ARG A 762 5.40 32.87 -53.15
C ARG A 762 5.90 34.28 -52.85
N VAL A 763 6.55 34.46 -51.69
CA VAL A 763 7.12 35.76 -51.34
C VAL A 763 8.29 36.08 -52.26
N THR A 764 9.01 35.06 -52.71
CA THR A 764 10.12 35.27 -53.64
C THR A 764 9.63 35.77 -54.99
N LEU A 765 8.55 35.16 -55.52
CA LEU A 765 8.01 35.60 -56.79
C LEU A 765 7.34 36.96 -56.70
N CYS A 766 6.69 37.26 -55.57
CA CYS A 766 6.12 38.60 -55.42
C CYS A 766 7.21 39.64 -55.21
N MET A 767 8.36 39.25 -54.67
CA MET A 767 9.49 40.17 -54.60
C MET A 767 10.09 40.41 -55.97
N LEU A 768 10.14 39.37 -56.80
CA LEU A 768 10.70 39.53 -58.14
C LEU A 768 9.75 40.29 -59.06
N ALA A 769 8.46 40.06 -58.93
CA ALA A 769 7.46 40.61 -59.83
C ALA A 769 6.59 41.62 -59.10
N PHE A 770 6.69 42.89 -59.51
CA PHE A 770 5.80 43.92 -58.99
C PHE A 770 4.31 43.69 -59.27
N PRO A 771 3.83 43.39 -60.50
CA PRO A 771 2.37 43.32 -60.67
C PRO A 771 1.74 42.05 -60.13
N LEU A 772 2.54 41.09 -59.67
CA LEU A 772 1.96 39.86 -59.12
C LEU A 772 1.27 40.11 -57.79
N LEU A 773 1.71 41.15 -57.06
CA LEU A 773 1.08 41.49 -55.78
C LEU A 773 -0.32 42.06 -55.99
N LEU A 774 -0.56 42.69 -57.15
CA LEU A 774 -1.88 43.26 -57.42
C LEU A 774 -2.89 42.19 -57.78
N THR A 775 -2.42 40.98 -58.08
CA THR A 775 -3.30 39.88 -58.46
C THR A 775 -3.92 39.23 -57.23
N GLY A 776 -4.41 38.01 -57.42
CA GLY A 776 -5.06 37.20 -56.37
C GLY A 776 -4.06 36.30 -55.67
N LEU A 777 -2.77 36.50 -55.99
CA LEU A 777 -1.63 35.71 -55.44
C LEU A 777 -1.32 36.07 -53.99
N ILE A 778 -0.48 35.24 -53.36
CA ILE A 778 0.00 35.31 -51.93
C ILE A 778 -1.16 35.19 -50.94
N SER A 779 -1.22 36.07 -49.94
CA SER A 779 -2.21 35.97 -48.87
C SER A 779 -2.28 37.31 -48.16
N PHE A 780 -3.29 37.49 -47.32
CA PHE A 780 -3.34 38.57 -46.36
C PHE A 780 -4.14 38.10 -45.16
N ARG A 781 -4.00 38.82 -44.05
CA ARG A 781 -4.90 38.74 -42.92
C ARG A 781 -5.46 40.12 -42.71
N GLU A 782 -6.39 40.26 -41.76
CA GLU A 782 -7.16 41.49 -41.51
C GLU A 782 -7.87 41.88 -42.79
N LYS A 783 -8.89 41.10 -43.17
CA LYS A 783 -9.31 41.01 -44.57
C LYS A 783 -10.03 42.25 -45.08
N ARG A 784 -10.08 43.33 -44.29
CA ARG A 784 -10.47 44.64 -44.81
C ARG A 784 -9.47 45.12 -45.86
N LEU A 785 -8.21 44.72 -45.73
CA LEU A 785 -7.22 45.05 -46.76
C LEU A 785 -7.19 43.99 -47.86
N GLN A 786 -7.57 42.76 -47.51
CA GLN A 786 -7.52 41.67 -48.49
C GLN A 786 -8.67 41.77 -49.49
N ASP A 787 -9.85 42.14 -49.00
CA ASP A 787 -11.02 42.20 -49.89
C ASP A 787 -10.99 43.45 -50.75
N VAL A 788 -10.98 44.63 -50.13
CA VAL A 788 -10.97 45.88 -50.88
C VAL A 788 -9.60 46.10 -51.49
N GLY A 789 -9.58 46.52 -52.75
CA GLY A 789 -8.32 46.69 -53.44
C GLY A 789 -7.77 48.10 -53.40
N THR A 790 -6.86 48.35 -52.47
CA THR A 790 -6.12 49.60 -52.38
C THR A 790 -4.65 49.24 -52.55
N PRO A 791 -4.17 49.16 -53.80
CA PRO A 791 -2.84 48.55 -54.03
C PRO A 791 -1.68 49.36 -53.50
N ALA A 792 -1.85 50.66 -53.29
CA ALA A 792 -0.82 51.45 -52.61
C ALA A 792 -0.66 51.00 -51.16
N ALA A 793 -1.78 50.77 -50.46
CA ALA A 793 -1.72 50.30 -49.09
C ALA A 793 -1.22 48.87 -49.00
N ARG A 794 -1.61 48.03 -49.96
CA ARG A 794 -1.13 46.66 -49.99
C ARG A 794 0.37 46.59 -50.27
N ALA A 795 0.86 47.48 -51.13
CA ALA A 795 2.29 47.51 -51.42
C ALA A 795 3.07 48.05 -50.24
N ARG A 796 2.51 49.05 -49.53
CA ARG A 796 3.17 49.58 -48.35
C ARG A 796 3.22 48.53 -47.24
N ALA A 797 2.15 47.75 -47.09
CA ALA A 797 2.13 46.68 -46.09
C ALA A 797 3.08 45.55 -46.48
N PHE A 798 3.17 45.24 -47.78
CA PHE A 798 4.07 44.18 -48.21
C PHE A 798 5.53 44.59 -48.06
N PHE A 799 5.87 45.84 -48.33
CA PHE A 799 7.25 46.26 -48.20
C PHE A 799 7.58 46.64 -46.76
N THR A 800 6.57 46.74 -45.90
CA THR A 800 6.84 47.05 -44.50
C THR A 800 7.31 45.81 -43.73
N ALA A 801 6.82 44.62 -44.13
CA ALA A 801 7.03 43.36 -43.44
C ALA A 801 8.51 42.98 -43.36
N PRO A 802 8.97 42.42 -42.23
CA PRO A 802 10.42 42.23 -42.06
C PRO A 802 11.00 41.08 -42.86
N VAL A 803 10.18 40.11 -43.27
CA VAL A 803 10.66 39.04 -44.15
C VAL A 803 11.11 39.63 -45.49
N VAL A 804 10.33 40.58 -46.01
CA VAL A 804 10.65 41.24 -47.26
C VAL A 804 11.93 42.05 -47.14
N VAL A 805 12.10 42.75 -46.00
CA VAL A 805 13.31 43.53 -45.77
C VAL A 805 14.51 42.63 -45.63
N PHE A 806 14.31 41.44 -45.06
CA PHE A 806 15.38 40.47 -44.95
C PHE A 806 15.84 39.97 -46.31
N HIS A 807 14.89 39.60 -47.17
CA HIS A 807 15.25 39.11 -48.51
C HIS A 807 15.85 40.21 -49.38
N LEU A 808 15.38 41.45 -49.20
CA LEU A 808 15.98 42.59 -49.90
C LEU A 808 17.42 42.82 -49.48
N ASN A 809 17.70 42.75 -48.17
CA ASN A 809 19.07 42.91 -47.72
C ASN A 809 19.96 41.78 -48.19
N ILE A 810 19.41 40.57 -48.28
CA ILE A 810 20.20 39.43 -48.76
C ILE A 810 20.53 39.59 -50.24
N LEU A 811 19.56 40.03 -51.04
CA LEU A 811 19.80 40.21 -52.47
C LEU A 811 20.76 41.36 -52.75
N SER A 812 20.63 42.46 -52.00
CA SER A 812 21.56 43.57 -52.14
C SER A 812 22.97 43.19 -51.72
N TYR A 813 23.09 42.37 -50.67
CA TYR A 813 24.40 41.93 -50.22
C TYR A 813 25.03 40.98 -51.24
N PHE A 814 24.21 40.17 -51.91
CA PHE A 814 24.72 39.26 -52.93
C PHE A 814 25.25 40.03 -54.14
N ALA A 815 24.50 41.05 -54.59
CA ALA A 815 24.96 41.87 -55.71
C ALA A 815 26.22 42.66 -55.34
N PHE A 816 26.29 43.12 -54.08
CA PHE A 816 27.49 43.79 -53.59
C PHE A 816 28.71 42.87 -53.62
N LEU A 817 28.53 41.61 -53.21
CA LEU A 817 29.64 40.67 -53.21
C LEU A 817 30.09 40.32 -54.62
N CYS A 818 29.15 40.18 -55.55
CA CYS A 818 29.52 39.89 -56.94
C CYS A 818 30.28 41.05 -57.57
N LEU A 819 29.85 42.29 -57.29
CA LEU A 819 30.55 43.44 -57.84
C LEU A 819 31.94 43.61 -57.21
N PHE A 820 32.07 43.29 -55.92
CA PHE A 820 33.37 43.35 -55.26
C PHE A 820 34.33 42.32 -55.82
N ALA A 821 33.85 41.10 -56.07
CA ALA A 821 34.69 40.06 -56.66
C ALA A 821 35.10 40.43 -58.08
N TYR A 822 34.19 41.04 -58.84
CA TYR A 822 34.51 41.44 -60.21
C TYR A 822 35.59 42.51 -60.24
N VAL A 823 35.45 43.56 -59.41
CA VAL A 823 36.42 44.65 -59.44
C VAL A 823 37.77 44.19 -58.87
N LEU A 824 37.74 43.23 -57.94
CA LEU A 824 39.00 42.71 -57.41
C LEU A 824 39.69 41.82 -58.43
N MET A 825 38.92 41.11 -59.25
CA MET A 825 39.53 40.19 -60.20
C MET A 825 40.08 40.93 -61.42
N VAL A 826 39.35 41.91 -61.95
CA VAL A 826 39.78 42.54 -63.19
C VAL A 826 40.15 44.02 -63.03
N ASP A 827 39.42 44.80 -62.23
CA ASP A 827 39.52 46.24 -62.36
C ASP A 827 40.32 46.92 -61.24
N PHE A 828 41.26 46.23 -60.62
CA PHE A 828 42.15 46.88 -59.66
C PHE A 828 43.14 47.78 -60.41
N GLN A 829 42.91 49.08 -60.35
CA GLN A 829 43.66 50.04 -61.15
C GLN A 829 44.36 51.03 -60.23
N PRO A 830 45.56 51.48 -60.61
CA PRO A 830 46.22 52.54 -59.82
C PRO A 830 45.49 53.87 -59.90
N VAL A 831 44.87 54.16 -61.04
CA VAL A 831 44.01 55.32 -61.20
C VAL A 831 42.75 55.03 -60.39
N PRO A 832 42.15 56.02 -59.72
CA PRO A 832 40.87 55.77 -59.03
C PRO A 832 39.76 55.43 -60.01
N SER A 833 38.98 54.41 -59.66
CA SER A 833 38.03 53.79 -60.57
C SER A 833 36.60 54.07 -60.13
N TRP A 834 35.65 53.86 -61.03
CA TRP A 834 34.25 54.18 -60.76
C TRP A 834 33.54 53.00 -60.11
N CYS A 835 33.83 51.79 -60.59
CA CYS A 835 33.27 50.58 -59.98
C CYS A 835 33.79 50.40 -58.56
N GLU A 836 34.97 50.94 -58.27
CA GLU A 836 35.46 50.94 -56.90
C GLU A 836 34.73 51.97 -56.06
N CYS A 837 34.37 53.12 -56.65
CA CYS A 837 33.80 54.18 -55.83
C CYS A 837 32.35 53.89 -55.48
N ALA A 838 31.65 53.16 -56.34
CA ALA A 838 30.32 52.67 -55.98
C ALA A 838 30.38 51.71 -54.79
N ILE A 839 31.43 50.89 -54.73
CA ILE A 839 31.58 49.95 -53.63
C ILE A 839 32.00 50.68 -52.36
N TYR A 840 32.80 51.75 -52.49
CA TYR A 840 33.12 52.57 -51.32
C TYR A 840 31.87 53.26 -50.79
N LEU A 841 30.97 53.66 -51.69
CA LEU A 841 29.69 54.21 -51.28
C LEU A 841 28.84 53.18 -50.52
N TRP A 842 28.78 51.95 -51.03
CA TRP A 842 27.97 50.92 -50.37
C TRP A 842 28.57 50.52 -49.03
N LEU A 843 29.89 50.55 -48.90
CA LEU A 843 30.51 50.18 -47.63
C LEU A 843 30.39 51.30 -46.61
N PHE A 844 30.44 52.56 -47.07
CA PHE A 844 30.14 53.68 -46.18
C PHE A 844 28.68 53.63 -45.73
N SER A 845 27.79 53.17 -46.61
CA SER A 845 26.41 52.92 -46.24
C SER A 845 26.29 51.87 -45.16
N LEU A 846 27.05 50.78 -45.28
CA LEU A 846 26.99 49.71 -44.29
C LEU A 846 27.54 50.18 -42.94
N VAL A 847 28.61 50.97 -42.94
CA VAL A 847 29.17 51.41 -41.66
C VAL A 847 28.29 52.47 -41.01
N CYS A 848 27.58 53.28 -41.80
CA CYS A 848 26.66 54.23 -41.19
C CYS A 848 25.43 53.51 -40.64
N GLU A 849 25.03 52.41 -41.29
CA GLU A 849 23.95 51.59 -40.76
C GLU A 849 24.33 50.96 -39.42
N GLU A 850 25.55 50.44 -39.31
CA GLU A 850 25.96 49.82 -38.05
C GLU A 850 26.16 50.86 -36.95
N MET A 851 26.58 52.08 -37.33
CA MET A 851 26.68 53.16 -36.34
C MET A 851 25.30 53.57 -35.83
N ARG A 852 24.30 53.61 -36.72
CA ARG A 852 22.93 53.84 -36.29
C ARG A 852 22.43 52.71 -35.38
N GLN A 853 22.84 51.48 -35.69
CA GLN A 853 22.44 50.34 -34.87
C GLN A 853 23.06 50.42 -33.48
N LEU A 854 24.25 51.01 -33.38
CA LEU A 854 24.86 51.20 -32.06
C LEU A 854 24.17 52.34 -31.31
N PHE A 855 23.84 53.44 -32.00
CA PHE A 855 23.36 54.62 -31.29
C PHE A 855 21.90 54.51 -30.87
N TYR A 856 21.24 53.42 -31.22
CA TYR A 856 19.84 53.25 -30.82
C TYR A 856 19.73 52.95 -29.34
N ASP A 857 19.03 53.82 -28.62
CA ASP A 857 18.84 53.67 -27.18
C ASP A 857 17.35 53.86 -26.90
N PRO A 858 16.55 52.78 -26.86
CA PRO A 858 15.10 52.97 -26.74
C PRO A 858 14.66 53.41 -25.36
N ASP A 859 15.24 52.86 -24.30
CA ASP A 859 15.09 53.40 -22.97
C ASP A 859 16.39 54.11 -22.62
N GLU A 860 16.37 54.86 -21.53
CA GLU A 860 17.60 55.48 -21.04
C GLU A 860 18.50 54.39 -20.46
N CYS A 861 19.72 54.31 -20.98
CA CYS A 861 20.61 53.23 -20.58
C CYS A 861 22.05 53.72 -20.65
N GLY A 862 22.95 52.91 -20.11
CA GLY A 862 24.35 53.30 -20.08
C GLY A 862 24.99 53.18 -21.45
N LEU A 863 25.76 54.20 -21.82
CA LEU A 863 26.42 54.21 -23.11
C LEU A 863 27.52 53.16 -23.18
N MET A 864 28.32 53.04 -22.13
CA MET A 864 29.31 51.98 -22.06
C MET A 864 28.64 50.62 -21.92
N LYS A 865 27.49 50.58 -21.23
CA LYS A 865 26.75 49.33 -21.12
C LYS A 865 26.15 48.93 -22.46
N LYS A 866 25.66 49.90 -23.23
CA LYS A 866 25.20 49.63 -24.59
C LYS A 866 26.35 49.21 -25.48
N ALA A 867 27.54 49.76 -25.23
CA ALA A 867 28.72 49.36 -25.99
C ALA A 867 29.11 47.92 -25.71
N ALA A 868 29.04 47.50 -24.44
CA ALA A 868 29.34 46.11 -24.11
C ALA A 868 28.26 45.18 -24.65
N LEU A 869 27.01 45.65 -24.67
CA LEU A 869 25.94 44.86 -25.26
C LEU A 869 26.13 44.69 -26.76
N TYR A 870 26.64 45.73 -27.42
CA TYR A 870 26.90 45.64 -28.85
C TYR A 870 28.07 44.73 -29.15
N PHE A 871 29.17 44.89 -28.41
CA PHE A 871 30.38 44.15 -28.72
C PHE A 871 30.32 42.72 -28.20
N SER A 872 29.33 42.41 -27.36
CA SER A 872 29.16 41.05 -26.89
C SER A 872 28.72 40.13 -28.02
N ASP A 873 27.98 40.66 -29.00
CA ASP A 873 27.44 39.86 -30.07
C ASP A 873 28.54 39.49 -31.07
N PHE A 874 28.41 38.29 -31.64
CA PHE A 874 29.45 37.75 -32.51
C PHE A 874 29.52 38.48 -33.85
N TRP A 875 28.38 38.63 -34.52
CA TRP A 875 28.37 39.17 -35.87
C TRP A 875 28.69 40.65 -35.88
N ASN A 876 28.44 41.35 -34.77
CA ASN A 876 28.88 42.73 -34.67
C ASN A 876 30.39 42.84 -34.62
N LYS A 877 31.05 41.92 -33.89
CA LYS A 877 32.50 41.85 -33.88
C LYS A 877 33.05 41.57 -35.27
N LEU A 878 32.43 40.62 -35.98
CA LEU A 878 32.90 40.27 -37.31
C LEU A 878 32.72 41.41 -38.29
N ASP A 879 31.58 42.10 -38.20
CA ASP A 879 31.23 43.23 -39.09
C ASP A 879 32.19 44.41 -38.86
N VAL A 880 32.52 44.72 -37.59
CA VAL A 880 33.39 45.85 -37.32
C VAL A 880 34.85 45.49 -37.62
N GLY A 881 35.21 44.21 -37.53
CA GLY A 881 36.53 43.79 -37.96
C GLY A 881 36.73 43.92 -39.46
N ALA A 882 35.69 43.54 -40.22
CA ALA A 882 35.76 43.69 -41.67
C ALA A 882 35.79 45.15 -42.09
N ILE A 883 35.08 46.02 -41.35
CA ILE A 883 35.12 47.46 -41.63
C ILE A 883 36.51 48.03 -41.37
N LEU A 884 37.13 47.64 -40.26
CA LEU A 884 38.48 48.10 -39.95
C LEU A 884 39.49 47.61 -40.97
N LEU A 885 39.35 46.38 -41.44
CA LEU A 885 40.29 45.85 -42.42
C LEU A 885 40.12 46.55 -43.77
N PHE A 886 38.89 46.93 -44.13
CA PHE A 886 38.69 47.69 -45.37
C PHE A 886 39.24 49.10 -45.26
N VAL A 887 39.16 49.69 -44.06
CA VAL A 887 39.74 51.01 -43.83
C VAL A 887 41.25 50.94 -43.98
N ALA A 888 41.88 49.88 -43.47
CA ALA A 888 43.31 49.68 -43.68
C ALA A 888 43.65 49.44 -45.15
N GLY A 889 42.79 48.69 -45.85
CA GLY A 889 43.07 48.35 -47.23
C GLY A 889 42.99 49.53 -48.18
N LEU A 890 42.09 50.48 -47.90
CA LEU A 890 42.03 51.68 -48.74
C LEU A 890 43.26 52.56 -48.57
N THR A 891 43.77 52.69 -47.35
CA THR A 891 44.99 53.45 -47.15
C THR A 891 46.20 52.72 -47.74
N CYS A 892 46.14 51.39 -47.81
CA CYS A 892 47.19 50.67 -48.52
C CYS A 892 47.04 50.81 -50.03
N ARG A 893 45.81 51.03 -50.51
CA ARG A 893 45.59 51.17 -51.93
C ARG A 893 45.98 52.56 -52.43
N LEU A 894 45.87 53.57 -51.55
CA LEU A 894 46.13 54.94 -51.98
C LEU A 894 47.62 55.19 -52.23
N ILE A 895 48.48 54.44 -51.57
CA ILE A 895 49.93 54.61 -51.77
C ILE A 895 50.37 53.73 -52.94
N PRO A 896 51.07 54.29 -53.94
CA PRO A 896 51.38 53.49 -55.13
C PRO A 896 52.42 52.40 -54.89
N ALA A 897 53.27 52.56 -53.89
CA ALA A 897 54.30 51.55 -53.63
C ALA A 897 53.71 50.30 -53.01
N THR A 898 52.60 50.43 -52.28
CA THR A 898 51.98 49.31 -51.59
C THR A 898 50.67 48.88 -52.23
N LEU A 899 50.58 48.92 -53.56
CA LEU A 899 49.32 48.59 -54.23
C LEU A 899 49.00 47.10 -54.12
N TYR A 900 49.99 46.24 -54.37
CA TYR A 900 49.78 44.80 -54.23
C TYR A 900 49.52 44.33 -52.80
N PRO A 901 50.15 44.88 -51.73
CA PRO A 901 49.66 44.56 -50.38
C PRO A 901 48.23 45.01 -50.12
N GLY A 902 47.82 46.16 -50.67
CA GLY A 902 46.42 46.55 -50.57
C GLY A 902 45.50 45.57 -51.28
N ARG A 903 45.96 45.02 -52.41
CA ARG A 903 45.19 44.01 -53.13
C ARG A 903 45.00 42.74 -52.30
N VAL A 904 46.07 42.26 -51.67
CA VAL A 904 45.92 41.02 -50.90
C VAL A 904 45.14 41.26 -49.61
N ILE A 905 45.21 42.48 -49.06
CA ILE A 905 44.41 42.83 -47.89
C ILE A 905 42.91 42.85 -48.25
N LEU A 906 42.59 43.42 -49.42
CA LEU A 906 41.21 43.42 -49.88
C LEU A 906 40.72 42.01 -50.21
N SER A 907 41.63 41.11 -50.61
CA SER A 907 41.21 39.72 -50.84
C SER A 907 40.85 39.02 -49.53
N LEU A 908 41.67 39.21 -48.50
CA LEU A 908 41.33 38.64 -47.19
C LEU A 908 40.04 39.25 -46.64
N ASP A 909 39.80 40.53 -46.93
CA ASP A 909 38.55 41.13 -46.51
C ASP A 909 37.37 40.61 -47.32
N PHE A 910 37.61 40.19 -48.56
CA PHE A 910 36.57 39.51 -49.32
C PHE A 910 36.22 38.17 -48.67
N ILE A 911 37.24 37.47 -48.14
CA ILE A 911 36.97 36.24 -47.40
C ILE A 911 36.14 36.53 -46.15
N LEU A 912 36.45 37.62 -45.44
CA LEU A 912 35.68 38.01 -44.27
C LEU A 912 34.24 38.39 -44.64
N PHE A 913 34.05 39.05 -45.77
CA PHE A 913 32.69 39.38 -46.21
C PHE A 913 31.90 38.15 -46.60
N CYS A 914 32.55 37.18 -47.23
CA CYS A 914 31.81 36.01 -47.68
C CYS A 914 31.51 35.08 -46.50
N LEU A 915 32.27 35.20 -45.41
CA LEU A 915 31.98 34.43 -44.20
C LEU A 915 30.67 34.91 -43.55
N ARG A 916 30.29 36.16 -43.79
CA ARG A 916 29.08 36.75 -43.23
C ARG A 916 27.80 36.15 -43.82
N LEU A 917 27.90 35.48 -44.98
CA LEU A 917 26.72 34.87 -45.59
C LEU A 917 26.27 33.61 -44.86
N MET A 918 27.09 33.11 -43.93
CA MET A 918 26.67 31.94 -43.16
C MET A 918 25.60 32.29 -42.14
N HIS A 919 25.39 33.58 -41.89
CA HIS A 919 24.42 34.02 -40.90
C HIS A 919 22.98 33.82 -41.39
N ILE A 920 22.79 33.67 -42.71
CA ILE A 920 21.47 33.50 -43.30
C ILE A 920 20.82 32.20 -42.83
N PHE A 921 21.62 31.18 -42.56
CA PHE A 921 21.06 29.87 -42.26
C PHE A 921 20.55 29.78 -40.83
N THR A 922 20.74 30.83 -40.03
CA THR A 922 20.28 30.82 -38.65
C THR A 922 18.76 30.91 -38.57
N ILE A 923 18.13 31.56 -39.55
CA ILE A 923 16.70 31.83 -39.43
C ILE A 923 15.88 30.57 -39.70
N SER A 924 16.42 29.66 -40.50
CA SER A 924 15.66 28.46 -40.86
C SER A 924 15.60 27.49 -39.69
N LYS A 925 14.55 26.69 -39.67
CA LYS A 925 14.22 25.89 -38.50
C LYS A 925 15.21 24.77 -38.28
N THR A 926 15.56 24.05 -39.35
CA THR A 926 16.37 22.84 -39.18
C THR A 926 17.86 23.16 -39.18
N LEU A 927 18.26 24.30 -39.73
CA LEU A 927 19.67 24.50 -40.04
C LEU A 927 20.44 25.11 -38.87
N GLY A 928 19.78 25.96 -38.07
CA GLY A 928 20.47 26.71 -37.03
C GLY A 928 21.15 25.93 -35.92
N PRO A 929 20.49 24.91 -35.33
CA PRO A 929 21.19 24.08 -34.33
C PRO A 929 22.48 23.42 -34.80
N LYS A 930 22.58 23.14 -36.10
CA LYS A 930 23.81 22.58 -36.64
C LYS A 930 24.94 23.61 -36.60
N ILE A 931 24.61 24.88 -36.86
CA ILE A 931 25.58 25.96 -36.74
C ILE A 931 26.04 26.11 -35.30
N ILE A 932 25.11 25.97 -34.36
CA ILE A 932 25.45 26.04 -32.93
C ILE A 932 26.33 24.85 -32.53
N ILE A 933 26.16 23.71 -33.19
CA ILE A 933 26.99 22.54 -32.92
C ILE A 933 28.42 22.77 -33.42
N VAL A 934 28.55 23.34 -34.63
CA VAL A 934 29.87 23.59 -35.21
C VAL A 934 30.66 24.62 -34.37
N LYS A 935 29.93 25.61 -33.84
CA LYS A 935 30.53 26.60 -32.95
C LYS A 935 31.12 25.97 -31.69
N ARG A 936 30.61 24.81 -31.29
CA ARG A 936 31.20 24.10 -30.16
C ARG A 936 32.34 23.20 -30.61
N MET A 937 32.23 22.61 -31.80
CA MET A 937 33.20 21.60 -32.23
C MET A 937 34.58 22.20 -32.55
N MET A 938 34.61 23.48 -32.97
CA MET A 938 35.86 24.13 -33.39
C MET A 938 36.94 24.14 -32.29
N LYS A 939 36.50 24.12 -31.02
CA LYS A 939 37.41 24.25 -29.88
C LYS A 939 38.38 23.08 -29.77
N ASP A 940 37.89 21.85 -29.91
CA ASP A 940 38.83 20.73 -29.87
C ASP A 940 39.34 20.38 -31.27
N VAL A 941 38.71 20.92 -32.33
CA VAL A 941 39.31 20.86 -33.67
C VAL A 941 40.71 21.46 -33.68
N PHE A 942 40.86 22.66 -33.09
CA PHE A 942 42.15 23.35 -33.10
C PHE A 942 43.26 22.56 -32.38
N PHE A 943 42.94 22.06 -31.18
CA PHE A 943 43.93 21.35 -30.39
C PHE A 943 44.21 19.96 -30.95
N PHE A 944 43.31 19.42 -31.77
CA PHE A 944 43.70 18.23 -32.52
C PHE A 944 44.70 18.57 -33.62
N LEU A 945 44.44 19.67 -34.34
CA LEU A 945 45.24 19.95 -35.53
C LEU A 945 46.68 20.29 -35.18
N PHE A 946 46.92 20.82 -33.97
CA PHE A 946 48.30 20.93 -33.49
C PHE A 946 48.97 19.56 -33.38
N LEU A 947 48.26 18.56 -32.84
CA LEU A 947 48.81 17.21 -32.68
C LEU A 947 49.08 16.57 -34.03
N LEU A 948 48.22 16.83 -35.01
CA LEU A 948 48.44 16.30 -36.36
C LEU A 948 49.65 16.95 -37.02
N ALA A 949 49.82 18.27 -36.82
CA ALA A 949 50.90 18.99 -37.47
C ALA A 949 52.27 18.57 -36.95
N VAL A 950 52.39 18.40 -35.61
CA VAL A 950 53.69 18.02 -35.07
C VAL A 950 54.05 16.60 -35.49
N TRP A 951 53.03 15.76 -35.71
CA TRP A 951 53.24 14.39 -36.13
C TRP A 951 53.77 14.31 -37.56
N VAL A 952 53.15 15.05 -38.48
CA VAL A 952 53.58 14.99 -39.88
C VAL A 952 54.94 15.67 -40.04
N VAL A 953 55.22 16.70 -39.24
CA VAL A 953 56.55 17.32 -39.22
C VAL A 953 57.59 16.31 -38.73
N SER A 954 57.24 15.47 -37.75
CA SER A 954 58.16 14.47 -37.24
C SER A 954 58.55 13.44 -38.30
N PHE A 955 57.55 12.88 -38.99
CA PHE A 955 57.92 11.91 -40.03
C PHE A 955 58.60 12.55 -41.23
N GLY A 956 58.27 13.81 -41.55
CA GLY A 956 58.96 14.49 -42.64
C GLY A 956 60.44 14.70 -42.34
N VAL A 957 60.74 15.13 -41.12
CA VAL A 957 62.13 15.37 -40.72
C VAL A 957 62.89 14.05 -40.66
N ALA A 958 62.25 12.99 -40.16
CA ALA A 958 62.90 11.68 -40.08
C ALA A 958 63.23 11.13 -41.46
N LYS A 959 62.27 11.22 -42.40
CA LYS A 959 62.49 10.68 -43.74
C LYS A 959 63.55 11.49 -44.49
N GLN A 960 63.50 12.82 -44.39
CA GLN A 960 64.48 13.65 -45.10
C GLN A 960 65.86 13.52 -44.45
N ALA A 961 65.92 13.12 -43.19
CA ALA A 961 67.21 12.87 -42.57
C ALA A 961 67.80 11.54 -43.02
N ILE A 962 66.97 10.50 -43.14
CA ILE A 962 67.54 9.19 -43.43
C ILE A 962 67.87 9.06 -44.92
N LEU A 963 67.02 9.58 -45.80
CA LEU A 963 67.13 9.26 -47.21
C LEU A 963 67.77 10.37 -48.05
N ILE A 964 68.39 11.37 -47.42
CA ILE A 964 69.05 12.46 -48.12
C ILE A 964 70.19 12.96 -47.25
N HIS A 965 71.35 13.21 -47.87
CA HIS A 965 72.50 13.67 -47.13
C HIS A 965 72.38 15.14 -46.76
N ASN A 966 73.33 15.62 -45.97
CA ASN A 966 73.32 17.02 -45.54
C ASN A 966 73.73 17.94 -46.68
N GLU A 967 72.78 18.77 -47.11
CA GLU A 967 73.00 19.70 -48.22
C GLU A 967 72.38 21.05 -47.88
N ARG A 968 73.10 22.11 -48.22
CA ARG A 968 72.69 23.47 -47.91
C ARG A 968 71.81 24.10 -48.98
N ARG A 969 71.09 23.28 -49.75
CA ARG A 969 70.16 23.80 -50.75
C ARG A 969 69.00 24.51 -50.08
N VAL A 970 68.73 25.74 -50.52
CA VAL A 970 67.79 26.61 -49.84
C VAL A 970 66.35 26.24 -50.16
N ASP A 971 65.97 26.32 -51.44
CA ASP A 971 64.58 26.20 -51.84
C ASP A 971 64.26 24.99 -52.70
N TRP A 972 65.28 24.29 -53.22
CA TRP A 972 65.00 23.14 -54.07
C TRP A 972 64.61 21.92 -53.24
N LEU A 973 65.54 21.42 -52.44
CA LEU A 973 65.30 20.17 -51.70
C LEU A 973 64.31 20.39 -50.56
N PHE A 974 64.28 21.59 -49.98
CA PHE A 974 63.34 21.88 -48.90
C PHE A 974 61.90 21.87 -49.40
N ARG A 975 61.63 22.56 -50.51
CA ARG A 975 60.28 22.54 -51.09
C ARG A 975 59.95 21.18 -51.67
N GLY A 976 60.96 20.43 -52.13
CA GLY A 976 60.71 19.07 -52.59
C GLY A 976 60.26 18.14 -51.48
N ALA A 977 60.94 18.18 -50.33
CA ALA A 977 60.55 17.36 -49.19
C ALA A 977 59.23 17.85 -48.60
N VAL A 978 58.97 19.17 -48.65
CA VAL A 978 57.71 19.70 -48.14
C VAL A 978 56.55 19.29 -49.02
N TYR A 979 56.78 19.24 -50.34
CA TYR A 979 55.73 18.78 -51.25
C TYR A 979 55.51 17.28 -51.13
N HIS A 980 56.58 16.52 -50.82
CA HIS A 980 56.43 15.10 -50.54
C HIS A 980 55.60 14.86 -49.28
N SER A 981 55.86 15.64 -48.23
CA SER A 981 55.08 15.54 -47.00
C SER A 981 53.64 16.01 -47.21
N TYR A 982 53.44 17.01 -48.08
CA TYR A 982 52.10 17.48 -48.38
C TYR A 982 51.31 16.43 -49.16
N LEU A 983 51.95 15.75 -50.11
CA LEU A 983 51.28 14.68 -50.84
C LEU A 983 51.01 13.49 -49.93
N THR A 984 51.87 13.23 -48.95
CA THR A 984 51.59 12.17 -47.99
C THR A 984 50.45 12.56 -47.05
N ILE A 985 50.34 13.84 -46.73
CA ILE A 985 49.32 14.29 -45.77
C ILE A 985 47.96 14.39 -46.45
N PHE A 986 47.95 14.68 -47.74
CA PHE A 986 46.67 14.92 -48.44
C PHE A 986 45.88 13.63 -48.62
N GLY A 987 46.57 12.51 -48.83
CA GLY A 987 45.91 11.23 -49.02
C GLY A 987 45.30 10.66 -47.76
N PHE A 1027 69.07 -2.55 -51.86
CA PHE A 1027 67.98 -3.40 -51.38
C PHE A 1027 66.92 -2.58 -50.65
N PRO A 1028 66.32 -1.54 -51.28
CA PRO A 1028 65.40 -0.70 -50.52
C PRO A 1028 63.97 -1.20 -50.56
N GLU A 1029 63.76 -2.45 -51.00
CA GLU A 1029 62.40 -3.00 -51.06
C GLU A 1029 61.82 -3.16 -49.66
N TRP A 1030 62.55 -3.81 -48.76
CA TRP A 1030 62.09 -4.01 -47.39
C TRP A 1030 62.00 -2.69 -46.64
N LEU A 1031 62.95 -1.78 -46.89
CA LEU A 1031 62.94 -0.48 -46.20
C LEU A 1031 61.79 0.40 -46.68
N THR A 1032 61.50 0.38 -47.98
CA THR A 1032 60.40 1.18 -48.51
C THR A 1032 59.06 0.60 -48.08
N VAL A 1033 58.94 -0.74 -48.07
CA VAL A 1033 57.72 -1.38 -47.59
C VAL A 1033 57.53 -1.09 -46.10
N LEU A 1034 58.62 -1.06 -45.34
CA LEU A 1034 58.54 -0.77 -43.91
C LEU A 1034 58.10 0.67 -43.65
N LEU A 1035 58.66 1.62 -44.41
CA LEU A 1035 58.31 3.02 -44.23
C LEU A 1035 56.86 3.29 -44.64
N LEU A 1036 56.45 2.74 -45.78
CA LEU A 1036 55.07 2.93 -46.23
C LEU A 1036 54.07 2.22 -45.33
N CYS A 1037 54.42 1.04 -44.80
CA CYS A 1037 53.49 0.34 -43.93
C CYS A 1037 53.42 0.99 -42.55
N LEU A 1038 54.53 1.61 -42.10
CA LEU A 1038 54.49 2.35 -40.84
C LEU A 1038 53.64 3.61 -40.97
N TYR A 1039 53.81 4.35 -42.07
CA TYR A 1039 52.98 5.52 -42.31
C TYR A 1039 51.51 5.13 -42.50
N LEU A 1040 51.27 3.97 -43.12
CA LEU A 1040 49.90 3.45 -43.24
C LEU A 1040 49.28 3.15 -41.90
N LEU A 1041 50.01 2.39 -41.05
CA LEU A 1041 49.52 1.97 -39.74
C LEU A 1041 49.23 3.16 -38.84
N PHE A 1042 50.09 4.17 -38.88
CA PHE A 1042 49.83 5.33 -38.04
C PHE A 1042 48.74 6.24 -38.63
N THR A 1043 48.93 6.69 -39.88
CA THR A 1043 48.09 7.76 -40.41
C THR A 1043 46.69 7.27 -40.77
N ASN A 1044 46.59 6.12 -41.44
CA ASN A 1044 45.30 5.62 -41.88
C ASN A 1044 44.40 5.15 -40.74
N ILE A 1045 44.92 5.04 -39.52
CA ILE A 1045 44.12 4.47 -38.45
C ILE A 1045 43.91 5.43 -37.29
N LEU A 1046 44.99 5.79 -36.60
CA LEU A 1046 44.91 6.17 -35.18
C LEU A 1046 44.23 7.53 -34.97
N LEU A 1047 44.76 8.57 -35.62
CA LEU A 1047 44.23 9.92 -35.41
C LEU A 1047 42.84 10.07 -36.01
N LEU A 1048 42.53 9.24 -37.02
CA LEU A 1048 41.19 9.22 -37.57
C LEU A 1048 40.17 8.71 -36.54
N ASN A 1049 40.52 7.67 -35.79
CA ASN A 1049 39.63 7.20 -34.73
C ASN A 1049 39.59 8.18 -33.57
N LEU A 1050 40.69 8.91 -33.35
CA LEU A 1050 40.68 10.01 -32.38
C LEU A 1050 39.66 11.07 -32.77
N LEU A 1051 39.63 11.44 -34.05
CA LEU A 1051 38.65 12.43 -34.54
C LEU A 1051 37.23 11.89 -34.45
N ILE A 1052 37.02 10.64 -34.84
CA ILE A 1052 35.71 10.01 -34.80
C ILE A 1052 35.18 9.98 -33.37
N ALA A 1053 36.04 9.59 -32.43
CA ALA A 1053 35.65 9.50 -31.02
C ALA A 1053 35.34 10.88 -30.44
N MET A 1054 36.23 11.86 -30.64
CA MET A 1054 36.03 13.18 -30.04
C MET A 1054 34.83 13.90 -30.63
N PHE A 1055 34.65 13.81 -31.96
CA PHE A 1055 33.56 14.51 -32.61
C PHE A 1055 32.22 13.88 -32.26
N ASN A 1056 32.15 12.54 -32.26
CA ASN A 1056 30.95 11.84 -31.81
C ASN A 1056 30.63 12.18 -30.36
N TYR A 1057 31.67 12.29 -29.52
CA TYR A 1057 31.49 12.58 -28.11
C TYR A 1057 30.86 13.95 -27.89
N THR A 1058 31.42 14.98 -28.53
CA THR A 1058 30.89 16.33 -28.31
C THR A 1058 29.54 16.53 -29.00
N PHE A 1059 29.31 15.80 -30.09
CA PHE A 1059 28.02 15.90 -30.78
C PHE A 1059 26.90 15.31 -29.91
N GLN A 1060 27.21 14.23 -29.19
CA GLN A 1060 26.22 13.60 -28.32
C GLN A 1060 25.76 14.51 -27.18
N GLN A 1061 26.61 15.45 -26.74
CA GLN A 1061 26.14 16.37 -25.71
C GLN A 1061 25.44 17.60 -26.30
N VAL A 1062 26.03 18.23 -27.32
CA VAL A 1062 25.49 19.53 -27.76
C VAL A 1062 24.18 19.35 -28.54
N GLN A 1063 23.99 18.15 -29.11
CA GLN A 1063 22.78 17.84 -29.88
C GLN A 1063 21.51 17.95 -29.03
N GLU A 1064 21.65 17.71 -27.72
CA GLU A 1064 20.49 17.60 -26.85
C GLU A 1064 19.76 18.92 -26.67
N HIS A 1065 20.47 19.99 -26.35
CA HIS A 1065 19.82 21.26 -26.06
C HIS A 1065 20.28 22.41 -26.96
N THR A 1066 20.86 22.12 -28.14
CA THR A 1066 20.96 23.16 -29.16
C THR A 1066 19.60 23.75 -29.54
N ASP A 1067 18.54 22.93 -29.52
CA ASP A 1067 17.22 23.43 -29.89
C ASP A 1067 16.68 24.41 -28.86
N GLN A 1068 16.87 24.11 -27.57
CA GLN A 1068 16.42 25.02 -26.53
C GLN A 1068 17.26 26.28 -26.50
N ILE A 1069 18.53 26.20 -26.89
CA ILE A 1069 19.32 27.43 -27.01
C ILE A 1069 18.84 28.26 -28.20
N TRP A 1070 18.51 27.61 -29.31
CA TRP A 1070 18.15 28.33 -30.53
C TRP A 1070 16.81 29.04 -30.38
N LYS A 1071 15.86 28.40 -29.69
CA LYS A 1071 14.57 29.04 -29.46
C LYS A 1071 14.69 30.29 -28.62
N PHE A 1072 15.66 30.31 -27.70
CA PHE A 1072 15.93 31.53 -26.94
C PHE A 1072 16.70 32.54 -27.79
N GLN A 1073 17.50 32.04 -28.73
CA GLN A 1073 18.29 32.92 -29.59
C GLN A 1073 17.44 33.64 -30.62
N ARG A 1074 16.23 33.12 -30.89
CA ARG A 1074 15.46 33.55 -32.05
C ARG A 1074 14.98 35.00 -31.96
N HIS A 1075 14.98 35.60 -30.77
CA HIS A 1075 14.26 36.87 -30.60
C HIS A 1075 14.99 38.06 -31.21
N ASP A 1076 16.30 38.16 -31.00
CA ASP A 1076 17.00 39.41 -31.31
C ASP A 1076 17.12 39.65 -32.81
N LEU A 1077 17.09 38.58 -33.59
CA LEU A 1077 17.05 38.72 -35.05
C LEU A 1077 15.75 39.38 -35.49
N ILE A 1078 14.64 38.98 -34.89
CA ILE A 1078 13.35 39.56 -35.24
C ILE A 1078 13.26 40.99 -34.76
N GLU A 1079 13.80 41.27 -33.57
CA GLU A 1079 13.74 42.61 -33.01
C GLU A 1079 14.56 43.60 -33.82
N GLU A 1080 15.72 43.16 -34.31
CA GLU A 1080 16.60 44.03 -35.10
C GLU A 1080 15.96 44.40 -36.44
N TYR A 1081 15.38 43.42 -37.14
CA TYR A 1081 14.78 43.72 -38.43
C TYR A 1081 13.43 44.38 -38.28
N HIS A 1082 12.82 44.28 -37.11
CA HIS A 1082 11.69 45.15 -36.79
C HIS A 1082 12.16 46.59 -36.65
N GLY A 1083 13.34 46.78 -36.05
CA GLY A 1083 13.82 48.14 -35.83
C GLY A 1083 14.41 48.77 -37.08
N ARG A 1084 14.87 47.95 -38.02
CA ARG A 1084 15.60 48.48 -39.16
C ARG A 1084 14.65 49.08 -40.18
N PRO A 1085 15.02 50.20 -40.81
CA PRO A 1085 14.22 50.74 -41.92
C PRO A 1085 14.23 49.82 -43.13
N ALA A 1086 13.31 50.13 -44.06
CA ALA A 1086 12.93 49.15 -45.07
C ALA A 1086 13.85 49.15 -46.28
N ALA A 1087 14.64 50.21 -46.47
CA ALA A 1087 15.37 50.36 -47.71
C ALA A 1087 16.61 49.46 -47.73
N PRO A 1088 16.99 48.95 -48.90
CA PRO A 1088 18.28 48.25 -49.05
C PRO A 1088 19.45 49.22 -48.88
N PRO A 1089 20.67 48.71 -48.66
CA PRO A 1089 21.82 49.60 -48.33
C PRO A 1089 22.18 50.64 -49.39
N PRO A 1090 21.80 50.51 -50.68
CA PRO A 1090 21.87 51.71 -51.53
C PRO A 1090 21.02 52.88 -51.06
N PHE A 1091 19.75 52.63 -50.71
CA PHE A 1091 18.83 53.73 -50.41
C PHE A 1091 18.70 53.98 -48.91
N ILE A 1092 19.48 53.26 -48.10
CA ILE A 1092 19.36 53.43 -46.66
C ILE A 1092 20.02 54.73 -46.21
N LEU A 1093 20.82 55.37 -47.08
CA LEU A 1093 21.23 56.76 -46.85
C LEU A 1093 20.05 57.72 -46.96
N LEU A 1094 19.20 57.52 -47.98
CA LEU A 1094 18.00 58.33 -48.11
C LEU A 1094 17.05 58.09 -46.94
N SER A 1095 17.07 56.89 -46.40
CA SER A 1095 16.31 56.63 -45.18
C SER A 1095 16.98 57.26 -43.95
N HIS A 1096 18.31 57.25 -43.89
CA HIS A 1096 19.03 57.72 -42.71
C HIS A 1096 18.96 59.23 -42.57
N LEU A 1097 18.93 59.96 -43.70
CA LEU A 1097 19.11 61.41 -43.66
C LEU A 1097 17.92 62.09 -42.98
N GLN A 1098 16.71 61.60 -43.25
CA GLN A 1098 15.51 62.20 -42.67
C GLN A 1098 15.48 61.98 -41.16
N LEU A 1099 15.83 60.76 -40.73
CA LEU A 1099 15.88 60.44 -39.30
C LEU A 1099 16.93 61.28 -38.59
N PHE A 1100 18.09 61.46 -39.23
CA PHE A 1100 19.17 62.18 -38.56
C PHE A 1100 18.88 63.67 -38.45
N ILE A 1101 18.32 64.28 -39.49
CA ILE A 1101 18.03 65.71 -39.40
C ILE A 1101 16.79 65.94 -38.55
N LYS A 1102 15.94 64.92 -38.41
CA LYS A 1102 14.78 65.07 -37.55
C LYS A 1102 15.16 64.98 -36.08
N ARG A 1103 16.09 64.08 -35.73
CA ARG A 1103 16.40 63.81 -34.33
C ARG A 1103 17.10 64.99 -33.67
N VAL A 1104 17.89 65.74 -34.43
CA VAL A 1104 18.76 66.75 -33.82
C VAL A 1104 17.94 67.96 -33.37
N VAL A 1105 17.06 68.46 -34.24
CA VAL A 1105 16.40 69.73 -33.96
C VAL A 1105 15.22 69.54 -33.01
N LEU A 1106 14.19 68.79 -33.40
CA LEU A 1106 12.99 68.66 -32.56
C LEU A 1106 12.32 67.32 -32.89
N LYS A 1107 12.58 66.32 -32.06
CA LYS A 1107 11.96 65.00 -32.16
C LYS A 1107 12.25 64.23 -30.88
N THR A 1108 11.65 63.05 -30.78
CA THR A 1108 11.99 62.14 -29.70
C THR A 1108 13.32 61.45 -30.02
N PRO A 1109 14.11 61.10 -29.01
CA PRO A 1109 15.35 60.34 -29.28
C PRO A 1109 15.10 58.96 -29.84
N ALA A 1110 14.32 58.14 -29.13
CA ALA A 1110 13.95 56.80 -29.58
C ALA A 1110 12.69 56.38 -28.84
N LYS A 1111 11.80 55.70 -29.56
CA LYS A 1111 10.54 55.24 -28.98
C LYS A 1111 10.25 53.85 -29.52
N ARG A 1112 9.81 52.97 -28.63
CA ARG A 1112 9.50 51.61 -29.00
C ARG A 1112 8.20 51.55 -29.79
N HIS A 1113 8.01 50.44 -30.50
CA HIS A 1113 6.87 50.28 -31.38
C HIS A 1113 5.74 49.56 -30.67
N LYS A 1114 4.53 49.77 -31.17
CA LYS A 1114 3.31 49.33 -30.49
C LYS A 1114 2.90 47.92 -30.91
N GLN A 1115 3.88 47.16 -31.38
CA GLN A 1115 3.68 45.75 -31.67
C GLN A 1115 4.44 44.93 -30.64
N LEU A 1116 5.55 45.48 -30.14
CA LEU A 1116 6.32 44.78 -29.11
C LEU A 1116 5.91 45.24 -27.72
N LYS A 1117 5.63 46.53 -27.55
CA LYS A 1117 5.22 47.08 -26.26
C LYS A 1117 4.17 48.16 -26.49
N ASN A 1118 3.06 48.06 -25.77
CA ASN A 1118 2.01 49.07 -25.84
C ASN A 1118 1.36 49.21 -24.47
N LYS A 1119 0.79 50.38 -24.25
CA LYS A 1119 0.05 50.67 -23.03
C LYS A 1119 -1.43 50.58 -23.33
N LEU A 1120 -2.12 49.67 -22.65
CA LEU A 1120 -3.52 49.44 -22.91
C LEU A 1120 -4.37 50.49 -22.21
N GLU A 1121 -5.62 50.61 -22.65
CA GLU A 1121 -6.58 51.45 -21.96
C GLU A 1121 -7.05 50.76 -20.70
N LYS A 1122 -7.59 51.56 -19.76
CA LYS A 1122 -8.04 51.02 -18.49
C LYS A 1122 -9.23 50.09 -18.66
N ASN A 1123 -10.13 50.44 -19.58
CA ASN A 1123 -11.37 49.68 -19.77
C ASN A 1123 -11.08 48.30 -20.34
N GLU A 1124 -10.03 48.17 -21.13
CA GLU A 1124 -9.63 46.87 -21.63
C GLU A 1124 -8.82 46.10 -20.59
N GLU A 1125 -7.94 46.81 -19.86
CA GLU A 1125 -7.00 46.17 -18.95
C GLU A 1125 -7.74 45.55 -17.76
N ALA A 1126 -8.84 46.16 -17.34
CA ALA A 1126 -9.61 45.59 -16.22
C ALA A 1126 -10.22 44.25 -16.58
N ALA A 1127 -10.82 44.15 -17.77
CA ALA A 1127 -11.43 42.90 -18.20
C ALA A 1127 -10.35 41.84 -18.46
N LEU A 1128 -9.20 42.26 -19.00
CA LEU A 1128 -8.11 41.33 -19.24
C LEU A 1128 -7.57 40.75 -17.94
N LEU A 1129 -7.40 41.61 -16.92
CA LEU A 1129 -6.87 41.13 -15.65
C LEU A 1129 -7.88 40.25 -14.93
N SER A 1130 -9.18 40.55 -15.06
CA SER A 1130 -10.18 39.69 -14.45
C SER A 1130 -10.22 38.32 -15.11
N TRP A 1131 -10.05 38.29 -16.44
CA TRP A 1131 -9.96 37.04 -17.17
C TRP A 1131 -8.77 36.20 -16.72
N GLU A 1132 -7.62 36.86 -16.54
CA GLU A 1132 -6.43 36.13 -16.12
C GLU A 1132 -6.56 35.63 -14.67
N ILE A 1133 -7.23 36.41 -13.82
CA ILE A 1133 -7.49 35.98 -12.44
C ILE A 1133 -8.35 34.72 -12.41
N TYR A 1134 -9.41 34.71 -13.24
CA TYR A 1134 -10.30 33.55 -13.27
C TYR A 1134 -9.58 32.32 -13.82
N LEU A 1135 -8.66 32.51 -14.77
CA LEU A 1135 -7.96 31.35 -15.29
C LEU A 1135 -6.89 30.84 -14.32
N LYS A 1136 -6.32 31.73 -13.50
CA LYS A 1136 -5.42 31.28 -12.44
C LYS A 1136 -6.16 30.44 -11.42
N GLU A 1137 -7.36 30.90 -11.03
CA GLU A 1137 -8.18 30.12 -10.10
C GLU A 1137 -8.59 28.79 -10.71
N ASN A 1138 -8.75 28.74 -12.03
CA ASN A 1138 -9.00 27.46 -12.68
C ASN A 1138 -7.78 26.56 -12.65
N TYR A 1139 -6.58 27.13 -12.75
CA TYR A 1139 -5.38 26.30 -12.84
C TYR A 1139 -5.01 25.68 -11.51
N LEU A 1140 -5.24 26.42 -10.40
CA LEU A 1140 -4.80 25.96 -9.09
C LEU A 1140 -5.51 24.69 -8.65
N GLN A 1141 -6.79 24.55 -9.03
CA GLN A 1141 -7.55 23.37 -8.65
C GLN A 1141 -7.06 22.13 -9.36
N ASN A 1142 -6.74 22.25 -10.65
CA ASN A 1142 -6.18 21.12 -11.40
C ASN A 1142 -4.81 20.74 -10.85
N ARG A 1143 -4.03 21.72 -10.43
CA ARG A 1143 -2.72 21.42 -9.84
C ARG A 1143 -2.87 20.65 -8.53
N GLN A 1144 -3.78 21.08 -7.66
CA GLN A 1144 -3.90 20.40 -6.37
C GLN A 1144 -4.57 19.03 -6.53
N PHE A 1145 -5.42 18.88 -7.54
CA PHE A 1145 -6.04 17.58 -7.77
C PHE A 1145 -5.03 16.58 -8.32
N GLN A 1146 -4.15 17.05 -9.22
CA GLN A 1146 -3.09 16.17 -9.73
C GLN A 1146 -2.10 15.81 -8.64
N GLN A 1147 -1.82 16.74 -7.72
CA GLN A 1147 -0.94 16.39 -6.60
C GLN A 1147 -1.61 15.44 -5.62
N LYS A 1148 -2.94 15.48 -5.54
CA LYS A 1148 -3.64 14.53 -4.70
C LYS A 1148 -3.68 13.14 -5.33
N GLN A 1149 -3.64 13.08 -6.66
CA GLN A 1149 -3.73 11.78 -7.32
C GLN A 1149 -2.42 10.99 -7.35
N ARG A 1150 -1.37 11.49 -6.72
CA ARG A 1150 -0.10 10.79 -6.76
C ARG A 1150 -0.13 9.57 -5.84
N PRO A 1151 0.60 8.49 -6.17
CA PRO A 1151 0.45 7.25 -5.39
C PRO A 1151 1.10 7.29 -4.02
N GLU A 1152 2.23 7.97 -3.88
CA GLU A 1152 2.90 8.06 -2.57
C GLU A 1152 2.04 8.82 -1.58
N GLN A 1153 1.27 9.80 -2.06
CA GLN A 1153 0.35 10.51 -1.19
C GLN A 1153 -0.80 9.61 -0.76
N LYS A 1154 -1.23 8.70 -1.64
CA LYS A 1154 -2.26 7.73 -1.26
C LYS A 1154 -1.75 6.76 -0.21
N ILE A 1155 -0.48 6.35 -0.33
CA ILE A 1155 0.14 5.48 0.66
C ILE A 1155 0.22 6.17 2.02
N GLU A 1156 0.61 7.45 2.01
CA GLU A 1156 0.68 8.22 3.26
C GLU A 1156 -0.69 8.40 3.89
N ASP A 1157 -1.72 8.59 3.05
CA ASP A 1157 -3.08 8.72 3.58
C ASP A 1157 -3.56 7.43 4.22
N ILE A 1158 -3.27 6.29 3.59
CA ILE A 1158 -3.62 4.99 4.18
C ILE A 1158 -2.88 4.77 5.49
N SER A 1159 -1.62 5.20 5.56
CA SER A 1159 -0.84 5.04 6.79
C SER A 1159 -1.42 5.88 7.92
N ASN A 1160 -1.86 7.10 7.61
CA ASN A 1160 -2.45 7.94 8.64
C ASN A 1160 -3.79 7.38 9.13
N LYS A 1161 -4.59 6.83 8.21
CA LYS A 1161 -5.85 6.20 8.63
C LYS A 1161 -5.61 4.97 9.50
N VAL A 1162 -4.57 4.20 9.18
CA VAL A 1162 -4.28 3.00 9.97
C VAL A 1162 -3.76 3.38 11.37
N ASP A 1163 -2.98 4.46 11.45
CA ASP A 1163 -2.53 4.92 12.76
C ASP A 1163 -3.69 5.46 13.60
N ALA A 1164 -4.63 6.15 12.97
CA ALA A 1164 -5.84 6.57 13.67
C ALA A 1164 -6.65 5.38 14.16
N MET A 1165 -6.68 4.31 13.36
CA MET A 1165 -7.46 3.13 13.75
C MET A 1165 -6.82 2.38 14.91
N VAL A 1166 -5.49 2.28 14.92
CA VAL A 1166 -4.85 1.56 16.01
C VAL A 1166 -4.91 2.39 17.30
N ASP A 1167 -4.93 3.73 17.16
CA ASP A 1167 -5.16 4.56 18.34
C ASP A 1167 -6.59 4.41 18.87
N LEU A 1168 -7.56 4.28 17.96
CA LEU A 1168 -8.94 4.10 18.38
C LEU A 1168 -9.15 2.74 19.05
N LEU A 1169 -8.50 1.69 18.54
CA LEU A 1169 -8.64 0.39 19.16
C LEU A 1169 -7.83 0.29 20.45
N ASP A 1170 -6.81 1.12 20.60
CA ASP A 1170 -6.12 1.21 21.88
C ASP A 1170 -6.96 1.95 22.90
N LEU A 1171 -7.79 2.90 22.45
CA LEU A 1171 -8.59 3.69 23.38
C LEU A 1171 -9.75 2.88 23.96
N ASP A 1172 -10.20 1.84 23.26
CA ASP A 1172 -11.33 1.04 23.72
C ASP A 1172 -10.92 0.13 24.88
N GLY A 1242 -23.14 24.04 48.10
CA GLY A 1242 -22.36 24.78 49.06
C GLY A 1242 -23.21 25.59 50.02
N ASP A 1243 -23.03 25.37 51.32
CA ASP A 1243 -23.78 26.12 52.31
C ASP A 1243 -23.29 27.56 52.37
N SER A 1244 -24.26 28.48 52.50
CA SER A 1244 -23.96 29.91 52.46
C SER A 1244 -23.32 30.30 53.79
N TYR A 1245 -22.00 30.12 53.85
CA TYR A 1245 -21.22 30.50 55.02
C TYR A 1245 -20.26 31.62 54.66
N HIS A 1246 -19.69 32.23 55.70
CA HIS A 1246 -18.74 33.34 55.53
C HIS A 1246 -17.34 32.79 55.28
N VAL A 1247 -17.12 32.34 54.05
CA VAL A 1247 -15.89 31.64 53.71
C VAL A 1247 -14.75 32.62 53.51
N ASN A 1248 -15.05 33.90 53.32
CA ASN A 1248 -14.00 34.89 53.18
C ASN A 1248 -13.45 35.31 54.55
N ALA A 1249 -14.25 35.11 55.60
CA ALA A 1249 -13.75 35.34 56.95
C ALA A 1249 -13.04 34.10 57.48
N ARG A 1250 -13.47 32.92 57.04
CA ARG A 1250 -12.82 31.69 57.48
C ARG A 1250 -11.49 31.47 56.76
N HIS A 1251 -11.21 32.29 55.75
CA HIS A 1251 -9.97 32.32 55.00
C HIS A 1251 -8.74 32.43 55.90
N LEU A 1252 -7.78 31.53 55.69
CA LEU A 1252 -6.54 31.49 56.45
C LEU A 1252 -5.69 32.72 56.15
N LEU A 1253 -4.76 33.01 57.06
CA LEU A 1253 -3.77 34.08 56.93
C LEU A 1253 -4.44 35.46 56.80
N TYR A 1254 -5.01 35.88 57.94
CA TYR A 1254 -5.56 37.21 58.23
C TYR A 1254 -4.70 38.32 57.65
N PRO A 1255 -5.29 39.32 57.00
CA PRO A 1255 -4.51 40.28 56.22
C PRO A 1255 -3.66 41.20 57.08
N ASN A 1256 -2.45 41.45 56.59
CA ASN A 1256 -1.51 42.46 57.10
C ASN A 1256 -1.09 42.17 58.55
N CYS A 1257 -1.19 40.89 58.97
CA CYS A 1257 -0.75 40.40 60.26
C CYS A 1257 -0.24 38.97 60.08
N PRO A 1258 1.01 38.68 60.46
CA PRO A 1258 1.57 37.33 60.22
C PRO A 1258 1.08 36.29 61.22
N VAL A 1259 -0.24 36.09 61.26
CA VAL A 1259 -0.86 35.12 62.14
C VAL A 1259 -1.78 34.23 61.32
N THR A 1260 -1.98 33.01 61.82
CA THR A 1260 -2.88 32.04 61.20
C THR A 1260 -4.02 31.76 62.15
N ARG A 1261 -5.14 31.31 61.60
CA ARG A 1261 -6.32 31.01 62.39
C ARG A 1261 -6.56 29.51 62.46
N PHE A 1262 -7.46 29.12 63.35
CA PHE A 1262 -7.78 27.73 63.57
C PHE A 1262 -8.59 27.18 62.39
N PRO A 1263 -8.36 25.93 62.00
CA PRO A 1263 -9.15 25.35 60.90
C PRO A 1263 -10.60 25.07 61.27
N VAL A 1264 -11.53 25.76 60.62
CA VAL A 1264 -12.95 25.60 60.92
C VAL A 1264 -13.67 25.05 59.70
N PRO A 1265 -13.90 23.74 59.63
CA PRO A 1265 -14.66 23.18 58.49
C PRO A 1265 -16.14 23.46 58.63
N ASN A 1266 -16.89 23.05 57.59
CA ASN A 1266 -18.29 23.45 57.45
C ASN A 1266 -19.18 22.85 58.54
N GLU A 1267 -18.78 21.71 59.09
CA GLU A 1267 -19.50 21.16 60.24
C GLU A 1267 -19.25 22.00 61.49
N LYS A 1268 -18.11 22.68 61.55
CA LYS A 1268 -17.67 23.29 62.81
C LYS A 1268 -18.18 24.71 62.97
N VAL A 1269 -18.53 25.38 61.86
CA VAL A 1269 -18.84 26.81 61.81
C VAL A 1269 -19.90 27.32 62.80
N PRO A 1270 -21.13 26.80 62.88
CA PRO A 1270 -22.14 27.48 63.72
C PRO A 1270 -21.89 27.24 65.19
N TRP A 1271 -22.33 28.23 65.99
CA TRP A 1271 -22.10 28.21 67.43
C TRP A 1271 -22.94 27.15 68.14
N GLU A 1272 -24.00 26.66 67.50
CA GLU A 1272 -24.88 25.70 68.17
C GLU A 1272 -24.26 24.31 68.23
N THR A 1273 -23.52 23.92 67.21
CA THR A 1273 -23.03 22.55 67.11
C THR A 1273 -21.80 22.37 68.01
N GLU A 1274 -21.66 21.17 68.56
CA GLU A 1274 -20.60 20.88 69.53
C GLU A 1274 -19.25 20.83 68.82
N PHE A 1275 -18.29 21.60 69.34
CA PHE A 1275 -16.94 21.66 68.78
C PHE A 1275 -15.99 21.89 69.96
N LEU A 1276 -15.38 20.81 70.45
CA LEU A 1276 -14.66 20.84 71.71
C LEU A 1276 -13.22 21.29 71.59
N ILE A 1277 -12.54 21.02 70.47
CA ILE A 1277 -11.13 21.32 70.33
C ILE A 1277 -10.91 22.72 69.75
N TYR A 1278 -11.97 23.54 69.72
CA TYR A 1278 -11.89 24.90 69.20
C TYR A 1278 -10.98 25.74 70.09
N ASP A 1279 -9.80 26.08 69.59
CA ASP A 1279 -8.88 26.92 70.32
C ASP A 1279 -8.47 28.10 69.46
N PRO A 1280 -9.34 29.11 69.30
CA PRO A 1280 -8.98 30.27 68.50
C PRO A 1280 -7.94 31.13 69.21
N PRO A 1281 -6.86 31.49 68.54
CA PRO A 1281 -5.87 32.37 69.16
C PRO A 1281 -6.43 33.77 69.36
N PHE A 1282 -6.02 34.39 70.46
CA PHE A 1282 -6.47 35.74 70.81
C PHE A 1282 -5.48 36.72 70.18
N TYR A 1283 -5.95 37.49 69.20
CA TYR A 1283 -5.09 38.39 68.46
C TYR A 1283 -5.83 39.70 68.20
N THR A 1284 -5.15 40.80 68.50
CA THR A 1284 -5.64 42.13 68.19
C THR A 1284 -4.49 42.91 67.54
N ALA A 1285 -4.83 43.89 66.71
CA ALA A 1285 -3.81 44.71 66.07
C ALA A 1285 -3.12 45.59 67.10
N GLU A 1286 -1.87 45.96 66.79
CA GLU A 1286 -1.09 46.79 67.70
C GLU A 1286 -1.64 48.20 67.78
N ARG A 1287 -2.20 48.70 66.68
CA ARG A 1287 -2.77 50.04 66.67
C ARG A 1287 -4.23 50.08 67.12
N LYS A 1288 -4.72 49.03 67.77
CA LYS A 1288 -6.08 49.00 68.29
C LYS A 1288 -6.12 49.40 69.77
N ASP A 1289 -4.99 49.78 70.33
CA ASP A 1289 -4.90 50.36 71.67
C ASP A 1289 -4.46 51.80 71.54
N ALA A 1290 -5.43 52.71 71.35
CA ALA A 1290 -5.14 54.15 71.16
C ALA A 1290 -6.36 55.02 71.47
N ALA A 1291 -6.89 55.70 70.44
CA ALA A 1291 -8.03 56.64 70.57
C ALA A 1291 -9.08 56.38 69.47
N ALA A 1292 -10.29 56.95 69.66
CA ALA A 1292 -11.46 56.83 68.74
C ALA A 1292 -11.90 55.36 68.68
N MET A 1293 -11.02 54.49 68.20
CA MET A 1293 -11.26 53.05 68.16
C MET A 1293 -11.26 52.44 69.56
N ASP A 1294 -11.85 51.25 69.68
CA ASP A 1294 -12.27 50.71 70.95
C ASP A 1294 -11.09 50.32 71.84
N PRO A 1295 -11.20 50.59 73.15
CA PRO A 1295 -10.15 50.17 74.08
C PRO A 1295 -10.37 48.77 74.63
N MET A 1296 -11.33 48.06 74.05
CA MET A 1296 -11.66 46.69 74.46
C MET A 1296 -10.80 45.64 73.78
N GLY A 1297 -9.62 45.99 73.26
CA GLY A 1297 -8.73 45.00 72.67
C GLY A 1297 -8.17 44.01 73.66
N ASP A 1298 -8.11 44.37 74.93
CA ASP A 1298 -7.65 43.48 75.99
C ASP A 1298 -8.72 43.40 77.08
N THR A 1299 -9.95 43.08 76.68
CA THR A 1299 -11.15 43.29 77.49
C THR A 1299 -11.33 42.27 78.61
N LEU A 1300 -10.31 41.48 78.95
CA LEU A 1300 -10.35 40.75 80.21
C LEU A 1300 -10.34 41.69 81.40
N GLU A 1301 -9.73 42.86 81.25
CA GLU A 1301 -9.84 43.93 82.22
C GLU A 1301 -11.27 44.47 82.24
N PRO A 1302 -11.68 45.16 83.33
CA PRO A 1302 -13.04 45.73 83.37
C PRO A 1302 -13.23 47.01 82.54
N LEU A 1303 -12.30 47.32 81.64
CA LEU A 1303 -12.50 48.43 80.70
C LEU A 1303 -13.64 48.18 79.72
N SER A 1304 -14.03 46.92 79.53
CA SER A 1304 -15.21 46.60 78.73
C SER A 1304 -16.46 46.95 79.54
N THR A 1305 -16.98 48.16 79.33
CA THR A 1305 -18.16 48.61 80.04
C THR A 1305 -19.17 49.31 79.13
N ILE A 1306 -19.00 49.22 77.82
CA ILE A 1306 -19.89 49.87 76.87
C ILE A 1306 -21.21 49.09 76.80
N GLN A 1307 -22.26 49.78 76.37
CA GLN A 1307 -23.56 49.14 76.23
C GLN A 1307 -23.56 48.27 74.98
N TYR A 1308 -24.07 47.05 75.14
CA TYR A 1308 -24.07 46.06 74.06
C TYR A 1308 -25.46 46.00 73.46
N ASN A 1309 -25.51 45.66 72.16
CA ASN A 1309 -26.58 45.79 71.17
C ASN A 1309 -27.50 46.99 71.42
N VAL A 1310 -26.86 48.15 71.63
CA VAL A 1310 -27.52 49.43 71.83
C VAL A 1310 -26.51 50.53 71.50
N VAL A 1311 -27.01 51.72 71.20
CA VAL A 1311 -26.15 52.84 70.82
C VAL A 1311 -25.46 53.36 72.07
N ASP A 1312 -24.20 52.98 72.26
CA ASP A 1312 -23.42 53.37 73.44
C ASP A 1312 -22.63 54.65 73.16
N GLY A 1313 -23.36 55.74 72.99
CA GLY A 1313 -22.74 57.04 72.80
C GLY A 1313 -22.33 57.32 71.37
N LEU A 1314 -21.04 57.59 71.15
CA LEU A 1314 -20.53 57.88 69.82
C LEU A 1314 -20.44 56.64 68.93
N ARG A 1315 -20.50 55.45 69.51
CA ARG A 1315 -20.43 54.20 68.76
C ARG A 1315 -21.79 53.51 68.88
N ASP A 1316 -22.56 53.54 67.79
CA ASP A 1316 -23.90 52.92 67.78
C ASP A 1316 -23.77 51.42 67.56
N ARG A 1317 -23.27 50.74 68.60
CA ARG A 1317 -22.97 49.32 68.56
C ARG A 1317 -24.26 48.54 68.71
N ARG A 1318 -25.00 48.41 67.61
CA ARG A 1318 -26.21 47.61 67.58
C ARG A 1318 -26.35 47.01 66.19
N SER A 1319 -26.65 45.71 66.14
CA SER A 1319 -26.63 44.97 64.89
C SER A 1319 -27.88 45.20 64.08
N PHE A 1320 -27.72 45.15 62.75
CA PHE A 1320 -28.88 45.18 61.86
C PHE A 1320 -29.56 43.82 61.81
N HIS A 1321 -28.86 42.76 62.21
CA HIS A 1321 -29.40 41.41 62.07
C HIS A 1321 -30.26 41.03 63.26
N GLY A 1322 -29.78 41.27 64.47
CA GLY A 1322 -30.52 40.92 65.67
C GLY A 1322 -29.68 41.08 66.93
N PRO A 1323 -30.27 40.76 68.08
CA PRO A 1323 -29.52 40.88 69.35
C PRO A 1323 -28.46 39.81 69.50
N TYR A 1324 -27.19 40.20 69.38
CA TYR A 1324 -26.11 39.22 69.39
C TYR A 1324 -25.84 38.70 70.81
N THR A 1325 -25.49 37.42 70.88
CA THR A 1325 -25.20 36.79 72.16
C THR A 1325 -23.85 37.25 72.69
N VAL A 1326 -23.77 37.49 73.99
CA VAL A 1326 -22.56 37.99 74.65
C VAL A 1326 -22.07 36.92 75.61
N GLN A 1327 -20.78 36.60 75.52
CA GLN A 1327 -20.14 35.65 76.42
C GLN A 1327 -18.88 36.28 76.98
N ALA A 1328 -18.81 36.35 78.32
CA ALA A 1328 -17.66 36.88 79.08
C ALA A 1328 -17.33 38.32 78.69
N GLY A 1329 -18.37 39.13 78.46
CA GLY A 1329 -18.17 40.49 78.03
C GLY A 1329 -17.65 40.65 76.63
N LEU A 1330 -17.67 39.60 75.81
CA LEU A 1330 -17.18 39.63 74.45
C LEU A 1330 -18.30 39.19 73.50
N PRO A 1331 -18.54 39.94 72.43
CA PRO A 1331 -19.56 39.52 71.47
C PRO A 1331 -19.09 38.36 70.64
N LEU A 1332 -20.04 37.54 70.20
CA LEU A 1332 -19.78 36.45 69.27
C LEU A 1332 -20.32 36.82 67.89
N ASN A 1333 -19.68 36.30 66.86
CA ASN A 1333 -20.13 36.55 65.49
C ASN A 1333 -21.47 35.85 65.27
N PRO A 1334 -22.45 36.54 64.68
CA PRO A 1334 -23.78 35.95 64.53
C PRO A 1334 -23.87 34.86 63.49
N MET A 1335 -22.93 34.79 62.55
CA MET A 1335 -23.03 33.83 61.46
C MET A 1335 -22.30 32.52 61.73
N GLY A 1336 -21.32 32.51 62.62
CA GLY A 1336 -20.61 31.30 62.94
C GLY A 1336 -19.20 31.59 63.40
N ARG A 1337 -18.46 30.50 63.60
CA ARG A 1337 -17.08 30.61 64.06
C ARG A 1337 -16.18 31.14 62.95
N THR A 1338 -15.23 31.99 63.33
CA THR A 1338 -14.22 32.49 62.41
C THR A 1338 -12.84 31.91 62.69
N GLY A 1339 -12.64 31.27 63.83
CA GLY A 1339 -11.34 30.73 64.18
C GLY A 1339 -10.32 31.76 64.61
N LEU A 1340 -10.76 32.98 64.90
CA LEU A 1340 -9.84 34.03 65.33
C LEU A 1340 -10.49 34.91 66.38
N ARG A 1341 -9.90 34.98 67.57
CA ARG A 1341 -10.43 35.74 68.68
C ARG A 1341 -9.64 37.04 68.84
N GLY A 1342 -10.31 38.03 69.40
CA GLY A 1342 -9.76 39.36 69.55
C GLY A 1342 -10.55 40.39 68.77
N ARG A 1343 -9.93 41.56 68.61
CA ARG A 1343 -10.55 42.66 67.88
C ARG A 1343 -10.14 42.72 66.42
N GLY A 1344 -9.00 42.16 66.06
CA GLY A 1344 -8.50 42.23 64.69
C GLY A 1344 -8.13 43.64 64.28
N SER A 1345 -8.49 44.02 63.06
CA SER A 1345 -8.18 45.34 62.53
C SER A 1345 -9.42 46.23 62.42
N LEU A 1346 -10.57 45.77 62.89
CA LEU A 1346 -11.77 46.58 62.88
C LEU A 1346 -11.73 47.59 64.03
N SER A 1347 -12.69 48.51 64.02
CA SER A 1347 -12.71 49.59 65.00
C SER A 1347 -13.17 49.12 66.38
N CYS A 1348 -14.39 48.62 66.47
CA CYS A 1348 -14.99 48.22 67.74
C CYS A 1348 -15.55 46.82 67.64
N PHE A 1349 -15.97 46.29 68.79
CA PHE A 1349 -16.57 44.97 68.84
C PHE A 1349 -17.98 44.99 68.24
N GLY A 1350 -18.55 43.80 68.13
CA GLY A 1350 -19.85 43.64 67.53
C GLY A 1350 -19.80 43.88 66.04
N PRO A 1351 -20.79 44.60 65.53
CA PRO A 1351 -20.72 45.07 64.14
C PRO A 1351 -19.96 46.39 64.06
N ASN A 1352 -19.47 46.67 62.86
CA ASN A 1352 -18.81 47.93 62.53
C ASN A 1352 -19.58 48.51 61.34
N HIS A 1353 -20.39 49.53 61.59
CA HIS A 1353 -21.34 50.00 60.60
C HIS A 1353 -20.64 50.89 59.57
N THR A 1354 -20.75 50.50 58.30
CA THR A 1354 -20.24 51.28 57.18
C THR A 1354 -21.33 51.38 56.12
N LEU A 1355 -21.03 52.11 55.04
CA LEU A 1355 -22.02 52.41 54.01
C LEU A 1355 -21.41 52.18 52.63
N TYR A 1356 -22.19 51.56 51.75
CA TYR A 1356 -21.82 51.39 50.35
C TYR A 1356 -22.99 51.84 49.48
N PRO A 1357 -22.91 53.04 48.90
CA PRO A 1357 -23.90 53.44 47.90
C PRO A 1357 -23.47 53.10 46.48
N MET A 1358 -24.45 52.75 45.66
CA MET A 1358 -24.21 52.36 44.28
C MET A 1358 -25.09 53.18 43.35
N VAL A 1359 -24.49 53.79 42.35
CA VAL A 1359 -25.20 54.58 41.34
C VAL A 1359 -25.27 53.78 40.05
N THR A 1360 -26.49 53.57 39.55
CA THR A 1360 -26.73 52.78 38.35
C THR A 1360 -27.36 53.63 37.26
N ARG A 1361 -26.98 53.35 36.02
CA ARG A 1361 -27.56 54.03 34.86
C ARG A 1361 -27.63 53.04 33.71
N TRP A 1362 -28.38 53.40 32.67
CA TRP A 1362 -28.45 52.51 31.53
C TRP A 1362 -27.29 52.76 30.56
N ARG A 1363 -27.14 51.85 29.61
CA ARG A 1363 -26.11 51.95 28.58
C ARG A 1363 -26.79 52.21 27.25
N ARG A 1364 -26.51 53.37 26.65
CA ARG A 1364 -27.09 53.74 25.37
C ARG A 1364 -26.10 53.50 24.24
N ASN A 1365 -26.64 53.33 23.04
CA ASN A 1365 -25.82 53.16 21.85
C ASN A 1365 -25.44 54.53 21.29
N GLU A 1366 -25.00 54.55 20.02
CA GLU A 1366 -24.69 55.82 19.38
C GLU A 1366 -25.94 56.64 19.11
N ASP A 1367 -27.05 55.98 18.83
CA ASP A 1367 -28.31 56.68 18.64
C ASP A 1367 -28.92 57.13 19.96
N GLY A 1368 -28.78 56.33 21.01
CA GLY A 1368 -29.29 56.70 22.32
C GLY A 1368 -30.31 55.75 22.89
N ALA A 1369 -30.42 54.55 22.30
CA ALA A 1369 -31.35 53.54 22.78
C ALA A 1369 -30.58 52.50 23.59
N ILE A 1370 -31.31 51.77 24.43
CA ILE A 1370 -30.67 50.89 25.41
C ILE A 1370 -30.08 49.67 24.72
N CYS A 1371 -28.80 49.42 24.98
CA CYS A 1371 -28.13 48.25 24.44
C CYS A 1371 -28.64 46.99 25.15
N ARG A 1372 -28.42 45.84 24.52
CA ARG A 1372 -29.03 44.62 25.02
C ARG A 1372 -28.09 43.44 24.87
N LYS A 1373 -28.07 42.59 25.90
CA LYS A 1373 -27.70 41.19 25.74
C LYS A 1373 -28.94 40.42 25.28
N SER A 1374 -28.79 39.09 25.19
CA SER A 1374 -29.75 38.14 24.63
C SER A 1374 -31.20 38.32 25.10
N ILE A 1375 -31.40 38.53 26.40
CA ILE A 1375 -32.74 38.77 26.93
C ILE A 1375 -32.78 40.09 27.66
N LYS A 1376 -31.82 40.31 28.55
CA LYS A 1376 -31.86 41.44 29.48
C LYS A 1376 -31.17 42.65 28.86
N LYS A 1377 -30.92 43.67 29.67
CA LYS A 1377 -30.35 44.93 29.24
C LYS A 1377 -29.02 45.16 29.93
N MET A 1378 -28.39 46.29 29.61
CA MET A 1378 -27.09 46.63 30.15
C MET A 1378 -27.20 47.72 31.21
N LEU A 1379 -26.31 47.63 32.20
CA LEU A 1379 -26.21 48.62 33.27
C LEU A 1379 -24.78 49.12 33.37
N GLU A 1380 -24.63 50.40 33.73
CA GLU A 1380 -23.35 51.01 33.99
C GLU A 1380 -23.33 51.59 35.40
N VAL A 1381 -22.21 51.44 36.09
CA VAL A 1381 -22.05 51.92 37.45
C VAL A 1381 -20.75 52.69 37.55
N LEU A 1382 -20.72 53.67 38.46
CA LEU A 1382 -19.58 54.56 38.63
C LEU A 1382 -18.70 54.01 39.74
N VAL A 1383 -17.50 53.56 39.37
CA VAL A 1383 -16.59 52.91 40.31
C VAL A 1383 -15.25 53.64 40.29
N VAL A 1384 -14.48 53.45 41.36
CA VAL A 1384 -13.27 54.22 41.61
C VAL A 1384 -12.13 53.25 41.92
N LYS A 1385 -10.96 53.51 41.36
CA LYS A 1385 -9.74 52.78 41.68
C LYS A 1385 -8.76 53.71 42.39
N LEU A 1386 -8.38 53.32 43.60
CA LEU A 1386 -7.36 53.97 44.39
C LEU A 1386 -5.98 53.52 43.92
N PRO A 1387 -4.93 54.32 44.10
CA PRO A 1387 -3.61 53.96 43.55
C PRO A 1387 -2.91 52.84 44.31
N LEU A 1388 -3.42 52.38 45.44
CA LEU A 1388 -2.76 51.36 46.23
C LEU A 1388 -3.75 50.28 46.66
N SER A 1389 -4.56 49.78 45.73
CA SER A 1389 -5.51 48.74 46.07
C SER A 1389 -5.43 47.58 45.08
N GLU A 1390 -5.09 47.88 43.83
CA GLU A 1390 -5.12 46.94 42.70
C GLU A 1390 -6.49 46.28 42.52
N HIS A 1391 -7.54 47.03 42.85
CA HIS A 1391 -8.90 46.51 42.84
C HIS A 1391 -9.86 47.68 42.73
N TRP A 1392 -10.70 47.67 41.71
CA TRP A 1392 -11.76 48.66 41.60
C TRP A 1392 -12.80 48.39 42.68
N ALA A 1393 -13.34 49.47 43.25
CA ALA A 1393 -14.25 49.34 44.38
C ALA A 1393 -15.38 50.37 44.27
N LEU A 1394 -16.47 50.06 44.96
CA LEU A 1394 -17.58 50.98 45.06
C LEU A 1394 -17.17 52.21 45.88
N PRO A 1395 -17.79 53.37 45.62
CA PRO A 1395 -17.38 54.58 46.37
C PRO A 1395 -18.09 54.69 47.72
N GLY A 1396 -17.76 53.78 48.63
CA GLY A 1396 -18.31 53.79 49.96
C GLY A 1396 -17.26 53.63 51.04
N GLY A 1397 -17.38 54.41 52.11
CA GLY A 1397 -16.40 54.43 53.17
C GLY A 1397 -16.99 54.05 54.52
N SER A 1398 -16.14 54.13 55.54
CA SER A 1398 -16.55 53.84 56.90
C SER A 1398 -17.53 54.89 57.41
N ARG A 1399 -18.62 54.42 58.01
CA ARG A 1399 -19.67 55.31 58.51
C ARG A 1399 -19.41 55.59 59.99
N GLU A 1400 -18.29 56.26 60.25
CA GLU A 1400 -18.05 56.78 61.59
C GLU A 1400 -18.89 58.05 61.82
N PRO A 1401 -19.07 58.95 60.84
CA PRO A 1401 -20.25 59.81 60.92
C PRO A 1401 -21.41 59.21 60.16
N GLY A 1402 -22.61 59.70 60.48
CA GLY A 1402 -23.82 59.19 59.86
C GLY A 1402 -24.10 59.72 58.47
N GLU A 1403 -24.33 61.03 58.37
CA GLU A 1403 -24.64 61.66 57.10
C GLU A 1403 -23.41 62.23 56.41
N MET A 1404 -22.30 62.40 57.13
CA MET A 1404 -21.06 62.83 56.52
C MET A 1404 -20.26 61.68 55.94
N LEU A 1405 -20.71 60.44 56.13
CA LEU A 1405 -20.10 59.28 55.49
C LEU A 1405 -20.30 59.28 53.97
N PRO A 1406 -21.40 59.83 53.42
CA PRO A 1406 -21.34 60.28 52.01
C PRO A 1406 -20.17 61.20 51.70
N ARG A 1407 -19.91 62.19 52.53
CA ARG A 1407 -18.76 63.06 52.29
C ARG A 1407 -17.45 62.38 52.68
N LYS A 1408 -17.47 61.50 53.69
CA LYS A 1408 -16.25 60.82 54.10
C LYS A 1408 -15.80 59.80 53.06
N LEU A 1409 -16.75 59.19 52.35
CA LEU A 1409 -16.40 58.33 51.22
C LEU A 1409 -15.88 59.16 50.05
N LYS A 1410 -16.33 60.40 49.94
CA LYS A 1410 -16.13 61.20 48.74
C LYS A 1410 -15.37 62.50 49.02
N ARG A 1411 -14.63 62.58 50.12
CA ARG A 1411 -13.85 63.79 50.40
C ARG A 1411 -12.69 63.93 49.43
N ILE A 1412 -11.96 62.85 49.20
CA ILE A 1412 -10.88 62.91 48.21
C ILE A 1412 -11.44 62.79 46.81
N LEU A 1413 -12.66 62.26 46.66
CA LEU A 1413 -13.18 61.94 45.34
C LEU A 1413 -14.07 63.03 44.74
N ARG A 1414 -15.23 63.31 45.37
CA ARG A 1414 -16.25 64.09 44.68
C ARG A 1414 -16.05 65.60 44.80
N GLN A 1415 -16.18 66.14 46.01
CA GLN A 1415 -16.27 67.57 46.25
C GLN A 1415 -16.25 67.90 47.73
N GLU A 1416 -16.39 69.18 48.06
CA GLU A 1416 -16.62 69.63 49.42
C GLU A 1416 -17.97 70.31 49.59
N HIS A 1417 -18.28 71.29 48.77
CA HIS A 1417 -19.58 71.97 48.84
C HIS A 1417 -20.65 71.17 48.11
N TRP A 1418 -20.38 70.82 46.84
CA TRP A 1418 -21.27 70.02 46.00
C TRP A 1418 -21.45 68.62 46.58
N PRO A 1419 -20.52 68.13 47.40
CA PRO A 1419 -20.72 66.85 48.09
C PRO A 1419 -21.89 66.85 49.04
N SER A 1420 -22.17 67.97 49.72
CA SER A 1420 -23.38 68.05 50.55
C SER A 1420 -24.62 68.06 49.68
N PHE A 1421 -24.53 68.65 48.49
CA PHE A 1421 -25.65 68.63 47.54
C PHE A 1421 -25.94 67.24 47.03
N GLU A 1422 -24.89 66.44 46.77
CA GLU A 1422 -25.10 65.05 46.38
C GLU A 1422 -25.57 64.21 47.57
N ASN A 1423 -25.17 64.58 48.79
CA ASN A 1423 -25.66 63.91 49.98
C ASN A 1423 -27.15 64.20 50.20
N LEU A 1424 -27.62 65.37 49.76
CA LEU A 1424 -29.05 65.64 49.77
C LEU A 1424 -29.79 64.74 48.78
N LEU A 1425 -29.17 64.45 47.64
CA LEU A 1425 -29.77 63.60 46.64
C LEU A 1425 -29.54 62.11 46.89
N LYS A 1426 -28.79 61.76 47.93
CA LYS A 1426 -28.44 60.37 48.19
C LYS A 1426 -29.57 59.56 48.81
N CYS A 1427 -30.72 60.17 49.08
CA CYS A 1427 -31.88 59.46 49.60
C CYS A 1427 -32.55 58.72 48.45
N GLY A 1428 -32.23 57.45 48.29
CA GLY A 1428 -32.81 56.65 47.21
C GLY A 1428 -33.52 55.41 47.71
N MET A 1429 -33.30 54.28 47.03
CA MET A 1429 -33.92 53.02 47.38
C MET A 1429 -32.88 52.06 47.95
N GLU A 1430 -33.30 51.27 48.94
CA GLU A 1430 -32.43 50.34 49.64
C GLU A 1430 -32.51 48.95 49.02
N VAL A 1431 -31.42 48.21 49.10
CA VAL A 1431 -31.33 46.86 48.58
C VAL A 1431 -31.05 45.85 49.69
N TYR A 1432 -29.91 45.98 50.37
CA TYR A 1432 -29.53 45.01 51.37
C TYR A 1432 -28.83 45.69 52.53
N LYS A 1433 -29.25 45.34 53.74
CA LYS A 1433 -28.62 45.81 54.96
C LYS A 1433 -28.27 44.61 55.84
N GLY A 1434 -27.15 44.72 56.53
CA GLY A 1434 -26.80 43.70 57.50
C GLY A 1434 -25.39 43.20 57.29
N TYR A 1435 -25.20 41.91 57.61
CA TYR A 1435 -23.88 41.32 57.66
C TYR A 1435 -23.27 41.16 56.27
N MET A 1436 -21.97 41.39 56.19
CA MET A 1436 -21.23 41.33 54.93
C MET A 1436 -19.93 40.58 55.17
N ASP A 1437 -19.57 39.71 54.23
CA ASP A 1437 -18.35 38.92 54.38
C ASP A 1437 -17.11 39.79 54.15
N ASP A 1438 -16.05 39.49 54.89
CA ASP A 1438 -14.83 40.28 54.85
C ASP A 1438 -13.68 39.45 55.39
N PRO A 1439 -12.47 39.61 54.84
CA PRO A 1439 -11.32 38.93 55.44
C PRO A 1439 -10.86 39.52 56.76
N ARG A 1440 -11.32 40.71 57.14
CA ARG A 1440 -10.95 41.32 58.42
C ARG A 1440 -11.96 41.05 59.51
N ASN A 1441 -12.60 39.89 59.49
CA ASN A 1441 -13.64 39.55 60.46
C ASN A 1441 -13.10 38.55 61.47
N THR A 1442 -13.26 38.87 62.76
CA THR A 1442 -12.93 37.97 63.85
C THR A 1442 -14.21 37.38 64.43
N ASP A 1443 -14.07 36.66 65.54
CA ASP A 1443 -15.22 36.16 66.28
C ASP A 1443 -16.00 37.29 66.96
N ASN A 1444 -15.37 38.42 67.22
CA ASN A 1444 -15.99 39.52 67.96
C ASN A 1444 -16.33 40.72 67.11
N ALA A 1445 -15.56 41.00 66.06
CA ALA A 1445 -15.78 42.16 65.21
C ALA A 1445 -16.18 41.67 63.82
N TRP A 1446 -17.25 42.24 63.29
CA TRP A 1446 -17.69 41.96 61.93
C TRP A 1446 -18.21 43.25 61.30
N ILE A 1447 -18.59 43.16 60.03
CA ILE A 1447 -18.99 44.32 59.25
C ILE A 1447 -20.45 44.18 58.87
N GLU A 1448 -21.25 45.18 59.22
CA GLU A 1448 -22.61 45.33 58.73
C GLU A 1448 -22.72 46.63 57.98
N THR A 1449 -23.59 46.65 56.97
CA THR A 1449 -23.55 47.68 55.93
C THR A 1449 -24.97 48.01 55.53
N VAL A 1450 -25.13 49.18 54.90
CA VAL A 1450 -26.37 49.61 54.25
C VAL A 1450 -26.07 49.75 52.77
N ALA A 1451 -26.97 49.23 51.92
CA ALA A 1451 -26.79 49.28 50.47
C ALA A 1451 -27.95 50.07 49.87
N VAL A 1452 -27.75 51.37 49.69
CA VAL A 1452 -28.73 52.21 49.02
C VAL A 1452 -28.39 52.24 47.53
N SER A 1453 -29.41 52.39 46.69
CA SER A 1453 -29.25 52.34 45.24
C SER A 1453 -29.89 53.56 44.61
N VAL A 1454 -29.07 54.56 44.30
CA VAL A 1454 -29.51 55.71 43.53
C VAL A 1454 -29.44 55.35 42.05
N HIS A 1455 -30.48 55.70 41.29
CA HIS A 1455 -30.60 55.29 39.91
C HIS A 1455 -30.87 56.49 39.01
N PHE A 1456 -30.34 56.43 37.79
CA PHE A 1456 -30.66 57.38 36.73
C PHE A 1456 -31.44 56.66 35.66
N GLN A 1457 -32.68 57.11 35.42
CA GLN A 1457 -33.52 56.49 34.40
C GLN A 1457 -33.22 57.06 33.02
N ASP A 1458 -33.40 58.37 32.86
CA ASP A 1458 -33.14 59.02 31.59
C ASP A 1458 -31.65 59.30 31.42
N GLN A 1459 -31.13 59.02 30.22
CA GLN A 1459 -29.72 59.20 29.91
C GLN A 1459 -29.48 60.44 29.05
N ASN A 1460 -30.19 61.53 29.35
CA ASN A 1460 -30.04 62.79 28.56
C ASN A 1460 -29.60 63.93 29.48
N ASP A 1461 -30.40 65.00 29.55
CA ASP A 1461 -30.09 66.17 30.41
C ASP A 1461 -30.99 66.12 31.65
N VAL A 1462 -30.37 66.13 32.83
CA VAL A 1462 -31.07 66.04 34.15
C VAL A 1462 -30.04 66.19 35.26
N GLU A 1463 -30.22 65.43 36.35
CA GLU A 1463 -29.33 65.40 37.53
C GLU A 1463 -27.92 64.90 37.15
N LEU A 1464 -27.82 64.00 36.16
CA LEU A 1464 -26.51 63.43 35.76
C LEU A 1464 -25.56 64.54 35.34
N ASN A 1465 -26.03 65.55 34.58
CA ASN A 1465 -25.12 66.63 34.22
C ASN A 1465 -24.54 67.30 35.47
N ARG A 1466 -25.30 67.30 36.58
CA ARG A 1466 -24.77 67.83 37.82
C ARG A 1466 -23.79 66.85 38.47
N LEU A 1467 -24.03 65.54 38.34
CA LEU A 1467 -23.11 64.56 38.88
C LEU A 1467 -21.80 64.54 38.11
N ASN A 1468 -21.85 64.72 36.78
CA ASN A 1468 -20.64 64.92 36.02
C ASN A 1468 -20.03 66.30 36.26
N SER A 1469 -20.85 67.28 36.62
CA SER A 1469 -20.36 68.61 36.94
C SER A 1469 -19.81 68.72 38.36
N ASN A 1470 -20.11 67.74 39.21
CA ASN A 1470 -19.53 67.68 40.56
C ASN A 1470 -18.18 66.98 40.57
N LEU A 1471 -17.54 66.83 39.40
CA LEU A 1471 -16.27 66.13 39.29
C LEU A 1471 -15.14 67.02 39.76
N HIS A 1472 -14.59 66.72 40.93
CA HIS A 1472 -13.29 67.20 41.36
C HIS A 1472 -12.48 65.96 41.67
N ALA A 1473 -12.50 65.04 40.69
CA ALA A 1473 -12.23 63.61 40.77
C ALA A 1473 -11.08 63.15 41.66
N CYS A 1474 -9.91 63.78 41.53
CA CYS A 1474 -8.71 63.22 42.16
C CYS A 1474 -8.08 64.24 43.09
N ASP A 1475 -8.18 63.99 44.39
CA ASP A 1475 -7.38 64.68 45.39
C ASP A 1475 -6.31 63.74 45.94
N SER A 1476 -6.70 62.53 46.34
CA SER A 1476 -5.77 61.50 46.77
C SER A 1476 -6.20 60.14 46.21
N GLY A 1477 -6.76 60.16 45.00
CA GLY A 1477 -7.19 58.93 44.34
C GLY A 1477 -6.63 58.87 42.93
N ALA A 1478 -6.55 57.65 42.39
CA ALA A 1478 -5.95 57.46 41.08
C ALA A 1478 -6.94 57.74 39.96
N SER A 1479 -8.01 56.95 39.87
CA SER A 1479 -8.93 57.09 38.75
C SER A 1479 -10.35 56.79 39.22
N ILE A 1480 -11.32 57.31 38.49
CA ILE A 1480 -12.72 57.09 38.78
C ILE A 1480 -13.51 57.24 37.48
N ARG A 1481 -14.37 56.26 37.18
CA ARG A 1481 -15.01 56.21 35.87
C ARG A 1481 -16.24 55.33 35.93
N TRP A 1482 -17.05 55.43 34.89
CA TRP A 1482 -18.15 54.50 34.70
C TRP A 1482 -17.64 53.17 34.16
N GLN A 1483 -18.46 52.14 34.33
CA GLN A 1483 -18.07 50.79 33.94
C GLN A 1483 -19.33 49.99 33.65
N VAL A 1484 -19.32 49.23 32.55
CA VAL A 1484 -20.46 48.35 32.18
C VAL A 1484 -20.48 47.14 33.13
N VAL A 1485 -21.67 46.69 33.54
CA VAL A 1485 -21.82 45.53 34.47
C VAL A 1485 -21.50 44.23 33.73
N ASP A 1486 -20.80 43.30 34.38
CA ASP A 1486 -20.74 41.87 33.95
C ASP A 1486 -20.36 40.98 35.13
N ARG A 1487 -20.60 39.67 35.04
CA ARG A 1487 -20.22 38.74 36.14
C ARG A 1487 -18.69 38.79 36.30
N ARG A 1488 -17.98 38.80 35.18
CA ARG A 1488 -16.54 38.95 35.12
C ARG A 1488 -16.12 40.41 35.32
N ILE A 1489 -16.87 41.17 36.11
CA ILE A 1489 -16.53 42.56 36.40
C ILE A 1489 -15.33 42.59 37.33
N PRO A 1490 -14.22 43.24 36.95
CA PRO A 1490 -13.06 43.30 37.85
C PRO A 1490 -13.29 44.25 39.01
N LEU A 1491 -13.51 43.70 40.20
CA LEU A 1491 -13.94 44.49 41.34
C LEU A 1491 -13.32 43.91 42.60
N TYR A 1492 -13.62 44.53 43.73
CA TYR A 1492 -13.36 43.92 45.03
C TYR A 1492 -14.19 42.64 45.18
N ALA A 1493 -13.71 41.74 46.03
CA ALA A 1493 -14.17 40.36 46.01
C ALA A 1493 -15.60 40.22 46.53
N ASN A 1494 -15.88 40.79 47.71
CA ASN A 1494 -17.22 40.66 48.26
C ASN A 1494 -18.21 41.63 47.64
N HIS A 1495 -17.73 42.72 47.01
CA HIS A 1495 -18.63 43.77 46.52
C HIS A 1495 -19.48 43.29 45.35
N LYS A 1496 -18.98 42.31 44.59
CA LYS A 1496 -19.78 41.66 43.55
C LYS A 1496 -21.02 41.00 44.13
N THR A 1497 -20.95 40.49 45.36
CA THR A 1497 -22.11 39.95 46.06
C THR A 1497 -23.18 41.02 46.27
N LEU A 1498 -22.78 42.29 46.37
CA LEU A 1498 -23.76 43.37 46.37
C LEU A 1498 -24.40 43.53 45.01
N LEU A 1499 -23.60 43.47 43.93
CA LEU A 1499 -24.13 43.72 42.60
C LEU A 1499 -25.01 42.57 42.13
N GLN A 1500 -24.72 41.35 42.58
CA GLN A 1500 -25.62 40.23 42.33
C GLN A 1500 -26.95 40.41 43.03
N LYS A 1501 -26.98 41.18 44.11
CA LYS A 1501 -28.25 41.58 44.72
C LYS A 1501 -28.81 42.85 44.08
N ALA A 1502 -27.96 43.63 43.40
CA ALA A 1502 -28.44 44.89 42.83
C ALA A 1502 -29.13 44.69 41.48
N ALA A 1503 -28.55 43.85 40.62
CA ALA A 1503 -29.11 43.64 39.28
C ALA A 1503 -30.43 42.88 39.31
N ALA A 1504 -30.75 42.21 40.42
CA ALA A 1504 -32.08 41.65 40.59
C ALA A 1504 -33.14 42.71 40.78
N GLU A 1505 -32.76 43.90 41.26
CA GLU A 1505 -33.73 44.97 41.48
C GLU A 1505 -34.14 45.68 40.19
N PHE A 1506 -33.47 45.41 39.07
CA PHE A 1506 -33.80 46.06 37.81
C PHE A 1506 -33.96 45.10 36.65
N GLY A 1507 -33.45 43.89 36.73
CA GLY A 1507 -33.62 42.90 35.69
C GLY A 1507 -32.51 42.83 34.66
N ALA A 1508 -31.26 43.07 35.04
CA ALA A 1508 -30.14 43.00 34.11
C ALA A 1508 -29.69 41.55 33.93
N HIS A 1509 -28.62 41.37 33.16
CA HIS A 1509 -28.09 40.05 32.91
C HIS A 1509 -26.90 39.76 33.82
N TYR A 1510 -26.44 38.52 33.79
CA TYR A 1510 -25.33 38.12 34.63
C TYR A 1510 -24.60 36.91 34.05
N GLN B 63 31.30 -44.38 13.04
CA GLN B 63 30.15 -45.19 13.43
C GLN B 63 30.60 -46.53 13.99
N GLU B 64 31.72 -47.05 13.46
CA GLU B 64 32.24 -48.32 13.94
C GLU B 64 32.84 -48.18 15.33
N SER B 65 33.37 -47.00 15.65
CA SER B 65 33.91 -46.75 16.99
C SER B 65 32.78 -46.71 18.02
N LEU B 66 31.66 -46.07 17.65
CA LEU B 66 30.43 -46.14 18.45
C LEU B 66 29.95 -47.58 18.60
N SER B 67 30.05 -48.36 17.53
CA SER B 67 29.57 -49.73 17.52
C SER B 67 30.41 -50.61 18.43
N SER B 68 31.70 -50.30 18.53
CA SER B 68 32.54 -50.95 19.52
C SER B 68 32.24 -50.44 20.93
N TRP B 69 32.01 -49.13 21.06
CA TRP B 69 31.96 -48.49 22.38
C TRP B 69 30.73 -48.89 23.16
N ILE B 70 29.58 -49.06 22.48
CA ILE B 70 28.31 -49.25 23.19
C ILE B 70 28.21 -50.55 23.98
N PRO B 71 28.52 -51.74 23.44
CA PRO B 71 28.38 -52.93 24.30
C PRO B 71 29.45 -53.07 25.36
N GLU B 72 30.55 -52.33 25.26
CA GLU B 72 31.58 -52.39 26.30
C GLU B 72 31.17 -51.61 27.55
N ASN B 73 30.35 -50.59 27.38
CA ASN B 73 30.04 -49.69 28.48
C ASN B 73 28.64 -49.92 29.07
N ILE B 74 27.66 -50.23 28.23
CA ILE B 74 26.28 -50.30 28.68
C ILE B 74 25.91 -51.74 29.00
N LYS B 75 25.12 -51.93 30.06
CA LYS B 75 24.70 -53.24 30.52
C LYS B 75 23.19 -53.33 30.39
N LYS B 76 22.67 -54.56 30.33
CA LYS B 76 21.24 -54.81 30.33
C LYS B 76 20.92 -55.91 31.32
N LYS B 77 19.66 -55.97 31.76
CA LYS B 77 19.26 -57.02 32.68
C LYS B 77 18.61 -58.18 31.94
N GLU B 78 18.76 -59.38 32.49
CA GLU B 78 18.04 -60.54 31.97
C GLU B 78 17.88 -61.56 33.09
N CYS B 79 16.79 -62.32 33.03
CA CYS B 79 16.50 -63.33 34.04
C CYS B 79 17.21 -64.63 33.69
N VAL B 80 17.54 -65.40 34.73
CA VAL B 80 18.23 -66.68 34.57
C VAL B 80 17.49 -67.83 35.22
N TYR B 81 16.45 -67.55 36.00
CA TYR B 81 15.79 -68.57 36.81
C TYR B 81 14.31 -68.62 36.48
N PHE B 82 13.79 -69.83 36.25
CA PHE B 82 12.42 -70.04 35.79
C PHE B 82 11.57 -70.56 36.94
N VAL B 83 10.69 -69.70 37.45
CA VAL B 83 9.69 -70.07 38.45
C VAL B 83 8.32 -69.74 37.89
N GLU B 84 7.51 -70.78 37.68
CA GLU B 84 6.23 -70.62 37.00
C GLU B 84 5.25 -69.81 37.84
N SER B 85 4.41 -69.05 37.17
CA SER B 85 3.50 -68.11 37.80
C SER B 85 2.14 -68.75 38.00
N SER B 86 1.46 -68.37 39.07
CA SER B 86 0.12 -68.87 39.39
C SER B 86 -0.90 -68.43 38.36
N LYS B 87 -0.96 -67.11 38.11
CA LYS B 87 -1.95 -66.55 37.21
C LYS B 87 -1.45 -66.62 35.78
N LEU B 88 -2.10 -67.47 34.98
CA LEU B 88 -1.71 -67.62 33.58
C LEU B 88 -2.15 -66.40 32.77
N SER B 89 -1.29 -65.94 31.88
CA SER B 89 -1.58 -64.78 31.07
C SER B 89 -2.54 -65.13 29.92
N ASP B 90 -3.11 -64.10 29.32
CA ASP B 90 -4.05 -64.28 28.22
C ASP B 90 -3.33 -64.78 26.97
N ALA B 91 -3.59 -66.06 26.65
CA ALA B 91 -3.06 -66.85 25.53
C ALA B 91 -1.56 -67.14 25.63
N GLY B 92 -0.91 -66.61 26.66
CA GLY B 92 0.47 -66.94 26.93
C GLY B 92 0.64 -67.57 28.30
N LYS B 93 -0.16 -68.60 28.59
CA LYS B 93 -0.33 -69.26 29.90
C LYS B 93 1.01 -69.65 30.50
N VAL B 94 1.98 -70.11 29.73
CA VAL B 94 3.31 -70.39 30.27
C VAL B 94 4.05 -69.07 30.48
N VAL B 95 4.25 -68.71 31.75
CA VAL B 95 4.98 -67.51 32.12
C VAL B 95 5.77 -67.80 33.38
N CYS B 96 7.11 -67.75 33.26
CA CYS B 96 8.00 -68.12 34.36
C CYS B 96 8.42 -66.86 35.13
N GLN B 97 7.39 -66.15 35.63
CA GLN B 97 7.41 -64.98 36.49
C GLN B 97 7.90 -63.72 35.77
N CYS B 98 8.42 -63.89 34.55
CA CYS B 98 8.51 -62.80 33.59
C CYS B 98 7.94 -63.24 32.25
N GLY B 99 8.26 -64.48 31.85
CA GLY B 99 7.65 -65.11 30.69
C GLY B 99 8.00 -64.44 29.37
N TYR B 100 9.29 -64.27 29.09
CA TYR B 100 9.69 -63.34 28.04
C TYR B 100 9.41 -63.92 26.66
N THR B 101 10.17 -64.94 26.24
CA THR B 101 9.75 -65.81 25.15
C THR B 101 10.40 -67.16 25.30
N HIS B 102 9.78 -68.02 26.11
CA HIS B 102 10.02 -69.46 26.25
C HIS B 102 9.05 -70.01 27.29
N GLU B 103 9.12 -71.32 27.53
CA GLU B 103 8.53 -71.86 28.75
C GLU B 103 9.30 -71.39 29.98
N GLN B 104 10.58 -71.11 29.82
CA GLN B 104 11.46 -70.68 30.91
C GLN B 104 11.94 -69.27 30.64
N HIS B 105 11.73 -68.36 31.61
CA HIS B 105 12.13 -66.97 31.46
C HIS B 105 13.64 -66.85 31.63
N LEU B 106 14.35 -67.32 30.61
CA LEU B 106 15.80 -67.44 30.67
C LEU B 106 16.38 -67.57 29.28
N GLU B 107 17.66 -67.22 29.16
CA GLU B 107 18.46 -67.45 27.97
C GLU B 107 19.69 -68.26 28.40
N GLU B 108 19.47 -69.17 29.34
CA GLU B 108 20.55 -69.96 29.91
C GLU B 108 20.15 -71.42 29.88
N ALA B 109 21.06 -72.26 30.37
CA ALA B 109 20.78 -73.68 30.46
C ALA B 109 19.72 -73.95 31.51
N THR B 110 18.87 -74.94 31.23
CA THR B 110 17.89 -75.37 32.22
C THR B 110 18.59 -76.15 33.32
N LYS B 111 18.80 -75.50 34.46
CA LYS B 111 19.56 -76.05 35.55
C LYS B 111 18.74 -75.98 36.83
N PRO B 112 18.90 -76.96 37.73
CA PRO B 112 18.22 -76.87 39.03
C PRO B 112 18.73 -75.74 39.91
N HIS B 113 19.97 -75.29 39.69
CA HIS B 113 20.61 -74.16 40.38
C HIS B 113 20.69 -74.39 41.90
N THR B 114 20.86 -75.67 42.28
CA THR B 114 21.20 -76.14 43.63
C THR B 114 20.08 -75.93 44.67
N PHE B 115 18.98 -75.30 44.24
CA PHE B 115 17.83 -74.97 45.07
C PHE B 115 16.71 -74.45 44.18
N GLN B 116 15.46 -74.57 44.63
CA GLN B 116 14.33 -73.97 43.93
C GLN B 116 13.81 -72.82 44.78
N GLY B 117 14.43 -71.65 44.62
CA GLY B 117 14.05 -70.51 45.41
C GLY B 117 12.70 -69.95 44.96
N THR B 118 11.67 -70.20 45.76
CA THR B 118 10.35 -69.64 45.49
C THR B 118 10.35 -68.17 45.87
N GLN B 119 9.40 -67.43 45.27
CA GLN B 119 9.26 -65.98 45.39
C GLN B 119 10.55 -65.30 44.97
N TRP B 120 10.88 -65.39 43.68
CA TRP B 120 12.17 -64.95 43.16
C TRP B 120 12.37 -63.45 43.36
N ASP B 121 13.34 -63.11 44.19
CA ASP B 121 13.67 -61.72 44.49
C ASP B 121 14.29 -61.10 43.25
N PRO B 122 13.79 -59.92 42.82
CA PRO B 122 14.10 -59.40 41.48
C PRO B 122 15.56 -59.11 41.21
N LYS B 123 16.22 -58.36 42.09
CA LYS B 123 17.64 -58.07 41.90
C LYS B 123 18.49 -59.27 42.24
N LYS B 124 17.97 -60.20 43.05
CA LYS B 124 18.73 -61.40 43.38
C LYS B 124 18.61 -62.45 42.29
N HIS B 125 17.59 -62.33 41.43
CA HIS B 125 17.42 -63.33 40.38
C HIS B 125 18.11 -62.90 39.08
N VAL B 126 17.83 -61.68 38.61
CA VAL B 126 18.30 -61.29 37.29
C VAL B 126 19.76 -60.86 37.35
N GLN B 127 20.43 -60.86 36.20
CA GLN B 127 21.85 -60.55 36.10
C GLN B 127 22.07 -59.63 34.91
N GLU B 128 23.15 -58.84 34.98
CA GLU B 128 23.48 -57.93 33.89
C GLU B 128 24.39 -58.61 32.87
N MET B 129 24.27 -58.16 31.63
CA MET B 129 24.98 -58.72 30.48
C MET B 129 25.23 -57.58 29.51
N PRO B 130 26.08 -57.79 28.48
CA PRO B 130 26.18 -56.80 27.41
C PRO B 130 24.88 -56.69 26.62
N THR B 131 24.63 -55.51 26.07
CA THR B 131 23.37 -55.17 25.44
C THR B 131 23.51 -55.25 23.93
N ASP B 132 22.46 -55.72 23.27
CA ASP B 132 22.50 -56.01 21.85
C ASP B 132 21.57 -55.13 21.01
N ALA B 133 20.65 -54.41 21.64
CA ALA B 133 19.54 -53.83 20.88
C ALA B 133 19.88 -52.46 20.32
N PHE B 134 21.10 -51.98 20.53
CA PHE B 134 21.47 -50.63 20.14
C PHE B 134 21.49 -50.44 18.63
N GLY B 135 21.28 -49.21 18.18
CA GLY B 135 21.50 -48.90 16.78
C GLY B 135 20.69 -47.72 16.30
N ASP B 136 20.30 -47.81 15.03
CA ASP B 136 19.48 -46.80 14.38
C ASP B 136 18.23 -47.50 13.86
N ILE B 137 17.13 -46.75 13.75
CA ILE B 137 15.82 -47.30 13.44
C ILE B 137 15.19 -46.43 12.35
N VAL B 138 14.26 -47.02 11.60
CA VAL B 138 13.46 -46.30 10.62
C VAL B 138 12.04 -46.86 10.69
N PHE B 139 11.05 -46.01 10.46
CA PHE B 139 9.68 -46.49 10.42
C PHE B 139 9.29 -46.83 8.99
N THR B 140 8.68 -48.00 8.84
CA THR B 140 8.46 -48.60 7.53
C THR B 140 7.30 -47.91 6.83
N GLY B 141 7.62 -46.93 5.99
CA GLY B 141 6.64 -46.31 5.12
C GLY B 141 6.03 -45.02 5.62
N LEU B 142 6.47 -44.51 6.77
CA LEU B 142 5.93 -43.26 7.29
C LEU B 142 6.85 -42.07 7.05
N SER B 143 8.16 -42.26 7.22
CA SER B 143 9.13 -41.21 6.99
C SER B 143 10.43 -41.84 6.53
N GLN B 144 11.32 -41.02 5.99
CA GLN B 144 12.59 -41.50 5.47
C GLN B 144 13.78 -41.08 6.32
N LYS B 145 13.57 -40.31 7.38
CA LYS B 145 14.67 -39.97 8.27
C LYS B 145 15.02 -41.16 9.16
N VAL B 146 16.16 -41.05 9.83
CA VAL B 146 16.67 -42.10 10.70
C VAL B 146 16.58 -41.62 12.14
N LYS B 147 16.34 -42.54 13.07
CA LYS B 147 16.22 -42.21 14.48
C LYS B 147 17.13 -43.11 15.30
N LYS B 148 18.02 -42.51 16.08
CA LYS B 148 18.90 -43.32 16.91
C LYS B 148 18.13 -43.90 18.09
N TYR B 149 18.56 -45.08 18.54
CA TYR B 149 17.89 -45.71 19.67
C TYR B 149 18.85 -46.69 20.35
N VAL B 150 18.60 -46.95 21.63
CA VAL B 150 19.53 -47.73 22.44
C VAL B 150 18.73 -48.37 23.57
N ARG B 151 19.26 -49.46 24.12
CA ARG B 151 18.65 -50.18 25.23
C ARG B 151 19.60 -50.12 26.42
N VAL B 152 19.10 -49.67 27.56
CA VAL B 152 19.89 -49.55 28.77
C VAL B 152 19.26 -50.39 29.86
N SER B 153 20.00 -50.59 30.94
CA SER B 153 19.45 -51.31 32.08
C SER B 153 18.64 -50.36 32.96
N GLN B 154 18.06 -50.94 34.02
CA GLN B 154 17.24 -50.15 34.94
C GLN B 154 18.11 -49.22 35.77
N ASP B 155 19.29 -49.67 36.18
CA ASP B 155 20.19 -48.86 37.00
C ASP B 155 21.53 -48.71 36.30
N THR B 156 21.77 -47.54 35.74
CA THR B 156 23.05 -47.13 35.18
C THR B 156 23.39 -45.77 35.75
N PRO B 157 24.68 -45.45 35.88
CA PRO B 157 25.05 -44.07 36.22
C PRO B 157 24.68 -43.14 35.08
N SER B 158 24.12 -41.98 35.44
CA SER B 158 23.58 -41.06 34.44
C SER B 158 24.69 -40.37 33.65
N SER B 159 25.91 -40.35 34.20
CA SER B 159 27.04 -39.79 33.48
C SER B 159 27.37 -40.60 32.24
N VAL B 160 27.13 -41.91 32.29
CA VAL B 160 27.35 -42.77 31.12
C VAL B 160 26.36 -42.41 30.02
N ILE B 161 25.09 -42.20 30.39
CA ILE B 161 24.06 -41.87 29.41
C ILE B 161 24.30 -40.48 28.83
N TYR B 162 24.73 -39.54 29.67
CA TYR B 162 25.04 -38.20 29.18
C TYR B 162 26.26 -38.19 28.27
N HIS B 163 27.25 -39.02 28.58
CA HIS B 163 28.42 -39.16 27.73
C HIS B 163 28.06 -39.77 26.38
N LEU B 164 27.15 -40.75 26.40
CA LEU B 164 26.67 -41.35 25.16
C LEU B 164 25.88 -40.35 24.32
N MET B 165 25.09 -39.49 24.97
CA MET B 165 24.26 -38.55 24.23
C MET B 165 25.10 -37.42 23.64
N THR B 166 26.07 -36.91 24.40
CA THR B 166 26.82 -35.76 23.91
C THR B 166 27.95 -36.17 22.98
N GLN B 167 28.67 -37.24 23.32
CA GLN B 167 29.88 -37.57 22.58
C GLN B 167 29.56 -38.31 21.28
N HIS B 168 28.94 -39.47 21.38
CA HIS B 168 28.83 -40.38 20.25
C HIS B 168 27.59 -40.13 19.39
N TRP B 169 26.47 -39.77 20.01
CA TRP B 169 25.28 -39.50 19.21
C TRP B 169 25.37 -38.15 18.51
N GLY B 170 26.20 -37.25 19.01
CA GLY B 170 26.45 -35.99 18.34
C GLY B 170 25.49 -34.88 18.74
N LEU B 171 25.38 -34.63 20.04
CA LEU B 171 24.48 -33.60 20.55
C LEU B 171 25.27 -32.61 21.39
N ASP B 172 25.03 -31.32 21.16
CA ASP B 172 25.66 -30.30 21.98
C ASP B 172 24.90 -30.13 23.29
N VAL B 173 25.47 -29.34 24.18
CA VAL B 173 24.89 -29.16 25.52
C VAL B 173 23.66 -28.28 25.40
N PRO B 174 22.52 -28.66 25.97
CA PRO B 174 21.30 -27.85 25.79
C PRO B 174 21.27 -26.64 26.70
N ASN B 175 20.60 -25.57 26.25
CA ASN B 175 20.48 -24.38 27.08
C ASN B 175 19.29 -24.49 28.03
N LEU B 176 18.37 -25.40 27.74
CA LEU B 176 17.14 -25.55 28.52
C LEU B 176 16.66 -26.98 28.41
N LEU B 177 16.04 -27.48 29.47
CA LEU B 177 15.55 -28.84 29.52
C LEU B 177 14.06 -28.83 29.87
N ILE B 178 13.22 -29.11 28.88
CA ILE B 178 11.77 -29.13 29.04
C ILE B 178 11.32 -30.58 29.16
N SER B 179 10.57 -30.88 30.20
CA SER B 179 10.17 -32.25 30.53
C SER B 179 8.64 -32.31 30.55
N VAL B 180 8.05 -32.65 29.40
CA VAL B 180 6.59 -32.67 29.32
C VAL B 180 6.06 -33.99 29.87
N THR B 181 4.99 -33.91 30.66
CA THR B 181 4.32 -35.06 31.22
C THR B 181 2.82 -34.81 31.18
N GLY B 182 2.03 -35.88 31.03
CA GLY B 182 0.59 -35.73 30.91
C GLY B 182 -0.11 -37.08 31.03
N GLY B 183 -1.35 -37.10 30.55
CA GLY B 183 -2.13 -38.32 30.62
C GLY B 183 -1.70 -39.31 29.55
N ALA B 184 -1.52 -40.56 29.96
CA ALA B 184 -1.20 -41.62 29.00
C ALA B 184 -2.46 -42.06 28.26
N LYS B 185 -3.61 -42.04 28.93
CA LYS B 185 -4.86 -42.34 28.27
C LYS B 185 -5.20 -41.25 27.26
N ASN B 186 -5.75 -41.66 26.12
CA ASN B 186 -6.03 -40.71 25.05
C ASN B 186 -7.19 -39.80 25.42
N PHE B 187 -7.19 -38.61 24.84
CA PHE B 187 -8.18 -37.58 25.13
C PHE B 187 -8.19 -36.58 23.99
N ASN B 188 -9.13 -35.63 24.07
CA ASN B 188 -9.31 -34.61 23.07
C ASN B 188 -9.38 -33.25 23.74
N MET B 189 -9.19 -32.19 22.96
CA MET B 189 -9.06 -30.85 23.50
C MET B 189 -9.59 -29.82 22.51
N LYS B 190 -9.76 -28.60 23.01
CA LYS B 190 -10.30 -27.51 22.21
C LYS B 190 -9.30 -27.11 21.12
N PRO B 191 -9.78 -26.70 19.94
CA PRO B 191 -8.85 -26.47 18.81
C PRO B 191 -7.96 -25.25 18.96
N ARG B 192 -8.49 -24.14 19.48
CA ARG B 192 -7.70 -22.93 19.61
C ARG B 192 -6.59 -23.10 20.64
N LEU B 193 -6.91 -23.74 21.76
CA LEU B 193 -5.89 -24.02 22.77
C LEU B 193 -4.86 -25.03 22.25
N LYS B 194 -5.30 -25.95 21.38
CA LYS B 194 -4.38 -26.89 20.75
C LYS B 194 -3.40 -26.17 19.84
N SER B 195 -3.89 -25.23 19.03
CA SER B 195 -3.03 -24.50 18.12
C SER B 195 -2.06 -23.60 18.88
N ILE B 196 -2.53 -22.95 19.95
CA ILE B 196 -1.68 -22.09 20.76
C ILE B 196 -0.61 -22.92 21.46
N PHE B 197 -0.98 -24.11 21.96
CA PHE B 197 -0.02 -24.98 22.64
C PHE B 197 1.06 -25.48 21.70
N ARG B 198 0.66 -25.95 20.51
CA ARG B 198 1.62 -26.44 19.53
C ARG B 198 2.57 -25.34 19.07
N ARG B 199 2.02 -24.17 18.71
CA ARG B 199 2.84 -23.07 18.22
C ARG B 199 3.78 -22.55 19.29
N GLY B 200 3.31 -22.46 20.54
CA GLY B 200 4.15 -21.96 21.61
C GLY B 200 5.27 -22.90 21.98
N LEU B 201 4.98 -24.20 22.09
CA LEU B 201 6.02 -25.17 22.44
C LEU B 201 7.07 -25.28 21.34
N VAL B 202 6.63 -25.32 20.08
CA VAL B 202 7.55 -25.38 18.95
C VAL B 202 8.40 -24.11 18.89
N LYS B 203 7.78 -22.95 19.19
CA LYS B 203 8.49 -21.68 19.16
C LYS B 203 9.59 -21.61 20.23
N VAL B 204 9.28 -21.99 21.47
CA VAL B 204 10.28 -21.88 22.53
C VAL B 204 11.40 -22.89 22.33
N ALA B 205 11.06 -24.11 21.90
CA ALA B 205 12.10 -25.12 21.72
C ALA B 205 12.94 -24.83 20.48
N GLN B 206 12.39 -24.05 19.54
CA GLN B 206 13.19 -23.67 18.39
C GLN B 206 14.13 -22.52 18.73
N THR B 207 13.62 -21.47 19.38
CA THR B 207 14.44 -20.28 19.56
C THR B 207 15.45 -20.47 20.68
N THR B 208 15.24 -21.45 21.56
CA THR B 208 16.18 -21.67 22.64
C THR B 208 17.23 -22.71 22.30
N GLY B 209 16.89 -23.73 21.52
CA GLY B 209 17.79 -24.86 21.38
C GLY B 209 17.73 -25.76 22.58
N ALA B 210 16.55 -26.30 22.88
CA ALA B 210 16.28 -26.99 24.12
C ALA B 210 15.95 -28.44 23.84
N TRP B 211 16.30 -29.32 24.77
CA TRP B 211 15.91 -30.72 24.67
C TRP B 211 14.47 -30.88 25.17
N ILE B 212 13.72 -31.76 24.52
CA ILE B 212 12.38 -32.11 24.96
C ILE B 212 12.39 -33.59 25.32
N ILE B 213 12.18 -33.89 26.60
CA ILE B 213 12.23 -35.25 27.10
C ILE B 213 10.82 -35.66 27.50
N THR B 214 10.40 -36.84 27.06
CA THR B 214 9.04 -37.31 27.29
C THR B 214 9.02 -38.82 27.27
N GLY B 215 7.83 -39.38 27.48
CA GLY B 215 7.66 -40.81 27.28
C GLY B 215 7.66 -41.15 25.80
N GLY B 216 8.25 -42.28 25.46
CA GLY B 216 8.30 -42.68 24.07
C GLY B 216 7.18 -43.61 23.66
N SER B 217 5.94 -43.16 23.79
CA SER B 217 4.78 -43.97 23.47
C SER B 217 3.90 -43.23 22.48
N HIS B 218 3.00 -43.97 21.81
CA HIS B 218 2.18 -43.37 20.77
C HIS B 218 0.91 -42.76 21.34
N THR B 219 0.59 -43.05 22.59
CA THR B 219 -0.69 -42.60 23.13
C THR B 219 -0.52 -41.31 23.94
N GLY B 220 -1.63 -40.59 24.07
CA GLY B 220 -1.71 -39.53 25.07
C GLY B 220 -1.02 -38.25 24.65
N VAL B 221 -0.40 -37.59 25.63
CA VAL B 221 0.20 -36.27 25.45
C VAL B 221 1.42 -36.36 24.54
N MET B 222 2.12 -37.50 24.60
CA MET B 222 3.28 -37.75 23.75
C MET B 222 2.90 -37.72 22.27
N LYS B 223 1.68 -38.15 21.94
CA LYS B 223 1.19 -38.02 20.57
C LYS B 223 1.03 -36.55 20.17
N GLN B 224 0.55 -35.71 21.09
CA GLN B 224 0.35 -34.30 20.75
C GLN B 224 1.68 -33.57 20.58
N VAL B 225 2.66 -33.91 21.41
CA VAL B 225 4.01 -33.35 21.24
C VAL B 225 4.62 -33.83 19.92
N GLY B 226 4.35 -35.09 19.55
CA GLY B 226 4.78 -35.58 18.26
C GLY B 226 4.13 -34.87 17.09
N GLU B 227 2.85 -34.51 17.23
CA GLU B 227 2.19 -33.79 16.15
C GLU B 227 2.68 -32.36 16.05
N ALA B 228 3.07 -31.75 17.17
CA ALA B 228 3.67 -30.42 17.12
C ALA B 228 5.03 -30.45 16.41
N VAL B 229 5.84 -31.46 16.74
CA VAL B 229 7.13 -31.63 16.06
C VAL B 229 6.92 -31.93 14.57
N ARG B 230 5.87 -32.69 14.25
CA ARG B 230 5.56 -32.98 12.86
C ARG B 230 5.08 -31.74 12.12
N ASP B 231 4.40 -30.83 12.83
CA ASP B 231 4.02 -29.55 12.23
C ASP B 231 5.24 -28.69 11.92
N PHE B 232 6.22 -28.69 12.83
CA PHE B 232 7.44 -27.93 12.55
C PHE B 232 8.24 -28.54 11.42
N SER B 233 8.24 -29.88 11.31
CA SER B 233 8.94 -30.51 10.20
C SER B 233 8.16 -30.34 8.90
N LEU B 234 6.85 -30.09 9.00
CA LEU B 234 6.10 -29.67 7.83
C LEU B 234 6.46 -28.26 7.42
N SER B 235 6.73 -27.38 8.39
CA SER B 235 7.20 -26.03 8.06
C SER B 235 8.63 -26.06 7.54
N SER B 236 9.57 -26.49 8.39
CA SER B 236 10.93 -26.91 8.00
C SER B 236 11.72 -25.72 7.47
N SER B 237 11.44 -24.48 7.92
CA SER B 237 12.13 -23.27 7.44
C SER B 237 13.65 -23.35 7.58
N TYR B 238 14.15 -23.56 8.78
CA TYR B 238 15.59 -23.65 9.00
C TYR B 238 15.90 -24.41 10.29
N LYS B 239 17.08 -25.06 10.31
CA LYS B 239 17.59 -25.81 11.47
C LYS B 239 16.62 -26.90 11.92
N GLU B 240 16.48 -27.94 11.11
CA GLU B 240 15.64 -29.07 11.49
C GLU B 240 16.26 -29.87 12.63
N GLY B 241 17.58 -29.79 12.76
CA GLY B 241 18.25 -30.48 13.86
C GLY B 241 18.14 -29.74 15.18
N GLU B 242 17.50 -28.56 15.17
CA GLU B 242 17.28 -27.83 16.42
C GLU B 242 16.27 -28.54 17.31
N LEU B 243 15.16 -29.00 16.73
CA LEU B 243 14.14 -29.72 17.50
C LEU B 243 14.53 -31.19 17.62
N ILE B 244 15.28 -31.49 18.66
CA ILE B 244 15.49 -32.88 19.01
C ILE B 244 14.62 -33.23 20.20
N THR B 245 14.02 -34.41 20.15
CA THR B 245 13.15 -34.92 21.19
C THR B 245 13.56 -36.35 21.50
N ILE B 246 13.79 -36.63 22.77
CA ILE B 246 14.14 -37.97 23.22
C ILE B 246 12.92 -38.57 23.89
N GLY B 247 12.81 -39.88 23.83
CA GLY B 247 11.72 -40.57 24.49
C GLY B 247 12.23 -41.74 25.31
N VAL B 248 11.81 -41.83 26.57
CA VAL B 248 12.32 -42.84 27.48
C VAL B 248 11.18 -43.80 27.79
N ALA B 249 11.33 -45.06 27.41
CA ALA B 249 10.25 -46.04 27.51
C ALA B 249 10.77 -47.37 28.01
N THR B 250 9.85 -48.19 28.50
CA THR B 250 10.20 -49.52 29.01
C THR B 250 10.46 -50.48 27.86
N TRP B 251 11.45 -51.36 28.04
CA TRP B 251 11.80 -52.31 26.98
C TRP B 251 10.75 -53.39 26.84
N GLY B 252 10.01 -53.67 27.92
CA GLY B 252 9.03 -54.75 27.87
C GLY B 252 7.81 -54.41 27.03
N THR B 253 7.32 -53.19 27.14
CA THR B 253 6.05 -52.83 26.52
C THR B 253 6.29 -52.18 25.15
N VAL B 254 6.92 -52.95 24.28
CA VAL B 254 7.13 -52.58 22.89
C VAL B 254 6.64 -53.73 22.03
N HIS B 255 5.78 -53.41 21.06
CA HIS B 255 4.98 -54.43 20.38
C HIS B 255 5.82 -55.33 19.48
N ARG B 256 6.70 -54.74 18.69
CA ARG B 256 7.45 -55.48 17.68
C ARG B 256 8.93 -55.41 18.03
N ARG B 257 9.23 -55.66 19.31
CA ARG B 257 10.60 -55.50 19.79
C ARG B 257 11.50 -56.65 19.37
N GLU B 258 10.90 -57.75 18.87
CA GLU B 258 11.70 -58.91 18.47
C GLU B 258 12.50 -58.62 17.22
N GLY B 259 12.00 -57.73 16.36
CA GLY B 259 12.75 -57.37 15.17
C GLY B 259 13.94 -56.48 15.47
N LEU B 260 13.92 -55.83 16.63
CA LEU B 260 15.00 -54.90 16.97
C LEU B 260 16.23 -55.62 17.47
N ILE B 261 16.05 -56.79 18.09
CA ILE B 261 17.15 -57.50 18.73
C ILE B 261 18.07 -58.10 17.68
N HIS B 262 19.26 -57.53 17.53
CA HIS B 262 20.29 -58.07 16.67
C HIS B 262 21.65 -57.59 17.20
N PRO B 263 22.48 -58.50 17.72
CA PRO B 263 23.75 -58.07 18.32
C PRO B 263 24.74 -57.55 17.30
N THR B 264 25.77 -56.88 17.82
CA THR B 264 26.85 -56.23 17.07
C THR B 264 26.36 -55.16 16.09
N GLY B 265 25.16 -54.63 16.29
CA GLY B 265 24.72 -53.50 15.50
C GLY B 265 23.62 -53.79 14.51
N SER B 266 22.43 -53.24 14.75
CA SER B 266 21.32 -53.42 13.83
C SER B 266 21.08 -52.16 13.00
N PHE B 267 22.17 -51.56 12.46
CA PHE B 267 22.30 -50.19 11.95
C PHE B 267 21.14 -49.72 11.07
N PRO B 268 20.72 -50.38 9.96
CA PRO B 268 19.34 -50.13 9.52
C PRO B 268 18.38 -51.11 10.15
N ALA B 269 17.45 -50.64 10.97
CA ALA B 269 16.46 -51.51 11.58
C ALA B 269 15.08 -51.05 11.16
N GLU B 270 14.41 -51.84 10.33
CA GLU B 270 13.06 -51.52 9.92
C GLU B 270 12.08 -51.89 11.03
N TYR B 271 11.27 -50.92 11.44
CA TYR B 271 10.28 -51.11 12.47
C TYR B 271 8.90 -50.81 11.90
N ILE B 272 8.05 -51.83 11.86
CA ILE B 272 6.66 -51.69 11.45
C ILE B 272 5.86 -51.37 12.70
N LEU B 273 4.73 -50.71 12.52
CA LEU B 273 3.81 -50.45 13.62
C LEU B 273 2.39 -50.69 13.14
N ASP B 274 1.53 -51.13 14.05
CA ASP B 274 0.11 -51.29 13.78
C ASP B 274 -0.66 -50.85 15.01
N GLU B 275 -1.31 -49.69 14.91
CA GLU B 275 -2.14 -49.22 16.00
C GLU B 275 -3.39 -50.09 16.10
N ASP B 276 -3.81 -50.32 17.37
CA ASP B 276 -4.97 -51.10 17.79
C ASP B 276 -4.85 -52.60 17.51
N GLY B 277 -3.77 -53.04 16.86
CA GLY B 277 -3.46 -54.44 16.76
C GLY B 277 -2.43 -54.87 17.78
N GLN B 278 -2.70 -54.63 19.07
CA GLN B 278 -1.75 -54.94 20.11
C GLN B 278 -2.50 -55.21 21.40
N GLY B 279 -1.80 -55.81 22.36
CA GLY B 279 -2.35 -56.11 23.66
C GLY B 279 -2.30 -54.92 24.59
N ASN B 280 -1.96 -55.19 25.85
CA ASN B 280 -1.78 -54.11 26.80
C ASN B 280 -0.50 -53.33 26.51
N LEU B 281 0.50 -54.00 25.93
CA LEU B 281 1.73 -53.32 25.52
C LEU B 281 1.46 -52.47 24.29
N THR B 282 2.20 -51.38 24.16
CA THR B 282 1.92 -50.34 23.18
C THR B 282 3.10 -50.14 22.24
N CYS B 283 2.89 -49.34 21.19
CA CYS B 283 3.91 -49.07 20.21
C CYS B 283 4.63 -47.75 20.50
N LEU B 284 5.78 -47.58 19.87
CA LEU B 284 6.52 -46.33 19.98
C LEU B 284 5.85 -45.25 19.15
N ASP B 285 6.12 -44.00 19.49
CA ASP B 285 5.70 -42.89 18.63
C ASP B 285 6.65 -42.78 17.46
N SER B 286 6.20 -42.09 16.40
CA SER B 286 7.00 -42.01 15.18
C SER B 286 7.75 -40.69 15.09
N ASN B 287 7.23 -39.64 15.70
CA ASN B 287 7.79 -38.31 15.48
C ASN B 287 8.97 -38.01 16.41
N HIS B 288 9.20 -38.88 17.40
CA HIS B 288 10.34 -38.69 18.30
C HIS B 288 11.63 -38.93 17.55
N SER B 289 12.72 -38.33 18.03
CA SER B 289 13.97 -38.37 17.27
C SER B 289 14.98 -39.31 17.90
N HIS B 290 15.03 -39.39 19.23
CA HIS B 290 15.91 -40.34 19.89
C HIS B 290 15.11 -41.18 20.86
N PHE B 291 15.56 -42.41 21.11
CA PHE B 291 14.86 -43.33 21.99
C PHE B 291 15.83 -43.94 22.99
N ILE B 292 15.43 -43.97 24.25
CA ILE B 292 16.13 -44.68 25.30
C ILE B 292 15.16 -45.66 25.92
N LEU B 293 15.47 -46.95 25.82
CA LEU B 293 14.59 -48.01 26.30
C LEU B 293 15.22 -48.65 27.51
N VAL B 294 14.68 -48.36 28.68
CA VAL B 294 15.16 -48.92 29.94
C VAL B 294 14.59 -50.31 30.09
N ASP B 295 15.34 -51.19 30.72
CA ASP B 295 14.98 -52.60 30.83
C ASP B 295 15.19 -53.07 32.26
N ASP B 296 14.15 -53.67 32.82
CA ASP B 296 14.25 -54.41 34.07
C ASP B 296 14.38 -55.92 33.83
N GLY B 297 13.99 -56.39 32.65
CA GLY B 297 13.86 -57.81 32.40
C GLY B 297 12.48 -58.37 32.64
N THR B 298 11.47 -57.51 32.79
CA THR B 298 10.12 -57.91 33.13
C THR B 298 9.20 -57.46 32.00
N HIS B 299 8.43 -58.40 31.44
CA HIS B 299 7.61 -58.09 30.28
C HIS B 299 6.33 -57.36 30.67
N GLY B 300 5.60 -57.89 31.64
CA GLY B 300 4.32 -57.31 32.02
C GLY B 300 4.39 -56.30 33.13
N GLN B 301 4.90 -55.09 32.86
CA GLN B 301 5.02 -54.07 33.88
C GLN B 301 5.00 -52.68 33.25
N TYR B 302 4.53 -51.70 34.00
CA TYR B 302 4.53 -50.30 33.59
C TYR B 302 5.31 -49.47 34.59
N GLY B 303 6.03 -48.47 34.12
CA GLY B 303 6.63 -47.50 35.00
C GLY B 303 8.04 -47.77 35.45
N VAL B 304 8.83 -48.51 34.67
CA VAL B 304 10.22 -48.73 35.04
C VAL B 304 11.07 -47.51 34.70
N GLU B 305 10.58 -46.67 33.77
CA GLU B 305 11.33 -45.50 33.34
C GLU B 305 11.23 -44.33 34.31
N ILE B 306 10.30 -44.40 35.26
CA ILE B 306 10.08 -43.27 36.17
C ILE B 306 11.23 -43.06 37.14
N PRO B 307 11.82 -44.09 37.81
CA PRO B 307 13.01 -43.78 38.62
C PRO B 307 14.24 -43.38 37.83
N LEU B 308 14.30 -43.66 36.54
CA LEU B 308 15.48 -43.26 35.78
C LEU B 308 15.34 -41.84 35.23
N ARG B 309 14.11 -41.42 34.90
CA ARG B 309 13.92 -40.10 34.29
C ARG B 309 14.27 -38.98 35.25
N THR B 310 13.89 -39.11 36.52
CA THR B 310 14.19 -38.07 37.50
C THR B 310 15.68 -38.00 37.78
N ARG B 311 16.35 -39.16 37.82
CA ARG B 311 17.80 -39.17 38.05
C ARG B 311 18.54 -38.56 36.87
N LEU B 312 18.11 -38.84 35.65
CA LEU B 312 18.77 -38.29 34.47
C LEU B 312 18.56 -36.78 34.38
N GLU B 313 17.34 -36.32 34.63
CA GLU B 313 17.06 -34.89 34.60
C GLU B 313 17.80 -34.15 35.70
N LYS B 314 17.88 -34.73 36.90
CA LYS B 314 18.58 -34.06 37.97
C LYS B 314 20.08 -34.10 37.78
N PHE B 315 20.62 -35.10 37.09
CA PHE B 315 22.05 -35.06 36.78
C PHE B 315 22.35 -34.05 35.70
N ILE B 316 21.49 -33.90 34.70
CA ILE B 316 21.67 -32.87 33.69
C ILE B 316 21.58 -31.49 34.31
N SER B 317 20.72 -31.29 35.30
CA SER B 317 20.50 -29.95 35.84
C SER B 317 21.60 -29.45 36.78
N GLU B 318 22.75 -30.13 36.89
CA GLU B 318 23.88 -29.46 37.53
C GLU B 318 24.98 -29.11 36.54
N GLN B 319 24.94 -29.65 35.32
CA GLN B 319 26.00 -29.41 34.36
C GLN B 319 26.03 -27.95 33.92
N THR B 320 27.22 -27.47 33.60
CA THR B 320 27.44 -26.06 33.28
C THR B 320 27.86 -25.91 31.83
N LYS B 321 27.04 -25.22 31.05
CA LYS B 321 27.38 -24.85 29.68
C LYS B 321 27.96 -23.44 29.72
N GLU B 322 29.21 -23.30 29.29
CA GLU B 322 29.92 -22.03 29.35
C GLU B 322 30.30 -21.60 27.93
N ARG B 323 29.79 -20.44 27.52
CA ARG B 323 30.14 -19.84 26.23
C ARG B 323 30.61 -18.43 26.48
N GLY B 324 31.75 -18.08 25.89
CA GLY B 324 32.30 -16.76 26.10
C GLY B 324 32.86 -16.62 27.50
N GLY B 325 32.54 -15.48 28.11
CA GLY B 325 32.98 -15.24 29.47
C GLY B 325 32.04 -15.82 30.51
N VAL B 326 30.74 -15.80 30.23
CA VAL B 326 29.76 -16.18 31.23
C VAL B 326 29.59 -17.68 31.27
N ALA B 327 29.09 -18.18 32.40
CA ALA B 327 28.77 -19.59 32.58
C ALA B 327 27.49 -19.71 33.38
N ILE B 328 26.61 -20.63 32.97
CA ILE B 328 25.33 -20.84 33.61
C ILE B 328 25.20 -22.32 33.95
N LYS B 329 24.23 -22.63 34.80
CA LYS B 329 23.78 -24.00 35.00
C LYS B 329 22.48 -24.18 34.23
N ILE B 330 22.24 -25.39 33.73
CA ILE B 330 21.11 -25.57 32.81
C ILE B 330 19.82 -25.59 33.60
N PRO B 331 18.85 -24.74 33.27
CA PRO B 331 17.58 -24.75 33.99
C PRO B 331 16.62 -25.79 33.45
N ILE B 332 15.74 -26.29 34.32
CA ILE B 332 14.80 -27.35 33.97
C ILE B 332 13.40 -26.87 34.35
N VAL B 333 12.45 -27.06 33.43
CA VAL B 333 11.05 -26.73 33.66
C VAL B 333 10.21 -27.88 33.14
N CYS B 334 9.06 -28.10 33.76
CA CYS B 334 8.12 -29.10 33.30
C CYS B 334 6.77 -28.46 33.02
N VAL B 335 6.22 -28.76 31.86
CA VAL B 335 4.87 -28.35 31.48
C VAL B 335 3.99 -29.60 31.51
N VAL B 336 2.83 -29.48 32.15
CA VAL B 336 1.99 -30.64 32.41
C VAL B 336 0.63 -30.42 31.74
N LEU B 337 0.02 -31.53 31.31
CA LEU B 337 -1.30 -31.57 30.72
C LEU B 337 -2.15 -32.51 31.55
N GLU B 338 -3.28 -32.95 30.97
CA GLU B 338 -4.48 -33.56 31.57
C GLU B 338 -4.13 -34.52 32.71
N GLY B 339 -3.40 -35.59 32.48
CA GLY B 339 -2.67 -36.22 33.55
C GLY B 339 -3.46 -37.35 34.20
N GLY B 340 -2.99 -37.74 35.38
CA GLY B 340 -3.58 -38.78 36.19
C GLY B 340 -3.03 -38.70 37.60
N PRO B 341 -3.10 -39.80 38.34
CA PRO B 341 -2.48 -39.81 39.68
C PRO B 341 -0.97 -39.74 39.64
N GLY B 342 -0.35 -40.45 38.69
CA GLY B 342 1.10 -40.40 38.57
C GLY B 342 1.60 -39.03 38.13
N THR B 343 0.78 -38.31 37.35
CA THR B 343 1.14 -36.94 36.97
C THR B 343 1.11 -36.01 38.18
N LEU B 344 0.14 -36.20 39.07
CA LEU B 344 0.09 -35.40 40.28
C LEU B 344 1.25 -35.73 41.22
N HIS B 345 1.63 -37.01 41.28
CA HIS B 345 2.79 -37.38 42.07
C HIS B 345 4.07 -36.81 41.48
N THR B 346 4.14 -36.74 40.14
CA THR B 346 5.30 -36.16 39.48
C THR B 346 5.38 -34.66 39.72
N ILE B 347 4.23 -33.97 39.71
CA ILE B 347 4.19 -32.54 40.02
C ILE B 347 4.66 -32.27 41.44
N ASP B 348 4.21 -33.10 42.39
CA ASP B 348 4.62 -32.93 43.78
C ASP B 348 6.12 -33.20 43.94
N ASN B 349 6.63 -34.24 43.28
CA ASN B 349 8.05 -34.57 43.37
C ASN B 349 8.91 -33.50 42.72
N ALA B 350 8.38 -32.82 41.70
CA ALA B 350 9.12 -31.74 41.08
C ALA B 350 9.12 -30.49 41.97
N THR B 351 7.98 -30.16 42.57
CA THR B 351 7.92 -28.95 43.39
C THR B 351 8.66 -29.11 44.71
N THR B 352 8.88 -30.35 45.16
CA THR B 352 9.71 -30.54 46.34
C THR B 352 11.17 -30.19 46.05
N ASN B 353 11.64 -30.46 44.84
CA ASN B 353 13.05 -30.23 44.53
C ASN B 353 13.32 -28.77 44.20
N GLY B 354 12.33 -28.05 43.67
CA GLY B 354 12.50 -26.67 43.27
C GLY B 354 12.31 -26.43 41.79
N THR B 355 11.95 -27.44 41.03
CA THR B 355 11.71 -27.25 39.61
C THR B 355 10.39 -26.51 39.40
N PRO B 356 10.36 -25.46 38.59
CA PRO B 356 9.08 -24.79 38.31
C PRO B 356 8.19 -25.65 37.43
N CYS B 357 6.89 -25.43 37.55
CA CYS B 357 5.88 -26.18 36.82
C CYS B 357 4.92 -25.23 36.14
N VAL B 358 4.49 -25.59 34.93
CA VAL B 358 3.47 -24.84 34.21
C VAL B 358 2.33 -25.78 33.90
N VAL B 359 1.13 -25.45 34.40
CA VAL B 359 -0.05 -26.29 34.22
C VAL B 359 -1.05 -25.56 33.33
N VAL B 360 -1.47 -26.23 32.26
CA VAL B 360 -2.37 -25.61 31.31
C VAL B 360 -3.82 -25.82 31.73
N GLU B 361 -4.57 -24.73 31.81
CA GLU B 361 -5.96 -24.75 32.23
C GLU B 361 -6.83 -25.15 31.05
N GLY B 362 -7.80 -26.02 31.29
CA GLY B 362 -8.60 -26.54 30.20
C GLY B 362 -8.13 -27.90 29.75
N SER B 363 -9.09 -28.70 29.30
CA SER B 363 -8.94 -30.03 28.70
C SER B 363 -8.32 -31.05 29.65
N GLY B 364 -8.35 -30.83 30.96
CA GLY B 364 -7.66 -31.74 31.85
C GLY B 364 -8.44 -32.17 33.07
N ARG B 365 -8.16 -33.37 33.57
CA ARG B 365 -8.69 -33.74 34.88
C ARG B 365 -7.84 -33.12 36.00
N VAL B 366 -6.59 -33.55 36.11
CA VAL B 366 -5.74 -33.15 37.23
C VAL B 366 -5.28 -31.71 37.03
N ALA B 367 -5.09 -31.31 35.78
CA ALA B 367 -4.72 -29.93 35.45
C ALA B 367 -5.81 -28.95 35.86
N ASP B 368 -7.06 -29.25 35.54
CA ASP B 368 -8.12 -28.30 35.83
C ASP B 368 -8.60 -28.44 37.27
N VAL B 369 -8.17 -29.48 37.98
CA VAL B 369 -8.31 -29.44 39.44
C VAL B 369 -7.41 -28.36 40.03
N ILE B 370 -6.13 -28.37 39.65
CA ILE B 370 -5.16 -27.44 40.22
C ILE B 370 -5.43 -26.02 39.76
N ALA B 371 -5.90 -25.86 38.51
CA ALA B 371 -6.18 -24.53 37.97
C ALA B 371 -7.31 -23.84 38.72
N GLN B 372 -8.30 -24.60 39.17
CA GLN B 372 -9.35 -24.01 39.99
C GLN B 372 -8.90 -23.81 41.43
N VAL B 373 -8.16 -24.77 42.00
CA VAL B 373 -7.93 -24.74 43.44
C VAL B 373 -6.75 -23.83 43.77
N ALA B 374 -6.03 -23.36 42.75
CA ALA B 374 -4.78 -22.64 43.00
C ALA B 374 -5.02 -21.25 43.58
N ASN B 375 -6.13 -20.61 43.22
CA ASN B 375 -6.34 -19.23 43.61
C ASN B 375 -6.79 -19.11 45.06
N LEU B 376 -7.51 -20.12 45.56
CA LEU B 376 -7.96 -20.10 46.93
C LEU B 376 -6.78 -20.34 47.88
N PRO B 377 -6.82 -19.79 49.10
CA PRO B 377 -5.74 -20.04 50.05
C PRO B 377 -5.69 -21.48 50.53
N VAL B 378 -4.61 -21.80 51.26
CA VAL B 378 -4.29 -23.18 51.57
C VAL B 378 -5.22 -23.73 52.67
N SER B 379 -5.57 -22.91 53.66
CA SER B 379 -6.43 -23.39 54.73
C SER B 379 -7.88 -23.48 54.26
N ASP B 380 -8.23 -22.72 53.23
CA ASP B 380 -9.59 -22.76 52.70
C ASP B 380 -9.85 -24.04 51.92
N ILE B 381 -8.78 -24.70 51.47
CA ILE B 381 -8.93 -25.99 50.82
C ILE B 381 -9.32 -27.06 51.84
N THR B 382 -10.45 -27.71 51.62
CA THR B 382 -10.93 -28.73 52.54
C THR B 382 -11.22 -30.01 51.76
N ILE B 383 -11.40 -31.09 52.52
CA ILE B 383 -11.47 -32.43 51.93
C ILE B 383 -12.74 -32.61 51.12
N SER B 384 -13.85 -32.05 51.61
CA SER B 384 -15.13 -32.17 50.90
C SER B 384 -15.12 -31.40 49.60
N LEU B 385 -14.47 -30.23 49.61
CA LEU B 385 -14.36 -29.39 48.38
C LEU B 385 -13.54 -30.16 47.34
N ILE B 386 -12.43 -30.75 47.76
CA ILE B 386 -11.57 -31.53 46.87
C ILE B 386 -12.33 -32.72 46.29
N GLN B 387 -13.09 -33.42 47.13
CA GLN B 387 -13.85 -34.58 46.66
C GLN B 387 -14.98 -34.16 45.71
N GLN B 388 -15.59 -32.99 45.97
CA GLN B 388 -16.66 -32.51 45.11
C GLN B 388 -16.14 -32.10 43.75
N LYS B 389 -15.00 -31.40 43.71
CA LYS B 389 -14.43 -31.04 42.42
C LYS B 389 -13.84 -32.25 41.71
N LEU B 390 -13.43 -33.26 42.47
CA LEU B 390 -12.94 -34.50 41.89
C LEU B 390 -14.08 -35.25 41.20
N SER B 391 -15.27 -35.21 41.81
CA SER B 391 -16.40 -35.96 41.27
C SER B 391 -16.92 -35.35 39.99
N VAL B 392 -16.87 -34.02 39.86
CA VAL B 392 -17.42 -33.37 38.67
C VAL B 392 -16.46 -33.51 37.50
N PHE B 393 -15.16 -33.71 37.77
CA PHE B 393 -14.19 -33.76 36.69
C PHE B 393 -13.91 -35.20 36.27
N PHE B 394 -13.87 -36.13 37.22
CA PHE B 394 -13.57 -37.51 36.87
C PHE B 394 -14.81 -38.25 36.42
N GLN B 395 -15.80 -38.37 37.32
CA GLN B 395 -17.19 -38.77 37.05
C GLN B 395 -17.31 -40.26 36.72
N GLU B 396 -16.21 -40.97 36.43
CA GLU B 396 -16.26 -42.43 36.42
C GLU B 396 -15.26 -43.02 37.40
N MET B 397 -14.01 -42.57 37.31
CA MET B 397 -13.00 -42.97 38.28
C MET B 397 -13.35 -42.45 39.67
N PHE B 398 -14.01 -41.29 39.74
CA PHE B 398 -14.49 -40.76 41.01
C PHE B 398 -15.51 -41.67 41.66
N GLU B 399 -16.31 -42.36 40.85
CA GLU B 399 -17.16 -43.42 41.38
C GLU B 399 -16.32 -44.61 41.82
N THR B 400 -15.28 -44.95 41.05
CA THR B 400 -14.45 -46.09 41.44
C THR B 400 -13.44 -45.72 42.54
N PHE B 401 -13.23 -44.43 42.79
CA PHE B 401 -12.25 -44.04 43.81
C PHE B 401 -12.78 -44.30 45.21
N THR B 402 -11.87 -44.64 46.11
CA THR B 402 -12.18 -44.84 47.51
C THR B 402 -12.21 -43.50 48.25
N GLU B 403 -12.62 -43.58 49.53
CA GLU B 403 -12.59 -42.39 50.37
C GLU B 403 -11.28 -42.29 51.15
N SER B 404 -10.42 -43.31 51.03
CA SER B 404 -9.16 -43.28 51.77
C SER B 404 -8.04 -42.66 50.95
N ARG B 405 -8.24 -42.50 49.64
CA ARG B 405 -7.20 -41.90 48.81
C ARG B 405 -7.38 -40.38 48.71
N ILE B 406 -8.58 -39.88 49.01
CA ILE B 406 -8.86 -38.48 48.76
C ILE B 406 -8.20 -37.60 49.81
N VAL B 407 -7.93 -38.15 50.99
CA VAL B 407 -7.16 -37.42 52.00
C VAL B 407 -5.71 -37.26 51.55
N GLU B 408 -5.15 -38.31 50.92
CA GLU B 408 -3.82 -38.21 50.32
C GLU B 408 -3.78 -37.20 49.19
N TRP B 409 -4.84 -37.17 48.38
CA TRP B 409 -4.88 -36.24 47.27
C TRP B 409 -5.01 -34.79 47.74
N THR B 410 -5.84 -34.53 48.76
CA THR B 410 -5.97 -33.15 49.21
C THR B 410 -4.74 -32.70 49.99
N LYS B 411 -4.05 -33.63 50.67
CA LYS B 411 -2.79 -33.30 51.31
C LYS B 411 -1.73 -32.94 50.27
N LYS B 412 -1.65 -33.72 49.19
CA LYS B 412 -0.69 -33.44 48.13
C LYS B 412 -1.01 -32.14 47.42
N ILE B 413 -2.30 -31.85 47.20
CA ILE B 413 -2.69 -30.61 46.55
C ILE B 413 -2.39 -29.41 47.45
N GLN B 414 -2.56 -29.57 48.77
CA GLN B 414 -2.25 -28.48 49.69
C GLN B 414 -0.75 -28.21 49.74
N ASP B 415 0.06 -29.27 49.73
CA ASP B 415 1.52 -29.07 49.71
C ASP B 415 1.98 -28.48 48.39
N ILE B 416 1.26 -28.77 47.30
CA ILE B 416 1.66 -28.22 45.99
C ILE B 416 1.29 -26.74 45.90
N VAL B 417 0.08 -26.36 46.32
CA VAL B 417 -0.35 -24.97 46.19
C VAL B 417 0.30 -24.12 47.28
N ARG B 418 0.83 -24.75 48.33
CA ARG B 418 1.52 -24.00 49.39
C ARG B 418 2.79 -23.33 48.87
N ARG B 419 3.50 -23.97 47.94
CA ARG B 419 4.57 -23.30 47.21
C ARG B 419 3.95 -22.46 46.11
N ARG B 420 3.71 -21.19 46.44
CA ARG B 420 2.98 -20.31 45.52
C ARG B 420 3.84 -19.86 44.36
N GLN B 421 5.16 -19.83 44.55
CA GLN B 421 6.04 -19.27 43.53
C GLN B 421 6.30 -20.27 42.39
N LEU B 422 6.56 -21.53 42.73
CA LEU B 422 7.10 -22.46 41.75
C LEU B 422 6.05 -22.93 40.76
N LEU B 423 4.77 -22.81 41.11
CA LEU B 423 3.69 -23.24 40.24
C LEU B 423 3.16 -22.05 39.46
N THR B 424 2.89 -22.26 38.17
CA THR B 424 2.21 -21.27 37.35
C THR B 424 1.13 -21.95 36.53
N VAL B 425 -0.07 -21.37 36.57
CA VAL B 425 -1.28 -21.82 35.81
C VAL B 425 -1.38 -21.01 34.51
N PHE B 426 -1.77 -21.66 33.40
CA PHE B 426 -1.84 -21.04 32.05
C PHE B 426 -2.88 -19.90 31.92
N ARG B 427 -4.09 -20.07 32.45
CA ARG B 427 -5.13 -19.01 32.33
C ARG B 427 -5.33 -18.62 30.86
N GLU B 428 -5.51 -19.63 29.99
CA GLU B 428 -5.62 -19.49 28.55
C GLU B 428 -6.71 -18.49 28.17
N GLY B 429 -6.33 -17.47 27.39
CA GLY B 429 -7.27 -16.51 26.90
C GLY B 429 -7.58 -15.34 27.80
N LYS B 430 -7.74 -15.60 29.11
CA LYS B 430 -8.33 -14.61 30.01
C LYS B 430 -7.36 -13.47 30.31
N ASP B 431 -6.26 -13.75 31.01
CA ASP B 431 -5.37 -12.69 31.44
C ASP B 431 -3.95 -13.22 31.45
N GLY B 432 -3.03 -12.36 30.98
CA GLY B 432 -1.64 -12.77 30.84
C GLY B 432 -1.39 -13.78 29.74
N GLN B 433 -2.41 -14.05 28.92
CA GLN B 433 -2.23 -15.11 27.88
C GLN B 433 -1.61 -14.53 26.60
N GLN B 434 -0.43 -13.94 26.69
CA GLN B 434 0.24 -13.41 25.46
C GLN B 434 0.65 -14.58 24.56
N ASP B 435 1.28 -15.61 25.14
CA ASP B 435 1.74 -16.82 24.41
C ASP B 435 2.21 -17.88 25.41
N VAL B 436 2.43 -19.12 24.94
CA VAL B 436 2.95 -20.17 25.81
C VAL B 436 4.43 -19.95 26.10
N ASP B 437 5.18 -19.45 25.11
CA ASP B 437 6.63 -19.33 25.26
C ASP B 437 7.00 -18.25 26.27
N VAL B 438 6.33 -17.09 26.21
CA VAL B 438 6.61 -16.04 27.16
C VAL B 438 6.12 -16.43 28.56
N ALA B 439 5.09 -17.28 28.63
CA ALA B 439 4.62 -17.75 29.93
C ALA B 439 5.63 -18.70 30.57
N ILE B 440 6.19 -19.61 29.76
CA ILE B 440 7.21 -20.54 30.25
C ILE B 440 8.46 -19.78 30.67
N LEU B 441 8.86 -18.79 29.87
CA LEU B 441 10.05 -18.01 30.19
C LEU B 441 9.84 -17.17 31.44
N GLN B 442 8.66 -16.57 31.58
CA GLN B 442 8.36 -15.77 32.76
C GLN B 442 8.29 -16.63 34.01
N ALA B 443 7.76 -17.85 33.89
CA ALA B 443 7.71 -18.76 35.03
C ALA B 443 9.11 -19.18 35.45
N LEU B 444 9.97 -19.48 34.48
CA LEU B 444 11.34 -19.88 34.80
C LEU B 444 12.13 -18.73 35.43
N LEU B 445 11.91 -17.52 34.94
CA LEU B 445 12.64 -16.38 35.50
C LEU B 445 12.11 -16.00 36.87
N LYS B 446 10.81 -16.17 37.11
CA LYS B 446 10.27 -15.94 38.44
C LYS B 446 10.78 -16.99 39.43
N ALA B 447 10.92 -18.23 38.96
CA ALA B 447 11.43 -19.29 39.83
C ALA B 447 12.91 -19.06 40.16
N SER B 448 13.68 -18.52 39.21
CA SER B 448 15.07 -18.19 39.53
C SER B 448 15.15 -16.94 40.39
N ARG B 449 14.14 -16.07 40.30
CA ARG B 449 14.11 -14.89 41.15
C ARG B 449 13.79 -15.25 42.60
N SER B 450 12.98 -16.28 42.80
CA SER B 450 12.54 -16.62 44.15
C SER B 450 13.61 -17.32 44.96
N GLN B 451 14.73 -17.68 44.32
CA GLN B 451 15.81 -18.37 45.01
C GLN B 451 16.48 -17.49 46.04
N ASP B 452 16.95 -18.11 47.12
CA ASP B 452 17.68 -17.37 48.14
C ASP B 452 19.07 -16.99 47.62
N HIS B 453 19.51 -15.78 47.97
CA HIS B 453 20.74 -15.23 47.42
C HIS B 453 21.36 -14.27 48.42
N PHE B 454 22.68 -14.26 48.46
CA PHE B 454 23.43 -13.30 49.27
C PHE B 454 24.02 -12.26 48.32
N GLY B 455 23.61 -11.01 48.51
CA GLY B 455 24.00 -9.97 47.56
C GLY B 455 23.09 -9.96 46.34
N HIS B 456 23.51 -9.20 45.34
CA HIS B 456 22.73 -8.98 44.14
C HIS B 456 23.16 -9.88 42.98
N GLU B 457 23.55 -11.12 43.29
CA GLU B 457 24.00 -12.03 42.24
C GLU B 457 22.83 -12.53 41.40
N ASN B 458 21.61 -12.44 41.93
CA ASN B 458 20.44 -13.01 41.25
C ASN B 458 20.08 -12.18 40.02
N TRP B 459 20.13 -10.85 40.13
CA TRP B 459 19.81 -10.01 38.99
C TRP B 459 20.90 -10.05 37.92
N ASP B 460 22.11 -10.44 38.32
CA ASP B 460 23.13 -10.74 37.32
C ASP B 460 22.87 -12.07 36.66
N HIS B 461 22.42 -13.06 37.44
CA HIS B 461 22.24 -14.40 36.93
C HIS B 461 21.08 -14.47 35.94
N GLN B 462 20.03 -13.69 36.19
CA GLN B 462 18.93 -13.62 35.23
C GLN B 462 19.38 -13.01 33.91
N LEU B 463 20.32 -12.06 33.97
CA LEU B 463 20.81 -11.46 32.75
C LEU B 463 21.69 -12.43 31.97
N LYS B 464 22.53 -13.20 32.67
CA LYS B 464 23.34 -14.22 32.00
C LYS B 464 22.47 -15.30 31.39
N LEU B 465 21.37 -15.64 32.05
CA LEU B 465 20.42 -16.59 31.46
C LEU B 465 19.75 -16.02 30.22
N ALA B 466 19.35 -14.74 30.27
CA ALA B 466 18.61 -14.17 29.15
C ALA B 466 19.52 -13.87 27.98
N VAL B 467 20.82 -13.76 28.22
CA VAL B 467 21.75 -13.59 27.11
C VAL B 467 22.20 -14.94 26.58
N ALA B 468 22.12 -15.98 27.42
CA ALA B 468 22.41 -17.34 26.95
C ALA B 468 21.35 -17.80 25.95
N TRP B 469 20.09 -17.58 26.24
CA TRP B 469 19.03 -17.66 25.25
C TRP B 469 19.20 -16.49 24.31
N ASN B 470 18.81 -16.66 23.04
CA ASN B 470 19.10 -15.62 22.08
C ASN B 470 18.13 -14.45 22.19
N ARG B 471 16.97 -14.68 22.79
CA ARG B 471 15.89 -13.69 22.72
C ARG B 471 16.13 -12.52 23.65
N VAL B 472 15.82 -11.32 23.15
CA VAL B 472 16.15 -10.07 23.82
C VAL B 472 14.93 -9.39 24.43
N ASP B 473 13.72 -9.75 24.00
CA ASP B 473 12.52 -9.08 24.48
C ASP B 473 12.24 -9.41 25.93
N ILE B 474 12.69 -10.58 26.38
CA ILE B 474 12.48 -10.98 27.77
C ILE B 474 13.33 -10.14 28.70
N ALA B 475 14.60 -9.91 28.33
CA ALA B 475 15.48 -9.09 29.16
C ALA B 475 15.07 -7.63 29.13
N ARG B 476 14.48 -7.18 28.01
CA ARG B 476 13.98 -5.82 27.93
C ARG B 476 12.72 -5.67 28.77
N SER B 477 11.88 -6.69 28.81
CA SER B 477 10.54 -6.54 29.38
C SER B 477 10.57 -6.50 30.90
N GLU B 478 11.44 -7.29 31.53
CA GLU B 478 11.37 -7.40 32.98
C GLU B 478 12.70 -7.21 33.69
N ILE B 479 13.82 -7.54 33.05
CA ILE B 479 15.10 -7.44 33.76
C ILE B 479 15.54 -5.98 33.84
N PHE B 480 15.26 -5.20 32.79
CA PHE B 480 15.68 -3.82 32.74
C PHE B 480 14.53 -2.85 33.00
N MET B 481 13.38 -3.34 33.44
CA MET B 481 12.19 -2.49 33.54
C MET B 481 12.22 -1.64 34.81
N ASP B 482 12.61 -2.27 35.91
CA ASP B 482 12.53 -1.63 37.23
C ASP B 482 13.32 -2.36 38.31
N GLU B 483 13.72 -1.60 39.33
CA GLU B 483 14.09 -2.12 40.66
C GLU B 483 15.35 -2.99 40.64
N TRP B 484 16.43 -2.46 40.08
CA TRP B 484 17.74 -3.04 40.28
C TRP B 484 18.75 -2.00 40.73
N GLN B 485 18.73 -0.81 40.11
CA GLN B 485 19.63 0.31 40.40
C GLN B 485 21.11 -0.10 40.30
N TRP B 486 21.50 -0.49 39.08
CA TRP B 486 22.81 -1.09 38.83
C TRP B 486 23.78 -0.05 38.31
N LYS B 487 25.05 -0.19 38.67
CA LYS B 487 26.08 0.59 38.02
C LYS B 487 26.45 -0.06 36.69
N PRO B 488 26.84 0.74 35.69
CA PRO B 488 27.11 0.17 34.36
C PRO B 488 28.34 -0.70 34.29
N SER B 489 29.30 -0.52 35.20
CA SER B 489 30.51 -1.32 35.26
C SER B 489 30.19 -2.80 35.50
N ASP B 490 29.17 -3.05 36.32
CA ASP B 490 28.74 -4.43 36.58
C ASP B 490 28.05 -5.03 35.36
N LEU B 491 27.71 -4.22 34.37
CA LEU B 491 27.15 -4.72 33.12
C LEU B 491 28.26 -5.18 32.18
N HIS B 492 29.52 -4.99 32.57
CA HIS B 492 30.66 -5.25 31.70
C HIS B 492 30.88 -6.70 31.24
N PRO B 493 30.91 -7.73 32.11
CA PRO B 493 31.39 -9.04 31.63
C PRO B 493 30.41 -9.77 30.71
N THR B 494 29.11 -9.51 30.81
CA THR B 494 28.17 -10.16 29.90
C THR B 494 28.28 -9.54 28.51
N MET B 495 28.57 -8.24 28.47
CA MET B 495 28.70 -7.51 27.21
C MET B 495 29.76 -8.12 26.31
N THR B 496 30.91 -8.49 26.90
CA THR B 496 31.96 -9.23 26.21
C THR B 496 31.41 -10.47 25.53
N ALA B 497 30.59 -11.24 26.25
CA ALA B 497 29.96 -12.43 25.67
C ALA B 497 29.02 -12.04 24.55
N ALA B 498 28.25 -10.96 24.74
CA ALA B 498 27.37 -10.48 23.68
C ALA B 498 28.17 -9.91 22.52
N LEU B 499 29.42 -9.53 22.78
CA LEU B 499 30.27 -9.08 21.69
C LEU B 499 30.85 -10.26 20.93
N ILE B 500 31.06 -11.39 21.60
CA ILE B 500 31.78 -12.48 20.97
C ILE B 500 30.85 -13.28 20.07
N SER B 501 29.67 -13.61 20.55
CA SER B 501 28.76 -14.51 19.87
C SER B 501 27.93 -13.85 18.78
N ASN B 502 28.34 -12.65 18.32
CA ASN B 502 27.69 -11.91 17.22
C ASN B 502 26.22 -11.64 17.51
N LYS B 503 25.94 -11.02 18.65
CA LYS B 503 24.58 -10.65 18.97
C LYS B 503 24.48 -9.14 19.00
N PRO B 504 24.13 -8.50 17.89
CA PRO B 504 24.17 -7.02 17.87
C PRO B 504 23.04 -6.38 18.63
N GLU B 505 21.92 -7.09 18.83
CA GLU B 505 20.78 -6.51 19.51
C GLU B 505 21.08 -6.28 20.99
N PHE B 506 21.79 -7.22 21.61
CA PHE B 506 22.16 -7.04 23.01
C PHE B 506 23.20 -5.93 23.15
N VAL B 507 24.07 -5.77 22.16
CA VAL B 507 25.02 -4.67 22.16
C VAL B 507 24.30 -3.34 22.07
N LYS B 508 23.26 -3.27 21.24
CA LYS B 508 22.46 -2.06 21.12
C LYS B 508 21.71 -1.76 22.41
N LEU B 509 21.20 -2.82 23.06
CA LEU B 509 20.49 -2.64 24.32
C LEU B 509 21.42 -2.14 25.43
N PHE B 510 22.64 -2.67 25.50
CA PHE B 510 23.55 -2.24 26.55
C PHE B 510 24.11 -0.85 26.28
N LEU B 511 24.33 -0.51 25.00
CA LEU B 511 24.72 0.85 24.65
C LEU B 511 23.61 1.84 24.95
N GLU B 512 22.36 1.43 24.80
CA GLU B 512 21.25 2.28 25.19
C GLU B 512 21.19 2.42 26.71
N ASN B 513 21.50 1.35 27.43
CA ASN B 513 21.29 1.36 28.87
C ASN B 513 22.46 2.01 29.61
N GLY B 514 23.55 2.30 28.90
CA GLY B 514 24.51 3.22 29.48
C GLY B 514 25.97 2.83 29.61
N VAL B 515 26.39 1.71 29.03
CA VAL B 515 27.81 1.38 29.10
C VAL B 515 28.59 2.29 28.16
N GLN B 516 29.72 2.80 28.65
CA GLN B 516 30.57 3.69 27.88
C GLN B 516 31.65 2.86 27.19
N LEU B 517 31.72 2.97 25.87
CA LEU B 517 32.65 2.13 25.13
C LEU B 517 34.09 2.57 25.34
N LYS B 518 34.29 3.86 25.66
CA LYS B 518 35.65 4.34 25.94
C LYS B 518 36.19 3.73 27.22
N GLU B 519 35.34 3.58 28.23
CA GLU B 519 35.80 3.03 29.50
C GLU B 519 35.84 1.51 29.46
N PHE B 520 35.08 0.90 28.57
CA PHE B 520 34.97 -0.55 28.55
C PHE B 520 36.20 -1.19 27.91
N VAL B 521 36.60 -0.70 26.73
CA VAL B 521 37.70 -1.33 26.01
C VAL B 521 39.02 -0.92 26.64
N THR B 522 39.64 -1.85 27.35
CA THR B 522 40.97 -1.64 27.89
C THR B 522 41.92 -2.64 27.25
N TRP B 523 43.16 -2.67 27.76
CA TRP B 523 44.22 -3.42 27.12
C TRP B 523 44.03 -4.93 27.27
N ASP B 524 43.81 -5.39 28.49
CA ASP B 524 43.69 -6.82 28.74
C ASP B 524 42.42 -7.40 28.12
N THR B 525 41.34 -6.63 28.11
CA THR B 525 40.14 -7.12 27.45
C THR B 525 40.29 -7.05 25.93
N LEU B 526 41.23 -6.23 25.43
CA LEU B 526 41.50 -6.26 24.01
C LEU B 526 42.28 -7.51 23.63
N LEU B 527 43.22 -7.92 24.49
CA LEU B 527 43.89 -9.21 24.29
C LEU B 527 42.91 -10.37 24.38
N TYR B 528 41.94 -10.27 25.29
CA TYR B 528 40.95 -11.32 25.44
C TYR B 528 40.03 -11.39 24.22
N LEU B 529 39.66 -10.24 23.66
CA LEU B 529 38.80 -10.22 22.49
C LEU B 529 39.54 -10.69 21.24
N TYR B 530 40.85 -10.43 21.17
CA TYR B 530 41.60 -10.95 20.03
C TYR B 530 41.97 -12.41 20.22
N GLU B 531 41.85 -12.92 21.45
CA GLU B 531 42.18 -14.32 21.69
C GLU B 531 41.02 -15.23 21.32
N ASN B 532 39.79 -14.77 21.50
CA ASN B 532 38.61 -15.53 21.14
C ASN B 532 38.05 -15.17 19.78
N LEU B 533 38.92 -14.81 18.84
CA LEU B 533 38.49 -14.54 17.49
C LEU B 533 38.06 -15.85 16.83
N ASP B 534 37.06 -15.79 15.97
CA ASP B 534 36.45 -17.02 15.47
C ASP B 534 37.37 -17.70 14.46
N PRO B 535 37.41 -19.03 14.43
CA PRO B 535 38.51 -19.70 13.71
C PRO B 535 38.35 -19.78 12.20
N SER B 536 37.13 -19.64 11.69
CA SER B 536 36.90 -19.97 10.28
C SER B 536 37.41 -18.89 9.33
N CYS B 537 37.62 -17.68 9.85
CA CYS B 537 37.95 -16.56 8.97
C CYS B 537 39.41 -16.60 8.53
N LEU B 538 39.75 -15.74 7.58
CA LEU B 538 41.09 -15.70 7.01
C LEU B 538 42.09 -15.09 7.98
N PHE B 539 41.66 -14.07 8.73
CA PHE B 539 42.56 -13.34 9.61
C PHE B 539 43.08 -14.21 10.73
N HIS B 540 42.25 -15.16 11.20
CA HIS B 540 42.69 -16.09 12.22
C HIS B 540 43.77 -17.02 11.69
N SER B 541 43.65 -17.42 10.43
CA SER B 541 44.67 -18.28 9.83
C SER B 541 45.98 -17.55 9.66
N LYS B 542 45.93 -16.29 9.22
CA LYS B 542 47.17 -15.52 9.07
C LYS B 542 47.80 -15.23 10.42
N LEU B 543 46.98 -15.03 11.45
CA LEU B 543 47.50 -14.80 12.78
C LEU B 543 48.15 -16.05 13.35
N GLN B 544 47.55 -17.22 13.09
CA GLN B 544 48.13 -18.46 13.59
C GLN B 544 49.40 -18.83 12.83
N LYS B 545 49.55 -18.34 11.60
CA LYS B 545 50.84 -18.48 10.95
C LYS B 545 51.89 -17.58 11.58
N VAL B 546 51.57 -16.29 11.77
CA VAL B 546 52.59 -15.33 12.19
C VAL B 546 52.94 -15.52 13.67
N LEU B 547 52.08 -16.23 14.42
CA LEU B 547 52.46 -16.63 15.78
C LEU B 547 53.62 -17.60 15.78
N VAL B 548 53.58 -18.64 14.95
CA VAL B 548 54.62 -19.66 15.00
C VAL B 548 55.81 -19.26 14.13
N GLU B 549 55.65 -18.21 13.31
CA GLU B 549 56.81 -17.73 12.57
C GLU B 549 57.70 -16.84 13.43
N ASP B 550 57.20 -16.42 14.60
CA ASP B 550 58.02 -15.68 15.55
C ASP B 550 59.11 -16.59 16.09
N PRO B 551 60.38 -16.16 16.08
CA PRO B 551 61.42 -16.98 16.72
C PRO B 551 61.48 -16.84 18.24
N GLU B 552 60.88 -15.78 18.80
CA GLU B 552 60.99 -15.54 20.23
C GLU B 552 60.15 -16.52 21.04
N ARG B 553 59.17 -17.16 20.40
CA ARG B 553 58.40 -18.19 21.11
C ARG B 553 59.14 -19.53 21.18
N PRO B 554 59.82 -20.04 20.13
CA PRO B 554 60.76 -21.14 20.38
C PRO B 554 61.95 -20.75 21.23
N ALA B 555 62.27 -19.45 21.31
CA ALA B 555 63.23 -19.01 22.31
C ALA B 555 62.69 -19.23 23.72
N CYS B 556 61.37 -19.06 23.91
CA CYS B 556 60.76 -19.36 25.20
C CYS B 556 60.38 -20.82 25.34
N ALA B 557 59.42 -21.28 24.54
CA ALA B 557 58.91 -22.65 24.59
C ALA B 557 58.12 -22.94 23.32
N PRO B 558 58.41 -24.04 22.61
CA PRO B 558 57.75 -24.25 21.31
C PRO B 558 56.28 -24.66 21.40
N ALA B 559 55.92 -25.45 22.42
CA ALA B 559 54.57 -26.00 22.47
C ALA B 559 53.55 -24.96 22.95
N ALA B 560 53.98 -23.98 23.72
CA ALA B 560 53.05 -23.01 24.27
C ALA B 560 52.97 -21.78 23.36
N PRO B 561 51.78 -21.48 22.82
CA PRO B 561 51.61 -20.23 22.07
C PRO B 561 51.16 -19.08 22.95
N ARG B 562 51.81 -17.94 22.83
CA ARG B 562 51.42 -16.74 23.57
C ARG B 562 51.06 -15.65 22.57
N LEU B 563 49.81 -15.19 22.63
CA LEU B 563 49.33 -14.15 21.74
C LEU B 563 49.71 -12.79 22.31
N GLN B 564 50.44 -12.01 21.53
CA GLN B 564 50.86 -10.69 21.92
C GLN B 564 50.19 -9.67 21.01
N MET B 565 50.36 -8.39 21.34
CA MET B 565 49.70 -7.35 20.57
C MET B 565 50.47 -7.03 19.29
N HIS B 566 51.80 -7.08 19.34
CA HIS B 566 52.58 -6.67 18.18
C HIS B 566 52.51 -7.68 17.05
N HIS B 567 52.07 -8.91 17.35
CA HIS B 567 51.72 -9.84 16.28
C HIS B 567 50.54 -9.33 15.47
N VAL B 568 49.52 -8.82 16.17
CA VAL B 568 48.37 -8.24 15.50
C VAL B 568 48.77 -6.99 14.75
N ALA B 569 49.69 -6.20 15.32
CA ALA B 569 50.18 -5.00 14.65
C ALA B 569 50.97 -5.36 13.39
N GLN B 570 51.70 -6.46 13.42
CA GLN B 570 52.49 -6.89 12.27
C GLN B 570 51.58 -7.37 11.14
N VAL B 571 50.60 -8.21 11.47
CA VAL B 571 49.71 -8.71 10.42
C VAL B 571 48.78 -7.60 9.92
N LEU B 572 48.57 -6.56 10.74
CA LEU B 572 47.81 -5.41 10.27
C LEU B 572 48.66 -4.53 9.36
N ARG B 573 49.96 -4.43 9.65
CA ARG B 573 50.85 -3.65 8.81
C ARG B 573 51.04 -4.31 7.45
N GLU B 574 50.94 -5.64 7.41
CA GLU B 574 50.99 -6.33 6.13
C GLU B 574 49.75 -6.04 5.29
N LEU B 575 48.60 -5.83 5.94
CA LEU B 575 47.37 -5.59 5.19
C LEU B 575 47.25 -4.14 4.78
N LEU B 576 47.54 -3.22 5.70
CA LEU B 576 47.28 -1.80 5.45
C LEU B 576 48.25 -1.21 4.44
N GLY B 577 49.48 -1.70 4.43
CA GLY B 577 50.51 -1.19 3.55
C GLY B 577 51.81 -0.94 4.28
N ASP B 578 52.87 -0.81 3.48
CA ASP B 578 54.20 -0.63 4.05
C ASP B 578 54.44 0.80 4.48
N PHE B 579 53.63 1.74 3.96
CA PHE B 579 53.92 3.16 4.17
C PHE B 579 53.54 3.60 5.58
N THR B 580 52.62 2.88 6.22
CA THR B 580 52.22 3.25 7.56
C THR B 580 53.12 2.59 8.60
N GLN B 581 53.21 3.21 9.77
CA GLN B 581 53.98 2.67 10.86
C GLN B 581 53.12 1.68 11.65
N PRO B 582 53.72 0.82 12.47
CA PRO B 582 52.91 -0.14 13.24
C PRO B 582 52.04 0.54 14.27
N LEU B 583 50.86 -0.03 14.49
CA LEU B 583 49.87 0.60 15.36
C LEU B 583 50.17 0.33 16.82
N TYR B 584 50.28 -0.94 17.20
CA TYR B 584 50.57 -1.28 18.57
C TYR B 584 52.06 -1.51 18.74
N PRO B 585 52.72 -0.80 19.64
CA PRO B 585 54.18 -0.91 19.75
C PRO B 585 54.59 -2.11 20.56
N ARG B 586 55.85 -2.48 20.43
CA ARG B 586 56.42 -3.58 21.17
C ARG B 586 57.08 -3.08 22.43
N PRO B 587 56.80 -3.68 23.59
CA PRO B 587 57.51 -3.27 24.81
C PRO B 587 58.97 -3.70 24.77
N ARG B 588 59.86 -2.72 24.93
CA ARG B 588 61.29 -2.99 24.86
C ARG B 588 61.87 -3.28 26.23
N HIS B 589 61.02 -3.40 27.25
CA HIS B 589 61.46 -3.68 28.61
C HIS B 589 62.05 -5.08 28.76
N HIS B 621 47.17 -2.18 37.49
CA HIS B 621 45.86 -1.58 37.31
C HIS B 621 45.44 -1.63 35.85
N VAL B 622 44.28 -1.05 35.54
CA VAL B 622 43.81 -1.01 34.16
C VAL B 622 44.59 0.06 33.39
N THR B 623 44.77 -0.16 32.10
CA THR B 623 45.51 0.77 31.24
C THR B 623 44.83 0.85 29.87
N PHE B 624 44.50 2.08 29.46
CA PHE B 624 43.90 2.33 28.16
C PHE B 624 45.02 2.66 27.17
N THR B 625 44.92 2.09 25.98
CA THR B 625 45.68 2.63 24.86
C THR B 625 44.93 3.86 24.35
N MET B 626 45.60 4.67 23.54
CA MET B 626 44.93 5.81 22.92
C MET B 626 43.94 5.33 21.86
N ASP B 627 42.75 5.93 21.87
CA ASP B 627 41.69 5.66 20.91
C ASP B 627 41.24 4.19 20.88
N PRO B 628 40.49 3.73 21.89
CA PRO B 628 40.08 2.31 21.90
C PRO B 628 39.04 1.96 20.86
N ILE B 629 38.24 2.93 20.43
CA ILE B 629 37.19 2.67 19.44
C ILE B 629 37.81 2.26 18.11
N ARG B 630 39.02 2.77 17.82
CA ARG B 630 39.80 2.31 16.68
C ARG B 630 40.06 0.82 16.75
N ASP B 631 40.47 0.33 17.93
CA ASP B 631 40.81 -1.07 18.08
C ASP B 631 39.59 -1.96 17.97
N LEU B 632 38.48 -1.53 18.57
CA LEU B 632 37.25 -2.32 18.47
C LEU B 632 36.72 -2.31 17.04
N LEU B 633 36.93 -1.22 16.30
CA LEU B 633 36.49 -1.18 14.91
C LEU B 633 37.32 -2.11 14.04
N ILE B 634 38.62 -2.19 14.29
CA ILE B 634 39.46 -3.12 13.52
C ILE B 634 39.07 -4.56 13.84
N TRP B 635 38.82 -4.85 15.12
CA TRP B 635 38.44 -6.21 15.52
C TRP B 635 37.09 -6.61 14.95
N ALA B 636 36.19 -5.65 14.78
CA ALA B 636 34.90 -5.99 14.17
C ALA B 636 35.02 -6.08 12.66
N ILE B 637 35.96 -5.37 12.06
CA ILE B 637 36.04 -5.32 10.61
C ILE B 637 36.72 -6.57 10.06
N VAL B 638 37.78 -7.05 10.71
CA VAL B 638 38.63 -8.07 10.10
C VAL B 638 37.92 -9.41 9.97
N GLN B 639 36.85 -9.62 10.74
CA GLN B 639 36.16 -10.90 10.67
C GLN B 639 34.76 -10.76 10.10
N ASN B 640 34.50 -9.67 9.37
CA ASN B 640 33.32 -9.46 8.54
C ASN B 640 32.01 -9.47 9.35
N ARG B 641 32.04 -8.91 10.54
CA ARG B 641 30.81 -8.69 11.30
C ARG B 641 30.30 -7.32 10.92
N ARG B 642 29.21 -7.29 10.15
CA ARG B 642 28.79 -6.04 9.50
C ARG B 642 28.07 -5.11 10.48
N GLU B 643 27.12 -5.64 11.23
CA GLU B 643 26.24 -4.79 12.03
C GLU B 643 26.96 -4.27 13.27
N LEU B 644 27.97 -4.98 13.75
CA LEU B 644 28.78 -4.47 14.85
C LEU B 644 29.62 -3.29 14.39
N ALA B 645 30.21 -3.39 13.19
CA ALA B 645 31.02 -2.30 12.68
C ALA B 645 30.16 -1.08 12.38
N GLY B 646 28.95 -1.30 11.85
CA GLY B 646 28.05 -0.19 11.59
C GLY B 646 27.60 0.52 12.85
N ILE B 647 27.56 -0.20 13.97
CA ILE B 647 27.23 0.43 15.24
C ILE B 647 28.42 1.21 15.77
N ILE B 648 29.57 0.56 15.89
CA ILE B 648 30.67 1.18 16.63
C ILE B 648 31.46 2.13 15.76
N TRP B 649 31.08 2.29 14.48
CA TRP B 649 31.68 3.36 13.70
C TRP B 649 31.10 4.71 14.10
N ALA B 650 29.86 4.72 14.59
CA ALA B 650 29.21 5.97 14.96
C ALA B 650 29.84 6.56 16.21
N GLN B 651 30.55 5.75 17.00
CA GLN B 651 31.20 6.24 18.19
C GLN B 651 32.61 6.74 17.94
N SER B 652 33.09 6.68 16.70
CA SER B 652 34.52 6.84 16.44
C SER B 652 34.93 8.30 16.49
N GLN B 653 36.24 8.53 16.63
CA GLN B 653 36.76 9.86 16.86
C GLN B 653 36.92 10.65 15.56
N ASP B 654 37.77 10.16 14.66
CA ASP B 654 37.99 10.81 13.37
C ASP B 654 37.55 9.87 12.26
N CYS B 655 36.33 10.07 11.78
CA CYS B 655 35.66 9.04 11.01
C CYS B 655 36.15 9.00 9.56
N ILE B 656 36.65 10.13 9.05
CA ILE B 656 37.03 10.24 7.65
C ILE B 656 38.20 9.31 7.32
N ALA B 657 39.22 9.29 8.19
CA ALA B 657 40.31 8.35 7.99
C ALA B 657 39.88 6.93 8.28
N ALA B 658 38.94 6.77 9.21
CA ALA B 658 38.56 5.43 9.66
C ALA B 658 37.83 4.66 8.58
N ALA B 659 36.93 5.32 7.86
CA ALA B 659 36.17 4.66 6.82
C ALA B 659 37.08 4.23 5.67
N LEU B 660 38.05 5.06 5.31
CA LEU B 660 38.95 4.71 4.22
C LEU B 660 39.92 3.62 4.63
N ALA B 661 40.37 3.63 5.89
CA ALA B 661 41.23 2.55 6.36
C ALA B 661 40.48 1.23 6.39
N CYS B 662 39.20 1.25 6.76
CA CYS B 662 38.41 0.03 6.74
C CYS B 662 38.17 -0.45 5.32
N SER B 663 38.01 0.48 4.37
CA SER B 663 37.84 0.10 2.97
C SER B 663 39.10 -0.54 2.42
N LYS B 664 40.27 0.00 2.77
CA LYS B 664 41.54 -0.57 2.33
C LYS B 664 41.76 -1.96 2.91
N ILE B 665 41.48 -2.13 4.20
CA ILE B 665 41.63 -3.43 4.85
C ILE B 665 40.69 -4.45 4.22
N LEU B 666 39.46 -4.06 3.92
CA LEU B 666 38.49 -5.01 3.40
C LEU B 666 38.80 -5.39 1.96
N LYS B 667 39.29 -4.45 1.15
CA LYS B 667 39.69 -4.80 -0.21
C LYS B 667 40.87 -5.76 -0.21
N GLU B 668 41.89 -5.47 0.61
CA GLU B 668 43.08 -6.31 0.63
C GLU B 668 42.77 -7.68 1.24
N LEU B 669 41.82 -7.75 2.16
CA LEU B 669 41.45 -9.03 2.74
C LEU B 669 40.53 -9.79 1.80
N SER B 670 39.83 -9.10 0.92
CA SER B 670 38.94 -9.78 -0.02
C SER B 670 39.70 -10.30 -1.22
N LYS B 671 40.91 -9.78 -1.47
CA LYS B 671 41.69 -10.30 -2.59
C LYS B 671 42.17 -11.72 -2.34
N GLU B 672 42.54 -12.05 -1.11
CA GLU B 672 43.15 -13.34 -0.78
C GLU B 672 42.18 -14.35 -0.20
N GLU B 673 40.91 -14.31 -0.61
CA GLU B 673 39.87 -15.01 0.14
C GLU B 673 39.90 -16.51 -0.09
N GLU B 674 40.06 -16.95 -1.35
CA GLU B 674 39.90 -18.34 -1.78
C GLU B 674 38.53 -18.90 -1.36
N ASP B 675 37.49 -18.13 -1.67
CA ASP B 675 36.10 -18.51 -1.45
C ASP B 675 35.28 -17.71 -2.45
N THR B 676 33.97 -17.69 -2.28
CA THR B 676 33.16 -16.93 -3.21
C THR B 676 32.13 -16.04 -2.51
N ASP B 677 31.49 -16.51 -1.44
CA ASP B 677 30.44 -15.73 -0.81
C ASP B 677 31.03 -14.59 0.02
N SER B 678 31.97 -14.91 0.88
CA SER B 678 32.52 -13.92 1.80
C SER B 678 33.35 -12.87 1.08
N SER B 679 33.91 -13.23 -0.09
CA SER B 679 34.64 -12.26 -0.90
C SER B 679 33.71 -11.17 -1.42
N GLU B 680 32.53 -11.56 -1.92
CA GLU B 680 31.59 -10.56 -2.41
C GLU B 680 31.00 -9.75 -1.26
N GLU B 681 30.81 -10.39 -0.11
CA GLU B 681 30.34 -9.66 1.07
C GLU B 681 31.35 -8.62 1.52
N MET B 682 32.64 -8.97 1.47
CA MET B 682 33.68 -8.04 1.87
C MET B 682 33.80 -6.87 0.89
N LEU B 683 33.66 -7.15 -0.41
CA LEU B 683 33.72 -6.06 -1.38
C LEU B 683 32.52 -5.12 -1.24
N ALA B 684 31.34 -5.66 -0.97
CA ALA B 684 30.18 -4.80 -0.76
C ALA B 684 30.33 -3.95 0.49
N LEU B 685 30.91 -4.52 1.55
CA LEU B 685 31.11 -3.75 2.77
C LEU B 685 32.12 -2.63 2.57
N ALA B 686 33.18 -2.89 1.79
CA ALA B 686 34.17 -1.85 1.53
C ALA B 686 33.59 -0.72 0.69
N GLU B 687 32.73 -1.06 -0.27
CA GLU B 687 32.08 -0.03 -1.06
C GLU B 687 31.13 0.82 -0.22
N GLU B 688 30.44 0.18 0.73
CA GLU B 688 29.58 0.91 1.65
C GLU B 688 30.38 1.87 2.54
N TYR B 689 31.59 1.46 2.93
CA TYR B 689 32.35 2.34 3.81
C TYR B 689 32.95 3.51 3.07
N GLU B 690 33.27 3.34 1.78
CA GLU B 690 33.70 4.50 1.02
C GLU B 690 32.53 5.45 0.77
N HIS B 691 31.30 4.93 0.73
CA HIS B 691 30.14 5.82 0.67
C HIS B 691 29.97 6.61 1.96
N ARG B 692 30.26 5.99 3.10
CA ARG B 692 30.21 6.71 4.37
C ARG B 692 31.23 7.84 4.41
N ALA B 693 32.43 7.58 3.91
CA ALA B 693 33.46 8.62 3.89
C ALA B 693 33.08 9.77 2.97
N ILE B 694 32.48 9.47 1.82
CA ILE B 694 32.06 10.51 0.90
C ILE B 694 30.95 11.36 1.52
N GLY B 695 30.02 10.73 2.24
CA GLY B 695 28.94 11.49 2.86
C GLY B 695 29.42 12.43 3.96
N VAL B 696 30.31 11.96 4.83
CA VAL B 696 30.79 12.83 5.91
C VAL B 696 31.65 13.95 5.35
N PHE B 697 32.45 13.66 4.31
CA PHE B 697 33.27 14.72 3.73
C PHE B 697 32.44 15.74 2.98
N THR B 698 31.34 15.32 2.34
CA THR B 698 30.57 16.31 1.60
C THR B 698 29.75 17.18 2.55
N GLU B 699 29.40 16.66 3.74
CA GLU B 699 28.83 17.54 4.76
C GLU B 699 29.84 18.57 5.24
N CYS B 700 31.07 18.11 5.54
CA CYS B 700 32.12 19.02 5.99
C CYS B 700 32.50 20.02 4.91
N TYR B 701 32.30 19.67 3.65
CA TYR B 701 32.64 20.57 2.56
C TYR B 701 31.57 21.61 2.34
N ARG B 702 30.30 21.22 2.44
CA ARG B 702 29.23 22.18 2.22
C ARG B 702 29.14 23.19 3.36
N LYS B 703 29.53 22.81 4.58
CA LYS B 703 29.47 23.78 5.66
C LYS B 703 30.57 24.83 5.54
N ASP B 704 31.82 24.40 5.46
CA ASP B 704 32.95 25.32 5.39
C ASP B 704 33.89 24.88 4.29
N GLU B 705 34.34 25.85 3.49
CA GLU B 705 35.15 25.51 2.33
C GLU B 705 36.60 25.26 2.70
N GLU B 706 37.12 25.96 3.71
CA GLU B 706 38.56 25.97 3.93
C GLU B 706 39.01 24.87 4.89
N ARG B 707 38.27 24.69 5.99
CA ARG B 707 38.64 23.67 6.95
C ARG B 707 38.44 22.27 6.37
N ALA B 708 37.53 22.14 5.42
CA ALA B 708 37.38 20.88 4.70
C ALA B 708 38.62 20.57 3.88
N GLN B 709 39.28 21.60 3.33
CA GLN B 709 40.55 21.37 2.66
C GLN B 709 41.62 21.02 3.69
N LYS B 710 41.55 21.64 4.86
CA LYS B 710 42.56 21.40 5.89
C LYS B 710 42.44 20.01 6.48
N LEU B 711 41.28 19.39 6.34
CA LEU B 711 41.06 18.06 6.92
C LEU B 711 41.77 16.97 6.12
N LEU B 712 42.14 17.25 4.87
CA LEU B 712 42.72 16.21 4.03
C LEU B 712 44.21 16.04 4.30
N THR B 713 44.94 17.16 4.39
CA THR B 713 46.40 17.07 4.34
C THR B 713 46.99 16.73 5.70
N ARG B 714 46.16 16.71 6.74
CA ARG B 714 46.68 16.54 8.09
C ARG B 714 47.15 15.11 8.32
N VAL B 715 48.13 14.96 9.19
CA VAL B 715 48.59 13.63 9.57
C VAL B 715 47.71 13.12 10.71
N SER B 716 47.55 11.79 10.76
CA SER B 716 46.64 11.17 11.70
C SER B 716 47.44 10.24 12.61
N GLU B 717 47.43 10.54 13.91
CA GLU B 717 48.21 9.74 14.85
C GLU B 717 47.54 8.40 15.09
N ALA B 718 46.22 8.33 14.91
CA ALA B 718 45.47 7.13 15.27
C ALA B 718 45.71 6.00 14.27
N TRP B 719 46.07 6.33 13.03
CA TRP B 719 46.24 5.31 12.01
C TRP B 719 47.66 5.27 11.46
N GLY B 720 48.65 5.39 12.33
CA GLY B 720 50.01 5.13 11.93
C GLY B 720 50.68 6.22 11.13
N LYS B 721 50.34 7.48 11.39
CA LYS B 721 51.00 8.67 10.83
C LYS B 721 50.93 8.72 9.32
N THR B 722 49.75 8.52 8.76
CA THR B 722 49.50 8.70 7.34
C THR B 722 48.38 9.72 7.16
N THR B 723 48.37 10.39 6.02
CA THR B 723 47.31 11.33 5.75
C THR B 723 46.13 10.61 5.12
N CYS B 724 45.03 11.34 4.99
CA CYS B 724 43.81 10.75 4.46
C CYS B 724 43.88 10.54 2.96
N LEU B 725 44.54 11.47 2.26
CA LEU B 725 44.60 11.40 0.80
C LEU B 725 45.45 10.23 0.34
N GLN B 726 46.53 9.92 1.06
CA GLN B 726 47.38 8.80 0.70
C GLN B 726 46.65 7.48 0.88
N LEU B 727 45.83 7.38 1.92
CA LEU B 727 45.01 6.19 2.11
C LEU B 727 43.96 6.04 1.03
N ALA B 728 43.34 7.16 0.63
CA ALA B 728 42.35 7.11 -0.43
C ALA B 728 42.97 6.74 -1.77
N LEU B 729 44.23 7.11 -1.98
CA LEU B 729 44.89 6.74 -3.22
C LEU B 729 45.34 5.28 -3.22
N GLU B 730 45.94 4.83 -2.12
CA GLU B 730 46.46 3.47 -2.08
C GLU B 730 45.34 2.44 -2.00
N ALA B 731 44.17 2.84 -1.51
CA ALA B 731 43.05 1.91 -1.49
C ALA B 731 42.33 1.86 -2.83
N LYS B 732 42.71 2.75 -3.76
CA LYS B 732 42.12 2.87 -5.11
C LYS B 732 40.62 3.11 -5.05
N ASP B 733 40.21 4.20 -4.40
CA ASP B 733 38.82 4.60 -4.34
C ASP B 733 38.57 5.68 -5.39
N MET B 734 37.88 5.30 -6.47
CA MET B 734 37.62 6.24 -7.55
C MET B 734 36.65 7.34 -7.10
N LYS B 735 35.60 6.96 -6.38
CA LYS B 735 34.51 7.89 -6.12
C LYS B 735 34.87 8.92 -5.07
N PHE B 736 35.89 8.64 -4.25
CA PHE B 736 36.31 9.62 -3.27
C PHE B 736 37.13 10.73 -3.92
N VAL B 737 38.11 10.37 -4.75
CA VAL B 737 38.93 11.38 -5.38
C VAL B 737 38.22 12.00 -6.57
N SER B 738 37.10 11.42 -6.99
CA SER B 738 36.33 12.03 -8.07
C SER B 738 35.38 13.10 -7.54
N HIS B 739 35.39 13.34 -6.23
CA HIS B 739 34.53 14.36 -5.64
C HIS B 739 35.01 15.75 -6.04
N GLY B 740 34.11 16.73 -5.97
CA GLY B 740 34.44 18.06 -6.47
C GLY B 740 35.42 18.81 -5.60
N GLY B 741 35.32 18.63 -4.28
CA GLY B 741 36.15 19.40 -3.37
C GLY B 741 37.61 18.99 -3.40
N ILE B 742 37.87 17.69 -3.51
CA ILE B 742 39.25 17.21 -3.56
C ILE B 742 39.89 17.57 -4.90
N GLN B 743 39.08 17.58 -5.98
CA GLN B 743 39.58 18.05 -7.26
C GLN B 743 39.89 19.55 -7.22
N ALA B 744 39.07 20.31 -6.48
CA ALA B 744 39.38 21.72 -6.27
C ALA B 744 40.66 21.89 -5.47
N PHE B 745 40.92 20.97 -4.54
CA PHE B 745 42.18 21.01 -3.80
C PHE B 745 43.36 20.76 -4.70
N LEU B 746 43.22 19.81 -5.62
CA LEU B 746 44.31 19.50 -6.55
C LEU B 746 44.57 20.67 -7.49
N THR B 747 43.50 21.34 -7.95
CA THR B 747 43.66 22.54 -8.76
C THR B 747 44.31 23.67 -7.95
N LYS B 748 43.95 23.77 -6.66
CA LYS B 748 44.52 24.81 -5.80
C LYS B 748 46.01 24.58 -5.57
N VAL B 749 46.43 23.34 -5.44
CA VAL B 749 47.86 23.05 -5.31
C VAL B 749 48.56 23.29 -6.63
N TRP B 750 47.91 22.94 -7.74
CA TRP B 750 48.51 23.04 -9.06
C TRP B 750 48.73 24.50 -9.47
N TRP B 751 47.83 25.39 -9.06
CA TRP B 751 48.03 26.80 -9.39
C TRP B 751 49.02 27.46 -8.45
N GLY B 752 49.34 26.80 -7.34
CA GLY B 752 50.39 27.28 -6.48
C GLY B 752 50.00 28.50 -5.66
N GLN B 753 50.94 29.45 -5.63
CA GLN B 753 50.81 30.60 -4.74
C GLN B 753 49.78 31.59 -5.25
N LEU B 754 49.67 31.73 -6.57
CA LEU B 754 48.81 32.76 -7.13
C LEU B 754 47.37 32.28 -7.27
N SER B 755 46.47 33.22 -7.55
CA SER B 755 45.05 32.93 -7.62
C SER B 755 44.73 32.10 -8.85
N VAL B 756 43.67 31.29 -8.75
CA VAL B 756 43.38 30.29 -9.77
C VAL B 756 42.57 30.82 -10.93
N ASP B 757 42.25 32.11 -10.96
CA ASP B 757 41.31 32.64 -11.94
C ASP B 757 41.98 33.47 -13.03
N ASN B 758 43.29 33.35 -13.23
CA ASN B 758 43.97 34.26 -14.14
C ASN B 758 43.81 33.83 -15.60
N GLY B 759 43.76 32.52 -15.84
CA GLY B 759 43.74 32.04 -17.21
C GLY B 759 45.13 31.73 -17.74
N LEU B 760 45.16 31.09 -18.91
CA LEU B 760 46.41 30.56 -19.44
C LEU B 760 47.21 31.62 -20.20
N TRP B 761 46.52 32.46 -20.98
CA TRP B 761 47.23 33.44 -21.81
C TRP B 761 47.92 34.49 -20.96
N ARG B 762 47.33 34.81 -19.81
CA ARG B 762 47.92 35.76 -18.89
C ARG B 762 49.23 35.23 -18.32
N VAL B 763 49.26 33.95 -17.94
CA VAL B 763 50.48 33.34 -17.42
C VAL B 763 51.51 33.21 -18.54
N THR B 764 51.04 33.02 -19.78
CA THR B 764 51.95 32.94 -20.92
C THR B 764 52.64 34.28 -21.18
N LEU B 765 51.88 35.38 -21.13
CA LEU B 765 52.47 36.70 -21.34
C LEU B 765 53.36 37.11 -20.19
N CYS B 766 53.01 36.75 -18.95
CA CYS B 766 53.90 37.05 -17.83
C CYS B 766 55.15 36.18 -17.87
N MET B 767 55.07 34.99 -18.46
CA MET B 767 56.26 34.18 -18.66
C MET B 767 57.16 34.78 -19.74
N LEU B 768 56.54 35.34 -20.80
CA LEU B 768 57.33 35.93 -21.86
C LEU B 768 57.94 37.26 -21.45
N ALA B 769 57.20 38.05 -20.68
CA ALA B 769 57.60 39.41 -20.32
C ALA B 769 57.91 39.48 -18.84
N PHE B 770 59.17 39.74 -18.51
CA PHE B 770 59.56 39.99 -17.12
C PHE B 770 58.89 41.21 -16.48
N PRO B 771 58.86 42.43 -17.07
CA PRO B 771 58.31 43.55 -16.30
C PRO B 771 56.79 43.56 -16.20
N LEU B 772 56.10 42.66 -16.91
CA LEU B 772 54.65 42.63 -16.84
C LEU B 772 54.17 42.13 -15.48
N LEU B 773 54.99 41.33 -14.80
CA LEU B 773 54.63 40.84 -13.47
C LEU B 773 54.67 41.95 -12.43
N LEU B 774 55.49 42.97 -12.67
CA LEU B 774 55.59 44.09 -11.72
C LEU B 774 54.39 45.02 -11.84
N THR B 775 53.62 44.89 -12.91
CA THR B 775 52.46 45.73 -13.15
C THR B 775 51.26 45.25 -12.34
N GLY B 776 50.08 45.71 -12.76
CA GLY B 776 48.79 45.36 -12.12
C GLY B 776 48.16 44.15 -12.78
N LEU B 777 48.92 43.50 -13.67
CA LEU B 777 48.48 42.32 -14.47
C LEU B 777 48.44 41.05 -13.60
N ILE B 778 47.83 40.00 -14.15
CA ILE B 778 47.61 38.63 -13.56
C ILE B 778 46.73 38.69 -12.31
N SER B 779 47.16 38.02 -11.23
CA SER B 779 46.34 37.92 -10.01
C SER B 779 47.24 37.49 -8.87
N PHE B 780 46.73 37.57 -7.65
CA PHE B 780 47.33 36.92 -6.50
C PHE B 780 46.23 36.58 -5.52
N ARG B 781 46.55 35.70 -4.59
CA ARG B 781 45.77 35.48 -3.39
C ARG B 781 46.70 35.75 -2.21
N GLU B 782 46.14 35.68 -0.98
CA GLU B 782 46.83 36.06 0.25
C GLU B 782 47.33 37.49 0.12
N LYS B 783 46.40 38.45 0.14
CA LYS B 783 46.61 39.76 -0.49
C LYS B 783 47.59 40.65 0.28
N ARG B 784 48.23 40.13 1.33
CA ARG B 784 49.39 40.81 1.90
C ARG B 784 50.54 40.89 0.90
N LEU B 785 50.64 39.93 -0.02
CA LEU B 785 51.63 40.01 -1.09
C LEU B 785 51.07 40.77 -2.28
N GLN B 786 49.75 40.75 -2.47
CA GLN B 786 49.15 41.40 -3.62
C GLN B 786 49.13 42.91 -3.46
N ASP B 787 48.85 43.39 -2.25
CA ASP B 787 48.75 44.83 -2.02
C ASP B 787 50.12 45.47 -1.93
N VAL B 788 50.94 45.03 -0.97
CA VAL B 788 52.27 45.60 -0.80
C VAL B 788 53.18 45.10 -1.91
N GLY B 789 53.97 46.01 -2.48
CA GLY B 789 54.82 45.66 -3.60
C GLY B 789 56.23 45.29 -3.21
N THR B 790 56.49 43.99 -3.09
CA THR B 790 57.83 43.46 -2.88
C THR B 790 58.12 42.57 -4.07
N PRO B 791 58.64 43.13 -5.17
CA PRO B 791 58.69 42.39 -6.44
C PRO B 791 59.66 41.23 -6.45
N ALA B 792 60.65 41.21 -5.55
CA ALA B 792 61.50 40.04 -5.39
C ALA B 792 60.69 38.86 -4.86
N ALA B 793 59.85 39.11 -3.85
CA ALA B 793 59.01 38.05 -3.30
C ALA B 793 57.93 37.62 -4.28
N ARG B 794 57.37 38.58 -5.03
CA ARG B 794 56.36 38.23 -6.03
C ARG B 794 56.97 37.41 -7.16
N ALA B 795 58.21 37.73 -7.55
CA ALA B 795 58.87 36.96 -8.59
C ALA B 795 59.24 35.57 -8.09
N ARG B 796 59.67 35.47 -6.83
CA ARG B 796 59.98 34.15 -6.26
C ARG B 796 58.73 33.29 -6.15
N ALA B 797 57.60 33.90 -5.79
CA ALA B 797 56.35 33.16 -5.71
C ALA B 797 55.85 32.77 -7.10
N PHE B 798 56.04 33.63 -8.08
CA PHE B 798 55.61 33.33 -9.44
C PHE B 798 56.45 32.22 -10.06
N PHE B 799 57.76 32.22 -9.80
CA PHE B 799 58.60 31.19 -10.38
C PHE B 799 58.58 29.92 -9.53
N THR B 800 58.01 29.99 -8.33
CA THR B 800 57.91 28.79 -7.52
C THR B 800 56.77 27.88 -7.96
N ALA B 801 55.69 28.48 -8.48
CA ALA B 801 54.44 27.80 -8.84
C ALA B 801 54.64 26.73 -9.90
N PRO B 802 53.97 25.58 -9.78
CA PRO B 802 54.30 24.46 -10.68
C PRO B 802 53.78 24.61 -12.11
N VAL B 803 52.75 25.45 -12.32
CA VAL B 803 52.31 25.75 -13.69
C VAL B 803 53.42 26.42 -14.47
N VAL B 804 54.12 27.36 -13.82
CA VAL B 804 55.23 28.07 -14.45
C VAL B 804 56.37 27.12 -14.76
N VAL B 805 56.67 26.19 -13.84
CA VAL B 805 57.73 25.21 -14.06
C VAL B 805 57.35 24.27 -15.18
N PHE B 806 56.05 23.96 -15.31
CA PHE B 806 55.57 23.13 -16.40
C PHE B 806 55.77 23.80 -17.75
N HIS B 807 55.38 25.07 -17.86
CA HIS B 807 55.53 25.78 -19.13
C HIS B 807 56.99 26.03 -19.47
N LEU B 808 57.83 26.25 -18.45
CA LEU B 808 59.27 26.38 -18.68
C LEU B 808 59.88 25.09 -19.21
N ASN B 809 59.49 23.95 -18.64
CA ASN B 809 60.01 22.68 -19.14
C ASN B 809 59.51 22.39 -20.54
N ILE B 810 58.27 22.80 -20.86
CA ILE B 810 57.75 22.59 -22.21
C ILE B 810 58.50 23.44 -23.23
N LEU B 811 58.78 24.70 -22.88
CA LEU B 811 59.49 25.58 -23.81
C LEU B 811 60.95 25.14 -24.00
N SER B 812 61.60 24.72 -22.92
CA SER B 812 62.96 24.21 -23.02
C SER B 812 63.02 22.94 -23.85
N TYR B 813 62.02 22.07 -23.70
CA TYR B 813 61.97 20.83 -24.48
C TYR B 813 61.73 21.12 -25.94
N PHE B 814 60.93 22.15 -26.24
CA PHE B 814 60.68 22.54 -27.62
C PHE B 814 61.94 23.07 -28.29
N ALA B 815 62.69 23.93 -27.59
CA ALA B 815 63.94 24.44 -28.15
C ALA B 815 64.97 23.34 -28.30
N PHE B 816 64.98 22.38 -27.38
CA PHE B 816 65.86 21.22 -27.49
C PHE B 816 65.54 20.38 -28.72
N LEU B 817 64.24 20.18 -28.99
CA LEU B 817 63.85 19.39 -30.16
C LEU B 817 64.18 20.11 -31.47
N CYS B 818 64.01 21.43 -31.51
CA CYS B 818 64.35 22.18 -32.72
C CYS B 818 65.84 22.14 -32.99
N LEU B 819 66.67 22.26 -31.94
CA LEU B 819 68.11 22.21 -32.12
C LEU B 819 68.57 20.81 -32.53
N PHE B 820 67.92 19.77 -31.99
CA PHE B 820 68.25 18.40 -32.38
C PHE B 820 67.90 18.12 -33.83
N ALA B 821 66.74 18.61 -34.28
CA ALA B 821 66.35 18.45 -35.68
C ALA B 821 67.29 19.21 -36.61
N TYR B 822 67.73 20.40 -36.20
CA TYR B 822 68.65 21.19 -37.02
C TYR B 822 69.99 20.50 -37.18
N VAL B 823 70.57 20.01 -36.06
CA VAL B 823 71.89 19.38 -36.14
C VAL B 823 71.80 18.05 -36.88
N LEU B 824 70.67 17.35 -36.78
CA LEU B 824 70.52 16.10 -37.51
C LEU B 824 70.35 16.35 -39.00
N MET B 825 69.69 17.46 -39.36
CA MET B 825 69.45 17.71 -40.77
C MET B 825 70.69 18.24 -41.48
N VAL B 826 71.44 19.15 -40.85
CA VAL B 826 72.57 19.77 -41.56
C VAL B 826 73.93 19.43 -40.95
N ASP B 827 74.07 19.38 -39.63
CA ASP B 827 75.40 19.42 -39.04
C ASP B 827 75.92 18.09 -38.54
N PHE B 828 75.47 16.97 -39.09
CA PHE B 828 76.06 15.69 -38.74
C PHE B 828 77.44 15.57 -39.36
N GLN B 829 78.47 15.72 -38.54
CA GLN B 829 79.84 15.80 -39.01
C GLN B 829 80.66 14.68 -38.40
N PRO B 830 81.64 14.14 -39.14
CA PRO B 830 82.54 13.14 -38.55
C PRO B 830 83.45 13.71 -37.48
N VAL B 831 83.84 14.98 -37.64
CA VAL B 831 84.58 15.72 -36.61
C VAL B 831 83.58 15.98 -35.48
N PRO B 832 83.99 15.93 -34.21
CA PRO B 832 83.07 16.28 -33.13
C PRO B 832 82.68 17.75 -33.19
N SER B 833 81.38 18.01 -33.00
CA SER B 833 80.78 19.31 -33.27
C SER B 833 80.34 19.97 -31.97
N TRP B 834 80.10 21.28 -32.02
CA TRP B 834 79.76 22.04 -30.83
C TRP B 834 78.25 22.03 -30.59
N CYS B 835 77.47 22.16 -31.67
CA CYS B 835 76.02 22.07 -31.54
C CYS B 835 75.59 20.68 -31.12
N GLU B 836 76.41 19.67 -31.41
CA GLU B 836 76.15 18.34 -30.89
C GLU B 836 76.50 18.24 -29.41
N CYS B 837 77.54 18.95 -28.96
CA CYS B 837 77.98 18.76 -27.58
C CYS B 837 77.06 19.48 -26.61
N ALA B 838 76.45 20.59 -27.06
CA ALA B 838 75.40 21.22 -26.25
C ALA B 838 74.21 20.29 -26.06
N ILE B 839 73.86 19.51 -27.09
CA ILE B 839 72.75 18.57 -26.99
C ILE B 839 73.12 17.38 -26.12
N TYR B 840 74.38 16.96 -26.17
CA TYR B 840 74.83 15.90 -25.25
C TYR B 840 74.80 16.39 -23.81
N LEU B 841 75.10 17.67 -23.59
CA LEU B 841 74.96 18.26 -22.26
C LEU B 841 73.51 18.26 -21.80
N TRP B 842 72.58 18.64 -22.69
CA TRP B 842 71.16 18.69 -22.29
C TRP B 842 70.59 17.29 -22.07
N LEU B 843 71.09 16.30 -22.80
CA LEU B 843 70.57 14.95 -22.60
C LEU B 843 71.17 14.30 -21.35
N PHE B 844 72.43 14.63 -21.04
CA PHE B 844 73.00 14.22 -19.75
C PHE B 844 72.25 14.89 -18.59
N SER B 845 71.81 16.12 -18.81
CA SER B 845 70.95 16.80 -17.84
C SER B 845 69.64 16.06 -17.64
N LEU B 846 69.03 15.61 -18.74
CA LEU B 846 67.75 14.90 -18.63
C LEU B 846 67.92 13.56 -17.92
N VAL B 847 69.01 12.84 -18.20
CA VAL B 847 69.18 11.53 -17.58
C VAL B 847 69.55 11.68 -16.09
N CYS B 848 70.25 12.77 -15.72
CA CYS B 848 70.53 12.98 -14.30
C CYS B 848 69.26 13.40 -13.57
N GLU B 849 68.36 14.12 -14.26
CA GLU B 849 67.07 14.46 -13.67
C GLU B 849 66.23 13.20 -13.43
N GLU B 850 66.21 12.28 -14.37
CA GLU B 850 65.41 11.07 -14.17
C GLU B 850 66.04 10.15 -13.13
N MET B 851 67.36 10.16 -13.01
CA MET B 851 68.01 9.40 -11.95
C MET B 851 67.68 9.98 -10.57
N ARG B 852 67.63 11.32 -10.46
CA ARG B 852 67.17 11.95 -9.23
C ARG B 852 65.72 11.60 -8.94
N GLN B 853 64.89 11.52 -9.98
CA GLN B 853 63.49 11.17 -9.82
C GLN B 853 63.34 9.73 -9.33
N LEU B 854 64.26 8.86 -9.72
CA LEU B 854 64.22 7.49 -9.21
C LEU B 854 64.71 7.42 -7.77
N PHE B 855 65.75 8.19 -7.42
CA PHE B 855 66.37 8.02 -6.10
C PHE B 855 65.59 8.70 -4.99
N TYR B 856 64.51 9.40 -5.33
CA TYR B 856 63.71 10.06 -4.31
C TYR B 856 62.91 9.05 -3.50
N ASP B 857 63.17 9.02 -2.19
CA ASP B 857 62.49 8.10 -1.28
C ASP B 857 62.00 8.91 -0.09
N PRO B 858 60.77 9.40 -0.11
CA PRO B 858 60.32 10.32 0.96
C PRO B 858 60.10 9.62 2.29
N ASP B 859 59.49 8.45 2.28
CA ASP B 859 59.47 7.58 3.45
C ASP B 859 60.46 6.46 3.21
N GLU B 860 60.74 5.69 4.26
CA GLU B 860 61.57 4.51 4.08
C GLU B 860 60.79 3.45 3.33
N CYS B 861 61.34 2.99 2.21
CA CYS B 861 60.62 2.06 1.36
C CYS B 861 61.61 1.14 0.67
N GLY B 862 61.08 0.11 0.02
CA GLY B 862 61.93 -0.86 -0.64
C GLY B 862 62.51 -0.29 -1.92
N LEU B 863 63.81 -0.54 -2.12
CA LEU B 863 64.50 -0.04 -3.31
C LEU B 863 64.02 -0.77 -4.55
N MET B 864 63.87 -2.09 -4.48
CA MET B 864 63.30 -2.84 -5.60
C MET B 864 61.81 -2.51 -5.77
N LYS B 865 61.13 -2.22 -4.67
CA LYS B 865 59.73 -1.83 -4.74
C LYS B 865 59.59 -0.45 -5.38
N LYS B 866 60.50 0.47 -5.05
CA LYS B 866 60.54 1.77 -5.71
C LYS B 866 60.90 1.62 -7.18
N ALA B 867 61.74 0.64 -7.50
CA ALA B 867 62.09 0.37 -8.89
C ALA B 867 60.90 -0.14 -9.69
N ALA B 868 60.10 -1.01 -9.10
CA ALA B 868 58.90 -1.49 -9.78
C ALA B 868 57.86 -0.38 -9.89
N LEU B 869 57.81 0.50 -8.88
CA LEU B 869 56.91 1.65 -8.96
C LEU B 869 57.33 2.60 -10.07
N TYR B 870 58.64 2.77 -10.27
CA TYR B 870 59.13 3.63 -11.34
C TYR B 870 58.87 3.02 -12.70
N PHE B 871 59.19 1.74 -12.85
CA PHE B 871 59.11 1.12 -14.17
C PHE B 871 57.68 0.75 -14.54
N SER B 872 56.76 0.80 -13.56
CA SER B 872 55.35 0.55 -13.86
C SER B 872 54.77 1.66 -14.72
N ASP B 873 55.28 2.88 -14.58
CA ASP B 873 54.72 4.02 -15.29
C ASP B 873 55.14 3.98 -16.75
N PHE B 874 54.24 4.46 -17.62
CA PHE B 874 54.46 4.38 -19.06
C PHE B 874 55.55 5.32 -19.54
N TRP B 875 55.47 6.59 -19.15
CA TRP B 875 56.37 7.60 -19.70
C TRP B 875 57.79 7.42 -19.17
N ASN B 876 57.93 6.80 -18.00
CA ASN B 876 59.26 6.45 -17.51
C ASN B 876 59.91 5.38 -18.38
N LYS B 877 59.12 4.38 -18.80
CA LYS B 877 59.61 3.38 -19.74
C LYS B 877 60.03 4.01 -21.06
N LEU B 878 59.20 4.92 -21.57
CA LEU B 878 59.51 5.57 -22.84
C LEU B 878 60.77 6.43 -22.75
N ASP B 879 60.88 7.15 -21.63
CA ASP B 879 62.04 8.07 -21.38
C ASP B 879 63.34 7.28 -21.26
N VAL B 880 63.32 6.14 -20.56
CA VAL B 880 64.54 5.36 -20.37
C VAL B 880 64.88 4.58 -21.64
N GLY B 881 63.86 4.24 -22.45
CA GLY B 881 64.15 3.63 -23.74
C GLY B 881 64.81 4.60 -24.70
N ALA B 882 64.36 5.85 -24.70
CA ALA B 882 64.98 6.87 -25.54
C ALA B 882 66.41 7.17 -25.08
N ILE B 883 66.64 7.14 -23.77
CA ILE B 883 67.99 7.36 -23.23
C ILE B 883 68.93 6.23 -23.66
N LEU B 884 68.45 4.99 -23.58
CA LEU B 884 69.27 3.84 -24.00
C LEU B 884 69.57 3.88 -25.49
N LEU B 885 68.58 4.30 -26.30
CA LEU B 885 68.80 4.37 -27.73
C LEU B 885 69.79 5.47 -28.09
N PHE B 886 69.77 6.58 -27.35
CA PHE B 886 70.76 7.63 -27.60
C PHE B 886 72.15 7.21 -27.17
N VAL B 887 72.24 6.42 -26.10
CA VAL B 887 73.52 5.87 -25.67
C VAL B 887 74.10 4.95 -26.73
N ALA B 888 73.24 4.13 -27.35
CA ALA B 888 73.68 3.29 -28.46
C ALA B 888 74.08 4.13 -29.68
N GLY B 889 73.34 5.21 -29.94
CA GLY B 889 73.60 6.01 -31.12
C GLY B 889 74.90 6.79 -31.05
N LEU B 890 75.29 7.22 -29.84
CA LEU B 890 76.58 7.91 -29.70
C LEU B 890 77.76 6.96 -29.94
N THR B 891 77.66 5.73 -29.45
CA THR B 891 78.71 4.75 -29.72
C THR B 891 78.73 4.34 -31.19
N CYS B 892 77.58 4.41 -31.85
CA CYS B 892 77.59 4.18 -33.30
C CYS B 892 78.15 5.39 -34.04
N ARG B 893 78.03 6.58 -33.46
CA ARG B 893 78.54 7.79 -34.11
C ARG B 893 80.04 7.91 -33.95
N LEU B 894 80.60 7.37 -32.86
CA LEU B 894 82.02 7.53 -32.59
C LEU B 894 82.88 6.71 -33.54
N ILE B 895 82.34 5.61 -34.06
CA ILE B 895 83.09 4.78 -35.00
C ILE B 895 82.88 5.31 -36.41
N PRO B 896 83.96 5.57 -37.17
CA PRO B 896 83.77 6.21 -38.49
C PRO B 896 83.15 5.30 -39.54
N ALA B 897 83.28 3.98 -39.38
CA ALA B 897 82.70 3.07 -40.37
C ALA B 897 81.19 3.00 -40.26
N THR B 898 80.66 3.22 -39.06
CA THR B 898 79.22 3.12 -38.81
C THR B 898 78.56 4.47 -38.60
N LEU B 899 78.99 5.51 -39.32
CA LEU B 899 78.46 6.84 -39.11
C LEU B 899 77.01 6.96 -39.58
N TYR B 900 76.73 6.44 -40.77
CA TYR B 900 75.36 6.45 -41.29
C TYR B 900 74.38 5.57 -40.49
N PRO B 901 74.74 4.38 -39.98
CA PRO B 901 73.83 3.73 -39.02
C PRO B 901 73.60 4.52 -37.74
N GLY B 902 74.61 5.23 -37.25
CA GLY B 902 74.40 6.13 -36.12
C GLY B 902 73.44 7.24 -36.45
N ARG B 903 73.50 7.74 -37.69
CA ARG B 903 72.58 8.78 -38.15
C ARG B 903 71.14 8.28 -38.17
N VAL B 904 70.91 7.07 -38.69
CA VAL B 904 69.53 6.59 -38.77
C VAL B 904 69.02 6.18 -37.37
N ILE B 905 69.92 5.76 -36.48
CA ILE B 905 69.54 5.47 -35.10
C ILE B 905 69.12 6.75 -34.38
N LEU B 906 69.87 7.83 -34.60
CA LEU B 906 69.49 9.12 -34.01
C LEU B 906 68.20 9.66 -34.60
N SER B 907 67.89 9.31 -35.86
CA SER B 907 66.61 9.73 -36.43
C SER B 907 65.43 9.02 -35.77
N LEU B 908 65.57 7.69 -35.57
CA LEU B 908 64.52 6.97 -34.85
C LEU B 908 64.38 7.45 -33.41
N ASP B 909 65.49 7.87 -32.81
CA ASP B 909 65.41 8.42 -31.46
C ASP B 909 64.78 9.81 -31.48
N PHE B 910 64.92 10.55 -32.59
CA PHE B 910 64.17 11.79 -32.72
C PHE B 910 62.67 11.53 -32.78
N ILE B 911 62.28 10.44 -33.45
CA ILE B 911 60.87 10.04 -33.45
C ILE B 911 60.39 9.71 -32.03
N LEU B 912 61.23 9.01 -31.27
CA LEU B 912 60.88 8.69 -29.88
C LEU B 912 60.79 9.94 -29.01
N PHE B 913 61.67 10.93 -29.25
CA PHE B 913 61.59 12.18 -28.50
C PHE B 913 60.35 12.98 -28.85
N CYS B 914 59.95 12.97 -30.13
CA CYS B 914 58.81 13.78 -30.51
C CYS B 914 57.51 13.10 -30.09
N LEU B 915 57.55 11.80 -29.85
CA LEU B 915 56.37 11.10 -29.32
C LEU B 915 56.08 11.52 -27.88
N ARG B 916 57.10 11.99 -27.16
CA ARG B 916 56.97 12.42 -25.77
C ARG B 916 56.15 13.71 -25.62
N LEU B 917 56.00 14.47 -26.71
CA LEU B 917 55.23 15.71 -26.65
C LEU B 917 53.72 15.46 -26.56
N MET B 918 53.29 14.22 -26.76
CA MET B 918 51.86 13.91 -26.63
C MET B 918 51.43 13.91 -25.17
N HIS B 919 52.39 13.89 -24.25
CA HIS B 919 52.08 13.85 -22.81
C HIS B 919 51.51 15.18 -22.32
N ILE B 920 51.76 16.27 -23.07
CA ILE B 920 51.30 17.61 -22.67
C ILE B 920 49.78 17.69 -22.64
N PHE B 921 49.11 16.92 -23.49
CA PHE B 921 47.67 17.05 -23.62
C PHE B 921 46.92 16.34 -22.49
N THR B 922 47.65 15.67 -21.60
CA THR B 922 47.01 14.98 -20.49
C THR B 922 46.49 15.96 -19.44
N ILE B 923 47.13 17.12 -19.31
CA ILE B 923 46.79 18.02 -18.21
C ILE B 923 45.48 18.74 -18.49
N SER B 924 45.15 18.94 -19.77
CA SER B 924 43.95 19.69 -20.10
C SER B 924 42.71 18.86 -19.85
N LYS B 925 41.59 19.55 -19.58
CA LYS B 925 40.40 18.90 -19.06
C LYS B 925 39.73 18.04 -20.12
N THR B 926 39.59 18.56 -21.34
CA THR B 926 38.80 17.86 -22.35
C THR B 926 39.62 16.85 -23.12
N LEU B 927 40.95 17.00 -23.12
CA LEU B 927 41.75 16.27 -24.09
C LEU B 927 42.19 14.90 -23.57
N GLY B 928 42.43 14.79 -22.25
CA GLY B 928 42.98 13.57 -21.67
C GLY B 928 42.20 12.28 -21.84
N PRO B 929 40.88 12.28 -21.57
CA PRO B 929 40.09 11.05 -21.82
C PRO B 929 40.17 10.51 -23.24
N LYS B 930 40.38 11.38 -24.22
CA LYS B 930 40.55 10.91 -25.59
C LYS B 930 41.84 10.13 -25.76
N ILE B 931 42.91 10.58 -25.08
CA ILE B 931 44.17 9.85 -25.08
C ILE B 931 43.99 8.49 -24.43
N ILE B 932 43.21 8.43 -23.34
CA ILE B 932 42.95 7.16 -22.67
C ILE B 932 42.12 6.24 -23.56
N ILE B 933 41.27 6.83 -24.42
CA ILE B 933 40.49 6.03 -25.37
C ILE B 933 41.39 5.42 -26.44
N VAL B 934 42.32 6.21 -26.97
CA VAL B 934 43.24 5.75 -28.02
C VAL B 934 44.14 4.62 -27.50
N LYS B 935 44.55 4.74 -26.23
CA LYS B 935 45.35 3.72 -25.58
C LYS B 935 44.62 2.38 -25.50
N ARG B 936 43.29 2.41 -25.50
CA ARG B 936 42.52 1.16 -25.56
C ARG B 936 42.31 0.69 -26.99
N MET B 937 42.17 1.63 -27.93
CA MET B 937 41.79 1.25 -29.31
C MET B 937 42.94 0.56 -30.04
N MET B 938 44.19 0.87 -29.68
CA MET B 938 45.36 0.33 -30.40
C MET B 938 45.41 -1.21 -30.40
N LYS B 939 44.81 -1.83 -29.38
CA LYS B 939 44.89 -3.28 -29.19
C LYS B 939 44.22 -4.05 -30.31
N ASP B 940 43.02 -3.64 -30.72
CA ASP B 940 42.39 -4.34 -31.84
C ASP B 940 42.73 -3.67 -33.17
N VAL B 941 43.30 -2.46 -33.13
CA VAL B 941 43.93 -1.89 -34.33
C VAL B 941 44.98 -2.83 -34.92
N PHE B 942 45.88 -3.35 -34.07
CA PHE B 942 46.97 -4.21 -34.55
C PHE B 942 46.46 -5.50 -35.18
N PHE B 943 45.51 -6.16 -34.52
CA PHE B 943 45.02 -7.44 -35.01
C PHE B 943 44.10 -7.26 -36.21
N PHE B 944 43.56 -6.05 -36.43
CA PHE B 944 42.92 -5.79 -37.71
C PHE B 944 43.96 -5.67 -38.82
N LEU B 945 45.05 -4.95 -38.54
CA LEU B 945 45.99 -4.61 -39.62
C LEU B 945 46.71 -5.85 -40.14
N PHE B 946 46.85 -6.88 -39.29
CA PHE B 946 47.31 -8.18 -39.81
C PHE B 946 46.35 -8.74 -40.86
N LEU B 947 45.04 -8.67 -40.58
CA LEU B 947 44.03 -9.19 -41.50
C LEU B 947 44.01 -8.41 -42.81
N LEU B 948 44.24 -7.10 -42.72
CA LEU B 948 44.30 -6.29 -43.93
C LEU B 948 45.53 -6.62 -44.76
N ALA B 949 46.67 -6.84 -44.10
CA ALA B 949 47.93 -7.10 -44.80
C ALA B 949 47.90 -8.42 -45.54
N VAL B 950 47.37 -9.48 -44.92
CA VAL B 950 47.35 -10.77 -45.59
C VAL B 950 46.38 -10.76 -46.77
N TRP B 951 45.35 -9.90 -46.68
CA TRP B 951 44.37 -9.77 -47.76
C TRP B 951 44.99 -9.11 -48.98
N VAL B 952 45.69 -7.98 -48.77
CA VAL B 952 46.26 -7.26 -49.91
C VAL B 952 47.41 -8.05 -50.53
N VAL B 953 48.15 -8.81 -49.70
CA VAL B 953 49.17 -9.72 -50.21
C VAL B 953 48.55 -10.81 -51.07
N SER B 954 47.36 -11.30 -50.68
CA SER B 954 46.68 -12.33 -51.45
C SER B 954 46.28 -11.85 -52.84
N PHE B 955 45.63 -10.67 -52.93
CA PHE B 955 45.28 -10.19 -54.25
C PHE B 955 46.48 -9.76 -55.08
N GLY B 956 47.54 -9.27 -54.44
CA GLY B 956 48.75 -8.94 -55.18
C GLY B 956 49.40 -10.16 -55.82
N VAL B 957 49.50 -11.26 -55.06
CA VAL B 957 50.08 -12.48 -55.58
C VAL B 957 49.21 -13.08 -56.66
N ALA B 958 47.88 -13.03 -56.49
CA ALA B 958 46.98 -13.56 -57.50
C ALA B 958 47.07 -12.79 -58.81
N LYS B 959 47.10 -11.45 -58.74
CA LYS B 959 47.16 -10.63 -59.95
C LYS B 959 48.50 -10.80 -60.67
N GLN B 960 49.60 -10.81 -59.90
CA GLN B 960 50.92 -10.95 -60.52
C GLN B 960 51.11 -12.36 -61.07
N ALA B 961 50.38 -13.33 -60.54
CA ALA B 961 50.44 -14.67 -61.10
C ALA B 961 49.66 -14.77 -62.40
N ILE B 962 48.49 -14.14 -62.47
CA ILE B 962 47.66 -14.35 -63.66
C ILE B 962 48.15 -13.49 -64.82
N LEU B 963 48.58 -12.26 -64.56
CA LEU B 963 48.81 -11.31 -65.65
C LEU B 963 50.28 -11.11 -65.99
N ILE B 964 51.17 -11.98 -65.50
CA ILE B 964 52.59 -11.89 -65.79
C ILE B 964 53.18 -13.31 -65.72
N HIS B 965 54.03 -13.63 -66.69
CA HIS B 965 54.62 -14.95 -66.75
C HIS B 965 55.73 -15.10 -65.71
N ASN B 966 56.25 -16.32 -65.59
CA ASN B 966 57.31 -16.60 -64.62
C ASN B 966 58.64 -16.02 -65.10
N GLU B 967 59.15 -15.04 -64.36
CA GLU B 967 60.39 -14.37 -64.70
C GLU B 967 61.21 -14.15 -63.44
N ARG B 968 62.51 -14.39 -63.56
CA ARG B 968 63.45 -14.30 -62.45
C ARG B 968 64.00 -12.90 -62.22
N ARG B 969 63.27 -11.86 -62.64
CA ARG B 969 63.70 -10.49 -62.40
C ARG B 969 63.66 -10.16 -60.92
N VAL B 970 64.77 -9.63 -60.40
CA VAL B 970 64.95 -9.46 -58.96
C VAL B 970 64.20 -8.25 -58.45
N ASP B 971 64.53 -7.06 -58.94
CA ASP B 971 64.04 -5.82 -58.37
C ASP B 971 63.16 -5.01 -59.30
N TRP B 972 63.10 -5.33 -60.58
CA TRP B 972 62.28 -4.55 -61.51
C TRP B 972 60.80 -4.91 -61.37
N LEU B 973 60.44 -6.14 -61.72
CA LEU B 973 59.05 -6.55 -61.74
C LEU B 973 58.47 -6.69 -60.34
N PHE B 974 59.32 -7.07 -59.38
CA PHE B 974 58.87 -7.21 -57.99
C PHE B 974 58.48 -5.85 -57.40
N ARG B 975 59.34 -4.85 -57.56
CA ARG B 975 59.00 -3.52 -57.07
C ARG B 975 57.89 -2.88 -57.88
N GLY B 976 57.77 -3.26 -59.17
CA GLY B 976 56.64 -2.78 -59.97
C GLY B 976 55.30 -3.30 -59.48
N ALA B 977 55.23 -4.60 -59.21
CA ALA B 977 53.99 -5.18 -58.67
C ALA B 977 53.72 -4.70 -57.25
N VAL B 978 54.78 -4.47 -56.47
CA VAL B 978 54.60 -3.97 -55.11
C VAL B 978 54.10 -2.53 -55.13
N TYR B 979 54.57 -1.72 -56.08
CA TYR B 979 54.08 -0.36 -56.20
C TYR B 979 52.65 -0.34 -56.74
N HIS B 980 52.30 -1.30 -57.59
CA HIS B 980 50.92 -1.43 -58.04
C HIS B 980 49.99 -1.80 -56.89
N SER B 981 50.41 -2.73 -56.03
CA SER B 981 49.63 -3.09 -54.85
C SER B 981 49.56 -1.94 -53.85
N TYR B 982 50.63 -1.14 -53.75
CA TYR B 982 50.64 0.01 -52.86
C TYR B 982 49.69 1.09 -53.35
N LEU B 983 49.66 1.33 -54.67
CA LEU B 983 48.71 2.29 -55.23
C LEU B 983 47.27 1.80 -55.10
N THR B 984 47.07 0.49 -55.18
CA THR B 984 45.73 -0.06 -54.95
C THR B 984 45.32 0.05 -53.49
N ILE B 985 46.29 -0.07 -52.57
CA ILE B 985 45.98 -0.06 -51.15
C ILE B 985 45.77 1.36 -50.65
N PHE B 986 46.44 2.32 -51.27
CA PHE B 986 46.40 3.70 -50.79
C PHE B 986 45.04 4.35 -51.04
N GLY B 987 44.40 4.01 -52.16
CA GLY B 987 43.11 4.57 -52.50
C GLY B 987 41.97 4.06 -51.64
N PHE B 1027 40.83 -9.51 -75.54
CA PHE B 1027 39.54 -9.13 -75.00
C PHE B 1027 39.60 -8.92 -73.48
N PRO B 1028 40.49 -8.03 -72.97
CA PRO B 1028 40.61 -7.94 -71.52
C PRO B 1028 39.65 -6.93 -70.91
N GLU B 1029 38.64 -6.50 -71.65
CA GLU B 1029 37.66 -5.54 -71.13
C GLU B 1029 36.86 -6.16 -70.00
N TRP B 1030 36.27 -7.33 -70.25
CA TRP B 1030 35.48 -8.02 -69.23
C TRP B 1030 36.34 -8.48 -68.07
N LEU B 1031 37.56 -8.93 -68.35
CA LEU B 1031 38.45 -9.39 -67.29
C LEU B 1031 38.94 -8.24 -66.41
N THR B 1032 39.24 -7.10 -67.02
CA THR B 1032 39.69 -5.93 -66.26
C THR B 1032 38.55 -5.35 -65.44
N VAL B 1033 37.35 -5.29 -66.04
CA VAL B 1033 36.17 -4.83 -65.30
C VAL B 1033 35.85 -5.78 -64.15
N LEU B 1034 36.05 -7.08 -64.35
CA LEU B 1034 35.80 -8.06 -63.31
C LEU B 1034 36.80 -7.92 -62.16
N LEU B 1035 38.08 -7.73 -62.49
CA LEU B 1035 39.10 -7.59 -61.45
C LEU B 1035 38.92 -6.29 -60.67
N LEU B 1036 38.65 -5.18 -61.37
CA LEU B 1036 38.46 -3.91 -60.69
C LEU B 1036 37.17 -3.90 -59.88
N CYS B 1037 36.11 -4.56 -60.36
CA CYS B 1037 34.87 -4.57 -59.61
C CYS B 1037 34.96 -5.51 -58.41
N LEU B 1038 35.75 -6.58 -58.52
CA LEU B 1038 35.97 -7.46 -57.37
C LEU B 1038 36.77 -6.75 -56.29
N TYR B 1039 37.84 -6.06 -56.69
CA TYR B 1039 38.63 -5.28 -55.72
C TYR B 1039 37.81 -4.15 -55.12
N LEU B 1040 36.91 -3.56 -55.91
CA LEU B 1040 35.98 -2.54 -55.41
C LEU B 1040 35.04 -3.11 -54.36
N LEU B 1041 34.39 -4.24 -54.68
CA LEU B 1041 33.41 -4.87 -53.80
C LEU B 1041 34.03 -5.30 -52.49
N PHE B 1042 35.25 -5.84 -52.53
CA PHE B 1042 35.88 -6.25 -51.28
C PHE B 1042 36.44 -5.05 -50.52
N THR B 1043 37.31 -4.26 -51.15
CA THR B 1043 38.10 -3.27 -50.41
C THR B 1043 37.26 -2.07 -50.01
N ASN B 1044 36.45 -1.53 -50.92
CA ASN B 1044 35.67 -0.34 -50.63
C ASN B 1044 34.56 -0.56 -49.62
N ILE B 1045 34.26 -1.82 -49.26
CA ILE B 1045 33.10 -2.06 -48.41
C ILE B 1045 33.48 -2.74 -47.10
N LEU B 1046 33.98 -3.98 -47.18
CA LEU B 1046 33.82 -4.95 -46.09
C LEU B 1046 34.66 -4.60 -44.86
N LEU B 1047 35.98 -4.47 -45.05
CA LEU B 1047 36.87 -4.23 -43.93
C LEU B 1047 36.67 -2.84 -43.35
N LEU B 1048 36.17 -1.91 -44.16
CA LEU B 1048 35.82 -0.59 -43.67
C LEU B 1048 34.67 -0.66 -42.67
N ASN B 1049 33.65 -1.47 -42.96
CA ASN B 1049 32.56 -1.64 -42.00
C ASN B 1049 33.02 -2.43 -40.79
N LEU B 1050 33.98 -3.34 -40.98
CA LEU B 1050 34.62 -4.01 -39.85
C LEU B 1050 35.29 -3.00 -38.91
N LEU B 1051 36.02 -2.04 -39.48
CA LEU B 1051 36.65 -1.00 -38.67
C LEU B 1051 35.63 -0.11 -37.99
N ILE B 1052 34.59 0.30 -38.73
CA ILE B 1052 33.54 1.15 -38.19
C ILE B 1052 32.85 0.48 -37.02
N ALA B 1053 32.52 -0.81 -37.18
CA ALA B 1053 31.84 -1.56 -36.13
C ALA B 1053 32.72 -1.75 -34.90
N MET B 1054 33.98 -2.19 -35.10
CA MET B 1054 34.85 -2.46 -33.96
C MET B 1054 35.21 -1.20 -33.20
N PHE B 1055 35.51 -0.11 -33.93
CA PHE B 1055 35.91 1.13 -33.29
C PHE B 1055 34.74 1.78 -32.56
N ASN B 1056 33.56 1.79 -33.19
CA ASN B 1056 32.36 2.27 -32.51
C ASN B 1056 32.05 1.44 -31.28
N TYR B 1057 32.26 0.12 -31.36
CA TYR B 1057 31.97 -0.78 -30.25
C TYR B 1057 32.86 -0.48 -29.05
N THR B 1058 34.17 -0.38 -29.26
CA THR B 1058 35.06 -0.14 -28.12
C THR B 1058 34.95 1.28 -27.60
N PHE B 1059 34.59 2.23 -28.48
CA PHE B 1059 34.42 3.61 -28.04
C PHE B 1059 33.21 3.73 -27.12
N GLN B 1060 32.15 2.97 -27.41
CA GLN B 1060 30.94 3.00 -26.59
C GLN B 1060 31.18 2.51 -25.17
N GLN B 1061 32.17 1.63 -24.96
CA GLN B 1061 32.47 1.22 -23.58
C GLN B 1061 33.45 2.15 -22.90
N VAL B 1062 34.56 2.50 -23.55
CA VAL B 1062 35.63 3.22 -22.83
C VAL B 1062 35.24 4.68 -22.57
N GLN B 1063 34.31 5.21 -23.40
CA GLN B 1063 33.84 6.59 -23.25
C GLN B 1063 33.17 6.84 -21.90
N GLU B 1064 32.59 5.79 -21.31
CA GLU B 1064 31.76 5.93 -20.12
C GLU B 1064 32.57 6.34 -18.90
N HIS B 1065 33.67 5.64 -18.62
CA HIS B 1065 34.43 5.90 -17.41
C HIS B 1065 35.89 6.27 -17.66
N THR B 1066 36.23 6.73 -18.87
CA THR B 1066 37.51 7.42 -19.03
C THR B 1066 37.64 8.64 -18.11
N ASP B 1067 36.53 9.33 -17.85
CA ASP B 1067 36.58 10.52 -17.00
C ASP B 1067 36.89 10.15 -15.55
N GLN B 1068 36.29 9.08 -15.05
CA GLN B 1068 36.56 8.65 -13.69
C GLN B 1068 37.96 8.08 -13.57
N ILE B 1069 38.49 7.50 -14.64
CA ILE B 1069 39.90 7.07 -14.59
C ILE B 1069 40.82 8.28 -14.58
N TRP B 1070 40.49 9.30 -15.37
CA TRP B 1070 41.38 10.46 -15.51
C TRP B 1070 41.44 11.28 -14.24
N LYS B 1071 40.31 11.41 -13.55
CA LYS B 1071 40.29 12.15 -12.29
C LYS B 1071 41.15 11.47 -11.23
N PHE B 1072 41.23 10.14 -11.27
CA PHE B 1072 42.15 9.43 -10.38
C PHE B 1072 43.58 9.55 -10.87
N GLN B 1073 43.76 9.67 -12.18
CA GLN B 1073 45.11 9.77 -12.75
C GLN B 1073 45.74 11.12 -12.48
N ARG B 1074 44.93 12.13 -12.14
CA ARG B 1074 45.38 13.52 -12.15
C ARG B 1074 46.44 13.81 -11.08
N HIS B 1075 46.56 12.96 -10.05
CA HIS B 1075 47.34 13.35 -8.88
C HIS B 1075 48.84 13.33 -9.09
N ASP B 1076 49.36 12.28 -9.75
CA ASP B 1076 50.80 12.05 -9.74
C ASP B 1076 51.54 13.07 -10.59
N LEU B 1077 50.87 13.64 -11.58
CA LEU B 1077 51.45 14.73 -12.36
C LEU B 1077 51.69 15.94 -11.49
N ILE B 1078 50.72 16.27 -10.63
CA ILE B 1078 50.84 17.42 -9.74
C ILE B 1078 51.89 17.16 -8.68
N GLU B 1079 51.95 15.92 -8.17
CA GLU B 1079 52.91 15.59 -7.12
C GLU B 1079 54.35 15.64 -7.63
N GLU B 1080 54.56 15.20 -8.88
CA GLU B 1080 55.89 15.20 -9.46
C GLU B 1080 56.41 16.61 -9.68
N TYR B 1081 55.58 17.50 -10.22
CA TYR B 1081 56.04 18.86 -10.49
C TYR B 1081 56.06 19.69 -9.22
N HIS B 1082 55.34 19.25 -8.18
CA HIS B 1082 55.57 19.81 -6.86
C HIS B 1082 56.95 19.41 -6.34
N GLY B 1083 57.36 18.18 -6.61
CA GLY B 1083 58.65 17.72 -6.11
C GLY B 1083 59.83 18.23 -6.91
N ARG B 1084 59.60 18.59 -8.17
CA ARG B 1084 60.71 18.92 -9.06
C ARG B 1084 61.20 20.35 -8.78
N PRO B 1085 62.52 20.56 -8.82
CA PRO B 1085 63.04 21.94 -8.72
C PRO B 1085 62.66 22.80 -9.91
N ALA B 1086 62.89 24.10 -9.75
CA ALA B 1086 62.21 25.08 -10.60
C ALA B 1086 62.96 25.34 -11.91
N ALA B 1087 64.23 24.95 -11.98
CA ALA B 1087 65.06 25.36 -13.11
C ALA B 1087 64.74 24.52 -14.34
N PRO B 1088 64.83 25.10 -15.54
CA PRO B 1088 64.76 24.31 -16.78
C PRO B 1088 65.98 23.41 -16.93
N PRO B 1089 65.93 22.39 -17.80
CA PRO B 1089 67.04 21.39 -17.89
C PRO B 1089 68.42 21.94 -18.23
N PRO B 1090 68.58 23.13 -18.83
CA PRO B 1090 69.93 23.72 -18.79
C PRO B 1090 70.46 24.00 -17.39
N PHE B 1091 69.66 24.60 -16.52
CA PHE B 1091 70.15 25.04 -15.22
C PHE B 1091 69.84 24.05 -14.11
N ILE B 1092 69.24 22.90 -14.45
CA ILE B 1092 68.87 21.93 -13.45
C ILE B 1092 70.11 21.19 -12.93
N LEU B 1093 71.24 21.29 -13.64
CA LEU B 1093 72.52 20.87 -13.05
C LEU B 1093 72.94 21.77 -11.90
N LEU B 1094 72.79 23.09 -12.08
CA LEU B 1094 73.08 24.03 -11.00
C LEU B 1094 72.13 23.82 -9.83
N SER B 1095 70.91 23.38 -10.12
CA SER B 1095 70.00 23.01 -9.04
C SER B 1095 70.40 21.68 -8.40
N HIS B 1096 70.87 20.72 -9.21
CA HIS B 1096 71.17 19.38 -8.71
C HIS B 1096 72.41 19.36 -7.83
N LEU B 1097 73.40 20.21 -8.14
CA LEU B 1097 74.70 20.10 -7.49
C LEU B 1097 74.62 20.42 -6.00
N GLN B 1098 73.84 21.45 -5.65
CA GLN B 1098 73.71 21.85 -4.26
C GLN B 1098 73.01 20.76 -3.45
N LEU B 1099 71.94 20.20 -4.01
CA LEU B 1099 71.22 19.11 -3.35
C LEU B 1099 72.10 17.89 -3.16
N PHE B 1100 72.91 17.55 -4.17
CA PHE B 1100 73.72 16.34 -4.08
C PHE B 1100 74.87 16.49 -3.09
N ILE B 1101 75.53 17.66 -3.06
CA ILE B 1101 76.62 17.83 -2.12
C ILE B 1101 76.08 18.05 -0.71
N LYS B 1102 74.83 18.51 -0.61
CA LYS B 1102 74.24 18.68 0.71
C LYS B 1102 73.82 17.35 1.31
N ARG B 1103 73.29 16.45 0.48
CA ARG B 1103 72.71 15.21 1.00
C ARG B 1103 73.78 14.27 1.55
N VAL B 1104 74.97 14.29 0.97
CA VAL B 1104 75.98 13.28 1.31
C VAL B 1104 76.57 13.54 2.69
N VAL B 1105 76.95 14.79 2.96
CA VAL B 1105 77.71 15.06 4.18
C VAL B 1105 76.79 15.17 5.40
N LEU B 1106 75.88 16.15 5.43
CA LEU B 1106 75.03 16.34 6.61
C LEU B 1106 73.73 17.02 6.17
N LYS B 1107 72.69 16.20 6.00
CA LYS B 1107 71.35 16.67 5.67
C LYS B 1107 70.37 15.52 5.87
N THR B 1108 69.09 15.84 5.73
CA THR B 1108 68.07 14.81 5.70
C THR B 1108 68.08 14.12 4.34
N PRO B 1109 67.75 12.83 4.28
CA PRO B 1109 67.64 12.17 2.96
C PRO B 1109 66.53 12.72 2.09
N ALA B 1110 65.29 12.70 2.59
CA ALA B 1110 64.15 13.26 1.89
C ALA B 1110 63.07 13.58 2.91
N LYS B 1111 62.38 14.69 2.69
CA LYS B 1111 61.32 15.12 3.59
C LYS B 1111 60.18 15.68 2.76
N ARG B 1112 58.96 15.32 3.14
CA ARG B 1112 57.78 15.77 2.42
C ARG B 1112 57.51 17.23 2.72
N HIS B 1113 56.71 17.85 1.86
CA HIS B 1113 56.43 19.27 1.97
C HIS B 1113 55.14 19.51 2.74
N LYS B 1114 55.03 20.71 3.29
CA LYS B 1114 53.96 21.04 4.26
C LYS B 1114 52.73 21.60 3.55
N GLN B 1115 52.59 21.26 2.27
CA GLN B 1115 51.39 21.56 1.53
C GLN B 1115 50.63 20.28 1.26
N LEU B 1116 51.36 19.16 1.14
CA LEU B 1116 50.70 17.87 0.94
C LEU B 1116 50.50 17.15 2.26
N LYS B 1117 51.45 17.24 3.18
CA LYS B 1117 51.35 16.61 4.47
C LYS B 1117 51.96 17.50 5.54
N ASN B 1118 51.22 17.74 6.61
CA ASN B 1118 51.73 18.53 7.73
C ASN B 1118 51.16 17.98 9.03
N LYS B 1119 51.88 18.24 10.11
CA LYS B 1119 51.46 17.86 11.44
C LYS B 1119 50.91 19.09 12.15
N LEU B 1120 49.64 19.04 12.53
CA LEU B 1120 49.00 20.19 13.13
C LEU B 1120 49.35 20.28 14.60
N GLU B 1121 49.13 21.47 15.17
CA GLU B 1121 49.28 21.63 16.60
C GLU B 1121 48.09 21.02 17.32
N LYS B 1122 48.27 20.73 18.61
CA LYS B 1122 47.22 20.09 19.40
C LYS B 1122 46.01 21.01 19.56
N ASN B 1123 46.28 22.30 19.76
CA ASN B 1123 45.23 23.28 20.03
C ASN B 1123 44.31 23.45 18.82
N GLU B 1124 44.87 23.32 17.62
CA GLU B 1124 44.04 23.37 16.42
C GLU B 1124 43.34 22.05 16.16
N GLU B 1125 44.06 20.94 16.40
CA GLU B 1125 43.56 19.61 16.06
C GLU B 1125 42.36 19.24 16.91
N ALA B 1126 42.32 19.70 18.16
CA ALA B 1126 41.18 19.40 19.03
C ALA B 1126 39.90 20.04 18.52
N ALA B 1127 39.97 21.32 18.14
CA ALA B 1127 38.81 22.01 17.62
C ALA B 1127 38.37 21.45 16.28
N LEU B 1128 39.36 21.07 15.45
CA LEU B 1128 39.04 20.48 14.14
C LEU B 1128 38.32 19.14 14.31
N LEU B 1129 38.79 18.31 15.23
CA LEU B 1129 38.15 17.01 15.43
C LEU B 1129 36.78 17.15 16.06
N SER B 1130 36.60 18.14 16.93
CA SER B 1130 35.27 18.36 17.51
C SER B 1130 34.28 18.85 16.44
N TRP B 1131 34.76 19.69 15.53
CA TRP B 1131 33.94 20.14 14.40
C TRP B 1131 33.53 18.98 13.51
N GLU B 1132 34.46 18.07 13.23
CA GLU B 1132 34.15 16.93 12.39
C GLU B 1132 33.19 15.97 13.08
N ILE B 1133 33.33 15.81 14.40
CA ILE B 1133 32.41 14.97 15.17
C ILE B 1133 30.99 15.52 15.11
N TYR B 1134 30.85 16.85 15.26
CA TYR B 1134 29.53 17.45 15.21
C TYR B 1134 28.91 17.33 13.83
N LEU B 1135 29.72 17.40 12.78
CA LEU B 1135 29.16 17.28 11.44
C LEU B 1135 28.81 15.83 11.11
N LYS B 1136 29.52 14.86 11.69
CA LYS B 1136 29.12 13.46 11.53
C LYS B 1136 27.78 13.19 12.20
N GLU B 1137 27.59 13.75 13.40
CA GLU B 1137 26.30 13.62 14.09
C GLU B 1137 25.19 14.31 13.32
N ASN B 1138 25.52 15.38 12.60
CA ASN B 1138 24.54 16.00 11.73
C ASN B 1138 24.20 15.12 10.53
N TYR B 1139 25.19 14.38 10.00
CA TYR B 1139 24.96 13.61 8.78
C TYR B 1139 24.12 12.37 9.05
N LEU B 1140 24.31 11.76 10.22
CA LEU B 1140 23.65 10.47 10.50
C LEU B 1140 22.13 10.62 10.59
N GLN B 1141 21.66 11.76 11.07
CA GLN B 1141 20.22 11.98 11.20
C GLN B 1141 19.56 12.14 9.84
N ASN B 1142 20.22 12.86 8.92
CA ASN B 1142 19.70 12.99 7.57
C ASN B 1142 19.70 11.66 6.84
N ARG B 1143 20.72 10.83 7.10
CA ARG B 1143 20.74 9.50 6.49
C ARG B 1143 19.59 8.63 6.98
N GLN B 1144 19.33 8.62 8.30
CA GLN B 1144 18.27 7.76 8.80
C GLN B 1144 16.90 8.30 8.45
N PHE B 1145 16.77 9.61 8.28
CA PHE B 1145 15.49 10.17 7.88
C PHE B 1145 15.19 9.87 6.42
N GLN B 1146 16.21 9.93 5.57
CA GLN B 1146 16.03 9.56 4.18
C GLN B 1146 15.73 8.08 4.03
N GLN B 1147 16.33 7.23 4.86
CA GLN B 1147 16.00 5.81 4.81
C GLN B 1147 14.60 5.53 5.35
N LYS B 1148 14.12 6.39 6.25
CA LYS B 1148 12.74 6.22 6.71
C LYS B 1148 11.74 6.69 5.66
N GLN B 1149 12.13 7.62 4.81
CA GLN B 1149 11.19 8.15 3.82
C GLN B 1149 11.02 7.25 2.60
N ARG B 1150 11.62 6.09 2.57
CA ARG B 1150 11.52 5.22 1.40
C ARG B 1150 10.15 4.55 1.36
N PRO B 1151 9.60 4.28 0.16
CA PRO B 1151 8.21 3.78 0.11
C PRO B 1151 8.03 2.33 0.55
N GLU B 1152 9.00 1.47 0.27
CA GLU B 1152 8.91 0.08 0.68
C GLU B 1152 8.92 -0.06 2.19
N GLN B 1153 9.64 0.84 2.87
CA GLN B 1153 9.62 0.85 4.32
C GLN B 1153 8.26 1.31 4.85
N LYS B 1154 7.60 2.22 4.13
CA LYS B 1154 6.25 2.64 4.52
C LYS B 1154 5.26 1.49 4.35
N ILE B 1155 5.42 0.70 3.28
CA ILE B 1155 4.57 -0.45 3.06
C ILE B 1155 4.76 -1.48 4.16
N GLU B 1156 6.02 -1.73 4.55
CA GLU B 1156 6.30 -2.66 5.64
C GLU B 1156 5.73 -2.17 6.97
N ASP B 1157 5.78 -0.87 7.21
CA ASP B 1157 5.21 -0.31 8.44
C ASP B 1157 3.70 -0.48 8.47
N ILE B 1158 3.03 -0.25 7.34
CA ILE B 1158 1.58 -0.46 7.28
C ILE B 1158 1.23 -1.92 7.50
N SER B 1159 2.06 -2.83 6.96
CA SER B 1159 1.81 -4.26 7.13
C SER B 1159 1.95 -4.68 8.58
N ASN B 1160 2.94 -4.12 9.29
CA ASN B 1160 3.11 -4.45 10.70
C ASN B 1160 1.96 -3.89 11.55
N LYS B 1161 1.48 -2.70 11.22
CA LYS B 1161 0.33 -2.15 11.94
C LYS B 1161 -0.92 -2.99 11.70
N VAL B 1162 -1.11 -3.47 10.48
CA VAL B 1162 -2.29 -4.28 10.17
C VAL B 1162 -2.22 -5.63 10.87
N ASP B 1163 -1.02 -6.22 10.98
CA ASP B 1163 -0.88 -7.47 11.71
C ASP B 1163 -1.12 -7.28 13.21
N ALA B 1164 -0.68 -6.15 13.77
CA ALA B 1164 -1.00 -5.84 15.15
C ALA B 1164 -2.50 -5.66 15.35
N MET B 1165 -3.18 -5.07 14.36
CA MET B 1165 -4.62 -4.86 14.49
C MET B 1165 -5.40 -6.16 14.41
N VAL B 1166 -4.99 -7.08 13.54
CA VAL B 1166 -5.74 -8.33 13.44
C VAL B 1166 -5.46 -9.20 14.66
N ASP B 1167 -4.27 -9.07 15.27
CA ASP B 1167 -4.02 -9.75 16.53
C ASP B 1167 -4.86 -9.16 17.66
N LEU B 1168 -5.04 -7.83 17.65
CA LEU B 1168 -5.86 -7.20 18.68
C LEU B 1168 -7.33 -7.56 18.53
N LEU B 1169 -7.83 -7.66 17.30
CA LEU B 1169 -9.21 -8.05 17.12
C LEU B 1169 -9.42 -9.54 17.34
N ASP B 1170 -8.35 -10.34 17.19
CA ASP B 1170 -8.44 -11.74 17.58
C ASP B 1170 -8.46 -11.90 19.09
N LEU B 1171 -7.80 -10.97 19.81
CA LEU B 1171 -7.72 -11.08 21.27
C LEU B 1171 -9.05 -10.74 21.93
N ASP B 1172 -9.88 -9.94 21.27
CA ASP B 1172 -11.15 -9.52 21.85
C ASP B 1172 -12.18 -10.66 21.84
N GLY B 1242 -3.68 -18.70 55.36
CA GLY B 1242 -3.07 -19.94 55.82
C GLY B 1242 -2.99 -20.03 57.33
N ASP B 1243 -3.55 -21.10 57.89
CA ASP B 1243 -3.51 -21.31 59.33
C ASP B 1243 -2.10 -21.64 59.77
N SER B 1244 -1.70 -21.06 60.91
CA SER B 1244 -0.34 -21.21 61.43
C SER B 1244 -0.20 -22.60 62.01
N TYR B 1245 0.13 -23.56 61.14
CA TYR B 1245 0.36 -24.93 61.54
C TYR B 1245 1.82 -25.30 61.29
N HIS B 1246 2.23 -26.42 61.86
CA HIS B 1246 3.59 -26.92 61.72
C HIS B 1246 3.73 -27.73 60.43
N VAL B 1247 3.81 -26.98 59.32
CA VAL B 1247 3.78 -27.59 57.99
C VAL B 1247 5.13 -28.21 57.65
N ASN B 1248 6.19 -27.83 58.37
CA ASN B 1248 7.49 -28.44 58.13
C ASN B 1248 7.61 -29.79 58.81
N ALA B 1249 6.80 -30.02 59.84
CA ALA B 1249 6.74 -31.34 60.46
C ALA B 1249 5.76 -32.24 59.72
N ARG B 1250 4.72 -31.66 59.13
CA ARG B 1250 3.75 -32.44 58.37
C ARG B 1250 4.30 -32.83 57.00
N HIS B 1251 5.46 -32.27 56.63
CA HIS B 1251 6.19 -32.57 55.41
C HIS B 1251 6.45 -34.07 55.24
N LEU B 1252 6.10 -34.58 54.07
CA LEU B 1252 6.28 -35.98 53.73
C LEU B 1252 7.77 -36.32 53.64
N LEU B 1253 8.07 -37.61 53.75
CA LEU B 1253 9.43 -38.18 53.59
C LEU B 1253 10.40 -37.60 54.62
N TYR B 1254 10.18 -38.02 55.87
CA TYR B 1254 11.02 -37.84 57.05
C TYR B 1254 12.50 -37.98 56.71
N PRO B 1255 13.36 -37.08 57.20
CA PRO B 1255 14.73 -37.02 56.71
C PRO B 1255 15.58 -38.20 57.17
N ASN B 1256 16.42 -38.68 56.23
CA ASN B 1256 17.47 -39.67 56.47
C ASN B 1256 16.90 -41.02 56.91
N CYS B 1257 15.63 -41.27 56.61
CA CYS B 1257 14.94 -42.54 56.85
C CYS B 1257 13.96 -42.78 55.72
N PRO B 1258 14.05 -43.92 55.01
CA PRO B 1258 13.17 -44.16 53.85
C PRO B 1258 11.76 -44.58 54.24
N VAL B 1259 11.07 -43.71 54.98
CA VAL B 1259 9.70 -43.94 55.42
C VAL B 1259 8.85 -42.74 55.05
N THR B 1260 7.56 -42.99 54.86
CA THR B 1260 6.58 -41.96 54.57
C THR B 1260 5.60 -41.87 55.72
N ARG B 1261 4.97 -40.71 55.86
CA ARG B 1261 4.01 -40.49 56.92
C ARG B 1261 2.59 -40.39 56.36
N PHE B 1262 1.64 -40.43 57.27
CA PHE B 1262 0.23 -40.41 56.92
C PHE B 1262 -0.17 -39.01 56.43
N PRO B 1263 -1.04 -38.91 55.42
CA PRO B 1263 -1.48 -37.59 54.97
C PRO B 1263 -2.38 -36.87 55.95
N VAL B 1264 -1.92 -35.75 56.49
CA VAL B 1264 -2.69 -35.00 57.48
C VAL B 1264 -3.04 -33.63 56.92
N PRO B 1265 -4.24 -33.43 56.37
CA PRO B 1265 -4.64 -32.11 55.87
C PRO B 1265 -5.01 -31.18 57.02
N ASN B 1266 -5.30 -29.93 56.67
CA ASN B 1266 -5.44 -28.86 57.65
C ASN B 1266 -6.65 -29.05 58.57
N GLU B 1267 -7.67 -29.76 58.08
CA GLU B 1267 -8.79 -30.12 58.94
C GLU B 1267 -8.38 -31.17 59.95
N LYS B 1268 -7.39 -31.99 59.62
CA LYS B 1268 -7.10 -33.19 60.40
C LYS B 1268 -6.11 -32.92 61.53
N VAL B 1269 -5.30 -31.86 61.41
CA VAL B 1269 -4.16 -31.58 62.29
C VAL B 1269 -4.44 -31.58 63.81
N PRO B 1270 -5.39 -30.80 64.36
CA PRO B 1270 -5.46 -30.70 65.83
C PRO B 1270 -6.05 -31.96 66.45
N TRP B 1271 -5.62 -32.21 67.70
CA TRP B 1271 -6.02 -33.42 68.41
C TRP B 1271 -7.49 -33.39 68.82
N GLU B 1272 -8.10 -32.21 68.86
CA GLU B 1272 -9.49 -32.11 69.33
C GLU B 1272 -10.47 -32.62 68.30
N THR B 1273 -10.21 -32.39 67.02
CA THR B 1273 -11.17 -32.68 65.96
C THR B 1273 -11.14 -34.17 65.65
N GLU B 1274 -12.32 -34.71 65.30
CA GLU B 1274 -12.49 -36.14 65.07
C GLU B 1274 -11.80 -36.56 63.77
N PHE B 1275 -10.94 -37.57 63.88
CA PHE B 1275 -10.19 -38.09 62.71
C PHE B 1275 -10.03 -39.58 62.96
N LEU B 1276 -10.89 -40.38 62.33
CA LEU B 1276 -11.00 -41.79 62.66
C LEU B 1276 -10.02 -42.69 61.91
N ILE B 1277 -9.64 -42.33 60.68
CA ILE B 1277 -8.80 -43.20 59.86
C ILE B 1277 -7.31 -42.89 60.08
N TYR B 1278 -6.99 -42.13 61.12
CA TYR B 1278 -5.61 -41.78 61.44
C TYR B 1278 -4.84 -43.03 61.83
N ASP B 1279 -3.94 -43.45 60.96
CA ASP B 1279 -3.10 -44.61 61.24
C ASP B 1279 -1.63 -44.23 61.07
N PRO B 1280 -1.04 -43.50 62.01
CA PRO B 1280 0.37 -43.14 61.88
C PRO B 1280 1.27 -44.34 62.10
N PRO B 1281 2.20 -44.59 61.19
CA PRO B 1281 3.14 -45.70 61.39
C PRO B 1281 4.07 -45.42 62.57
N PHE B 1282 4.41 -46.49 63.28
CA PHE B 1282 5.29 -46.42 64.43
C PHE B 1282 6.71 -46.61 63.92
N TYR B 1283 7.52 -45.55 64.02
CA TYR B 1283 8.87 -45.59 63.49
C TYR B 1283 9.81 -44.87 64.44
N THR B 1284 10.93 -45.53 64.75
CA THR B 1284 12.01 -44.94 65.54
C THR B 1284 13.31 -45.22 64.81
N ALA B 1285 14.31 -44.37 65.02
CA ALA B 1285 15.61 -44.58 64.41
C ALA B 1285 16.29 -45.79 65.03
N GLU B 1286 17.19 -46.40 64.26
CA GLU B 1286 17.90 -47.59 64.73
C GLU B 1286 18.90 -47.24 65.82
N ARG B 1287 19.48 -46.05 65.76
CA ARG B 1287 20.43 -45.62 66.78
C ARG B 1287 19.77 -44.95 67.98
N LYS B 1288 18.46 -45.11 68.15
CA LYS B 1288 17.74 -44.56 69.30
C LYS B 1288 17.59 -45.60 70.41
N ASP B 1289 18.17 -46.78 70.23
CA ASP B 1289 18.25 -47.80 71.28
C ASP B 1289 19.72 -47.97 71.64
N ALA B 1290 20.19 -47.15 72.58
CA ALA B 1290 21.61 -47.18 73.01
C ALA B 1290 21.82 -46.54 74.40
N ALA B 1291 22.54 -45.42 74.45
CA ALA B 1291 22.88 -44.72 75.70
C ALA B 1291 22.63 -43.21 75.57
N ALA B 1292 22.60 -42.50 76.72
CA ALA B 1292 22.35 -41.04 76.84
C ALA B 1292 20.94 -40.72 76.35
N MET B 1293 20.67 -40.98 75.07
CA MET B 1293 19.34 -40.83 74.47
C MET B 1293 18.36 -41.86 75.02
N ASP B 1294 17.06 -41.57 74.86
CA ASP B 1294 16.02 -42.23 75.63
C ASP B 1294 15.83 -43.69 75.23
N PRO B 1295 15.60 -44.56 76.21
CA PRO B 1295 15.33 -45.97 75.91
C PRO B 1295 13.86 -46.25 75.68
N MET B 1296 13.06 -45.18 75.58
CA MET B 1296 11.62 -45.28 75.35
C MET B 1296 11.25 -45.40 73.87
N GLY B 1297 12.17 -45.83 72.99
CA GLY B 1297 11.85 -46.02 71.60
C GLY B 1297 10.87 -47.14 71.34
N ASP B 1298 10.79 -48.11 72.25
CA ASP B 1298 9.84 -49.21 72.15
C ASP B 1298 9.02 -49.28 73.43
N THR B 1299 8.41 -48.15 73.80
CA THR B 1299 7.87 -47.92 75.14
C THR B 1299 6.55 -48.63 75.42
N LEU B 1300 6.14 -49.60 74.60
CA LEU B 1300 5.08 -50.51 75.00
C LEU B 1300 5.51 -51.36 76.19
N GLU B 1301 6.80 -51.63 76.30
CA GLU B 1301 7.36 -52.25 77.49
C GLU B 1301 7.29 -51.27 78.66
N PRO B 1302 7.38 -51.77 79.92
CA PRO B 1302 7.35 -50.86 81.07
C PRO B 1302 8.65 -50.10 81.34
N LEU B 1303 9.57 -50.06 80.36
CA LEU B 1303 10.76 -49.23 80.49
C LEU B 1303 10.44 -47.74 80.48
N SER B 1304 9.27 -47.35 79.99
CA SER B 1304 8.80 -45.96 80.07
C SER B 1304 8.37 -45.70 81.51
N THR B 1305 9.29 -45.17 82.32
CA THR B 1305 8.99 -44.86 83.71
C THR B 1305 9.52 -43.50 84.14
N ILE B 1306 9.94 -42.65 83.20
CA ILE B 1306 10.48 -41.34 83.53
C ILE B 1306 9.34 -40.42 83.91
N GLN B 1307 9.67 -39.37 84.64
CA GLN B 1307 8.67 -38.38 85.05
C GLN B 1307 8.32 -37.49 83.87
N TYR B 1308 7.03 -37.29 83.67
CA TYR B 1308 6.53 -36.52 82.53
C TYR B 1308 6.14 -35.13 83.01
N ASN B 1309 6.26 -34.16 82.08
CA ASN B 1309 6.28 -32.70 82.24
C ASN B 1309 6.91 -32.23 83.55
N VAL B 1310 8.08 -32.79 83.85
CA VAL B 1310 8.88 -32.45 85.03
C VAL B 1310 10.31 -32.88 84.74
N VAL B 1311 11.26 -32.30 85.48
CA VAL B 1311 12.67 -32.58 85.26
C VAL B 1311 12.98 -33.96 85.85
N ASP B 1312 13.06 -34.96 84.98
CA ASP B 1312 13.30 -36.35 85.40
C ASP B 1312 14.79 -36.67 85.38
N GLY B 1313 15.52 -36.01 86.27
CA GLY B 1313 16.94 -36.26 86.42
C GLY B 1313 17.81 -35.50 85.45
N LEU B 1314 18.60 -36.22 84.64
CA LEU B 1314 19.48 -35.59 83.68
C LEU B 1314 18.74 -35.04 82.47
N ARG B 1315 17.49 -35.44 82.25
CA ARG B 1315 16.69 -34.96 81.14
C ARG B 1315 15.54 -34.14 81.71
N ASP B 1316 15.62 -32.81 81.56
CA ASP B 1316 14.60 -31.91 82.08
C ASP B 1316 13.41 -31.87 81.12
N ARG B 1317 12.67 -32.99 81.10
CA ARG B 1317 11.57 -33.19 80.17
C ARG B 1317 10.34 -32.43 80.67
N ARG B 1318 10.32 -31.13 80.40
CA ARG B 1318 9.19 -30.29 80.75
C ARG B 1318 9.07 -29.20 79.70
N SER B 1319 7.84 -29.00 79.21
CA SER B 1319 7.62 -28.11 78.08
C SER B 1319 7.62 -26.64 78.49
N PHE B 1320 8.07 -25.79 77.56
CA PHE B 1320 7.94 -24.35 77.76
C PHE B 1320 6.53 -23.88 77.48
N HIS B 1321 5.74 -24.68 76.76
CA HIS B 1321 4.42 -24.24 76.33
C HIS B 1321 3.37 -24.51 77.40
N GLY B 1322 3.36 -25.72 77.95
CA GLY B 1322 2.39 -26.10 78.95
C GLY B 1322 2.43 -27.58 79.27
N PRO B 1323 1.56 -28.04 80.16
CA PRO B 1323 1.54 -29.46 80.52
C PRO B 1323 0.95 -30.33 79.41
N TYR B 1324 1.80 -31.10 78.74
CA TYR B 1324 1.36 -31.87 77.58
C TYR B 1324 0.55 -33.09 78.02
N THR B 1325 -0.45 -33.42 77.20
CA THR B 1325 -1.31 -34.56 77.47
C THR B 1325 -0.57 -35.86 77.18
N VAL B 1326 -0.77 -36.87 78.03
CA VAL B 1326 -0.10 -38.15 77.91
C VAL B 1326 -1.14 -39.23 77.65
N GLN B 1327 -0.92 -40.05 76.63
CA GLN B 1327 -1.79 -41.16 76.29
C GLN B 1327 -0.95 -42.42 76.17
N ALA B 1328 -1.30 -43.44 76.96
CA ALA B 1328 -0.66 -44.76 76.97
C ALA B 1328 0.84 -44.67 77.24
N GLY B 1329 1.22 -43.78 78.15
CA GLY B 1329 2.62 -43.56 78.45
C GLY B 1329 3.42 -42.89 77.36
N LEU B 1330 2.76 -42.31 76.36
CA LEU B 1330 3.42 -41.66 75.26
C LEU B 1330 2.94 -40.21 75.16
N PRO B 1331 3.84 -39.25 75.04
CA PRO B 1331 3.41 -37.85 74.90
C PRO B 1331 2.85 -37.59 73.52
N LEU B 1332 1.92 -36.65 73.44
CA LEU B 1332 1.39 -36.18 72.18
C LEU B 1332 1.95 -34.79 71.87
N ASN B 1333 2.08 -34.49 70.59
CA ASN B 1333 2.57 -33.18 70.17
C ASN B 1333 1.55 -32.12 70.53
N PRO B 1334 1.97 -30.99 71.14
CA PRO B 1334 1.00 -29.99 71.59
C PRO B 1334 0.36 -29.19 70.47
N MET B 1335 0.96 -29.15 69.28
CA MET B 1335 0.45 -28.31 68.21
C MET B 1335 -0.49 -29.04 67.26
N GLY B 1336 -0.42 -30.36 67.19
CA GLY B 1336 -1.32 -31.10 66.32
C GLY B 1336 -0.68 -32.39 65.86
N ARG B 1337 -1.40 -33.08 64.97
CA ARG B 1337 -0.95 -34.35 64.44
C ARG B 1337 0.22 -34.15 63.47
N THR B 1338 1.19 -35.05 63.54
CA THR B 1338 2.29 -35.06 62.61
C THR B 1338 2.23 -36.22 61.63
N GLY B 1339 1.38 -37.21 61.87
CA GLY B 1339 1.29 -38.36 61.00
C GLY B 1339 2.42 -39.34 61.13
N LEU B 1340 3.22 -39.24 62.19
CA LEU B 1340 4.33 -40.15 62.40
C LEU B 1340 4.51 -40.45 63.88
N ARG B 1341 4.39 -41.73 64.25
CA ARG B 1341 4.50 -42.16 65.63
C ARG B 1341 5.86 -42.78 65.88
N GLY B 1342 6.29 -42.71 67.13
CA GLY B 1342 7.59 -43.16 67.54
C GLY B 1342 8.45 -42.04 68.08
N ARG B 1343 9.74 -42.31 68.18
CA ARG B 1343 10.70 -41.34 68.68
C ARG B 1343 11.39 -40.54 67.58
N GLY B 1344 11.45 -41.08 66.36
CA GLY B 1344 12.15 -40.43 65.28
C GLY B 1344 13.65 -40.35 65.49
N SER B 1345 14.24 -39.20 65.18
CA SER B 1345 15.68 -39.00 65.32
C SER B 1345 16.01 -38.05 66.47
N LEU B 1346 15.03 -37.62 67.24
CA LEU B 1346 15.28 -36.78 68.40
C LEU B 1346 15.79 -37.61 69.56
N SER B 1347 16.22 -36.93 70.62
CA SER B 1347 16.83 -37.61 71.76
C SER B 1347 15.81 -38.30 72.63
N CYS B 1348 14.87 -37.55 73.21
CA CYS B 1348 13.90 -38.08 74.14
C CYS B 1348 12.50 -37.66 73.73
N PHE B 1349 11.51 -38.22 74.43
CA PHE B 1349 10.12 -37.87 74.17
C PHE B 1349 9.81 -36.47 74.70
N GLY B 1350 8.59 -36.02 74.39
CA GLY B 1350 8.15 -34.70 74.76
C GLY B 1350 8.88 -33.65 73.97
N PRO B 1351 9.29 -32.57 74.62
CA PRO B 1351 10.19 -31.61 73.99
C PRO B 1351 11.65 -32.03 74.12
N ASN B 1352 12.46 -31.49 73.23
CA ASN B 1352 13.91 -31.67 73.26
C ASN B 1352 14.51 -30.27 73.31
N HIS B 1353 15.01 -29.87 74.47
CA HIS B 1353 15.38 -28.49 74.71
C HIS B 1353 16.75 -28.20 74.10
N THR B 1354 16.79 -27.20 73.21
CA THR B 1354 18.03 -26.71 72.61
C THR B 1354 18.04 -25.19 72.69
N LEU B 1355 19.14 -24.60 72.23
CA LEU B 1355 19.37 -23.17 72.37
C LEU B 1355 19.85 -22.59 71.05
N TYR B 1356 19.30 -21.42 70.69
CA TYR B 1356 19.77 -20.65 69.54
C TYR B 1356 20.00 -19.21 69.97
N PRO B 1357 21.25 -18.81 70.17
CA PRO B 1357 21.56 -17.40 70.40
C PRO B 1357 21.90 -16.67 69.10
N MET B 1358 21.49 -15.41 69.05
CA MET B 1358 21.70 -14.57 67.87
C MET B 1358 22.37 -13.28 68.27
N VAL B 1359 23.46 -12.94 67.60
CA VAL B 1359 24.20 -11.71 67.83
C VAL B 1359 23.91 -10.73 66.70
N THR B 1360 23.44 -9.54 67.05
CA THR B 1360 23.05 -8.52 66.09
C THR B 1360 23.91 -7.28 66.25
N ARG B 1361 24.22 -6.63 65.13
CA ARG B 1361 24.96 -5.38 65.14
C ARG B 1361 24.46 -4.52 63.99
N TRP B 1362 24.83 -3.24 64.01
CA TRP B 1362 24.41 -2.36 62.93
C TRP B 1362 25.38 -2.46 61.76
N ARG B 1363 24.96 -1.89 60.63
CA ARG B 1363 25.77 -1.84 59.42
C ARG B 1363 26.18 -0.40 59.17
N ARG B 1364 27.48 -0.13 59.22
CA ARG B 1364 28.00 1.21 59.00
C ARG B 1364 28.53 1.35 57.58
N ASN B 1365 28.59 2.59 57.11
CA ASN B 1365 29.14 2.89 55.80
C ASN B 1365 30.64 3.07 55.90
N GLU B 1366 31.25 3.69 54.89
CA GLU B 1366 32.68 3.98 54.93
C GLU B 1366 33.00 5.04 55.97
N ASP B 1367 32.10 6.00 56.16
CA ASP B 1367 32.30 7.02 57.18
C ASP B 1367 32.02 6.48 58.58
N GLY B 1368 31.04 5.60 58.73
CA GLY B 1368 30.75 5.01 60.01
C GLY B 1368 29.34 5.28 60.52
N ALA B 1369 28.46 5.75 59.64
CA ALA B 1369 27.07 6.01 59.99
C ALA B 1369 26.20 4.88 59.49
N ILE B 1370 25.02 4.74 60.07
CA ILE B 1370 24.18 3.57 59.83
C ILE B 1370 23.56 3.64 58.44
N CYS B 1371 23.75 2.57 57.67
CA CYS B 1371 23.16 2.48 56.35
C CYS B 1371 21.65 2.28 56.46
N ARG B 1372 20.94 2.57 55.37
CA ARG B 1372 19.49 2.59 55.44
C ARG B 1372 18.87 2.03 54.18
N LYS B 1373 17.81 1.25 54.35
CA LYS B 1373 16.78 1.08 53.34
C LYS B 1373 15.79 2.25 53.45
N SER B 1374 14.73 2.18 52.64
CA SER B 1374 13.73 3.24 52.43
C SER B 1374 13.19 3.88 53.70
N ILE B 1375 12.87 3.07 54.71
CA ILE B 1375 12.40 3.62 55.98
C ILE B 1375 13.28 3.14 57.12
N LYS B 1376 13.54 1.84 57.16
CA LYS B 1376 14.20 1.21 58.31
C LYS B 1376 15.71 1.21 58.10
N LYS B 1377 16.42 0.47 58.95
CA LYS B 1377 17.88 0.43 58.96
C LYS B 1377 18.35 -0.98 58.66
N MET B 1378 19.67 -1.16 58.64
CA MET B 1378 20.28 -2.43 58.31
C MET B 1378 20.83 -3.10 59.57
N LEU B 1379 20.77 -4.43 59.57
CA LEU B 1379 21.31 -5.26 60.64
C LEU B 1379 22.25 -6.30 60.06
N GLU B 1380 23.29 -6.64 60.82
CA GLU B 1380 24.23 -7.69 60.47
C GLU B 1380 24.27 -8.72 61.60
N VAL B 1381 24.34 -9.99 61.24
CA VAL B 1381 24.37 -11.08 62.20
C VAL B 1381 25.49 -12.04 61.83
N LEU B 1382 26.05 -12.69 62.84
CA LEU B 1382 27.20 -13.57 62.69
C LEU B 1382 26.69 -15.00 62.53
N VAL B 1383 26.86 -15.56 61.33
CA VAL B 1383 26.35 -16.88 61.00
C VAL B 1383 27.50 -17.77 60.52
N VAL B 1384 27.27 -19.08 60.59
CA VAL B 1384 28.30 -20.07 60.37
C VAL B 1384 27.78 -21.10 59.35
N LYS B 1385 28.65 -21.49 58.42
CA LYS B 1385 28.37 -22.57 57.49
C LYS B 1385 29.31 -23.74 57.77
N LEU B 1386 28.72 -24.89 58.06
CA LEU B 1386 29.41 -26.15 58.22
C LEU B 1386 29.68 -26.76 56.84
N PRO B 1387 30.73 -27.59 56.71
CA PRO B 1387 31.08 -28.10 55.37
C PRO B 1387 30.13 -29.16 54.83
N LEU B 1388 29.17 -29.64 55.60
CA LEU B 1388 28.27 -30.70 55.15
C LEU B 1388 26.83 -30.36 55.49
N SER B 1389 26.39 -29.14 55.19
CA SER B 1389 25.02 -28.75 55.47
C SER B 1389 24.37 -28.11 54.24
N GLU B 1390 25.16 -27.42 53.42
CA GLU B 1390 24.72 -26.60 52.29
C GLU B 1390 23.69 -25.55 52.72
N HIS B 1391 23.82 -25.06 53.94
CA HIS B 1391 22.87 -24.13 54.53
C HIS B 1391 23.56 -23.37 55.65
N TRP B 1392 23.57 -22.05 55.55
CA TRP B 1392 24.06 -21.22 56.65
C TRP B 1392 23.09 -21.30 57.81
N ALA B 1393 23.62 -21.33 59.03
CA ALA B 1393 22.80 -21.53 60.21
C ALA B 1393 23.30 -20.66 61.35
N LEU B 1394 22.40 -20.42 62.30
CA LEU B 1394 22.75 -19.71 63.52
C LEU B 1394 23.70 -20.56 64.36
N PRO B 1395 24.56 -19.92 65.16
CA PRO B 1395 25.50 -20.72 65.97
C PRO B 1395 24.89 -21.22 67.28
N GLY B 1396 23.93 -22.13 67.17
CA GLY B 1396 23.29 -22.72 68.32
C GLY B 1396 23.20 -24.23 68.24
N GLY B 1397 23.48 -24.92 69.34
CA GLY B 1397 23.52 -26.36 69.37
C GLY B 1397 22.51 -26.94 70.36
N SER B 1398 22.58 -28.26 70.49
CA SER B 1398 21.73 -28.99 71.41
C SER B 1398 22.10 -28.66 72.86
N ARG B 1399 21.09 -28.36 73.67
CA ARG B 1399 21.28 -27.99 75.06
C ARG B 1399 21.15 -29.24 75.93
N GLU B 1400 22.07 -30.18 75.72
CA GLU B 1400 22.17 -31.32 76.64
C GLU B 1400 22.88 -30.88 77.92
N PRO B 1401 23.90 -30.02 77.90
CA PRO B 1401 24.19 -29.25 79.12
C PRO B 1401 23.48 -27.91 79.09
N GLY B 1402 23.35 -27.32 80.28
CA GLY B 1402 22.64 -26.05 80.40
C GLY B 1402 23.46 -24.84 80.01
N GLU B 1403 24.54 -24.57 80.74
CA GLU B 1403 25.39 -23.43 80.48
C GLU B 1403 26.57 -23.75 79.59
N MET B 1404 26.89 -25.03 79.41
CA MET B 1404 27.94 -25.42 78.49
C MET B 1404 27.43 -25.57 77.06
N LEU B 1405 26.12 -25.43 76.84
CA LEU B 1405 25.57 -25.41 75.49
C LEU B 1405 25.98 -24.16 74.70
N PRO B 1406 26.23 -23.00 75.34
CA PRO B 1406 27.09 -22.00 74.69
C PRO B 1406 28.43 -22.55 74.21
N ARG B 1407 29.13 -23.32 75.06
CA ARG B 1407 30.39 -23.91 74.64
C ARG B 1407 30.17 -25.10 73.71
N LYS B 1408 29.06 -25.85 73.88
CA LYS B 1408 28.80 -26.99 73.01
C LYS B 1408 28.42 -26.56 71.61
N LEU B 1409 27.78 -25.42 71.47
CA LEU B 1409 27.54 -24.85 70.15
C LEU B 1409 28.82 -24.33 69.53
N LYS B 1410 29.77 -23.92 70.37
CA LYS B 1410 30.94 -23.16 69.93
C LYS B 1410 32.26 -23.85 70.27
N ARG B 1411 32.25 -25.16 70.51
CA ARG B 1411 33.49 -25.88 70.80
C ARG B 1411 34.37 -25.95 69.56
N ILE B 1412 33.79 -26.31 68.42
CA ILE B 1412 34.57 -26.33 67.18
C ILE B 1412 34.71 -24.93 66.62
N LEU B 1413 33.85 -24.00 67.03
CA LEU B 1413 33.80 -22.68 66.41
C LEU B 1413 34.61 -21.62 67.15
N ARG B 1414 34.21 -21.27 68.38
CA ARG B 1414 34.73 -20.04 69.00
C ARG B 1414 36.07 -20.25 69.70
N GLN B 1415 36.08 -21.03 70.77
CA GLN B 1415 37.22 -21.11 71.69
C GLN B 1415 37.03 -22.20 72.73
N GLU B 1416 37.98 -22.31 73.66
CA GLU B 1416 37.83 -23.13 74.84
C GLU B 1416 37.85 -22.32 76.13
N HIS B 1417 38.86 -21.48 76.32
CA HIS B 1417 38.93 -20.64 77.51
C HIS B 1417 38.08 -19.38 77.34
N TRP B 1418 38.29 -18.66 76.24
CA TRP B 1418 37.53 -17.46 75.89
C TRP B 1418 36.06 -17.78 75.65
N PRO B 1419 35.73 -19.03 75.31
CA PRO B 1419 34.31 -19.42 75.21
C PRO B 1419 33.56 -19.32 76.52
N SER B 1420 34.20 -19.60 77.66
CA SER B 1420 33.55 -19.37 78.95
C SER B 1420 33.37 -17.88 79.21
N PHE B 1421 34.31 -17.07 78.73
CA PHE B 1421 34.18 -15.62 78.85
C PHE B 1421 33.02 -15.07 78.03
N GLU B 1422 32.82 -15.61 76.82
CA GLU B 1422 31.66 -15.21 76.03
C GLU B 1422 30.36 -15.79 76.61
N ASN B 1423 30.44 -16.94 77.28
CA ASN B 1423 29.28 -17.48 77.97
C ASN B 1423 28.90 -16.63 79.18
N LEU B 1424 29.88 -15.95 79.78
CA LEU B 1424 29.57 -14.97 80.82
C LEU B 1424 28.84 -13.77 80.24
N LEU B 1425 29.19 -13.37 79.02
CA LEU B 1425 28.55 -12.24 78.36
C LEU B 1425 27.28 -12.61 77.64
N LYS B 1426 26.91 -13.90 77.61
CA LYS B 1426 25.75 -14.35 76.85
C LYS B 1426 24.42 -14.05 77.54
N CYS B 1427 24.43 -13.45 78.72
CA CYS B 1427 23.20 -13.05 79.40
C CYS B 1427 22.69 -11.77 78.76
N GLY B 1428 21.75 -11.90 77.82
CA GLY B 1428 21.21 -10.74 77.15
C GLY B 1428 19.69 -10.64 77.27
N MET B 1429 19.03 -10.32 76.16
CA MET B 1429 17.58 -10.18 76.12
C MET B 1429 16.96 -11.33 75.34
N GLU B 1430 15.79 -11.77 75.79
CA GLU B 1430 15.10 -12.90 75.21
C GLU B 1430 14.06 -12.42 74.21
N VAL B 1431 13.81 -13.25 73.19
CA VAL B 1431 12.83 -12.96 72.15
C VAL B 1431 11.70 -13.98 72.14
N TYR B 1432 12.02 -15.25 71.91
CA TYR B 1432 10.99 -16.27 71.78
C TYR B 1432 11.47 -17.58 72.38
N LYS B 1433 10.61 -18.18 73.20
CA LYS B 1433 10.86 -19.49 73.78
C LYS B 1433 9.66 -20.38 73.49
N GLY B 1434 9.95 -21.67 73.26
CA GLY B 1434 8.89 -22.63 73.11
C GLY B 1434 9.05 -23.46 71.85
N TYR B 1435 7.91 -23.83 71.28
CA TYR B 1435 7.86 -24.80 70.19
C TYR B 1435 8.41 -24.21 68.90
N MET B 1436 9.13 -25.03 68.15
CA MET B 1436 9.77 -24.62 66.90
C MET B 1436 9.53 -25.70 65.86
N ASP B 1437 9.22 -25.29 64.64
CA ASP B 1437 8.95 -26.24 63.57
C ASP B 1437 10.24 -26.90 63.10
N ASP B 1438 10.14 -28.17 62.71
CA ASP B 1438 11.31 -28.95 62.34
C ASP B 1438 10.84 -30.15 61.53
N PRO B 1439 11.62 -30.59 60.53
CA PRO B 1439 11.26 -31.83 59.82
C PRO B 1439 11.52 -33.09 60.61
N ARG B 1440 12.24 -33.03 61.73
CA ARG B 1440 12.49 -34.20 62.57
C ARG B 1440 11.52 -34.30 63.73
N ASN B 1441 10.28 -33.88 63.54
CA ASN B 1441 9.28 -33.89 64.60
C ASN B 1441 8.28 -35.01 64.37
N THR B 1442 8.07 -35.83 65.40
CA THR B 1442 7.06 -36.87 65.40
C THR B 1442 5.89 -36.44 66.26
N ASP B 1443 4.95 -37.36 66.46
CA ASP B 1443 3.84 -37.12 67.39
C ASP B 1443 4.29 -37.05 68.84
N ASN B 1444 5.43 -37.65 69.18
CA ASN B 1444 5.90 -37.74 70.55
C ASN B 1444 7.09 -36.87 70.85
N ALA B 1445 7.97 -36.62 69.88
CA ALA B 1445 9.17 -35.82 70.09
C ALA B 1445 9.06 -34.56 69.27
N TRP B 1446 9.31 -33.42 69.89
CA TRP B 1446 9.35 -32.13 69.21
C TRP B 1446 10.48 -31.29 69.80
N ILE B 1447 10.68 -30.11 69.24
CA ILE B 1447 11.79 -29.23 69.60
C ILE B 1447 11.24 -27.95 70.21
N GLU B 1448 11.69 -27.65 71.42
CA GLU B 1448 11.46 -26.35 72.04
C GLU B 1448 12.81 -25.70 72.31
N THR B 1449 12.83 -24.37 72.25
CA THR B 1449 14.07 -23.63 72.13
C THR B 1449 13.95 -22.34 72.94
N VAL B 1450 15.11 -21.76 73.24
CA VAL B 1450 15.23 -20.43 73.84
C VAL B 1450 15.95 -19.54 72.84
N ALA B 1451 15.44 -18.33 72.62
CA ALA B 1451 16.03 -17.40 71.67
C ALA B 1451 16.46 -16.14 72.42
N VAL B 1452 17.72 -16.12 72.83
CA VAL B 1452 18.30 -14.94 73.46
C VAL B 1452 18.94 -14.09 72.36
N SER B 1453 18.97 -12.78 72.59
CA SER B 1453 19.45 -11.83 71.58
C SER B 1453 20.48 -10.91 72.22
N VAL B 1454 21.76 -11.21 72.01
CA VAL B 1454 22.84 -10.33 72.41
C VAL B 1454 23.04 -9.30 71.29
N HIS B 1455 23.20 -8.04 71.66
CA HIS B 1455 23.26 -6.95 70.70
C HIS B 1455 24.48 -6.09 70.92
N PHE B 1456 25.04 -5.56 69.83
CA PHE B 1456 26.09 -4.55 69.87
C PHE B 1456 25.52 -3.25 69.35
N GLN B 1457 25.52 -2.22 70.21
CA GLN B 1457 25.00 -0.91 69.81
C GLN B 1457 26.06 -0.10 69.08
N ASP B 1458 27.18 0.17 69.75
CA ASP B 1458 28.26 0.93 69.14
C ASP B 1458 29.11 0.04 68.25
N GLN B 1459 29.46 0.55 67.06
CA GLN B 1459 30.25 -0.18 66.09
C GLN B 1459 31.71 0.31 66.03
N ASN B 1460 32.29 0.60 67.21
CA ASN B 1460 33.68 1.10 67.27
C ASN B 1460 34.54 0.16 68.12
N ASP B 1461 35.14 0.68 69.20
CA ASP B 1461 35.98 -0.14 70.10
C ASP B 1461 35.21 -0.43 71.38
N VAL B 1462 35.05 -1.71 71.71
CA VAL B 1462 34.28 -2.19 72.89
C VAL B 1462 34.43 -3.71 73.00
N GLU B 1463 33.35 -4.40 73.39
CA GLU B 1463 33.27 -5.87 73.53
C GLU B 1463 33.50 -6.56 72.16
N LEU B 1464 33.08 -5.93 71.06
CA LEU B 1464 33.20 -6.54 69.72
C LEU B 1464 34.67 -6.87 69.42
N ASN B 1465 35.61 -5.97 69.76
CA ASN B 1465 37.01 -6.31 69.53
C ASN B 1465 37.39 -7.60 70.24
N ARG B 1466 36.75 -7.89 71.38
CA ARG B 1466 36.99 -9.14 72.05
C ARG B 1466 36.31 -10.31 71.35
N LEU B 1467 35.13 -10.08 70.77
CA LEU B 1467 34.45 -11.12 70.03
C LEU B 1467 35.17 -11.45 68.74
N ASN B 1468 35.74 -10.45 68.07
CA ASN B 1468 36.63 -10.72 66.95
C ASN B 1468 37.97 -11.28 67.40
N SER B 1469 38.40 -10.97 68.62
CA SER B 1469 39.63 -11.51 69.18
C SER B 1469 39.46 -12.91 69.74
N ASN B 1470 38.23 -13.35 69.95
CA ASN B 1470 37.95 -14.72 70.36
C ASN B 1470 37.85 -15.67 69.17
N LEU B 1471 38.34 -15.27 68.00
CA LEU B 1471 38.25 -16.07 66.79
C LEU B 1471 39.30 -17.17 66.81
N HIS B 1472 38.86 -18.40 67.03
CA HIS B 1472 39.63 -19.59 66.71
C HIS B 1472 38.75 -20.40 65.77
N ALA B 1473 38.27 -19.69 64.74
CA ALA B 1473 37.11 -19.97 63.89
C ALA B 1473 36.86 -21.41 63.48
N CYS B 1474 37.86 -22.10 62.99
CA CYS B 1474 37.64 -23.39 62.35
C CYS B 1474 38.46 -24.49 63.02
N ASP B 1475 37.77 -25.37 63.74
CA ASP B 1475 38.34 -26.63 64.18
C ASP B 1475 37.76 -27.78 63.38
N SER B 1476 36.43 -27.84 63.27
CA SER B 1476 35.74 -28.81 62.42
C SER B 1476 34.60 -28.13 61.67
N GLY B 1477 34.79 -26.87 61.31
CA GLY B 1477 33.79 -26.12 60.56
C GLY B 1477 34.40 -25.48 59.33
N ALA B 1478 33.55 -25.16 58.35
CA ALA B 1478 34.05 -24.62 57.10
C ALA B 1478 34.28 -23.12 57.18
N SER B 1479 33.23 -22.35 57.40
CA SER B 1479 33.36 -20.90 57.37
C SER B 1479 32.42 -20.28 58.39
N ILE B 1480 32.75 -19.06 58.81
CA ILE B 1480 31.92 -18.32 59.76
C ILE B 1480 32.18 -16.83 59.55
N ARG B 1481 31.11 -16.05 59.41
CA ARG B 1481 31.26 -14.65 59.00
C ARG B 1481 30.01 -13.87 59.36
N TRP B 1482 30.13 -12.56 59.28
CA TRP B 1482 28.97 -11.69 59.41
C TRP B 1482 28.19 -11.68 58.09
N GLN B 1483 26.94 -11.25 58.20
CA GLN B 1483 26.04 -11.26 57.05
C GLN B 1483 24.97 -10.22 57.25
N VAL B 1484 24.68 -9.44 56.20
CA VAL B 1484 23.60 -8.41 56.26
C VAL B 1484 22.23 -9.12 56.24
N VAL B 1485 21.26 -8.61 57.01
CA VAL B 1485 19.89 -9.21 57.07
C VAL B 1485 19.14 -8.91 55.78
N ASP B 1486 18.37 -9.89 55.28
CA ASP B 1486 17.30 -9.64 54.27
C ASP B 1486 16.29 -10.79 54.29
N ARG B 1487 15.09 -10.59 53.73
CA ARG B 1487 14.07 -11.67 53.69
C ARG B 1487 14.64 -12.82 52.86
N ARG B 1488 15.28 -12.50 51.74
CA ARG B 1488 15.98 -13.44 50.89
C ARG B 1488 17.33 -13.84 51.48
N ILE B 1489 17.44 -13.89 52.79
CA ILE B 1489 18.68 -14.30 53.45
C ILE B 1489 18.85 -15.80 53.27
N PRO B 1490 19.96 -16.26 52.68
CA PRO B 1490 20.16 -17.71 52.53
C PRO B 1490 20.51 -18.37 53.84
N LEU B 1491 19.57 -19.11 54.41
CA LEU B 1491 19.72 -19.63 55.76
C LEU B 1491 19.03 -20.99 55.84
N TYR B 1492 19.08 -21.59 57.01
CA TYR B 1492 18.23 -22.73 57.33
C TYR B 1492 16.76 -22.30 57.30
N ALA B 1493 15.88 -23.27 57.06
CA ALA B 1493 14.51 -22.97 56.66
C ALA B 1493 13.69 -22.37 57.79
N ASN B 1494 13.68 -23.03 58.95
CA ASN B 1494 12.89 -22.52 60.06
C ASN B 1494 13.56 -21.36 60.79
N HIS B 1495 14.88 -21.20 60.66
CA HIS B 1495 15.62 -20.22 61.44
C HIS B 1495 15.27 -18.79 61.04
N LYS B 1496 14.86 -18.60 59.78
CA LYS B 1496 14.33 -17.32 59.33
C LYS B 1496 13.10 -16.89 60.11
N THR B 1497 12.29 -17.85 60.56
CA THR B 1497 11.15 -17.57 61.44
C THR B 1497 11.62 -16.96 62.76
N LEU B 1498 12.83 -17.30 63.21
CA LEU B 1498 13.39 -16.61 64.35
C LEU B 1498 13.73 -15.17 64.02
N LEU B 1499 14.34 -14.93 62.84
CA LEU B 1499 14.79 -13.58 62.50
C LEU B 1499 13.62 -12.68 62.20
N GLN B 1500 12.52 -13.22 61.67
CA GLN B 1500 11.30 -12.45 61.51
C GLN B 1500 10.71 -12.05 62.86
N LYS B 1501 11.02 -12.81 63.92
CA LYS B 1501 10.69 -12.36 65.27
C LYS B 1501 11.79 -11.50 65.88
N ALA B 1502 13.01 -11.56 65.33
CA ALA B 1502 14.11 -10.79 65.90
C ALA B 1502 14.11 -9.34 65.43
N ALA B 1503 13.88 -9.12 64.13
CA ALA B 1503 13.93 -7.77 63.58
C ALA B 1503 12.76 -6.91 64.03
N ALA B 1504 11.70 -7.52 64.57
CA ALA B 1504 10.65 -6.74 65.21
C ALA B 1504 11.12 -6.12 66.53
N GLU B 1505 12.13 -6.71 67.16
CA GLU B 1505 12.62 -6.18 68.43
C GLU B 1505 13.50 -4.95 68.28
N PHE B 1506 13.89 -4.59 67.05
CA PHE B 1506 14.73 -3.43 66.82
C PHE B 1506 14.23 -2.49 65.75
N GLY B 1507 13.35 -2.94 64.87
CA GLY B 1507 12.77 -2.08 63.85
C GLY B 1507 13.46 -2.09 62.51
N ALA B 1508 14.02 -3.22 62.08
CA ALA B 1508 14.68 -3.31 60.79
C ALA B 1508 13.66 -3.52 59.69
N HIS B 1509 14.16 -3.69 58.46
CA HIS B 1509 13.29 -3.90 57.31
C HIS B 1509 13.20 -5.38 56.97
N TYR B 1510 12.31 -5.70 56.06
CA TYR B 1510 12.10 -7.09 55.67
C TYR B 1510 11.52 -7.19 54.26
N GLN C 63 -30.89 -31.89 -33.88
CA GLN C 63 -32.15 -31.40 -33.34
C GLN C 63 -33.33 -32.15 -33.95
N GLU C 64 -33.18 -32.54 -35.22
CA GLU C 64 -34.24 -33.28 -35.89
C GLU C 64 -34.35 -34.69 -35.36
N SER C 65 -33.22 -35.26 -34.91
CA SER C 65 -33.27 -36.60 -34.31
C SER C 65 -33.98 -36.58 -32.97
N LEU C 66 -33.74 -35.53 -32.17
CA LEU C 66 -34.51 -35.27 -30.97
C LEU C 66 -35.99 -35.08 -31.29
N SER C 67 -36.27 -34.38 -32.39
CA SER C 67 -37.65 -34.08 -32.78
C SER C 67 -38.38 -35.34 -33.20
N SER C 68 -37.66 -36.29 -33.79
CA SER C 68 -38.24 -37.61 -34.04
C SER C 68 -38.37 -38.42 -32.75
N TRP C 69 -37.36 -38.32 -31.87
CA TRP C 69 -37.27 -39.23 -30.73
C TRP C 69 -38.33 -38.97 -29.68
N ILE C 70 -38.69 -37.70 -29.48
CA ILE C 70 -39.56 -37.35 -28.34
C ILE C 70 -40.98 -37.88 -28.45
N PRO C 71 -41.73 -37.73 -29.57
CA PRO C 71 -43.10 -38.27 -29.56
C PRO C 71 -43.15 -39.79 -29.66
N GLU C 72 -42.06 -40.46 -30.03
CA GLU C 72 -42.07 -41.91 -30.09
C GLU C 72 -41.96 -42.53 -28.70
N ASN C 73 -41.32 -41.83 -27.77
CA ASN C 73 -41.04 -42.40 -26.46
C ASN C 73 -41.95 -41.87 -25.36
N ILE C 74 -42.32 -40.60 -25.40
CA ILE C 74 -43.04 -39.99 -24.30
C ILE C 74 -44.54 -40.00 -24.60
N LYS C 75 -45.34 -40.23 -23.57
CA LYS C 75 -46.79 -40.31 -23.69
C LYS C 75 -47.40 -39.18 -22.87
N LYS C 76 -48.64 -38.81 -23.19
CA LYS C 76 -49.39 -37.82 -22.42
C LYS C 76 -50.80 -38.37 -22.17
N LYS C 77 -51.46 -37.83 -21.16
CA LYS C 77 -52.83 -38.25 -20.86
C LYS C 77 -53.83 -37.28 -21.50
N GLU C 78 -54.99 -37.80 -21.85
CA GLU C 78 -56.11 -36.97 -22.29
C GLU C 78 -57.42 -37.70 -22.02
N CYS C 79 -58.46 -36.91 -21.76
CA CYS C 79 -59.77 -37.49 -21.49
C CYS C 79 -60.53 -37.75 -22.78
N VAL C 80 -61.41 -38.75 -22.75
CA VAL C 80 -62.20 -39.13 -23.92
C VAL C 80 -63.69 -39.13 -23.64
N TYR C 81 -64.10 -38.97 -22.37
CA TYR C 81 -65.49 -39.13 -22.00
C TYR C 81 -65.98 -37.87 -21.30
N PHE C 82 -67.15 -37.39 -21.71
CA PHE C 82 -67.70 -36.12 -21.24
C PHE C 82 -68.85 -36.38 -20.27
N VAL C 83 -68.60 -36.14 -18.99
CA VAL C 83 -69.63 -36.20 -17.95
C VAL C 83 -69.68 -34.84 -17.27
N GLU C 84 -70.81 -34.16 -17.41
CA GLU C 84 -70.93 -32.78 -16.94
C GLU C 84 -70.89 -32.70 -15.42
N SER C 85 -70.31 -31.61 -14.91
CA SER C 85 -70.05 -31.44 -13.49
C SER C 85 -71.18 -30.67 -12.85
N SER C 86 -71.46 -30.98 -11.59
CA SER C 86 -72.51 -30.31 -10.81
C SER C 86 -72.17 -28.85 -10.57
N LYS C 87 -70.98 -28.58 -10.03
CA LYS C 87 -70.56 -27.24 -9.67
C LYS C 87 -69.97 -26.54 -10.88
N LEU C 88 -70.69 -25.54 -11.39
CA LEU C 88 -70.20 -24.79 -12.54
C LEU C 88 -69.07 -23.87 -12.13
N SER C 89 -68.04 -23.80 -12.98
CA SER C 89 -66.88 -22.97 -12.70
C SER C 89 -67.17 -21.50 -12.97
N ASP C 90 -66.29 -20.65 -12.46
CA ASP C 90 -66.44 -19.21 -12.63
C ASP C 90 -66.20 -18.80 -14.07
N ALA C 91 -67.30 -18.41 -14.74
CA ALA C 91 -67.42 -17.97 -16.15
C ALA C 91 -67.13 -19.07 -17.17
N GLY C 92 -66.77 -20.26 -16.69
CA GLY C 92 -66.62 -21.41 -17.56
C GLY C 92 -67.55 -22.54 -17.15
N LYS C 93 -68.84 -22.24 -16.99
CA LYS C 93 -69.91 -23.07 -16.43
C LYS C 93 -69.93 -24.45 -17.10
N VAL C 94 -69.71 -24.56 -18.40
CA VAL C 94 -69.63 -25.87 -19.04
C VAL C 94 -68.28 -26.51 -18.72
N VAL C 95 -68.31 -27.55 -17.90
CA VAL C 95 -67.11 -28.30 -17.53
C VAL C 95 -67.47 -29.77 -17.42
N CYS C 96 -66.89 -30.59 -18.30
CA CYS C 96 -67.23 -32.01 -18.38
C CYS C 96 -66.24 -32.82 -17.55
N GLN C 97 -66.19 -32.47 -16.26
CA GLN C 97 -65.43 -33.10 -15.16
C GLN C 97 -63.92 -32.88 -15.27
N CYS C 98 -63.47 -32.34 -16.42
CA CYS C 98 -62.18 -31.68 -16.49
C CYS C 98 -62.34 -30.32 -17.17
N GLY C 99 -63.16 -30.27 -18.22
CA GLY C 99 -63.56 -29.03 -18.87
C GLY C 99 -62.41 -28.29 -19.54
N TYR C 100 -61.69 -28.97 -20.42
CA TYR C 100 -60.39 -28.46 -20.84
C TYR C 100 -60.54 -27.27 -21.79
N THR C 101 -61.00 -27.51 -23.03
CA THR C 101 -61.56 -26.44 -23.85
C THR C 101 -62.53 -27.03 -24.85
N HIS C 102 -63.78 -27.21 -24.40
CA HIS C 102 -64.98 -27.49 -25.18
C HIS C 102 -66.16 -27.61 -24.23
N GLU C 103 -67.34 -27.87 -24.78
CA GLU C 103 -68.44 -28.36 -23.95
C GLU C 103 -68.14 -29.77 -23.45
N GLN C 104 -67.36 -30.54 -24.21
CA GLN C 104 -67.02 -31.91 -23.89
C GLN C 104 -65.52 -32.01 -23.64
N HIS C 105 -65.14 -32.55 -22.47
CA HIS C 105 -63.73 -32.69 -22.12
C HIS C 105 -63.12 -33.85 -22.91
N LEU C 106 -62.92 -33.60 -24.20
CA LEU C 106 -62.50 -34.65 -25.13
C LEU C 106 -61.93 -34.01 -26.39
N GLU C 107 -61.10 -34.81 -27.09
CA GLU C 107 -60.61 -34.49 -28.41
C GLU C 107 -60.99 -35.66 -29.33
N GLU C 108 -62.17 -36.21 -29.08
CA GLU C 108 -62.63 -37.40 -29.80
C GLU C 108 -64.04 -37.13 -30.31
N ALA C 109 -64.59 -38.12 -31.00
CA ALA C 109 -65.95 -38.02 -31.49
C ALA C 109 -66.93 -38.08 -30.32
N THR C 110 -68.01 -37.31 -30.45
CA THR C 110 -69.08 -37.38 -29.46
C THR C 110 -69.86 -38.68 -29.63
N LYS C 111 -69.59 -39.63 -28.75
CA LYS C 111 -70.14 -40.97 -28.84
C LYS C 111 -70.80 -41.33 -27.53
N PRO C 112 -71.89 -42.11 -27.57
CA PRO C 112 -72.49 -42.60 -26.32
C PRO C 112 -71.61 -43.57 -25.55
N HIS C 113 -70.67 -44.24 -26.23
CA HIS C 113 -69.69 -45.16 -25.65
C HIS C 113 -70.35 -46.31 -24.90
N THR C 114 -71.52 -46.75 -25.42
CA THR C 114 -72.24 -47.98 -25.05
C THR C 114 -72.83 -47.96 -23.63
N PHE C 115 -72.55 -46.88 -22.88
CA PHE C 115 -72.98 -46.69 -21.51
C PHE C 115 -72.65 -45.27 -21.07
N GLN C 116 -73.36 -44.74 -20.10
CA GLN C 116 -73.05 -43.45 -19.50
C GLN C 116 -72.53 -43.69 -18.10
N GLY C 117 -71.24 -43.96 -17.99
CA GLY C 117 -70.65 -44.25 -16.70
C GLY C 117 -70.52 -43.00 -15.86
N THR C 118 -71.40 -42.88 -14.87
CA THR C 118 -71.32 -41.77 -13.92
C THR C 118 -70.17 -42.00 -12.95
N GLN C 119 -69.69 -40.91 -12.35
CA GLN C 119 -68.52 -40.86 -11.46
C GLN C 119 -67.31 -41.43 -12.19
N TRP C 120 -66.84 -40.71 -13.22
CA TRP C 120 -65.80 -41.21 -14.11
C TRP C 120 -64.49 -41.44 -13.37
N ASP C 121 -64.10 -42.72 -13.30
CA ASP C 121 -62.87 -43.14 -12.64
C ASP C 121 -61.69 -42.64 -13.45
N PRO C 122 -60.72 -41.96 -12.81
CA PRO C 122 -59.71 -41.17 -13.55
C PRO C 122 -58.83 -41.98 -14.49
N LYS C 123 -58.22 -43.06 -13.99
CA LYS C 123 -57.36 -43.87 -14.84
C LYS C 123 -58.20 -44.74 -15.78
N LYS C 124 -59.47 -44.99 -15.43
CA LYS C 124 -60.33 -45.78 -16.30
C LYS C 124 -60.92 -44.92 -17.41
N HIS C 125 -60.93 -43.60 -17.24
CA HIS C 125 -61.51 -42.74 -18.25
C HIS C 125 -60.45 -42.25 -19.24
N VAL C 126 -59.34 -41.69 -18.75
CA VAL C 126 -58.39 -41.04 -19.64
C VAL C 126 -57.49 -42.08 -20.30
N GLN C 127 -56.86 -41.69 -21.41
CA GLN C 127 -56.03 -42.58 -22.19
C GLN C 127 -54.75 -41.85 -22.59
N GLU C 128 -53.69 -42.62 -22.83
CA GLU C 128 -52.41 -42.03 -23.23
C GLU C 128 -52.32 -41.93 -24.75
N MET C 129 -51.58 -40.93 -25.21
CA MET C 129 -51.41 -40.59 -26.62
C MET C 129 -50.01 -40.03 -26.79
N PRO C 130 -49.54 -39.86 -28.04
CA PRO C 130 -48.29 -39.12 -28.24
C PRO C 130 -48.43 -37.66 -27.86
N THR C 131 -47.32 -37.07 -27.45
CA THR C 131 -47.30 -35.74 -26.86
C THR C 131 -46.82 -34.73 -27.89
N ASP C 132 -47.41 -33.53 -27.87
CA ASP C 132 -47.18 -32.54 -28.91
C ASP C 132 -46.50 -31.28 -28.38
N ALA C 133 -46.42 -31.09 -27.07
CA ALA C 133 -46.09 -29.76 -26.54
C ALA C 133 -44.58 -29.55 -26.40
N PHE C 134 -43.78 -30.53 -26.81
CA PHE C 134 -42.33 -30.48 -26.60
C PHE C 134 -41.67 -29.38 -27.42
N GLY C 135 -40.53 -28.89 -26.94
CA GLY C 135 -39.74 -28.01 -27.77
C GLY C 135 -38.86 -27.08 -26.97
N ASP C 136 -38.66 -25.89 -27.53
CA ASP C 136 -37.89 -24.83 -26.90
C ASP C 136 -38.79 -23.61 -26.78
N ILE C 137 -38.52 -22.77 -25.79
CA ILE C 137 -39.39 -21.65 -25.43
C ILE C 137 -38.52 -20.41 -25.27
N VAL C 138 -39.14 -19.24 -25.42
CA VAL C 138 -38.50 -17.96 -25.15
C VAL C 138 -39.54 -17.05 -24.51
N PHE C 139 -39.10 -16.19 -23.60
CA PHE C 139 -40.01 -15.23 -23.00
C PHE C 139 -39.99 -13.93 -23.80
N THR C 140 -41.19 -13.43 -24.09
CA THR C 140 -41.36 -12.34 -25.04
C THR C 140 -40.97 -11.02 -24.39
N GLY C 141 -39.73 -10.60 -24.61
CA GLY C 141 -39.28 -9.29 -24.21
C GLY C 141 -38.55 -9.20 -22.89
N LEU C 142 -38.32 -10.32 -22.20
CA LEU C 142 -37.60 -10.31 -20.94
C LEU C 142 -36.15 -10.74 -21.07
N SER C 143 -35.88 -11.77 -21.88
CA SER C 143 -34.52 -12.23 -22.09
C SER C 143 -34.44 -12.80 -23.50
N GLN C 144 -33.20 -13.00 -23.96
CA GLN C 144 -32.98 -13.51 -25.30
C GLN C 144 -32.44 -14.93 -25.34
N LYS C 145 -32.20 -15.54 -24.19
CA LYS C 145 -31.79 -16.93 -24.15
C LYS C 145 -32.97 -17.84 -24.44
N VAL C 146 -32.66 -19.12 -24.69
CA VAL C 146 -33.67 -20.12 -25.01
C VAL C 146 -33.75 -21.10 -23.85
N LYS C 147 -34.95 -21.63 -23.61
CA LYS C 147 -35.17 -22.58 -22.52
C LYS C 147 -35.87 -23.82 -23.04
N LYS C 148 -35.29 -24.98 -22.83
CA LYS C 148 -35.92 -26.20 -23.28
C LYS C 148 -37.10 -26.55 -22.39
N TYR C 149 -38.12 -27.20 -22.96
CA TYR C 149 -39.28 -27.58 -22.19
C TYR C 149 -39.99 -28.74 -22.87
N VAL C 150 -40.73 -29.52 -22.08
CA VAL C 150 -41.33 -30.75 -22.55
C VAL C 150 -42.54 -31.04 -21.70
N ARG C 151 -43.46 -31.84 -22.24
CA ARG C 151 -44.67 -32.24 -21.55
C ARG C 151 -44.67 -33.75 -21.40
N VAL C 152 -44.84 -34.23 -20.18
CA VAL C 152 -44.84 -35.66 -19.90
C VAL C 152 -46.16 -36.04 -19.25
N SER C 153 -46.41 -37.35 -19.17
CA SER C 153 -47.61 -37.82 -18.50
C SER C 153 -47.39 -37.88 -16.99
N GLN C 154 -48.45 -38.26 -16.29
CA GLN C 154 -48.38 -38.36 -14.83
C GLN C 154 -47.50 -39.53 -14.40
N ASP C 155 -47.59 -40.65 -15.12
CA ASP C 155 -46.82 -41.85 -14.79
C ASP C 155 -45.96 -42.26 -15.97
N THR C 156 -44.67 -41.97 -15.87
CA THR C 156 -43.65 -42.44 -16.81
C THR C 156 -42.53 -43.06 -15.99
N PRO C 157 -41.81 -44.03 -16.54
CA PRO C 157 -40.59 -44.50 -15.90
C PRO C 157 -39.54 -43.40 -15.89
N SER C 158 -38.87 -43.25 -14.74
CA SER C 158 -37.95 -42.13 -14.54
C SER C 158 -36.68 -42.31 -15.36
N SER C 159 -36.38 -43.54 -15.79
CA SER C 159 -35.22 -43.77 -16.64
C SER C 159 -35.40 -43.10 -18.00
N VAL C 160 -36.64 -43.01 -18.48
CA VAL C 160 -36.91 -42.33 -19.75
C VAL C 160 -36.62 -40.84 -19.62
N ILE C 161 -37.04 -40.24 -18.49
CA ILE C 161 -36.82 -38.81 -18.26
C ILE C 161 -35.33 -38.52 -18.07
N TYR C 162 -34.63 -39.41 -17.38
CA TYR C 162 -33.19 -39.23 -17.18
C TYR C 162 -32.44 -39.39 -18.49
N HIS C 163 -32.88 -40.33 -19.34
CA HIS C 163 -32.26 -40.51 -20.65
C HIS C 163 -32.49 -39.29 -21.53
N LEU C 164 -33.68 -38.70 -21.45
CA LEU C 164 -33.99 -37.49 -22.19
C LEU C 164 -33.15 -36.31 -21.70
N MET C 165 -32.92 -36.23 -20.39
CA MET C 165 -32.16 -35.10 -19.85
C MET C 165 -30.68 -35.21 -20.17
N THR C 166 -30.12 -36.42 -20.05
CA THR C 166 -28.68 -36.56 -20.24
C THR C 166 -28.31 -36.66 -21.71
N GLN C 167 -29.08 -37.42 -22.49
CA GLN C 167 -28.66 -37.72 -23.86
C GLN C 167 -28.99 -36.57 -24.80
N HIS C 168 -30.27 -36.24 -24.94
CA HIS C 168 -30.72 -35.36 -26.01
C HIS C 168 -30.70 -33.89 -25.62
N TRP C 169 -31.00 -33.55 -24.37
CA TRP C 169 -30.96 -32.15 -23.97
C TRP C 169 -29.52 -31.67 -23.77
N GLY C 170 -28.60 -32.60 -23.54
CA GLY C 170 -27.20 -32.24 -23.47
C GLY C 170 -26.73 -31.86 -22.08
N LEU C 171 -26.97 -32.71 -21.10
CA LEU C 171 -26.59 -32.46 -19.72
C LEU C 171 -25.70 -33.59 -19.22
N ASP C 172 -24.61 -33.23 -18.57
CA ASP C 172 -23.76 -34.23 -17.95
C ASP C 172 -24.33 -34.67 -16.62
N VAL C 173 -23.72 -35.69 -16.03
CA VAL C 173 -24.22 -36.25 -14.78
C VAL C 173 -23.88 -35.30 -13.64
N PRO C 174 -24.83 -34.94 -12.78
CA PRO C 174 -24.53 -33.98 -11.72
C PRO C 174 -23.79 -34.59 -10.55
N ASN C 175 -22.97 -33.79 -9.87
CA ASN C 175 -22.26 -34.28 -8.70
C ASN C 175 -23.12 -34.16 -7.45
N LEU C 176 -24.16 -33.33 -7.49
CA LEU C 176 -25.00 -33.07 -6.33
C LEU C 176 -26.39 -32.69 -6.82
N LEU C 177 -27.40 -33.06 -6.03
CA LEU C 177 -28.79 -32.78 -6.38
C LEU C 177 -29.45 -32.01 -5.24
N ILE C 178 -29.68 -30.73 -5.46
CA ILE C 178 -30.30 -29.86 -4.46
C ILE C 178 -31.77 -29.67 -4.83
N SER C 179 -32.66 -29.92 -3.88
CA SER C 179 -34.10 -29.91 -4.12
C SER C 179 -34.72 -28.89 -3.19
N VAL C 180 -34.88 -27.65 -3.68
CA VAL C 180 -35.41 -26.59 -2.83
C VAL C 180 -36.94 -26.65 -2.82
N THR C 181 -37.53 -26.51 -1.64
CA THR C 181 -38.97 -26.47 -1.45
C THR C 181 -39.30 -25.41 -0.42
N GLY C 182 -40.47 -24.79 -0.56
CA GLY C 182 -40.85 -23.71 0.35
C GLY C 182 -42.31 -23.35 0.18
N GLY C 183 -42.65 -22.15 0.66
CA GLY C 183 -44.02 -21.69 0.57
C GLY C 183 -44.36 -21.22 -0.83
N ALA C 184 -45.52 -21.68 -1.31
CA ALA C 184 -46.00 -21.21 -2.62
C ALA C 184 -46.61 -19.84 -2.51
N LYS C 185 -47.24 -19.54 -1.37
CA LYS C 185 -47.77 -18.20 -1.13
C LYS C 185 -46.62 -17.21 -0.98
N ASN C 186 -46.80 -16.01 -1.53
CA ASN C 186 -45.74 -15.02 -1.53
C ASN C 186 -45.51 -14.48 -0.12
N PHE C 187 -44.29 -14.03 0.12
CA PHE C 187 -43.86 -13.54 1.42
C PHE C 187 -42.63 -12.68 1.25
N ASN C 188 -42.19 -12.08 2.36
CA ASN C 188 -41.04 -11.19 2.37
C ASN C 188 -40.10 -11.62 3.50
N MET C 189 -38.86 -11.15 3.45
CA MET C 189 -37.83 -11.61 4.36
C MET C 189 -36.81 -10.50 4.61
N LYS C 190 -35.99 -10.72 5.63
CA LYS C 190 -34.98 -9.74 6.03
C LYS C 190 -33.91 -9.62 4.94
N PRO C 191 -33.34 -8.43 4.74
CA PRO C 191 -32.42 -8.24 3.59
C PRO C 191 -31.08 -8.92 3.74
N ARG C 192 -30.49 -8.91 4.94
CA ARG C 192 -29.17 -9.53 5.13
C ARG C 192 -29.25 -11.03 4.97
N LEU C 193 -30.29 -11.66 5.52
CA LEU C 193 -30.48 -13.09 5.34
C LEU C 193 -30.79 -13.43 3.89
N LYS C 194 -31.48 -12.52 3.19
CA LYS C 194 -31.73 -12.71 1.76
C LYS C 194 -30.44 -12.70 0.96
N SER C 195 -29.55 -11.76 1.25
CA SER C 195 -28.29 -11.67 0.53
C SER C 195 -27.40 -12.87 0.83
N ILE C 196 -27.36 -13.29 2.10
CA ILE C 196 -26.56 -14.46 2.48
C ILE C 196 -27.11 -15.73 1.82
N PHE C 197 -28.44 -15.86 1.76
CA PHE C 197 -29.06 -17.03 1.14
C PHE C 197 -28.78 -17.10 -0.36
N ARG C 198 -28.94 -15.97 -1.06
CA ARG C 198 -28.68 -15.91 -2.49
C ARG C 198 -27.21 -16.21 -2.81
N ARG C 199 -26.30 -15.55 -2.10
CA ARG C 199 -24.87 -15.72 -2.36
C ARG C 199 -24.42 -17.14 -2.04
N GLY C 200 -24.93 -17.72 -0.95
CA GLY C 200 -24.52 -19.07 -0.58
C GLY C 200 -25.03 -20.12 -1.54
N LEU C 201 -26.30 -20.03 -1.94
CA LEU C 201 -26.87 -21.02 -2.85
C LEU C 201 -26.22 -20.94 -4.23
N VAL C 202 -26.00 -19.73 -4.72
CA VAL C 202 -25.33 -19.53 -6.01
C VAL C 202 -23.89 -20.04 -5.94
N LYS C 203 -23.23 -19.81 -4.80
CA LYS C 203 -21.85 -20.25 -4.63
C LYS C 203 -21.72 -21.77 -4.64
N VAL C 204 -22.57 -22.48 -3.89
CA VAL C 204 -22.44 -23.93 -3.82
C VAL C 204 -22.84 -24.58 -5.14
N ALA C 205 -23.88 -24.06 -5.80
CA ALA C 205 -24.30 -24.66 -7.06
C ALA C 205 -23.33 -24.32 -8.18
N GLN C 206 -22.55 -23.25 -8.02
CA GLN C 206 -21.54 -22.94 -9.01
C GLN C 206 -20.30 -23.81 -8.83
N THR C 207 -19.79 -23.91 -7.59
CA THR C 207 -18.51 -24.58 -7.39
C THR C 207 -18.66 -26.09 -7.44
N THR C 208 -19.89 -26.61 -7.29
CA THR C 208 -20.08 -28.04 -7.33
C THR C 208 -20.47 -28.54 -8.71
N GLY C 209 -21.23 -27.76 -9.47
CA GLY C 209 -21.82 -28.29 -10.69
C GLY C 209 -23.02 -29.14 -10.38
N ALA C 210 -24.02 -28.57 -9.74
CA ALA C 210 -25.14 -29.31 -9.16
C ALA C 210 -26.43 -28.91 -9.85
N TRP C 211 -27.36 -29.84 -9.94
CA TRP C 211 -28.68 -29.53 -10.45
C TRP C 211 -29.52 -28.92 -9.35
N ILE C 212 -30.36 -27.95 -9.70
CA ILE C 212 -31.32 -27.37 -8.78
C ILE C 212 -32.71 -27.67 -9.30
N ILE C 213 -33.47 -28.46 -8.56
CA ILE C 213 -34.79 -28.89 -8.96
C ILE C 213 -35.81 -28.23 -8.05
N THR C 214 -36.85 -27.65 -8.64
CA THR C 214 -37.84 -26.88 -7.90
C THR C 214 -39.15 -26.89 -8.65
N GLY C 215 -40.16 -26.25 -8.05
CA GLY C 215 -41.39 -26.02 -8.78
C GLY C 215 -41.21 -24.94 -9.83
N GLY C 216 -41.84 -25.13 -10.98
CA GLY C 216 -41.72 -24.16 -12.05
C GLY C 216 -42.81 -23.11 -12.05
N SER C 217 -42.92 -22.34 -10.98
CA SER C 217 -43.97 -21.33 -10.84
C SER C 217 -43.32 -19.99 -10.53
N HIS C 218 -44.08 -18.91 -10.74
CA HIS C 218 -43.53 -17.58 -10.55
C HIS C 218 -43.67 -17.10 -9.11
N THR C 219 -44.46 -17.80 -8.30
CA THR C 219 -44.73 -17.32 -6.96
C THR C 219 -43.82 -17.98 -5.93
N GLY C 220 -43.66 -17.32 -4.80
CA GLY C 220 -43.09 -17.96 -3.63
C GLY C 220 -41.58 -18.10 -3.67
N VAL C 221 -41.10 -19.23 -3.13
CA VAL C 221 -39.67 -19.48 -2.96
C VAL C 221 -39.00 -19.65 -4.31
N MET C 222 -39.73 -20.19 -5.28
CA MET C 222 -39.23 -20.37 -6.63
C MET C 222 -38.87 -19.04 -7.28
N LYS C 223 -39.59 -17.98 -6.94
CA LYS C 223 -39.21 -16.64 -7.39
C LYS C 223 -37.87 -16.21 -6.79
N GLN C 224 -37.62 -16.52 -5.53
CA GLN C 224 -36.37 -16.11 -4.89
C GLN C 224 -35.18 -16.88 -5.45
N VAL C 225 -35.36 -18.17 -5.74
CA VAL C 225 -34.32 -18.95 -6.41
C VAL C 225 -34.08 -18.41 -7.81
N GLY C 226 -35.15 -17.99 -8.49
CA GLY C 226 -34.99 -17.36 -9.80
C GLY C 226 -34.23 -16.05 -9.73
N GLU C 227 -34.45 -15.26 -8.68
CA GLU C 227 -33.73 -14.00 -8.54
C GLU C 227 -32.27 -14.23 -8.20
N ALA C 228 -31.96 -15.30 -7.47
CA ALA C 228 -30.56 -15.64 -7.21
C ALA C 228 -29.85 -16.07 -8.49
N VAL C 229 -30.52 -16.88 -9.31
CA VAL C 229 -29.96 -17.27 -10.61
C VAL C 229 -29.81 -16.05 -11.52
N ARG C 230 -30.76 -15.12 -11.43
CA ARG C 230 -30.67 -13.89 -12.23
C ARG C 230 -29.54 -13.00 -11.75
N ASP C 231 -29.24 -13.03 -10.45
CA ASP C 231 -28.08 -12.30 -9.93
C ASP C 231 -26.78 -12.90 -10.44
N PHE C 232 -26.69 -14.23 -10.50
CA PHE C 232 -25.48 -14.84 -11.05
C PHE C 232 -25.35 -14.58 -12.55
N SER C 233 -26.47 -14.53 -13.28
CA SER C 233 -26.38 -14.20 -14.70
C SER C 233 -26.10 -12.73 -14.91
N LEU C 234 -26.40 -11.90 -13.91
CA LEU C 234 -25.96 -10.51 -13.93
C LEU C 234 -24.45 -10.44 -13.70
N SER C 235 -23.92 -11.31 -12.84
CA SER C 235 -22.47 -11.36 -12.66
C SER C 235 -21.77 -11.97 -13.88
N SER C 236 -22.08 -13.24 -14.18
CA SER C 236 -21.80 -13.90 -15.47
C SER C 236 -20.29 -14.03 -15.68
N SER C 237 -19.47 -14.13 -14.63
CA SER C 237 -18.01 -14.23 -14.73
C SER C 237 -17.54 -15.36 -15.65
N TYR C 238 -17.94 -16.60 -15.34
CA TYR C 238 -17.55 -17.74 -16.15
C TYR C 238 -18.50 -18.91 -15.95
N LYS C 239 -18.63 -19.75 -16.99
CA LYS C 239 -19.46 -20.96 -16.99
C LYS C 239 -20.92 -20.65 -16.65
N GLU C 240 -21.61 -19.97 -17.57
CA GLU C 240 -23.03 -19.69 -17.38
C GLU C 240 -23.86 -20.98 -17.48
N GLY C 241 -23.34 -21.98 -18.19
CA GLY C 241 -24.05 -23.25 -18.29
C GLY C 241 -23.87 -24.12 -17.06
N GLU C 242 -23.10 -23.65 -16.08
CA GLU C 242 -22.96 -24.40 -14.84
C GLU C 242 -24.25 -24.37 -14.02
N LEU C 243 -24.88 -23.20 -13.90
CA LEU C 243 -26.13 -23.08 -13.16
C LEU C 243 -27.29 -23.46 -14.07
N ILE C 244 -27.61 -24.73 -14.06
CA ILE C 244 -28.85 -25.17 -14.68
C ILE C 244 -29.88 -25.45 -13.59
N THR C 245 -31.11 -25.03 -13.85
CA THR C 245 -32.22 -25.20 -12.92
C THR C 245 -33.40 -25.74 -13.71
N ILE C 246 -33.98 -26.83 -13.23
CA ILE C 246 -35.15 -27.42 -13.85
C ILE C 246 -36.36 -27.09 -12.98
N GLY C 247 -37.52 -27.01 -13.60
CA GLY C 247 -38.74 -26.76 -12.87
C GLY C 247 -39.82 -27.72 -13.28
N VAL C 248 -40.47 -28.36 -12.31
CA VAL C 248 -41.46 -29.38 -12.58
C VAL C 248 -42.82 -28.86 -12.16
N ALA C 249 -43.73 -28.72 -13.12
CA ALA C 249 -45.01 -28.06 -12.88
C ALA C 249 -46.14 -28.82 -13.56
N THR C 250 -47.36 -28.56 -13.10
CA THR C 250 -48.53 -29.21 -13.68
C THR C 250 -48.89 -28.56 -15.01
N TRP C 251 -49.34 -29.39 -15.95
CA TRP C 251 -49.68 -28.89 -17.28
C TRP C 251 -50.97 -28.07 -17.25
N GLY C 252 -51.85 -28.37 -16.29
CA GLY C 252 -53.14 -27.68 -16.25
C GLY C 252 -53.03 -26.24 -15.82
N THR C 253 -52.20 -25.95 -14.83
CA THR C 253 -52.16 -24.61 -14.23
C THR C 253 -51.06 -23.78 -14.88
N VAL C 254 -51.19 -23.60 -16.19
CA VAL C 254 -50.34 -22.71 -16.97
C VAL C 254 -51.24 -21.78 -17.75
N HIS C 255 -50.97 -20.46 -17.63
CA HIS C 255 -51.94 -19.45 -18.05
C HIS C 255 -52.10 -19.39 -19.56
N ARG C 256 -51.00 -19.40 -20.30
CA ARG C 256 -51.02 -19.19 -21.75
C ARG C 256 -50.52 -20.46 -22.42
N ARG C 257 -51.04 -21.61 -21.97
CA ARG C 257 -50.55 -22.89 -22.46
C ARG C 257 -51.07 -23.21 -23.85
N GLU C 258 -52.08 -22.47 -24.32
CA GLU C 258 -52.64 -22.76 -25.63
C GLU C 258 -51.69 -22.38 -26.75
N GLY C 259 -50.83 -21.40 -26.51
CA GLY C 259 -49.83 -21.03 -27.51
C GLY C 259 -48.72 -22.05 -27.63
N LEU C 260 -48.54 -22.87 -26.59
CA LEU C 260 -47.44 -23.82 -26.58
C LEU C 260 -47.76 -25.05 -27.42
N ILE C 261 -49.05 -25.41 -27.53
CA ILE C 261 -49.46 -26.64 -28.18
C ILE C 261 -49.29 -26.51 -29.69
N HIS C 262 -48.30 -27.22 -30.23
CA HIS C 262 -48.09 -27.31 -31.66
C HIS C 262 -47.35 -28.61 -31.95
N PRO C 263 -47.98 -29.57 -32.61
CA PRO C 263 -47.34 -30.87 -32.83
C PRO C 263 -46.18 -30.79 -33.80
N THR C 264 -45.38 -31.85 -33.80
CA THR C 264 -44.16 -32.04 -34.60
C THR C 264 -43.10 -30.97 -34.34
N GLY C 265 -43.15 -30.27 -33.20
CA GLY C 265 -42.08 -29.38 -32.85
C GLY C 265 -42.42 -27.90 -32.91
N SER C 266 -42.47 -27.26 -31.74
CA SER C 266 -42.75 -25.83 -31.69
C SER C 266 -41.48 -25.04 -31.41
N PHE C 267 -40.37 -25.36 -32.11
CA PHE C 267 -38.96 -25.06 -31.81
C PHE C 267 -38.70 -23.61 -31.38
N PRO C 268 -39.07 -22.52 -32.13
CA PRO C 268 -39.23 -21.26 -31.40
C PRO C 268 -40.65 -21.09 -30.91
N ALA C 269 -40.86 -21.04 -29.60
CA ALA C 269 -42.20 -20.81 -29.05
C ALA C 269 -42.17 -19.55 -28.20
N GLU C 270 -42.83 -18.52 -28.69
CA GLU C 270 -42.93 -17.28 -27.93
C GLU C 270 -43.98 -17.44 -26.84
N TYR C 271 -43.59 -17.15 -25.61
CA TYR C 271 -44.48 -17.24 -24.46
C TYR C 271 -44.54 -15.87 -23.80
N ILE C 272 -45.74 -15.28 -23.79
CA ILE C 272 -46.00 -14.03 -23.10
C ILE C 272 -46.43 -14.38 -21.69
N LEU C 273 -46.23 -13.46 -20.77
CA LEU C 273 -46.70 -13.63 -19.39
C LEU C 273 -47.29 -12.31 -18.92
N ASP C 274 -48.30 -12.40 -18.06
CA ASP C 274 -48.89 -11.24 -17.42
C ASP C 274 -49.20 -11.60 -15.97
N GLU C 275 -48.41 -11.06 -15.05
CA GLU C 275 -48.67 -11.27 -13.64
C GLU C 275 -49.93 -10.51 -13.22
N ASP C 276 -50.70 -11.14 -12.33
CA ASP C 276 -51.96 -10.68 -11.73
C ASP C 276 -53.12 -10.60 -12.73
N GLY C 277 -52.87 -10.86 -14.01
CA GLY C 277 -53.94 -11.04 -14.97
C GLY C 277 -54.26 -12.50 -15.22
N GLN C 278 -54.57 -13.24 -14.15
CA GLN C 278 -54.82 -14.66 -14.27
C GLN C 278 -55.77 -15.10 -13.16
N GLY C 279 -56.34 -16.29 -13.33
CA GLY C 279 -57.23 -16.86 -12.35
C GLY C 279 -56.49 -17.54 -11.22
N ASN C 280 -57.00 -18.70 -10.82
CA ASN C 280 -56.31 -19.51 -9.82
C ASN C 280 -55.06 -20.15 -10.41
N LEU C 281 -55.07 -20.43 -11.70
CA LEU C 281 -53.89 -20.94 -12.38
C LEU C 281 -52.84 -19.85 -12.53
N THR C 282 -51.58 -20.24 -12.53
CA THR C 282 -50.46 -19.31 -12.43
C THR C 282 -49.54 -19.41 -13.62
N CYS C 283 -48.58 -18.49 -13.71
CA CYS C 283 -47.64 -18.48 -14.82
C CYS C 283 -46.32 -19.15 -14.43
N LEU C 284 -45.54 -19.48 -15.45
CA LEU C 284 -44.21 -20.03 -15.22
C LEU C 284 -43.25 -18.94 -14.76
N ASP C 285 -42.17 -19.36 -14.10
CA ASP C 285 -41.10 -18.42 -13.79
C ASP C 285 -40.25 -18.20 -15.04
N SER C 286 -39.49 -17.11 -15.05
CA SER C 286 -38.72 -16.77 -16.24
C SER C 286 -37.26 -17.19 -16.11
N ASN C 287 -36.73 -17.26 -14.88
CA ASN C 287 -35.30 -17.45 -14.71
C ASN C 287 -34.91 -18.92 -14.73
N HIS C 288 -35.90 -19.82 -14.71
CA HIS C 288 -35.60 -21.24 -14.79
C HIS C 288 -35.07 -21.60 -16.16
N SER C 289 -34.30 -22.69 -16.25
CA SER C 289 -33.61 -22.98 -17.51
C SER C 289 -34.26 -24.15 -18.24
N HIS C 290 -34.74 -25.16 -17.51
CA HIS C 290 -35.45 -26.27 -18.14
C HIS C 290 -36.80 -26.44 -17.47
N PHE C 291 -37.77 -26.96 -18.23
CA PHE C 291 -39.12 -27.14 -17.72
C PHE C 291 -39.61 -28.55 -18.03
N ILE C 292 -40.20 -29.20 -17.03
CA ILE C 292 -40.90 -30.45 -17.20
C ILE C 292 -42.32 -30.26 -16.70
N LEU C 293 -43.28 -30.43 -17.60
CA LEU C 293 -44.68 -30.19 -17.29
C LEU C 293 -45.41 -31.52 -17.28
N VAL C 294 -45.74 -32.00 -16.08
CA VAL C 294 -46.45 -33.26 -15.92
C VAL C 294 -47.92 -33.00 -16.17
N ASP C 295 -48.61 -34.01 -16.69
CA ASP C 295 -50.00 -33.87 -17.10
C ASP C 295 -50.81 -35.06 -16.60
N ASP C 296 -51.90 -34.78 -15.93
CA ASP C 296 -52.91 -35.77 -15.62
C ASP C 296 -54.09 -35.71 -16.58
N GLY C 297 -54.26 -34.60 -17.29
CA GLY C 297 -55.45 -34.36 -18.07
C GLY C 297 -56.54 -33.60 -17.33
N THR C 298 -56.22 -33.01 -16.19
CA THR C 298 -57.19 -32.32 -15.35
C THR C 298 -56.77 -30.87 -15.23
N HIS C 299 -57.69 -29.96 -15.55
CA HIS C 299 -57.35 -28.55 -15.58
C HIS C 299 -57.34 -27.94 -14.18
N GLY C 300 -58.39 -28.15 -13.41
CA GLY C 300 -58.49 -27.55 -12.10
C GLY C 300 -57.96 -28.39 -10.95
N GLN C 301 -56.63 -28.50 -10.84
CA GLN C 301 -56.03 -29.30 -9.79
C GLN C 301 -54.63 -28.81 -9.47
N TYR C 302 -54.20 -29.00 -8.23
CA TYR C 302 -52.86 -28.67 -7.78
C TYR C 302 -52.18 -29.93 -7.24
N GLY C 303 -50.87 -30.05 -7.48
CA GLY C 303 -50.10 -31.09 -6.84
C GLY C 303 -49.96 -32.39 -7.59
N VAL C 304 -50.04 -32.37 -8.92
CA VAL C 304 -49.83 -33.59 -9.68
C VAL C 304 -48.33 -33.89 -9.80
N GLU C 305 -47.50 -32.88 -9.63
CA GLU C 305 -46.05 -33.05 -9.78
C GLU C 305 -45.40 -33.67 -8.55
N ILE C 306 -46.13 -33.72 -7.43
CA ILE C 306 -45.53 -34.21 -6.18
C ILE C 306 -45.23 -35.70 -6.20
N PRO C 307 -46.11 -36.60 -6.70
CA PRO C 307 -45.67 -38.01 -6.79
C PRO C 307 -44.59 -38.27 -7.83
N LEU C 308 -44.39 -37.37 -8.79
CA LEU C 308 -43.34 -37.62 -9.79
C LEU C 308 -41.99 -37.08 -9.31
N ARG C 309 -41.99 -36.00 -8.53
CA ARG C 309 -40.71 -35.39 -8.13
C ARG C 309 -39.92 -36.31 -7.20
N THR C 310 -40.60 -36.98 -6.26
CA THR C 310 -39.91 -37.87 -5.34
C THR C 310 -39.37 -39.10 -6.07
N ARG C 311 -40.13 -39.61 -7.04
CA ARG C 311 -39.67 -40.76 -7.81
C ARG C 311 -38.48 -40.41 -8.68
N LEU C 312 -38.49 -39.22 -9.29
CA LEU C 312 -37.38 -38.81 -10.14
C LEU C 312 -36.11 -38.56 -9.32
N GLU C 313 -36.26 -37.90 -8.16
CA GLU C 313 -35.11 -37.65 -7.30
C GLU C 313 -34.55 -38.95 -6.73
N LYS C 314 -35.42 -39.88 -6.36
CA LYS C 314 -34.93 -41.13 -5.80
C LYS C 314 -34.32 -42.03 -6.88
N PHE C 315 -34.77 -41.90 -8.13
CA PHE C 315 -34.10 -42.65 -9.18
C PHE C 315 -32.75 -42.06 -9.52
N ILE C 316 -32.63 -40.73 -9.50
CA ILE C 316 -31.33 -40.10 -9.71
C ILE C 316 -30.36 -40.47 -8.59
N SER C 317 -30.85 -40.59 -7.36
CA SER C 317 -29.94 -40.80 -6.23
C SER C 317 -29.40 -42.22 -6.11
N GLU C 318 -29.60 -43.11 -7.09
CA GLU C 318 -28.80 -44.34 -7.08
C GLU C 318 -27.76 -44.36 -8.19
N GLN C 319 -27.84 -43.46 -9.16
CA GLN C 319 -26.93 -43.48 -10.28
C GLN C 319 -25.50 -43.14 -9.84
N THR C 320 -24.52 -43.72 -10.53
CA THR C 320 -23.12 -43.60 -10.16
C THR C 320 -22.36 -42.81 -11.22
N LYS C 321 -21.81 -41.68 -10.84
CA LYS C 321 -20.91 -40.91 -11.68
C LYS C 321 -19.49 -41.29 -11.31
N GLU C 322 -18.75 -41.84 -12.27
CA GLU C 322 -17.40 -42.33 -12.06
C GLU C 322 -16.42 -41.56 -12.92
N ARG C 323 -15.48 -40.88 -12.28
CA ARG C 323 -14.41 -40.17 -12.97
C ARG C 323 -13.08 -40.64 -12.42
N GLY C 324 -12.16 -40.98 -13.30
CA GLY C 324 -10.88 -41.49 -12.86
C GLY C 324 -10.99 -42.89 -12.30
N GLY C 325 -10.33 -43.08 -11.16
CA GLY C 325 -10.40 -44.37 -10.50
C GLY C 325 -11.60 -44.51 -9.58
N VAL C 326 -11.99 -43.41 -8.92
CA VAL C 326 -13.01 -43.46 -7.90
C VAL C 326 -14.40 -43.42 -8.52
N ALA C 327 -15.39 -43.90 -7.78
CA ALA C 327 -16.79 -43.86 -8.18
C ALA C 327 -17.64 -43.57 -6.96
N ILE C 328 -18.62 -42.68 -7.12
CA ILE C 328 -19.51 -42.28 -6.04
C ILE C 328 -20.95 -42.47 -6.49
N LYS C 329 -21.86 -42.43 -5.53
CA LYS C 329 -23.28 -42.29 -5.80
C LYS C 329 -23.67 -40.85 -5.55
N ILE C 330 -24.65 -40.36 -6.31
CA ILE C 330 -24.93 -38.92 -6.25
C ILE C 330 -25.69 -38.61 -4.97
N PRO C 331 -25.21 -37.68 -4.14
CA PRO C 331 -25.94 -37.34 -2.92
C PRO C 331 -27.03 -36.31 -3.16
N ILE C 332 -28.07 -36.36 -2.35
CA ILE C 332 -29.24 -35.49 -2.50
C ILE C 332 -29.46 -34.79 -1.16
N VAL C 333 -29.70 -33.47 -1.21
CA VAL C 333 -30.00 -32.69 -0.03
C VAL C 333 -31.15 -31.75 -0.40
N CYS C 334 -31.98 -31.42 0.58
CA CYS C 334 -33.05 -30.45 0.40
C CYS C 334 -32.92 -29.32 1.39
N VAL C 335 -33.00 -28.10 0.89
CA VAL C 335 -33.03 -26.89 1.70
C VAL C 335 -34.44 -26.34 1.64
N VAL C 336 -34.99 -26.02 2.81
CA VAL C 336 -36.40 -25.65 2.92
C VAL C 336 -36.51 -24.23 3.48
N LEU C 337 -37.55 -23.52 3.04
CA LEU C 337 -37.89 -22.18 3.48
C LEU C 337 -39.30 -22.23 4.06
N GLU C 338 -39.91 -21.05 4.18
CA GLU C 338 -41.10 -20.68 5.00
C GLU C 338 -42.17 -21.78 4.99
N GLY C 339 -42.75 -22.13 3.85
CA GLY C 339 -43.38 -23.42 3.72
C GLY C 339 -44.86 -23.38 4.04
N GLY C 340 -45.40 -24.57 4.25
CA GLY C 340 -46.79 -24.77 4.60
C GLY C 340 -46.97 -26.18 5.14
N PRO C 341 -48.20 -26.70 5.09
CA PRO C 341 -48.41 -28.09 5.50
C PRO C 341 -47.77 -29.10 4.56
N GLY C 342 -47.84 -28.85 3.26
CA GLY C 342 -47.20 -29.74 2.30
C GLY C 342 -45.69 -29.73 2.41
N THR C 343 -45.11 -28.60 2.81
CA THR C 343 -43.68 -28.53 3.04
C THR C 343 -43.28 -29.37 4.24
N LEU C 344 -44.11 -29.37 5.30
CA LEU C 344 -43.82 -30.20 6.46
C LEU C 344 -43.98 -31.67 6.14
N HIS C 345 -44.96 -32.02 5.30
CA HIS C 345 -45.10 -33.40 4.86
C HIS C 345 -43.93 -33.82 3.98
N THR C 346 -43.41 -32.90 3.18
CA THR C 346 -42.25 -33.19 2.34
C THR C 346 -41.00 -33.39 3.19
N ILE C 347 -40.84 -32.59 4.24
CA ILE C 347 -39.71 -32.74 5.17
C ILE C 347 -39.78 -34.10 5.86
N ASP C 348 -40.97 -34.51 6.30
CA ASP C 348 -41.12 -35.80 6.97
C ASP C 348 -40.84 -36.94 6.00
N ASN C 349 -41.33 -36.83 4.75
CA ASN C 349 -41.12 -37.87 3.76
C ASN C 349 -39.64 -37.96 3.36
N ALA C 350 -38.93 -36.85 3.41
CA ALA C 350 -37.50 -36.88 3.12
C ALA C 350 -36.71 -37.50 4.28
N THR C 351 -37.06 -37.15 5.53
CA THR C 351 -36.30 -37.68 6.66
C THR C 351 -36.59 -39.15 6.91
N THR C 352 -37.73 -39.65 6.42
CA THR C 352 -37.97 -41.09 6.52
C THR C 352 -37.03 -41.87 5.60
N ASN C 353 -36.68 -41.31 4.45
CA ASN C 353 -35.85 -42.05 3.50
C ASN C 353 -34.37 -41.96 3.86
N GLY C 354 -33.96 -40.88 4.52
CA GLY C 354 -32.56 -40.67 4.87
C GLY C 354 -31.93 -39.46 4.22
N THR C 355 -32.70 -38.67 3.48
CA THR C 355 -32.16 -37.48 2.87
C THR C 355 -31.95 -36.40 3.94
N PRO C 356 -30.78 -35.77 3.99
CA PRO C 356 -30.59 -34.68 4.95
C PRO C 356 -31.38 -33.44 4.56
N CYS C 357 -31.73 -32.64 5.55
CA CYS C 357 -32.52 -31.43 5.37
C CYS C 357 -31.83 -30.26 6.03
N VAL C 358 -31.91 -29.10 5.39
CA VAL C 358 -31.41 -27.85 5.97
C VAL C 358 -32.56 -26.86 6.03
N VAL C 359 -32.89 -26.40 7.23
CA VAL C 359 -34.00 -25.48 7.44
C VAL C 359 -33.45 -24.14 7.90
N VAL C 360 -33.84 -23.08 7.19
CA VAL C 360 -33.33 -21.76 7.49
C VAL C 360 -34.20 -21.08 8.54
N GLU C 361 -33.56 -20.60 9.60
CA GLU C 361 -34.24 -19.95 10.71
C GLU C 361 -34.53 -18.51 10.35
N GLY C 362 -35.72 -18.04 10.66
CA GLY C 362 -36.12 -16.71 10.26
C GLY C 362 -36.97 -16.73 9.01
N SER C 363 -37.88 -15.76 8.94
CA SER C 363 -38.78 -15.46 7.82
C SER C 363 -39.73 -16.60 7.49
N GLY C 364 -39.99 -17.53 8.41
CA GLY C 364 -40.81 -18.67 8.06
C GLY C 364 -41.87 -19.03 9.06
N ARG C 365 -42.98 -19.61 8.59
CA ARG C 365 -43.92 -20.21 9.52
C ARG C 365 -43.45 -21.59 9.97
N VAL C 366 -43.38 -22.55 9.04
CA VAL C 366 -43.06 -23.93 9.38
C VAL C 366 -41.58 -24.08 9.69
N ALA C 367 -40.76 -23.28 9.03
CA ALA C 367 -39.32 -23.27 9.29
C ALA C 367 -39.01 -22.80 10.71
N ASP C 368 -39.63 -21.71 11.14
CA ASP C 368 -39.32 -21.18 12.46
C ASP C 368 -40.08 -21.90 13.55
N VAL C 369 -41.06 -22.74 13.19
CA VAL C 369 -41.55 -23.71 14.17
C VAL C 369 -40.47 -24.72 14.50
N ILE C 370 -39.87 -25.33 13.47
CA ILE C 370 -38.89 -26.39 13.67
C ILE C 370 -37.61 -25.83 14.27
N ALA C 371 -37.24 -24.60 13.90
CA ALA C 371 -36.02 -23.98 14.40
C ALA C 371 -36.09 -23.75 15.91
N GLN C 372 -37.27 -23.41 16.42
CA GLN C 372 -37.42 -23.27 17.86
C GLN C 372 -37.55 -24.63 18.54
N VAL C 373 -38.30 -25.56 17.94
CA VAL C 373 -38.66 -26.78 18.68
C VAL C 373 -37.53 -27.81 18.60
N ALA C 374 -36.51 -27.55 17.77
CA ALA C 374 -35.49 -28.57 17.50
C ALA C 374 -34.58 -28.80 18.70
N ASN C 375 -34.33 -27.75 19.49
CA ASN C 375 -33.33 -27.87 20.55
C ASN C 375 -33.88 -28.62 21.75
N LEU C 376 -35.18 -28.51 22.00
CA LEU C 376 -35.79 -29.20 23.12
C LEU C 376 -35.86 -30.70 22.83
N PRO C 377 -35.80 -31.55 23.86
CA PRO C 377 -35.92 -33.00 23.63
C PRO C 377 -37.30 -33.41 23.18
N VAL C 378 -37.41 -34.68 22.78
CA VAL C 378 -38.59 -35.16 22.08
C VAL C 378 -39.78 -35.32 23.03
N SER C 379 -39.53 -35.81 24.26
CA SER C 379 -40.61 -36.01 25.21
C SER C 379 -41.08 -34.68 25.79
N ASP C 380 -40.22 -33.66 25.76
CA ASP C 380 -40.61 -32.35 26.27
C ASP C 380 -41.56 -31.63 25.32
N ILE C 381 -41.58 -32.05 24.05
CA ILE C 381 -42.54 -31.49 23.11
C ILE C 381 -43.93 -32.01 23.45
N THR C 382 -44.86 -31.08 23.69
CA THR C 382 -46.22 -31.45 24.03
C THR C 382 -47.18 -30.71 23.11
N ILE C 383 -48.44 -31.15 23.13
CA ILE C 383 -49.43 -30.72 22.15
C ILE C 383 -49.81 -29.26 22.37
N SER C 384 -49.89 -28.83 23.64
CA SER C 384 -50.25 -27.46 23.96
C SER C 384 -49.15 -26.49 23.56
N LEU C 385 -47.90 -26.92 23.73
CA LEU C 385 -46.72 -26.09 23.35
C LEU C 385 -46.74 -25.90 21.82
N ILE C 386 -46.98 -26.98 21.08
CA ILE C 386 -47.03 -26.94 19.63
C ILE C 386 -48.15 -26.02 19.16
N GLN C 387 -49.33 -26.13 19.79
CA GLN C 387 -50.46 -25.29 19.40
C GLN C 387 -50.21 -23.82 19.74
N GLN C 388 -49.53 -23.57 20.86
CA GLN C 388 -49.23 -22.19 21.26
C GLN C 388 -48.22 -21.55 20.32
N LYS C 389 -47.18 -22.28 19.94
CA LYS C 389 -46.22 -21.72 18.98
C LYS C 389 -46.82 -21.64 17.58
N LEU C 390 -47.79 -22.50 17.28
CA LEU C 390 -48.49 -22.43 16.01
C LEU C 390 -49.34 -21.18 15.93
N SER C 391 -49.96 -20.80 17.06
CA SER C 391 -50.86 -19.65 17.06
C SER C 391 -50.10 -18.34 16.92
N VAL C 392 -48.89 -18.25 17.48
CA VAL C 392 -48.15 -17.00 17.43
C VAL C 392 -47.52 -16.81 16.06
N PHE C 393 -47.29 -17.90 15.32
CA PHE C 393 -46.62 -17.77 14.03
C PHE C 393 -47.61 -17.69 12.88
N PHE C 394 -48.72 -18.44 12.97
CA PHE C 394 -49.68 -18.41 11.88
C PHE C 394 -50.65 -17.25 12.02
N GLN C 395 -51.42 -17.23 13.11
CA GLN C 395 -52.21 -16.09 13.62
C GLN C 395 -53.43 -15.81 12.75
N GLU C 396 -53.54 -16.37 11.54
CA GLU C 396 -54.81 -16.35 10.84
C GLU C 396 -55.26 -17.76 10.50
N MET C 397 -54.37 -18.54 9.90
CA MET C 397 -54.66 -19.95 9.65
C MET C 397 -54.81 -20.71 10.95
N PHE C 398 -54.08 -20.28 11.99
CA PHE C 398 -54.20 -20.87 13.33
C PHE C 398 -55.60 -20.67 13.88
N GLU C 399 -56.23 -19.54 13.56
CA GLU C 399 -57.64 -19.37 13.88
C GLU C 399 -58.50 -20.29 13.03
N THR C 400 -58.14 -20.45 11.74
CA THR C 400 -58.94 -21.34 10.89
C THR C 400 -58.60 -22.81 11.10
N PHE C 401 -57.49 -23.11 11.76
CA PHE C 401 -57.11 -24.52 11.97
C PHE C 401 -58.00 -25.17 13.02
N THR C 402 -58.25 -26.47 12.80
CA THR C 402 -58.99 -27.28 13.75
C THR C 402 -58.10 -27.78 14.87
N GLU C 403 -58.73 -28.42 15.85
CA GLU C 403 -57.97 -29.03 16.94
C GLU C 403 -57.65 -30.49 16.65
N SER C 404 -58.15 -31.01 15.53
CA SER C 404 -57.91 -32.41 15.20
C SER C 404 -56.67 -32.57 14.32
N ARG C 405 -56.19 -31.47 13.74
CA ARG C 405 -55.00 -31.57 12.89
C ARG C 405 -53.72 -31.33 13.69
N ILE C 406 -53.85 -30.72 14.87
CA ILE C 406 -52.64 -30.31 15.60
C ILE C 406 -51.98 -31.51 16.26
N VAL C 407 -52.75 -32.58 16.52
CA VAL C 407 -52.16 -33.82 17.01
C VAL C 407 -51.32 -34.48 15.92
N GLU C 408 -51.81 -34.42 14.67
CA GLU C 408 -51.03 -34.90 13.53
C GLU C 408 -49.77 -34.08 13.33
N TRP C 409 -49.88 -32.77 13.52
CA TRP C 409 -48.71 -31.91 13.33
C TRP C 409 -47.66 -32.13 14.43
N THR C 410 -48.09 -32.30 15.68
CA THR C 410 -47.09 -32.52 16.73
C THR C 410 -46.49 -33.92 16.65
N LYS C 411 -47.27 -34.90 16.16
CA LYS C 411 -46.71 -36.22 15.93
C LYS C 411 -45.66 -36.18 14.82
N LYS C 412 -45.94 -35.45 13.74
CA LYS C 412 -44.99 -35.35 12.64
C LYS C 412 -43.74 -34.57 13.06
N ILE C 413 -43.92 -33.53 13.88
CA ILE C 413 -42.77 -32.76 14.35
C ILE C 413 -41.92 -33.59 15.31
N GLN C 414 -42.56 -34.44 16.12
CA GLN C 414 -41.80 -35.30 17.02
C GLN C 414 -41.01 -36.36 16.26
N ASP C 415 -41.62 -36.94 15.22
CA ASP C 415 -40.90 -37.90 14.39
C ASP C 415 -39.77 -37.25 13.60
N ILE C 416 -39.94 -35.97 13.25
CA ILE C 416 -38.89 -35.28 12.50
C ILE C 416 -37.71 -34.93 13.40
N VAL C 417 -37.99 -34.39 14.59
CA VAL C 417 -36.90 -33.97 15.48
C VAL C 417 -36.26 -35.19 16.17
N ARG C 418 -36.96 -36.34 16.15
CA ARG C 418 -36.39 -37.55 16.72
C ARG C 418 -35.17 -38.04 15.96
N ARG C 419 -35.16 -37.87 14.63
CA ARG C 419 -33.93 -38.04 13.86
C ARG C 419 -33.06 -36.79 14.01
N ARG C 420 -32.16 -36.85 15.00
CA ARG C 420 -31.38 -35.66 15.34
C ARG C 420 -30.29 -35.40 14.32
N GLN C 421 -29.83 -36.44 13.63
CA GLN C 421 -28.68 -36.28 12.75
C GLN C 421 -29.07 -35.65 11.41
N LEU C 422 -30.17 -36.10 10.82
CA LEU C 422 -30.45 -35.78 9.43
C LEU C 422 -30.93 -34.35 9.25
N LEU C 423 -31.43 -33.73 10.32
CA LEU C 423 -31.92 -32.36 10.26
C LEU C 423 -30.83 -31.41 10.72
N THR C 424 -30.69 -30.29 10.00
CA THR C 424 -29.83 -29.20 10.42
C THR C 424 -30.55 -27.88 10.27
N VAL C 425 -30.51 -27.07 11.34
CA VAL C 425 -31.12 -25.70 11.41
C VAL C 425 -30.02 -24.67 11.09
N PHE C 426 -30.36 -23.61 10.34
CA PHE C 426 -29.41 -22.56 9.88
C PHE C 426 -28.78 -21.73 11.02
N ARG C 427 -29.55 -21.28 12.02
CA ARG C 427 -28.99 -20.47 13.13
C ARG C 427 -28.24 -19.25 12.56
N GLU C 428 -28.90 -18.52 11.64
CA GLU C 428 -28.35 -17.39 10.92
C GLU C 428 -27.77 -16.35 11.87
N GLY C 429 -26.49 -16.02 11.67
CA GLY C 429 -25.85 -14.99 12.44
C GLY C 429 -25.25 -15.41 13.76
N LYS C 430 -25.96 -16.26 14.52
CA LYS C 430 -25.62 -16.49 15.92
C LYS C 430 -24.37 -17.35 16.06
N ASP C 431 -24.44 -18.62 15.67
CA ASP C 431 -23.32 -19.52 15.90
C ASP C 431 -23.23 -20.51 14.75
N GLY C 432 -22.00 -20.78 14.32
CA GLY C 432 -21.78 -21.63 13.17
C GLY C 432 -22.20 -21.02 11.84
N GLN C 433 -22.55 -19.74 11.85
CA GLN C 433 -23.06 -19.11 10.60
C GLN C 433 -21.90 -18.60 9.71
N GLN C 434 -20.97 -19.47 9.33
CA GLN C 434 -19.87 -19.01 8.44
C GLN C 434 -20.43 -18.66 7.05
N ASP C 435 -21.27 -19.54 6.50
CA ASP C 435 -21.90 -19.35 5.16
C ASP C 435 -22.98 -20.41 4.95
N VAL C 436 -23.80 -20.26 3.91
CA VAL C 436 -24.81 -21.27 3.57
C VAL C 436 -24.16 -22.48 2.94
N ASP C 437 -23.11 -22.27 2.13
CA ASP C 437 -22.51 -23.37 1.38
C ASP C 437 -21.77 -24.33 2.29
N VAL C 438 -21.00 -23.81 3.24
CA VAL C 438 -20.29 -24.67 4.17
C VAL C 438 -21.27 -25.35 5.12
N ALA C 439 -22.42 -24.73 5.39
CA ALA C 439 -23.43 -25.36 6.22
C ALA C 439 -24.09 -26.54 5.50
N ILE C 440 -24.39 -26.36 4.21
CA ILE C 440 -24.98 -27.43 3.41
C ILE C 440 -23.99 -28.58 3.25
N LEU C 441 -22.72 -28.24 3.02
CA LEU C 441 -21.70 -29.27 2.86
C LEU C 441 -21.45 -30.02 4.16
N GLN C 442 -21.43 -29.30 5.28
CA GLN C 442 -21.23 -29.94 6.58
C GLN C 442 -22.42 -30.83 6.94
N ALA C 443 -23.63 -30.40 6.59
CA ALA C 443 -24.82 -31.22 6.85
C ALA C 443 -24.79 -32.49 6.02
N LEU C 444 -24.40 -32.38 4.75
CA LEU C 444 -24.34 -33.56 3.89
C LEU C 444 -23.25 -34.53 4.35
N LEU C 445 -22.13 -33.99 4.80
CA LEU C 445 -21.05 -34.87 5.24
C LEU C 445 -21.36 -35.51 6.59
N LYS C 446 -22.08 -34.79 7.46
CA LYS C 446 -22.52 -35.39 8.71
C LYS C 446 -23.56 -36.48 8.46
N ALA C 447 -24.44 -36.27 7.48
CA ALA C 447 -25.43 -37.27 7.14
C ALA C 447 -24.80 -38.51 6.54
N SER C 448 -23.73 -38.34 5.76
CA SER C 448 -23.03 -39.51 5.25
C SER C 448 -22.20 -40.17 6.34
N ARG C 449 -21.79 -39.40 7.35
CA ARG C 449 -21.05 -39.98 8.47
C ARG C 449 -21.96 -40.82 9.36
N SER C 450 -23.23 -40.43 9.47
CA SER C 450 -24.13 -41.12 10.40
C SER C 450 -24.59 -42.47 9.86
N GLN C 451 -24.27 -42.77 8.59
CA GLN C 451 -24.69 -44.02 7.98
C GLN C 451 -24.01 -45.21 8.63
N ASP C 452 -24.72 -46.33 8.68
CA ASP C 452 -24.14 -47.57 9.20
C ASP C 452 -23.12 -48.12 8.21
N HIS C 453 -22.03 -48.66 8.75
CA HIS C 453 -20.91 -49.08 7.93
C HIS C 453 -20.17 -50.21 8.63
N PHE C 454 -19.68 -51.16 7.83
CA PHE C 454 -18.82 -52.23 8.32
C PHE C 454 -17.39 -51.92 7.91
N GLY C 455 -16.52 -51.74 8.89
CA GLY C 455 -15.18 -51.30 8.61
C GLY C 455 -15.11 -49.80 8.45
N HIS C 456 -13.95 -49.34 7.96
CA HIS C 456 -13.66 -47.91 7.84
C HIS C 456 -13.90 -47.39 6.44
N GLU C 457 -14.92 -47.91 5.75
CA GLU C 457 -15.20 -47.46 4.38
C GLU C 457 -15.81 -46.06 4.35
N ASN C 458 -16.36 -45.62 5.48
CA ASN C 458 -17.07 -44.34 5.52
C ASN C 458 -16.09 -43.16 5.42
N TRP C 459 -14.95 -43.26 6.11
CA TRP C 459 -13.97 -42.18 6.05
C TRP C 459 -13.24 -42.16 4.72
N ASP C 460 -13.25 -43.28 3.99
CA ASP C 460 -12.79 -43.26 2.62
C ASP C 460 -13.84 -42.62 1.71
N HIS C 461 -15.12 -42.91 1.97
CA HIS C 461 -16.18 -42.45 1.10
C HIS C 461 -16.36 -40.94 1.19
N GLN C 462 -16.16 -40.37 2.39
CA GLN C 462 -16.20 -38.92 2.53
C GLN C 462 -15.07 -38.26 1.77
N LEU C 463 -13.91 -38.91 1.70
CA LEU C 463 -12.80 -38.35 0.95
C LEU C 463 -13.05 -38.41 -0.56
N LYS C 464 -13.64 -39.51 -1.04
CA LYS C 464 -13.99 -39.60 -2.45
C LYS C 464 -15.05 -38.58 -2.82
N LEU C 465 -15.99 -38.32 -1.91
CA LEU C 465 -16.97 -37.26 -2.14
C LEU C 465 -16.31 -35.89 -2.18
N ALA C 466 -15.39 -35.62 -1.26
CA ALA C 466 -14.80 -34.29 -1.19
C ALA C 466 -13.81 -34.04 -2.30
N VAL C 467 -13.30 -35.12 -2.92
CA VAL C 467 -12.43 -34.93 -4.08
C VAL C 467 -13.28 -34.89 -5.36
N ALA C 468 -14.48 -35.46 -5.33
CA ALA C 468 -15.38 -35.35 -6.46
C ALA C 468 -15.86 -33.91 -6.64
N TRP C 469 -16.23 -33.25 -5.56
CA TRP C 469 -16.39 -31.81 -5.53
C TRP C 469 -15.00 -31.20 -5.62
N ASN C 470 -14.88 -30.03 -6.23
CA ASN C 470 -13.55 -29.50 -6.47
C ASN C 470 -12.94 -28.89 -5.21
N ARG C 471 -13.77 -28.52 -4.24
CA ARG C 471 -13.30 -27.72 -3.12
C ARG C 471 -12.49 -28.54 -2.12
N VAL C 472 -11.41 -27.94 -1.62
CA VAL C 472 -10.43 -28.63 -0.81
C VAL C 472 -10.50 -28.22 0.66
N ASP C 473 -11.13 -27.09 0.97
CA ASP C 473 -11.16 -26.60 2.34
C ASP C 473 -12.03 -27.47 3.23
N ILE C 474 -13.02 -28.14 2.64
CA ILE C 474 -13.90 -29.02 3.40
C ILE C 474 -13.15 -30.26 3.84
N ALA C 475 -12.35 -30.85 2.96
CA ALA C 475 -11.58 -32.04 3.31
C ALA C 475 -10.46 -31.69 4.28
N ARG C 476 -9.94 -30.48 4.19
CA ARG C 476 -8.92 -30.04 5.13
C ARG C 476 -9.52 -29.79 6.51
N SER C 477 -10.75 -29.26 6.55
CA SER C 477 -11.31 -28.77 7.79
C SER C 477 -11.77 -29.89 8.71
N GLU C 478 -12.33 -30.96 8.15
CA GLU C 478 -12.93 -31.97 9.01
C GLU C 478 -12.49 -33.40 8.70
N ILE C 479 -12.14 -33.71 7.45
CA ILE C 479 -11.80 -35.10 7.14
C ILE C 479 -10.40 -35.42 7.63
N PHE C 480 -9.49 -34.46 7.56
CA PHE C 480 -8.11 -34.67 7.97
C PHE C 480 -7.79 -34.05 9.32
N MET C 481 -8.79 -33.59 10.06
CA MET C 481 -8.55 -32.84 11.29
C MET C 481 -8.21 -33.77 12.45
N ASP C 482 -8.98 -34.86 12.55
CA ASP C 482 -8.87 -35.74 13.72
C ASP C 482 -9.57 -37.09 13.52
N GLU C 483 -9.10 -38.09 14.26
CA GLU C 483 -9.84 -39.33 14.56
C GLU C 483 -10.11 -40.19 13.33
N TRP C 484 -9.06 -40.50 12.58
CA TRP C 484 -9.13 -41.56 11.59
C TRP C 484 -8.00 -42.56 11.75
N GLN C 485 -6.77 -42.07 11.99
CA GLN C 485 -5.55 -42.87 12.16
C GLN C 485 -5.33 -43.80 10.97
N TRP C 486 -5.12 -43.21 9.81
CA TRP C 486 -5.07 -43.93 8.55
C TRP C 486 -3.63 -44.18 8.14
N LYS C 487 -3.39 -45.32 7.48
CA LYS C 487 -2.11 -45.54 6.84
C LYS C 487 -2.09 -44.84 5.48
N PRO C 488 -0.92 -44.36 5.04
CA PRO C 488 -0.88 -43.58 3.79
C PRO C 488 -1.15 -44.40 2.54
N SER C 489 -0.92 -45.72 2.60
CA SER C 489 -1.19 -46.59 1.46
C SER C 489 -2.65 -46.59 1.08
N ASP C 490 -3.53 -46.49 2.08
CA ASP C 490 -4.97 -46.42 1.82
C ASP C 490 -5.36 -45.07 1.21
N LEU C 491 -4.46 -44.09 1.23
CA LEU C 491 -4.69 -42.81 0.58
C LEU C 491 -4.37 -42.90 -0.91
N HIS C 492 -3.85 -44.04 -1.36
CA HIS C 492 -3.36 -44.19 -2.73
C HIS C 492 -4.38 -44.04 -3.86
N PRO C 493 -5.56 -44.72 -3.86
CA PRO C 493 -6.35 -44.72 -5.11
C PRO C 493 -7.05 -43.40 -5.42
N THR C 494 -7.35 -42.58 -4.42
CA THR C 494 -7.96 -41.29 -4.71
C THR C 494 -6.94 -40.33 -5.29
N MET C 495 -5.69 -40.47 -4.86
CA MET C 495 -4.58 -39.63 -5.33
C MET C 495 -4.42 -39.71 -6.84
N THR C 496 -4.50 -40.93 -7.38
CA THR C 496 -4.52 -41.15 -8.82
C THR C 496 -5.58 -40.32 -9.51
N ALA C 497 -6.79 -40.31 -8.95
CA ALA C 497 -7.86 -39.47 -9.50
C ALA C 497 -7.52 -38.00 -9.39
N ALA C 498 -6.93 -37.60 -8.25
CA ALA C 498 -6.50 -36.21 -8.10
C ALA C 498 -5.33 -35.90 -9.01
N LEU C 499 -4.62 -36.93 -9.46
CA LEU C 499 -3.54 -36.70 -10.41
C LEU C 499 -4.09 -36.58 -11.81
N ILE C 500 -5.21 -37.24 -12.11
CA ILE C 500 -5.69 -37.30 -13.49
C ILE C 500 -6.44 -36.03 -13.85
N SER C 501 -7.32 -35.57 -12.97
CA SER C 501 -8.22 -34.47 -13.27
C SER C 501 -7.60 -33.10 -13.07
N ASN C 502 -6.26 -33.00 -13.01
CA ASN C 502 -5.51 -31.75 -12.90
C ASN C 502 -5.92 -30.95 -11.66
N LYS C 503 -5.86 -31.57 -10.50
CA LYS C 503 -6.16 -30.87 -9.28
C LYS C 503 -4.90 -30.79 -8.44
N PRO C 504 -4.10 -29.73 -8.56
CA PRO C 504 -2.82 -29.71 -7.87
C PRO C 504 -2.94 -29.48 -6.38
N GLU C 505 -4.03 -28.87 -5.92
CA GLU C 505 -4.18 -28.58 -4.50
C GLU C 505 -4.37 -29.84 -3.70
N PHE C 506 -5.12 -30.82 -4.23
CA PHE C 506 -5.27 -32.08 -3.54
C PHE C 506 -3.97 -32.87 -3.54
N VAL C 507 -3.17 -32.73 -4.61
CA VAL C 507 -1.85 -33.37 -4.65
C VAL C 507 -0.94 -32.77 -3.58
N LYS C 508 -1.00 -31.45 -3.41
CA LYS C 508 -0.22 -30.80 -2.38
C LYS C 508 -0.68 -31.22 -0.98
N LEU C 509 -1.99 -31.37 -0.80
CA LEU C 509 -2.52 -31.80 0.49
C LEU C 509 -2.09 -33.22 0.82
N PHE C 510 -2.12 -34.13 -0.16
CA PHE C 510 -1.75 -35.51 0.12
C PHE C 510 -0.25 -35.66 0.31
N LEU C 511 0.54 -34.87 -0.43
CA LEU C 511 1.99 -34.84 -0.21
C LEU C 511 2.33 -34.29 1.16
N GLU C 512 1.55 -33.33 1.64
CA GLU C 512 1.74 -32.85 3.00
C GLU C 512 1.33 -33.91 4.02
N ASN C 513 0.29 -34.67 3.72
CA ASN C 513 -0.25 -35.58 4.73
C ASN C 513 0.52 -36.90 4.76
N GLY C 514 1.42 -37.13 3.80
CA GLY C 514 2.39 -38.18 4.01
C GLY C 514 2.54 -39.28 2.99
N VAL C 515 1.93 -39.18 1.81
CA VAL C 515 2.15 -40.20 0.80
C VAL C 515 3.55 -40.03 0.21
N GLN C 516 4.26 -41.13 0.05
CA GLN C 516 5.61 -41.14 -0.50
C GLN C 516 5.51 -41.40 -1.99
N LEU C 517 6.07 -40.49 -2.79
CA LEU C 517 5.94 -40.60 -4.23
C LEU C 517 6.80 -41.73 -4.79
N LYS C 518 7.87 -42.08 -4.08
CA LYS C 518 8.70 -43.19 -4.51
C LYS C 518 7.97 -44.52 -4.38
N GLU C 519 7.19 -44.67 -3.31
CA GLU C 519 6.47 -45.93 -3.12
C GLU C 519 5.18 -45.96 -3.93
N PHE C 520 4.66 -44.79 -4.30
CA PHE C 520 3.36 -44.74 -4.96
C PHE C 520 3.49 -45.13 -6.43
N VAL C 521 4.45 -44.54 -7.15
CA VAL C 521 4.56 -44.77 -8.58
C VAL C 521 5.20 -46.13 -8.83
N THR C 522 4.39 -47.09 -9.25
CA THR C 522 4.90 -48.39 -9.66
C THR C 522 4.61 -48.59 -11.13
N TRP C 523 4.87 -49.81 -11.60
CA TRP C 523 4.84 -50.09 -13.04
C TRP C 523 3.41 -50.09 -13.57
N ASP C 524 2.52 -50.85 -12.93
CA ASP C 524 1.16 -50.98 -13.42
C ASP C 524 0.39 -49.68 -13.29
N THR C 525 0.65 -48.90 -12.23
CA THR C 525 -0.01 -47.62 -12.14
C THR C 525 0.60 -46.62 -13.11
N LEU C 526 1.83 -46.87 -13.58
CA LEU C 526 2.37 -46.02 -14.63
C LEU C 526 1.71 -46.31 -15.95
N LEU C 527 1.43 -47.59 -16.24
CA LEU C 527 0.63 -47.93 -17.42
C LEU C 527 -0.78 -47.35 -17.32
N TYR C 528 -1.36 -47.34 -16.11
CA TYR C 528 -2.69 -46.80 -15.95
C TYR C 528 -2.70 -45.28 -16.14
N LEU C 529 -1.65 -44.60 -15.67
CA LEU C 529 -1.58 -43.16 -15.83
C LEU C 529 -1.29 -42.77 -17.26
N TYR C 530 -0.56 -43.60 -18.01
CA TYR C 530 -0.34 -43.30 -19.41
C TYR C 530 -1.53 -43.72 -20.26
N GLU C 531 -2.42 -44.54 -19.70
CA GLU C 531 -3.58 -44.97 -20.46
C GLU C 531 -4.69 -43.94 -20.41
N ASN C 532 -4.82 -43.21 -19.31
CA ASN C 532 -5.81 -42.16 -19.17
C ASN C 532 -5.25 -40.78 -19.45
N LEU C 533 -4.31 -40.68 -20.38
CA LEU C 533 -3.80 -39.38 -20.80
C LEU C 533 -4.88 -38.65 -21.58
N ASP C 534 -4.93 -37.33 -21.43
CA ASP C 534 -6.05 -36.57 -21.97
C ASP C 534 -5.96 -36.49 -23.49
N PRO C 535 -7.09 -36.52 -24.20
CA PRO C 535 -7.02 -36.77 -25.65
C PRO C 535 -6.65 -35.56 -26.49
N SER C 536 -6.82 -34.34 -25.97
CA SER C 536 -6.74 -33.17 -26.84
C SER C 536 -5.30 -32.81 -27.19
N CYS C 537 -4.33 -33.30 -26.41
CA CYS C 537 -2.95 -32.85 -26.58
C CYS C 537 -2.30 -33.53 -27.78
N LEU C 538 -1.11 -33.05 -28.12
CA LEU C 538 -0.39 -33.56 -29.29
C LEU C 538 0.21 -34.94 -29.03
N PHE C 539 0.68 -35.17 -27.80
CA PHE C 539 1.36 -36.40 -27.46
C PHE C 539 0.44 -37.60 -27.55
N HIS C 540 -0.85 -37.39 -27.22
CA HIS C 540 -1.82 -38.46 -27.35
C HIS C 540 -2.05 -38.83 -28.80
N SER C 541 -2.02 -37.83 -29.70
CA SER C 541 -2.19 -38.12 -31.11
C SER C 541 -1.01 -38.88 -31.67
N LYS C 542 0.21 -38.49 -31.28
CA LYS C 542 1.39 -39.22 -31.76
C LYS C 542 1.44 -40.62 -31.19
N LEU C 543 0.97 -40.80 -29.96
CA LEU C 543 0.92 -42.14 -29.37
C LEU C 543 -0.10 -43.02 -30.06
N GLN C 544 -1.26 -42.44 -30.43
CA GLN C 544 -2.27 -43.23 -31.11
C GLN C 544 -1.87 -43.55 -32.54
N LYS C 545 -0.98 -42.74 -33.13
CA LYS C 545 -0.40 -43.15 -34.40
C LYS C 545 0.57 -44.32 -34.22
N VAL C 546 1.50 -44.20 -33.26
CA VAL C 546 2.57 -45.19 -33.17
C VAL C 546 2.06 -46.52 -32.59
N LEU C 547 0.87 -46.49 -31.96
CA LEU C 547 0.23 -47.75 -31.58
C LEU C 547 -0.18 -48.57 -32.79
N VAL C 548 -0.82 -47.95 -33.78
CA VAL C 548 -1.33 -48.72 -34.91
C VAL C 548 -0.25 -48.90 -35.97
N GLU C 549 0.86 -48.17 -35.85
CA GLU C 549 1.96 -48.41 -36.78
C GLU C 549 2.80 -49.63 -36.37
N ASP C 550 2.59 -50.13 -35.15
CA ASP C 550 3.22 -51.36 -34.71
C ASP C 550 2.67 -52.53 -35.53
N PRO C 551 3.52 -53.38 -36.11
CA PRO C 551 3.00 -54.58 -36.78
C PRO C 551 2.64 -55.72 -35.83
N GLU C 552 3.15 -55.70 -34.60
CA GLU C 552 2.93 -56.81 -33.69
C GLU C 552 1.50 -56.84 -33.16
N ARG C 553 0.78 -55.72 -33.26
CA ARG C 553 -0.63 -55.73 -32.87
C ARG C 553 -1.53 -56.32 -33.96
N PRO C 554 -1.37 -56.03 -35.27
CA PRO C 554 -2.05 -56.87 -36.25
C PRO C 554 -1.55 -58.31 -36.28
N ALA C 555 -0.33 -58.55 -35.79
CA ALA C 555 0.09 -59.93 -35.57
C ALA C 555 -0.77 -60.59 -34.49
N CYS C 556 -1.18 -59.83 -33.47
CA CYS C 556 -2.09 -60.36 -32.46
C CYS C 556 -3.56 -60.23 -32.88
N ALA C 557 -4.05 -59.00 -32.98
CA ALA C 557 -5.44 -58.71 -33.32
C ALA C 557 -5.58 -57.26 -33.74
N PRO C 558 -6.19 -56.95 -34.89
CA PRO C 558 -6.20 -55.56 -35.36
C PRO C 558 -7.13 -54.64 -34.60
N ALA C 559 -8.29 -55.15 -34.15
CA ALA C 559 -9.29 -54.27 -33.56
C ALA C 559 -8.93 -53.89 -32.13
N ALA C 560 -8.17 -54.74 -31.43
CA ALA C 560 -7.86 -54.48 -30.04
C ALA C 560 -6.53 -53.73 -29.91
N PRO C 561 -6.54 -52.51 -29.35
CA PRO C 561 -5.28 -51.83 -29.07
C PRO C 561 -4.74 -52.13 -27.69
N ARG C 562 -3.46 -52.48 -27.59
CA ARG C 562 -2.82 -52.72 -26.31
C ARG C 562 -1.68 -51.72 -26.14
N LEU C 563 -1.78 -50.90 -25.10
CA LEU C 563 -0.76 -49.90 -24.80
C LEU C 563 0.37 -50.55 -24.03
N GLN C 564 1.57 -50.46 -24.57
CA GLN C 564 2.76 -51.00 -23.93
C GLN C 564 3.67 -49.86 -23.54
N MET C 565 4.75 -50.19 -22.81
CA MET C 565 5.64 -49.15 -22.36
C MET C 565 6.64 -48.73 -23.43
N HIS C 566 7.07 -49.68 -24.27
CA HIS C 566 8.12 -49.36 -25.24
C HIS C 566 7.58 -48.52 -26.38
N HIS C 567 6.26 -48.46 -26.54
CA HIS C 567 5.67 -47.46 -27.43
C HIS C 567 5.92 -46.05 -26.92
N VAL C 568 5.75 -45.85 -25.62
CA VAL C 568 6.04 -44.56 -25.00
C VAL C 568 7.53 -44.27 -25.08
N ALA C 569 8.36 -45.30 -24.91
CA ALA C 569 9.80 -45.11 -25.04
C ALA C 569 10.20 -44.73 -26.45
N GLN C 570 9.52 -45.29 -27.45
CA GLN C 570 9.82 -44.99 -28.84
C GLN C 570 9.43 -43.56 -29.20
N VAL C 571 8.23 -43.14 -28.81
CA VAL C 571 7.81 -41.78 -29.13
C VAL C 571 8.58 -40.76 -28.29
N LEU C 572 9.13 -41.19 -27.15
CA LEU C 572 10.00 -40.30 -26.39
C LEU C 572 11.38 -40.20 -27.03
N ARG C 573 11.86 -41.30 -27.61
CA ARG C 573 13.15 -41.27 -28.28
C ARG C 573 13.09 -40.43 -29.55
N GLU C 574 11.91 -40.37 -30.17
CA GLU C 574 11.76 -39.48 -31.32
C GLU C 574 11.82 -38.02 -30.91
N LEU C 575 11.34 -37.70 -29.70
CA LEU C 575 11.34 -36.31 -29.26
C LEU C 575 12.69 -35.88 -28.70
N LEU C 576 13.29 -36.74 -27.87
CA LEU C 576 14.50 -36.35 -27.15
C LEU C 576 15.70 -36.27 -28.08
N GLY C 577 15.75 -37.11 -29.09
CA GLY C 577 16.87 -37.16 -30.00
C GLY C 577 17.34 -38.58 -30.25
N ASP C 578 18.12 -38.72 -31.33
CA ASP C 578 18.59 -40.04 -31.73
C ASP C 578 19.79 -40.48 -30.90
N PHE C 579 20.46 -39.53 -30.25
CA PHE C 579 21.72 -39.86 -29.58
C PHE C 579 21.49 -40.61 -28.28
N THR C 580 20.32 -40.46 -27.69
CA THR C 580 20.04 -41.16 -26.44
C THR C 580 19.47 -42.55 -26.71
N GLN C 581 19.67 -43.44 -25.75
CA GLN C 581 19.13 -44.78 -25.84
C GLN C 581 17.69 -44.78 -25.33
N PRO C 582 16.90 -45.82 -25.65
CA PRO C 582 15.52 -45.85 -25.15
C PRO C 582 15.43 -45.99 -23.65
N LEU C 583 14.42 -45.35 -23.06
CA LEU C 583 14.32 -45.29 -21.61
C LEU C 583 13.71 -46.57 -21.05
N TYR C 584 12.53 -46.95 -21.53
CA TYR C 584 11.90 -48.16 -21.06
C TYR C 584 12.20 -49.30 -22.00
N PRO C 585 12.78 -50.39 -21.52
CA PRO C 585 13.19 -51.46 -22.42
C PRO C 585 12.03 -52.37 -22.79
N ARG C 586 12.24 -53.14 -23.84
CA ARG C 586 11.26 -54.10 -24.30
C ARG C 586 11.53 -55.47 -23.70
N PRO C 587 10.52 -56.13 -23.13
CA PRO C 587 10.73 -57.50 -22.63
C PRO C 587 10.93 -58.47 -23.78
N ARG C 588 12.07 -59.18 -23.75
CA ARG C 588 12.39 -60.11 -24.82
C ARG C 588 11.91 -61.52 -24.51
N HIS C 589 11.15 -61.67 -23.43
CA HIS C 589 10.63 -62.98 -23.02
C HIS C 589 9.59 -63.52 -24.01
N HIS C 621 3.62 -59.64 -8.02
CA HIS C 621 3.71 -58.60 -7.01
C HIS C 621 3.98 -57.24 -7.65
N VAL C 622 4.16 -56.21 -6.82
CA VAL C 622 4.47 -54.89 -7.34
C VAL C 622 5.94 -54.84 -7.76
N THR C 623 6.23 -54.03 -8.76
CA THR C 623 7.59 -53.88 -9.26
C THR C 623 7.86 -52.42 -9.61
N PHE C 624 8.94 -51.87 -9.06
CA PHE C 624 9.36 -50.51 -9.34
C PHE C 624 10.38 -50.55 -10.46
N THR C 625 10.25 -49.62 -11.40
CA THR C 625 11.37 -49.30 -12.26
C THR C 625 12.32 -48.39 -11.50
N MET C 626 13.54 -48.24 -12.00
CA MET C 626 14.48 -47.32 -11.38
C MET C 626 14.04 -45.88 -11.64
N ASP C 627 14.11 -45.05 -10.60
CA ASP C 627 13.78 -43.63 -10.64
C ASP C 627 12.35 -43.33 -11.12
N PRO C 628 11.34 -43.57 -10.27
CA PRO C 628 9.96 -43.33 -10.72
C PRO C 628 9.58 -41.87 -10.86
N ILE C 629 10.27 -40.98 -10.15
CA ILE C 629 9.99 -39.55 -10.22
C ILE C 629 10.30 -39.01 -11.61
N ARG C 630 11.29 -39.60 -12.27
CA ARG C 630 11.56 -39.33 -13.69
C ARG C 630 10.34 -39.60 -14.55
N ASP C 631 9.68 -40.74 -14.34
CA ASP C 631 8.55 -41.12 -15.17
C ASP C 631 7.36 -40.22 -14.91
N LEU C 632 7.11 -39.88 -13.64
CA LEU C 632 6.01 -38.99 -13.33
C LEU C 632 6.27 -37.59 -13.86
N LEU C 633 7.54 -37.17 -13.88
CA LEU C 633 7.87 -35.85 -14.43
C LEU C 633 7.66 -35.81 -15.92
N ILE C 634 8.00 -36.88 -16.63
CA ILE C 634 7.75 -36.91 -18.07
C ILE C 634 6.26 -36.92 -18.36
N TRP C 635 5.50 -37.68 -17.58
CA TRP C 635 4.05 -37.74 -17.79
C TRP C 635 3.38 -36.41 -17.49
N ALA C 636 3.93 -35.65 -16.54
CA ALA C 636 3.35 -34.34 -16.27
C ALA C 636 3.80 -33.32 -17.29
N ILE C 637 4.98 -33.51 -17.89
CA ILE C 637 5.52 -32.50 -18.79
C ILE C 637 4.88 -32.58 -20.17
N VAL C 638 4.65 -33.80 -20.68
CA VAL C 638 4.28 -33.96 -22.09
C VAL C 638 2.90 -33.41 -22.39
N GLN C 639 2.07 -33.24 -21.36
CA GLN C 639 0.71 -32.75 -21.62
C GLN C 639 0.50 -31.37 -21.01
N ASN C 640 1.58 -30.64 -20.75
CA ASN C 640 1.58 -29.22 -20.40
C ASN C 640 0.82 -28.92 -19.11
N ARG C 641 0.93 -29.79 -18.12
CA ARG C 641 0.40 -29.50 -16.79
C ARG C 641 1.53 -28.84 -16.02
N ARG C 642 1.40 -27.53 -15.78
CA ARG C 642 2.52 -26.75 -15.30
C ARG C 642 2.74 -26.95 -13.79
N GLU C 643 1.67 -26.85 -13.01
CA GLU C 643 1.82 -26.82 -11.56
C GLU C 643 2.14 -28.21 -11.00
N LEU C 644 1.73 -29.26 -11.70
CA LEU C 644 2.13 -30.60 -11.29
C LEU C 644 3.62 -30.82 -11.50
N ALA C 645 4.14 -30.35 -12.62
CA ALA C 645 5.57 -30.50 -12.90
C ALA C 645 6.39 -29.68 -11.95
N GLY C 646 5.93 -28.47 -11.61
CA GLY C 646 6.64 -27.64 -10.65
C GLY C 646 6.66 -28.23 -9.26
N ILE C 647 5.66 -29.04 -8.92
CA ILE C 647 5.67 -29.72 -7.63
C ILE C 647 6.61 -30.91 -7.66
N ILE C 648 6.44 -31.79 -8.65
CA ILE C 648 7.15 -33.07 -8.57
C ILE C 648 8.56 -32.95 -9.12
N TRP C 649 8.97 -31.77 -9.58
CA TRP C 649 10.38 -31.58 -9.88
C TRP C 649 11.20 -31.44 -8.60
N ALA C 650 10.57 -30.95 -7.53
CA ALA C 650 11.30 -30.75 -6.28
C ALA C 650 11.63 -32.09 -5.61
N GLN C 651 10.95 -33.15 -6.00
CA GLN C 651 11.22 -34.46 -5.43
C GLN C 651 12.27 -35.23 -6.23
N SER C 652 12.80 -34.66 -7.30
CA SER C 652 13.56 -35.44 -8.26
C SER C 652 14.97 -35.73 -7.76
N GLN C 653 15.61 -36.72 -8.38
CA GLN C 653 16.89 -37.20 -7.90
C GLN C 653 18.05 -36.35 -8.39
N ASP C 654 18.26 -36.30 -9.71
CA ASP C 654 19.33 -35.49 -10.30
C ASP C 654 18.70 -34.41 -11.15
N CYS C 655 18.58 -33.21 -10.59
CA CYS C 655 17.68 -32.21 -11.15
C CYS C 655 18.30 -31.50 -12.34
N ILE C 656 19.64 -31.44 -12.39
CA ILE C 656 20.35 -30.68 -13.42
C ILE C 656 20.08 -31.26 -14.80
N ALA C 657 20.17 -32.58 -14.93
CA ALA C 657 19.84 -33.21 -16.20
C ALA C 657 18.35 -33.16 -16.47
N ALA C 658 17.55 -33.20 -15.41
CA ALA C 658 16.09 -33.30 -15.56
C ALA C 658 15.50 -32.02 -16.13
N ALA C 659 15.97 -30.87 -15.67
CA ALA C 659 15.46 -29.60 -16.17
C ALA C 659 15.80 -29.40 -17.64
N LEU C 660 17.01 -29.78 -18.05
CA LEU C 660 17.40 -29.61 -19.43
C LEU C 660 16.69 -30.59 -20.34
N ALA C 661 16.45 -31.82 -19.85
CA ALA C 661 15.68 -32.78 -20.65
C ALA C 661 14.25 -32.32 -20.84
N CYS C 662 13.67 -31.70 -19.79
CA CYS C 662 12.31 -31.18 -19.92
C CYS C 662 12.28 -29.98 -20.87
N SER C 663 13.33 -29.16 -20.87
CA SER C 663 13.39 -28.04 -21.80
C SER C 663 13.50 -28.52 -23.23
N LYS C 664 14.30 -29.56 -23.48
CA LYS C 664 14.43 -30.12 -24.82
C LYS C 664 13.11 -30.71 -25.31
N ILE C 665 12.44 -31.48 -24.44
CA ILE C 665 11.15 -32.08 -24.79
C ILE C 665 10.12 -31.01 -25.10
N LEU C 666 10.09 -29.94 -24.30
CA LEU C 666 9.08 -28.91 -24.50
C LEU C 666 9.34 -28.08 -25.75
N LYS C 667 10.61 -27.81 -26.07
CA LYS C 667 10.90 -27.10 -27.32
C LYS C 667 10.52 -27.93 -28.53
N GLU C 668 10.88 -29.22 -28.52
CA GLU C 668 10.58 -30.06 -29.67
C GLU C 668 9.09 -30.33 -29.80
N LEU C 669 8.37 -30.35 -28.69
CA LEU C 669 6.93 -30.54 -28.75
C LEU C 669 6.23 -29.25 -29.12
N SER C 670 6.86 -28.11 -28.86
CA SER C 670 6.24 -26.83 -29.21
C SER C 670 6.47 -26.49 -30.67
N LYS C 671 7.46 -27.11 -31.31
CA LYS C 671 7.67 -26.85 -32.73
C LYS C 671 6.53 -27.39 -33.59
N GLU C 672 5.99 -28.56 -33.25
CA GLU C 672 4.99 -29.23 -34.08
C GLU C 672 3.56 -29.00 -33.62
N GLU C 673 3.25 -27.84 -33.07
CA GLU C 673 2.01 -27.71 -32.31
C GLU C 673 0.78 -27.59 -33.22
N GLU C 674 0.88 -26.79 -34.29
CA GLU C 674 -0.24 -26.39 -35.14
C GLU C 674 -1.37 -25.77 -34.32
N ASP C 675 -0.99 -24.81 -33.48
CA ASP C 675 -1.92 -24.04 -32.66
C ASP C 675 -1.21 -22.74 -32.35
N THR C 676 -1.75 -21.96 -31.42
CA THR C 676 -1.09 -20.70 -31.09
C THR C 676 -0.94 -20.48 -29.58
N ASP C 677 -1.94 -20.85 -28.78
CA ASP C 677 -1.86 -20.58 -27.35
C ASP C 677 -0.92 -21.55 -26.65
N SER C 678 -1.13 -22.84 -26.88
CA SER C 678 -0.36 -23.86 -26.18
C SER C 678 1.09 -23.88 -26.61
N SER C 679 1.37 -23.42 -27.84
CA SER C 679 2.76 -23.30 -28.29
C SER C 679 3.53 -22.26 -27.49
N GLU C 680 2.91 -21.10 -27.24
CA GLU C 680 3.57 -20.08 -26.45
C GLU C 680 3.68 -20.49 -24.99
N GLU C 681 2.66 -21.22 -24.50
CA GLU C 681 2.73 -21.74 -23.14
C GLU C 681 3.88 -22.74 -22.98
N MET C 682 4.08 -23.58 -23.99
CA MET C 682 5.14 -24.58 -23.92
C MET C 682 6.52 -23.91 -24.01
N LEU C 683 6.66 -22.88 -24.84
CA LEU C 683 7.94 -22.18 -24.92
C LEU C 683 8.26 -21.45 -23.62
N ALA C 684 7.26 -20.85 -22.98
CA ALA C 684 7.48 -20.19 -21.70
C ALA C 684 7.86 -21.18 -20.62
N LEU C 685 7.25 -22.37 -20.63
CA LEU C 685 7.59 -23.38 -19.64
C LEU C 685 9.02 -23.90 -19.83
N ALA C 686 9.44 -24.06 -21.09
CA ALA C 686 10.80 -24.53 -21.35
C ALA C 686 11.83 -23.49 -20.92
N GLU C 687 11.53 -22.21 -21.13
CA GLU C 687 12.44 -21.16 -20.69
C GLU C 687 12.54 -21.12 -19.16
N GLU C 688 11.41 -21.35 -18.48
CA GLU C 688 11.42 -21.42 -17.02
C GLU C 688 12.26 -22.59 -16.52
N TYR C 689 12.23 -23.71 -17.23
CA TYR C 689 12.99 -24.85 -16.76
C TYR C 689 14.48 -24.69 -16.99
N GLU C 690 14.88 -23.98 -18.05
CA GLU C 690 16.29 -23.69 -18.19
C GLU C 690 16.76 -22.69 -17.13
N HIS C 691 15.85 -21.83 -16.66
CA HIS C 691 16.20 -20.97 -15.52
C HIS C 691 16.40 -21.78 -14.25
N ARG C 692 15.59 -22.82 -14.05
CA ARG C 692 15.78 -23.70 -12.89
C ARG C 692 17.14 -24.40 -12.94
N ALA C 693 17.54 -24.86 -14.12
CA ALA C 693 18.82 -25.53 -14.25
C ALA C 693 19.98 -24.58 -13.99
N ILE C 694 19.87 -23.34 -14.47
CA ILE C 694 20.91 -22.35 -14.23
C ILE C 694 21.03 -22.03 -12.74
N GLY C 695 19.90 -21.92 -12.05
CA GLY C 695 19.94 -21.63 -10.62
C GLY C 695 20.59 -22.73 -9.79
N VAL C 696 20.22 -23.98 -10.06
CA VAL C 696 20.80 -25.08 -9.28
C VAL C 696 22.29 -25.23 -9.59
N PHE C 697 22.67 -25.03 -10.85
CA PHE C 697 24.08 -25.15 -11.18
C PHE C 697 24.89 -24.01 -10.61
N THR C 698 24.34 -22.81 -10.52
CA THR C 698 25.14 -21.72 -9.98
C THR C 698 25.28 -21.83 -8.48
N GLU C 699 24.32 -22.47 -7.80
CA GLU C 699 24.52 -22.80 -6.39
C GLU C 699 25.64 -23.82 -6.22
N CYS C 700 25.60 -24.88 -7.03
CA CYS C 700 26.64 -25.92 -6.97
C CYS C 700 28.01 -25.37 -7.35
N TYR C 701 28.04 -24.32 -8.16
CA TYR C 701 29.31 -23.74 -8.58
C TYR C 701 29.87 -22.82 -7.52
N ARG C 702 29.02 -22.04 -6.86
CA ARG C 702 29.53 -21.11 -5.85
C ARG C 702 29.99 -21.86 -4.60
N LYS C 703 29.40 -23.03 -4.32
CA LYS C 703 29.87 -23.75 -3.13
C LYS C 703 31.23 -24.40 -3.36
N ASP C 704 31.36 -25.21 -4.42
CA ASP C 704 32.61 -25.90 -4.69
C ASP C 704 32.94 -25.76 -6.16
N GLU C 705 34.22 -25.47 -6.44
CA GLU C 705 34.62 -25.17 -7.81
C GLU C 705 34.81 -26.45 -8.62
N GLU C 706 35.29 -27.52 -7.99
CA GLU C 706 35.76 -28.67 -8.76
C GLU C 706 34.67 -29.69 -9.00
N ARG C 707 33.87 -29.99 -7.98
CA ARG C 707 32.81 -30.98 -8.14
C ARG C 707 31.71 -30.45 -9.05
N ALA C 708 31.56 -29.13 -9.13
CA ALA C 708 30.66 -28.53 -10.09
C ALA C 708 31.12 -28.79 -11.51
N GLN C 709 32.44 -28.82 -11.74
CA GLN C 709 32.94 -29.21 -13.05
C GLN C 709 32.71 -30.69 -13.28
N LYS C 710 32.83 -31.48 -12.22
CA LYS C 710 32.68 -32.93 -12.35
C LYS C 710 31.23 -33.31 -12.62
N LEU C 711 30.30 -32.43 -12.28
CA LEU C 711 28.88 -32.72 -12.47
C LEU C 711 28.46 -32.65 -13.93
N LEU C 712 29.25 -31.98 -14.77
CA LEU C 712 28.85 -31.80 -16.16
C LEU C 712 29.18 -33.01 -17.01
N THR C 713 30.39 -33.55 -16.86
CA THR C 713 30.87 -34.52 -17.84
C THR C 713 30.36 -35.93 -17.56
N ARG C 714 29.68 -36.12 -16.43
CA ARG C 714 29.30 -37.46 -16.03
C ARG C 714 28.16 -37.98 -16.90
N VAL C 715 28.11 -39.29 -17.06
CA VAL C 715 27.01 -39.90 -17.78
C VAL C 715 25.86 -40.14 -16.81
N SER C 716 24.64 -40.11 -17.33
CA SER C 716 23.44 -40.19 -16.52
C SER C 716 22.64 -41.41 -16.93
N GLU C 717 22.48 -42.35 -16.00
CA GLU C 717 21.77 -43.57 -16.31
C GLU C 717 20.27 -43.32 -16.43
N ALA C 718 19.77 -42.29 -15.73
CA ALA C 718 18.34 -42.08 -15.67
C ALA C 718 17.78 -41.54 -16.97
N TRP C 719 18.60 -40.87 -17.78
CA TRP C 719 18.12 -40.27 -19.01
C TRP C 719 18.80 -40.83 -20.24
N GLY C 720 19.00 -42.14 -20.28
CA GLY C 720 19.42 -42.79 -21.51
C GLY C 720 20.87 -42.64 -21.86
N LYS C 721 21.75 -42.56 -20.85
CA LYS C 721 23.21 -42.60 -21.01
C LYS C 721 23.73 -41.43 -21.86
N THR C 722 23.28 -40.22 -21.55
CA THR C 722 23.81 -39.01 -22.15
C THR C 722 24.33 -38.10 -21.06
N THR C 723 25.29 -37.25 -21.41
CA THR C 723 25.79 -36.30 -20.44
C THR C 723 24.93 -35.05 -20.43
N CYS C 724 25.19 -34.18 -19.45
CA CYS C 724 24.38 -32.98 -19.31
C CYS C 724 24.72 -31.94 -20.36
N LEU C 725 26.01 -31.85 -20.73
CA LEU C 725 26.46 -30.84 -21.68
C LEU C 725 25.91 -31.11 -23.08
N GLN C 726 25.81 -32.38 -23.47
CA GLN C 726 25.28 -32.71 -24.78
C GLN C 726 23.80 -32.39 -24.87
N LEU C 727 23.06 -32.58 -23.77
CA LEU C 727 21.66 -32.19 -23.75
C LEU C 727 21.50 -30.69 -23.82
N ALA C 728 22.36 -29.95 -23.11
CA ALA C 728 22.29 -28.49 -23.15
C ALA C 728 22.65 -27.94 -24.53
N LEU C 729 23.50 -28.65 -25.26
CA LEU C 729 23.85 -28.21 -26.61
C LEU C 729 22.76 -28.55 -27.60
N GLU C 730 22.22 -29.77 -27.54
CA GLU C 730 21.22 -30.19 -28.53
C GLU C 730 19.89 -29.49 -28.30
N ALA C 731 19.63 -29.04 -27.08
CA ALA C 731 18.40 -28.31 -26.83
C ALA C 731 18.52 -26.85 -27.21
N LYS C 732 19.74 -26.41 -27.56
CA LYS C 732 20.06 -25.02 -27.93
C LYS C 732 19.68 -24.03 -26.84
N ASP C 733 20.26 -24.20 -25.66
CA ASP C 733 20.07 -23.28 -24.56
C ASP C 733 21.25 -22.32 -24.49
N MET C 734 21.01 -21.07 -24.90
CA MET C 734 22.09 -20.09 -24.90
C MET C 734 22.53 -19.73 -23.49
N LYS C 735 21.57 -19.55 -22.59
CA LYS C 735 21.88 -18.95 -21.29
C LYS C 735 22.55 -19.96 -20.37
N PHE C 736 22.43 -21.26 -20.66
CA PHE C 736 23.11 -22.23 -19.84
C PHE C 736 24.59 -22.30 -20.18
N VAL C 737 24.92 -22.36 -21.47
CA VAL C 737 26.32 -22.46 -21.86
C VAL C 737 26.97 -21.09 -21.82
N SER C 738 26.19 -20.03 -21.66
CA SER C 738 26.78 -18.70 -21.52
C SER C 738 27.17 -18.41 -20.08
N HIS C 739 26.96 -19.37 -19.19
CA HIS C 739 27.33 -19.18 -17.79
C HIS C 739 28.85 -19.18 -17.63
N GLY C 740 29.33 -18.61 -16.54
CA GLY C 740 30.76 -18.44 -16.37
C GLY C 740 31.50 -19.73 -16.09
N GLY C 741 30.87 -20.63 -15.33
CA GLY C 741 31.57 -21.85 -14.92
C GLY C 741 31.77 -22.83 -16.06
N ILE C 742 30.78 -22.95 -16.93
CA ILE C 742 30.89 -23.86 -18.06
C ILE C 742 31.89 -23.32 -19.09
N GLN C 743 31.94 -21.99 -19.22
CA GLN C 743 32.97 -21.37 -20.06
C GLN C 743 34.35 -21.58 -19.48
N ALA C 744 34.47 -21.55 -18.16
CA ALA C 744 35.74 -21.89 -17.52
C ALA C 744 36.10 -23.34 -17.74
N PHE C 745 35.10 -24.22 -17.81
CA PHE C 745 35.37 -25.62 -18.12
C PHE C 745 35.89 -25.77 -19.54
N LEU C 746 35.31 -25.03 -20.48
CA LEU C 746 35.76 -25.11 -21.86
C LEU C 746 37.19 -24.58 -22.00
N THR C 747 37.51 -23.49 -21.28
CA THR C 747 38.87 -22.98 -21.26
C THR C 747 39.83 -24.00 -20.63
N LYS C 748 39.37 -24.69 -19.58
CA LYS C 748 40.20 -25.67 -18.90
C LYS C 748 40.49 -26.87 -19.80
N VAL C 749 39.52 -27.28 -20.61
CA VAL C 749 39.77 -28.36 -21.57
C VAL C 749 40.69 -27.87 -22.69
N TRP C 750 40.49 -26.62 -23.11
CA TRP C 750 41.25 -26.06 -24.23
C TRP C 750 42.71 -25.89 -23.89
N TRP C 751 43.03 -25.55 -22.63
CA TRP C 751 44.42 -25.41 -22.25
C TRP C 751 45.05 -26.77 -21.98
N GLY C 752 44.25 -27.80 -21.84
CA GLY C 752 44.77 -29.15 -21.73
C GLY C 752 45.41 -29.45 -20.39
N GLN C 753 46.58 -30.09 -20.48
CA GLN C 753 47.23 -30.63 -19.29
C GLN C 753 47.88 -29.52 -18.46
N LEU C 754 48.39 -28.49 -19.12
CA LEU C 754 49.15 -27.47 -18.41
C LEU C 754 48.23 -26.39 -17.83
N SER C 755 48.80 -25.55 -16.96
CA SER C 755 48.03 -24.53 -16.27
C SER C 755 47.59 -23.43 -17.22
N VAL C 756 46.45 -22.81 -16.90
CA VAL C 756 45.82 -21.88 -17.82
C VAL C 756 46.36 -20.46 -17.75
N ASP C 757 47.36 -20.21 -16.93
CA ASP C 757 47.78 -18.83 -16.68
C ASP C 757 49.12 -18.48 -17.32
N ASN C 758 49.56 -19.23 -18.32
CA ASN C 758 50.91 -19.01 -18.84
C ASN C 758 50.95 -17.85 -19.83
N GLY C 759 49.88 -17.67 -20.61
CA GLY C 759 49.90 -16.67 -21.66
C GLY C 759 50.34 -17.24 -22.99
N LEU C 760 50.18 -16.41 -24.03
CA LEU C 760 50.37 -16.90 -25.39
C LEU C 760 51.83 -16.87 -25.83
N TRP C 761 52.56 -15.81 -25.45
CA TRP C 761 53.94 -15.67 -25.90
C TRP C 761 54.84 -16.73 -25.29
N ARG C 762 54.52 -17.16 -24.07
CA ARG C 762 55.26 -18.22 -23.41
C ARG C 762 55.11 -19.55 -24.16
N VAL C 763 53.89 -19.87 -24.58
CA VAL C 763 53.65 -21.08 -25.35
C VAL C 763 54.29 -20.98 -26.72
N THR C 764 54.35 -19.77 -27.26
CA THR C 764 55.01 -19.56 -28.56
C THR C 764 56.51 -19.81 -28.47
N LEU C 765 57.15 -19.31 -27.42
CA LEU C 765 58.60 -19.52 -27.26
C LEU C 765 58.92 -20.97 -26.92
N CYS C 766 58.05 -21.64 -26.13
CA CYS C 766 58.30 -23.05 -25.87
C CYS C 766 58.02 -23.90 -27.11
N MET C 767 57.15 -23.43 -28.00
CA MET C 767 56.97 -24.13 -29.28
C MET C 767 58.18 -23.93 -30.17
N LEU C 768 58.77 -22.73 -30.15
CA LEU C 768 59.93 -22.48 -31.00
C LEU C 768 61.18 -23.17 -30.45
N ALA C 769 61.33 -23.21 -29.14
CA ALA C 769 62.54 -23.72 -28.50
C ALA C 769 62.24 -25.01 -27.76
N PHE C 770 62.82 -26.11 -28.23
CA PHE C 770 62.74 -27.38 -27.50
C PHE C 770 63.33 -27.37 -26.09
N PRO C 771 64.56 -26.88 -25.81
CA PRO C 771 65.08 -27.04 -24.45
C PRO C 771 64.48 -26.07 -23.44
N LEU C 772 63.67 -25.11 -23.88
CA LEU C 772 63.07 -24.17 -22.95
C LEU C 772 62.01 -24.84 -22.08
N LEU C 773 61.41 -25.92 -22.59
CA LEU C 773 60.41 -26.65 -21.80
C LEU C 773 61.05 -27.41 -20.65
N LEU C 774 62.32 -27.78 -20.80
CA LEU C 774 63.00 -28.51 -19.73
C LEU C 774 63.41 -27.58 -18.60
N THR C 775 63.35 -26.27 -18.82
CA THR C 775 63.73 -25.29 -17.82
C THR C 775 62.59 -25.07 -16.82
N GLY C 776 62.68 -23.94 -16.11
CA GLY C 776 61.69 -23.54 -15.10
C GLY C 776 60.61 -22.65 -15.71
N LEU C 777 60.63 -22.53 -17.04
CA LEU C 777 59.69 -21.68 -17.84
C LEU C 777 58.29 -22.32 -17.92
N ILE C 778 57.33 -21.51 -18.39
CA ILE C 778 55.88 -21.82 -18.58
C ILE C 778 55.18 -22.14 -17.25
N SER C 779 54.41 -23.23 -17.21
CA SER C 779 53.62 -23.56 -16.01
C SER C 779 53.21 -25.02 -16.12
N PHE C 780 52.69 -25.56 -15.02
CA PHE C 780 51.98 -26.83 -15.03
C PHE C 780 50.94 -26.79 -13.91
N ARG C 781 50.00 -27.71 -14.00
CA ARG C 781 49.12 -28.06 -12.89
C ARG C 781 49.31 -29.54 -12.64
N GLU C 782 48.65 -30.06 -11.58
CA GLU C 782 48.83 -31.42 -11.08
C GLU C 782 50.30 -31.64 -10.76
N LYS C 783 50.77 -31.00 -9.69
CA LYS C 783 52.19 -30.65 -9.55
C LYS C 783 53.08 -31.86 -9.26
N ARG C 784 52.53 -33.08 -9.28
CA ARG C 784 53.36 -34.27 -9.33
C ARG C 784 54.20 -34.33 -10.60
N LEU C 785 53.70 -33.75 -11.69
CA LEU C 785 54.50 -33.64 -12.91
C LEU C 785 55.34 -32.36 -12.91
N GLN C 786 54.88 -31.33 -12.20
CA GLN C 786 55.60 -30.06 -12.19
C GLN C 786 56.85 -30.14 -11.33
N ASP C 787 56.76 -30.81 -10.18
CA ASP C 787 57.89 -30.89 -9.27
C ASP C 787 58.94 -31.88 -9.76
N VAL C 788 58.55 -33.14 -9.90
CA VAL C 788 59.49 -34.17 -10.35
C VAL C 788 59.77 -33.99 -11.83
N GLY C 789 61.04 -34.10 -12.21
CA GLY C 789 61.43 -33.86 -13.59
C GLY C 789 61.51 -35.13 -14.42
N THR C 790 60.44 -35.42 -15.16
CA THR C 790 60.41 -36.50 -16.14
C THR C 790 60.14 -35.84 -17.48
N PRO C 791 61.19 -35.39 -18.17
CA PRO C 791 60.99 -34.52 -19.34
C PRO C 791 60.34 -35.20 -20.54
N ALA C 792 60.41 -36.53 -20.62
CA ALA C 792 59.65 -37.24 -21.64
C ALA C 792 58.16 -37.11 -21.41
N ALA C 793 57.73 -37.26 -20.15
CA ALA C 793 56.32 -37.13 -19.82
C ALA C 793 55.86 -35.69 -19.95
N ARG C 794 56.71 -34.72 -19.58
CA ARG C 794 56.37 -33.32 -19.73
C ARG C 794 56.26 -32.93 -21.18
N ALA C 795 57.13 -33.48 -22.03
CA ALA C 795 57.05 -33.19 -23.46
C ALA C 795 55.83 -33.84 -24.09
N ARG C 796 55.48 -35.06 -23.65
CA ARG C 796 54.28 -35.71 -24.15
C ARG C 796 53.01 -34.96 -23.74
N ALA C 797 53.00 -34.43 -22.52
CA ALA C 797 51.86 -33.65 -22.06
C ALA C 797 51.79 -32.31 -22.78
N PHE C 798 52.94 -31.70 -23.05
CA PHE C 798 52.95 -30.42 -23.75
C PHE C 798 52.51 -30.57 -25.20
N PHE C 799 52.93 -31.65 -25.86
CA PHE C 799 52.53 -31.83 -27.26
C PHE C 799 51.16 -32.47 -27.37
N THR C 800 50.60 -32.95 -26.25
CA THR C 800 49.26 -33.50 -26.30
C THR C 800 48.19 -32.42 -26.30
N ALA C 801 48.46 -31.28 -25.65
CA ALA C 801 47.53 -30.18 -25.42
C ALA C 801 47.02 -29.57 -26.72
N PRO C 802 45.73 -29.22 -26.81
CA PRO C 802 45.18 -28.81 -28.11
C PRO C 802 45.59 -27.42 -28.56
N VAL C 803 45.99 -26.54 -27.63
CA VAL C 803 46.54 -25.23 -28.02
C VAL C 803 47.80 -25.41 -28.86
N VAL C 804 48.65 -26.34 -28.44
CA VAL C 804 49.90 -26.62 -29.14
C VAL C 804 49.61 -27.20 -30.52
N VAL C 805 48.62 -28.10 -30.61
CA VAL C 805 48.24 -28.68 -31.90
C VAL C 805 47.64 -27.62 -32.81
N PHE C 806 46.94 -26.65 -32.23
CA PHE C 806 46.38 -25.55 -33.00
C PHE C 806 47.49 -24.68 -33.60
N HIS C 807 48.47 -24.30 -32.79
CA HIS C 807 49.56 -23.47 -33.29
C HIS C 807 50.44 -24.21 -34.28
N LEU C 808 50.61 -25.53 -34.09
CA LEU C 808 51.35 -26.34 -35.05
C LEU C 808 50.63 -26.39 -36.40
N ASN C 809 49.31 -26.57 -36.39
CA ASN C 809 48.57 -26.59 -37.64
C ASN C 809 48.60 -25.23 -38.32
N ILE C 810 48.58 -24.15 -37.53
CA ILE C 810 48.65 -22.81 -38.12
C ILE C 810 50.00 -22.57 -38.78
N LEU C 811 51.08 -22.98 -38.12
CA LEU C 811 52.42 -22.77 -38.67
C LEU C 811 52.65 -23.63 -39.91
N SER C 812 52.17 -24.88 -39.89
CA SER C 812 52.29 -25.75 -41.05
C SER C 812 51.47 -25.21 -42.22
N TYR C 813 50.29 -24.65 -41.94
CA TYR C 813 49.46 -24.09 -42.99
C TYR C 813 50.10 -22.85 -43.59
N PHE C 814 50.80 -22.06 -42.75
CA PHE C 814 51.48 -20.87 -43.23
C PHE C 814 52.64 -21.24 -44.16
N ALA C 815 53.44 -22.24 -43.77
CA ALA C 815 54.53 -22.68 -44.63
C ALA C 815 54.01 -23.28 -45.93
N PHE C 816 52.88 -24.00 -45.85
CA PHE C 816 52.24 -24.55 -47.04
C PHE C 816 51.81 -23.43 -48.00
N LEU C 817 51.24 -22.35 -47.45
CA LEU C 817 50.79 -21.26 -48.30
C LEU C 817 51.96 -20.52 -48.94
N CYS C 818 53.06 -20.33 -48.19
CA CYS C 818 54.23 -19.68 -48.76
C CYS C 818 54.85 -20.50 -49.88
N LEU C 819 54.92 -21.82 -49.69
CA LEU C 819 55.48 -22.68 -50.74
C LEU C 819 54.58 -22.72 -51.97
N PHE C 820 53.26 -22.69 -51.75
CA PHE C 820 52.31 -22.67 -52.87
C PHE C 820 52.42 -21.38 -53.67
N ALA C 821 52.56 -20.25 -52.98
CA ALA C 821 52.73 -18.97 -53.66
C ALA C 821 54.03 -18.91 -54.41
N TYR C 822 55.10 -19.49 -53.85
CA TYR C 822 56.40 -19.50 -54.52
C TYR C 822 56.36 -20.33 -55.80
N VAL C 823 55.79 -21.54 -55.73
CA VAL C 823 55.78 -22.40 -56.93
C VAL C 823 54.83 -21.83 -57.98
N LEU C 824 53.76 -21.14 -57.56
CA LEU C 824 52.86 -20.54 -58.52
C LEU C 824 53.50 -19.32 -59.19
N MET C 825 54.34 -18.59 -58.45
CA MET C 825 54.93 -17.39 -59.02
C MET C 825 56.09 -17.72 -59.95
N VAL C 826 56.96 -18.67 -59.59
CA VAL C 826 58.14 -18.90 -60.40
C VAL C 826 58.17 -20.28 -61.05
N ASP C 827 57.73 -21.35 -60.37
CA ASP C 827 58.09 -22.69 -60.83
C ASP C 827 56.96 -23.44 -61.52
N PHE C 828 55.99 -22.75 -62.13
CA PHE C 828 55.00 -23.44 -62.93
C PHE C 828 55.62 -23.93 -64.23
N GLN C 829 55.87 -25.23 -64.30
CA GLN C 829 56.61 -25.83 -65.40
C GLN C 829 55.75 -26.86 -66.11
N PRO C 830 55.90 -26.99 -67.42
CA PRO C 830 55.17 -28.06 -68.14
C PRO C 830 55.68 -29.45 -67.77
N VAL C 831 56.95 -29.58 -67.48
CA VAL C 831 57.54 -30.82 -66.95
C VAL C 831 57.02 -30.95 -65.52
N PRO C 832 56.72 -32.16 -65.04
CA PRO C 832 56.31 -32.31 -63.63
C PRO C 832 57.46 -31.96 -62.69
N SER C 833 57.14 -31.21 -61.64
CA SER C 833 58.12 -30.58 -60.78
C SER C 833 58.10 -31.21 -59.40
N TRP C 834 59.17 -30.98 -58.63
CA TRP C 834 59.30 -31.60 -57.31
C TRP C 834 58.66 -30.74 -56.23
N CYS C 835 58.82 -29.42 -56.33
CA CYS C 835 58.15 -28.52 -55.39
C CYS C 835 56.64 -28.56 -55.56
N GLU C 836 56.17 -28.93 -56.75
CA GLU C 836 54.74 -29.16 -56.95
C GLU C 836 54.31 -30.49 -56.32
N CYS C 837 55.17 -31.51 -56.35
CA CYS C 837 54.71 -32.82 -55.89
C CYS C 837 54.69 -32.88 -54.38
N ALA C 838 55.56 -32.11 -53.70
CA ALA C 838 55.45 -31.97 -52.26
C ALA C 838 54.13 -31.32 -51.85
N ILE C 839 53.67 -30.35 -52.65
CA ILE C 839 52.40 -29.68 -52.37
C ILE C 839 51.22 -30.59 -52.68
N TYR C 840 51.35 -31.43 -53.70
CA TYR C 840 50.30 -32.43 -53.96
C TYR C 840 50.23 -33.44 -52.83
N LEU C 841 51.38 -33.78 -52.24
CA LEU C 841 51.40 -34.64 -51.06
C LEU C 841 50.70 -33.98 -49.87
N TRP C 842 50.98 -32.70 -49.63
CA TRP C 842 50.36 -32.02 -48.50
C TRP C 842 48.85 -31.82 -48.70
N LEU C 843 48.42 -31.65 -49.94
CA LEU C 843 47.00 -31.47 -50.18
C LEU C 843 46.26 -32.80 -50.12
N PHE C 844 46.90 -33.89 -50.56
CA PHE C 844 46.35 -35.21 -50.34
C PHE C 844 46.26 -35.53 -48.85
N SER C 845 47.23 -35.05 -48.08
CA SER C 845 47.18 -35.16 -46.63
C SER C 845 45.98 -34.41 -46.06
N LEU C 846 45.72 -33.21 -46.55
CA LEU C 846 44.59 -32.43 -46.05
C LEU C 846 43.25 -33.08 -46.41
N VAL C 847 43.14 -33.65 -47.61
CA VAL C 847 41.86 -34.26 -47.99
C VAL C 847 41.64 -35.58 -47.25
N CYS C 848 42.73 -36.31 -46.93
CA CYS C 848 42.55 -37.52 -46.15
C CYS C 848 42.19 -37.18 -44.70
N GLU C 849 42.71 -36.06 -44.20
CA GLU C 849 42.32 -35.59 -42.88
C GLU C 849 40.84 -35.23 -42.82
N GLU C 850 40.34 -34.53 -43.84
CA GLU C 850 38.93 -34.16 -43.83
C GLU C 850 38.02 -35.37 -44.05
N MET C 851 38.50 -36.37 -44.80
CA MET C 851 37.73 -37.61 -44.94
C MET C 851 37.66 -38.37 -43.63
N ARG C 852 38.76 -38.38 -42.87
CA ARG C 852 38.73 -38.95 -41.52
C ARG C 852 37.78 -38.18 -40.61
N GLN C 853 37.74 -36.86 -40.77
CA GLN C 853 36.85 -36.02 -39.97
C GLN C 853 35.40 -36.30 -40.29
N LEU C 854 35.12 -36.68 -41.54
CA LEU C 854 33.76 -37.05 -41.89
C LEU C 854 33.40 -38.44 -41.35
N PHE C 855 34.34 -39.39 -41.43
CA PHE C 855 34.00 -40.77 -41.11
C PHE C 855 33.94 -41.03 -39.60
N TYR C 856 34.23 -40.02 -38.78
CA TYR C 856 34.17 -40.22 -37.34
C TYR C 856 32.73 -40.28 -36.87
N ASP C 857 32.37 -41.41 -36.26
CA ASP C 857 31.02 -41.64 -35.75
C ASP C 857 31.16 -42.15 -34.32
N PRO C 858 31.12 -41.28 -33.30
CA PRO C 858 31.39 -41.74 -31.94
C PRO C 858 30.26 -42.57 -31.34
N ASP C 859 29.02 -42.17 -31.56
CA ASP C 859 27.88 -43.02 -31.26
C ASP C 859 27.36 -43.54 -32.60
N GLU C 860 26.47 -44.52 -32.53
CA GLU C 860 25.81 -44.99 -33.74
C GLU C 860 24.84 -43.94 -34.24
N CYS C 861 25.02 -43.50 -35.48
CA CYS C 861 24.23 -42.40 -36.00
C CYS C 861 24.03 -42.60 -37.50
N GLY C 862 23.15 -41.78 -38.07
CA GLY C 862 22.84 -41.91 -39.48
C GLY C 862 23.97 -41.36 -40.34
N LEU C 863 24.31 -42.12 -41.39
CA LEU C 863 25.39 -41.70 -42.28
C LEU C 863 24.99 -40.48 -43.09
N MET C 864 23.77 -40.47 -43.62
CA MET C 864 23.27 -39.28 -44.30
C MET C 864 23.05 -38.13 -43.32
N LYS C 865 22.67 -38.46 -42.08
CA LYS C 865 22.53 -37.44 -41.06
C LYS C 865 23.87 -36.85 -40.67
N LYS C 866 24.90 -37.69 -40.58
CA LYS C 866 26.26 -37.20 -40.35
C LYS C 866 26.75 -36.38 -41.53
N ALA C 867 26.32 -36.75 -42.75
CA ALA C 867 26.68 -35.98 -43.93
C ALA C 867 26.05 -34.60 -43.91
N ALA C 868 24.79 -34.50 -43.50
CA ALA C 868 24.14 -33.19 -43.39
C ALA C 868 24.75 -32.37 -42.26
N LEU C 869 25.17 -33.04 -41.18
CA LEU C 869 25.85 -32.35 -40.10
C LEU C 869 27.20 -31.82 -40.55
N TYR C 870 27.90 -32.56 -41.40
CA TYR C 870 29.18 -32.10 -41.91
C TYR C 870 29.00 -30.94 -42.89
N PHE C 871 28.06 -31.08 -43.82
CA PHE C 871 27.92 -30.07 -44.87
C PHE C 871 27.18 -28.84 -44.37
N SER C 872 26.57 -28.92 -43.19
CA SER C 872 25.92 -27.75 -42.62
C SER C 872 26.94 -26.69 -42.21
N ASP C 873 28.14 -27.12 -41.85
CA ASP C 873 29.15 -26.19 -41.35
C ASP C 873 29.76 -25.42 -42.51
N PHE C 874 30.12 -24.16 -42.23
CA PHE C 874 30.60 -23.25 -43.27
C PHE C 874 31.98 -23.63 -43.77
N TRP C 875 32.93 -23.83 -42.85
CA TRP C 875 34.31 -24.03 -43.24
C TRP C 875 34.53 -25.39 -43.89
N ASN C 876 33.65 -26.35 -43.59
CA ASN C 876 33.69 -27.63 -44.31
C ASN C 876 33.30 -27.46 -45.76
N LYS C 877 32.28 -26.64 -46.02
CA LYS C 877 31.90 -26.31 -47.40
C LYS C 877 33.03 -25.62 -48.14
N LEU C 878 33.69 -24.65 -47.47
CA LEU C 878 34.78 -23.92 -48.10
C LEU C 878 35.97 -24.84 -48.39
N ASP C 879 36.28 -25.72 -47.44
CA ASP C 879 37.42 -26.66 -47.55
C ASP C 879 37.18 -27.67 -48.68
N VAL C 880 35.96 -28.19 -48.81
CA VAL C 880 35.68 -29.18 -49.85
C VAL C 880 35.55 -28.51 -51.22
N GLY C 881 35.14 -27.22 -51.25
CA GLY C 881 35.14 -26.49 -52.50
C GLY C 881 36.55 -26.23 -53.01
N ALA C 882 37.46 -25.89 -52.10
CA ALA C 882 38.85 -25.68 -52.49
C ALA C 882 39.50 -26.98 -52.95
N ILE C 883 39.13 -28.10 -52.32
CA ILE C 883 39.65 -29.41 -52.73
C ILE C 883 39.18 -29.76 -54.14
N LEU C 884 37.88 -29.52 -54.42
CA LEU C 884 37.35 -29.80 -55.75
C LEU C 884 37.97 -28.92 -56.81
N LEU C 885 38.24 -27.65 -56.47
CA LEU C 885 38.85 -26.75 -57.44
C LEU C 885 40.30 -27.14 -57.72
N PHE C 886 41.01 -27.64 -56.71
CA PHE C 886 42.37 -28.11 -56.95
C PHE C 886 42.39 -29.39 -57.77
N VAL C 887 41.39 -30.25 -57.58
CA VAL C 887 41.26 -31.45 -58.39
C VAL C 887 41.02 -31.09 -59.85
N ALA C 888 40.19 -30.07 -60.10
CA ALA C 888 39.99 -29.58 -61.46
C ALA C 888 41.27 -28.94 -62.02
N GLY C 889 42.01 -28.22 -61.18
CA GLY C 889 43.19 -27.52 -61.64
C GLY C 889 44.33 -28.45 -62.03
N LEU C 890 44.46 -29.59 -61.34
CA LEU C 890 45.50 -30.55 -61.71
C LEU C 890 45.20 -31.21 -63.06
N THR C 891 43.92 -31.51 -63.33
CA THR C 891 43.57 -32.06 -64.63
C THR C 891 43.70 -31.02 -65.73
N CYS C 892 43.55 -29.74 -65.37
CA CYS C 892 43.83 -28.70 -66.36
C CYS C 892 45.33 -28.52 -66.55
N ARG C 893 46.13 -28.83 -65.53
CA ARG C 893 47.57 -28.68 -65.64
C ARG C 893 48.20 -29.83 -66.43
N LEU C 894 47.57 -31.01 -66.38
CA LEU C 894 48.17 -32.17 -67.03
C LEU C 894 48.09 -32.09 -68.55
N ILE C 895 47.10 -31.37 -69.07
CA ILE C 895 46.98 -31.22 -70.52
C ILE C 895 47.82 -30.03 -70.97
N PRO C 896 48.70 -30.20 -71.97
CA PRO C 896 49.61 -29.10 -72.33
C PRO C 896 48.93 -27.93 -73.02
N ALA C 897 47.80 -28.17 -73.66
CA ALA C 897 47.11 -27.07 -74.36
C ALA C 897 46.44 -26.12 -73.38
N THR C 898 46.04 -26.62 -72.22
CA THR C 898 45.33 -25.83 -71.23
C THR C 898 46.18 -25.50 -70.01
N LEU C 899 47.48 -25.24 -70.20
CA LEU C 899 48.37 -25.01 -69.06
C LEU C 899 48.08 -23.67 -68.39
N TYR C 900 47.91 -22.62 -69.19
CA TYR C 900 47.57 -21.31 -68.64
C TYR C 900 46.18 -21.24 -67.98
N PRO C 901 45.11 -21.88 -68.50
CA PRO C 901 43.89 -21.97 -67.68
C PRO C 901 44.07 -22.72 -66.37
N GLY C 902 44.91 -23.77 -66.35
CA GLY C 902 45.23 -24.42 -65.09
C GLY C 902 45.95 -23.50 -64.14
N ARG C 903 46.80 -22.62 -64.67
CA ARG C 903 47.51 -21.63 -63.85
C ARG C 903 46.54 -20.65 -63.22
N VAL C 904 45.58 -20.13 -63.99
CA VAL C 904 44.65 -19.15 -63.42
C VAL C 904 43.66 -19.82 -62.46
N ILE C 905 43.35 -21.11 -62.70
CA ILE C 905 42.49 -21.86 -61.77
C ILE C 905 43.21 -22.06 -60.44
N LEU C 906 44.51 -22.39 -60.50
CA LEU C 906 45.28 -22.54 -59.27
C LEU C 906 45.46 -21.21 -58.55
N SER C 907 45.45 -20.09 -59.29
CA SER C 907 45.52 -18.79 -58.62
C SER C 907 44.23 -18.48 -57.85
N LEU C 908 43.08 -18.75 -58.47
CA LEU C 908 41.82 -18.57 -57.75
C LEU C 908 41.71 -19.52 -56.55
N ASP C 909 42.30 -20.71 -56.68
CA ASP C 909 42.30 -21.61 -55.53
C ASP C 909 43.27 -21.15 -54.45
N PHE C 910 44.31 -20.41 -54.84
CA PHE C 910 45.17 -19.78 -53.84
C PHE C 910 44.40 -18.71 -53.07
N ILE C 911 43.52 -17.98 -53.77
CA ILE C 911 42.64 -17.02 -53.09
C ILE C 911 41.72 -17.73 -52.10
N LEU C 912 41.16 -18.88 -52.52
CA LEU C 912 40.31 -19.67 -51.63
C LEU C 912 41.08 -20.20 -50.43
N PHE C 913 42.33 -20.61 -50.62
CA PHE C 913 43.14 -21.09 -49.49
C PHE C 913 43.49 -19.96 -48.54
N CYS C 914 43.75 -18.76 -49.05
CA CYS C 914 44.14 -17.68 -48.18
C CYS C 914 42.93 -17.10 -47.44
N LEU C 915 41.72 -17.34 -47.98
CA LEU C 915 40.51 -16.94 -47.27
C LEU C 915 40.29 -17.78 -46.01
N ARG C 916 40.84 -19.00 -45.98
CA ARG C 916 40.72 -19.91 -44.85
C ARG C 916 41.47 -19.43 -43.62
N LEU C 917 42.44 -18.50 -43.79
CA LEU C 917 43.20 -18.00 -42.65
C LEU C 917 42.38 -17.05 -41.78
N MET C 918 41.21 -16.61 -42.25
CA MET C 918 40.36 -15.75 -41.43
C MET C 918 39.71 -16.52 -40.29
N HIS C 919 39.76 -17.86 -40.34
CA HIS C 919 39.14 -18.69 -39.31
C HIS C 919 39.92 -18.63 -38.00
N ILE C 920 41.19 -18.22 -38.05
CA ILE C 920 42.06 -18.16 -36.86
C ILE C 920 41.53 -17.14 -35.86
N PHE C 921 40.89 -16.09 -36.33
CA PHE C 921 40.50 -15.00 -35.44
C PHE C 921 39.24 -15.34 -34.64
N THR C 922 38.64 -16.50 -34.91
CA THR C 922 37.44 -16.89 -34.18
C THR C 922 37.75 -17.27 -32.74
N ILE C 923 38.95 -17.78 -32.49
CA ILE C 923 39.24 -18.33 -31.17
C ILE C 923 39.46 -17.20 -30.15
N SER C 924 39.93 -16.05 -30.61
CA SER C 924 40.25 -14.97 -29.69
C SER C 924 38.96 -14.33 -29.18
N LYS C 925 39.06 -13.74 -27.98
CA LYS C 925 37.88 -13.31 -27.25
C LYS C 925 37.22 -12.10 -27.90
N THR C 926 38.02 -11.12 -28.28
CA THR C 926 37.45 -9.85 -28.73
C THR C 926 37.13 -9.88 -30.23
N LEU C 927 37.76 -10.77 -30.98
CA LEU C 927 37.75 -10.63 -32.43
C LEU C 927 36.56 -11.34 -33.07
N GLY C 928 36.12 -12.46 -32.48
CA GLY C 928 35.10 -13.30 -33.09
C GLY C 928 33.74 -12.68 -33.34
N PRO C 929 33.14 -11.97 -32.36
CA PRO C 929 31.86 -11.27 -32.63
C PRO C 929 31.89 -10.30 -33.79
N LYS C 930 33.04 -9.70 -34.09
CA LYS C 930 33.14 -8.83 -35.25
C LYS C 930 33.02 -9.61 -36.56
N ILE C 931 33.58 -10.83 -36.58
CA ILE C 931 33.43 -11.71 -37.73
C ILE C 931 31.97 -12.10 -37.91
N ILE C 932 31.28 -12.35 -36.79
CA ILE C 932 29.86 -12.68 -36.86
C ILE C 932 29.04 -11.48 -37.34
N ILE C 933 29.50 -10.27 -37.04
CA ILE C 933 28.83 -9.07 -37.51
C ILE C 933 29.00 -8.92 -39.03
N VAL C 934 30.21 -9.15 -39.53
CA VAL C 934 30.49 -9.02 -40.98
C VAL C 934 29.69 -10.05 -41.78
N LYS C 935 29.53 -11.25 -41.21
CA LYS C 935 28.73 -12.29 -41.84
C LYS C 935 27.27 -11.87 -42.00
N ARG C 936 26.79 -10.95 -41.16
CA ARG C 936 25.44 -10.42 -41.33
C ARG C 936 25.42 -9.25 -42.30
N MET C 937 26.49 -8.43 -42.31
CA MET C 937 26.48 -7.19 -43.07
C MET C 937 26.55 -7.44 -44.58
N MET C 938 27.16 -8.57 -44.99
CA MET C 938 27.38 -8.86 -46.41
C MET C 938 26.07 -8.93 -47.22
N LYS C 939 24.96 -9.27 -46.55
CA LYS C 939 23.68 -9.50 -47.21
C LYS C 939 23.12 -8.23 -47.85
N ASP C 940 23.16 -7.11 -47.13
CA ASP C 940 22.69 -5.87 -47.76
C ASP C 940 23.83 -5.12 -48.45
N VAL C 941 25.09 -5.52 -48.17
CA VAL C 941 26.21 -5.05 -49.00
C VAL C 941 25.97 -5.36 -50.48
N PHE C 942 25.60 -6.61 -50.79
CA PHE C 942 25.42 -7.03 -52.18
C PHE C 942 24.31 -6.25 -52.90
N PHE C 943 23.16 -6.10 -52.24
CA PHE C 943 22.03 -5.43 -52.86
C PHE C 943 22.24 -3.92 -52.92
N PHE C 944 23.15 -3.37 -52.11
CA PHE C 944 23.55 -1.99 -52.35
C PHE C 944 24.42 -1.89 -53.61
N LEU C 945 25.36 -2.81 -53.76
CA LEU C 945 26.35 -2.66 -54.83
C LEU C 945 25.73 -2.81 -56.20
N PHE C 946 24.62 -3.55 -56.30
CA PHE C 946 23.84 -3.52 -57.55
C PHE C 946 23.33 -2.10 -57.86
N LEU C 947 22.80 -1.41 -56.83
CA LEU C 947 22.27 -0.05 -57.02
C LEU C 947 23.37 0.92 -57.40
N LEU C 948 24.56 0.74 -56.83
CA LEU C 948 25.69 1.60 -57.20
C LEU C 948 26.13 1.35 -58.64
N ALA C 949 26.16 0.07 -59.05
CA ALA C 949 26.64 -0.27 -60.39
C ALA C 949 25.73 0.26 -61.48
N VAL C 950 24.40 0.14 -61.29
CA VAL C 950 23.49 0.62 -62.34
C VAL C 950 23.54 2.14 -62.44
N TRP C 951 23.85 2.80 -61.32
CA TRP C 951 23.95 4.25 -61.28
C TRP C 951 25.16 4.74 -62.07
N VAL C 952 26.33 4.13 -61.81
CA VAL C 952 27.54 4.59 -62.50
C VAL C 952 27.50 4.23 -63.98
N VAL C 953 26.85 3.10 -64.32
CA VAL C 953 26.61 2.76 -65.73
C VAL C 953 25.71 3.80 -66.40
N SER C 954 24.71 4.32 -65.66
CA SER C 954 23.81 5.32 -66.22
C SER C 954 24.54 6.62 -66.56
N PHE C 955 25.34 7.14 -65.63
CA PHE C 955 26.06 8.37 -65.95
C PHE C 955 27.16 8.15 -67.00
N GLY C 956 27.77 6.96 -67.02
CA GLY C 956 28.75 6.69 -68.06
C GLY C 956 28.15 6.68 -69.46
N VAL C 957 26.99 6.04 -69.61
CA VAL C 957 26.32 5.99 -70.90
C VAL C 957 25.82 7.36 -71.31
N ALA C 958 25.31 8.15 -70.34
CA ALA C 958 24.84 9.50 -70.65
C ALA C 958 25.98 10.41 -71.11
N LYS C 959 27.13 10.36 -70.42
CA LYS C 959 28.26 11.22 -70.78
C LYS C 959 28.85 10.82 -72.12
N GLN C 960 29.01 9.51 -72.36
CA GLN C 960 29.59 9.06 -73.62
C GLN C 960 28.62 9.29 -74.78
N ALA C 961 27.32 9.38 -74.49
CA ALA C 961 26.36 9.72 -75.53
C ALA C 961 26.42 11.20 -75.88
N ILE C 962 26.53 12.08 -74.87
CA ILE C 962 26.44 13.50 -75.17
C ILE C 962 27.76 14.03 -75.76
N LEU C 963 28.90 13.58 -75.25
CA LEU C 963 30.16 14.23 -75.57
C LEU C 963 31.00 13.48 -76.60
N ILE C 964 30.42 12.49 -77.28
CA ILE C 964 31.12 11.73 -78.30
C ILE C 964 30.12 11.26 -79.33
N HIS C 965 30.46 11.37 -80.61
CA HIS C 965 29.57 10.97 -81.68
C HIS C 965 29.50 9.45 -81.82
N ASN C 966 28.62 8.98 -82.69
CA ASN C 966 28.45 7.56 -82.91
C ASN C 966 29.61 7.01 -83.73
N GLU C 967 30.41 6.14 -83.11
CA GLU C 967 31.57 5.55 -83.75
C GLU C 967 31.65 4.07 -83.40
N ARG C 968 31.99 3.26 -84.41
CA ARG C 968 32.04 1.81 -84.28
C ARG C 968 33.39 1.30 -83.78
N ARG C 969 34.15 2.13 -83.06
CA ARG C 969 35.43 1.69 -82.51
C ARG C 969 35.20 0.64 -81.42
N VAL C 970 35.92 -0.47 -81.55
CA VAL C 970 35.66 -1.64 -80.71
C VAL C 970 36.26 -1.48 -79.32
N ASP C 971 37.57 -1.33 -79.23
CA ASP C 971 38.27 -1.38 -77.96
C ASP C 971 38.95 -0.08 -77.56
N TRP C 972 39.07 0.89 -78.47
CA TRP C 972 39.74 2.15 -78.11
C TRP C 972 38.82 3.05 -77.28
N LEU C 973 37.73 3.52 -77.89
CA LEU C 973 36.86 4.49 -77.23
C LEU C 973 36.07 3.85 -76.10
N PHE C 974 35.74 2.56 -76.25
CA PHE C 974 35.00 1.85 -75.20
C PHE C 974 35.83 1.71 -73.92
N ARG C 975 37.08 1.27 -74.05
CA ARG C 975 37.94 1.17 -72.88
C ARG C 975 38.33 2.55 -72.36
N GLY C 976 38.39 3.55 -73.25
CA GLY C 976 38.64 4.92 -72.79
C GLY C 976 37.52 5.46 -71.92
N ALA C 977 36.27 5.29 -72.35
CA ALA C 977 35.13 5.74 -71.55
C ALA C 977 34.98 4.89 -70.29
N VAL C 978 35.32 3.60 -70.36
CA VAL C 978 35.25 2.74 -69.18
C VAL C 978 36.31 3.13 -68.16
N TYR C 979 37.50 3.52 -68.63
CA TYR C 979 38.54 3.98 -67.71
C TYR C 979 38.20 5.35 -67.13
N HIS C 980 37.50 6.18 -67.91
CA HIS C 980 37.02 7.46 -67.38
C HIS C 980 35.98 7.24 -66.28
N SER C 981 35.04 6.31 -66.51
CA SER C 981 34.05 5.98 -65.49
C SER C 981 34.69 5.31 -64.27
N TYR C 982 35.74 4.53 -64.49
CA TYR C 982 36.46 3.90 -63.38
C TYR C 982 37.20 4.94 -62.53
N LEU C 983 37.82 5.92 -63.18
CA LEU C 983 38.49 7.00 -62.46
C LEU C 983 37.48 7.88 -61.73
N THR C 984 36.29 8.05 -62.30
CA THR C 984 35.24 8.79 -61.59
C THR C 984 34.69 8.00 -60.41
N ILE C 985 34.65 6.67 -60.53
CA ILE C 985 34.07 5.84 -59.48
C ILE C 985 35.07 5.65 -58.33
N PHE C 986 36.36 5.67 -58.64
CA PHE C 986 37.38 5.37 -57.64
C PHE C 986 37.51 6.50 -56.62
N GLY C 987 37.33 7.75 -57.07
CA GLY C 987 37.45 8.89 -56.18
C GLY C 987 36.29 9.04 -55.21
N PHE C 1027 31.95 26.93 -75.63
CA PHE C 1027 31.61 27.43 -74.31
C PHE C 1027 31.34 26.29 -73.34
N PRO C 1028 32.26 25.34 -73.14
CA PRO C 1028 31.91 24.19 -72.29
C PRO C 1028 32.22 24.42 -70.83
N GLU C 1029 32.47 25.67 -70.42
CA GLU C 1029 32.75 25.97 -69.02
C GLU C 1029 31.53 25.70 -68.15
N TRP C 1030 30.38 26.24 -68.52
CA TRP C 1030 29.15 26.04 -67.75
C TRP C 1030 28.70 24.58 -67.82
N LEU C 1031 28.87 23.94 -68.98
CA LEU C 1031 28.45 22.55 -69.14
C LEU C 1031 29.34 21.61 -68.33
N THR C 1032 30.65 21.86 -68.32
CA THR C 1032 31.57 21.03 -67.56
C THR C 1032 31.38 21.23 -66.06
N VAL C 1033 31.17 22.48 -65.64
CA VAL C 1033 30.89 22.77 -64.24
C VAL C 1033 29.57 22.12 -63.82
N LEU C 1034 28.58 22.11 -64.71
CA LEU C 1034 27.30 21.49 -64.41
C LEU C 1034 27.42 19.98 -64.28
N LEU C 1035 28.17 19.35 -65.19
CA LEU C 1035 28.35 17.90 -65.12
C LEU C 1035 29.15 17.48 -63.90
N LEU C 1036 30.23 18.19 -63.60
CA LEU C 1036 31.04 17.86 -62.43
C LEU C 1036 30.29 18.15 -61.13
N CYS C 1037 29.49 19.21 -61.09
CA CYS C 1037 28.76 19.52 -59.86
C CYS C 1037 27.58 18.56 -59.68
N LEU C 1038 26.99 18.07 -60.77
CA LEU C 1038 25.94 17.07 -60.66
C LEU C 1038 26.50 15.74 -60.16
N TYR C 1039 27.63 15.31 -60.71
CA TYR C 1039 28.28 14.09 -60.24
C TYR C 1039 28.76 14.25 -58.80
N LEU C 1040 29.19 15.44 -58.42
CA LEU C 1040 29.56 15.73 -57.03
C LEU C 1040 28.36 15.60 -56.10
N LEU C 1041 27.25 16.25 -56.45
CA LEU C 1041 26.04 16.28 -55.62
C LEU C 1041 25.47 14.88 -55.43
N PHE C 1042 25.48 14.06 -56.49
CA PHE C 1042 24.96 12.72 -56.33
C PHE C 1042 25.95 11.80 -55.64
N THR C 1043 27.17 11.68 -56.16
CA THR C 1043 28.08 10.62 -55.72
C THR C 1043 28.67 10.93 -54.35
N ASN C 1044 29.14 12.17 -54.12
CA ASN C 1044 29.78 12.51 -52.86
C ASN C 1044 28.84 12.53 -51.67
N ILE C 1045 27.52 12.45 -51.89
CA ILE C 1045 26.60 12.61 -50.79
C ILE C 1045 25.72 11.38 -50.57
N LEU C 1046 24.85 11.07 -51.56
CA LEU C 1046 23.60 10.37 -51.27
C LEU C 1046 23.82 8.90 -50.90
N LEU C 1047 24.49 8.15 -51.76
CA LEU C 1047 24.65 6.72 -51.53
C LEU C 1047 25.60 6.46 -50.37
N LEU C 1048 26.49 7.43 -50.07
CA LEU C 1048 27.34 7.33 -48.90
C LEU C 1048 26.52 7.38 -47.62
N ASN C 1049 25.52 8.28 -47.56
CA ASN C 1049 24.65 8.32 -46.39
C ASN C 1049 23.74 7.10 -46.34
N LEU C 1050 23.38 6.56 -47.51
CA LEU C 1050 22.68 5.28 -47.57
C LEU C 1050 23.49 4.17 -46.90
N LEU C 1051 24.79 4.10 -47.23
CA LEU C 1051 25.65 3.10 -46.62
C LEU C 1051 25.82 3.33 -45.12
N ILE C 1052 26.03 4.59 -44.72
CA ILE C 1052 26.19 4.92 -43.31
C ILE C 1052 24.95 4.54 -42.51
N ALA C 1053 23.77 4.84 -43.06
CA ALA C 1053 22.52 4.53 -42.38
C ALA C 1053 22.28 3.04 -42.28
N MET C 1054 22.45 2.30 -43.39
CA MET C 1054 22.16 0.87 -43.40
C MET C 1054 23.15 0.10 -42.53
N PHE C 1055 24.44 0.45 -42.62
CA PHE C 1055 25.46 -0.26 -41.86
C PHE C 1055 25.34 0.02 -40.37
N ASN C 1056 25.11 1.29 -40.00
CA ASN C 1056 24.84 1.63 -38.60
C ASN C 1056 23.60 0.92 -38.09
N TYR C 1057 22.57 0.81 -38.93
CA TYR C 1057 21.33 0.17 -38.53
C TYR C 1057 21.52 -1.29 -38.22
N THR C 1058 22.18 -2.05 -39.11
CA THR C 1058 22.34 -3.47 -38.87
C THR C 1058 23.36 -3.75 -37.77
N PHE C 1059 24.34 -2.85 -37.60
CA PHE C 1059 25.31 -3.02 -36.54
C PHE C 1059 24.67 -2.86 -35.18
N GLN C 1060 23.70 -1.93 -35.07
CA GLN C 1060 23.00 -1.71 -33.80
C GLN C 1060 22.20 -2.92 -33.35
N GLN C 1061 21.75 -3.77 -34.28
CA GLN C 1061 21.05 -4.97 -33.84
C GLN C 1061 22.00 -6.14 -33.57
N VAL C 1062 22.94 -6.41 -34.49
CA VAL C 1062 23.72 -7.64 -34.36
C VAL C 1062 24.76 -7.54 -33.24
N GLN C 1063 25.14 -6.30 -32.88
CA GLN C 1063 26.11 -6.04 -31.82
C GLN C 1063 25.63 -6.56 -30.46
N GLU C 1064 24.31 -6.63 -30.27
CA GLU C 1064 23.73 -6.92 -28.96
C GLU C 1064 23.99 -8.36 -28.53
N HIS C 1065 23.70 -9.33 -29.40
CA HIS C 1065 23.82 -10.72 -29.02
C HIS C 1065 24.77 -11.53 -29.89
N THR C 1066 25.71 -10.87 -30.61
CA THR C 1066 26.84 -11.62 -31.15
C THR C 1066 27.63 -12.35 -30.07
N ASP C 1067 27.73 -11.77 -28.88
CA ASP C 1067 28.50 -12.39 -27.81
C ASP C 1067 27.83 -13.67 -27.31
N GLN C 1068 26.50 -13.64 -27.17
CA GLN C 1068 25.79 -14.83 -26.73
C GLN C 1068 25.78 -15.90 -27.82
N ILE C 1069 25.83 -15.49 -29.10
CA ILE C 1069 25.97 -16.49 -30.14
C ILE C 1069 27.37 -17.10 -30.12
N TRP C 1070 28.38 -16.28 -29.88
CA TRP C 1070 29.77 -16.76 -29.95
C TRP C 1070 30.08 -17.71 -28.81
N LYS C 1071 29.54 -17.44 -27.61
CA LYS C 1071 29.76 -18.33 -26.48
C LYS C 1071 29.16 -19.71 -26.73
N PHE C 1072 28.05 -19.76 -27.46
CA PHE C 1072 27.48 -21.04 -27.85
C PHE C 1072 28.28 -21.67 -28.98
N GLN C 1073 28.89 -20.84 -29.82
CA GLN C 1073 29.67 -21.34 -30.95
C GLN C 1073 30.99 -21.94 -30.51
N ARG C 1074 31.45 -21.60 -29.29
CA ARG C 1074 32.82 -21.89 -28.89
C ARG C 1074 33.12 -23.38 -28.75
N HIS C 1075 32.10 -24.23 -28.65
CA HIS C 1075 32.34 -25.61 -28.22
C HIS C 1075 32.97 -26.48 -29.31
N ASP C 1076 32.46 -26.38 -30.54
CA ASP C 1076 32.81 -27.38 -31.56
C ASP C 1076 34.24 -27.25 -32.02
N LEU C 1077 34.81 -26.05 -31.91
CA LEU C 1077 36.23 -25.86 -32.20
C LEU C 1077 37.09 -26.62 -31.20
N ILE C 1078 36.72 -26.58 -29.93
CA ILE C 1078 37.47 -27.28 -28.90
C ILE C 1078 37.30 -28.79 -29.05
N GLU C 1079 36.08 -29.23 -29.39
CA GLU C 1079 35.81 -30.65 -29.53
C GLU C 1079 36.56 -31.26 -30.70
N GLU C 1080 36.67 -30.52 -31.80
CA GLU C 1080 37.36 -31.00 -33.00
C GLU C 1080 38.85 -31.17 -32.74
N TYR C 1081 39.49 -30.18 -32.10
CA TYR C 1081 40.92 -30.27 -31.87
C TYR C 1081 41.23 -31.19 -30.70
N HIS C 1082 40.24 -31.47 -29.85
CA HIS C 1082 40.39 -32.57 -28.92
C HIS C 1082 40.38 -33.91 -29.67
N GLY C 1083 39.57 -34.01 -30.72
CA GLY C 1083 39.49 -35.27 -31.45
C GLY C 1083 40.64 -35.48 -32.41
N ARG C 1084 41.28 -34.40 -32.84
CA ARG C 1084 42.28 -34.50 -33.89
C ARG C 1084 43.60 -35.01 -33.32
N PRO C 1085 44.31 -35.88 -34.07
CA PRO C 1085 45.66 -36.28 -33.66
C PRO C 1085 46.65 -35.14 -33.68
N ALA C 1086 47.81 -35.37 -33.08
CA ALA C 1086 48.69 -34.28 -32.69
C ALA C 1086 49.61 -33.83 -33.81
N ALA C 1087 49.78 -34.66 -34.84
CA ALA C 1087 50.82 -34.38 -35.82
C ALA C 1087 50.37 -33.29 -36.80
N PRO C 1088 51.30 -32.47 -37.29
CA PRO C 1088 50.99 -31.53 -38.38
C PRO C 1088 50.73 -32.28 -39.67
N PRO C 1089 50.11 -31.63 -40.68
CA PRO C 1089 49.70 -32.34 -41.92
C PRO C 1089 50.81 -33.02 -42.72
N PRO C 1090 52.09 -32.66 -42.59
CA PRO C 1090 53.10 -33.61 -43.10
C PRO C 1090 53.08 -34.99 -42.45
N PHE C 1091 53.01 -35.07 -41.13
CA PHE C 1091 53.15 -36.34 -40.44
C PHE C 1091 51.81 -36.96 -40.07
N ILE C 1092 50.71 -36.32 -40.47
CA ILE C 1092 49.40 -36.83 -40.13
C ILE C 1092 49.05 -38.06 -40.96
N LEU C 1093 49.80 -38.32 -42.04
CA LEU C 1093 49.73 -39.63 -42.70
C LEU C 1093 50.30 -40.73 -41.82
N LEU C 1094 51.43 -40.47 -41.17
CA LEU C 1094 52.01 -41.43 -40.24
C LEU C 1094 51.08 -41.65 -39.04
N SER C 1095 50.34 -40.61 -38.67
CA SER C 1095 49.31 -40.78 -37.65
C SER C 1095 48.09 -41.54 -38.18
N HIS C 1096 47.71 -41.31 -39.44
CA HIS C 1096 46.50 -41.91 -40.00
C HIS C 1096 46.66 -43.40 -40.25
N LEU C 1097 47.87 -43.83 -40.62
CA LEU C 1097 48.06 -45.19 -41.11
C LEU C 1097 47.83 -46.22 -40.00
N GLN C 1098 48.29 -45.92 -38.79
CA GLN C 1098 48.14 -46.84 -37.67
C GLN C 1098 46.67 -46.98 -37.28
N LEU C 1099 45.96 -45.84 -37.25
CA LEU C 1099 44.53 -45.86 -36.94
C LEU C 1099 43.74 -46.63 -37.98
N PHE C 1100 44.10 -46.45 -39.26
CA PHE C 1100 43.32 -47.09 -40.32
C PHE C 1100 43.56 -48.59 -40.37
N ILE C 1101 44.81 -49.04 -40.18
CA ILE C 1101 45.05 -50.48 -40.21
C ILE C 1101 44.59 -51.13 -38.91
N LYS C 1102 44.47 -50.34 -37.84
CA LYS C 1102 43.97 -50.88 -36.59
C LYS C 1102 42.45 -51.06 -36.63
N ARG C 1103 41.74 -50.11 -37.25
CA ARG C 1103 40.28 -50.13 -37.20
C ARG C 1103 39.69 -51.28 -38.00
N VAL C 1104 40.36 -51.68 -39.09
CA VAL C 1104 39.75 -52.63 -40.02
C VAL C 1104 39.74 -54.03 -39.43
N VAL C 1105 40.88 -54.47 -38.88
CA VAL C 1105 41.00 -55.87 -38.49
C VAL C 1105 40.35 -56.13 -37.12
N LEU C 1106 40.84 -55.51 -36.05
CA LEU C 1106 40.31 -55.79 -34.71
C LEU C 1106 40.55 -54.56 -33.83
N LYS C 1107 39.51 -53.74 -33.69
CA LYS C 1107 39.51 -52.58 -32.81
C LYS C 1107 38.08 -52.07 -32.65
N THR C 1108 37.93 -51.09 -31.79
CA THR C 1108 36.65 -50.39 -31.69
C THR C 1108 36.51 -49.42 -32.85
N PRO C 1109 35.27 -49.17 -33.32
CA PRO C 1109 35.10 -48.16 -34.39
C PRO C 1109 35.43 -46.75 -33.93
N ALA C 1110 34.80 -46.27 -32.86
CA ALA C 1110 35.08 -44.97 -32.30
C ALA C 1110 34.61 -44.96 -30.85
N LYS C 1111 35.39 -44.31 -30.00
CA LYS C 1111 35.06 -44.22 -28.58
C LYS C 1111 35.39 -42.83 -28.09
N ARG C 1112 34.49 -42.27 -27.28
CA ARG C 1112 34.68 -40.94 -26.76
C ARG C 1112 35.74 -40.93 -25.66
N HIS C 1113 36.26 -39.75 -25.37
CA HIS C 1113 37.35 -39.61 -24.43
C HIS C 1113 36.81 -39.29 -23.04
N LYS C 1114 37.63 -39.59 -22.04
CA LYS C 1114 37.20 -39.55 -20.64
C LYS C 1114 37.44 -38.18 -20.00
N GLN C 1115 37.52 -37.16 -20.86
CA GLN C 1115 37.57 -35.79 -20.41
C GLN C 1115 36.26 -35.11 -20.73
N LEU C 1116 35.61 -35.54 -21.81
CA LEU C 1116 34.31 -34.97 -22.17
C LEU C 1116 33.18 -35.80 -21.61
N LYS C 1117 33.32 -37.13 -21.61
CA LYS C 1117 32.30 -38.02 -21.08
C LYS C 1117 32.96 -39.19 -20.38
N ASN C 1118 32.53 -39.46 -19.15
CA ASN C 1118 33.04 -40.60 -18.40
C ASN C 1118 31.93 -41.17 -17.54
N LYS C 1119 32.07 -42.45 -17.21
CA LYS C 1119 31.14 -43.14 -16.33
C LYS C 1119 31.77 -43.26 -14.96
N LEU C 1120 31.12 -42.66 -13.96
CA LEU C 1120 31.69 -42.64 -12.63
C LEU C 1120 31.41 -43.95 -11.92
N GLU C 1121 32.16 -44.19 -10.85
CA GLU C 1121 31.89 -45.33 -10.00
C GLU C 1121 30.67 -45.05 -9.13
N LYS C 1122 30.07 -46.13 -8.61
CA LYS C 1122 28.86 -45.99 -7.79
C LYS C 1122 29.15 -45.27 -6.49
N ASN C 1123 30.31 -45.57 -5.88
CA ASN C 1123 30.66 -45.02 -4.59
C ASN C 1123 30.87 -43.52 -4.65
N GLU C 1124 31.35 -43.02 -5.78
CA GLU C 1124 31.49 -41.58 -5.97
C GLU C 1124 30.17 -40.94 -6.35
N GLU C 1125 29.39 -41.63 -7.20
CA GLU C 1125 28.16 -41.07 -7.76
C GLU C 1125 27.11 -40.87 -6.68
N ALA C 1126 27.08 -41.75 -5.68
CA ALA C 1126 26.10 -41.61 -4.60
C ALA C 1126 26.35 -40.35 -3.78
N ALA C 1127 27.62 -40.10 -3.42
CA ALA C 1127 27.94 -38.90 -2.65
C ALA C 1127 27.74 -37.64 -3.48
N LEU C 1128 28.04 -37.72 -4.77
CA LEU C 1128 27.84 -36.57 -5.66
C LEU C 1128 26.36 -36.21 -5.78
N LEU C 1129 25.50 -37.23 -5.93
CA LEU C 1129 24.08 -36.97 -6.07
C LEU C 1129 23.47 -36.48 -4.76
N SER C 1130 23.98 -36.97 -3.62
CA SER C 1130 23.49 -36.47 -2.34
C SER C 1130 23.88 -35.02 -2.12
N TRP C 1131 25.09 -34.66 -2.54
CA TRP C 1131 25.54 -33.27 -2.49
C TRP C 1131 24.67 -32.36 -3.34
N GLU C 1132 24.33 -32.82 -4.55
CA GLU C 1132 23.50 -32.01 -5.44
C GLU C 1132 22.07 -31.87 -4.90
N ILE C 1133 21.55 -32.94 -4.27
CA ILE C 1133 20.23 -32.90 -3.64
C ILE C 1133 20.20 -31.86 -2.53
N TYR C 1134 21.23 -31.85 -1.69
CA TYR C 1134 21.28 -30.90 -0.58
C TYR C 1134 21.39 -29.46 -1.10
N LEU C 1135 22.11 -29.26 -2.19
CA LEU C 1135 22.22 -27.90 -2.71
C LEU C 1135 20.95 -27.44 -3.41
N LYS C 1136 20.19 -28.38 -4.00
CA LYS C 1136 18.88 -28.02 -4.53
C LYS C 1136 17.92 -27.59 -3.43
N GLU C 1137 17.93 -28.34 -2.31
CA GLU C 1137 17.11 -27.96 -1.17
C GLU C 1137 17.54 -26.62 -0.59
N ASN C 1138 18.83 -26.30 -0.70
CA ASN C 1138 19.28 -24.98 -0.29
C ASN C 1138 18.79 -23.89 -1.24
N TYR C 1139 18.69 -24.20 -2.54
CA TYR C 1139 18.34 -23.17 -3.51
C TYR C 1139 16.86 -22.82 -3.45
N LEU C 1140 16.01 -23.81 -3.17
CA LEU C 1140 14.56 -23.59 -3.23
C LEU C 1140 14.09 -22.62 -2.17
N GLN C 1141 14.74 -22.62 -1.00
CA GLN C 1141 14.35 -21.73 0.08
C GLN C 1141 14.68 -20.28 -0.25
N ASN C 1142 15.85 -20.05 -0.85
CA ASN C 1142 16.22 -18.69 -1.27
C ASN C 1142 15.29 -18.20 -2.37
N ARG C 1143 14.87 -19.10 -3.26
CA ARG C 1143 13.94 -18.71 -4.31
C ARG C 1143 12.59 -18.30 -3.73
N GLN C 1144 12.06 -19.08 -2.79
CA GLN C 1144 10.74 -18.74 -2.26
C GLN C 1144 10.80 -17.52 -1.33
N PHE C 1145 11.95 -17.29 -0.70
CA PHE C 1145 12.08 -16.11 0.14
C PHE C 1145 12.18 -14.85 -0.70
N GLN C 1146 12.89 -14.93 -1.83
CA GLN C 1146 12.97 -13.79 -2.73
C GLN C 1146 11.62 -13.50 -3.38
N GLN C 1147 10.85 -14.55 -3.67
CA GLN C 1147 9.51 -14.32 -4.21
C GLN C 1147 8.57 -13.76 -3.15
N LYS C 1148 8.82 -14.06 -1.88
CA LYS C 1148 8.01 -13.46 -0.82
C LYS C 1148 8.37 -12.00 -0.59
N GLN C 1149 9.62 -11.62 -0.88
CA GLN C 1149 10.04 -10.25 -0.63
C GLN C 1149 9.61 -9.26 -1.71
N ARG C 1150 8.82 -9.68 -2.69
CA ARG C 1150 8.43 -8.77 -3.75
C ARG C 1150 7.34 -7.83 -3.25
N PRO C 1151 7.28 -6.58 -3.77
CA PRO C 1151 6.35 -5.60 -3.19
C PRO C 1151 4.89 -5.84 -3.53
N GLU C 1152 4.60 -6.32 -4.74
CA GLU C 1152 3.21 -6.58 -5.13
C GLU C 1152 2.60 -7.69 -4.29
N GLN C 1153 3.43 -8.66 -3.88
CA GLN C 1153 2.97 -9.70 -2.99
C GLN C 1153 2.67 -9.15 -1.60
N LYS C 1154 3.45 -8.16 -1.16
CA LYS C 1154 3.17 -7.51 0.11
C LYS C 1154 1.87 -6.73 0.07
N ILE C 1155 1.60 -6.08 -1.07
CA ILE C 1155 0.34 -5.36 -1.26
C ILE C 1155 -0.85 -6.32 -1.22
N GLU C 1156 -0.71 -7.47 -1.89
CA GLU C 1156 -1.77 -8.47 -1.89
C GLU C 1156 -2.00 -9.04 -0.49
N ASP C 1157 -0.92 -9.22 0.28
CA ASP C 1157 -1.06 -9.71 1.65
C ASP C 1157 -1.79 -8.71 2.54
N ILE C 1158 -1.48 -7.42 2.39
CA ILE C 1158 -2.18 -6.38 3.14
C ILE C 1158 -3.65 -6.35 2.76
N SER C 1159 -3.95 -6.53 1.47
CA SER C 1159 -5.34 -6.52 1.01
C SER C 1159 -6.12 -7.69 1.58
N ASN C 1160 -5.49 -8.86 1.68
CA ASN C 1160 -6.18 -10.02 2.26
C ASN C 1160 -6.41 -9.84 3.76
N LYS C 1161 -5.44 -9.24 4.46
CA LYS C 1161 -5.65 -8.97 5.88
C LYS C 1161 -6.75 -7.95 6.11
N VAL C 1162 -6.85 -6.95 5.24
CA VAL C 1162 -7.90 -5.93 5.38
C VAL C 1162 -9.27 -6.52 5.09
N ASP C 1163 -9.36 -7.44 4.13
CA ASP C 1163 -10.63 -8.09 3.84
C ASP C 1163 -11.05 -9.00 4.99
N ALA C 1164 -10.08 -9.69 5.61
CA ALA C 1164 -10.39 -10.48 6.80
C ALA C 1164 -10.87 -9.59 7.95
N MET C 1165 -10.29 -8.39 8.07
CA MET C 1165 -10.68 -7.50 9.16
C MET C 1165 -12.08 -6.93 8.94
N VAL C 1166 -12.44 -6.60 7.70
CA VAL C 1166 -13.78 -6.05 7.49
C VAL C 1166 -14.82 -7.14 7.61
N ASP C 1167 -14.45 -8.40 7.30
CA ASP C 1167 -15.37 -9.51 7.56
C ASP C 1167 -15.54 -9.74 9.06
N LEU C 1168 -14.46 -9.59 9.84
CA LEU C 1168 -14.55 -9.76 11.28
C LEU C 1168 -15.38 -8.65 11.92
N LEU C 1169 -15.25 -7.42 11.44
CA LEU C 1169 -16.05 -6.33 12.00
C LEU C 1169 -17.49 -6.40 11.52
N ASP C 1170 -17.73 -7.04 10.38
CA ASP C 1170 -19.10 -7.29 9.95
C ASP C 1170 -19.74 -8.39 10.80
N LEU C 1171 -18.93 -9.33 11.28
CA LEU C 1171 -19.47 -10.46 12.05
C LEU C 1171 -19.89 -10.02 13.45
N ASP C 1172 -19.30 -8.96 13.97
CA ASP C 1172 -19.61 -8.50 15.32
C ASP C 1172 -20.98 -7.82 15.39
N GLY C 1242 -35.73 -38.24 26.20
CA GLY C 1242 -36.71 -39.03 25.49
C GLY C 1242 -37.27 -40.17 26.30
N ASP C 1243 -38.59 -40.23 26.44
CA ASP C 1243 -39.22 -41.31 27.18
C ASP C 1243 -39.12 -42.61 26.40
N SER C 1244 -38.85 -43.69 27.12
CA SER C 1244 -38.62 -45.01 26.52
C SER C 1244 -39.97 -45.56 26.08
N TYR C 1245 -40.39 -45.17 24.88
CA TYR C 1245 -41.62 -45.66 24.29
C TYR C 1245 -41.31 -46.46 23.04
N HIS C 1246 -42.32 -47.19 22.57
CA HIS C 1246 -42.19 -48.03 21.38
C HIS C 1246 -42.41 -47.21 20.12
N VAL C 1247 -41.37 -46.44 19.77
CA VAL C 1247 -41.47 -45.47 18.69
C VAL C 1247 -41.39 -46.15 17.34
N ASN C 1248 -40.90 -47.39 17.29
CA ASN C 1248 -40.85 -48.11 16.04
C ASN C 1248 -42.20 -48.72 15.70
N ALA C 1249 -43.04 -48.93 16.71
CA ALA C 1249 -44.41 -49.37 16.45
C ALA C 1249 -45.32 -48.18 16.17
N ARG C 1250 -45.02 -47.02 16.76
CA ARG C 1250 -45.81 -45.82 16.52
C ARG C 1250 -45.49 -45.21 15.16
N HIS C 1251 -44.45 -45.72 14.49
CA HIS C 1251 -44.03 -45.34 13.15
C HIS C 1251 -45.17 -45.42 12.14
N LEU C 1252 -45.37 -44.34 11.39
CA LEU C 1252 -46.41 -44.25 10.38
C LEU C 1252 -46.10 -45.20 9.22
N LEU C 1253 -47.15 -45.52 8.45
CA LEU C 1253 -47.08 -46.34 7.23
C LEU C 1253 -46.54 -47.74 7.52
N TYR C 1254 -47.41 -48.52 8.21
CA TYR C 1254 -47.31 -49.95 8.49
C TYR C 1254 -46.76 -50.72 7.29
N PRO C 1255 -45.82 -51.64 7.50
CA PRO C 1255 -45.08 -52.23 6.37
C PRO C 1255 -45.95 -53.16 5.52
N ASN C 1256 -45.73 -53.07 4.21
CA ASN C 1256 -46.27 -53.98 3.20
C ASN C 1256 -47.81 -53.95 3.14
N CYS C 1257 -48.40 -52.86 3.62
CA CYS C 1257 -49.84 -52.60 3.58
C CYS C 1257 -50.05 -51.10 3.39
N PRO C 1258 -50.76 -50.67 2.34
CA PRO C 1258 -50.92 -49.23 2.06
C PRO C 1258 -51.95 -48.56 2.97
N VAL C 1259 -51.70 -48.61 4.29
CA VAL C 1259 -52.56 -48.00 5.28
C VAL C 1259 -51.72 -47.12 6.20
N THR C 1260 -52.36 -46.11 6.76
CA THR C 1260 -51.74 -45.20 7.72
C THR C 1260 -52.41 -45.37 9.07
N ARG C 1261 -51.69 -45.01 10.12
CA ARG C 1261 -52.20 -45.13 11.47
C ARG C 1261 -52.48 -43.74 12.06
N PHE C 1262 -53.18 -43.74 13.18
CA PHE C 1262 -53.57 -42.53 13.86
C PHE C 1262 -52.35 -41.88 14.51
N PRO C 1263 -52.26 -40.54 14.51
CA PRO C 1263 -51.12 -39.88 15.16
C PRO C 1263 -51.17 -39.97 16.68
N VAL C 1264 -50.20 -40.65 17.28
CA VAL C 1264 -50.16 -40.82 18.73
C VAL C 1264 -48.93 -40.15 19.30
N PRO C 1265 -49.04 -38.92 19.81
CA PRO C 1265 -47.87 -38.26 20.42
C PRO C 1265 -47.59 -38.82 21.80
N ASN C 1266 -46.49 -38.33 22.40
CA ASN C 1266 -45.94 -38.94 23.61
C ASN C 1266 -46.86 -38.78 24.81
N GLU C 1267 -47.70 -37.74 24.81
CA GLU C 1267 -48.71 -37.61 25.85
C GLU C 1267 -49.81 -38.65 25.67
N LYS C 1268 -50.03 -39.10 24.44
CA LYS C 1268 -51.22 -39.90 24.14
C LYS C 1268 -50.99 -41.39 24.33
N VAL C 1269 -49.72 -41.83 24.28
CA VAL C 1269 -49.34 -43.25 24.24
C VAL C 1269 -49.93 -44.16 25.33
N PRO C 1270 -49.80 -43.90 26.64
CA PRO C 1270 -50.22 -44.92 27.60
C PRO C 1270 -51.74 -45.00 27.72
N TRP C 1271 -52.21 -46.20 28.08
CA TRP C 1271 -53.64 -46.47 28.16
C TRP C 1271 -54.30 -45.77 29.33
N GLU C 1272 -53.52 -45.36 30.33
CA GLU C 1272 -54.12 -44.75 31.53
C GLU C 1272 -54.59 -43.34 31.27
N THR C 1273 -53.87 -42.58 30.45
CA THR C 1273 -54.13 -41.16 30.27
C THR C 1273 -55.32 -40.98 29.32
N GLU C 1274 -56.10 -39.93 29.58
CA GLU C 1274 -57.34 -39.68 28.84
C GLU C 1274 -57.01 -39.22 27.42
N PHE C 1275 -57.59 -39.90 26.43
CA PHE C 1275 -57.38 -39.58 25.02
C PHE C 1275 -58.70 -39.90 24.30
N LEU C 1276 -59.50 -38.87 24.07
CA LEU C 1276 -60.88 -39.06 23.63
C LEU C 1276 -61.04 -39.20 22.11
N ILE C 1277 -60.19 -38.56 21.32
CA ILE C 1277 -60.35 -38.56 19.87
C ILE C 1277 -59.59 -39.73 19.24
N TYR C 1278 -59.16 -40.69 20.05
CA TYR C 1278 -58.44 -41.86 19.54
C TYR C 1278 -59.35 -42.71 18.68
N ASP C 1279 -59.11 -42.69 17.38
CA ASP C 1279 -59.88 -43.50 16.45
C ASP C 1279 -58.94 -44.36 15.62
N PRO C 1280 -58.39 -45.44 16.17
CA PRO C 1280 -57.50 -46.30 15.40
C PRO C 1280 -58.28 -47.10 14.37
N PRO C 1281 -57.84 -47.08 13.10
CA PRO C 1281 -58.51 -47.90 12.09
C PRO C 1281 -58.32 -49.39 12.35
N PHE C 1282 -59.34 -50.16 12.04
CA PHE C 1282 -59.33 -51.60 12.21
C PHE C 1282 -58.79 -52.21 10.93
N TYR C 1283 -57.61 -52.81 11.01
CA TYR C 1283 -56.95 -53.35 9.83
C TYR C 1283 -56.28 -54.67 10.17
N THR C 1284 -56.53 -55.68 9.34
CA THR C 1284 -55.86 -56.97 9.43
C THR C 1284 -55.39 -57.34 8.04
N ALA C 1285 -54.34 -58.15 7.97
CA ALA C 1285 -53.84 -58.60 6.68
C ALA C 1285 -54.83 -59.55 6.02
N GLU C 1286 -54.76 -59.62 4.68
CA GLU C 1286 -55.68 -60.47 3.94
C GLU C 1286 -55.36 -61.95 4.15
N ARG C 1287 -54.09 -62.27 4.35
CA ARG C 1287 -53.68 -63.66 4.57
C ARG C 1287 -53.75 -64.06 6.04
N LYS C 1288 -54.44 -63.30 6.89
CA LYS C 1288 -54.62 -63.63 8.30
C LYS C 1288 -55.94 -64.36 8.55
N ASP C 1289 -56.69 -64.65 7.49
CA ASP C 1289 -57.87 -65.49 7.55
C ASP C 1289 -57.60 -66.77 6.76
N ALA C 1290 -57.01 -67.76 7.45
CA ALA C 1290 -56.64 -69.04 6.80
C ALA C 1290 -56.47 -70.17 7.83
N ALA C 1291 -55.23 -70.69 7.96
CA ALA C 1291 -54.91 -71.82 8.86
C ALA C 1291 -53.66 -71.52 9.69
N ALA C 1292 -53.44 -72.31 10.75
CA ALA C 1292 -52.30 -72.21 11.71
C ALA C 1292 -52.40 -70.87 12.45
N MET C 1293 -52.31 -69.76 11.72
CA MET C 1293 -52.47 -68.41 12.27
C MET C 1293 -53.92 -68.16 12.69
N ASP C 1294 -54.09 -67.15 13.55
CA ASP C 1294 -55.31 -67.01 14.34
C ASP C 1294 -56.52 -66.63 13.48
N PRO C 1295 -57.69 -67.20 13.79
CA PRO C 1295 -58.91 -66.83 13.07
C PRO C 1295 -59.63 -65.66 13.72
N MET C 1296 -58.97 -65.01 14.68
CA MET C 1296 -59.54 -63.87 15.39
C MET C 1296 -59.29 -62.54 14.68
N GLY C 1297 -59.02 -62.54 13.37
CA GLY C 1297 -58.85 -61.30 12.63
C GLY C 1297 -60.11 -60.47 12.52
N ASP C 1298 -61.28 -61.10 12.64
CA ASP C 1298 -62.56 -60.41 12.62
C ASP C 1298 -63.34 -60.78 13.87
N THR C 1299 -62.72 -60.61 15.03
CA THR C 1299 -63.16 -61.21 16.29
C THR C 1299 -64.37 -60.53 16.93
N LEU C 1300 -65.09 -59.66 16.20
CA LEU C 1300 -66.42 -59.25 16.66
C LEU C 1300 -67.38 -60.43 16.67
N GLU C 1301 -67.16 -61.40 15.79
CA GLU C 1301 -67.87 -62.67 15.85
C GLU C 1301 -67.44 -63.45 17.10
N PRO C 1302 -68.25 -64.43 17.55
CA PRO C 1302 -67.85 -65.24 18.72
C PRO C 1302 -66.79 -66.30 18.44
N LEU C 1303 -66.09 -66.22 17.30
CA LEU C 1303 -64.96 -67.10 17.04
C LEU C 1303 -63.79 -66.86 17.99
N SER C 1304 -63.73 -65.67 18.61
CA SER C 1304 -62.74 -65.40 19.64
C SER C 1304 -63.13 -66.14 20.91
N THR C 1305 -62.60 -67.35 21.08
CA THR C 1305 -62.90 -68.16 22.26
C THR C 1305 -61.66 -68.80 22.87
N ILE C 1306 -60.46 -68.38 22.46
CA ILE C 1306 -59.23 -68.96 22.98
C ILE C 1306 -58.98 -68.44 24.38
N GLN C 1307 -58.18 -69.18 25.15
CA GLN C 1307 -57.85 -68.77 26.50
C GLN C 1307 -56.82 -67.65 26.45
N TYR C 1308 -57.06 -66.61 27.25
CA TYR C 1308 -56.22 -65.43 27.26
C TYR C 1308 -55.32 -65.48 28.49
N ASN C 1309 -54.14 -64.86 28.34
CA ASN C 1309 -52.90 -64.96 29.14
C ASN C 1309 -52.70 -66.34 29.78
N VAL C 1310 -52.84 -67.37 28.95
CA VAL C 1310 -52.63 -68.77 29.33
C VAL C 1310 -52.37 -69.55 28.04
N VAL C 1311 -51.74 -70.72 28.19
CA VAL C 1311 -51.39 -71.54 27.03
C VAL C 1311 -52.66 -72.20 26.51
N ASP C 1312 -53.22 -71.65 25.44
CA ASP C 1312 -54.45 -72.15 24.85
C ASP C 1312 -54.16 -73.16 23.74
N GLY C 1313 -53.61 -74.30 24.15
CA GLY C 1313 -53.34 -75.39 23.23
C GLY C 1313 -52.03 -75.25 22.47
N LEU C 1314 -52.10 -75.22 21.15
CA LEU C 1314 -50.90 -75.11 20.33
C LEU C 1314 -50.31 -73.71 20.34
N ARG C 1315 -51.06 -72.70 20.79
CA ARG C 1315 -50.58 -71.32 20.87
C ARG C 1315 -50.48 -70.93 22.33
N ASP C 1316 -49.26 -70.86 22.85
CA ASP C 1316 -49.03 -70.52 24.26
C ASP C 1316 -49.14 -68.99 24.44
N ARG C 1317 -50.37 -68.51 24.33
CA ARG C 1317 -50.66 -67.08 24.36
C ARG C 1317 -50.63 -66.60 25.81
N ARG C 1318 -49.43 -66.35 26.30
CA ARG C 1318 -49.24 -65.82 27.64
C ARG C 1318 -47.99 -64.93 27.63
N SER C 1319 -48.12 -63.74 28.20
CA SER C 1319 -47.07 -62.73 28.10
C SER C 1319 -45.93 -63.01 29.08
N PHE C 1320 -44.71 -62.63 28.67
CA PHE C 1320 -43.58 -62.65 29.59
C PHE C 1320 -43.62 -61.47 30.54
N HIS C 1321 -44.36 -60.42 30.20
CA HIS C 1321 -44.35 -59.20 30.98
C HIS C 1321 -45.33 -59.26 32.14
N GLY C 1322 -46.56 -59.68 31.88
CA GLY C 1322 -47.59 -59.75 32.89
C GLY C 1322 -48.96 -60.04 32.32
N PRO C 1323 -49.97 -60.11 33.18
CA PRO C 1323 -51.33 -60.38 32.69
C PRO C 1323 -51.94 -59.20 31.96
N TYR C 1324 -52.06 -59.31 30.64
CA TYR C 1324 -52.52 -58.18 29.84
C TYR C 1324 -54.02 -57.97 29.99
N THR C 1325 -54.42 -56.70 29.96
CA THR C 1325 -55.83 -56.34 30.09
C THR C 1325 -56.57 -56.65 28.79
N VAL C 1326 -57.80 -57.16 28.94
CA VAL C 1326 -58.61 -57.56 27.80
C VAL C 1326 -59.85 -56.68 27.77
N GLN C 1327 -60.14 -56.11 26.60
CA GLN C 1327 -61.33 -55.29 26.40
C GLN C 1327 -62.06 -55.81 25.16
N ALA C 1328 -63.34 -56.16 25.34
CA ALA C 1328 -64.24 -56.64 24.29
C ALA C 1328 -63.70 -57.85 23.56
N GLY C 1329 -63.08 -58.76 24.32
CA GLY C 1329 -62.46 -59.94 23.73
C GLY C 1329 -61.22 -59.67 22.91
N LEU C 1330 -60.64 -58.48 23.02
CA LEU C 1330 -59.45 -58.12 22.27
C LEU C 1330 -58.35 -57.68 23.22
N PRO C 1331 -57.14 -58.19 23.09
CA PRO C 1331 -56.05 -57.76 23.96
C PRO C 1331 -55.58 -56.36 23.60
N LEU C 1332 -55.09 -55.65 24.61
CA LEU C 1332 -54.46 -54.36 24.41
C LEU C 1332 -52.96 -54.49 24.57
N ASN C 1333 -52.23 -53.63 23.87
CA ASN C 1333 -50.77 -53.64 23.97
C ASN C 1333 -50.34 -53.18 25.36
N PRO C 1334 -49.42 -53.88 26.02
CA PRO C 1334 -49.06 -53.52 27.40
C PRO C 1334 -48.24 -52.25 27.52
N MET C 1335 -47.59 -51.79 26.46
CA MET C 1335 -46.71 -50.65 26.54
C MET C 1335 -47.38 -49.33 26.20
N GLY C 1336 -48.47 -49.35 25.46
CA GLY C 1336 -49.17 -48.12 25.13
C GLY C 1336 -49.89 -48.25 23.81
N ARG C 1337 -50.46 -47.13 23.38
CA ARG C 1337 -51.23 -47.08 22.14
C ARG C 1337 -50.30 -47.16 20.94
N THR C 1338 -50.74 -47.90 19.92
CA THR C 1338 -50.01 -47.97 18.66
C THR C 1338 -50.73 -47.24 17.53
N GLY C 1339 -51.98 -46.86 17.72
CA GLY C 1339 -52.73 -46.18 16.68
C GLY C 1339 -53.20 -47.08 15.56
N LEU C 1340 -53.14 -48.40 15.75
CA LEU C 1340 -53.59 -49.33 14.72
C LEU C 1340 -54.26 -50.54 15.35
N ARG C 1341 -55.53 -50.75 15.01
CA ARG C 1341 -56.32 -51.83 15.57
C ARG C 1341 -56.43 -52.97 14.55
N GLY C 1342 -56.62 -54.17 15.08
CA GLY C 1342 -56.66 -55.37 14.27
C GLY C 1342 -55.53 -56.33 14.63
N ARG C 1343 -55.31 -57.29 13.74
CA ARG C 1343 -54.27 -58.29 13.93
C ARG C 1343 -52.97 -57.94 13.23
N GLY C 1344 -53.01 -57.11 12.19
CA GLY C 1344 -51.82 -56.77 11.43
C GLY C 1344 -51.26 -57.96 10.67
N SER C 1345 -49.94 -58.11 10.69
CA SER C 1345 -49.27 -59.19 9.98
C SER C 1345 -48.69 -60.24 10.92
N LEU C 1346 -48.95 -60.12 12.23
CA LEU C 1346 -48.50 -61.11 13.19
C LEU C 1346 -49.43 -62.33 13.14
N SER C 1347 -49.01 -63.38 13.85
CA SER C 1347 -49.74 -64.65 13.80
C SER C 1347 -51.02 -64.60 14.63
N CYS C 1348 -50.91 -64.36 15.94
CA CYS C 1348 -52.04 -64.39 16.84
C CYS C 1348 -52.06 -63.12 17.69
N PHE C 1349 -53.15 -62.95 18.43
CA PHE C 1349 -53.28 -61.82 19.33
C PHE C 1349 -52.38 -61.95 20.54
N GLY C 1350 -52.34 -60.89 21.33
CA GLY C 1350 -51.48 -60.84 22.49
C GLY C 1350 -50.03 -60.73 22.09
N PRO C 1351 -49.16 -61.47 22.76
CA PRO C 1351 -47.79 -61.60 22.29
C PRO C 1351 -47.65 -62.69 21.25
N ASN C 1352 -46.57 -62.59 20.49
CA ASN C 1352 -46.19 -63.62 19.51
C ASN C 1352 -44.77 -64.03 19.86
N HIS C 1353 -44.62 -65.21 20.45
CA HIS C 1353 -43.36 -65.60 21.04
C HIS C 1353 -42.39 -66.08 19.97
N THR C 1354 -41.22 -65.45 19.90
CA THR C 1354 -40.14 -65.84 19.01
C THR C 1354 -38.84 -65.88 19.82
N LEU C 1355 -37.76 -66.29 19.15
CA LEU C 1355 -36.48 -66.51 19.81
C LEU C 1355 -35.36 -65.87 19.00
N TYR C 1356 -34.44 -65.21 19.71
CA TYR C 1356 -33.23 -64.66 19.12
C TYR C 1356 -32.03 -65.11 19.95
N PRO C 1357 -31.27 -66.10 19.49
CA PRO C 1357 -30.01 -66.45 20.14
C PRO C 1357 -28.83 -65.72 19.52
N MET C 1358 -27.87 -65.37 20.37
CA MET C 1358 -26.69 -64.64 19.94
C MET C 1358 -25.44 -65.37 20.42
N VAL C 1359 -24.51 -65.61 19.49
CA VAL C 1359 -23.24 -66.26 19.79
C VAL C 1359 -22.13 -65.21 19.78
N THR C 1360 -21.39 -65.12 20.88
CA THR C 1360 -20.35 -64.13 21.05
C THR C 1360 -18.99 -64.81 21.23
N ARG C 1361 -17.95 -64.19 20.69
CA ARG C 1361 -16.59 -64.68 20.85
C ARG C 1361 -15.65 -63.48 20.91
N TRP C 1362 -14.42 -63.71 21.34
CA TRP C 1362 -13.47 -62.61 21.39
C TRP C 1362 -12.80 -62.43 20.03
N ARG C 1363 -12.09 -61.31 19.89
CA ARG C 1363 -11.34 -60.98 18.68
C ARG C 1363 -9.86 -61.04 19.00
N ARG C 1364 -9.15 -61.97 18.35
CA ARG C 1364 -7.73 -62.13 18.57
C ARG C 1364 -6.94 -61.46 17.45
N ASN C 1365 -5.69 -61.13 17.75
CA ASN C 1365 -4.79 -60.53 16.78
C ASN C 1365 -4.10 -61.65 15.98
N GLU C 1366 -3.00 -61.29 15.30
CA GLU C 1366 -2.23 -62.31 14.58
C GLU C 1366 -1.52 -63.26 15.53
N ASP C 1367 -1.09 -62.76 16.69
CA ASP C 1367 -0.48 -63.62 17.68
C ASP C 1367 -1.50 -64.46 18.42
N GLY C 1368 -2.68 -63.91 18.69
CA GLY C 1368 -3.73 -64.66 19.35
C GLY C 1368 -4.20 -64.06 20.66
N ALA C 1369 -3.83 -62.81 20.93
CA ALA C 1369 -4.24 -62.12 22.13
C ALA C 1369 -5.38 -61.17 21.81
N ILE C 1370 -6.15 -60.80 22.83
CA ILE C 1370 -7.40 -60.07 22.63
C ILE C 1370 -7.10 -58.64 22.21
N CYS C 1371 -7.71 -58.23 21.10
CA CYS C 1371 -7.58 -56.86 20.62
C CYS C 1371 -8.36 -55.92 21.54
N ARG C 1372 -8.02 -54.63 21.47
CA ARG C 1372 -8.57 -53.68 22.43
C ARG C 1372 -8.87 -52.35 21.78
N LYS C 1373 -10.01 -51.77 22.16
CA LYS C 1373 -10.21 -50.33 22.10
C LYS C 1373 -9.61 -49.71 23.36
N SER C 1374 -9.80 -48.40 23.50
CA SER C 1374 -9.19 -47.54 24.53
C SER C 1374 -9.26 -48.07 25.96
N ILE C 1375 -10.42 -48.61 26.36
CA ILE C 1375 -10.53 -49.20 27.70
C ILE C 1375 -10.98 -50.65 27.58
N LYS C 1376 -12.03 -50.89 26.79
CA LYS C 1376 -12.70 -52.18 26.76
C LYS C 1376 -12.07 -53.07 25.70
N LYS C 1377 -12.71 -54.19 25.39
CA LYS C 1377 -12.21 -55.20 24.47
C LYS C 1377 -13.16 -55.33 23.28
N MET C 1378 -12.80 -56.22 22.36
CA MET C 1378 -13.56 -56.43 21.15
C MET C 1378 -14.35 -57.74 21.22
N LEU C 1379 -15.54 -57.73 20.60
CA LEU C 1379 -16.40 -58.89 20.49
C LEU C 1379 -16.74 -59.14 19.03
N GLU C 1380 -16.89 -60.41 18.67
CA GLU C 1380 -17.34 -60.83 17.36
C GLU C 1380 -18.58 -61.70 17.50
N VAL C 1381 -19.54 -61.50 16.60
CA VAL C 1381 -20.79 -62.25 16.62
C VAL C 1381 -21.07 -62.77 15.22
N LEU C 1382 -21.76 -63.91 15.15
CA LEU C 1382 -22.04 -64.60 13.89
C LEU C 1382 -23.41 -64.16 13.41
N VAL C 1383 -23.44 -63.42 12.30
CA VAL C 1383 -24.67 -62.86 11.76
C VAL C 1383 -24.85 -63.31 10.31
N VAL C 1384 -26.09 -63.24 9.85
CA VAL C 1384 -26.49 -63.80 8.57
C VAL C 1384 -27.24 -62.73 7.77
N LYS C 1385 -26.95 -62.65 6.48
CA LYS C 1385 -27.69 -61.81 5.55
C LYS C 1385 -28.44 -62.67 4.55
N LEU C 1386 -29.75 -62.52 4.52
CA LEU C 1386 -30.63 -63.13 3.55
C LEU C 1386 -30.61 -62.33 2.25
N PRO C 1387 -30.89 -62.96 1.10
CA PRO C 1387 -30.76 -62.24 -0.18
C PRO C 1387 -31.86 -61.21 -0.44
N LEU C 1388 -32.89 -61.13 0.38
CA LEU C 1388 -33.99 -60.21 0.15
C LEU C 1388 -34.36 -59.47 1.42
N SER C 1389 -33.36 -58.92 2.12
CA SER C 1389 -33.64 -58.17 3.34
C SER C 1389 -32.93 -56.82 3.33
N GLU C 1390 -31.76 -56.76 2.68
CA GLU C 1390 -30.85 -55.60 2.70
C GLU C 1390 -30.47 -55.19 4.11
N HIS C 1391 -30.39 -56.16 5.02
CA HIS C 1391 -30.14 -55.92 6.43
C HIS C 1391 -29.59 -57.18 7.05
N TRP C 1392 -28.40 -57.10 7.64
CA TRP C 1392 -27.87 -58.21 8.41
C TRP C 1392 -28.68 -58.40 9.67
N ALA C 1393 -28.90 -59.65 10.06
CA ALA C 1393 -29.78 -59.96 11.18
C ALA C 1393 -29.21 -61.11 11.99
N LEU C 1394 -29.65 -61.18 13.24
CA LEU C 1394 -29.30 -62.28 14.11
C LEU C 1394 -29.96 -63.58 13.60
N PRO C 1395 -29.35 -64.73 13.87
CA PRO C 1395 -29.95 -65.99 13.36
C PRO C 1395 -31.04 -66.54 14.28
N GLY C 1396 -32.15 -65.81 14.35
CA GLY C 1396 -33.29 -66.23 15.14
C GLY C 1396 -34.60 -66.14 14.41
N GLY C 1397 -35.45 -67.15 14.54
CA GLY C 1397 -36.70 -67.23 13.82
C GLY C 1397 -37.90 -67.28 14.75
N SER C 1398 -39.07 -67.45 14.12
CA SER C 1398 -40.31 -67.55 14.86
C SER C 1398 -40.37 -68.85 15.65
N ARG C 1399 -40.76 -68.74 16.92
CA ARG C 1399 -40.81 -69.89 17.82
C ARG C 1399 -42.24 -70.45 17.80
N GLU C 1400 -42.64 -70.95 16.63
CA GLU C 1400 -43.88 -71.72 16.55
C GLU C 1400 -43.66 -73.13 17.10
N PRO C 1401 -42.51 -73.79 16.88
CA PRO C 1401 -42.15 -74.86 17.81
C PRO C 1401 -41.24 -74.32 18.92
N GLY C 1402 -41.17 -75.08 20.01
CA GLY C 1402 -40.38 -74.67 21.15
C GLY C 1402 -38.89 -74.91 21.00
N GLU C 1403 -38.50 -76.18 20.90
CA GLU C 1403 -37.09 -76.55 20.80
C GLU C 1403 -36.64 -76.71 19.36
N MET C 1404 -37.56 -76.83 18.42
CA MET C 1404 -37.20 -76.89 17.01
C MET C 1404 -37.06 -75.49 16.39
N LEU C 1405 -37.36 -74.44 17.15
CA LEU C 1405 -37.11 -73.07 16.70
C LEU C 1405 -35.61 -72.75 16.58
N PRO C 1406 -34.72 -73.36 17.39
CA PRO C 1406 -33.31 -73.46 16.96
C PRO C 1406 -33.13 -74.04 15.56
N ARG C 1407 -33.80 -75.15 15.26
CA ARG C 1407 -33.72 -75.72 13.92
C ARG C 1407 -34.52 -74.92 12.91
N LYS C 1408 -35.63 -74.30 13.33
CA LYS C 1408 -36.46 -73.52 12.40
C LYS C 1408 -35.76 -72.22 12.00
N LEU C 1409 -34.96 -71.65 12.90
CA LEU C 1409 -34.13 -70.52 12.54
C LEU C 1409 -32.98 -70.93 11.62
N LYS C 1410 -32.54 -72.18 11.74
CA LYS C 1410 -31.31 -72.65 11.12
C LYS C 1410 -31.52 -73.81 10.16
N ARG C 1411 -32.74 -74.01 9.65
CA ARG C 1411 -32.98 -75.08 8.69
C ARG C 1411 -32.30 -74.79 7.36
N ILE C 1412 -32.47 -73.57 6.85
CA ILE C 1412 -31.78 -73.20 5.63
C ILE C 1412 -30.33 -72.85 5.90
N LEU C 1413 -29.98 -72.54 7.15
CA LEU C 1413 -28.66 -72.03 7.46
C LEU C 1413 -27.68 -73.10 7.94
N ARG C 1414 -27.93 -73.71 9.09
CA ARG C 1414 -26.88 -74.50 9.75
C ARG C 1414 -26.78 -75.92 9.24
N GLN C 1415 -27.80 -76.73 9.49
CA GLN C 1415 -27.74 -78.18 9.28
C GLN C 1415 -29.10 -78.83 9.48
N GLU C 1416 -29.14 -80.15 9.40
CA GLU C 1416 -30.30 -80.95 9.78
C GLU C 1416 -30.01 -81.88 10.95
N HIS C 1417 -28.96 -82.69 10.86
CA HIS C 1417 -28.59 -83.58 11.95
C HIS C 1417 -27.78 -82.85 13.00
N TRP C 1418 -26.70 -82.17 12.58
CA TRP C 1418 -25.84 -81.38 13.43
C TRP C 1418 -26.59 -80.20 14.05
N PRO C 1419 -27.69 -79.76 13.43
CA PRO C 1419 -28.53 -78.73 14.06
C PRO C 1419 -29.15 -79.16 15.37
N SER C 1420 -29.53 -80.43 15.51
CA SER C 1420 -30.00 -80.93 16.80
C SER C 1420 -28.87 -80.96 17.81
N PHE C 1421 -27.64 -81.22 17.35
CA PHE C 1421 -26.48 -81.21 18.24
C PHE C 1421 -26.18 -79.80 18.73
N GLU C 1422 -26.32 -78.79 17.86
CA GLU C 1422 -26.16 -77.41 18.31
C GLU C 1422 -27.33 -76.96 19.18
N ASN C 1423 -28.52 -77.53 18.95
CA ASN C 1423 -29.65 -77.26 19.83
C ASN C 1423 -29.45 -77.85 21.21
N LEU C 1424 -28.70 -78.95 21.30
CA LEU C 1424 -28.31 -79.47 22.61
C LEU C 1424 -27.35 -78.52 23.32
N LEU C 1425 -26.46 -77.87 22.57
CA LEU C 1425 -25.51 -76.92 23.14
C LEU C 1425 -26.09 -75.53 23.30
N LYS C 1426 -27.33 -75.29 22.88
CA LYS C 1426 -27.90 -73.95 22.93
C LYS C 1426 -28.38 -73.54 24.31
N CYS C 1427 -28.23 -74.39 25.32
CA CYS C 1427 -28.59 -74.03 26.69
C CYS C 1427 -27.44 -73.20 27.27
N GLY C 1428 -27.60 -71.87 27.23
CA GLY C 1428 -26.59 -70.98 27.74
C GLY C 1428 -27.12 -70.03 28.80
N MET C 1429 -26.73 -68.76 28.72
CA MET C 1429 -27.14 -67.73 29.66
C MET C 1429 -28.11 -66.77 29.01
N GLU C 1430 -29.09 -66.31 29.80
CA GLU C 1430 -30.14 -65.42 29.31
C GLU C 1430 -29.78 -63.97 29.59
N VAL C 1431 -30.26 -63.09 28.73
CA VAL C 1431 -30.03 -61.66 28.85
C VAL C 1431 -31.34 -60.90 29.04
N TYR C 1432 -32.24 -60.98 28.07
CA TYR C 1432 -33.47 -60.19 28.12
C TYR C 1432 -34.62 -60.99 27.54
N LYS C 1433 -35.73 -61.01 28.27
CA LYS C 1433 -36.97 -61.63 27.80
C LYS C 1433 -38.10 -60.62 27.92
N GLY C 1434 -39.02 -60.68 26.98
CA GLY C 1434 -40.21 -59.86 27.06
C GLY C 1434 -40.45 -59.07 25.80
N TYR C 1435 -41.02 -57.89 25.97
CA TYR C 1435 -41.52 -57.09 24.87
C TYR C 1435 -40.37 -56.51 24.05
N MET C 1436 -40.57 -56.47 22.74
CA MET C 1436 -39.57 -55.98 21.79
C MET C 1436 -40.25 -55.09 20.77
N ASP C 1437 -39.60 -53.97 20.44
CA ASP C 1437 -40.18 -53.03 19.50
C ASP C 1437 -40.12 -53.59 18.07
N ASP C 1438 -41.13 -53.27 17.27
CA ASP C 1438 -41.25 -53.81 15.92
C ASP C 1438 -42.20 -52.93 15.13
N PRO C 1439 -41.95 -52.74 13.83
CA PRO C 1439 -42.92 -52.01 13.01
C PRO C 1439 -44.18 -52.79 12.70
N ARG C 1440 -44.21 -54.10 12.94
CA ARG C 1440 -45.41 -54.90 12.70
C ARG C 1440 -46.25 -55.08 13.96
N ASN C 1441 -46.28 -54.09 14.83
CA ASN C 1441 -47.02 -54.18 16.09
C ASN C 1441 -48.29 -53.35 16.01
N THR C 1442 -49.41 -53.98 16.35
CA THR C 1442 -50.70 -53.31 16.46
C THR C 1442 -51.05 -53.13 17.93
N ASP C 1443 -52.27 -52.65 18.18
CA ASP C 1443 -52.78 -52.57 19.55
C ASP C 1443 -53.03 -53.93 20.17
N ASN C 1444 -53.23 -54.97 19.36
CA ASN C 1444 -53.59 -56.29 19.85
C ASN C 1444 -52.47 -57.31 19.72
N ALA C 1445 -51.62 -57.20 18.71
CA ALA C 1445 -50.54 -58.15 18.49
C ALA C 1445 -49.20 -57.45 18.69
N TRP C 1446 -48.33 -58.05 19.48
CA TRP C 1446 -46.98 -57.56 19.69
C TRP C 1446 -46.03 -58.74 19.76
N ILE C 1447 -44.74 -58.44 19.88
CA ILE C 1447 -43.69 -59.44 19.84
C ILE C 1447 -42.98 -59.48 21.19
N GLU C 1448 -42.94 -60.67 21.79
CA GLU C 1448 -42.11 -60.93 22.96
C GLU C 1448 -41.13 -62.04 22.60
N THR C 1449 -39.95 -61.97 23.21
CA THR C 1449 -38.80 -62.71 22.74
C THR C 1449 -37.99 -63.20 23.94
N VAL C 1450 -37.15 -64.20 23.70
CA VAL C 1450 -36.15 -64.69 24.64
C VAL C 1450 -34.78 -64.43 24.03
N ALA C 1451 -33.86 -63.90 24.82
CA ALA C 1451 -32.51 -63.58 24.36
C ALA C 1451 -31.51 -64.40 25.16
N VAL C 1452 -31.15 -65.56 24.64
CA VAL C 1452 -30.11 -66.40 25.24
C VAL C 1452 -28.78 -66.01 24.60
N SER C 1453 -27.70 -66.17 25.38
CA SER C 1453 -26.36 -65.74 24.94
C SER C 1453 -25.39 -66.89 25.15
N VAL C 1454 -25.10 -67.62 24.07
CA VAL C 1454 -24.06 -68.64 24.07
C VAL C 1454 -22.73 -67.93 23.79
N HIS C 1455 -21.69 -68.29 24.54
CA HIS C 1455 -20.42 -67.60 24.47
C HIS C 1455 -19.28 -68.58 24.27
N PHE C 1456 -18.25 -68.16 23.54
CA PHE C 1456 -16.99 -68.88 23.40
C PHE C 1456 -15.91 -68.08 24.10
N GLN C 1457 -15.31 -68.67 25.14
CA GLN C 1457 -14.24 -68.01 25.87
C GLN C 1457 -12.89 -68.19 25.17
N ASP C 1458 -12.46 -69.43 25.02
CA ASP C 1458 -11.20 -69.71 24.36
C ASP C 1458 -11.35 -69.66 22.84
N GLN C 1459 -10.39 -69.03 22.17
CA GLN C 1459 -10.40 -68.88 20.72
C GLN C 1459 -9.42 -69.82 20.03
N ASN C 1460 -9.33 -71.06 20.52
CA ASN C 1460 -8.39 -72.05 19.93
C ASN C 1460 -9.16 -73.28 19.43
N ASP C 1461 -8.83 -74.46 19.97
CA ASP C 1461 -9.52 -75.72 19.57
C ASP C 1461 -10.48 -76.13 20.69
N VAL C 1462 -11.76 -76.29 20.34
CA VAL C 1462 -12.86 -76.62 21.30
C VAL C 1462 -14.15 -76.85 20.50
N GLU C 1463 -15.28 -76.41 21.07
CA GLU C 1463 -16.63 -76.49 20.46
C GLU C 1463 -16.70 -75.66 19.16
N LEU C 1464 -15.94 -74.56 19.07
CA LEU C 1464 -15.99 -73.68 17.88
C LEU C 1464 -15.62 -74.47 16.62
N ASN C 1465 -14.60 -75.34 16.69
CA ASN C 1465 -14.29 -76.13 15.50
C ASN C 1465 -15.50 -76.95 15.06
N ARG C 1466 -16.36 -77.33 15.99
CA ARG C 1466 -17.59 -78.03 15.62
C ARG C 1466 -18.62 -77.08 15.04
N LEU C 1467 -18.67 -75.84 15.55
CA LEU C 1467 -19.60 -74.85 15.00
C LEU C 1467 -19.18 -74.42 13.61
N ASN C 1468 -17.88 -74.30 13.36
CA ASN C 1468 -17.40 -74.10 11.99
C ASN C 1468 -17.54 -75.35 11.14
N SER C 1469 -17.51 -76.53 11.78
CA SER C 1469 -17.68 -77.79 11.07
C SER C 1469 -19.15 -78.12 10.81
N ASN C 1470 -20.06 -77.43 11.48
CA ASN C 1470 -21.50 -77.56 11.22
C ASN C 1470 -21.98 -76.66 10.09
N LEU C 1471 -21.04 -76.14 9.29
CA LEU C 1471 -21.38 -75.20 8.22
C LEU C 1471 -21.94 -75.96 7.03
N HIS C 1472 -23.25 -75.84 6.82
CA HIS C 1472 -23.88 -76.17 5.55
C HIS C 1472 -24.60 -74.89 5.13
N ALA C 1473 -23.84 -73.80 5.16
CA ALA C 1473 -24.23 -72.40 5.24
C ALA C 1473 -25.45 -71.95 4.43
N CYS C 1474 -25.50 -72.30 3.15
CA CYS C 1474 -26.49 -71.71 2.27
C CYS C 1474 -27.35 -72.78 1.62
N ASP C 1475 -28.61 -72.86 2.04
CA ASP C 1475 -29.63 -73.59 1.32
C ASP C 1475 -30.60 -72.64 0.62
N SER C 1476 -31.10 -71.65 1.35
CA SER C 1476 -31.92 -70.58 0.79
C SER C 1476 -31.53 -69.24 1.40
N GLY C 1477 -30.24 -69.07 1.69
CA GLY C 1477 -29.73 -67.83 2.24
C GLY C 1477 -28.53 -67.34 1.44
N ALA C 1478 -28.26 -66.04 1.54
CA ALA C 1478 -27.19 -65.44 0.74
C ALA C 1478 -25.83 -65.63 1.40
N SER C 1479 -25.63 -65.05 2.58
CA SER C 1479 -24.31 -65.10 3.20
C SER C 1479 -24.47 -65.18 4.71
N ILE C 1480 -23.44 -65.69 5.37
CA ILE C 1480 -23.40 -65.80 6.81
C ILE C 1480 -21.95 -65.79 7.27
N ARG C 1481 -21.63 -64.93 8.25
CA ARG C 1481 -20.23 -64.71 8.60
C ARG C 1481 -20.15 -64.10 9.99
N TRP C 1482 -18.94 -64.10 10.53
CA TRP C 1482 -18.66 -63.38 11.76
C TRP C 1482 -18.52 -61.89 11.47
N GLN C 1483 -18.67 -61.08 12.52
CA GLN C 1483 -18.63 -59.64 12.38
C GLN C 1483 -18.20 -59.04 13.70
N VAL C 1484 -17.29 -58.06 13.64
CA VAL C 1484 -16.82 -57.33 14.86
C VAL C 1484 -17.93 -56.40 15.34
N VAL C 1485 -18.12 -56.29 16.67
CA VAL C 1485 -19.17 -55.41 17.26
C VAL C 1485 -18.78 -53.94 17.11
N ASP C 1486 -19.75 -53.07 16.79
CA ASP C 1486 -19.61 -51.60 16.98
C ASP C 1486 -20.99 -50.95 17.05
N ARG C 1487 -21.08 -49.72 17.56
CA ARG C 1487 -22.39 -49.02 17.64
C ARG C 1487 -22.91 -48.83 16.21
N ARG C 1488 -22.01 -48.44 15.30
CA ARG C 1488 -22.29 -48.32 13.88
C ARG C 1488 -22.31 -49.68 13.19
N ILE C 1489 -22.75 -50.71 13.88
CA ILE C 1489 -22.85 -52.05 13.30
C ILE C 1489 -24.03 -52.08 12.34
N PRO C 1490 -23.82 -52.41 11.05
CA PRO C 1490 -24.94 -52.46 10.12
C PRO C 1490 -25.82 -53.68 10.35
N LEU C 1491 -27.00 -53.47 10.92
CA LEU C 1491 -27.84 -54.57 11.38
C LEU C 1491 -29.29 -54.18 11.17
N TYR C 1492 -30.19 -55.08 11.55
CA TYR C 1492 -31.60 -54.76 11.71
C TYR C 1492 -31.77 -53.72 12.82
N ALA C 1493 -32.87 -52.97 12.73
CA ALA C 1493 -32.99 -51.73 13.50
C ALA C 1493 -33.15 -51.98 15.00
N ASN C 1494 -34.10 -52.83 15.36
CA ASN C 1494 -34.32 -53.10 16.78
C ASN C 1494 -33.31 -54.06 17.38
N HIS C 1495 -32.63 -54.86 16.55
CA HIS C 1495 -31.75 -55.91 17.06
C HIS C 1495 -30.52 -55.34 17.74
N LYS C 1496 -30.09 -54.15 17.34
CA LYS C 1496 -29.03 -53.43 18.04
C LYS C 1496 -29.39 -53.15 19.49
N THR C 1497 -30.67 -52.94 19.79
CA THR C 1497 -31.15 -52.80 21.16
C THR C 1497 -30.89 -54.06 21.98
N LEU C 1498 -30.85 -55.22 21.32
CA LEU C 1498 -30.42 -56.44 22.01
C LEU C 1498 -28.94 -56.39 22.31
N LEU C 1499 -28.12 -55.95 21.33
CA LEU C 1499 -26.67 -55.97 21.52
C LEU C 1499 -26.22 -54.93 22.53
N GLN C 1500 -26.95 -53.81 22.62
CA GLN C 1500 -26.69 -52.84 23.68
C GLN C 1500 -27.00 -53.41 25.06
N LYS C 1501 -27.88 -54.41 25.12
CA LYS C 1501 -28.07 -55.16 26.36
C LYS C 1501 -27.11 -56.34 26.47
N ALA C 1502 -26.52 -56.77 25.36
CA ALA C 1502 -25.62 -57.93 25.40
C ALA C 1502 -24.22 -57.56 25.83
N ALA C 1503 -23.68 -56.45 25.31
CA ALA C 1503 -22.31 -56.05 25.62
C ALA C 1503 -22.15 -55.56 27.05
N ALA C 1504 -23.25 -55.23 27.73
CA ALA C 1504 -23.19 -54.97 29.16
C ALA C 1504 -22.92 -56.23 29.96
N GLU C 1505 -23.24 -57.40 29.42
CA GLU C 1505 -23.03 -58.65 30.14
C GLU C 1505 -21.57 -59.12 30.11
N PHE C 1506 -20.72 -58.48 29.32
CA PHE C 1506 -19.32 -58.86 29.22
C PHE C 1506 -18.34 -57.71 29.36
N GLY C 1507 -18.78 -56.48 29.16
CA GLY C 1507 -17.91 -55.33 29.34
C GLY C 1507 -17.22 -54.81 28.10
N ALA C 1508 -17.85 -54.91 26.93
CA ALA C 1508 -17.25 -54.43 25.70
C ALA C 1508 -17.45 -52.93 25.56
N HIS C 1509 -17.02 -52.38 24.44
CA HIS C 1509 -17.15 -50.96 24.18
C HIS C 1509 -18.36 -50.68 23.29
N TYR C 1510 -18.66 -49.40 23.14
CA TYR C 1510 -19.82 -49.00 22.34
C TYR C 1510 -19.66 -47.58 21.81
N GLN D 63 -28.16 45.13 -17.00
CA GLN D 63 -28.41 45.61 -15.64
C GLN D 63 -29.29 46.84 -15.64
N GLU D 64 -29.15 47.66 -16.69
CA GLU D 64 -29.98 48.86 -16.81
C GLU D 64 -31.43 48.51 -17.13
N SER D 65 -31.64 47.40 -17.85
CA SER D 65 -33.01 46.96 -18.12
C SER D 65 -33.69 46.48 -16.86
N LEU D 66 -32.96 45.75 -16.01
CA LEU D 66 -33.42 45.41 -14.67
C LEU D 66 -33.72 46.66 -13.85
N SER D 67 -32.85 47.67 -13.98
CA SER D 67 -32.98 48.90 -13.21
C SER D 67 -34.21 49.68 -13.63
N SER D 68 -34.58 49.60 -14.92
CA SER D 68 -35.84 50.14 -15.36
C SER D 68 -37.01 49.28 -14.91
N TRP D 69 -36.85 47.95 -14.97
CA TRP D 69 -37.97 47.04 -14.79
C TRP D 69 -38.49 47.01 -13.36
N ILE D 70 -37.59 47.13 -12.38
CA ILE D 70 -37.98 46.90 -10.99
C ILE D 70 -38.95 47.95 -10.43
N PRO D 71 -38.73 49.27 -10.55
CA PRO D 71 -39.73 50.19 -9.97
C PRO D 71 -41.02 50.27 -10.75
N GLU D 72 -41.07 49.77 -11.99
CA GLU D 72 -42.31 49.79 -12.74
C GLU D 72 -43.26 48.69 -12.28
N ASN D 73 -42.71 47.59 -11.77
CA ASN D 73 -43.53 46.43 -11.45
C ASN D 73 -43.78 46.26 -9.96
N ILE D 74 -42.81 46.57 -9.12
CA ILE D 74 -42.90 46.28 -7.70
C ILE D 74 -43.38 47.52 -6.95
N LYS D 75 -44.23 47.31 -5.95
CA LYS D 75 -44.80 48.39 -5.15
C LYS D 75 -44.32 48.23 -3.71
N LYS D 76 -44.37 49.32 -2.95
CA LYS D 76 -44.05 49.30 -1.53
C LYS D 76 -45.14 50.07 -0.77
N LYS D 77 -45.25 49.80 0.52
CA LYS D 77 -46.22 50.50 1.35
C LYS D 77 -45.55 51.68 2.07
N GLU D 78 -46.33 52.72 2.32
CA GLU D 78 -45.89 53.82 3.17
C GLU D 78 -47.09 54.51 3.78
N CYS D 79 -46.89 55.05 4.98
CA CYS D 79 -47.98 55.73 5.69
C CYS D 79 -48.05 57.18 5.25
N VAL D 80 -49.27 57.74 5.32
CA VAL D 80 -49.51 59.12 4.92
C VAL D 80 -50.17 59.94 6.02
N TYR D 81 -50.60 59.30 7.10
CA TYR D 81 -51.39 59.97 8.13
C TYR D 81 -50.72 59.83 9.48
N PHE D 82 -50.60 60.94 10.20
CA PHE D 82 -49.87 61.00 11.46
C PHE D 82 -50.84 61.07 12.63
N VAL D 83 -50.96 59.97 13.37
CA VAL D 83 -51.73 59.92 14.59
C VAL D 83 -50.81 59.50 15.72
N GLU D 84 -50.59 60.38 16.69
CA GLU D 84 -49.60 60.15 17.74
C GLU D 84 -50.02 59.02 18.66
N SER D 85 -49.01 58.28 19.14
CA SER D 85 -49.24 57.07 19.92
C SER D 85 -49.20 57.40 21.40
N SER D 86 -50.00 56.65 22.18
CA SER D 86 -50.06 56.82 23.62
C SER D 86 -48.74 56.44 24.30
N LYS D 87 -48.25 55.24 24.01
CA LYS D 87 -47.05 54.72 24.64
C LYS D 87 -45.82 55.21 23.89
N LEU D 88 -45.06 56.10 24.53
CA LEU D 88 -43.84 56.62 23.92
C LEU D 88 -42.75 55.57 23.91
N SER D 89 -42.03 55.49 22.79
CA SER D 89 -40.97 54.50 22.64
C SER D 89 -39.72 54.93 23.39
N ASP D 90 -38.80 53.98 23.58
CA ASP D 90 -37.56 54.23 24.30
C ASP D 90 -36.64 55.13 23.48
N ALA D 91 -36.50 56.38 23.96
CA ALA D 91 -35.70 57.49 23.41
C ALA D 91 -36.22 58.02 22.07
N GLY D 92 -37.26 57.39 21.53
CA GLY D 92 -37.93 57.90 20.35
C GLY D 92 -39.38 58.21 20.61
N LYS D 93 -39.65 58.99 21.66
CA LYS D 93 -40.98 59.30 22.25
C LYS D 93 -41.96 59.76 21.17
N VAL D 94 -41.54 60.57 20.19
CA VAL D 94 -42.43 60.95 19.11
C VAL D 94 -42.58 59.78 18.14
N VAL D 95 -43.76 59.17 18.13
CA VAL D 95 -44.08 58.07 17.23
C VAL D 95 -45.53 58.20 16.79
N CYS D 96 -45.73 58.42 15.49
CA CYS D 96 -47.07 58.69 14.94
C CYS D 96 -47.67 57.39 14.41
N GLN D 97 -47.76 56.41 15.34
CA GLN D 97 -48.38 55.08 15.22
C GLN D 97 -47.58 54.14 14.31
N CYS D 98 -46.57 54.67 13.62
CA CYS D 98 -45.49 53.87 13.08
C CYS D 98 -44.16 54.50 13.46
N GLY D 99 -44.08 55.83 13.36
CA GLY D 99 -42.94 56.59 13.84
C GLY D 99 -41.65 56.32 13.09
N TYR D 100 -41.67 56.45 11.76
CA TYR D 100 -40.59 55.88 10.97
C TYR D 100 -39.31 56.70 11.08
N THR D 101 -39.30 57.91 10.50
CA THR D 101 -38.30 58.91 10.89
C THR D 101 -38.86 60.30 10.60
N HIS D 102 -39.64 60.81 11.56
CA HIS D 102 -40.08 62.20 11.70
C HIS D 102 -40.93 62.31 12.95
N GLU D 103 -41.43 63.51 13.23
CA GLU D 103 -42.53 63.65 14.17
C GLU D 103 -43.80 63.06 13.58
N GLN D 104 -43.93 63.07 12.26
CA GLN D 104 -45.09 62.56 11.55
C GLN D 104 -44.70 61.35 10.71
N HIS D 105 -45.41 60.23 10.90
CA HIS D 105 -45.11 59.01 10.17
C HIS D 105 -45.62 59.13 8.73
N LEU D 106 -44.91 59.94 7.95
CA LEU D 106 -45.35 60.31 6.62
C LEU D 106 -44.17 60.86 5.81
N GLU D 107 -44.33 60.78 4.48
CA GLU D 107 -43.42 61.42 3.54
C GLU D 107 -44.28 62.32 2.65
N GLU D 108 -45.29 62.94 3.26
CA GLU D 108 -46.25 63.75 2.53
C GLU D 108 -46.39 65.08 3.22
N ALA D 109 -47.23 65.94 2.66
CA ALA D 109 -47.50 67.23 3.26
C ALA D 109 -48.29 67.06 4.55
N THR D 110 -47.99 67.90 5.54
CA THR D 110 -48.77 67.91 6.76
C THR D 110 -50.14 68.54 6.50
N LYS D 111 -51.15 67.69 6.38
CA LYS D 111 -52.49 68.10 6.00
C LYS D 111 -53.49 67.59 7.02
N PRO D 112 -54.56 68.35 7.27
CA PRO D 112 -55.61 67.84 8.17
C PRO D 112 -56.37 66.65 7.60
N HIS D 113 -56.38 66.50 6.26
CA HIS D 113 -57.00 65.37 5.54
C HIS D 113 -58.50 65.26 5.83
N THR D 114 -59.14 66.44 6.04
CA THR D 114 -60.60 66.63 6.09
C THR D 114 -61.26 65.99 7.32
N PHE D 115 -60.47 65.28 8.14
CA PHE D 115 -60.92 64.56 9.33
C PHE D 115 -59.70 64.07 10.08
N GLN D 116 -59.85 63.85 11.38
CA GLN D 116 -58.79 63.24 12.19
C GLN D 116 -59.26 61.85 12.60
N GLY D 117 -59.05 60.88 11.71
CA GLY D 117 -59.51 59.53 11.97
C GLY D 117 -58.65 58.86 13.02
N THR D 118 -59.20 58.74 14.23
CA THR D 118 -58.53 58.02 15.30
C THR D 118 -58.61 56.52 15.05
N GLN D 119 -57.67 55.77 15.66
CA GLN D 119 -57.49 54.33 15.48
C GLN D 119 -57.28 54.01 14.01
N TRP D 120 -56.15 54.46 13.46
CA TRP D 120 -55.89 54.40 12.02
C TRP D 120 -55.85 52.96 11.54
N ASP D 121 -56.82 52.61 10.70
CA ASP D 121 -56.95 51.29 10.11
C ASP D 121 -55.79 51.07 9.14
N PRO D 122 -55.06 49.96 9.25
CA PRO D 122 -53.75 49.82 8.57
C PRO D 122 -53.80 49.88 7.06
N LYS D 123 -54.67 49.08 6.44
CA LYS D 123 -54.78 49.10 4.99
C LYS D 123 -55.54 50.33 4.51
N LYS D 124 -56.34 50.94 5.39
CA LYS D 124 -57.07 52.15 5.01
C LYS D 124 -56.19 53.38 5.14
N HIS D 125 -55.10 53.29 5.91
CA HIS D 125 -54.23 54.44 6.09
C HIS D 125 -53.10 54.45 5.07
N VAL D 126 -52.36 53.35 4.96
CA VAL D 126 -51.14 53.36 4.16
C VAL D 126 -51.49 53.20 2.68
N GLN D 127 -50.55 53.59 1.82
CA GLN D 127 -50.74 53.57 0.38
C GLN D 127 -49.50 52.99 -0.29
N GLU D 128 -49.68 52.43 -1.48
CA GLU D 128 -48.57 51.87 -2.23
C GLU D 128 -47.94 52.92 -3.15
N MET D 129 -46.65 52.76 -3.39
CA MET D 129 -45.83 53.68 -4.16
C MET D 129 -44.76 52.87 -4.86
N PRO D 130 -44.03 53.46 -5.83
CA PRO D 130 -42.86 52.76 -6.36
C PRO D 130 -41.76 52.62 -5.31
N THR D 131 -40.97 51.56 -5.47
CA THR D 131 -40.00 51.15 -4.46
C THR D 131 -38.60 51.59 -4.88
N ASP D 132 -37.80 52.01 -3.90
CA ASP D 132 -36.51 52.63 -4.16
C ASP D 132 -35.33 51.81 -3.64
N ALA D 133 -35.57 50.81 -2.82
CA ALA D 133 -34.47 50.22 -2.04
C ALA D 133 -33.77 49.09 -2.79
N PHE D 134 -34.17 48.82 -4.02
CA PHE D 134 -33.65 47.67 -4.77
C PHE D 134 -32.18 47.85 -5.13
N GLY D 135 -31.48 46.73 -5.31
CA GLY D 135 -30.15 46.81 -5.86
C GLY D 135 -29.27 45.64 -5.47
N ASP D 136 -27.98 45.94 -5.34
CA ASP D 136 -26.99 44.98 -4.91
C ASP D 136 -26.30 45.54 -3.67
N ILE D 137 -25.80 44.65 -2.82
CA ILE D 137 -25.28 45.00 -1.51
C ILE D 137 -23.93 44.31 -1.33
N VAL D 138 -23.10 44.87 -0.46
CA VAL D 138 -21.83 44.27 -0.05
C VAL D 138 -21.66 44.54 1.44
N PHE D 139 -21.04 43.60 2.15
CA PHE D 139 -20.75 43.80 3.54
C PHE D 139 -19.36 44.40 3.71
N THR D 140 -19.27 45.44 4.53
CA THR D 140 -18.09 46.28 4.61
C THR D 140 -17.01 45.57 5.42
N GLY D 141 -16.10 44.88 4.72
CA GLY D 141 -14.92 44.31 5.33
C GLY D 141 -15.02 42.85 5.72
N LEU D 142 -16.12 42.17 5.42
CA LEU D 142 -16.25 40.75 5.74
C LEU D 142 -16.04 39.86 4.54
N SER D 143 -16.56 40.24 3.38
CA SER D 143 -16.38 39.45 2.16
C SER D 143 -16.38 40.41 0.98
N GLN D 144 -15.94 39.89 -0.17
CA GLN D 144 -15.84 40.70 -1.36
C GLN D 144 -16.86 40.33 -2.43
N LYS D 145 -17.68 39.31 -2.18
CA LYS D 145 -18.74 38.98 -3.12
C LYS D 145 -19.89 39.98 -3.02
N VAL D 146 -20.79 39.92 -3.99
CA VAL D 146 -21.94 40.82 -4.06
C VAL D 146 -23.20 40.01 -3.80
N LYS D 147 -24.18 40.65 -3.17
CA LYS D 147 -25.44 39.98 -2.85
C LYS D 147 -26.61 40.81 -3.34
N LYS D 148 -27.47 40.23 -4.16
CA LYS D 148 -28.63 40.97 -4.65
C LYS D 148 -29.65 41.12 -3.54
N TYR D 149 -30.42 42.22 -3.59
CA TYR D 149 -31.44 42.44 -2.59
C TYR D 149 -32.49 43.40 -3.13
N VAL D 150 -33.69 43.31 -2.58
CA VAL D 150 -34.84 44.03 -3.11
C VAL D 150 -35.83 44.24 -1.98
N ARG D 151 -36.68 45.24 -2.13
CA ARG D 151 -37.72 45.56 -1.16
C ARG D 151 -39.07 45.41 -1.84
N VAL D 152 -39.96 44.64 -1.23
CA VAL D 152 -41.28 44.39 -1.77
C VAL D 152 -42.33 44.82 -0.75
N SER D 153 -43.58 44.90 -1.20
CA SER D 153 -44.66 45.22 -0.28
C SER D 153 -45.12 43.97 0.47
N GLN D 154 -46.08 44.18 1.35
CA GLN D 154 -46.62 43.06 2.13
C GLN D 154 -47.45 42.13 1.26
N ASP D 155 -48.21 42.68 0.33
CA ASP D 155 -49.07 41.89 -0.55
C ASP D 155 -48.71 42.15 -2.01
N THR D 156 -48.01 41.21 -2.62
CA THR D 156 -47.72 41.18 -4.04
C THR D 156 -48.11 39.80 -4.56
N PRO D 157 -48.49 39.69 -5.83
CA PRO D 157 -48.64 38.37 -6.43
C PRO D 157 -47.30 37.67 -6.54
N SER D 158 -47.30 36.38 -6.18
CA SER D 158 -46.05 35.64 -6.09
C SER D 158 -45.45 35.35 -7.46
N SER D 159 -46.26 35.44 -8.51
CA SER D 159 -45.75 35.26 -9.87
C SER D 159 -44.80 36.39 -10.24
N VAL D 160 -45.02 37.59 -9.71
CA VAL D 160 -44.12 38.70 -9.96
C VAL D 160 -42.76 38.45 -9.31
N ILE D 161 -42.77 37.93 -8.08
CA ILE D 161 -41.53 37.65 -7.37
C ILE D 161 -40.77 36.51 -8.04
N TYR D 162 -41.50 35.49 -8.50
CA TYR D 162 -40.87 34.37 -9.19
C TYR D 162 -40.31 34.80 -10.53
N HIS D 163 -41.00 35.70 -11.23
CA HIS D 163 -40.49 36.23 -12.50
C HIS D 163 -39.23 37.06 -12.27
N LEU D 164 -39.20 37.82 -11.18
CA LEU D 164 -38.02 38.60 -10.83
C LEU D 164 -36.84 37.70 -10.47
N MET D 165 -37.11 36.59 -9.79
CA MET D 165 -36.03 35.70 -9.38
C MET D 165 -35.47 34.92 -10.55
N THR D 166 -36.34 34.42 -11.44
CA THR D 166 -35.85 33.57 -12.51
C THR D 166 -35.33 34.38 -13.68
N GLN D 167 -36.02 35.47 -14.05
CA GLN D 167 -35.67 36.17 -15.28
C GLN D 167 -34.48 37.10 -15.06
N HIS D 168 -34.64 38.09 -14.18
CA HIS D 168 -33.69 39.20 -14.10
C HIS D 168 -32.54 38.94 -13.15
N TRP D 169 -32.77 38.23 -12.05
CA TRP D 169 -31.68 37.94 -11.13
C TRP D 169 -30.79 36.83 -11.67
N GLY D 170 -31.32 36.01 -12.57
CA GLY D 170 -30.50 35.00 -13.23
C GLY D 170 -30.44 33.68 -12.49
N LEU D 171 -31.60 33.11 -12.18
CA LEU D 171 -31.69 31.85 -11.45
C LEU D 171 -32.49 30.85 -12.27
N ASP D 172 -31.98 29.64 -12.38
CA ASP D 172 -32.74 28.59 -13.05
C ASP D 172 -33.77 27.99 -12.10
N VAL D 173 -34.62 27.12 -12.65
CA VAL D 173 -35.70 26.54 -11.86
C VAL D 173 -35.13 25.50 -10.92
N PRO D 174 -35.45 25.53 -9.63
CA PRO D 174 -34.85 24.57 -8.69
C PRO D 174 -35.48 23.20 -8.76
N ASN D 175 -34.71 22.16 -8.46
CA ASN D 175 -35.24 20.81 -8.45
C ASN D 175 -35.87 20.49 -7.10
N LEU D 176 -35.54 21.24 -6.07
CA LEU D 176 -36.01 20.98 -4.71
C LEU D 176 -36.04 22.30 -3.94
N LEU D 177 -36.99 22.41 -3.03
CA LEU D 177 -37.16 23.62 -2.23
C LEU D 177 -37.13 23.26 -0.75
N ILE D 178 -36.03 23.60 -0.09
CA ILE D 178 -35.83 23.32 1.33
C ILE D 178 -36.10 24.60 2.11
N SER D 179 -36.97 24.51 3.11
CA SER D 179 -37.42 25.67 3.88
C SER D 179 -37.07 25.44 5.33
N VAL D 180 -35.90 25.93 5.76
CA VAL D 180 -35.47 25.70 7.13
C VAL D 180 -36.10 26.74 8.05
N THR D 181 -36.58 26.28 9.21
CA THR D 181 -37.16 27.13 10.23
C THR D 181 -36.70 26.63 11.60
N GLY D 182 -36.56 27.54 12.55
CA GLY D 182 -36.06 27.18 13.87
C GLY D 182 -36.25 28.30 14.87
N GLY D 183 -35.50 28.20 15.96
CA GLY D 183 -35.59 29.22 16.99
C GLY D 183 -34.86 30.49 16.61
N ALA D 184 -35.53 31.62 16.79
CA ALA D 184 -34.87 32.91 16.54
C ALA D 184 -33.94 33.27 17.68
N LYS D 185 -34.30 32.88 18.91
CA LYS D 185 -33.42 33.10 20.05
C LYS D 185 -32.18 32.22 19.91
N ASN D 186 -31.03 32.78 20.29
CA ASN D 186 -29.77 32.07 20.13
C ASN D 186 -29.68 30.90 21.10
N PHE D 187 -28.90 29.90 20.71
CA PHE D 187 -28.74 28.67 21.48
C PHE D 187 -27.48 27.97 21.03
N ASN D 188 -27.15 26.88 21.73
CA ASN D 188 -25.96 26.10 21.45
C ASN D 188 -26.34 24.63 21.34
N MET D 189 -25.45 23.82 20.76
CA MET D 189 -25.75 22.45 20.44
C MET D 189 -24.49 21.59 20.51
N LYS D 190 -24.70 20.28 20.49
CA LYS D 190 -23.61 19.33 20.60
C LYS D 190 -22.75 19.38 19.33
N PRO D 191 -21.43 19.16 19.45
CA PRO D 191 -20.55 19.38 18.28
C PRO D 191 -20.68 18.34 17.19
N ARG D 192 -20.84 17.06 17.55
CA ARG D 192 -20.94 16.01 16.54
C ARG D 192 -22.23 16.14 15.73
N LEU D 193 -23.34 16.44 16.40
CA LEU D 193 -24.60 16.66 15.70
C LEU D 193 -24.53 17.93 14.85
N LYS D 194 -23.77 18.93 15.31
CA LYS D 194 -23.56 20.14 14.52
C LYS D 194 -22.80 19.85 13.23
N SER D 195 -21.74 19.04 13.33
CA SER D 195 -20.96 18.70 12.15
C SER D 195 -21.76 17.85 11.17
N ILE D 196 -22.53 16.89 11.70
CA ILE D 196 -23.37 16.04 10.85
C ILE D 196 -24.44 16.87 10.16
N PHE D 197 -25.04 17.82 10.89
CA PHE D 197 -26.09 18.67 10.32
C PHE D 197 -25.55 19.57 9.21
N ARG D 198 -24.40 20.22 9.46
CA ARG D 198 -23.79 21.08 8.45
C ARG D 198 -23.39 20.30 7.21
N ARG D 199 -22.70 19.18 7.39
CA ARG D 199 -22.24 18.38 6.27
C ARG D 199 -23.39 17.81 5.47
N GLY D 200 -24.44 17.36 6.14
CA GLY D 200 -25.58 16.77 5.44
C GLY D 200 -26.38 17.80 4.65
N LEU D 201 -26.65 18.96 5.25
CA LEU D 201 -27.41 20.00 4.57
C LEU D 201 -26.65 20.55 3.37
N VAL D 202 -25.35 20.80 3.54
CA VAL D 202 -24.50 21.27 2.45
C VAL D 202 -24.42 20.23 1.34
N LYS D 203 -24.35 18.95 1.72
CA LYS D 203 -24.26 17.87 0.75
C LYS D 203 -25.53 17.76 -0.10
N VAL D 204 -26.71 17.78 0.53
CA VAL D 204 -27.96 17.61 -0.23
C VAL D 204 -28.22 18.83 -1.11
N ALA D 205 -27.95 20.03 -0.59
CA ALA D 205 -28.21 21.22 -1.38
C ALA D 205 -27.19 21.38 -2.50
N GLN D 206 -26.01 20.76 -2.35
CA GLN D 206 -25.04 20.80 -3.43
C GLN D 206 -25.39 19.80 -4.51
N THR D 207 -25.69 18.54 -4.14
CA THR D 207 -25.85 17.51 -5.16
C THR D 207 -27.21 17.62 -5.85
N THR D 208 -28.16 18.33 -5.25
CA THR D 208 -29.47 18.46 -5.87
C THR D 208 -29.59 19.73 -6.71
N GLY D 209 -28.95 20.82 -6.30
CA GLY D 209 -29.23 22.09 -6.93
C GLY D 209 -30.53 22.67 -6.42
N ALA D 210 -30.62 22.89 -5.11
CA ALA D 210 -31.87 23.23 -4.45
C ALA D 210 -31.78 24.62 -3.85
N TRP D 211 -32.92 25.31 -3.80
CA TRP D 211 -32.98 26.59 -3.12
C TRP D 211 -33.12 26.37 -1.63
N ILE D 212 -32.49 27.23 -0.84
CA ILE D 212 -32.64 27.22 0.62
C ILE D 212 -33.26 28.55 1.01
N ILE D 213 -34.48 28.50 1.54
CA ILE D 213 -35.21 29.70 1.90
C ILE D 213 -35.32 29.74 3.43
N THR D 214 -35.02 30.90 4.01
CA THR D 214 -34.98 31.05 5.45
C THR D 214 -35.23 32.49 5.82
N GLY D 215 -35.25 32.76 7.12
CA GLY D 215 -35.28 34.14 7.57
C GLY D 215 -33.93 34.80 7.36
N GLY D 216 -33.95 36.07 6.98
CA GLY D 216 -32.71 36.79 6.74
C GLY D 216 -32.23 37.56 7.94
N SER D 217 -31.94 36.87 9.04
CA SER D 217 -31.51 37.51 10.28
C SER D 217 -30.22 36.87 10.74
N HIS D 218 -29.49 37.57 11.62
CA HIS D 218 -28.18 37.08 12.06
C HIS D 218 -28.31 36.14 13.24
N THR D 219 -29.47 36.08 13.88
CA THR D 219 -29.59 35.29 15.09
C THR D 219 -30.17 33.90 14.81
N GLY D 220 -29.89 32.98 15.72
CA GLY D 220 -30.62 31.72 15.75
C GLY D 220 -30.16 30.72 14.71
N VAL D 221 -31.14 29.97 14.18
CA VAL D 221 -30.87 28.86 13.26
C VAL D 221 -30.32 29.38 11.94
N MET D 222 -30.75 30.58 11.54
CA MET D 222 -30.27 31.23 10.33
C MET D 222 -28.77 31.47 10.38
N LYS D 223 -28.23 31.74 11.57
CA LYS D 223 -26.78 31.84 11.73
C LYS D 223 -26.11 30.50 11.47
N GLN D 224 -26.71 29.40 11.92
CA GLN D 224 -26.08 28.09 11.72
C GLN D 224 -26.11 27.67 10.25
N VAL D 225 -27.20 27.98 9.55
CA VAL D 225 -27.26 27.73 8.11
C VAL D 225 -26.24 28.60 7.38
N GLY D 226 -26.06 29.84 7.85
CA GLY D 226 -25.03 30.70 7.29
C GLY D 226 -23.62 30.16 7.51
N GLU D 227 -23.37 29.55 8.68
CA GLU D 227 -22.06 28.99 8.93
C GLU D 227 -21.82 27.73 8.10
N ALA D 228 -22.87 26.97 7.82
CA ALA D 228 -22.72 25.82 6.93
C ALA D 228 -22.39 26.25 5.51
N VAL D 229 -23.09 27.30 5.03
CA VAL D 229 -22.79 27.85 3.70
C VAL D 229 -21.38 28.43 3.67
N ARG D 230 -20.95 29.04 4.78
CA ARG D 230 -19.61 29.59 4.86
C ARG D 230 -18.55 28.48 4.89
N ASP D 231 -18.90 27.33 5.46
CA ASP D 231 -18.00 26.18 5.41
C ASP D 231 -17.85 25.64 4.00
N PHE D 232 -18.95 25.60 3.24
CA PHE D 232 -18.85 25.16 1.85
C PHE D 232 -18.08 26.17 1.00
N SER D 233 -18.22 27.46 1.28
CA SER D 233 -17.44 28.45 0.54
C SER D 233 -15.98 28.43 0.98
N LEU D 234 -15.71 27.93 2.18
CA LEU D 234 -14.34 27.68 2.58
C LEU D 234 -13.78 26.48 1.82
N SER D 235 -14.62 25.47 1.56
CA SER D 235 -14.17 24.35 0.74
C SER D 235 -14.03 24.74 -0.72
N SER D 236 -15.15 25.14 -1.35
CA SER D 236 -15.19 25.88 -2.62
C SER D 236 -14.67 25.00 -3.76
N SER D 237 -14.80 23.67 -3.70
CA SER D 237 -14.29 22.74 -4.71
C SER D 237 -14.80 23.06 -6.12
N TYR D 238 -16.12 23.08 -6.30
CA TYR D 238 -16.70 23.38 -7.61
C TYR D 238 -18.13 23.86 -7.48
N LYS D 239 -18.56 24.69 -8.44
CA LYS D 239 -19.92 25.23 -8.52
C LYS D 239 -20.32 25.99 -7.26
N GLU D 240 -19.70 27.15 -7.05
CA GLU D 240 -20.06 27.99 -5.91
C GLU D 240 -21.44 28.60 -6.08
N GLY D 241 -21.88 28.74 -7.34
CA GLY D 241 -23.22 29.27 -7.59
C GLY D 241 -24.32 28.24 -7.40
N GLU D 242 -23.93 27.00 -7.05
CA GLU D 242 -24.93 25.98 -6.76
C GLU D 242 -25.66 26.27 -5.45
N LEU D 243 -24.92 26.64 -4.41
CA LEU D 243 -25.54 26.96 -3.12
C LEU D 243 -26.01 28.41 -3.12
N ILE D 244 -27.24 28.59 -3.56
CA ILE D 244 -27.88 29.88 -3.37
C ILE D 244 -28.86 29.78 -2.22
N THR D 245 -28.88 30.83 -1.40
CA THR D 245 -29.76 30.91 -0.24
C THR D 245 -30.40 32.28 -0.24
N ILE D 246 -31.72 32.30 -0.13
CA ILE D 246 -32.47 33.54 -0.08
C ILE D 246 -32.92 33.74 1.37
N GLY D 247 -33.09 34.99 1.76
CA GLY D 247 -33.57 35.29 3.09
C GLY D 247 -34.68 36.31 3.04
N VAL D 248 -35.79 36.03 3.70
CA VAL D 248 -36.98 36.88 3.65
C VAL D 248 -37.16 37.53 5.02
N ALA D 249 -37.07 38.85 5.07
CA ALA D 249 -37.07 39.56 6.35
C ALA D 249 -37.93 40.81 6.26
N THR D 250 -38.31 41.32 7.43
CA THR D 250 -39.12 42.53 7.50
C THR D 250 -38.26 43.76 7.23
N TRP D 251 -38.84 44.74 6.54
CA TRP D 251 -38.10 45.96 6.21
C TRP D 251 -37.90 46.83 7.43
N GLY D 252 -38.79 46.72 8.42
CA GLY D 252 -38.70 47.59 9.58
C GLY D 252 -37.54 47.23 10.50
N THR D 253 -37.30 45.95 10.71
CA THR D 253 -36.34 45.51 11.72
C THR D 253 -34.98 45.25 11.05
N VAL D 254 -34.44 46.30 10.45
CA VAL D 254 -33.10 46.30 9.89
C VAL D 254 -32.37 47.52 10.45
N HIS D 255 -31.18 47.27 11.00
CA HIS D 255 -30.52 48.26 11.87
C HIS D 255 -30.05 49.47 11.08
N ARG D 256 -29.40 49.26 9.94
CA ARG D 256 -28.74 50.33 9.20
C ARG D 256 -29.44 50.46 7.84
N ARG D 257 -30.77 50.46 7.87
CA ARG D 257 -31.53 50.44 6.63
C ARG D 257 -31.56 51.81 5.96
N GLU D 258 -31.14 52.85 6.67
CA GLU D 258 -31.18 54.19 6.10
C GLU D 258 -30.12 54.37 5.02
N GLY D 259 -29.02 53.62 5.12
CA GLY D 259 -28.00 53.68 4.08
C GLY D 259 -28.41 52.98 2.80
N LEU D 260 -29.40 52.09 2.91
CA LEU D 260 -29.82 51.31 1.74
C LEU D 260 -30.74 52.11 0.82
N ILE D 261 -31.48 53.06 1.39
CA ILE D 261 -32.50 53.79 0.64
C ILE D 261 -31.83 54.78 -0.31
N HIS D 262 -31.88 54.48 -1.60
CA HIS D 262 -31.41 55.38 -2.63
C HIS D 262 -32.17 55.05 -3.92
N PRO D 263 -33.03 55.94 -4.41
CA PRO D 263 -33.83 55.64 -5.59
C PRO D 263 -33.01 55.55 -6.86
N THR D 264 -33.63 54.98 -7.89
CA THR D 264 -33.07 54.73 -9.22
C THR D 264 -31.83 53.83 -9.19
N GLY D 265 -31.62 53.06 -8.13
CA GLY D 265 -30.55 52.09 -8.14
C GLY D 265 -29.39 52.38 -7.23
N SER D 266 -29.24 51.60 -6.17
CA SER D 266 -28.11 51.77 -5.25
C SER D 266 -27.04 50.72 -5.48
N PHE D 267 -26.68 50.47 -6.76
CA PHE D 267 -25.99 49.29 -7.30
C PHE D 267 -24.76 48.83 -6.49
N PRO D 268 -23.72 49.65 -6.16
CA PRO D 268 -22.92 49.26 -5.00
C PRO D 268 -23.47 49.88 -3.73
N ALA D 269 -23.94 49.07 -2.78
CA ALA D 269 -24.43 49.58 -1.52
C ALA D 269 -23.61 48.98 -0.39
N GLU D 270 -22.79 49.81 0.25
CA GLU D 270 -22.02 49.35 1.39
C GLU D 270 -22.90 49.27 2.62
N TYR D 271 -22.91 48.11 3.25
CA TYR D 271 -23.69 47.87 4.46
C TYR D 271 -22.75 47.47 5.58
N ILE D 272 -22.70 48.30 6.62
CA ILE D 272 -21.93 48.00 7.83
C ILE D 272 -22.86 47.26 8.77
N LEU D 273 -22.29 46.46 9.66
CA LEU D 273 -23.07 45.80 10.69
C LEU D 273 -22.31 45.88 12.00
N ASP D 274 -23.05 45.93 13.10
CA ASP D 274 -22.47 45.89 14.44
C ASP D 274 -23.37 45.04 15.32
N GLU D 275 -22.91 43.85 15.65
CA GLU D 275 -23.65 42.99 16.56
C GLU D 275 -23.61 43.56 17.97
N ASP D 276 -24.74 43.43 18.67
CA ASP D 276 -25.01 43.86 20.05
C ASP D 276 -25.05 45.38 20.22
N GLY D 277 -24.77 46.14 19.16
CA GLY D 277 -25.01 47.57 19.16
C GLY D 277 -26.31 47.93 18.48
N GLN D 278 -27.42 47.36 18.95
CA GLN D 278 -28.71 47.59 18.32
C GLN D 278 -29.81 47.41 19.36
N GLY D 279 -30.99 47.89 19.03
CA GLY D 279 -32.15 47.78 19.88
C GLY D 279 -32.83 46.44 19.75
N ASN D 280 -34.16 46.47 19.74
CA ASN D 280 -34.92 45.25 19.51
C ASN D 280 -34.81 44.81 18.06
N LEU D 281 -34.64 45.76 17.14
CA LEU D 281 -34.41 45.43 15.74
C LEU D 281 -33.02 44.85 15.54
N THR D 282 -32.88 43.97 14.56
CA THR D 282 -31.68 43.15 14.40
C THR D 282 -31.04 43.39 13.04
N CYS D 283 -29.86 42.82 12.85
CA CYS D 283 -29.12 42.98 11.61
C CYS D 283 -29.33 41.79 10.68
N LEU D 284 -28.99 41.98 9.42
CA LEU D 284 -29.04 40.90 8.45
C LEU D 284 -27.89 39.93 8.67
N ASP D 285 -28.05 38.70 8.19
CA ASP D 285 -26.95 37.76 8.17
C ASP D 285 -26.03 38.10 7.00
N SER D 286 -24.80 37.60 7.06
CA SER D 286 -23.81 37.95 6.04
C SER D 286 -23.66 36.85 4.99
N ASN D 287 -23.93 35.60 5.37
CA ASN D 287 -23.61 34.48 4.48
C ASN D 287 -24.73 34.20 3.50
N HIS D 288 -25.89 34.84 3.67
CA HIS D 288 -26.99 34.66 2.73
C HIS D 288 -26.65 35.30 1.39
N SER D 289 -27.26 34.81 0.32
CA SER D 289 -26.85 35.25 -1.01
C SER D 289 -27.86 36.20 -1.63
N HIS D 290 -29.16 35.97 -1.40
CA HIS D 290 -30.18 36.89 -1.89
C HIS D 290 -31.07 37.33 -0.73
N PHE D 291 -31.63 38.53 -0.84
CA PHE D 291 -32.46 39.08 0.22
C PHE D 291 -33.76 39.61 -0.37
N ILE D 292 -34.87 39.27 0.28
CA ILE D 292 -36.18 39.84 -0.01
C ILE D 292 -36.70 40.46 1.28
N LEU D 293 -36.91 41.77 1.25
CA LEU D 293 -37.34 42.50 2.42
C LEU D 293 -38.78 42.96 2.22
N VAL D 294 -39.71 42.31 2.91
CA VAL D 294 -41.12 42.65 2.82
C VAL D 294 -41.37 43.84 3.72
N ASP D 295 -42.33 44.68 3.33
CA ASP D 295 -42.59 45.93 4.03
C ASP D 295 -44.10 46.09 4.23
N ASP D 296 -44.48 46.35 5.46
CA ASP D 296 -45.82 46.79 5.79
C ASP D 296 -45.91 48.30 5.97
N GLY D 297 -44.77 48.96 6.21
CA GLY D 297 -44.75 50.34 6.60
C GLY D 297 -44.76 50.57 8.10
N THR D 298 -44.49 49.53 8.89
CA THR D 298 -44.55 49.60 10.34
C THR D 298 -43.16 49.25 10.88
N HIS D 299 -42.62 50.14 11.71
CA HIS D 299 -41.26 49.96 12.19
C HIS D 299 -41.18 48.95 13.32
N GLY D 300 -42.02 49.10 14.33
CA GLY D 300 -41.96 48.22 15.49
C GLY D 300 -42.87 47.01 15.42
N GLN D 301 -42.50 46.01 14.60
CA GLN D 301 -43.32 44.82 14.46
C GLN D 301 -42.46 43.64 14.03
N TYR D 302 -42.88 42.44 14.41
CA TYR D 302 -42.23 41.20 14.00
C TYR D 302 -43.24 40.32 13.28
N GLY D 303 -42.78 39.59 12.25
CA GLY D 303 -43.59 38.57 11.65
C GLY D 303 -44.41 38.99 10.46
N VAL D 304 -44.00 40.02 9.72
CA VAL D 304 -44.73 40.40 8.51
C VAL D 304 -44.38 39.46 7.36
N GLU D 305 -43.24 38.79 7.45
CA GLU D 305 -42.79 37.90 6.37
C GLU D 305 -43.49 36.55 6.40
N ILE D 306 -44.18 36.22 7.49
CA ILE D 306 -44.78 34.90 7.62
C ILE D 306 -45.96 34.68 6.68
N PRO D 307 -46.91 35.62 6.48
CA PRO D 307 -47.93 35.35 5.45
C PRO D 307 -47.41 35.37 4.02
N LEU D 308 -46.23 35.95 3.77
CA LEU D 308 -45.73 35.96 2.40
C LEU D 308 -44.92 34.70 2.10
N ARG D 309 -44.23 34.15 3.11
CA ARG D 309 -43.36 33.00 2.86
C ARG D 309 -44.15 31.76 2.47
N THR D 310 -45.29 31.53 3.12
CA THR D 310 -46.11 30.36 2.79
C THR D 310 -46.73 30.50 1.41
N ARG D 311 -47.14 31.71 1.05
CA ARG D 311 -47.71 31.94 -0.28
C ARG D 311 -46.67 31.76 -1.37
N LEU D 312 -45.45 32.24 -1.14
CA LEU D 312 -44.40 32.10 -2.14
C LEU D 312 -43.97 30.65 -2.31
N GLU D 313 -43.83 29.92 -1.19
CA GLU D 313 -43.46 28.51 -1.27
C GLU D 313 -44.57 27.68 -1.92
N LYS D 314 -45.82 27.99 -1.62
CA LYS D 314 -46.91 27.22 -2.22
C LYS D 314 -47.10 27.57 -3.69
N PHE D 315 -46.75 28.79 -4.10
CA PHE D 315 -46.81 29.08 -5.53
C PHE D 315 -45.67 28.42 -6.28
N ILE D 316 -44.48 28.35 -5.68
CA ILE D 316 -43.38 27.62 -6.30
C ILE D 316 -43.69 26.14 -6.41
N SER D 317 -44.38 25.57 -5.43
CA SER D 317 -44.60 24.13 -5.42
C SER D 317 -45.66 23.64 -6.40
N GLU D 318 -46.18 24.47 -7.31
CA GLU D 318 -46.95 23.89 -8.41
C GLU D 318 -46.22 23.98 -9.74
N GLN D 319 -45.14 24.77 -9.82
CA GLN D 319 -44.46 24.95 -11.09
C GLN D 319 -43.76 23.67 -11.53
N THR D 320 -43.67 23.48 -12.85
CA THR D 320 -43.16 22.26 -13.44
C THR D 320 -41.85 22.53 -14.17
N LYS D 321 -40.78 21.90 -13.71
CA LYS D 321 -39.50 21.92 -14.40
C LYS D 321 -39.42 20.67 -15.25
N GLU D 322 -39.29 20.85 -16.56
CA GLU D 322 -39.29 19.75 -17.52
C GLU D 322 -37.96 19.74 -18.25
N ARG D 323 -37.23 18.64 -18.12
CA ARG D 323 -35.98 18.43 -18.85
C ARG D 323 -36.07 17.10 -19.58
N GLY D 324 -35.72 17.11 -20.86
CA GLY D 324 -35.82 15.91 -21.65
C GLY D 324 -37.27 15.54 -21.94
N GLY D 325 -37.57 14.25 -21.77
CA GLY D 325 -38.93 13.79 -21.97
C GLY D 325 -39.79 13.94 -20.73
N VAL D 326 -39.20 13.75 -19.55
CA VAL D 326 -39.98 13.70 -18.32
C VAL D 326 -40.25 15.11 -17.82
N ALA D 327 -41.29 15.23 -16.99
CA ALA D 327 -41.64 16.47 -16.34
C ALA D 327 -42.11 16.18 -14.92
N ILE D 328 -41.67 16.99 -13.96
CA ILE D 328 -42.01 16.81 -12.56
C ILE D 328 -42.57 18.13 -12.03
N LYS D 329 -43.19 18.04 -10.86
CA LYS D 329 -43.52 19.22 -10.08
C LYS D 329 -42.50 19.33 -8.96
N ILE D 330 -42.19 20.57 -8.55
CA ILE D 330 -41.07 20.75 -7.62
C ILE D 330 -41.50 20.34 -6.22
N PRO D 331 -40.80 19.43 -5.57
CA PRO D 331 -41.17 19.05 -4.21
C PRO D 331 -40.62 20.00 -3.16
N ILE D 332 -41.31 20.12 -2.04
CA ILE D 332 -40.95 21.04 -0.97
C ILE D 332 -40.87 20.24 0.33
N VAL D 333 -39.81 20.46 1.09
CA VAL D 333 -39.63 19.83 2.39
C VAL D 333 -39.13 20.89 3.35
N CYS D 334 -39.47 20.76 4.63
CA CYS D 334 -38.98 21.65 5.66
C CYS D 334 -38.27 20.86 6.74
N VAL D 335 -37.08 21.30 7.10
CA VAL D 335 -36.32 20.76 8.21
C VAL D 335 -36.36 21.78 9.34
N VAL D 336 -36.66 21.31 10.55
CA VAL D 336 -36.91 22.21 11.67
C VAL D 336 -35.91 21.91 12.78
N LEU D 337 -35.54 22.95 13.51
CA LEU D 337 -34.66 22.89 14.67
C LEU D 337 -35.42 23.43 15.87
N GLU D 338 -34.66 23.79 16.92
CA GLU D 338 -35.06 24.02 18.33
C GLU D 338 -36.40 24.73 18.45
N GLY D 339 -36.55 25.95 17.95
CA GLY D 339 -37.87 26.44 17.62
C GLY D 339 -38.50 27.22 18.76
N GLY D 340 -39.80 27.42 18.63
CA GLY D 340 -40.62 28.11 19.60
C GLY D 340 -42.08 27.81 19.34
N PRO D 341 -42.98 28.69 19.81
CA PRO D 341 -44.40 28.49 19.50
C PRO D 341 -44.72 28.71 18.04
N GLY D 342 -44.10 29.71 17.42
CA GLY D 342 -44.32 29.96 16.00
C GLY D 342 -43.79 28.84 15.13
N THR D 343 -42.71 28.18 15.57
CA THR D 343 -42.19 27.04 14.85
C THR D 343 -43.17 25.87 14.90
N LEU D 344 -43.81 25.66 16.06
CA LEU D 344 -44.81 24.60 16.16
C LEU D 344 -46.04 24.91 15.32
N HIS D 345 -46.43 26.19 15.27
CA HIS D 345 -47.54 26.57 14.40
C HIS D 345 -47.18 26.40 12.93
N THR D 346 -45.92 26.66 12.58
CA THR D 346 -45.46 26.46 11.20
C THR D 346 -45.44 24.99 10.83
N ILE D 347 -45.02 24.12 11.77
CA ILE D 347 -45.04 22.68 11.54
C ILE D 347 -46.46 22.18 11.33
N ASP D 348 -47.41 22.67 12.13
CA ASP D 348 -48.81 22.26 11.98
C ASP D 348 -49.38 22.75 10.65
N ASN D 349 -49.05 24.00 10.27
CA ASN D 349 -49.55 24.55 9.01
C ASN D 349 -48.95 23.83 7.81
N ALA D 350 -47.72 23.33 7.96
CA ALA D 350 -47.12 22.56 6.89
C ALA D 350 -47.73 21.18 6.77
N THR D 351 -47.98 20.51 7.90
CA THR D 351 -48.51 19.15 7.85
C THR D 351 -49.98 19.13 7.45
N THR D 352 -50.69 20.26 7.62
CA THR D 352 -52.06 20.32 7.10
C THR D 352 -52.07 20.33 5.58
N ASN D 353 -51.08 20.94 4.95
CA ASN D 353 -51.09 21.04 3.49
C ASN D 353 -50.58 19.77 2.83
N GLY D 354 -49.71 19.03 3.50
CA GLY D 354 -49.11 17.83 2.94
C GLY D 354 -47.62 17.90 2.76
N THR D 355 -46.98 18.98 3.19
CA THR D 355 -45.53 19.08 3.09
C THR D 355 -44.88 18.20 4.13
N PRO D 356 -43.91 17.36 3.76
CA PRO D 356 -43.21 16.55 4.76
C PRO D 356 -42.30 17.41 5.63
N CYS D 357 -42.06 16.94 6.85
CA CYS D 357 -41.26 17.64 7.83
C CYS D 357 -40.19 16.71 8.39
N VAL D 358 -39.01 17.25 8.63
CA VAL D 358 -37.93 16.52 9.29
C VAL D 358 -37.53 17.28 10.54
N VAL D 359 -37.65 16.64 11.70
CA VAL D 359 -37.34 17.27 12.98
C VAL D 359 -36.12 16.59 13.58
N VAL D 360 -35.12 17.39 13.92
CA VAL D 360 -33.87 16.86 14.45
C VAL D 360 -33.96 16.70 15.96
N GLU D 361 -33.66 15.50 16.43
CA GLU D 361 -33.71 15.17 17.85
C GLU D 361 -32.45 15.66 18.53
N GLY D 362 -32.61 16.26 19.69
CA GLY D 362 -31.47 16.86 20.36
C GLY D 362 -31.39 18.35 20.14
N SER D 363 -30.88 19.05 21.15
CA SER D 363 -30.59 20.49 21.19
C SER D 363 -31.83 21.35 21.03
N GLY D 364 -33.03 20.84 21.27
CA GLY D 364 -34.21 21.63 21.00
C GLY D 364 -35.26 21.63 22.09
N ARG D 365 -36.02 22.71 22.19
CA ARG D 365 -37.20 22.66 23.05
C ARG D 365 -38.36 21.98 22.33
N VAL D 366 -38.86 22.58 21.25
CA VAL D 366 -40.05 22.09 20.57
C VAL D 366 -39.72 20.85 19.76
N ALA D 367 -38.50 20.78 19.24
CA ALA D 367 -38.04 19.61 18.51
C ALA D 367 -37.98 18.38 19.40
N ASP D 368 -37.40 18.52 20.60
CA ASP D 368 -37.26 17.34 21.45
C ASP D 368 -38.54 17.07 22.23
N VAL D 369 -39.51 17.97 22.20
CA VAL D 369 -40.86 17.57 22.62
C VAL D 369 -41.44 16.56 21.63
N ILE D 370 -41.39 16.89 20.34
CA ILE D 370 -42.01 16.06 19.31
C ILE D 370 -41.24 14.75 19.15
N ALA D 371 -39.91 14.81 19.31
CA ALA D 371 -39.08 13.61 19.16
C ALA D 371 -39.40 12.57 20.24
N GLN D 372 -39.72 13.02 21.45
CA GLN D 372 -40.14 12.06 22.48
C GLN D 372 -41.58 11.63 22.29
N VAL D 373 -42.48 12.56 21.92
CA VAL D 373 -43.90 12.23 21.98
C VAL D 373 -44.35 11.50 20.72
N ALA D 374 -43.47 11.41 19.71
CA ALA D 374 -43.87 10.89 18.41
C ALA D 374 -44.12 9.39 18.45
N ASN D 375 -43.38 8.66 19.28
CA ASN D 375 -43.45 7.20 19.24
C ASN D 375 -44.70 6.69 19.93
N LEU D 376 -45.18 7.40 20.95
CA LEU D 376 -46.38 6.99 21.65
C LEU D 376 -47.61 7.22 20.77
N PRO D 377 -48.66 6.40 20.93
CA PRO D 377 -49.88 6.61 20.15
C PRO D 377 -50.61 7.88 20.53
N VAL D 378 -51.63 8.22 19.73
CA VAL D 378 -52.26 9.53 19.81
C VAL D 378 -53.17 9.64 21.04
N SER D 379 -53.89 8.57 21.37
CA SER D 379 -54.77 8.61 22.52
C SER D 379 -54.00 8.54 23.83
N ASP D 380 -52.78 8.00 23.78
CA ASP D 380 -51.97 7.91 24.99
C ASP D 380 -51.39 9.27 25.36
N ILE D 381 -51.33 10.20 24.41
CA ILE D 381 -50.91 11.55 24.72
C ILE D 381 -51.99 12.26 25.53
N THR D 382 -51.62 12.73 26.71
CA THR D 382 -52.56 13.41 27.60
C THR D 382 -51.97 14.75 28.01
N ILE D 383 -52.85 15.59 28.58
CA ILE D 383 -52.52 16.99 28.83
C ILE D 383 -51.47 17.12 29.93
N SER D 384 -51.55 16.26 30.95
CA SER D 384 -50.60 16.31 32.05
C SER D 384 -49.21 15.87 31.61
N LEU D 385 -49.17 14.88 30.71
CA LEU D 385 -47.88 14.37 30.17
C LEU D 385 -47.22 15.49 29.36
N ILE D 386 -48.01 16.18 28.52
CA ILE D 386 -47.51 17.28 27.70
C ILE D 386 -46.99 18.40 28.57
N GLN D 387 -47.73 18.75 29.64
CA GLN D 387 -47.30 19.82 30.53
C GLN D 387 -46.05 19.43 31.31
N GLN D 388 -45.93 18.15 31.68
CA GLN D 388 -44.77 17.69 32.42
C GLN D 388 -43.52 17.71 31.55
N LYS D 389 -43.64 17.25 30.30
CA LYS D 389 -42.48 17.31 29.41
C LYS D 389 -42.17 18.73 28.98
N LEU D 390 -43.19 19.59 28.97
CA LEU D 390 -42.97 21.00 28.68
C LEU D 390 -42.18 21.67 29.80
N SER D 391 -42.46 21.29 31.05
CA SER D 391 -41.80 21.92 32.18
C SER D 391 -40.33 21.53 32.28
N VAL D 392 -39.99 20.30 31.91
CA VAL D 392 -38.60 19.86 32.04
C VAL D 392 -37.74 20.43 30.92
N PHE D 393 -38.36 20.78 29.79
CA PHE D 393 -37.58 21.27 28.66
C PHE D 393 -37.51 22.79 28.64
N PHE D 394 -38.60 23.46 29.01
CA PHE D 394 -38.59 24.92 28.95
C PHE D 394 -37.99 25.51 30.23
N GLN D 395 -38.62 25.23 31.38
CA GLN D 395 -38.10 25.42 32.74
C GLN D 395 -38.03 26.90 33.12
N GLU D 396 -38.15 27.85 32.18
CA GLU D 396 -38.39 29.24 32.57
C GLU D 396 -39.67 29.76 31.94
N MET D 397 -39.82 29.57 30.62
CA MET D 397 -41.06 29.93 29.97
C MET D 397 -42.20 29.05 30.46
N PHE D 398 -41.90 27.81 30.83
CA PHE D 398 -42.90 26.91 31.42
C PHE D 398 -43.42 27.45 32.73
N GLU D 399 -42.58 28.15 33.49
CA GLU D 399 -43.07 28.88 34.65
C GLU D 399 -43.91 30.07 34.21
N THR D 400 -43.50 30.76 33.13
CA THR D 400 -44.29 31.90 32.69
C THR D 400 -45.51 31.50 31.87
N PHE D 401 -45.57 30.24 31.41
CA PHE D 401 -46.70 29.81 30.61
C PHE D 401 -47.96 29.63 31.45
N THR D 402 -49.09 29.93 30.84
CA THR D 402 -50.39 29.74 31.47
C THR D 402 -50.85 28.29 31.34
N GLU D 403 -51.97 27.99 32.00
CA GLU D 403 -52.57 26.66 31.88
C GLU D 403 -53.62 26.63 30.77
N SER D 404 -53.89 27.78 30.15
CA SER D 404 -54.91 27.82 29.10
C SER D 404 -54.28 27.61 27.72
N ARG D 405 -52.96 27.73 27.62
CA ARG D 405 -52.32 27.53 26.32
C ARG D 405 -51.90 26.08 26.12
N ILE D 406 -51.80 25.31 27.21
CA ILE D 406 -51.23 23.97 27.10
C ILE D 406 -52.24 23.01 26.48
N VAL D 407 -53.54 23.32 26.59
CA VAL D 407 -54.55 22.53 25.89
C VAL D 407 -54.44 22.74 24.39
N GLU D 408 -54.17 23.99 23.97
CA GLU D 408 -53.92 24.28 22.55
C GLU D 408 -52.67 23.58 22.06
N TRP D 409 -51.63 23.54 22.90
CA TRP D 409 -50.38 22.90 22.49
C TRP D 409 -50.54 21.38 22.39
N THR D 410 -51.27 20.75 23.31
CA THR D 410 -51.41 19.30 23.22
C THR D 410 -52.38 18.92 22.10
N LYS D 411 -53.36 19.78 21.79
CA LYS D 411 -54.22 19.54 20.64
C LYS D 411 -53.43 19.64 19.34
N LYS D 412 -52.55 20.63 19.23
CA LYS D 412 -51.74 20.78 18.03
C LYS D 412 -50.74 19.64 17.88
N ILE D 413 -50.17 19.19 19.01
CA ILE D 413 -49.22 18.07 18.97
C ILE D 413 -49.93 16.78 18.60
N GLN D 414 -51.17 16.61 19.06
CA GLN D 414 -51.92 15.41 18.70
C GLN D 414 -52.29 15.40 17.22
N ASP D 415 -52.68 16.56 16.68
CA ASP D 415 -52.98 16.65 15.25
C ASP D 415 -51.73 16.47 14.40
N ILE D 416 -50.56 16.86 14.93
CA ILE D 416 -49.32 16.71 14.17
C ILE D 416 -48.88 15.26 14.15
N VAL D 417 -48.90 14.59 15.31
CA VAL D 417 -48.43 13.21 15.37
C VAL D 417 -49.46 12.25 14.78
N ARG D 418 -50.71 12.72 14.63
CA ARG D 418 -51.75 11.87 14.02
C ARG D 418 -51.45 11.58 12.55
N ARG D 419 -50.86 12.55 11.84
CA ARG D 419 -50.30 12.27 10.51
C ARG D 419 -48.94 11.59 10.68
N ARG D 420 -48.97 10.26 10.69
CA ARG D 420 -47.77 9.50 11.00
C ARG D 420 -46.78 9.50 9.84
N GLN D 421 -47.28 9.67 8.62
CA GLN D 421 -46.42 9.52 7.45
C GLN D 421 -45.59 10.78 7.20
N LEU D 422 -46.20 11.95 7.31
CA LEU D 422 -45.57 13.17 6.81
C LEU D 422 -44.45 13.66 7.72
N LEU D 423 -44.45 13.23 8.98
CA LEU D 423 -43.43 13.64 9.93
C LEU D 423 -42.35 12.60 10.01
N THR D 424 -41.09 13.03 10.04
CA THR D 424 -39.97 12.16 10.31
C THR D 424 -39.04 12.81 11.33
N VAL D 425 -38.68 12.01 12.35
CA VAL D 425 -37.74 12.40 13.45
C VAL D 425 -36.33 11.91 13.09
N PHE D 426 -35.30 12.71 13.38
CA PHE D 426 -33.88 12.42 13.03
C PHE D 426 -33.29 11.18 13.74
N ARG D 427 -33.53 10.99 15.04
CA ARG D 427 -32.97 9.81 15.76
C ARG D 427 -31.45 9.74 15.55
N GLU D 428 -30.77 10.87 15.78
CA GLU D 428 -29.33 11.05 15.58
C GLU D 428 -28.53 9.99 16.31
N GLY D 429 -27.71 9.26 15.55
CA GLY D 429 -26.81 8.28 16.13
C GLY D 429 -27.39 6.89 16.33
N LYS D 430 -28.65 6.82 16.81
CA LYS D 430 -29.17 5.56 17.33
C LYS D 430 -29.49 4.57 16.20
N ASP D 431 -30.48 4.88 15.37
CA ASP D 431 -30.92 3.94 14.37
C ASP D 431 -31.36 4.69 13.12
N GLY D 432 -30.99 4.16 11.96
CA GLY D 432 -31.27 4.82 10.71
C GLY D 432 -30.47 6.08 10.47
N GLN D 433 -29.49 6.35 11.34
CA GLN D 433 -28.74 7.63 11.21
C GLN D 433 -27.57 7.49 10.23
N GLN D 434 -27.84 7.11 8.97
CA GLN D 434 -26.74 7.01 7.99
C GLN D 434 -26.19 8.42 7.68
N ASP D 435 -27.08 9.38 7.43
CA ASP D 435 -26.71 10.79 7.11
C ASP D 435 -27.98 11.66 7.12
N VAL D 436 -27.82 12.99 7.09
CA VAL D 436 -28.95 13.89 7.01
C VAL D 436 -29.56 13.88 5.62
N ASP D 437 -28.71 13.76 4.59
CA ASP D 437 -29.19 13.88 3.22
C ASP D 437 -30.04 12.68 2.82
N VAL D 438 -29.61 11.47 3.17
CA VAL D 438 -30.39 10.30 2.85
C VAL D 438 -31.67 10.26 3.69
N ALA D 439 -31.64 10.86 4.89
CA ALA D 439 -32.85 10.93 5.70
C ALA D 439 -33.87 11.88 5.09
N ILE D 440 -33.42 13.03 4.60
CA ILE D 440 -34.30 14.00 3.95
C ILE D 440 -34.87 13.40 2.66
N LEU D 441 -34.03 12.72 1.89
CA LEU D 441 -34.48 12.11 0.65
C LEU D 441 -35.46 10.98 0.90
N GLN D 442 -35.20 10.16 1.92
CA GLN D 442 -36.11 9.06 2.27
C GLN D 442 -37.43 9.59 2.78
N ALA D 443 -37.41 10.69 3.53
CA ALA D 443 -38.65 11.29 4.02
C ALA D 443 -39.47 11.85 2.87
N LEU D 444 -38.81 12.51 1.92
CA LEU D 444 -39.53 13.07 0.78
C LEU D 444 -40.10 11.97 -0.11
N LEU D 445 -39.37 10.88 -0.28
CA LEU D 445 -39.87 9.82 -1.12
C LEU D 445 -40.98 9.03 -0.44
N LYS D 446 -40.92 8.90 0.89
CA LYS D 446 -42.01 8.27 1.62
C LYS D 446 -43.27 9.14 1.58
N ALA D 447 -43.09 10.46 1.64
CA ALA D 447 -44.22 11.37 1.57
C ALA D 447 -44.87 11.34 0.18
N SER D 448 -44.05 11.19 -0.87
CA SER D 448 -44.64 11.05 -2.20
C SER D 448 -45.25 9.67 -2.38
N ARG D 449 -44.77 8.67 -1.65
CA ARG D 449 -45.35 7.35 -1.73
C ARG D 449 -46.71 7.30 -1.05
N SER D 450 -46.90 8.09 0.01
CA SER D 450 -48.14 8.02 0.78
C SER D 450 -49.29 8.70 0.07
N GLN D 451 -49.02 9.40 -1.04
CA GLN D 451 -50.07 10.10 -1.77
C GLN D 451 -51.05 9.13 -2.40
N ASP D 452 -52.31 9.57 -2.49
CA ASP D 452 -53.32 8.76 -3.15
C ASP D 452 -53.11 8.77 -4.65
N HIS D 453 -53.32 7.62 -5.29
CA HIS D 453 -53.00 7.44 -6.69
C HIS D 453 -53.94 6.40 -7.30
N PHE D 454 -54.30 6.62 -8.55
CA PHE D 454 -55.07 5.66 -9.33
C PHE D 454 -54.13 4.99 -10.31
N GLY D 455 -53.97 3.68 -10.18
CA GLY D 455 -52.99 2.97 -10.97
C GLY D 455 -51.60 3.06 -10.36
N HIS D 456 -50.61 2.65 -11.14
CA HIS D 456 -49.23 2.57 -10.69
C HIS D 456 -48.40 3.77 -11.12
N GLU D 457 -49.01 4.96 -11.15
CA GLU D 457 -48.29 6.15 -11.58
C GLU D 457 -47.29 6.61 -10.52
N ASN D 458 -47.48 6.19 -9.27
CA ASN D 458 -46.65 6.68 -8.17
C ASN D 458 -45.24 6.11 -8.26
N TRP D 459 -45.12 4.82 -8.60
CA TRP D 459 -43.79 4.21 -8.71
C TRP D 459 -43.06 4.69 -9.95
N ASP D 460 -43.80 5.19 -10.94
CA ASP D 460 -43.16 5.90 -12.04
C ASP D 460 -42.71 7.28 -11.61
N HIS D 461 -43.53 7.96 -10.80
CA HIS D 461 -43.23 9.33 -10.43
C HIS D 461 -42.02 9.42 -9.51
N GLN D 462 -41.85 8.42 -8.64
CA GLN D 462 -40.66 8.38 -7.80
C GLN D 462 -39.41 8.18 -8.63
N LEU D 463 -39.52 7.42 -9.73
CA LEU D 463 -38.36 7.22 -10.59
C LEU D 463 -38.01 8.49 -11.36
N LYS D 464 -39.03 9.20 -11.84
CA LYS D 464 -38.78 10.48 -12.52
C LYS D 464 -38.18 11.50 -11.56
N LEU D 465 -38.60 11.48 -10.30
CA LEU D 465 -37.99 12.34 -9.30
C LEU D 465 -36.53 11.95 -9.05
N ALA D 466 -36.25 10.66 -8.94
CA ALA D 466 -34.90 10.23 -8.59
C ALA D 466 -33.95 10.37 -9.77
N VAL D 467 -34.48 10.45 -10.99
CA VAL D 467 -33.61 10.71 -12.13
C VAL D 467 -33.47 12.21 -12.35
N ALA D 468 -34.43 13.00 -11.87
CA ALA D 468 -34.31 14.45 -11.93
C ALA D 468 -33.18 14.94 -11.02
N TRP D 469 -33.12 14.42 -9.81
CA TRP D 469 -31.92 14.54 -8.98
C TRP D 469 -30.85 13.67 -9.60
N ASN D 470 -29.59 14.05 -9.44
CA ASN D 470 -28.54 13.33 -10.16
C ASN D 470 -28.20 12.01 -9.48
N ARG D 471 -28.52 11.88 -8.20
CA ARG D 471 -28.01 10.76 -7.41
C ARG D 471 -28.74 9.47 -7.72
N VAL D 472 -27.97 8.37 -7.80
CA VAL D 472 -28.47 7.09 -8.27
C VAL D 472 -28.62 6.08 -7.14
N ASP D 473 -27.98 6.31 -6.00
CA ASP D 473 -28.02 5.34 -4.91
C ASP D 473 -29.39 5.27 -4.27
N ILE D 474 -30.15 6.36 -4.34
CA ILE D 474 -31.49 6.39 -3.77
C ILE D 474 -32.43 5.52 -4.59
N ALA D 475 -32.35 5.61 -5.92
CA ALA D 475 -33.21 4.80 -6.78
C ALA D 475 -32.81 3.34 -6.73
N ARG D 476 -31.53 3.07 -6.50
CA ARG D 476 -31.08 1.69 -6.34
C ARG D 476 -31.54 1.11 -5.02
N SER D 477 -31.56 1.94 -3.97
CA SER D 477 -31.75 1.42 -2.61
C SER D 477 -33.19 1.04 -2.35
N GLU D 478 -34.14 1.80 -2.87
CA GLU D 478 -35.52 1.57 -2.48
C GLU D 478 -36.50 1.46 -3.65
N ILE D 479 -36.23 2.13 -4.78
CA ILE D 479 -37.19 2.09 -5.87
C ILE D 479 -37.11 0.77 -6.62
N PHE D 480 -35.91 0.21 -6.73
CA PHE D 480 -35.71 -1.03 -7.45
C PHE D 480 -35.49 -2.22 -6.53
N MET D 481 -35.72 -2.06 -5.23
CA MET D 481 -35.37 -3.10 -4.27
C MET D 481 -36.43 -4.21 -4.25
N ASP D 482 -37.70 -3.78 -4.26
CA ASP D 482 -38.81 -4.72 -4.07
C ASP D 482 -40.17 -4.13 -4.42
N GLU D 483 -41.11 -5.01 -4.77
CA GLU D 483 -42.55 -4.75 -4.74
C GLU D 483 -42.99 -3.69 -5.74
N TRP D 484 -42.63 -3.86 -7.01
CA TRP D 484 -43.26 -3.12 -8.09
C TRP D 484 -43.74 -4.03 -9.20
N GLN D 485 -42.93 -5.03 -9.57
CA GLN D 485 -43.21 -6.01 -10.63
C GLN D 485 -43.56 -5.32 -11.96
N TRP D 486 -42.58 -4.60 -12.49
CA TRP D 486 -42.78 -3.74 -13.64
C TRP D 486 -42.32 -4.43 -14.91
N LYS D 487 -42.99 -4.14 -16.02
CA LYS D 487 -42.48 -4.55 -17.31
C LYS D 487 -41.43 -3.56 -17.79
N PRO D 488 -40.42 -4.03 -18.54
CA PRO D 488 -39.33 -3.12 -18.92
C PRO D 488 -39.73 -2.05 -19.92
N SER D 489 -40.80 -2.27 -20.69
CA SER D 489 -41.29 -1.28 -21.64
C SER D 489 -41.71 0.00 -20.96
N ASP D 490 -42.28 -0.13 -19.76
CA ASP D 490 -42.68 1.05 -18.98
C ASP D 490 -41.46 1.79 -18.43
N LEU D 491 -40.29 1.17 -18.50
CA LEU D 491 -39.06 1.84 -18.10
C LEU D 491 -38.52 2.70 -19.24
N HIS D 492 -39.16 2.65 -20.40
CA HIS D 492 -38.66 3.32 -21.61
C HIS D 492 -38.55 4.84 -21.56
N PRO D 493 -39.57 5.63 -21.18
CA PRO D 493 -39.46 7.08 -21.43
C PRO D 493 -38.48 7.81 -20.53
N THR D 494 -38.21 7.30 -19.32
CA THR D 494 -37.23 7.97 -18.48
C THR D 494 -35.83 7.72 -18.99
N MET D 495 -35.61 6.54 -19.57
CA MET D 495 -34.31 6.14 -20.13
C MET D 495 -33.83 7.13 -21.17
N THR D 496 -34.74 7.56 -22.06
CA THR D 496 -34.47 8.61 -23.03
C THR D 496 -33.92 9.86 -22.36
N ALA D 497 -34.54 10.28 -21.26
CA ALA D 497 -34.05 11.43 -20.51
C ALA D 497 -32.68 11.15 -19.93
N ALA D 498 -32.48 9.93 -19.41
CA ALA D 498 -31.17 9.55 -18.89
C ALA D 498 -30.15 9.42 -20.01
N LEU D 499 -30.64 9.24 -21.24
CA LEU D 499 -29.73 9.20 -22.37
C LEU D 499 -29.36 10.61 -22.81
N ILE D 500 -30.27 11.57 -22.61
CA ILE D 500 -30.04 12.89 -23.18
C ILE D 500 -29.10 13.70 -22.29
N SER D 501 -29.33 13.67 -20.98
CA SER D 501 -28.61 14.54 -20.05
C SER D 501 -27.25 14.00 -19.64
N ASN D 502 -26.70 13.04 -20.39
CA ASN D 502 -25.35 12.47 -20.17
C ASN D 502 -25.22 11.87 -18.77
N LYS D 503 -26.13 10.97 -18.42
CA LYS D 503 -26.03 10.30 -17.13
C LYS D 503 -25.76 8.83 -17.39
N PRO D 504 -24.50 8.39 -17.43
CA PRO D 504 -24.22 7.01 -17.81
C PRO D 504 -24.56 6.01 -16.72
N GLU D 505 -24.59 6.43 -15.46
CA GLU D 505 -24.85 5.51 -14.37
C GLU D 505 -26.30 5.02 -14.40
N PHE D 506 -27.24 5.89 -14.74
CA PHE D 506 -28.62 5.47 -14.85
C PHE D 506 -28.81 4.57 -16.06
N VAL D 507 -28.05 4.79 -17.13
CA VAL D 507 -28.08 3.92 -18.29
C VAL D 507 -27.58 2.53 -17.92
N LYS D 508 -26.51 2.48 -17.13
CA LYS D 508 -25.99 1.20 -16.66
C LYS D 508 -26.98 0.49 -15.76
N LEU D 509 -27.66 1.25 -14.90
CA LEU D 509 -28.67 0.67 -14.02
C LEU D 509 -29.85 0.10 -14.79
N PHE D 510 -30.32 0.81 -15.81
CA PHE D 510 -31.47 0.33 -16.56
C PHE D 510 -31.09 -0.84 -17.47
N LEU D 511 -29.86 -0.83 -18.01
CA LEU D 511 -29.37 -1.97 -18.77
C LEU D 511 -29.22 -3.19 -17.89
N GLU D 512 -28.83 -2.99 -16.62
CA GLU D 512 -28.78 -4.10 -15.68
C GLU D 512 -30.19 -4.59 -15.35
N ASN D 513 -31.15 -3.68 -15.25
CA ASN D 513 -32.46 -4.07 -14.77
C ASN D 513 -33.33 -4.64 -15.89
N GLY D 514 -32.87 -4.56 -17.14
CA GLY D 514 -33.49 -5.40 -18.14
C GLY D 514 -34.05 -4.79 -19.41
N VAL D 515 -33.80 -3.50 -19.67
CA VAL D 515 -34.28 -2.94 -20.93
C VAL D 515 -33.41 -3.47 -22.08
N GLN D 516 -34.06 -3.86 -23.17
CA GLN D 516 -33.36 -4.38 -24.34
C GLN D 516 -33.14 -3.24 -25.31
N LEU D 517 -31.87 -3.02 -25.68
CA LEU D 517 -31.55 -1.88 -26.53
C LEU D 517 -32.02 -2.09 -27.95
N LYS D 518 -32.14 -3.34 -28.37
CA LYS D 518 -32.66 -3.63 -29.72
C LYS D 518 -34.12 -3.24 -29.83
N GLU D 519 -34.90 -3.48 -28.79
CA GLU D 519 -36.32 -3.16 -28.84
C GLU D 519 -36.57 -1.70 -28.54
N PHE D 520 -35.64 -1.04 -27.85
CA PHE D 520 -35.87 0.33 -27.43
C PHE D 520 -35.67 1.31 -28.58
N VAL D 521 -34.56 1.18 -29.31
CA VAL D 521 -34.26 2.15 -30.36
C VAL D 521 -35.10 1.86 -31.58
N THR D 522 -36.10 2.69 -31.82
CA THR D 522 -36.90 2.61 -33.02
C THR D 522 -36.71 3.89 -33.82
N TRP D 523 -37.51 4.02 -34.89
CA TRP D 523 -37.29 5.09 -35.86
C TRP D 523 -37.66 6.45 -35.30
N ASP D 524 -38.86 6.58 -34.73
CA ASP D 524 -39.33 7.87 -34.24
C ASP D 524 -38.53 8.32 -33.03
N THR D 525 -38.12 7.39 -32.18
CA THR D 525 -37.27 7.80 -31.06
C THR D 525 -35.87 8.11 -31.52
N LEU D 526 -35.47 7.62 -32.70
CA LEU D 526 -34.18 8.02 -33.25
C LEU D 526 -34.24 9.44 -33.77
N LEU D 527 -35.36 9.81 -34.41
CA LEU D 527 -35.57 11.21 -34.79
C LEU D 527 -35.63 12.11 -33.56
N TYR D 528 -36.24 11.63 -32.48
CA TYR D 528 -36.32 12.44 -31.26
C TYR D 528 -34.96 12.61 -30.61
N LEU D 529 -34.12 11.57 -30.65
CA LEU D 529 -32.79 11.67 -30.07
C LEU D 529 -31.87 12.53 -30.92
N TYR D 530 -32.08 12.54 -32.24
CA TYR D 530 -31.27 13.43 -33.07
C TYR D 530 -31.81 14.85 -33.04
N GLU D 531 -33.04 15.03 -32.56
CA GLU D 531 -33.61 16.37 -32.51
C GLU D 531 -33.14 17.12 -31.27
N ASN D 532 -32.92 16.42 -30.17
CA ASN D 532 -32.43 17.01 -28.93
C ASN D 532 -30.93 16.87 -28.77
N LEU D 533 -30.19 16.91 -29.87
CA LEU D 533 -28.74 16.89 -29.79
C LEU D 533 -28.25 18.21 -29.22
N ASP D 534 -27.17 18.16 -28.44
CA ASP D 534 -26.77 19.35 -27.69
C ASP D 534 -26.16 20.40 -28.61
N PRO D 535 -26.38 21.68 -28.35
CA PRO D 535 -26.09 22.69 -29.39
C PRO D 535 -24.63 23.08 -29.53
N SER D 536 -23.81 22.84 -28.49
CA SER D 536 -22.47 23.45 -28.48
C SER D 536 -21.51 22.72 -29.40
N CYS D 537 -21.83 21.48 -29.79
CA CYS D 537 -20.87 20.67 -30.54
C CYS D 537 -20.81 21.08 -32.00
N LEU D 538 -19.84 20.53 -32.71
CA LEU D 538 -19.62 20.87 -34.11
C LEU D 538 -20.67 20.25 -35.02
N PHE D 539 -21.10 19.02 -34.68
CA PHE D 539 -22.02 18.29 -35.53
C PHE D 539 -23.37 18.96 -35.60
N HIS D 540 -23.79 19.60 -34.50
CA HIS D 540 -25.04 20.34 -34.50
C HIS D 540 -24.97 21.54 -35.41
N SER D 541 -23.81 22.20 -35.46
CA SER D 541 -23.65 23.34 -36.36
C SER D 541 -23.68 22.92 -37.82
N LYS D 542 -23.01 21.81 -38.15
CA LYS D 542 -23.04 21.34 -39.53
C LYS D 542 -24.43 20.86 -39.93
N LEU D 543 -25.16 20.28 -38.98
CA LEU D 543 -26.52 19.85 -39.26
C LEU D 543 -27.45 21.04 -39.47
N GLN D 544 -27.27 22.10 -38.69
CA GLN D 544 -28.11 23.28 -38.86
C GLN D 544 -27.77 24.04 -40.13
N LYS D 545 -26.55 23.87 -40.64
CA LYS D 545 -26.26 24.40 -41.97
C LYS D 545 -26.96 23.58 -43.04
N VAL D 546 -26.83 22.25 -43.00
CA VAL D 546 -27.31 21.42 -44.10
C VAL D 546 -28.84 21.33 -44.09
N LEU D 547 -29.47 21.68 -42.96
CA LEU D 547 -30.92 21.82 -42.95
C LEU D 547 -31.39 22.95 -43.84
N VAL D 548 -30.78 24.13 -43.73
CA VAL D 548 -31.26 25.28 -44.47
C VAL D 548 -30.66 25.31 -45.87
N GLU D 549 -29.66 24.47 -46.13
CA GLU D 549 -29.14 24.40 -47.50
C GLU D 549 -30.02 23.50 -48.37
N ASP D 550 -30.93 22.75 -47.76
CA ASP D 550 -31.90 21.97 -48.51
C ASP D 550 -32.85 22.92 -49.24
N PRO D 551 -33.07 22.74 -50.55
CA PRO D 551 -34.10 23.55 -51.23
C PRO D 551 -35.52 23.09 -51.00
N GLU D 552 -35.71 21.83 -50.57
CA GLU D 552 -37.06 21.29 -50.44
C GLU D 552 -37.80 21.90 -49.24
N ARG D 553 -37.07 22.48 -48.29
CA ARG D 553 -37.74 23.16 -47.18
C ARG D 553 -38.24 24.56 -47.56
N PRO D 554 -37.50 25.41 -48.30
CA PRO D 554 -38.16 26.58 -48.90
C PRO D 554 -39.20 26.23 -49.94
N ALA D 555 -39.12 25.03 -50.54
CA ALA D 555 -40.23 24.55 -51.35
C ALA D 555 -41.47 24.34 -50.50
N CYS D 556 -41.30 23.89 -49.25
CA CYS D 556 -42.44 23.77 -48.34
C CYS D 556 -42.75 25.06 -47.61
N ALA D 557 -41.82 25.51 -46.74
CA ALA D 557 -41.99 26.72 -45.94
C ALA D 557 -40.64 27.15 -45.38
N PRO D 558 -40.24 28.41 -45.54
CA PRO D 558 -38.88 28.79 -45.12
C PRO D 558 -38.69 28.90 -43.62
N ALA D 559 -39.70 29.35 -42.88
CA ALA D 559 -39.52 29.62 -41.46
C ALA D 559 -39.53 28.33 -40.64
N ALA D 560 -40.20 27.30 -41.12
CA ALA D 560 -40.31 26.07 -40.35
C ALA D 560 -39.21 25.09 -40.73
N PRO D 561 -38.34 24.71 -39.78
CA PRO D 561 -37.36 23.66 -40.05
C PRO D 561 -37.88 22.27 -39.71
N ARG D 562 -37.72 21.32 -40.62
CA ARG D 562 -38.10 19.94 -40.37
C ARG D 562 -36.87 19.06 -40.48
N LEU D 563 -36.53 18.38 -39.39
CA LEU D 563 -35.38 17.50 -39.34
C LEU D 563 -35.77 16.15 -39.91
N GLN D 564 -35.06 15.71 -40.94
CA GLN D 564 -35.30 14.43 -41.55
C GLN D 564 -34.09 13.55 -41.33
N MET D 565 -34.21 12.28 -41.73
CA MET D 565 -33.12 11.34 -41.50
C MET D 565 -32.03 11.46 -42.56
N HIS D 566 -32.42 11.75 -43.81
CA HIS D 566 -31.44 11.75 -44.88
C HIS D 566 -30.52 12.97 -44.80
N HIS D 567 -30.92 14.00 -44.05
CA HIS D 567 -29.99 15.08 -43.72
C HIS D 567 -28.83 14.56 -42.87
N VAL D 568 -29.15 13.72 -41.86
CA VAL D 568 -28.13 13.11 -41.04
C VAL D 568 -27.29 12.15 -41.87
N ALA D 569 -27.92 11.45 -42.80
CA ALA D 569 -27.17 10.54 -43.69
C ALA D 569 -26.24 11.32 -44.60
N GLN D 570 -26.64 12.50 -45.05
CA GLN D 570 -25.82 13.32 -45.93
C GLN D 570 -24.61 13.87 -45.19
N VAL D 571 -24.83 14.42 -43.99
CA VAL D 571 -23.71 14.97 -43.24
C VAL D 571 -22.80 13.85 -42.71
N LEU D 572 -23.34 12.64 -42.57
CA LEU D 572 -22.49 11.51 -42.22
C LEU D 572 -21.67 11.03 -43.42
N ARG D 573 -22.26 11.10 -44.62
CA ARG D 573 -21.53 10.70 -45.82
C ARG D 573 -20.40 11.70 -46.11
N GLU D 574 -20.59 12.95 -45.72
CA GLU D 574 -19.50 13.92 -45.87
C GLU D 574 -18.34 13.61 -44.93
N LEU D 575 -18.64 13.05 -43.75
CA LEU D 575 -17.58 12.77 -42.79
C LEU D 575 -16.90 11.45 -43.09
N LEU D 576 -17.67 10.41 -43.39
CA LEU D 576 -17.12 9.07 -43.51
C LEU D 576 -16.29 8.92 -44.78
N GLY D 577 -16.67 9.61 -45.84
CA GLY D 577 -15.99 9.50 -47.12
C GLY D 577 -16.96 9.34 -48.27
N ASP D 578 -16.44 9.59 -49.47
CA ASP D 578 -17.28 9.53 -50.66
C ASP D 578 -17.48 8.09 -51.13
N PHE D 579 -16.61 7.18 -50.68
CA PHE D 579 -16.64 5.83 -51.23
C PHE D 579 -17.80 5.01 -50.68
N THR D 580 -18.31 5.39 -49.52
CA THR D 580 -19.43 4.65 -48.95
C THR D 580 -20.77 5.21 -49.45
N GLN D 581 -21.77 4.36 -49.44
CA GLN D 581 -23.11 4.77 -49.83
C GLN D 581 -23.83 5.37 -48.63
N PRO D 582 -24.91 6.13 -48.84
CA PRO D 582 -25.62 6.71 -47.69
C PRO D 582 -26.26 5.66 -46.81
N LEU D 583 -26.29 5.94 -45.51
CA LEU D 583 -26.76 4.96 -44.54
C LEU D 583 -28.28 4.94 -44.46
N TYR D 584 -28.88 6.09 -44.20
CA TYR D 584 -30.33 6.15 -44.12
C TYR D 584 -30.89 6.60 -45.45
N PRO D 585 -31.78 5.84 -46.07
CA PRO D 585 -32.26 6.18 -47.40
C PRO D 585 -33.36 7.22 -47.36
N ARG D 586 -33.61 7.83 -48.51
CA ARG D 586 -34.66 8.82 -48.64
C ARG D 586 -35.93 8.17 -49.13
N PRO D 587 -37.07 8.43 -48.49
CA PRO D 587 -38.34 7.89 -49.00
C PRO D 587 -38.74 8.56 -50.30
N ARG D 588 -38.92 7.76 -51.35
CA ARG D 588 -39.26 8.30 -52.66
C ARG D 588 -40.76 8.36 -52.87
N HIS D 589 -41.55 8.09 -51.83
CA HIS D 589 -43.00 8.12 -51.92
C HIS D 589 -43.54 9.53 -52.13
N HIS D 621 -47.67 2.05 -36.86
CA HIS D 621 -47.06 1.28 -35.78
C HIS D 621 -45.58 1.59 -35.67
N VAL D 622 -44.89 0.89 -34.77
CA VAL D 622 -43.46 1.08 -34.61
C VAL D 622 -42.73 0.38 -35.74
N THR D 623 -41.58 0.93 -36.13
CA THR D 623 -40.78 0.36 -37.21
C THR D 623 -39.29 0.47 -36.86
N PHE D 624 -38.59 -0.66 -36.92
CA PHE D 624 -37.16 -0.71 -36.67
C PHE D 624 -36.44 -0.60 -38.00
N THR D 625 -35.38 0.20 -38.02
CA THR D 625 -34.41 0.07 -39.09
C THR D 625 -33.50 -1.11 -38.77
N MET D 626 -32.76 -1.59 -39.75
CA MET D 626 -31.80 -2.65 -39.51
C MET D 626 -30.63 -2.13 -38.67
N ASP D 627 -30.24 -2.92 -37.66
CA ASP D 627 -29.12 -2.63 -36.78
C ASP D 627 -29.24 -1.31 -36.02
N PRO D 628 -30.09 -1.23 -35.01
CA PRO D 628 -30.27 0.04 -34.28
C PRO D 628 -29.09 0.44 -33.41
N ILE D 629 -28.30 -0.54 -32.97
CA ILE D 629 -27.14 -0.26 -32.12
C ILE D 629 -26.11 0.55 -32.89
N ARG D 630 -26.03 0.35 -34.21
CA ARG D 630 -25.22 1.20 -35.08
C ARG D 630 -25.63 2.66 -34.97
N ASP D 631 -26.94 2.92 -35.00
CA ASP D 631 -27.43 4.30 -34.97
C ASP D 631 -27.18 4.95 -33.62
N LEU D 632 -27.41 4.20 -32.55
CA LEU D 632 -27.14 4.75 -31.23
C LEU D 632 -25.65 4.98 -31.01
N LEU D 633 -24.80 4.14 -31.61
CA LEU D 633 -23.37 4.33 -31.48
C LEU D 633 -22.91 5.58 -32.23
N ILE D 634 -23.48 5.84 -33.40
CA ILE D 634 -23.12 7.06 -34.13
C ILE D 634 -23.60 8.29 -33.38
N TRP D 635 -24.81 8.22 -32.81
CA TRP D 635 -25.34 9.36 -32.05
C TRP D 635 -24.54 9.62 -30.80
N ALA D 636 -23.98 8.59 -30.19
CA ALA D 636 -23.15 8.81 -29.01
C ALA D 636 -21.76 9.27 -29.40
N ILE D 637 -21.29 8.90 -30.60
CA ILE D 637 -19.91 9.20 -30.97
C ILE D 637 -19.78 10.65 -31.44
N VAL D 638 -20.75 11.15 -32.20
CA VAL D 638 -20.56 12.42 -32.91
C VAL D 638 -20.52 13.60 -31.94
N GLN D 639 -21.03 13.43 -30.72
CA GLN D 639 -21.01 14.55 -29.79
C GLN D 639 -20.10 14.28 -28.60
N ASN D 640 -19.15 13.36 -28.75
CA ASN D 640 -18.03 13.14 -27.83
C ASN D 640 -18.48 12.73 -26.43
N ARG D 641 -19.52 11.92 -26.34
CA ARG D 641 -19.90 11.31 -25.07
C ARG D 641 -19.15 9.99 -24.98
N ARG D 642 -18.16 9.94 -24.10
CA ARG D 642 -17.21 8.83 -24.12
C ARG D 642 -17.79 7.58 -23.46
N GLU D 643 -18.37 7.74 -22.27
CA GLU D 643 -18.76 6.59 -21.47
C GLU D 643 -20.03 5.93 -22.02
N LEU D 644 -20.86 6.70 -22.72
CA LEU D 644 -22.01 6.10 -23.39
C LEU D 644 -21.57 5.22 -24.55
N ALA D 645 -20.59 5.70 -25.33
CA ALA D 645 -20.10 4.93 -26.46
C ALA D 645 -19.38 3.68 -25.99
N GLY D 646 -18.63 3.78 -24.90
CA GLY D 646 -17.96 2.61 -24.34
C GLY D 646 -18.91 1.57 -23.82
N ILE D 647 -20.10 1.99 -23.39
CA ILE D 647 -21.11 1.03 -22.97
C ILE D 647 -21.77 0.38 -24.16
N ILE D 648 -22.27 1.19 -25.10
CA ILE D 648 -23.15 0.62 -26.13
C ILE D 648 -22.33 0.06 -27.28
N TRP D 649 -21.00 0.13 -27.21
CA TRP D 649 -20.20 -0.60 -28.18
C TRP D 649 -20.20 -2.09 -27.86
N ALA D 650 -20.36 -2.44 -26.58
CA ALA D 650 -20.32 -3.84 -26.18
C ALA D 650 -21.57 -4.58 -26.66
N GLN D 651 -22.63 -3.85 -26.99
CA GLN D 651 -23.84 -4.48 -27.47
C GLN D 651 -23.85 -4.64 -28.98
N SER D 652 -22.80 -4.21 -29.68
CA SER D 652 -22.88 -4.04 -31.13
C SER D 652 -22.76 -5.38 -31.84
N GLN D 653 -23.17 -5.38 -33.11
CA GLN D 653 -23.28 -6.62 -33.87
C GLN D 653 -21.94 -7.03 -34.46
N ASP D 654 -21.38 -6.22 -35.35
CA ASP D 654 -20.08 -6.50 -35.97
C ASP D 654 -19.10 -5.42 -35.56
N CYS D 655 -18.29 -5.73 -34.54
CA CYS D 655 -17.59 -4.69 -33.82
C CYS D 655 -16.34 -4.23 -34.56
N ILE D 656 -15.77 -5.10 -35.40
CA ILE D 656 -14.51 -4.82 -36.09
C ILE D 656 -14.65 -3.65 -37.04
N ALA D 657 -15.73 -3.63 -37.83
CA ALA D 657 -15.98 -2.50 -38.71
C ALA D 657 -16.41 -1.28 -37.91
N ALA D 658 -17.10 -1.51 -36.78
CA ALA D 658 -17.67 -0.40 -36.02
C ALA D 658 -16.60 0.45 -35.36
N ALA D 659 -15.58 -0.18 -34.80
CA ALA D 659 -14.52 0.55 -34.14
C ALA D 659 -13.73 1.39 -35.14
N LEU D 660 -13.48 0.85 -36.33
CA LEU D 660 -12.72 1.61 -37.32
C LEU D 660 -13.55 2.74 -37.92
N ALA D 661 -14.86 2.52 -38.09
CA ALA D 661 -15.71 3.60 -38.56
C ALA D 661 -15.80 4.72 -37.55
N CYS D 662 -15.83 4.38 -36.26
CA CYS D 662 -15.84 5.41 -35.23
C CYS D 662 -14.50 6.15 -35.17
N SER D 663 -13.40 5.45 -35.43
CA SER D 663 -12.10 6.10 -35.46
C SER D 663 -12.00 7.07 -36.63
N LYS D 664 -12.53 6.68 -37.79
CA LYS D 664 -12.51 7.56 -38.96
C LYS D 664 -13.37 8.80 -38.74
N ILE D 665 -14.57 8.61 -38.17
CA ILE D 665 -15.46 9.73 -37.88
C ILE D 665 -14.81 10.69 -36.89
N LEU D 666 -14.16 10.15 -35.85
CA LEU D 666 -13.59 11.00 -34.83
C LEU D 666 -12.37 11.76 -35.33
N LYS D 667 -11.54 11.13 -36.17
CA LYS D 667 -10.41 11.86 -36.75
C LYS D 667 -10.88 12.98 -37.65
N GLU D 668 -11.86 12.71 -38.52
CA GLU D 668 -12.32 13.72 -39.44
C GLU D 668 -13.07 14.84 -38.73
N LEU D 669 -13.73 14.51 -37.62
CA LEU D 669 -14.42 15.53 -36.85
C LEU D 669 -13.44 16.32 -35.99
N SER D 670 -12.30 15.73 -35.66
CA SER D 670 -11.32 16.43 -34.85
C SER D 670 -10.45 17.35 -35.69
N LYS D 671 -10.42 17.13 -37.01
CA LYS D 671 -9.64 18.02 -37.86
C LYS D 671 -10.26 19.41 -37.95
N GLU D 672 -11.58 19.51 -37.97
CA GLU D 672 -12.27 20.77 -38.19
C GLU D 672 -12.77 21.42 -36.92
N GLU D 673 -12.06 21.27 -35.80
CA GLU D 673 -12.66 21.57 -34.51
C GLU D 673 -12.71 23.06 -34.22
N GLU D 674 -11.63 23.79 -34.53
CA GLU D 674 -11.44 25.20 -34.14
C GLU D 674 -11.59 25.39 -32.63
N ASP D 675 -10.90 24.53 -31.87
CA ASP D 675 -10.84 24.59 -30.43
C ASP D 675 -9.55 23.91 -30.03
N THR D 676 -9.38 23.62 -28.75
CA THR D 676 -8.16 22.95 -28.34
C THR D 676 -8.41 21.76 -27.42
N ASP D 677 -9.36 21.84 -26.50
CA ASP D 677 -9.56 20.75 -25.55
C ASP D 677 -10.28 19.58 -26.20
N SER D 678 -11.40 19.86 -26.85
CA SER D 678 -12.23 18.79 -27.41
C SER D 678 -11.55 18.12 -28.60
N SER D 679 -10.64 18.83 -29.28
CA SER D 679 -9.88 18.23 -30.36
C SER D 679 -8.94 17.13 -29.83
N GLU D 680 -8.26 17.40 -28.72
CA GLU D 680 -7.38 16.39 -28.15
C GLU D 680 -8.18 15.25 -27.54
N GLU D 681 -9.35 15.56 -26.98
CA GLU D 681 -10.22 14.51 -26.46
C GLU D 681 -10.70 13.59 -27.58
N MET D 682 -11.04 14.18 -28.74
CA MET D 682 -11.51 13.38 -29.86
C MET D 682 -10.39 12.51 -30.43
N LEU D 683 -9.17 13.04 -30.50
CA LEU D 683 -8.06 12.24 -31.00
C LEU D 683 -7.72 11.09 -30.06
N ALA D 684 -7.80 11.33 -28.75
CA ALA D 684 -7.56 10.25 -27.79
C ALA D 684 -8.63 9.17 -27.88
N LEU D 685 -9.88 9.59 -28.09
CA LEU D 685 -10.96 8.61 -28.22
C LEU D 685 -10.80 7.76 -29.48
N ALA D 686 -10.37 8.38 -30.58
CA ALA D 686 -10.17 7.63 -31.82
C ALA D 686 -9.03 6.63 -31.69
N GLU D 687 -7.97 7.01 -30.99
CA GLU D 687 -6.86 6.10 -30.77
C GLU D 687 -7.28 4.92 -29.88
N GLU D 688 -8.13 5.19 -28.89
CA GLU D 688 -8.67 4.12 -28.05
C GLU D 688 -9.53 3.15 -28.85
N TYR D 689 -10.28 3.67 -29.83
CA TYR D 689 -11.15 2.77 -30.58
C TYR D 689 -10.36 1.93 -31.58
N GLU D 690 -9.25 2.45 -32.10
CA GLU D 690 -8.43 1.59 -32.94
C GLU D 690 -7.72 0.52 -32.08
N HIS D 691 -7.48 0.81 -30.80
CA HIS D 691 -6.97 -0.24 -29.91
C HIS D 691 -8.01 -1.32 -29.67
N ARG D 692 -9.29 -0.94 -29.57
CA ARG D 692 -10.35 -1.93 -29.43
C ARG D 692 -10.43 -2.83 -30.66
N ALA D 693 -10.30 -2.25 -31.85
CA ALA D 693 -10.35 -3.06 -33.06
C ALA D 693 -9.17 -4.02 -33.15
N ILE D 694 -7.98 -3.57 -32.74
CA ILE D 694 -6.81 -4.43 -32.77
C ILE D 694 -6.97 -5.59 -31.79
N GLY D 695 -7.55 -5.32 -30.61
CA GLY D 695 -7.74 -6.38 -29.63
C GLY D 695 -8.72 -7.45 -30.07
N VAL D 696 -9.86 -7.03 -30.64
CA VAL D 696 -10.85 -8.02 -31.08
C VAL D 696 -10.31 -8.81 -32.27
N PHE D 697 -9.58 -8.15 -33.17
CA PHE D 697 -9.04 -8.88 -34.31
C PHE D 697 -7.94 -9.84 -33.91
N THR D 698 -7.13 -9.49 -32.89
CA THR D 698 -6.06 -10.41 -32.54
C THR D 698 -6.60 -11.60 -31.77
N GLU D 699 -7.74 -11.45 -31.08
CA GLU D 699 -8.41 -12.62 -30.53
C GLU D 699 -8.92 -13.54 -31.64
N CYS D 700 -9.60 -12.94 -32.64
CA CYS D 700 -10.13 -13.72 -33.75
C CYS D 700 -9.01 -14.36 -34.56
N TYR D 701 -7.82 -13.77 -34.54
CA TYR D 701 -6.70 -14.32 -35.30
C TYR D 701 -6.04 -15.46 -34.57
N ARG D 702 -5.90 -15.34 -33.24
CA ARG D 702 -5.25 -16.41 -32.49
C ARG D 702 -6.12 -17.64 -32.40
N LYS D 703 -7.45 -17.49 -32.44
CA LYS D 703 -8.29 -18.68 -32.39
C LYS D 703 -8.26 -19.45 -33.70
N ASP D 704 -8.56 -18.80 -34.81
CA ASP D 704 -8.61 -19.46 -36.11
C ASP D 704 -7.87 -18.62 -37.13
N GLU D 705 -7.04 -19.28 -37.95
CA GLU D 705 -6.20 -18.55 -38.86
C GLU D 705 -6.96 -18.12 -40.11
N GLU D 706 -7.92 -18.93 -40.57
CA GLU D 706 -8.48 -18.73 -41.90
C GLU D 706 -9.70 -17.81 -41.87
N ARG D 707 -10.60 -18.03 -40.91
CA ARG D 707 -11.80 -17.20 -40.84
C ARG D 707 -11.45 -15.77 -40.44
N ALA D 708 -10.35 -15.59 -39.73
CA ALA D 708 -9.85 -14.25 -39.45
C ALA D 708 -9.43 -13.53 -40.72
N GLN D 709 -8.88 -14.27 -41.70
CA GLN D 709 -8.61 -13.67 -42.99
C GLN D 709 -9.90 -13.38 -43.72
N LYS D 710 -10.89 -14.26 -43.57
CA LYS D 710 -12.16 -14.08 -44.26
C LYS D 710 -12.94 -12.90 -43.71
N LEU D 711 -12.64 -12.49 -42.48
CA LEU D 711 -13.37 -11.39 -41.85
C LEU D 711 -12.99 -10.04 -42.45
N LEU D 712 -11.84 -9.95 -43.11
CA LEU D 712 -11.37 -8.66 -43.60
C LEU D 712 -12.02 -8.30 -44.93
N THR D 713 -12.09 -9.24 -45.86
CA THR D 713 -12.42 -8.89 -47.23
C THR D 713 -13.91 -8.76 -47.44
N ARG D 714 -14.71 -9.13 -46.44
CA ARG D 714 -16.15 -9.20 -46.62
C ARG D 714 -16.74 -7.79 -46.70
N VAL D 715 -17.85 -7.67 -47.42
CA VAL D 715 -18.55 -6.41 -47.47
C VAL D 715 -19.51 -6.33 -46.29
N SER D 716 -19.77 -5.11 -45.82
CA SER D 716 -20.56 -4.88 -44.62
C SER D 716 -21.79 -4.06 -44.99
N GLU D 717 -22.96 -4.66 -44.80
CA GLU D 717 -24.20 -3.96 -45.15
C GLU D 717 -24.51 -2.85 -44.15
N ALA D 718 -24.03 -2.99 -42.92
CA ALA D 718 -24.40 -2.05 -41.86
C ALA D 718 -23.72 -0.71 -42.03
N TRP D 719 -22.57 -0.67 -42.70
CA TRP D 719 -21.82 0.57 -42.84
C TRP D 719 -21.65 0.99 -44.28
N GLY D 720 -22.71 0.86 -45.08
CA GLY D 720 -22.70 1.45 -46.41
C GLY D 720 -21.90 0.70 -47.45
N LYS D 721 -21.84 -0.62 -47.36
CA LYS D 721 -21.26 -1.50 -48.38
C LYS D 721 -19.78 -1.21 -48.63
N THR D 722 -19.01 -1.11 -47.56
CA THR D 722 -17.55 -1.01 -47.66
C THR D 722 -16.92 -2.14 -46.87
N THR D 723 -15.71 -2.53 -47.25
CA THR D 723 -15.02 -3.55 -46.50
C THR D 723 -14.27 -2.94 -45.34
N CYS D 724 -13.74 -3.80 -44.48
CA CYS D 724 -13.04 -3.33 -43.29
C CYS D 724 -11.67 -2.78 -43.61
N LEU D 725 -10.99 -3.38 -44.60
CA LEU D 725 -9.63 -2.97 -44.94
C LEU D 725 -9.61 -1.59 -45.58
N GLN D 726 -10.63 -1.28 -46.37
CA GLN D 726 -10.68 0.04 -47.00
C GLN D 726 -10.93 1.13 -45.97
N LEU D 727 -11.74 0.83 -44.95
CA LEU D 727 -11.93 1.78 -43.86
C LEU D 727 -10.66 1.98 -43.06
N ALA D 728 -9.93 0.89 -42.80
CA ALA D 728 -8.69 0.99 -42.05
C ALA D 728 -7.63 1.76 -42.84
N LEU D 729 -7.68 1.70 -44.17
CA LEU D 729 -6.72 2.46 -44.96
C LEU D 729 -7.10 3.92 -45.05
N GLU D 730 -8.38 4.22 -45.29
CA GLU D 730 -8.80 5.60 -45.46
C GLU D 730 -8.77 6.36 -44.15
N ALA D 731 -8.89 5.67 -43.02
CA ALA D 731 -8.79 6.34 -41.73
C ALA D 731 -7.35 6.57 -41.32
N LYS D 732 -6.40 6.00 -42.07
CA LYS D 732 -4.96 6.09 -41.80
C LYS D 732 -4.60 5.57 -40.41
N ASP D 733 -4.91 4.31 -40.16
CA ASP D 733 -4.55 3.66 -38.91
C ASP D 733 -3.30 2.82 -39.13
N MET D 734 -2.17 3.30 -38.60
CA MET D 734 -0.91 2.59 -38.78
C MET D 734 -0.90 1.28 -38.03
N LYS D 735 -1.40 1.27 -36.79
CA LYS D 735 -1.20 0.13 -35.92
C LYS D 735 -2.11 -1.02 -36.29
N PHE D 736 -3.18 -0.75 -37.03
CA PHE D 736 -4.05 -1.85 -37.45
C PHE D 736 -3.42 -2.61 -38.61
N VAL D 737 -2.94 -1.89 -39.62
CA VAL D 737 -2.36 -2.58 -40.78
C VAL D 737 -0.95 -3.03 -40.48
N SER D 738 -0.37 -2.57 -39.37
CA SER D 738 0.96 -3.05 -38.99
C SER D 738 0.88 -4.36 -38.22
N HIS D 739 -0.33 -4.89 -38.03
CA HIS D 739 -0.49 -6.16 -37.32
C HIS D 739 0.04 -7.31 -38.18
N GLY D 740 0.36 -8.43 -37.54
CA GLY D 740 0.99 -9.52 -38.25
C GLY D 740 0.06 -10.26 -39.19
N GLY D 741 -1.21 -10.40 -38.78
CA GLY D 741 -2.14 -11.21 -39.57
C GLY D 741 -2.53 -10.54 -40.88
N ILE D 742 -2.73 -9.23 -40.84
CA ILE D 742 -3.11 -8.51 -42.06
C ILE D 742 -1.92 -8.42 -43.01
N GLN D 743 -0.70 -8.33 -42.47
CA GLN D 743 0.48 -8.40 -43.31
C GLN D 743 0.64 -9.78 -43.93
N ALA D 744 0.28 -10.83 -43.19
CA ALA D 744 0.26 -12.16 -43.76
C ALA D 744 -0.79 -12.28 -44.85
N PHE D 745 -1.91 -11.56 -44.71
CA PHE D 745 -2.91 -11.55 -45.76
C PHE D 745 -2.39 -10.89 -47.01
N LEU D 746 -1.65 -9.78 -46.85
CA LEU D 746 -1.09 -9.09 -48.00
C LEU D 746 -0.05 -9.95 -48.71
N THR D 747 0.77 -10.66 -47.93
CA THR D 747 1.72 -11.61 -48.52
C THR D 747 1.00 -12.74 -49.24
N LYS D 748 -0.12 -13.21 -48.66
CA LYS D 748 -0.89 -14.29 -49.27
C LYS D 748 -1.51 -13.87 -50.59
N VAL D 749 -1.97 -12.62 -50.67
CA VAL D 749 -2.49 -12.12 -51.95
C VAL D 749 -1.37 -11.92 -52.94
N TRP D 750 -0.22 -11.44 -52.45
CA TRP D 750 0.91 -11.13 -53.33
C TRP D 750 1.51 -12.38 -53.95
N TRP D 751 1.50 -13.50 -53.21
CA TRP D 751 2.04 -14.74 -53.79
C TRP D 751 1.00 -15.40 -54.69
N GLY D 752 -0.24 -14.97 -54.62
CA GLY D 752 -1.24 -15.43 -55.56
C GLY D 752 -1.70 -16.85 -55.31
N GLN D 753 -1.79 -17.61 -56.40
CA GLN D 753 -2.39 -18.93 -56.37
C GLN D 753 -1.47 -19.95 -55.72
N LEU D 754 -0.17 -19.81 -55.91
CA LEU D 754 0.77 -20.82 -55.45
C LEU D 754 1.17 -20.58 -53.99
N SER D 755 1.83 -21.58 -53.42
CA SER D 755 2.19 -21.54 -52.00
C SER D 755 3.29 -20.53 -51.76
N VAL D 756 3.30 -19.97 -50.55
CA VAL D 756 4.17 -18.83 -50.24
C VAL D 756 5.58 -19.23 -49.83
N ASP D 757 5.90 -20.51 -49.83
CA ASP D 757 7.17 -20.95 -49.25
C ASP D 757 8.20 -21.38 -50.30
N ASN D 758 8.04 -20.99 -51.56
CA ASN D 758 8.91 -21.52 -52.60
C ASN D 758 10.25 -20.80 -52.63
N GLY D 759 10.26 -19.51 -52.34
CA GLY D 759 11.48 -18.72 -52.49
C GLY D 759 11.59 -18.06 -53.85
N LEU D 760 12.58 -17.17 -53.96
CA LEU D 760 12.68 -16.32 -55.14
C LEU D 760 13.40 -17.01 -56.30
N TRP D 761 14.47 -17.76 -56.00
CA TRP D 761 15.26 -18.37 -57.06
C TRP D 761 14.47 -19.46 -57.78
N ARG D 762 13.58 -20.13 -57.05
CA ARG D 762 12.73 -21.14 -57.66
C ARG D 762 11.77 -20.52 -58.68
N VAL D 763 11.17 -19.39 -58.33
CA VAL D 763 10.27 -18.70 -59.24
C VAL D 763 11.06 -18.14 -60.42
N THR D 764 12.31 -17.75 -60.18
CA THR D 764 13.16 -17.25 -61.26
C THR D 764 13.48 -18.35 -62.27
N LEU D 765 13.82 -19.54 -61.80
CA LEU D 765 14.13 -20.65 -62.70
C LEU D 765 12.87 -21.15 -63.42
N CYS D 766 11.72 -21.15 -62.75
CA CYS D 766 10.49 -21.53 -63.44
C CYS D 766 10.06 -20.46 -64.44
N MET D 767 10.42 -19.20 -64.20
CA MET D 767 10.17 -18.16 -65.19
C MET D 767 11.10 -18.33 -66.40
N LEU D 768 12.35 -18.73 -66.16
CA LEU D 768 13.28 -18.91 -67.26
C LEU D 768 12.98 -20.16 -68.06
N ALA D 769 12.57 -21.23 -67.37
CA ALA D 769 12.37 -22.54 -68.00
C ALA D 769 10.90 -22.90 -68.02
N PHE D 770 10.33 -22.99 -69.22
CA PHE D 770 8.96 -23.47 -69.36
C PHE D 770 8.73 -24.91 -68.88
N PRO D 771 9.53 -25.94 -69.23
CA PRO D 771 9.13 -27.30 -68.81
C PRO D 771 9.41 -27.60 -67.36
N LEU D 772 10.09 -26.71 -66.64
CA LEU D 772 10.37 -26.96 -65.23
C LEU D 772 9.10 -26.88 -64.38
N LEU D 773 8.10 -26.12 -64.85
CA LEU D 773 6.84 -26.02 -64.12
C LEU D 773 6.05 -27.32 -64.20
N LEU D 774 6.25 -28.09 -65.27
CA LEU D 774 5.53 -29.35 -65.42
C LEU D 774 6.11 -30.44 -64.53
N THR D 775 7.30 -30.21 -63.98
CA THR D 775 7.97 -31.17 -63.12
C THR D 775 7.40 -31.12 -61.70
N GLY D 776 8.18 -31.67 -60.76
CA GLY D 776 7.82 -31.72 -59.33
C GLY D 776 8.39 -30.52 -58.59
N LEU D 777 8.93 -29.56 -59.34
CA LEU D 777 9.57 -28.33 -58.80
C LEU D 777 8.53 -27.31 -58.30
N ILE D 778 9.01 -26.29 -57.59
CA ILE D 778 8.26 -25.17 -56.94
C ILE D 778 7.29 -25.68 -55.87
N SER D 779 6.03 -25.20 -55.90
CA SER D 779 5.06 -25.53 -54.86
C SER D 779 3.67 -25.22 -55.39
N PHE D 780 2.65 -25.67 -54.68
CA PHE D 780 1.29 -25.20 -54.87
C PHE D 780 0.56 -25.30 -53.54
N ARG D 781 -0.57 -24.61 -53.45
CA ARG D 781 -1.56 -24.83 -52.41
C ARG D 781 -2.86 -25.18 -53.12
N GLU D 782 -3.89 -25.51 -52.34
CA GLU D 782 -5.17 -26.02 -52.83
C GLU D 782 -4.91 -27.27 -53.67
N LYS D 783 -4.52 -28.36 -53.00
CA LYS D 783 -3.74 -29.43 -53.62
C LYS D 783 -4.55 -30.28 -54.60
N ARG D 784 -5.80 -29.90 -54.89
CA ARG D 784 -6.51 -30.47 -56.02
C ARG D 784 -5.82 -30.12 -57.34
N LEU D 785 -5.15 -28.97 -57.40
CA LEU D 785 -4.36 -28.63 -58.57
C LEU D 785 -2.94 -29.16 -58.47
N GLN D 786 -2.44 -29.34 -57.23
CA GLN D 786 -1.08 -29.81 -57.05
C GLN D 786 -0.96 -31.30 -57.34
N ASP D 787 -1.96 -32.09 -56.93
CA ASP D 787 -1.89 -33.53 -57.13
C ASP D 787 -2.20 -33.91 -58.56
N VAL D 788 -3.38 -33.58 -59.05
CA VAL D 788 -3.77 -33.91 -60.42
C VAL D 788 -3.03 -33.01 -61.40
N GLY D 789 -2.52 -33.61 -62.46
CA GLY D 789 -1.72 -32.87 -63.42
C GLY D 789 -2.50 -32.34 -64.61
N THR D 790 -2.92 -31.08 -64.52
CA THR D 790 -3.54 -30.38 -65.64
C THR D 790 -2.64 -29.19 -65.94
N PRO D 791 -1.62 -29.39 -66.79
CA PRO D 791 -0.56 -28.38 -66.93
C PRO D 791 -1.01 -27.08 -67.58
N ALA D 792 -2.10 -27.10 -68.34
CA ALA D 792 -2.67 -25.86 -68.84
C ALA D 792 -3.20 -25.01 -67.69
N ALA D 793 -3.91 -25.63 -66.75
CA ALA D 793 -4.43 -24.90 -65.60
C ALA D 793 -3.31 -24.46 -64.67
N ARG D 794 -2.28 -25.30 -64.51
CA ARG D 794 -1.14 -24.93 -63.67
C ARG D 794 -0.36 -23.77 -64.29
N ALA D 795 -0.23 -23.76 -65.62
CA ALA D 795 0.45 -22.66 -66.29
C ALA D 795 -0.36 -21.38 -66.22
N ARG D 796 -1.70 -21.48 -66.34
CA ARG D 796 -2.55 -20.31 -66.23
C ARG D 796 -2.51 -19.74 -64.82
N ALA D 797 -2.46 -20.61 -63.80
CA ALA D 797 -2.37 -20.14 -62.43
C ALA D 797 -1.00 -19.54 -62.14
N PHE D 798 0.06 -20.11 -62.73
CA PHE D 798 1.40 -19.59 -62.52
C PHE D 798 1.58 -18.24 -63.19
N PHE D 799 1.01 -18.06 -64.38
CA PHE D 799 1.17 -16.77 -65.07
C PHE D 799 0.14 -15.76 -64.58
N THR D 800 -0.85 -16.21 -63.81
CA THR D 800 -1.83 -15.27 -63.27
C THR D 800 -1.28 -14.51 -62.08
N ALA D 801 -0.41 -15.16 -61.29
CA ALA D 801 0.11 -14.65 -60.01
C ALA D 801 0.87 -13.35 -60.17
N PRO D 802 0.72 -12.40 -59.25
CA PRO D 802 1.29 -11.06 -59.48
C PRO D 802 2.80 -10.98 -59.31
N VAL D 803 3.41 -11.91 -58.57
CA VAL D 803 4.88 -11.97 -58.49
C VAL D 803 5.47 -12.22 -59.86
N VAL D 804 4.85 -13.14 -60.62
CA VAL D 804 5.31 -13.48 -61.96
C VAL D 804 5.15 -12.29 -62.89
N VAL D 805 4.03 -11.56 -62.77
CA VAL D 805 3.80 -10.38 -63.60
C VAL D 805 4.80 -9.28 -63.25
N PHE D 806 5.18 -9.21 -61.97
CA PHE D 806 6.18 -8.24 -61.55
C PHE D 806 7.54 -8.54 -62.16
N HIS D 807 7.97 -9.80 -62.10
CA HIS D 807 9.27 -10.16 -62.66
C HIS D 807 9.28 -10.06 -64.18
N LEU D 808 8.15 -10.34 -64.82
CA LEU D 808 8.04 -10.15 -66.27
C LEU D 808 8.15 -8.69 -66.66
N ASN D 809 7.50 -7.80 -65.91
CA ASN D 809 7.62 -6.37 -66.21
C ASN D 809 9.03 -5.87 -65.95
N ILE D 810 9.71 -6.42 -64.94
CA ILE D 810 11.08 -6.00 -64.66
C ILE D 810 12.02 -6.44 -65.78
N LEU D 811 11.85 -7.67 -66.27
CA LEU D 811 12.72 -8.17 -67.33
C LEU D 811 12.47 -7.46 -68.65
N SER D 812 11.20 -7.17 -68.95
CA SER D 812 10.87 -6.41 -70.17
C SER D 812 11.41 -4.99 -70.09
N TYR D 813 11.36 -4.38 -68.91
CA TYR D 813 11.88 -3.03 -68.74
C TYR D 813 13.39 -3.01 -68.87
N PHE D 814 14.06 -4.08 -68.41
CA PHE D 814 15.50 -4.17 -68.54
C PHE D 814 15.93 -4.30 -69.99
N ALA D 815 15.23 -5.14 -70.76
CA ALA D 815 15.55 -5.28 -72.18
C ALA D 815 15.25 -3.99 -72.95
N PHE D 816 14.19 -3.29 -72.55
CA PHE D 816 13.86 -2.00 -73.14
C PHE D 816 14.97 -0.98 -72.88
N LEU D 817 15.51 -0.96 -71.66
CA LEU D 817 16.57 -0.01 -71.35
C LEU D 817 17.86 -0.33 -72.09
N CYS D 818 18.19 -1.62 -72.23
CA CYS D 818 19.39 -2.00 -72.98
C CYS D 818 19.27 -1.63 -74.45
N LEU D 819 18.09 -1.83 -75.04
CA LEU D 819 17.90 -1.47 -76.44
C LEU D 819 17.93 0.04 -76.64
N PHE D 820 17.39 0.80 -75.68
CA PHE D 820 17.42 2.26 -75.75
C PHE D 820 18.85 2.78 -75.65
N ALA D 821 19.64 2.22 -74.75
CA ALA D 821 21.04 2.62 -74.62
C ALA D 821 21.84 2.27 -75.87
N TYR D 822 21.55 1.12 -76.49
CA TYR D 822 22.25 0.73 -77.71
C TYR D 822 21.94 1.67 -78.86
N VAL D 823 20.65 1.98 -79.07
CA VAL D 823 20.29 2.84 -80.21
C VAL D 823 20.77 4.28 -79.97
N LEU D 824 20.83 4.70 -78.70
CA LEU D 824 21.33 6.04 -78.42
C LEU D 824 22.84 6.11 -78.61
N MET D 825 23.55 5.02 -78.33
CA MET D 825 24.99 5.05 -78.44
C MET D 825 25.46 4.93 -79.89
N VAL D 826 24.84 4.06 -80.68
CA VAL D 826 25.35 3.83 -82.03
C VAL D 826 24.38 4.26 -83.12
N ASP D 827 23.07 4.05 -82.98
CA ASP D 827 22.19 4.10 -84.14
C ASP D 827 21.34 5.35 -84.23
N PHE D 828 21.77 6.47 -83.65
CA PHE D 828 21.07 7.74 -83.85
C PHE D 828 21.29 8.23 -85.26
N GLN D 829 20.29 8.09 -86.11
CA GLN D 829 20.41 8.37 -87.53
C GLN D 829 19.43 9.45 -87.94
N PRO D 830 19.79 10.32 -88.89
CA PRO D 830 18.83 11.31 -89.39
C PRO D 830 17.69 10.67 -90.18
N VAL D 831 17.98 9.57 -90.87
CA VAL D 831 16.95 8.76 -91.53
C VAL D 831 16.17 8.07 -90.42
N PRO D 832 14.85 7.91 -90.55
CA PRO D 832 14.11 7.14 -89.53
C PRO D 832 14.53 5.68 -89.50
N SER D 833 14.71 5.16 -88.29
CA SER D 833 15.35 3.86 -88.07
C SER D 833 14.34 2.85 -87.54
N TRP D 834 14.70 1.57 -87.64
CA TRP D 834 13.78 0.51 -87.24
C TRP D 834 13.92 0.19 -85.75
N CYS D 835 15.16 0.18 -85.25
CA CYS D 835 15.38 -0.03 -83.83
C CYS D 835 14.83 1.13 -83.01
N GLU D 836 14.72 2.31 -83.62
CA GLU D 836 14.05 3.41 -82.96
C GLU D 836 12.54 3.23 -82.97
N CYS D 837 11.98 2.64 -84.03
CA CYS D 837 10.53 2.58 -84.13
C CYS D 837 9.96 1.50 -83.22
N ALA D 838 10.75 0.43 -82.99
CA ALA D 838 10.35 -0.54 -81.98
C ALA D 838 10.28 0.08 -80.58
N ILE D 839 11.20 1.00 -80.28
CA ILE D 839 11.21 1.66 -78.99
C ILE D 839 10.08 2.68 -78.89
N TYR D 840 9.74 3.33 -80.02
CA TYR D 840 8.57 4.21 -80.02
C TYR D 840 7.29 3.40 -79.79
N LEU D 841 7.24 2.18 -80.33
CA LEU D 841 6.11 1.29 -80.07
C LEU D 841 6.03 0.91 -78.59
N TRP D 842 7.17 0.58 -77.97
CA TRP D 842 7.15 0.19 -76.56
C TRP D 842 6.82 1.37 -75.65
N LEU D 843 7.22 2.58 -76.04
CA LEU D 843 6.92 3.74 -75.21
C LEU D 843 5.46 4.17 -75.37
N PHE D 844 4.91 4.01 -76.58
CA PHE D 844 3.47 4.21 -76.77
C PHE D 844 2.68 3.18 -75.98
N SER D 845 3.21 1.96 -75.88
CA SER D 845 2.62 0.94 -75.03
C SER D 845 2.62 1.35 -73.56
N LEU D 846 3.74 1.93 -73.09
CA LEU D 846 3.82 2.35 -71.70
C LEU D 846 2.86 3.50 -71.41
N VAL D 847 2.72 4.45 -72.34
CA VAL D 847 1.84 5.59 -72.07
C VAL D 847 0.37 5.17 -72.17
N CYS D 848 0.05 4.18 -73.01
CA CYS D 848 -1.34 3.70 -73.02
C CYS D 848 -1.65 2.91 -71.77
N GLU D 849 -0.64 2.20 -71.22
CA GLU D 849 -0.82 1.52 -69.94
C GLU D 849 -1.08 2.50 -68.82
N GLU D 850 -0.33 3.60 -68.77
CA GLU D 850 -0.54 4.56 -67.69
C GLU D 850 -1.87 5.32 -67.87
N MET D 851 -2.30 5.52 -69.11
CA MET D 851 -3.62 6.12 -69.33
C MET D 851 -4.74 5.19 -68.88
N ARG D 852 -4.58 3.89 -69.11
CA ARG D 852 -5.53 2.91 -68.57
C ARG D 852 -5.51 2.91 -67.05
N GLN D 853 -4.33 3.08 -66.47
CA GLN D 853 -4.20 3.12 -65.01
C GLN D 853 -4.89 4.35 -64.42
N LEU D 854 -4.92 5.45 -65.19
CA LEU D 854 -5.64 6.63 -64.74
C LEU D 854 -7.14 6.45 -64.89
N PHE D 855 -7.59 5.84 -65.99
CA PHE D 855 -9.02 5.81 -66.28
C PHE D 855 -9.76 4.75 -65.47
N TYR D 856 -9.05 3.97 -64.65
CA TYR D 856 -9.71 2.96 -63.85
C TYR D 856 -10.47 3.59 -62.70
N ASP D 857 -11.78 3.37 -62.67
CA ASP D 857 -12.65 3.91 -61.64
C ASP D 857 -13.52 2.77 -61.11
N PRO D 858 -13.10 2.08 -60.05
CA PRO D 858 -13.84 0.88 -59.63
C PRO D 858 -15.19 1.20 -58.98
N ASP D 859 -15.24 2.21 -58.13
CA ASP D 859 -16.50 2.77 -57.67
C ASP D 859 -16.72 4.09 -58.42
N GLU D 860 -17.93 4.62 -58.30
CA GLU D 860 -18.18 5.94 -58.85
C GLU D 860 -17.47 7.00 -58.01
N CYS D 861 -16.62 7.78 -58.66
CA CYS D 861 -15.80 8.74 -57.93
C CYS D 861 -15.55 9.95 -58.81
N GLY D 862 -15.00 10.99 -58.18
CA GLY D 862 -14.75 12.23 -58.91
C GLY D 862 -13.57 12.10 -59.86
N LEU D 863 -13.75 12.61 -61.08
CA LEU D 863 -12.69 12.52 -62.08
C LEU D 863 -11.52 13.42 -61.71
N MET D 864 -11.79 14.64 -61.26
CA MET D 864 -10.72 15.51 -60.76
C MET D 864 -10.14 14.97 -59.46
N LYS D 865 -10.97 14.31 -58.64
CA LYS D 865 -10.48 13.69 -57.43
C LYS D 865 -9.59 12.50 -57.74
N LYS D 866 -9.96 11.71 -58.75
CA LYS D 866 -9.10 10.62 -59.21
C LYS D 866 -7.81 11.17 -59.82
N ALA D 867 -7.89 12.34 -60.46
CA ALA D 867 -6.71 12.98 -61.02
C ALA D 867 -5.75 13.43 -59.92
N ALA D 868 -6.28 13.99 -58.83
CA ALA D 868 -5.42 14.38 -57.72
C ALA D 868 -4.86 13.16 -57.01
N LEU D 869 -5.63 12.08 -56.96
CA LEU D 869 -5.14 10.83 -56.39
C LEU D 869 -4.01 10.25 -57.23
N TYR D 870 -4.11 10.37 -58.55
CA TYR D 870 -3.06 9.88 -59.43
C TYR D 870 -1.81 10.73 -59.33
N PHE D 871 -1.97 12.06 -59.36
CA PHE D 871 -0.81 12.94 -59.40
C PHE D 871 -0.18 13.11 -58.03
N SER D 872 -0.87 12.66 -56.98
CA SER D 872 -0.29 12.72 -55.64
C SER D 872 0.88 11.75 -55.51
N ASP D 873 0.83 10.65 -56.25
CA ASP D 873 1.85 9.61 -56.11
C ASP D 873 3.13 10.06 -56.81
N PHE D 874 4.27 9.64 -56.24
CA PHE D 874 5.58 10.09 -56.71
C PHE D 874 5.94 9.50 -58.07
N TRP D 875 5.82 8.18 -58.20
CA TRP D 875 6.30 7.51 -59.40
C TRP D 875 5.41 7.81 -60.60
N ASN D 876 4.15 8.18 -60.36
CA ASN D 876 3.30 8.63 -61.45
C ASN D 876 3.77 9.96 -62.00
N LYS D 877 4.18 10.88 -61.11
CA LYS D 877 4.78 12.15 -61.53
C LYS D 877 6.04 11.93 -62.34
N LEU D 878 6.90 11.02 -61.87
CA LEU D 878 8.16 10.74 -62.56
C LEU D 878 7.91 10.12 -63.94
N ASP D 879 6.96 9.19 -64.00
CA ASP D 879 6.60 8.48 -65.25
C ASP D 879 6.01 9.44 -66.28
N VAL D 880 5.14 10.36 -65.85
CA VAL D 880 4.52 11.29 -66.80
C VAL D 880 5.51 12.38 -67.20
N GLY D 881 6.47 12.71 -66.33
CA GLY D 881 7.51 13.64 -66.71
C GLY D 881 8.44 13.06 -67.76
N ALA D 882 8.78 11.78 -67.61
CA ALA D 882 9.61 11.12 -68.62
C ALA D 882 8.88 10.98 -69.95
N ILE D 883 7.57 10.75 -69.90
CA ILE D 883 6.76 10.66 -71.12
C ILE D 883 6.73 12.01 -71.84
N LEU D 884 6.55 13.09 -71.09
CA LEU D 884 6.54 14.43 -71.69
C LEU D 884 7.90 14.79 -72.28
N LEU D 885 8.98 14.40 -71.61
CA LEU D 885 10.31 14.71 -72.12
C LEU D 885 10.61 13.91 -73.39
N PHE D 886 10.11 12.68 -73.48
CA PHE D 886 10.29 11.90 -74.70
C PHE D 886 9.47 12.47 -75.85
N VAL D 887 8.29 12.99 -75.54
CA VAL D 887 7.46 13.64 -76.55
C VAL D 887 8.16 14.88 -77.10
N ALA D 888 8.81 15.65 -76.22
CA ALA D 888 9.61 16.79 -76.67
C ALA D 888 10.82 16.34 -77.48
N GLY D 889 11.45 15.23 -77.08
CA GLY D 889 12.65 14.77 -77.75
C GLY D 889 12.41 14.25 -79.14
N LEU D 890 11.24 13.64 -79.38
CA LEU D 890 10.93 13.19 -80.74
C LEU D 890 10.68 14.36 -81.69
N THR D 891 10.02 15.41 -81.21
CA THR D 891 9.83 16.60 -82.05
C THR D 891 11.15 17.33 -82.27
N CYS D 892 12.08 17.21 -81.32
CA CYS D 892 13.42 17.75 -81.57
C CYS D 892 14.21 16.87 -82.53
N ARG D 893 13.89 15.57 -82.58
CA ARG D 893 14.61 14.67 -83.46
C ARG D 893 14.11 14.79 -84.89
N LEU D 894 12.84 15.16 -85.06
CA LEU D 894 12.26 15.20 -86.40
C LEU D 894 12.81 16.37 -87.23
N ILE D 895 13.24 17.43 -86.57
CA ILE D 895 13.79 18.59 -87.29
C ILE D 895 15.28 18.37 -87.49
N PRO D 896 15.79 18.47 -88.73
CA PRO D 896 17.21 18.14 -88.97
C PRO D 896 18.20 19.13 -88.37
N ALA D 897 17.78 20.38 -88.17
CA ALA D 897 18.69 21.38 -87.61
C ALA D 897 18.95 21.13 -86.13
N THR D 898 17.97 20.55 -85.43
CA THR D 898 18.07 20.34 -83.99
C THR D 898 18.28 18.88 -83.63
N LEU D 899 19.05 18.13 -84.42
CA LEU D 899 19.22 16.70 -84.18
C LEU D 899 20.05 16.44 -82.93
N TYR D 900 21.15 17.16 -82.77
CA TYR D 900 21.98 17.01 -81.57
C TYR D 900 21.31 17.49 -80.28
N PRO D 901 20.51 18.58 -80.25
CA PRO D 901 19.69 18.82 -79.04
C PRO D 901 18.68 17.73 -78.74
N GLY D 902 18.10 17.12 -79.77
CA GLY D 902 17.24 15.97 -79.54
C GLY D 902 17.99 14.79 -78.95
N ARG D 903 19.25 14.62 -79.38
CA ARG D 903 20.10 13.57 -78.83
C ARG D 903 20.38 13.79 -77.34
N VAL D 904 20.73 15.02 -76.96
CA VAL D 904 21.04 15.25 -75.55
C VAL D 904 19.76 15.22 -74.69
N ILE D 905 18.61 15.59 -75.27
CA ILE D 905 17.34 15.47 -74.56
C ILE D 905 16.99 14.01 -74.31
N LEU D 906 17.21 13.15 -75.31
CA LEU D 906 16.98 11.73 -75.13
C LEU D 906 17.97 11.11 -74.15
N SER D 907 19.17 11.68 -74.03
CA SER D 907 20.11 11.17 -73.03
C SER D 907 19.64 11.50 -71.60
N LEU D 908 19.16 12.73 -71.38
CA LEU D 908 18.61 13.08 -70.08
C LEU D 908 17.36 12.25 -69.77
N ASP D 909 16.59 11.92 -70.79
CA ASP D 909 15.44 11.07 -70.57
C ASP D 909 15.85 9.63 -70.30
N PHE D 910 17.00 9.20 -70.82
CA PHE D 910 17.55 7.91 -70.42
C PHE D 910 17.93 7.90 -68.95
N ILE D 911 18.46 9.03 -68.46
CA ILE D 911 18.74 9.16 -67.02
C ILE D 911 17.45 9.05 -66.21
N LEU D 912 16.38 9.70 -66.68
CA LEU D 912 15.09 9.62 -66.01
C LEU D 912 14.51 8.21 -66.03
N PHE D 913 14.69 7.48 -67.13
CA PHE D 913 14.23 6.10 -67.20
C PHE D 913 15.02 5.19 -66.28
N CYS D 914 16.33 5.42 -66.15
CA CYS D 914 17.12 4.52 -65.32
C CYS D 914 16.92 4.84 -63.85
N LEU D 915 16.44 6.04 -63.53
CA LEU D 915 16.10 6.38 -62.15
C LEU D 915 14.88 5.58 -61.67
N ARG D 916 14.02 5.16 -62.61
CA ARG D 916 12.81 4.40 -62.31
C ARG D 916 13.11 2.99 -61.80
N LEU D 917 14.32 2.48 -62.04
CA LEU D 917 14.67 1.13 -61.58
C LEU D 917 14.91 1.09 -60.08
N MET D 918 14.99 2.24 -59.41
CA MET D 918 15.16 2.24 -57.96
C MET D 918 13.87 1.84 -57.25
N HIS D 919 12.75 1.81 -57.98
CA HIS D 919 11.45 1.46 -57.38
C HIS D 919 11.37 -0.03 -57.05
N ILE D 920 12.22 -0.85 -57.68
CA ILE D 920 12.20 -2.30 -57.47
C ILE D 920 12.55 -2.66 -56.04
N PHE D 921 13.39 -1.85 -55.40
CA PHE D 921 13.89 -2.21 -54.08
C PHE D 921 12.86 -1.93 -52.98
N THR D 922 11.72 -1.35 -53.34
CA THR D 922 10.69 -1.07 -52.34
C THR D 922 10.01 -2.34 -51.86
N ILE D 923 9.93 -3.37 -52.71
CA ILE D 923 9.13 -4.53 -52.37
C ILE D 923 9.85 -5.41 -51.35
N SER D 924 11.18 -5.36 -51.34
CA SER D 924 11.93 -6.22 -50.44
C SER D 924 11.85 -5.71 -49.01
N LYS D 925 11.99 -6.63 -48.05
CA LYS D 925 11.68 -6.34 -46.67
C LYS D 925 12.70 -5.40 -46.05
N THR D 926 13.98 -5.64 -46.28
CA THR D 926 15.01 -4.90 -45.57
C THR D 926 15.35 -3.59 -46.27
N LEU D 927 15.06 -3.50 -47.57
CA LEU D 927 15.65 -2.42 -48.36
C LEU D 927 14.80 -1.16 -48.36
N GLY D 928 13.46 -1.32 -48.30
CA GLY D 928 12.56 -0.19 -48.43
C GLY D 928 12.67 0.94 -47.42
N PRO D 929 12.74 0.65 -46.11
CA PRO D 929 12.94 1.73 -45.13
C PRO D 929 14.18 2.59 -45.35
N LYS D 930 15.23 2.03 -45.96
CA LYS D 930 16.40 2.82 -46.29
C LYS D 930 16.11 3.83 -47.38
N ILE D 931 15.27 3.45 -48.35
CA ILE D 931 14.83 4.37 -49.39
C ILE D 931 14.01 5.50 -48.78
N ILE D 932 13.16 5.15 -47.81
CA ILE D 932 12.34 6.16 -47.12
C ILE D 932 13.23 7.10 -46.30
N ILE D 933 14.36 6.59 -45.80
CA ILE D 933 15.32 7.42 -45.07
C ILE D 933 16.01 8.42 -46.01
N VAL D 934 16.43 7.95 -47.18
CA VAL D 934 17.11 8.80 -48.16
C VAL D 934 16.18 9.92 -48.65
N LYS D 935 14.89 9.59 -48.82
CA LYS D 935 13.89 10.57 -49.20
C LYS D 935 13.75 11.70 -48.18
N ARG D 936 14.11 11.42 -46.92
CA ARG D 936 14.11 12.49 -45.92
C ARG D 936 15.44 13.23 -45.91
N MET D 937 16.54 12.53 -46.16
CA MET D 937 17.87 13.13 -46.00
C MET D 937 18.17 14.17 -47.09
N MET D 938 17.56 14.02 -48.28
CA MET D 938 17.86 14.91 -49.41
C MET D 938 17.58 16.39 -49.11
N LYS D 939 16.64 16.65 -48.19
CA LYS D 939 16.18 18.00 -47.90
C LYS D 939 17.27 18.87 -47.30
N ASP D 940 18.02 18.35 -46.33
CA ASP D 940 19.12 19.16 -45.79
C ASP D 940 20.43 18.91 -46.55
N VAL D 941 20.47 17.83 -47.36
CA VAL D 941 21.57 17.68 -48.33
C VAL D 941 21.69 18.91 -49.23
N PHE D 942 20.58 19.36 -49.80
CA PHE D 942 20.60 20.49 -50.74
C PHE D 942 21.10 21.78 -50.09
N PHE D 943 20.57 22.09 -48.90
CA PHE D 943 20.93 23.34 -48.23
C PHE D 943 22.34 23.28 -47.64
N PHE D 944 22.89 22.07 -47.45
CA PHE D 944 24.32 22.01 -47.16
C PHE D 944 25.13 22.33 -48.40
N LEU D 945 24.74 21.77 -49.55
CA LEU D 945 25.60 21.87 -50.73
C LEU D 945 25.69 23.30 -51.24
N PHE D 946 24.66 24.12 -50.97
CA PHE D 946 24.80 25.56 -51.22
C PHE D 946 25.94 26.17 -50.38
N LEU D 947 26.00 25.80 -49.09
CA LEU D 947 27.04 26.32 -48.20
C LEU D 947 28.43 25.87 -48.62
N LEU D 948 28.53 24.64 -49.12
CA LEU D 948 29.81 24.15 -49.62
C LEU D 948 30.24 24.89 -50.88
N ALA D 949 29.29 25.16 -51.78
CA ALA D 949 29.60 25.79 -53.06
C ALA D 949 30.07 27.22 -52.88
N VAL D 950 29.41 27.99 -52.00
CA VAL D 950 29.81 29.38 -51.81
C VAL D 950 31.19 29.46 -51.14
N TRP D 951 31.51 28.44 -50.34
CA TRP D 951 32.80 28.38 -49.65
C TRP D 951 33.94 28.13 -50.64
N VAL D 952 33.77 27.14 -51.52
CA VAL D 952 34.85 26.82 -52.46
C VAL D 952 35.01 27.93 -53.50
N VAL D 953 33.90 28.59 -53.87
CA VAL D 953 33.97 29.77 -54.73
C VAL D 953 34.75 30.90 -54.06
N SER D 954 34.57 31.06 -52.73
CA SER D 954 35.30 32.09 -52.00
C SER D 954 36.79 31.88 -52.01
N PHE D 955 37.25 30.65 -51.69
CA PHE D 955 38.69 30.43 -51.73
C PHE D 955 39.26 30.44 -53.14
N GLY D 956 38.47 30.01 -54.14
CA GLY D 956 38.95 30.08 -55.51
C GLY D 956 39.17 31.51 -55.98
N VAL D 957 38.23 32.41 -55.66
CA VAL D 957 38.35 33.81 -56.05
C VAL D 957 39.49 34.47 -55.30
N ALA D 958 39.66 34.14 -54.01
CA ALA D 958 40.75 34.72 -53.23
C ALA D 958 42.12 34.30 -53.76
N LYS D 959 42.29 33.00 -54.07
CA LYS D 959 43.57 32.50 -54.57
C LYS D 959 43.90 33.07 -55.95
N GLN D 960 42.90 33.10 -56.85
CA GLN D 960 43.13 33.63 -58.19
C GLN D 960 43.35 35.14 -58.16
N ALA D 961 42.85 35.81 -57.13
CA ALA D 961 43.12 37.23 -56.99
C ALA D 961 44.54 37.49 -56.49
N ILE D 962 45.00 36.69 -55.53
CA ILE D 962 46.31 37.01 -54.94
C ILE D 962 47.45 36.55 -55.85
N LEU D 963 47.31 35.38 -56.48
CA LEU D 963 48.47 34.77 -57.14
C LEU D 963 48.46 34.93 -58.64
N ILE D 964 47.62 35.80 -59.20
CA ILE D 964 47.56 36.05 -60.63
C ILE D 964 47.11 37.48 -60.86
N HIS D 965 47.76 38.17 -61.79
CA HIS D 965 47.42 39.55 -62.06
C HIS D 965 46.13 39.66 -62.87
N ASN D 966 45.68 40.90 -63.07
CA ASN D 966 44.45 41.13 -63.80
C ASN D 966 44.68 40.93 -65.31
N GLU D 967 44.03 39.92 -65.86
CA GLU D 967 44.17 39.57 -67.26
C GLU D 967 42.80 39.23 -67.85
N ARG D 968 42.55 39.72 -69.06
CA ARG D 968 41.28 39.55 -69.74
C ARG D 968 41.18 38.26 -70.54
N ARG D 969 41.95 37.23 -70.17
CA ARG D 969 41.87 35.95 -70.86
C ARG D 969 40.52 35.28 -70.58
N VAL D 970 39.86 34.86 -71.65
CA VAL D 970 38.47 34.41 -71.57
C VAL D 970 38.39 32.99 -71.03
N ASP D 971 38.99 32.03 -71.72
CA ASP D 971 38.79 30.62 -71.43
C ASP D 971 40.04 29.89 -70.95
N TRP D 972 41.23 30.48 -71.10
CA TRP D 972 42.45 29.80 -70.68
C TRP D 972 42.61 29.84 -69.16
N LEU D 973 42.81 31.04 -68.60
CA LEU D 973 43.10 31.18 -67.18
C LEU D 973 41.88 30.89 -66.32
N PHE D 974 40.68 31.18 -66.84
CA PHE D 974 39.45 30.92 -66.11
C PHE D 974 39.23 29.42 -65.93
N ARG D 975 39.35 28.64 -67.02
CA ARG D 975 39.21 27.19 -66.90
C ARG D 975 40.38 26.57 -66.15
N GLY D 976 41.56 27.21 -66.21
CA GLY D 976 42.69 26.73 -65.41
C GLY D 976 42.46 26.86 -63.91
N ALA D 977 41.97 28.03 -63.48
CA ALA D 977 41.67 28.24 -62.07
C ALA D 977 40.47 27.41 -61.63
N VAL D 978 39.51 27.20 -62.54
CA VAL D 978 38.34 26.37 -62.21
C VAL D 978 38.75 24.92 -62.06
N TYR D 979 39.68 24.44 -62.89
CA TYR D 979 40.17 23.08 -62.76
C TYR D 979 41.04 22.92 -61.51
N HIS D 980 41.76 23.98 -61.13
CA HIS D 980 42.51 23.96 -59.88
C HIS D 980 41.57 23.86 -58.68
N SER D 981 40.48 24.64 -58.70
CA SER D 981 39.49 24.57 -57.62
C SER D 981 38.75 23.23 -57.62
N TYR D 982 38.54 22.65 -58.81
CA TYR D 982 37.90 21.34 -58.89
C TYR D 982 38.80 20.24 -58.34
N LEU D 983 40.10 20.31 -58.62
CA LEU D 983 41.04 19.35 -58.06
C LEU D 983 41.19 19.52 -56.56
N THR D 984 41.07 20.76 -56.08
CA THR D 984 41.09 20.98 -54.63
C THR D 984 39.81 20.47 -53.97
N ILE D 985 38.68 20.56 -54.68
CA ILE D 985 37.40 20.17 -54.09
C ILE D 985 37.24 18.66 -54.13
N PHE D 986 37.84 17.99 -55.12
CA PHE D 986 37.64 16.56 -55.29
C PHE D 986 38.34 15.75 -54.20
N GLY D 987 39.49 16.22 -53.73
CA GLY D 987 40.23 15.53 -52.70
C GLY D 987 39.61 15.61 -51.32
N PHE D 1027 60.17 33.87 -51.95
CA PHE D 1027 60.04 33.15 -50.69
C PHE D 1027 58.62 32.60 -50.50
N PRO D 1028 58.08 31.79 -51.45
CA PRO D 1028 56.68 31.39 -51.29
C PRO D 1028 56.52 30.12 -50.48
N GLU D 1029 57.56 29.69 -49.77
CA GLU D 1029 57.47 28.48 -48.95
C GLU D 1029 56.49 28.66 -47.81
N TRP D 1030 56.65 29.74 -47.04
CA TRP D 1030 55.75 30.02 -45.91
C TRP D 1030 54.35 30.35 -46.40
N LEU D 1031 54.23 31.07 -47.53
CA LEU D 1031 52.92 31.43 -48.04
C LEU D 1031 52.18 30.21 -48.59
N THR D 1032 52.89 29.31 -49.27
CA THR D 1032 52.27 28.11 -49.81
C THR D 1032 51.88 27.15 -48.69
N VAL D 1033 52.75 27.02 -47.68
CA VAL D 1033 52.42 26.19 -46.52
C VAL D 1033 51.23 26.77 -45.77
N LEU D 1034 51.14 28.10 -45.69
CA LEU D 1034 50.03 28.75 -45.02
C LEU D 1034 48.72 28.54 -45.77
N LEU D 1035 48.75 28.66 -47.10
CA LEU D 1035 47.54 28.47 -47.89
C LEU D 1035 47.07 27.02 -47.87
N LEU D 1036 48.00 26.07 -48.01
CA LEU D 1036 47.64 24.66 -47.98
C LEU D 1036 47.18 24.23 -46.59
N CYS D 1037 47.78 24.78 -45.53
CA CYS D 1037 47.36 24.39 -44.18
C CYS D 1037 46.04 25.04 -43.82
N LEU D 1038 45.75 26.23 -44.35
CA LEU D 1038 44.44 26.85 -44.12
C LEU D 1038 43.34 26.07 -44.83
N TYR D 1039 43.59 25.68 -46.09
CA TYR D 1039 42.61 24.87 -46.82
C TYR D 1039 42.45 23.50 -46.17
N LEU D 1040 43.54 22.95 -45.62
CA LEU D 1040 43.47 21.70 -44.87
C LEU D 1040 42.59 21.83 -43.63
N LEU D 1041 42.85 22.86 -42.81
CA LEU D 1041 42.14 23.08 -41.56
C LEU D 1041 40.66 23.31 -41.78
N PHE D 1042 40.31 24.05 -42.83
CA PHE D 1042 38.89 24.27 -43.09
C PHE D 1042 38.24 23.05 -43.73
N THR D 1043 38.77 22.60 -44.88
CA THR D 1043 38.06 21.64 -45.71
C THR D 1043 38.10 20.23 -45.11
N ASN D 1044 39.26 19.78 -44.65
CA ASN D 1044 39.39 18.44 -44.11
C ASN D 1044 38.66 18.21 -42.79
N ILE D 1045 38.16 19.27 -42.15
CA ILE D 1045 37.59 19.10 -40.82
C ILE D 1045 36.13 19.52 -40.76
N LEU D 1046 35.86 20.81 -40.96
CA LEU D 1046 34.68 21.46 -40.37
C LEU D 1046 33.37 21.01 -41.01
N LEU D 1047 33.26 21.16 -42.32
CA LEU D 1047 32.01 20.84 -43.00
C LEU D 1047 31.76 19.33 -43.03
N LEU D 1048 32.83 18.55 -42.92
CA LEU D 1048 32.69 17.11 -42.79
C LEU D 1048 32.00 16.73 -41.49
N ASN D 1049 32.39 17.38 -40.38
CA ASN D 1049 31.71 17.14 -39.11
C ASN D 1049 30.29 17.70 -39.12
N LEU D 1050 30.08 18.78 -39.87
CA LEU D 1050 28.72 19.28 -40.10
C LEU D 1050 27.84 18.22 -40.77
N LEU D 1051 28.37 17.56 -41.80
CA LEU D 1051 27.64 16.49 -42.48
C LEU D 1051 27.41 15.30 -41.57
N ILE D 1052 28.44 14.89 -40.82
CA ILE D 1052 28.34 13.76 -39.92
C ILE D 1052 27.27 14.02 -38.86
N ALA D 1053 27.27 15.22 -38.30
CA ALA D 1053 26.31 15.59 -37.26
C ALA D 1053 24.89 15.65 -37.81
N MET D 1054 24.68 16.32 -38.94
CA MET D 1054 23.34 16.49 -39.48
C MET D 1054 22.76 15.17 -39.96
N PHE D 1055 23.57 14.35 -40.64
CA PHE D 1055 23.09 13.09 -41.18
C PHE D 1055 22.80 12.09 -40.07
N ASN D 1056 23.69 12.01 -39.08
CA ASN D 1056 23.43 11.18 -37.90
C ASN D 1056 22.17 11.63 -37.16
N TYR D 1057 21.97 12.95 -37.09
CA TYR D 1057 20.81 13.50 -36.39
C TYR D 1057 19.51 13.11 -37.05
N THR D 1058 19.41 13.29 -38.37
CA THR D 1058 18.15 12.98 -39.04
C THR D 1058 17.94 11.47 -39.15
N PHE D 1059 19.03 10.69 -39.21
CA PHE D 1059 18.91 9.25 -39.27
C PHE D 1059 18.35 8.70 -37.96
N GLN D 1060 18.76 9.30 -36.84
CA GLN D 1060 18.27 8.86 -35.52
C GLN D 1060 16.76 9.06 -35.35
N GLN D 1061 16.17 10.02 -36.05
CA GLN D 1061 14.71 10.15 -35.97
C GLN D 1061 13.97 9.28 -36.98
N VAL D 1062 14.40 9.29 -38.25
CA VAL D 1062 13.58 8.65 -39.28
C VAL D 1062 13.69 7.12 -39.19
N GLN D 1063 14.80 6.63 -38.59
CA GLN D 1063 15.04 5.19 -38.44
C GLN D 1063 13.97 4.53 -37.58
N GLU D 1064 13.35 5.29 -36.67
CA GLU D 1064 12.45 4.72 -35.68
C GLU D 1064 11.16 4.20 -36.30
N HIS D 1065 10.49 5.01 -37.12
CA HIS D 1065 9.19 4.61 -37.66
C HIS D 1065 9.15 4.58 -39.18
N THR D 1066 10.30 4.48 -39.86
CA THR D 1066 10.27 4.09 -41.28
C THR D 1066 9.58 2.74 -41.49
N ASP D 1067 9.73 1.82 -40.54
CA ASP D 1067 9.12 0.49 -40.68
C ASP D 1067 7.60 0.56 -40.61
N GLN D 1068 7.08 1.37 -39.68
CA GLN D 1068 5.64 1.52 -39.57
C GLN D 1068 5.07 2.29 -40.75
N ILE D 1069 5.86 3.20 -41.33
CA ILE D 1069 5.39 3.84 -42.56
C ILE D 1069 5.37 2.86 -43.72
N TRP D 1070 6.40 1.99 -43.81
CA TRP D 1070 6.52 1.09 -44.94
C TRP D 1070 5.44 0.01 -44.93
N LYS D 1071 5.09 -0.47 -43.74
CA LYS D 1071 4.03 -1.47 -43.65
C LYS D 1071 2.68 -0.90 -44.09
N PHE D 1072 2.45 0.39 -43.87
CA PHE D 1072 1.25 1.04 -44.40
C PHE D 1072 1.39 1.29 -45.89
N GLN D 1073 2.61 1.52 -46.37
CA GLN D 1073 2.85 1.79 -47.78
C GLN D 1073 2.68 0.55 -48.64
N ARG D 1074 2.74 -0.64 -48.03
CA ARG D 1074 2.88 -1.89 -48.78
C ARG D 1074 1.66 -2.23 -49.63
N HIS D 1075 0.50 -1.62 -49.35
CA HIS D 1075 -0.74 -2.13 -49.94
C HIS D 1075 -0.90 -1.77 -51.42
N ASP D 1076 -0.60 -0.54 -51.79
CA ASP D 1076 -1.01 -0.05 -53.11
C ASP D 1076 -0.19 -0.69 -54.22
N LEU D 1077 1.03 -1.13 -53.91
CA LEU D 1077 1.81 -1.88 -54.87
C LEU D 1077 1.15 -3.21 -55.20
N ILE D 1078 0.63 -3.90 -54.18
CA ILE D 1078 -0.03 -5.17 -54.38
C ILE D 1078 -1.35 -4.98 -55.11
N GLU D 1079 -2.08 -3.90 -54.78
CA GLU D 1079 -3.38 -3.65 -55.40
C GLU D 1079 -3.22 -3.33 -56.88
N GLU D 1080 -2.18 -2.58 -57.24
CA GLU D 1080 -1.95 -2.20 -58.63
C GLU D 1080 -1.61 -3.41 -59.49
N TYR D 1081 -0.73 -4.28 -59.01
CA TYR D 1081 -0.34 -5.43 -59.81
C TYR D 1081 -1.40 -6.51 -59.77
N HIS D 1082 -2.29 -6.47 -58.77
CA HIS D 1082 -3.51 -7.26 -58.86
C HIS D 1082 -4.42 -6.75 -59.97
N GLY D 1083 -4.48 -5.43 -60.14
CA GLY D 1083 -5.36 -4.88 -61.15
C GLY D 1083 -4.79 -4.96 -62.56
N ARG D 1084 -3.47 -5.05 -62.68
CA ARG D 1084 -2.84 -4.98 -63.99
C ARG D 1084 -2.96 -6.31 -64.73
N PRO D 1085 -3.21 -6.27 -66.04
CA PRO D 1085 -3.18 -7.51 -66.83
C PRO D 1085 -1.80 -8.13 -66.91
N ALA D 1086 -1.77 -9.37 -67.39
CA ALA D 1086 -0.61 -10.24 -67.15
C ALA D 1086 0.49 -10.04 -68.18
N ALA D 1087 0.17 -9.42 -69.32
CA ALA D 1087 1.12 -9.41 -70.42
C ALA D 1087 2.22 -8.38 -70.18
N PRO D 1088 3.44 -8.64 -70.64
CA PRO D 1088 4.50 -7.61 -70.64
C PRO D 1088 4.18 -6.49 -71.62
N PRO D 1089 4.83 -5.33 -71.52
CA PRO D 1089 4.47 -4.15 -72.36
C PRO D 1089 4.55 -4.35 -73.87
N PRO D 1090 5.30 -5.32 -74.42
CA PRO D 1090 5.04 -5.66 -75.83
C PRO D 1090 3.63 -6.14 -76.12
N PHE D 1091 3.10 -7.06 -75.32
CA PHE D 1091 1.82 -7.69 -75.63
C PHE D 1091 0.66 -7.05 -74.88
N ILE D 1092 0.93 -5.99 -74.11
CA ILE D 1092 -0.12 -5.35 -73.34
C ILE D 1092 -1.05 -4.54 -74.24
N LEU D 1093 -0.63 -4.27 -75.49
CA LEU D 1093 -1.58 -3.77 -76.49
C LEU D 1093 -2.60 -4.82 -76.87
N LEU D 1094 -2.17 -6.07 -77.06
CA LEU D 1094 -3.09 -7.16 -77.33
C LEU D 1094 -4.02 -7.40 -76.14
N SER D 1095 -3.52 -7.14 -74.94
CA SER D 1095 -4.39 -7.20 -73.77
C SER D 1095 -5.34 -5.99 -73.71
N HIS D 1096 -4.86 -4.81 -74.11
CA HIS D 1096 -5.65 -3.59 -73.99
C HIS D 1096 -6.80 -3.54 -74.98
N LEU D 1097 -6.59 -4.11 -76.18
CA LEU D 1097 -7.55 -3.91 -77.27
C LEU D 1097 -8.88 -4.57 -76.97
N GLN D 1098 -8.84 -5.78 -76.38
CA GLN D 1098 -10.07 -6.51 -76.07
C GLN D 1098 -10.87 -5.79 -75.00
N LEU D 1099 -10.17 -5.31 -73.95
CA LEU D 1099 -10.82 -4.56 -72.89
C LEU D 1099 -11.44 -3.27 -73.41
N PHE D 1100 -10.74 -2.57 -74.31
CA PHE D 1100 -11.24 -1.28 -74.78
C PHE D 1100 -12.43 -1.45 -75.71
N ILE D 1101 -12.41 -2.44 -76.60
CA ILE D 1101 -13.56 -2.62 -77.49
C ILE D 1101 -14.72 -3.26 -76.74
N LYS D 1102 -14.43 -3.95 -75.63
CA LYS D 1102 -15.51 -4.53 -74.84
C LYS D 1102 -16.22 -3.47 -74.02
N ARG D 1103 -15.46 -2.51 -73.46
CA ARG D 1103 -16.04 -1.55 -72.53
C ARG D 1103 -17.00 -0.59 -73.22
N VAL D 1104 -16.74 -0.25 -74.49
CA VAL D 1104 -17.49 0.81 -75.13
C VAL D 1104 -18.90 0.36 -75.49
N VAL D 1105 -19.02 -0.83 -76.08
CA VAL D 1105 -20.32 -1.23 -76.62
C VAL D 1105 -21.24 -1.79 -75.52
N LEU D 1106 -20.86 -2.89 -74.88
CA LEU D 1106 -21.74 -3.50 -73.87
C LEU D 1106 -20.89 -4.28 -72.88
N LYS D 1107 -20.61 -3.66 -71.73
CA LYS D 1107 -19.89 -4.27 -70.63
C LYS D 1107 -20.04 -3.40 -69.39
N THR D 1108 -19.54 -3.90 -68.28
CA THR D 1108 -19.44 -3.09 -67.08
C THR D 1108 -18.28 -2.12 -67.20
N PRO D 1109 -18.37 -0.92 -66.59
CA PRO D 1109 -17.22 -0.02 -66.61
C PRO D 1109 -16.01 -0.54 -65.85
N ALA D 1110 -16.19 -0.87 -64.57
CA ALA D 1110 -15.14 -1.45 -63.76
C ALA D 1110 -15.79 -2.18 -62.59
N LYS D 1111 -15.20 -3.33 -62.23
CA LYS D 1111 -15.72 -4.13 -61.14
C LYS D 1111 -14.55 -4.68 -60.35
N ARG D 1112 -14.68 -4.64 -59.04
CA ARG D 1112 -13.61 -5.12 -58.17
C ARG D 1112 -13.58 -6.65 -58.17
N HIS D 1113 -12.45 -7.19 -57.73
CA HIS D 1113 -12.22 -8.62 -57.77
C HIS D 1113 -12.60 -9.26 -56.44
N LYS D 1114 -12.88 -10.56 -56.50
CA LYS D 1114 -13.47 -11.28 -55.36
C LYS D 1114 -12.39 -11.89 -54.46
N GLN D 1115 -11.21 -11.28 -54.51
CA GLN D 1115 -10.14 -11.62 -53.59
C GLN D 1115 -9.94 -10.47 -52.62
N LEU D 1116 -10.20 -9.25 -53.08
CA LEU D 1116 -10.09 -8.09 -52.20
C LEU D 1116 -11.43 -7.73 -51.57
N LYS D 1117 -12.52 -7.87 -52.32
CA LYS D 1117 -13.84 -7.57 -51.81
C LYS D 1117 -14.84 -8.56 -52.39
N ASN D 1118 -15.64 -9.16 -51.52
CA ASN D 1118 -16.68 -10.08 -51.96
C ASN D 1118 -17.88 -9.97 -51.03
N LYS D 1119 -19.03 -10.33 -51.55
CA LYS D 1119 -20.27 -10.35 -50.80
C LYS D 1119 -20.59 -11.78 -50.42
N LEU D 1120 -20.65 -12.06 -49.12
CA LEU D 1120 -20.85 -13.41 -48.65
C LEU D 1120 -22.32 -13.78 -48.71
N GLU D 1121 -22.59 -15.07 -48.66
CA GLU D 1121 -23.97 -15.54 -48.55
C GLU D 1121 -24.47 -15.33 -47.13
N LYS D 1122 -25.79 -15.32 -46.97
CA LYS D 1122 -26.40 -15.08 -45.67
C LYS D 1122 -26.10 -16.22 -44.70
N ASN D 1123 -26.12 -17.45 -45.21
CA ASN D 1123 -25.93 -18.63 -44.38
C ASN D 1123 -24.53 -18.69 -43.79
N GLU D 1124 -23.55 -18.18 -44.53
CA GLU D 1124 -22.19 -18.12 -44.00
C GLU D 1124 -22.01 -16.91 -43.08
N GLU D 1125 -22.62 -15.78 -43.46
CA GLU D 1125 -22.41 -14.52 -42.75
C GLU D 1125 -22.99 -14.58 -41.35
N ALA D 1126 -24.10 -15.31 -41.16
CA ALA D 1126 -24.70 -15.42 -39.83
C ALA D 1126 -23.77 -16.16 -38.87
N ALA D 1127 -23.20 -17.28 -39.31
CA ALA D 1127 -22.29 -18.04 -38.46
C ALA D 1127 -21.01 -17.27 -38.19
N LEU D 1128 -20.53 -16.54 -39.21
CA LEU D 1128 -19.32 -15.73 -39.04
C LEU D 1128 -19.54 -14.63 -38.00
N LEU D 1129 -20.69 -13.95 -38.07
CA LEU D 1129 -20.96 -12.87 -37.13
C LEU D 1129 -21.20 -13.39 -35.73
N SER D 1130 -21.79 -14.58 -35.60
CA SER D 1130 -21.98 -15.17 -34.28
C SER D 1130 -20.64 -15.57 -33.66
N TRP D 1131 -19.73 -16.08 -34.50
CA TRP D 1131 -18.38 -16.40 -34.04
C TRP D 1131 -17.64 -15.16 -33.57
N GLU D 1132 -17.76 -14.06 -34.31
CA GLU D 1132 -17.09 -12.83 -33.91
C GLU D 1132 -17.69 -12.24 -32.65
N ILE D 1133 -19.01 -12.37 -32.47
CA ILE D 1133 -19.67 -11.91 -31.24
C ILE D 1133 -19.17 -12.68 -30.03
N TYR D 1134 -19.03 -14.00 -30.18
CA TYR D 1134 -18.55 -14.81 -29.07
C TYR D 1134 -17.10 -14.49 -28.72
N LEU D 1135 -16.29 -14.17 -29.73
CA LEU D 1135 -14.90 -13.84 -29.43
C LEU D 1135 -14.75 -12.45 -28.83
N LYS D 1136 -15.67 -11.52 -29.17
CA LYS D 1136 -15.68 -10.23 -28.50
C LYS D 1136 -16.03 -10.37 -27.03
N GLU D 1137 -17.03 -11.21 -26.73
CA GLU D 1137 -17.39 -11.48 -25.34
C GLU D 1137 -16.26 -12.17 -24.60
N ASN D 1138 -15.46 -12.96 -25.30
CA ASN D 1138 -14.27 -13.53 -24.68
C ASN D 1138 -13.21 -12.48 -24.40
N TYR D 1139 -13.08 -11.47 -25.28
CA TYR D 1139 -12.01 -10.50 -25.13
C TYR D 1139 -12.28 -9.53 -23.99
N LEU D 1140 -13.55 -9.16 -23.79
CA LEU D 1140 -13.89 -8.13 -22.81
C LEU D 1140 -13.57 -8.56 -21.38
N GLN D 1141 -13.71 -9.86 -21.10
CA GLN D 1141 -13.44 -10.36 -19.75
C GLN D 1141 -11.95 -10.31 -19.44
N ASN D 1142 -11.12 -10.66 -20.42
CA ASN D 1142 -9.67 -10.58 -20.23
C ASN D 1142 -9.22 -9.14 -20.06
N ARG D 1143 -9.87 -8.22 -20.79
CA ARG D 1143 -9.54 -6.81 -20.63
C ARG D 1143 -9.88 -6.30 -19.24
N GLN D 1144 -11.07 -6.64 -18.72
CA GLN D 1144 -11.44 -6.12 -17.42
C GLN D 1144 -10.68 -6.81 -16.30
N PHE D 1145 -10.24 -8.05 -16.52
CA PHE D 1145 -9.45 -8.73 -15.50
C PHE D 1145 -8.04 -8.16 -15.44
N GLN D 1146 -7.47 -7.83 -16.60
CA GLN D 1146 -6.16 -7.19 -16.63
C GLN D 1146 -6.22 -5.79 -16.02
N GLN D 1147 -7.31 -5.07 -16.24
CA GLN D 1147 -7.45 -3.76 -15.61
C GLN D 1147 -7.66 -3.87 -14.11
N LYS D 1148 -8.25 -4.98 -13.65
CA LYS D 1148 -8.38 -5.18 -12.21
C LYS D 1148 -7.05 -5.57 -11.58
N GLN D 1149 -6.16 -6.20 -12.35
CA GLN D 1149 -4.89 -6.64 -11.76
C GLN D 1149 -3.85 -5.54 -11.64
N ARG D 1150 -4.18 -4.29 -11.96
CA ARG D 1150 -3.20 -3.23 -11.90
C ARG D 1150 -2.95 -2.83 -10.45
N PRO D 1151 -1.73 -2.38 -10.09
CA PRO D 1151 -1.42 -2.15 -8.67
C PRO D 1151 -2.06 -0.90 -8.09
N GLU D 1152 -2.19 0.16 -8.87
CA GLU D 1152 -2.81 1.39 -8.37
C GLU D 1152 -4.28 1.16 -8.04
N GLN D 1153 -4.94 0.28 -8.80
CA GLN D 1153 -6.31 -0.07 -8.50
C GLN D 1153 -6.40 -0.87 -7.20
N LYS D 1154 -5.39 -1.70 -6.93
CA LYS D 1154 -5.35 -2.42 -5.66
C LYS D 1154 -5.15 -1.48 -4.48
N ILE D 1155 -4.33 -0.45 -4.68
CA ILE D 1155 -4.11 0.56 -3.64
C ILE D 1155 -5.39 1.33 -3.36
N GLU D 1156 -6.12 1.69 -4.42
CA GLU D 1156 -7.40 2.39 -4.26
C GLU D 1156 -8.44 1.52 -3.57
N ASP D 1157 -8.43 0.21 -3.87
CA ASP D 1157 -9.36 -0.70 -3.20
C ASP D 1157 -9.06 -0.82 -1.71
N ILE D 1158 -7.77 -0.91 -1.35
CA ILE D 1158 -7.38 -0.95 0.06
C ILE D 1158 -7.78 0.34 0.77
N SER D 1159 -7.63 1.48 0.08
CA SER D 1159 -7.99 2.76 0.68
C SER D 1159 -9.50 2.85 0.94
N ASN D 1160 -10.31 2.33 0.01
CA ASN D 1160 -11.75 2.36 0.21
C ASN D 1160 -12.18 1.43 1.35
N LYS D 1161 -11.53 0.27 1.46
CA LYS D 1161 -11.83 -0.63 2.58
C LYS D 1161 -11.45 -0.01 3.91
N VAL D 1162 -10.32 0.71 3.96
CA VAL D 1162 -9.89 1.34 5.21
C VAL D 1162 -10.83 2.48 5.60
N ASP D 1163 -11.33 3.22 4.61
CA ASP D 1163 -12.29 4.29 4.92
C ASP D 1163 -13.61 3.72 5.39
N ALA D 1164 -14.04 2.59 4.82
CA ALA D 1164 -15.24 1.92 5.34
C ALA D 1164 -15.02 1.42 6.77
N MET D 1165 -13.81 0.97 7.08
CA MET D 1165 -13.53 0.46 8.42
C MET D 1165 -13.50 1.59 9.45
N VAL D 1166 -12.94 2.75 9.10
CA VAL D 1166 -12.89 3.83 10.08
C VAL D 1166 -14.28 4.43 10.26
N ASP D 1167 -15.12 4.38 9.21
CA ASP D 1167 -16.51 4.79 9.39
C ASP D 1167 -17.27 3.81 10.28
N LEU D 1168 -16.99 2.50 10.15
CA LEU D 1168 -17.65 1.52 10.99
C LEU D 1168 -17.21 1.63 12.45
N LEU D 1169 -15.94 1.93 12.68
CA LEU D 1169 -15.48 2.09 14.06
C LEU D 1169 -15.92 3.42 14.65
N ASP D 1170 -16.19 4.41 13.79
CA ASP D 1170 -16.79 5.65 14.27
C ASP D 1170 -18.25 5.45 14.63
N LEU D 1171 -18.93 4.52 13.94
CA LEU D 1171 -20.35 4.30 14.18
C LEU D 1171 -20.60 3.58 15.49
N ASP D 1172 -19.63 2.81 15.96
CA ASP D 1172 -19.79 2.05 17.20
C ASP D 1172 -19.74 2.96 18.43
N GLY D 1242 -55.20 4.50 18.96
CA GLY D 1242 -56.01 5.67 18.75
C GLY D 1242 -57.48 5.43 19.01
N ASP D 1243 -58.07 6.23 19.90
CA ASP D 1243 -59.49 6.10 20.19
C ASP D 1243 -60.33 6.57 19.01
N SER D 1244 -61.40 5.84 18.74
CA SER D 1244 -62.25 6.09 17.58
C SER D 1244 -63.10 7.32 17.87
N TYR D 1245 -62.52 8.49 17.61
CA TYR D 1245 -63.21 9.77 17.79
C TYR D 1245 -63.39 10.45 16.43
N HIS D 1246 -64.25 11.46 16.43
CA HIS D 1246 -64.54 12.22 15.20
C HIS D 1246 -63.48 13.30 15.00
N VAL D 1247 -62.32 12.86 14.52
CA VAL D 1247 -61.16 13.75 14.42
C VAL D 1247 -61.28 14.66 13.21
N ASN D 1248 -62.15 14.33 12.26
CA ASN D 1248 -62.35 15.19 11.11
C ASN D 1248 -63.27 16.35 11.45
N ALA D 1249 -64.09 16.19 12.49
CA ALA D 1249 -64.91 17.30 12.97
C ALA D 1249 -64.13 18.16 13.96
N ARG D 1250 -63.21 17.55 14.70
CA ARG D 1250 -62.39 18.30 15.65
C ARG D 1250 -61.29 19.07 14.93
N HIS D 1251 -61.12 18.84 13.63
CA HIS D 1251 -60.20 19.53 12.75
C HIS D 1251 -60.37 21.05 12.81
N LEU D 1252 -59.26 21.76 13.03
CA LEU D 1252 -59.25 23.21 13.11
C LEU D 1252 -59.57 23.82 11.75
N LEU D 1253 -60.00 25.09 11.78
CA LEU D 1253 -60.28 25.91 10.60
C LEU D 1253 -61.38 25.30 9.73
N TYR D 1254 -62.60 25.38 10.30
CA TYR D 1254 -63.90 25.07 9.69
C TYR D 1254 -63.97 25.56 8.25
N PRO D 1255 -64.48 24.74 7.32
CA PRO D 1255 -64.34 25.05 5.89
C PRO D 1255 -65.19 26.23 5.46
N ASN D 1256 -64.60 27.04 4.59
CA ASN D 1256 -65.26 28.13 3.86
C ASN D 1256 -65.80 29.23 4.79
N CYS D 1257 -65.23 29.30 6.01
CA CYS D 1257 -65.53 30.32 7.00
C CYS D 1257 -64.25 30.64 7.77
N PRO D 1258 -63.81 31.91 7.80
CA PRO D 1258 -62.53 32.24 8.45
C PRO D 1258 -62.63 32.30 9.98
N VAL D 1259 -63.01 31.17 10.58
CA VAL D 1259 -63.13 31.04 12.02
C VAL D 1259 -62.36 29.82 12.48
N THR D 1260 -61.90 29.87 13.73
CA THR D 1260 -61.21 28.77 14.36
C THR D 1260 -62.04 28.24 15.51
N ARG D 1261 -61.80 26.99 15.88
CA ARG D 1261 -62.54 26.36 16.95
C ARG D 1261 -61.64 26.15 18.16
N PHE D 1262 -62.28 25.80 19.27
CA PHE D 1262 -61.59 25.61 20.54
C PHE D 1262 -60.78 24.31 20.50
N PRO D 1263 -59.59 24.28 21.10
CA PRO D 1263 -58.79 23.04 21.12
C PRO D 1263 -59.39 21.96 22.01
N VAL D 1264 -59.81 20.85 21.43
CA VAL D 1264 -60.43 19.76 22.19
C VAL D 1264 -59.56 18.51 22.10
N PRO D 1265 -58.70 18.25 23.08
CA PRO D 1265 -57.89 17.02 23.05
C PRO D 1265 -58.73 15.81 23.42
N ASN D 1266 -58.08 14.63 23.35
CA ASN D 1266 -58.80 13.35 23.42
C ASN D 1266 -59.41 13.12 24.81
N GLU D 1267 -58.82 13.71 25.84
CA GLU D 1267 -59.43 13.66 27.16
C GLU D 1267 -60.69 14.51 27.22
N LYS D 1268 -60.76 15.55 26.39
CA LYS D 1268 -61.79 16.56 26.56
C LYS D 1268 -63.06 16.23 25.79
N VAL D 1269 -62.95 15.39 24.74
CA VAL D 1269 -64.03 15.13 23.78
C VAL D 1269 -65.39 14.72 24.33
N PRO D 1270 -65.56 13.68 25.18
CA PRO D 1270 -66.91 13.24 25.52
C PRO D 1270 -67.59 14.19 26.49
N TRP D 1271 -68.92 14.23 26.39
CA TRP D 1271 -69.72 15.14 27.20
C TRP D 1271 -69.75 14.76 28.67
N GLU D 1272 -69.42 13.50 29.00
CA GLU D 1272 -69.52 13.05 30.38
C GLU D 1272 -68.38 13.59 31.23
N THR D 1273 -67.18 13.72 30.67
CA THR D 1273 -66.01 14.05 31.43
C THR D 1273 -65.98 15.56 31.70
N GLU D 1274 -65.45 15.95 32.86
CA GLU D 1274 -65.46 17.33 33.31
C GLU D 1274 -64.47 18.15 32.48
N PHE D 1275 -64.95 19.25 31.91
CA PHE D 1275 -64.13 20.15 31.09
C PHE D 1275 -64.67 21.56 31.32
N LEU D 1276 -64.01 22.31 32.20
CA LEU D 1276 -64.55 23.56 32.71
C LEU D 1276 -64.23 24.77 31.82
N ILE D 1277 -63.10 24.78 31.13
CA ILE D 1277 -62.67 25.95 30.36
C ILE D 1277 -63.20 25.88 28.93
N TYR D 1278 -64.13 24.97 28.66
CA TYR D 1278 -64.71 24.81 27.32
C TYR D 1278 -65.50 26.06 26.95
N ASP D 1279 -64.97 26.82 26.03
CA ASP D 1279 -65.66 28.01 25.54
C ASP D 1279 -65.78 27.96 24.03
N PRO D 1280 -66.69 27.15 23.48
CA PRO D 1280 -66.84 27.10 22.03
C PRO D 1280 -67.49 28.35 21.50
N PRO D 1281 -66.90 28.98 20.47
CA PRO D 1281 -67.53 30.16 19.88
C PRO D 1281 -68.83 29.80 19.17
N PHE D 1282 -69.78 30.72 19.24
CA PHE D 1282 -71.08 30.55 18.61
C PHE D 1282 -70.99 31.10 17.20
N TYR D 1283 -71.09 30.22 16.21
CA TYR D 1283 -70.92 30.62 14.82
C TYR D 1283 -71.92 29.89 13.95
N THR D 1284 -72.61 30.63 13.10
CA THR D 1284 -73.51 30.09 12.10
C THR D 1284 -73.20 30.77 10.78
N ALA D 1285 -73.49 30.08 9.67
CA ALA D 1285 -73.26 30.67 8.37
C ALA D 1285 -74.24 31.81 8.12
N GLU D 1286 -73.83 32.73 7.24
CA GLU D 1286 -74.67 33.88 6.93
C GLU D 1286 -75.90 33.49 6.13
N ARG D 1287 -75.77 32.46 5.29
CA ARG D 1287 -76.89 31.99 4.48
C ARG D 1287 -77.75 30.95 5.20
N LYS D 1288 -77.62 30.83 6.53
CA LYS D 1288 -78.45 29.91 7.31
C LYS D 1288 -79.65 30.61 7.93
N ASP D 1289 -79.84 31.90 7.61
CA ASP D 1289 -81.04 32.64 7.96
C ASP D 1289 -81.77 33.00 6.69
N ALA D 1290 -82.64 32.07 6.23
CA ALA D 1290 -83.40 32.27 4.97
C ALA D 1290 -84.65 31.38 4.92
N ALA D 1291 -84.67 30.42 3.97
CA ALA D 1291 -85.83 29.52 3.75
C ALA D 1291 -85.36 28.07 3.62
N ALA D 1292 -86.32 27.13 3.71
CA ALA D 1292 -86.11 25.65 3.64
C ALA D 1292 -85.24 25.20 4.81
N MET D 1293 -84.00 25.70 4.87
CA MET D 1293 -83.08 25.44 5.97
C MET D 1293 -83.54 26.13 7.26
N ASP D 1294 -83.02 25.65 8.38
CA ASP D 1294 -83.61 25.90 9.69
C ASP D 1294 -83.45 27.37 10.12
N PRO D 1295 -84.50 27.93 10.74
CA PRO D 1295 -84.40 29.30 11.26
C PRO D 1295 -83.87 29.35 12.69
N MET D 1296 -83.37 28.21 13.17
CA MET D 1296 -82.82 28.10 14.53
C MET D 1296 -81.35 28.48 14.61
N GLY D 1297 -80.82 29.25 13.65
CA GLY D 1297 -79.44 29.71 13.72
C GLY D 1297 -79.17 30.66 14.86
N ASP D 1298 -80.19 31.36 15.34
CA ASP D 1298 -80.07 32.27 16.47
C ASP D 1298 -81.08 31.89 17.53
N THR D 1299 -81.09 30.61 17.93
CA THR D 1299 -82.18 29.99 18.66
C THR D 1299 -82.27 30.36 20.14
N LEU D 1300 -81.55 31.40 20.58
CA LEU D 1300 -81.84 31.99 21.89
C LEU D 1300 -83.23 32.61 21.91
N GLU D 1301 -83.70 33.08 20.76
CA GLU D 1301 -85.09 33.50 20.60
C GLU D 1301 -86.01 32.27 20.69
N PRO D 1302 -87.31 32.48 20.98
CA PRO D 1302 -88.23 31.33 21.03
C PRO D 1302 -88.67 30.79 19.67
N LEU D 1303 -87.97 31.14 18.59
CA LEU D 1303 -88.22 30.54 17.28
C LEU D 1303 -87.87 29.06 17.26
N SER D 1304 -87.03 28.58 18.17
CA SER D 1304 -86.76 27.16 18.31
C SER D 1304 -87.97 26.50 18.96
N THR D 1305 -88.87 25.97 18.12
CA THR D 1305 -90.07 25.30 18.61
C THR D 1305 -90.36 23.99 17.89
N ILE D 1306 -89.40 23.48 17.10
CA ILE D 1306 -89.61 22.25 16.36
C ILE D 1306 -89.52 21.07 17.31
N GLN D 1307 -90.12 19.95 16.89
CA GLN D 1307 -90.08 18.74 17.71
C GLN D 1307 -88.71 18.09 17.60
N TYR D 1308 -88.17 17.71 18.74
CA TYR D 1308 -86.82 17.15 18.81
C TYR D 1308 -86.93 15.63 18.95
N ASN D 1309 -85.90 14.95 18.43
CA ASN D 1309 -85.78 13.51 18.10
C ASN D 1309 -87.10 12.88 17.67
N VAL D 1310 -87.79 13.56 16.74
CA VAL D 1310 -89.03 13.11 16.15
C VAL D 1310 -89.19 13.85 14.82
N VAL D 1311 -90.01 13.29 13.93
CA VAL D 1311 -90.22 13.87 12.60
C VAL D 1311 -91.09 15.11 12.75
N ASP D 1312 -90.47 16.28 12.73
CA ASP D 1312 -91.19 17.55 12.90
C ASP D 1312 -91.59 18.13 11.54
N GLY D 1313 -92.51 17.43 10.88
CA GLY D 1313 -93.04 17.90 9.61
C GLY D 1313 -92.18 17.55 8.42
N LEU D 1314 -91.74 18.57 7.68
CA LEU D 1314 -90.93 18.34 6.49
C LEU D 1314 -89.49 17.96 6.83
N ARG D 1315 -89.05 18.17 8.07
CA ARG D 1315 -87.70 17.82 8.50
C ARG D 1315 -87.81 16.69 9.52
N ASP D 1316 -87.45 15.48 9.10
CA ASP D 1316 -87.53 14.30 9.98
C ASP D 1316 -86.32 14.28 10.91
N ARG D 1317 -86.32 15.21 11.86
CA ARG D 1317 -85.20 15.42 12.78
C ARG D 1317 -85.25 14.35 13.86
N ARG D 1318 -84.75 13.17 13.53
CA ARG D 1318 -84.64 12.08 14.49
C ARG D 1318 -83.41 11.26 14.14
N SER D 1319 -82.61 10.96 15.16
CA SER D 1319 -81.31 10.33 14.94
C SER D 1319 -81.44 8.83 14.69
N PHE D 1320 -80.51 8.31 13.88
CA PHE D 1320 -80.41 6.87 13.71
C PHE D 1320 -79.71 6.22 14.89
N HIS D 1321 -78.97 7.01 15.68
CA HIS D 1321 -78.16 6.44 16.75
C HIS D 1321 -78.96 6.27 18.03
N GLY D 1322 -79.71 7.30 18.42
CA GLY D 1322 -80.50 7.26 19.64
C GLY D 1322 -81.08 8.60 20.00
N PRO D 1323 -81.80 8.68 21.12
CA PRO D 1323 -82.39 9.95 21.54
C PRO D 1323 -81.35 10.92 22.07
N TYR D 1324 -81.06 11.98 21.30
CA TYR D 1324 -79.99 12.89 21.67
C TYR D 1324 -80.42 13.81 22.80
N THR D 1325 -79.46 14.14 23.67
CA THR D 1325 -79.72 15.01 24.81
C THR D 1325 -79.85 16.46 24.33
N VAL D 1326 -80.80 17.18 24.93
CA VAL D 1326 -81.08 18.56 24.56
C VAL D 1326 -80.78 19.46 25.75
N GLN D 1327 -80.01 20.52 25.51
CA GLN D 1327 -79.68 21.50 26.54
C GLN D 1327 -79.99 22.88 26.00
N ALA D 1328 -80.85 23.62 26.73
CA ALA D 1328 -81.25 25.00 26.43
C ALA D 1328 -81.87 25.12 25.03
N GLY D 1329 -82.67 24.13 24.65
CA GLY D 1329 -83.26 24.10 23.32
C GLY D 1329 -82.29 23.86 22.19
N LEU D 1330 -81.07 23.41 22.49
CA LEU D 1330 -80.06 23.16 21.48
C LEU D 1330 -79.59 21.72 21.59
N PRO D 1331 -79.53 20.98 20.48
CA PRO D 1331 -79.03 19.60 20.55
C PRO D 1331 -77.52 19.57 20.74
N LEU D 1332 -77.06 18.52 21.39
CA LEU D 1332 -75.63 18.26 21.53
C LEU D 1332 -75.23 17.11 20.62
N ASN D 1333 -73.99 17.15 20.17
CA ASN D 1333 -73.48 16.08 19.31
C ASN D 1333 -73.36 14.79 20.12
N PRO D 1334 -73.84 13.65 19.59
CA PRO D 1334 -73.85 12.41 20.37
C PRO D 1334 -72.49 11.79 20.57
N MET D 1335 -71.49 12.13 19.74
CA MET D 1335 -70.19 11.48 19.82
C MET D 1335 -69.19 12.23 20.70
N GLY D 1336 -69.38 13.52 20.92
CA GLY D 1336 -68.48 14.26 21.76
C GLY D 1336 -68.42 15.72 21.37
N ARG D 1337 -67.52 16.45 22.02
CA ARG D 1337 -67.37 17.87 21.77
C ARG D 1337 -66.70 18.11 20.43
N THR D 1338 -67.16 19.13 19.73
CA THR D 1338 -66.55 19.56 18.49
C THR D 1338 -65.81 20.88 18.62
N GLY D 1339 -66.01 21.61 19.71
CA GLY D 1339 -65.36 22.89 19.88
C GLY D 1339 -65.95 24.02 19.05
N LEU D 1340 -67.13 23.80 18.48
CA LEU D 1340 -67.77 24.85 17.68
C LEU D 1340 -69.27 24.83 17.87
N ARG D 1341 -69.83 25.93 18.35
CA ARG D 1341 -71.25 26.04 18.63
C ARG D 1341 -71.94 26.83 17.53
N GLY D 1342 -73.22 26.55 17.36
CA GLY D 1342 -74.01 27.13 16.30
C GLY D 1342 -74.54 26.08 15.34
N ARG D 1343 -75.00 26.56 14.18
CA ARG D 1343 -75.53 25.69 13.15
C ARG D 1343 -74.51 25.31 12.09
N GLY D 1344 -73.46 26.12 11.91
CA GLY D 1344 -72.48 25.87 10.87
C GLY D 1344 -73.04 26.01 9.48
N SER D 1345 -72.68 25.09 8.59
CA SER D 1345 -73.13 25.13 7.20
C SER D 1345 -74.13 24.02 6.88
N LEU D 1346 -74.55 23.25 7.89
CA LEU D 1346 -75.56 22.22 7.69
C LEU D 1346 -76.95 22.86 7.63
N SER D 1347 -77.94 22.04 7.27
CA SER D 1347 -79.28 22.54 7.07
C SER D 1347 -80.00 22.81 8.39
N CYS D 1348 -80.19 21.79 9.22
CA CYS D 1348 -80.93 21.91 10.46
C CYS D 1348 -80.12 21.33 11.61
N PHE D 1349 -80.63 21.54 12.82
CA PHE D 1349 -79.99 21.01 14.01
C PHE D 1349 -80.16 19.49 14.10
N GLY D 1350 -79.48 18.91 15.09
CA GLY D 1350 -79.49 17.48 15.28
C GLY D 1350 -78.72 16.79 14.19
N PRO D 1351 -79.25 15.68 13.68
CA PRO D 1351 -78.69 15.08 12.48
C PRO D 1351 -79.25 15.72 11.21
N ASN D 1352 -78.51 15.54 10.13
CA ASN D 1352 -78.92 15.98 8.80
C ASN D 1352 -78.86 14.74 7.92
N HIS D 1353 -80.02 14.19 7.59
CA HIS D 1353 -80.08 12.87 6.96
C HIS D 1353 -79.79 12.98 5.46
N THR D 1354 -78.77 12.25 5.02
CA THR D 1354 -78.41 12.14 3.61
C THR D 1354 -78.22 10.67 3.26
N LEU D 1355 -77.94 10.41 1.99
CA LEU D 1355 -77.87 9.05 1.47
C LEU D 1355 -76.62 8.88 0.61
N TYR D 1356 -75.94 7.75 0.79
CA TYR D 1356 -74.81 7.37 -0.06
C TYR D 1356 -75.02 5.93 -0.52
N PRO D 1357 -75.45 5.73 -1.77
CA PRO D 1357 -75.48 4.38 -2.34
C PRO D 1357 -74.20 4.04 -3.08
N MET D 1358 -73.81 2.77 -2.99
CA MET D 1358 -72.59 2.29 -3.63
C MET D 1358 -72.91 1.07 -4.48
N VAL D 1359 -72.46 1.11 -5.74
CA VAL D 1359 -72.66 0.02 -6.68
C VAL D 1359 -71.32 -0.71 -6.86
N THR D 1360 -71.33 -2.02 -6.61
CA THR D 1360 -70.13 -2.84 -6.67
C THR D 1360 -70.27 -3.92 -7.74
N ARG D 1361 -69.16 -4.22 -8.41
CA ARG D 1361 -69.12 -5.28 -9.40
C ARG D 1361 -67.74 -5.93 -9.36
N TRP D 1362 -67.63 -7.10 -9.99
CA TRP D 1362 -66.33 -7.75 -10.01
C TRP D 1362 -65.47 -7.23 -11.15
N ARG D 1363 -64.19 -7.59 -11.10
CA ARG D 1363 -63.24 -7.20 -12.14
C ARG D 1363 -62.83 -8.45 -12.91
N ARG D 1364 -63.15 -8.49 -14.19
CA ARG D 1364 -62.82 -9.62 -15.04
C ARG D 1364 -61.59 -9.33 -15.87
N ASN D 1365 -60.92 -10.40 -16.30
CA ASN D 1365 -59.75 -10.29 -17.16
C ASN D 1365 -60.18 -10.21 -18.62
N GLU D 1366 -59.25 -10.46 -19.54
CA GLU D 1366 -59.59 -10.48 -20.95
C GLU D 1366 -60.46 -11.68 -21.30
N ASP D 1367 -60.25 -12.80 -20.62
CA ASP D 1367 -61.09 -13.98 -20.83
C ASP D 1367 -62.45 -13.83 -20.17
N GLY D 1368 -62.51 -13.20 -19.01
CA GLY D 1368 -63.77 -12.98 -18.33
C GLY D 1368 -63.86 -13.60 -16.95
N ALA D 1369 -62.72 -14.02 -16.40
CA ALA D 1369 -62.67 -14.61 -15.06
C ALA D 1369 -62.17 -13.57 -14.08
N ILE D 1370 -62.47 -13.78 -12.80
CA ILE D 1370 -62.24 -12.76 -11.78
C ILE D 1370 -60.75 -12.62 -11.50
N CYS D 1371 -60.27 -11.39 -11.57
CA CYS D 1371 -58.87 -11.11 -11.27
C CYS D 1371 -58.65 -11.22 -9.75
N ARG D 1372 -57.39 -11.37 -9.36
CA ARG D 1372 -57.10 -11.67 -7.98
C ARG D 1372 -55.83 -10.96 -7.51
N LYS D 1373 -55.89 -10.45 -6.28
CA LYS D 1373 -54.70 -10.24 -5.47
C LYS D 1373 -54.36 -11.56 -4.78
N SER D 1374 -53.33 -11.50 -3.93
CA SER D 1374 -52.70 -12.63 -3.26
C SER D 1374 -53.65 -13.65 -2.62
N ILE D 1375 -54.68 -13.17 -1.93
CA ILE D 1375 -55.68 -14.06 -1.35
C ILE D 1375 -57.06 -13.70 -1.86
N LYS D 1376 -57.41 -12.42 -1.79
CA LYS D 1376 -58.77 -11.97 -2.05
C LYS D 1376 -58.96 -11.65 -3.53
N LYS D 1377 -60.07 -11.01 -3.86
CA LYS D 1377 -60.45 -10.70 -5.24
C LYS D 1377 -60.52 -9.20 -5.42
N MET D 1378 -60.86 -8.79 -6.64
CA MET D 1378 -60.94 -7.38 -7.00
C MET D 1378 -62.38 -6.93 -7.12
N LEU D 1379 -62.62 -5.67 -6.75
CA LEU D 1379 -63.92 -5.02 -6.85
C LEU D 1379 -63.78 -3.73 -7.64
N GLU D 1380 -64.82 -3.39 -8.40
CA GLU D 1380 -64.92 -2.13 -9.11
C GLU D 1380 -66.19 -1.40 -8.69
N VAL D 1381 -66.09 -0.09 -8.53
CA VAL D 1381 -67.21 0.74 -8.11
C VAL D 1381 -67.32 1.94 -9.05
N LEU D 1382 -68.54 2.44 -9.23
CA LEU D 1382 -68.82 3.52 -10.15
C LEU D 1382 -68.80 4.84 -9.36
N VAL D 1383 -67.82 5.67 -9.65
CA VAL D 1383 -67.62 6.92 -8.91
C VAL D 1383 -67.60 8.08 -9.90
N VAL D 1384 -67.85 9.28 -9.37
CA VAL D 1384 -68.07 10.47 -10.17
C VAL D 1384 -67.17 11.59 -9.65
N LYS D 1385 -66.56 12.34 -10.56
CA LYS D 1385 -65.80 13.53 -10.24
C LYS D 1385 -66.51 14.76 -10.81
N LEU D 1386 -66.86 15.68 -9.93
CA LEU D 1386 -67.41 16.97 -10.26
C LEU D 1386 -66.28 17.93 -10.67
N PRO D 1387 -66.55 18.94 -11.49
CA PRO D 1387 -65.46 19.80 -11.98
C PRO D 1387 -64.90 20.77 -10.94
N LEU D 1388 -65.49 20.87 -9.76
CA LEU D 1388 -65.03 21.82 -8.75
C LEU D 1388 -64.94 21.16 -7.38
N SER D 1389 -64.32 19.98 -7.31
CA SER D 1389 -64.18 19.29 -6.04
C SER D 1389 -62.74 18.85 -5.81
N GLU D 1390 -62.03 18.53 -6.90
CA GLU D 1390 -60.69 17.92 -6.88
C GLU D 1390 -60.65 16.63 -6.07
N HIS D 1391 -61.77 15.90 -6.06
CA HIS D 1391 -61.91 14.70 -5.24
C HIS D 1391 -63.01 13.84 -5.85
N TRP D 1392 -62.68 12.60 -6.18
CA TRP D 1392 -63.69 11.65 -6.62
C TRP D 1392 -64.58 11.28 -5.44
N ALA D 1393 -65.87 11.12 -5.70
CA ALA D 1393 -66.83 10.90 -4.63
C ALA D 1393 -67.89 9.90 -5.08
N LEU D 1394 -68.53 9.28 -4.08
CA LEU D 1394 -69.64 8.38 -4.32
C LEU D 1394 -70.83 9.18 -4.86
N PRO D 1395 -71.70 8.54 -5.67
CA PRO D 1395 -72.84 9.30 -6.23
C PRO D 1395 -74.02 9.36 -5.27
N GLY D 1396 -73.84 10.08 -4.16
CA GLY D 1396 -74.89 10.27 -3.18
C GLY D 1396 -75.06 11.71 -2.77
N GLY D 1397 -76.31 12.16 -2.66
CA GLY D 1397 -76.61 13.54 -2.35
C GLY D 1397 -77.40 13.70 -1.07
N SER D 1398 -77.79 14.94 -0.80
CA SER D 1398 -78.59 15.26 0.37
C SER D 1398 -80.00 14.69 0.23
N ARG D 1399 -80.47 14.04 1.29
CA ARG D 1399 -81.78 13.39 1.29
C ARG D 1399 -82.80 14.37 1.88
N GLU D 1400 -83.00 15.48 1.19
CA GLU D 1400 -84.10 16.37 1.53
C GLU D 1400 -85.42 15.79 1.02
N PRO D 1401 -85.50 15.15 -0.17
CA PRO D 1401 -86.58 14.20 -0.36
C PRO D 1401 -86.14 12.79 0.01
N GLY D 1402 -87.13 11.92 0.23
CA GLY D 1402 -86.84 10.56 0.63
C GLY D 1402 -86.45 9.64 -0.50
N GLU D 1403 -87.36 9.42 -1.44
CA GLU D 1403 -87.12 8.52 -2.57
C GLU D 1403 -86.61 9.26 -3.79
N MET D 1404 -86.76 10.58 -3.85
CA MET D 1404 -86.21 11.36 -4.94
C MET D 1404 -84.75 11.74 -4.71
N LEU D 1405 -84.20 11.41 -3.54
CA LEU D 1405 -82.77 11.60 -3.28
C LEU D 1405 -81.90 10.67 -4.12
N PRO D 1406 -82.34 9.45 -4.50
CA PRO D 1406 -81.76 8.80 -5.68
C PRO D 1406 -81.74 9.69 -6.93
N ARG D 1407 -82.85 10.34 -7.25
CA ARG D 1407 -82.87 11.25 -8.39
C ARG D 1407 -82.14 12.55 -8.10
N LYS D 1408 -82.18 13.02 -6.85
CA LYS D 1408 -81.51 14.28 -6.50
C LYS D 1408 -79.99 14.13 -6.53
N LEU D 1409 -79.49 12.93 -6.21
CA LEU D 1409 -78.06 12.65 -6.37
C LEU D 1409 -77.70 12.53 -7.85
N LYS D 1410 -78.66 12.11 -8.67
CA LYS D 1410 -78.38 11.72 -10.04
C LYS D 1410 -79.15 12.53 -11.07
N ARG D 1411 -79.62 13.73 -10.71
CA ARG D 1411 -80.33 14.56 -11.67
C ARG D 1411 -79.38 15.09 -12.74
N ILE D 1412 -78.22 15.59 -12.34
CA ILE D 1412 -77.24 16.03 -13.32
C ILE D 1412 -76.48 14.84 -13.90
N LEU D 1413 -76.49 13.70 -13.20
CA LEU D 1413 -75.65 12.58 -13.59
C LEU D 1413 -76.36 11.53 -14.45
N ARG D 1414 -77.37 10.85 -13.91
CA ARG D 1414 -77.86 9.64 -14.55
C ARG D 1414 -78.89 9.91 -15.64
N GLN D 1415 -80.06 10.41 -15.25
CA GLN D 1415 -81.23 10.48 -16.14
C GLN D 1415 -82.37 11.26 -15.49
N GLU D 1416 -83.51 11.32 -16.19
CA GLU D 1416 -84.75 11.81 -15.62
C GLU D 1416 -85.83 10.75 -15.56
N HIS D 1417 -86.11 10.08 -16.68
CA HIS D 1417 -87.10 9.01 -16.70
C HIS D 1417 -86.51 7.70 -16.21
N TRP D 1418 -85.38 7.29 -16.80
CA TRP D 1418 -84.64 6.08 -16.43
C TRP D 1418 -84.11 6.18 -15.00
N PRO D 1419 -83.94 7.39 -14.46
CA PRO D 1419 -83.56 7.53 -13.05
C PRO D 1419 -84.60 6.99 -12.09
N SER D 1420 -85.90 7.12 -12.41
CA SER D 1420 -86.92 6.49 -11.57
C SER D 1420 -86.86 4.98 -11.69
N PHE D 1421 -86.48 4.47 -12.87
CA PHE D 1421 -86.31 3.04 -13.05
C PHE D 1421 -85.14 2.50 -12.24
N GLU D 1422 -84.03 3.25 -12.17
CA GLU D 1422 -82.93 2.84 -11.31
C GLU D 1422 -83.26 3.02 -9.84
N ASN D 1423 -84.13 3.98 -9.51
CA ASN D 1423 -84.60 4.13 -8.15
C ASN D 1423 -85.50 2.97 -7.74
N LEU D 1424 -86.19 2.37 -8.70
CA LEU D 1424 -86.93 1.13 -8.42
C LEU D 1424 -85.97 -0.02 -8.12
N LEU D 1425 -84.83 -0.06 -8.80
CA LEU D 1425 -83.85 -1.11 -8.58
C LEU D 1425 -82.90 -0.81 -7.42
N LYS D 1426 -83.02 0.35 -6.78
CA LYS D 1426 -82.11 0.75 -5.73
C LYS D 1426 -82.37 0.07 -4.39
N CYS D 1427 -83.39 -0.79 -4.31
CA CYS D 1427 -83.66 -1.53 -3.08
C CYS D 1427 -82.69 -2.71 -3.03
N GLY D 1428 -81.60 -2.55 -2.30
CA GLY D 1428 -80.61 -3.60 -2.16
C GLY D 1428 -80.33 -3.99 -0.73
N MET D 1429 -79.06 -4.16 -0.39
CA MET D 1429 -78.64 -4.55 0.94
C MET D 1429 -77.95 -3.39 1.65
N GLU D 1430 -78.18 -3.29 2.95
CA GLU D 1430 -77.66 -2.19 3.76
C GLU D 1430 -76.36 -2.61 4.43
N VAL D 1431 -75.48 -1.63 4.66
CA VAL D 1431 -74.19 -1.85 5.30
C VAL D 1431 -74.09 -1.08 6.62
N TYR D 1432 -74.18 0.25 6.55
CA TYR D 1432 -73.99 1.07 7.74
C TYR D 1432 -74.92 2.27 7.71
N LYS D 1433 -75.59 2.49 8.83
CA LYS D 1433 -76.44 3.66 9.01
C LYS D 1433 -76.04 4.37 10.30
N GLY D 1434 -76.12 5.70 10.28
CA GLY D 1434 -75.90 6.46 11.48
C GLY D 1434 -74.89 7.56 11.26
N TYR D 1435 -74.14 7.85 12.32
CA TYR D 1435 -73.27 9.01 12.36
C TYR D 1435 -72.06 8.84 11.44
N MET D 1436 -71.67 9.93 10.79
CA MET D 1436 -70.57 9.95 9.84
C MET D 1436 -69.71 11.18 10.11
N ASP D 1437 -68.40 11.00 10.06
CA ASP D 1437 -67.49 12.11 10.32
C ASP D 1437 -67.48 13.09 9.15
N ASP D 1438 -67.32 14.37 9.45
CA ASP D 1438 -67.39 15.42 8.45
C ASP D 1438 -66.73 16.67 9.01
N PRO D 1439 -66.04 17.45 8.17
CA PRO D 1439 -65.50 18.74 8.65
C PRO D 1439 -66.56 19.80 8.85
N ARG D 1440 -67.78 19.63 8.36
CA ARG D 1440 -68.86 20.60 8.56
C ARG D 1440 -69.74 20.25 9.75
N ASN D 1441 -69.17 19.66 10.80
CA ASN D 1441 -69.94 19.24 11.97
C ASN D 1441 -69.68 20.19 13.13
N THR D 1442 -70.76 20.70 13.72
CA THR D 1442 -70.71 21.51 14.92
C THR D 1442 -71.15 20.69 16.12
N ASP D 1443 -71.28 21.35 17.27
CA ASP D 1443 -71.85 20.71 18.45
C ASP D 1443 -73.34 20.39 18.30
N ASN D 1444 -74.05 21.09 17.42
CA ASN D 1444 -75.48 20.95 17.28
C ASN D 1444 -75.91 20.25 15.99
N ALA D 1445 -75.15 20.41 14.90
CA ALA D 1445 -75.50 19.82 13.62
C ALA D 1445 -74.45 18.77 13.27
N TRP D 1446 -74.91 17.58 12.89
CA TRP D 1446 -74.03 16.52 12.43
C TRP D 1446 -74.72 15.79 11.28
N ILE D 1447 -74.01 14.83 10.70
CA ILE D 1447 -74.47 14.11 9.52
C ILE D 1447 -74.68 12.65 9.87
N GLU D 1448 -75.89 12.15 9.61
CA GLU D 1448 -76.19 10.74 9.67
C GLU D 1448 -76.66 10.29 8.29
N THR D 1449 -76.37 9.04 7.96
CA THR D 1449 -76.42 8.59 6.57
C THR D 1449 -76.92 7.15 6.55
N VAL D 1450 -77.40 6.72 5.37
CA VAL D 1450 -77.75 5.35 5.08
C VAL D 1450 -76.81 4.85 3.98
N ALA D 1451 -76.26 3.66 4.15
CA ALA D 1451 -75.33 3.08 3.19
C ALA D 1451 -75.92 1.79 2.63
N VAL D 1452 -76.63 1.90 1.51
CA VAL D 1452 -77.15 0.73 0.81
C VAL D 1452 -76.11 0.30 -0.21
N SER D 1453 -76.08 -1.01 -0.50
CA SER D 1453 -75.08 -1.60 -1.38
C SER D 1453 -75.76 -2.44 -2.44
N VAL D 1454 -75.94 -1.86 -3.63
CA VAL D 1454 -76.43 -2.60 -4.79
C VAL D 1454 -75.22 -3.29 -5.42
N HIS D 1455 -75.39 -4.56 -5.80
CA HIS D 1455 -74.28 -5.37 -6.29
C HIS D 1455 -74.65 -6.01 -7.62
N PHE D 1456 -73.64 -6.17 -8.49
CA PHE D 1456 -73.75 -6.96 -9.71
C PHE D 1456 -72.88 -8.19 -9.57
N GLN D 1457 -73.51 -9.37 -9.63
CA GLN D 1457 -72.77 -10.62 -9.51
C GLN D 1457 -72.19 -11.04 -10.86
N ASP D 1458 -73.04 -11.25 -11.85
CA ASP D 1458 -72.59 -11.63 -13.18
C ASP D 1458 -72.12 -10.42 -13.97
N GLN D 1459 -70.99 -10.58 -14.66
CA GLN D 1459 -70.39 -9.51 -15.44
C GLN D 1459 -70.60 -9.70 -16.95
N ASN D 1460 -71.80 -10.14 -17.33
CA ASN D 1460 -72.11 -10.38 -18.76
C ASN D 1460 -73.30 -9.52 -19.19
N ASP D 1461 -74.38 -10.16 -19.66
CA ASP D 1461 -75.59 -9.42 -20.10
C ASP D 1461 -76.68 -9.59 -19.03
N VAL D 1462 -77.19 -8.46 -18.52
CA VAL D 1462 -78.21 -8.42 -17.43
C VAL D 1462 -78.62 -6.96 -17.22
N GLU D 1463 -78.85 -6.59 -15.95
CA GLU D 1463 -79.23 -5.22 -15.51
C GLU D 1463 -78.12 -4.21 -15.84
N LEU D 1464 -76.85 -4.64 -15.81
CA LEU D 1464 -75.71 -3.72 -16.06
C LEU D 1464 -75.85 -3.07 -17.44
N ASN D 1465 -76.24 -3.84 -18.48
CA ASN D 1465 -76.42 -3.20 -19.77
C ASN D 1465 -77.44 -2.07 -19.69
N ARG D 1466 -78.41 -2.17 -18.79
CA ARG D 1466 -79.35 -1.09 -18.60
C ARG D 1466 -78.73 0.07 -17.81
N LEU D 1467 -77.83 -0.23 -16.87
CA LEU D 1467 -77.15 0.82 -16.13
C LEU D 1467 -76.16 1.56 -17.01
N ASN D 1468 -75.48 0.86 -17.91
CA ASN D 1468 -74.68 1.53 -18.92
C ASN D 1468 -75.54 2.22 -19.98
N SER D 1469 -76.76 1.70 -20.20
CA SER D 1469 -77.68 2.32 -21.15
C SER D 1469 -78.43 3.50 -20.55
N ASN D 1470 -78.41 3.65 -19.23
CA ASN D 1470 -78.98 4.82 -18.56
C ASN D 1470 -78.00 5.98 -18.50
N LEU D 1471 -76.93 5.95 -19.29
CA LEU D 1471 -75.90 6.98 -19.26
C LEU D 1471 -76.38 8.21 -20.01
N HIS D 1472 -76.70 9.26 -19.25
CA HIS D 1472 -76.81 10.62 -19.79
C HIS D 1472 -75.84 11.44 -18.95
N ALA D 1473 -74.61 10.92 -18.86
CA ALA D 1473 -73.57 11.16 -17.86
C ALA D 1473 -73.38 12.59 -17.38
N CYS D 1474 -73.29 13.55 -18.28
CA CYS D 1474 -72.85 14.89 -17.90
C CYS D 1474 -73.89 15.93 -18.29
N ASP D 1475 -74.58 16.48 -17.28
CA ASP D 1475 -75.36 17.69 -17.46
C ASP D 1475 -74.66 18.87 -16.79
N SER D 1476 -74.24 18.71 -15.54
CA SER D 1476 -73.44 19.71 -14.84
C SER D 1476 -72.33 19.02 -14.05
N GLY D 1477 -71.80 17.93 -14.59
CA GLY D 1477 -70.71 17.21 -13.97
C GLY D 1477 -69.57 16.99 -14.95
N ALA D 1478 -68.37 16.75 -14.40
CA ALA D 1478 -67.20 16.62 -15.25
C ALA D 1478 -67.06 15.21 -15.81
N SER D 1479 -66.87 14.22 -14.93
CA SER D 1479 -66.61 12.87 -15.40
C SER D 1479 -67.23 11.87 -14.44
N ILE D 1480 -67.50 10.67 -14.94
CA ILE D 1480 -68.06 9.59 -14.14
C ILE D 1480 -67.65 8.27 -14.77
N ARG D 1481 -67.11 7.35 -13.97
CA ARG D 1481 -66.51 6.14 -14.51
C ARG D 1481 -66.40 5.09 -13.42
N TRP D 1482 -66.13 3.87 -13.86
CA TRP D 1482 -65.80 2.80 -12.93
C TRP D 1482 -64.36 2.94 -12.45
N GLN D 1483 -64.06 2.30 -11.33
CA GLN D 1483 -62.75 2.40 -10.71
C GLN D 1483 -62.49 1.16 -9.88
N VAL D 1484 -61.28 0.60 -10.00
CA VAL D 1484 -60.88 -0.60 -9.20
C VAL D 1484 -60.65 -0.16 -7.74
N VAL D 1485 -61.06 -1.00 -6.77
CA VAL D 1485 -60.90 -0.69 -5.32
C VAL D 1485 -59.42 -0.81 -4.93
N ASP D 1486 -58.93 0.10 -4.08
CA ASP D 1486 -57.66 -0.10 -3.33
C ASP D 1486 -57.65 0.81 -2.10
N ARG D 1487 -56.79 0.52 -1.11
CA ARG D 1487 -56.69 1.38 0.11
C ARG D 1487 -56.26 2.79 -0.34
N ARG D 1488 -55.28 2.84 -1.25
CA ARG D 1488 -54.81 4.07 -1.87
C ARG D 1488 -55.77 4.55 -2.95
N ILE D 1489 -57.07 4.32 -2.77
CA ILE D 1489 -58.07 4.79 -3.73
C ILE D 1489 -58.22 6.30 -3.59
N PRO D 1490 -58.01 7.07 -4.65
CA PRO D 1490 -58.17 8.53 -4.54
C PRO D 1490 -59.64 8.94 -4.47
N LEU D 1491 -60.09 9.33 -3.27
CA LEU D 1491 -61.50 9.54 -3.02
C LEU D 1491 -61.65 10.70 -2.05
N TYR D 1492 -62.89 11.01 -1.72
CA TYR D 1492 -63.19 11.87 -0.58
C TYR D 1492 -62.72 11.20 0.71
N ALA D 1493 -62.45 12.03 1.73
CA ALA D 1493 -61.68 11.58 2.88
C ALA D 1493 -62.45 10.60 3.76
N ASN D 1494 -63.67 10.96 4.15
CA ASN D 1494 -64.44 10.07 5.00
C ASN D 1494 -65.09 8.93 4.24
N HIS D 1495 -65.26 9.05 2.92
CA HIS D 1495 -66.00 8.05 2.15
C HIS D 1495 -65.27 6.73 2.08
N LYS D 1496 -63.94 6.76 2.18
CA LYS D 1496 -63.15 5.53 2.29
C LYS D 1496 -63.52 4.72 3.52
N THR D 1497 -63.91 5.39 4.60
CA THR D 1497 -64.42 4.72 5.80
C THR D 1497 -65.69 3.92 5.50
N LEU D 1498 -66.47 4.35 4.50
CA LEU D 1498 -67.58 3.53 4.03
C LEU D 1498 -67.08 2.29 3.31
N LEU D 1499 -66.07 2.44 2.45
CA LEU D 1499 -65.61 1.32 1.64
C LEU D 1499 -64.86 0.30 2.48
N GLN D 1500 -64.19 0.76 3.55
CA GLN D 1500 -63.60 -0.18 4.51
C GLN D 1500 -64.67 -0.98 5.24
N LYS D 1501 -65.89 -0.44 5.34
CA LYS D 1501 -67.01 -1.23 5.82
C LYS D 1501 -67.70 -1.99 4.70
N ALA D 1502 -67.49 -1.60 3.45
CA ALA D 1502 -68.17 -2.26 2.34
C ALA D 1502 -67.46 -3.53 1.91
N ALA D 1503 -66.13 -3.49 1.81
CA ALA D 1503 -65.36 -4.65 1.34
C ALA D 1503 -65.35 -5.79 2.34
N ALA D 1504 -65.71 -5.52 3.60
CA ALA D 1504 -65.93 -6.60 4.55
C ALA D 1504 -67.17 -7.40 4.23
N GLU D 1505 -68.14 -6.81 3.52
CA GLU D 1505 -69.38 -7.51 3.20
C GLU D 1505 -69.22 -8.49 2.04
N PHE D 1506 -68.08 -8.49 1.35
CA PHE D 1506 -67.86 -9.38 0.22
C PHE D 1506 -66.54 -10.13 0.28
N GLY D 1507 -65.57 -9.66 1.05
CA GLY D 1507 -64.30 -10.36 1.19
C GLY D 1507 -63.20 -9.92 0.27
N ALA D 1508 -63.13 -8.64 -0.09
CA ALA D 1508 -62.09 -8.13 -0.96
C ALA D 1508 -60.81 -7.87 -0.17
N HIS D 1509 -59.80 -7.33 -0.84
CA HIS D 1509 -58.53 -7.02 -0.21
C HIS D 1509 -58.46 -5.54 0.15
N TYR D 1510 -57.42 -5.19 0.89
CA TYR D 1510 -57.25 -3.81 1.32
C TYR D 1510 -55.79 -3.49 1.61
N1 CV1 E . 10.71 17.90 50.11
BR1 CV1 E . 15.11 13.69 51.55
C2 CV1 E . 10.16 17.45 51.29
N3 CV1 E . 10.67 16.44 51.95
C4 CV1 E . 11.86 15.98 51.53
C5 CV1 E . 12.56 16.46 50.45
C6 CV1 E . 11.97 17.52 49.73
N6 CV1 E . 12.55 18.17 48.71
N7 CV1 E . 13.75 15.78 50.28
C8 CV1 E . 13.74 14.90 51.27
N9 CV1 E . 12.61 14.97 52.06
PA CV1 E . 6.91 13.22 52.60
PB CV1 E . 6.09 15.58 51.07
C1' CV1 E . 12.30 14.15 53.22
O1A CV1 E . 5.82 13.37 53.61
O1B CV1 E . 5.41 14.80 50.00
C1D CV1 E . 9.94 18.82 49.22
C2' CV1 E . 11.23 14.76 54.14
O2' CV1 E . 11.82 15.59 55.11
O2A CV1 E . 6.81 12.13 51.59
O2B CV1 E . 5.23 16.28 52.08
C2D CV1 E . 9.72 18.22 47.83
O2D CV1 E . 9.76 19.23 46.83
C3' CV1 E . 10.60 13.50 54.74
O3' CV1 E . 11.35 13.02 55.86
O3A CV1 E . 7.11 14.62 51.84
C3D CV1 E . 8.35 17.55 47.94
O3D CV1 E . 7.67 17.50 46.68
C4' CV1 E . 10.66 12.51 53.57
O4' CV1 E . 11.79 12.92 52.76
C4D CV1 E . 7.62 18.47 48.93
O4D CV1 E . 8.65 19.01 49.79
C5' CV1 E . 9.43 12.45 52.69
O5' CV1 E . 8.32 13.09 53.37
C5D CV1 E . 6.55 17.81 49.78
O5D CV1 E . 7.10 16.64 50.41
CA CA F . 23.97 44.21 -37.02
N1 CV1 G . 3.10 -43.47 32.37
BR1 CV1 G . 0.65 -47.62 28.38
C2 CV1 G . 2.12 -43.96 33.20
N3 CV1 G . 1.21 -44.80 32.77
C4 CV1 G . 1.41 -45.33 31.53
C5 CV1 G . 2.44 -45.01 30.70
C6 CV1 G . 3.37 -44.06 31.16
N6 CV1 G . 4.49 -43.70 30.52
N7 CV1 G . 2.36 -45.73 29.51
C8 CV1 G . 1.26 -46.45 29.67
N9 CV1 G . 0.64 -46.26 30.89
PA CV1 G . -3.21 -42.80 33.90
PB CV1 G . -0.97 -41.06 34.68
C1' CV1 G . -0.57 -46.91 31.37
O1A CV1 G . -3.82 -42.78 35.26
O1B CV1 G . -1.55 -39.83 34.06
C1D CV1 G . 3.90 -42.27 32.78
C2' CV1 G . -0.75 -46.83 32.90
O2' CV1 G . -0.11 -47.92 33.52
O2A CV1 G . -3.86 -42.00 32.81
O2B CV1 G . -1.02 -41.20 36.16
C2D CV1 G . 3.75 -41.13 31.78
O2D CV1 G . 4.97 -40.40 31.66
C3' CV1 G . -2.27 -46.86 33.02
O3' CV1 G . -2.76 -48.19 32.99
O3A CV1 G . -1.67 -42.35 34.01
C3D CV1 G . 2.62 -40.27 32.37
O3D CV1 G . 2.74 -38.90 32.01
C4' CV1 G . -2.72 -46.07 31.79
O4' CV1 G . -1.67 -46.25 30.79
C4D CV1 G . 2.81 -40.48 33.87
O4D CV1 G . 3.39 -41.80 34.02
C5' CV1 G . -2.94 -44.59 32.00
O5' CV1 G . -3.04 -44.31 33.42
C5D CV1 G . 1.57 -40.38 34.73
O5D CV1 G . 0.54 -41.24 34.17
CA CA H . 59.46 11.56 -15.12
N1 CV1 I . -47.08 -26.67 -4.21
BR1 CV1 I . -50.29 -22.17 -7.14
C2 CV1 I . -48.15 -26.60 -3.34
N3 CV1 I . -49.08 -25.70 -3.46
C4 CV1 I . -49.06 -24.94 -4.58
C5 CV1 I . -48.11 -25.04 -5.57
C6 CV1 I . -47.10 -25.98 -5.39
N6 CV1 I . -46.15 -26.27 -6.29
N7 CV1 I . -48.38 -24.13 -6.58
C8 CV1 I . -49.48 -23.51 -6.17
N9 CV1 I . -49.94 -23.97 -4.96
PA CV1 I . -49.38 -23.45 0.98
PB CV1 I . -47.29 -25.51 0.92
C1' CV1 I . -51.11 -23.50 -4.24
O1A CV1 I . -50.03 -24.02 2.20
O1B CV1 I . -46.23 -24.64 1.53
C1D CV1 I . -45.88 -27.47 -3.85
C2' CV1 I . -51.61 -24.49 -3.17
O2' CV1 I . -52.53 -25.41 -3.73
O2A CV1 I . -48.58 -22.20 1.13
O2B CV1 I . -47.91 -26.56 1.78
C2D CV1 I . -44.61 -26.63 -3.80
O2D CV1 I . -43.48 -27.35 -4.27
C3' CV1 I . -52.26 -23.54 -2.16
O3' CV1 I . -53.59 -23.20 -2.53
O3A CV1 I . -48.45 -24.58 0.32
C3D CV1 I . -44.49 -26.27 -2.31
O3D CV1 I . -43.14 -26.06 -1.91
C4' CV1 I . -51.33 -22.31 -2.22
O4' CV1 I . -50.78 -22.31 -3.56
C4D CV1 I . -45.10 -27.50 -1.63
O4D CV1 I . -46.08 -28.03 -2.56
C5' CV1 I . -50.21 -22.28 -1.21
O5' CV1 I . -50.48 -23.25 -0.18
C5D CV1 I . -45.75 -27.27 -0.30
O5D CV1 I . -46.71 -26.18 -0.42
CA CA J . 37.41 -29.39 -40.45
N1 CV1 K . -39.48 34.69 13.54
BR1 CV1 K . -35.84 39.13 16.04
C2 CV1 K . -40.11 34.79 14.76
N3 CV1 K . -39.64 35.53 15.73
C4 CV1 K . -38.62 36.35 15.42
C5 CV1 K . -38.01 36.42 14.19
C6 CV1 K . -38.51 35.58 13.19
N6 CV1 K . -38.11 35.59 11.91
N7 CV1 K . -36.99 37.36 14.21
C8 CV1 K . -37.01 37.83 15.44
N9 CV1 K . -37.97 37.25 16.23
PA CV1 K . -39.27 32.54 19.70
PB CV1 K . -40.24 31.11 17.34
C1' CV1 K . -38.25 37.54 17.62
O1A CV1 K . -40.41 32.10 20.56
O1B CV1 K . -39.29 29.97 17.47
C1D CV1 K . -39.85 33.59 12.60
C2' CV1 K . -39.65 37.08 18.08
O2' CV1 K . -40.60 38.10 17.87
O2A CV1 K . -37.92 31.92 19.92
O2B CV1 K . -41.66 30.89 17.71
C2D CV1 K . -38.65 32.70 12.27
O2D CV1 K . -38.71 32.25 10.92
C3' CV1 K . -39.40 36.81 19.57
O3' CV1 K . -39.49 37.99 20.34
O3A CV1 K . -39.67 32.36 18.17
C3D CV1 K . -38.78 31.54 13.27
O3D CV1 K . -38.22 30.33 12.78
C4' CV1 K . -37.97 36.25 19.57
O4' CV1 K . -37.32 36.84 18.41
C4D CV1 K . -40.31 31.43 13.44
O4D CV1 K . -40.82 32.77 13.23
C5' CV1 K . -37.85 34.75 19.49
O5' CV1 K . -39.12 34.14 19.80
C5D CV1 K . -40.78 30.91 14.77
O5D CV1 K . -40.17 31.68 15.83
CA CA L . 1.90 3.23 -62.33
#